data_5ZN6
#
_entry.id   5ZN6
#
_cell.length_a   173.146
_cell.length_b   124.174
_cell.length_c   177.453
_cell.angle_alpha   90.00
_cell.angle_beta   116.81
_cell.angle_gamma   90.00
#
_symmetry.space_group_name_H-M   'P 1 21 1'
#
loop_
_entity.id
_entity.type
_entity.pdbx_description
1 polymer 'Alpha-xylosidase MeXyl31'
2 non-polymer GLYCEROL
3 water water
#
_entity_poly.entity_id   1
_entity_poly.type   'polypeptide(L)'
_entity_poly.pdbx_seq_one_letter_code
;MSEFILTSDKLVWTYDGHKLQIEPWGENSLRVRATVAPELNGNDWALLPAKPSTKVKVSEFEDSARIVNGNISAVVNGRG
QLSFYNQNGKLLLEEYWRTRFVAGQGEDTSSKYFSPLTHEARELKPIQGGKFELRARFESQPDERIYGLGQYQQPFLNVK
GCTMELAQRNSQASVPFMMSSLGYGMLWNNPAIGEVSFANNVTTWMARVTEQLDYWITAADTPAEISQQYAAATGAAPML
PDYAAGFWQCKLRYRTQDELMEVAREYKRRSLPISVIVADFFHWPNQGDWCFDTREWPDPKAMIDELKEMGIELMVSIWP
TVDNRTENYKIMKEKGYLVKAERGVPVTMTFLGNTTFFDATHPGARKYVWEQAKKNYHDLGIKIFWLDEAEPEYSVYDFE
NYRYHLGPVLEVGNIYPRGYAQAFYEGMEEAGQTEIVNLLRCAWAGSQRYGALVWSGDINSTFGALRNQLMAGLNMGIAG
IPWWTTDIGGFDGGDINDPAFQELLIRWFQWGVFCPVTRLHGFRQPMEEPAETYRDGIAQCMTGAANEIWSYGEDNYAIM
KSCLELRERLRPYVMRVMKAAHDTGAPVMRPLFFDFPDQAEAWQIEDQYMFGPDILVAPVLEAGQRSRKVWLPEGCAWID
LNTGARQNGGQWCDCDAPLEAIPVFIREAAAVQAELSIALEHHHHHH
;
_entity_poly.pdbx_strand_id   A,B,C,D,E,F,H,G
#
loop_
_chem_comp.id
_chem_comp.type
_chem_comp.name
_chem_comp.formula
GOL non-polymer GLYCEROL 'C3 H8 O3'
#
# COMPACT_ATOMS: atom_id res chain seq x y z
N SER A 2 30.98 23.12 -11.61
CA SER A 2 29.62 23.16 -10.99
C SER A 2 28.59 22.69 -12.02
N GLU A 3 27.47 22.16 -11.55
CA GLU A 3 26.48 21.58 -12.43
C GLU A 3 25.08 21.95 -11.93
N PHE A 4 24.25 22.41 -12.85
CA PHE A 4 22.83 22.55 -12.62
C PHE A 4 22.13 21.29 -13.07
N ILE A 5 21.17 20.85 -12.26
CA ILE A 5 20.25 19.78 -12.62
C ILE A 5 18.86 20.40 -12.49
N LEU A 6 18.27 20.71 -13.64
CA LEU A 6 17.04 21.49 -13.70
C LEU A 6 15.89 20.65 -14.22
N THR A 7 14.70 20.91 -13.69
CA THR A 7 13.45 20.47 -14.29
C THR A 7 12.57 21.70 -14.34
N SER A 8 11.37 21.54 -14.90
CA SER A 8 10.47 22.68 -15.08
C SER A 8 9.99 23.30 -13.76
N ASP A 9 10.15 22.60 -12.65
CA ASP A 9 9.74 23.15 -11.33
C ASP A 9 10.69 22.83 -10.17
N LYS A 10 11.95 22.56 -10.48
CA LYS A 10 12.95 22.33 -9.45
C LYS A 10 14.32 22.75 -9.94
N LEU A 11 15.02 23.49 -9.09
CA LEU A 11 16.38 23.95 -9.37
C LEU A 11 17.32 23.25 -8.40
N VAL A 12 18.23 22.44 -8.93
CA VAL A 12 19.30 21.82 -8.14
C VAL A 12 20.64 22.31 -8.69
N TRP A 13 21.55 22.64 -7.76
CA TRP A 13 22.94 22.98 -8.09
C TRP A 13 23.83 22.09 -7.25
N THR A 14 24.92 21.61 -7.84
CA THR A 14 25.83 20.74 -7.14
C THR A 14 27.30 20.98 -7.48
N TYR A 15 28.15 20.83 -6.47
CA TYR A 15 29.59 20.82 -6.65
C TYR A 15 30.23 20.12 -5.46
N ASP A 16 31.12 19.18 -5.76
CA ASP A 16 31.87 18.42 -4.75
C ASP A 16 31.01 17.88 -3.61
N GLY A 17 29.91 17.25 -3.97
CA GLY A 17 29.00 16.67 -2.97
C GLY A 17 28.00 17.63 -2.35
N HIS A 18 28.19 18.95 -2.50
CA HIS A 18 27.24 19.94 -2.00
C HIS A 18 26.08 19.94 -2.97
N LYS A 19 24.88 19.72 -2.44
CA LYS A 19 23.65 19.77 -3.23
C LYS A 19 22.79 20.89 -2.68
N LEU A 20 22.37 21.80 -3.55
CA LEU A 20 21.46 22.89 -3.20
C LEU A 20 20.21 22.66 -4.01
N GLN A 21 19.07 22.58 -3.33
CA GLN A 21 17.78 22.30 -3.96
C GLN A 21 16.76 23.36 -3.57
N ILE A 22 16.16 23.96 -4.59
CA ILE A 22 15.17 25.02 -4.43
C ILE A 22 13.93 24.66 -5.26
N GLU A 23 12.76 24.81 -4.65
CA GLU A 23 11.52 24.32 -5.24
C GLU A 23 10.31 25.07 -4.69
N PRO A 24 9.18 25.04 -5.41
CA PRO A 24 7.96 25.67 -4.91
C PRO A 24 7.50 25.02 -3.62
N TRP A 25 6.99 25.82 -2.69
CA TRP A 25 6.43 25.26 -1.46
C TRP A 25 5.29 26.14 -1.01
N GLY A 26 4.25 26.15 -1.84
CA GLY A 26 3.08 27.02 -1.68
C GLY A 26 3.20 28.23 -2.58
N GLU A 27 2.07 28.91 -2.78
CA GLU A 27 2.05 30.12 -3.60
C GLU A 27 3.04 31.16 -3.09
N ASN A 28 3.76 31.77 -4.02
CA ASN A 28 4.67 32.87 -3.72
C ASN A 28 5.82 32.49 -2.79
N SER A 29 6.13 31.19 -2.75
CA SER A 29 7.04 30.66 -1.74
C SER A 29 7.96 29.58 -2.31
N LEU A 30 9.15 29.50 -1.70
CA LEU A 30 10.17 28.53 -2.06
C LEU A 30 10.74 27.86 -0.82
N ARG A 31 11.03 26.56 -0.95
CA ARG A 31 11.84 25.84 0.02
C ARG A 31 13.27 25.72 -0.50
N VAL A 32 14.22 25.91 0.41
CA VAL A 32 15.63 25.85 0.12
C VAL A 32 16.26 24.83 1.05
N ARG A 33 16.91 23.81 0.48
CA ARG A 33 17.65 22.83 1.25
C ARG A 33 19.06 22.65 0.69
N ALA A 34 20.01 22.35 1.57
CA ALA A 34 21.36 22.01 1.12
C ALA A 34 21.99 20.98 2.03
N THR A 35 22.73 20.07 1.43
CA THR A 35 23.40 19.02 2.16
C THR A 35 24.68 18.60 1.47
N VAL A 36 25.60 18.04 2.25
CA VAL A 36 26.75 17.34 1.68
C VAL A 36 26.66 15.83 1.89
N ALA A 37 25.55 15.37 2.49
CA ALA A 37 25.24 13.94 2.58
C ALA A 37 24.86 13.43 1.20
N PRO A 38 24.78 12.09 1.01
CA PRO A 38 24.42 11.58 -0.30
C PRO A 38 23.09 12.08 -0.86
N GLU A 39 22.06 12.19 -0.01
CA GLU A 39 20.78 12.77 -0.40
C GLU A 39 20.21 13.60 0.74
N LEU A 40 19.20 14.41 0.41
CA LEU A 40 18.40 15.09 1.43
C LEU A 40 17.60 14.04 2.21
N ASN A 41 17.42 14.29 3.51
CA ASN A 41 16.64 13.40 4.36
C ASN A 41 15.14 13.72 4.22
N GLY A 42 14.33 12.98 4.96
CA GLY A 42 12.87 13.13 4.89
C GLY A 42 12.25 14.09 5.89
N ASN A 43 13.07 14.85 6.64
CA ASN A 43 12.58 15.75 7.69
C ASN A 43 11.96 17.02 7.11
N ASP A 44 10.66 17.18 7.30
CA ASP A 44 9.95 18.41 6.94
C ASP A 44 9.69 19.34 8.12
N TRP A 45 9.99 18.88 9.33
CA TRP A 45 9.86 19.70 10.54
C TRP A 45 8.53 20.46 10.62
N ALA A 46 8.53 21.78 10.46
CA ALA A 46 7.30 22.58 10.60
C ALA A 46 6.49 22.70 9.31
N LEU A 47 7.06 22.31 8.19
CA LEU A 47 6.38 22.51 6.91
C LEU A 47 5.36 21.41 6.63
N LEU A 48 4.12 21.84 6.37
CA LEU A 48 3.08 20.95 5.89
C LEU A 48 3.31 20.64 4.42
N PRO A 49 2.69 19.57 3.91
CA PRO A 49 2.79 19.33 2.46
C PRO A 49 2.33 20.55 1.68
N ALA A 50 3.04 20.87 0.60
CA ALA A 50 2.77 22.06 -0.18
C ALA A 50 1.56 21.85 -1.09
N LYS A 51 0.66 22.83 -1.13
CA LYS A 51 -0.37 22.86 -2.18
C LYS A 51 0.31 23.23 -3.50
N PRO A 52 -0.08 22.58 -4.62
CA PRO A 52 0.59 22.86 -5.91
C PRO A 52 0.60 24.34 -6.28
N SER A 53 1.66 24.80 -6.94
CA SER A 53 1.82 26.22 -7.25
C SER A 53 1.30 26.57 -8.65
N THR A 54 0.82 27.80 -8.82
CA THR A 54 0.09 28.26 -10.01
C THR A 54 0.99 28.27 -11.24
N LYS A 55 1.93 29.22 -11.29
CA LYS A 55 2.89 29.30 -12.39
C LYS A 55 4.32 29.44 -11.87
N VAL A 56 5.02 28.32 -11.97
CA VAL A 56 6.40 28.16 -11.61
C VAL A 56 7.16 28.19 -12.92
N LYS A 57 8.25 28.94 -12.99
CA LYS A 57 9.06 28.98 -14.19
C LYS A 57 10.53 28.88 -13.82
N VAL A 58 11.21 27.89 -14.38
CA VAL A 58 12.64 27.69 -14.23
C VAL A 58 13.30 28.13 -15.53
N SER A 59 14.40 28.87 -15.43
CA SER A 59 15.10 29.35 -16.62
C SER A 59 16.60 29.44 -16.40
N GLU A 60 17.33 29.61 -17.50
CA GLU A 60 18.79 29.78 -17.49
C GLU A 60 19.17 31.05 -18.22
N PHE A 61 20.11 31.77 -17.63
CA PHE A 61 20.62 33.01 -18.21
C PHE A 61 21.94 33.32 -17.52
N GLU A 62 22.86 33.94 -18.25
CA GLU A 62 24.17 34.35 -17.72
C GLU A 62 24.87 33.26 -16.88
N ASP A 63 24.86 32.03 -17.37
CA ASP A 63 25.43 30.88 -16.62
C ASP A 63 24.87 30.69 -15.19
N SER A 64 23.66 31.21 -14.98
CA SER A 64 22.92 31.09 -13.74
C SER A 64 21.65 30.27 -14.03
N ALA A 65 20.96 29.90 -12.97
CA ALA A 65 19.61 29.35 -13.08
C ALA A 65 18.66 30.16 -12.18
N ARG A 66 17.40 30.23 -12.58
CA ARG A 66 16.38 30.95 -11.83
C ARG A 66 15.14 30.09 -11.69
N ILE A 67 14.54 30.13 -10.51
CA ILE A 67 13.21 29.55 -10.31
C ILE A 67 12.29 30.65 -9.79
N VAL A 68 11.21 30.91 -10.53
CA VAL A 68 10.22 31.90 -10.16
C VAL A 68 9.01 31.12 -9.66
N ASN A 69 8.46 31.54 -8.53
CA ASN A 69 7.14 31.04 -8.08
C ASN A 69 6.28 32.23 -7.66
N GLY A 70 5.48 32.72 -8.60
CA GLY A 70 4.68 33.91 -8.41
C GLY A 70 5.55 35.11 -8.06
N ASN A 71 5.36 35.65 -6.87
CA ASN A 71 6.00 36.89 -6.45
C ASN A 71 7.42 36.76 -5.92
N ILE A 72 7.95 35.54 -5.84
CA ILE A 72 9.34 35.35 -5.45
C ILE A 72 10.11 34.64 -6.57
N SER A 73 11.38 34.97 -6.67
CA SER A 73 12.30 34.21 -7.48
C SER A 73 13.65 34.08 -6.79
N ALA A 74 14.29 32.96 -7.10
CA ALA A 74 15.60 32.61 -6.61
C ALA A 74 16.53 32.53 -7.81
N VAL A 75 17.69 33.18 -7.72
CA VAL A 75 18.74 33.09 -8.73
C VAL A 75 19.96 32.45 -8.10
N VAL A 76 20.45 31.38 -8.73
CA VAL A 76 21.68 30.72 -8.32
C VAL A 76 22.67 30.88 -9.47
N ASN A 77 23.82 31.50 -9.19
CA ASN A 77 24.81 31.74 -10.26
C ASN A 77 25.70 30.52 -10.44
N GLY A 78 26.58 30.57 -11.44
CA GLY A 78 27.46 29.45 -11.76
C GLY A 78 28.36 29.03 -10.60
N ARG A 79 28.62 29.94 -9.68
CA ARG A 79 29.37 29.64 -8.47
C ARG A 79 28.52 29.12 -7.30
N GLY A 80 27.25 28.79 -7.54
CA GLY A 80 26.37 28.30 -6.50
C GLY A 80 25.91 29.34 -5.48
N GLN A 81 25.94 30.62 -5.87
CA GLN A 81 25.60 31.71 -4.94
C GLN A 81 24.18 32.16 -5.21
N LEU A 82 23.40 32.34 -4.14
CA LEU A 82 21.94 32.46 -4.20
C LEU A 82 21.46 33.83 -3.75
N SER A 83 20.50 34.38 -4.47
CA SER A 83 19.82 35.61 -4.09
C SER A 83 18.35 35.51 -4.49
N PHE A 84 17.52 36.30 -3.80
CA PHE A 84 16.06 36.26 -3.97
C PHE A 84 15.54 37.63 -4.34
N TYR A 85 14.52 37.64 -5.21
CA TYR A 85 13.92 38.88 -5.71
C TYR A 85 12.41 38.75 -5.70
N ASN A 86 11.71 39.89 -5.62
CA ASN A 86 10.26 39.89 -5.80
C ASN A 86 9.90 40.10 -7.27
N GLN A 87 8.59 40.13 -7.56
CA GLN A 87 8.10 40.27 -8.93
C GLN A 87 8.44 41.60 -9.64
N ASN A 88 8.78 42.63 -8.86
CA ASN A 88 9.29 43.89 -9.42
C ASN A 88 10.80 43.90 -9.60
N GLY A 89 11.47 42.77 -9.40
CA GLY A 89 12.91 42.67 -9.53
C GLY A 89 13.70 43.24 -8.37
N LYS A 90 13.04 43.53 -7.24
CA LYS A 90 13.73 44.10 -6.09
C LYS A 90 14.42 42.98 -5.31
N LEU A 91 15.65 43.26 -4.90
CA LEU A 91 16.43 42.35 -4.07
C LEU A 91 15.81 42.21 -2.67
N LEU A 92 15.48 40.99 -2.31
CA LEU A 92 14.91 40.67 -0.99
C LEU A 92 16.01 40.25 -0.03
N LEU A 93 16.86 39.34 -0.48
CA LEU A 93 17.79 38.61 0.39
C LEU A 93 18.91 38.04 -0.48
N GLU A 94 20.16 38.26 -0.06
CA GLU A 94 21.29 37.71 -0.79
C GLU A 94 22.23 37.02 0.18
N GLU A 95 22.73 35.87 -0.27
CA GLU A 95 23.75 35.16 0.50
C GLU A 95 25.00 36.03 0.69
N TYR A 96 25.71 35.76 1.77
CA TYR A 96 26.98 36.42 2.10
C TYR A 96 28.11 35.44 1.80
N TRP A 97 28.97 35.84 0.86
CA TRP A 97 30.17 35.11 0.45
C TRP A 97 31.36 36.06 0.54
N ARG A 98 32.47 35.56 1.09
CA ARG A 98 33.73 36.30 1.14
C ARG A 98 34.87 35.31 0.84
N THR A 99 35.17 35.11 -0.44
CA THR A 99 36.16 34.12 -0.87
C THR A 99 36.87 34.63 -2.10
N ARG A 100 38.02 34.03 -2.41
CA ARG A 100 38.71 34.25 -3.68
C ARG A 100 38.47 33.12 -4.67
N PHE A 101 37.92 32.02 -4.20
CA PHE A 101 37.79 30.79 -4.97
C PHE A 101 36.60 30.05 -4.39
N VAL A 102 35.67 29.64 -5.26
CA VAL A 102 34.43 29.03 -4.79
C VAL A 102 33.90 28.13 -5.89
N ALA A 103 33.40 26.96 -5.50
CA ALA A 103 32.88 25.97 -6.44
C ALA A 103 33.85 25.73 -7.61
N GLY A 104 35.15 25.60 -7.30
CA GLY A 104 36.16 25.34 -8.32
C GLY A 104 36.48 26.47 -9.31
N GLN A 105 36.11 27.70 -8.97
CA GLN A 105 36.27 28.85 -9.87
C GLN A 105 36.78 30.04 -9.09
N GLY A 106 37.59 30.88 -9.74
CA GLY A 106 37.96 32.17 -9.18
C GLY A 106 36.76 33.08 -8.97
N GLU A 107 36.78 33.84 -7.88
CA GLU A 107 35.71 34.81 -7.61
C GLU A 107 35.98 36.06 -8.45
N ASP A 108 34.91 36.78 -8.75
CA ASP A 108 34.95 38.00 -9.54
C ASP A 108 35.45 39.18 -8.70
N THR A 109 36.57 39.76 -9.09
CA THR A 109 37.21 40.85 -8.33
C THR A 109 36.39 42.15 -8.27
N SER A 110 35.41 42.32 -9.16
CA SER A 110 34.54 43.49 -9.11
C SER A 110 33.41 43.36 -8.07
N SER A 111 33.23 42.19 -7.48
CA SER A 111 32.14 41.91 -6.53
C SER A 111 32.61 42.09 -5.09
N LYS A 112 31.70 42.58 -4.24
CA LYS A 112 31.92 42.57 -2.79
C LYS A 112 32.15 41.15 -2.22
N TYR A 113 31.78 40.12 -2.97
CA TYR A 113 32.06 38.75 -2.59
C TYR A 113 33.56 38.38 -2.64
N PHE A 114 34.38 39.16 -3.36
CA PHE A 114 35.81 38.88 -3.46
C PHE A 114 36.59 39.25 -2.21
N SER A 115 37.14 38.25 -1.55
CA SER A 115 37.80 38.45 -0.26
C SER A 115 38.61 37.22 0.11
N PRO A 116 39.81 37.42 0.68
CA PRO A 116 40.57 36.27 1.20
C PRO A 116 40.11 35.75 2.55
N LEU A 117 39.11 36.37 3.17
CA LEU A 117 38.61 35.93 4.47
C LEU A 117 38.13 34.46 4.46
N THR A 118 37.49 34.06 3.37
CA THR A 118 37.02 32.68 3.15
C THR A 118 35.86 32.33 4.07
N HIS A 119 34.78 33.09 3.95
CA HIS A 119 33.50 32.71 4.57
C HIS A 119 32.55 32.28 3.48
N GLU A 120 31.95 31.10 3.67
CA GLU A 120 30.94 30.60 2.75
C GLU A 120 29.54 30.89 3.29
N ALA A 121 28.57 31.01 2.40
CA ALA A 121 27.18 31.32 2.76
C ALA A 121 26.41 30.13 3.32
N ARG A 122 26.76 28.93 2.86
CA ARG A 122 26.17 27.69 3.37
C ARG A 122 27.29 26.84 3.89
N GLU A 123 27.68 27.07 5.13
CA GLU A 123 28.79 26.35 5.74
C GLU A 123 28.27 25.15 6.52
N LEU A 124 28.46 23.97 5.94
CA LEU A 124 28.21 22.70 6.61
C LEU A 124 29.55 22.17 7.12
N LYS A 125 29.90 22.59 8.33
CA LYS A 125 31.19 22.25 8.92
C LYS A 125 31.11 20.89 9.59
N PRO A 126 31.91 19.90 9.13
CA PRO A 126 31.73 18.56 9.71
C PRO A 126 32.17 18.47 11.17
N ILE A 127 31.37 17.80 11.98
CA ILE A 127 31.72 17.50 13.36
C ILE A 127 32.39 16.13 13.29
N GLN A 128 33.58 16.02 13.84
CA GLN A 128 34.34 14.77 13.75
C GLN A 128 33.55 13.62 14.39
N GLY A 129 33.44 12.53 13.63
CA GLY A 129 32.63 11.39 14.03
C GLY A 129 31.12 11.56 13.92
N GLY A 130 30.64 12.74 13.55
CA GLY A 130 29.25 13.11 13.72
C GLY A 130 28.68 13.79 12.51
N LYS A 131 27.77 14.74 12.75
CA LYS A 131 27.00 15.39 11.69
C LYS A 131 27.65 16.72 11.30
N PHE A 132 26.89 17.83 11.27
CA PHE A 132 27.39 19.10 10.76
C PHE A 132 26.97 20.26 11.65
N GLU A 133 27.88 21.23 11.81
CA GLU A 133 27.59 22.51 12.43
C GLU A 133 27.34 23.49 11.30
N LEU A 134 26.11 24.02 11.23
CA LEU A 134 25.65 24.80 10.09
C LEU A 134 25.64 26.29 10.40
N ARG A 135 26.25 27.08 9.51
CA ARG A 135 26.06 28.52 9.47
C ARG A 135 25.56 28.94 8.09
N ALA A 136 24.42 29.62 8.06
CA ALA A 136 23.85 30.19 6.86
C ALA A 136 23.97 31.70 6.97
N ARG A 137 24.82 32.27 6.11
CA ARG A 137 25.13 33.69 6.14
C ARG A 137 24.44 34.45 4.99
N PHE A 138 23.91 35.61 5.33
CA PHE A 138 23.26 36.51 4.37
C PHE A 138 23.79 37.91 4.61
N GLU A 139 23.83 38.71 3.54
CA GLU A 139 24.26 40.09 3.63
C GLU A 139 23.22 40.84 4.45
N SER A 140 23.67 41.74 5.30
CA SER A 140 22.75 42.70 5.93
C SER A 140 22.38 43.74 4.86
N GLN A 141 21.25 44.42 5.05
CA GLN A 141 20.84 45.50 4.16
C GLN A 141 20.53 46.74 4.98
N PRO A 142 20.94 47.92 4.49
CA PRO A 142 20.83 49.13 5.34
C PRO A 142 19.40 49.52 5.71
N ASP A 143 18.45 49.27 4.82
CA ASP A 143 17.05 49.68 5.06
C ASP A 143 16.20 48.64 5.82
N GLU A 144 16.80 47.50 6.19
CA GLU A 144 16.03 46.33 6.59
C GLU A 144 15.62 46.35 8.06
N ARG A 145 14.33 46.23 8.29
CA ARG A 145 13.76 46.06 9.64
C ARG A 145 13.22 44.62 9.71
N ILE A 146 13.43 43.98 10.86
CA ILE A 146 13.17 42.53 11.03
C ILE A 146 12.27 42.29 12.24
N TYR A 147 11.24 41.45 12.05
CA TYR A 147 10.27 41.15 13.09
C TYR A 147 10.03 39.66 13.17
N GLY A 148 9.44 39.23 14.27
CA GLY A 148 9.09 37.83 14.49
C GLY A 148 10.06 37.13 15.41
N LEU A 149 10.41 35.90 15.05
CA LEU A 149 11.40 35.04 15.72
C LEU A 149 10.91 34.37 17.01
N GLY A 150 9.82 34.87 17.59
CA GLY A 150 9.19 34.25 18.75
C GLY A 150 9.07 35.23 19.90
N GLN A 151 9.43 34.78 21.10
CA GLN A 151 9.24 35.53 22.32
C GLN A 151 10.57 35.71 23.05
N TYR A 152 11.14 36.92 22.99
CA TYR A 152 12.42 37.22 23.63
C TYR A 152 12.25 38.33 24.65
N GLN A 153 13.02 38.25 25.73
CA GLN A 153 12.87 39.14 26.85
C GLN A 153 13.76 40.36 26.64
N GLN A 154 13.28 41.25 25.80
CA GLN A 154 14.08 42.39 25.34
C GLN A 154 13.18 43.49 24.79
N PRO A 155 13.61 44.77 24.95
CA PRO A 155 12.76 45.90 24.58
C PRO A 155 12.89 46.33 23.11
N PHE A 156 12.84 45.39 22.19
CA PHE A 156 13.03 45.67 20.77
C PHE A 156 11.93 44.97 20.01
N LEU A 157 11.12 45.72 19.26
CA LEU A 157 10.18 45.14 18.31
C LEU A 157 10.97 44.78 17.04
N ASN A 158 11.51 45.80 16.37
CA ASN A 158 12.49 45.59 15.30
C ASN A 158 13.75 44.99 15.91
N VAL A 159 14.11 43.78 15.46
CA VAL A 159 15.29 43.06 15.99
C VAL A 159 16.51 43.11 15.07
N LYS A 160 16.47 43.93 14.02
CA LYS A 160 17.69 44.21 13.24
C LYS A 160 18.70 44.80 14.19
N GLY A 161 19.88 44.20 14.22
CA GLY A 161 20.93 44.59 15.17
C GLY A 161 20.96 43.77 16.46
N CYS A 162 19.99 42.87 16.65
CA CYS A 162 19.94 42.01 17.83
C CYS A 162 20.36 40.60 17.44
N THR A 163 20.78 39.85 18.46
CA THR A 163 21.13 38.43 18.36
C THR A 163 20.25 37.64 19.31
N MET A 164 19.56 36.63 18.76
CA MET A 164 18.59 35.81 19.49
C MET A 164 19.06 34.36 19.58
N GLU A 165 19.00 33.80 20.78
CA GLU A 165 19.33 32.40 20.98
C GLU A 165 18.21 31.52 20.43
N LEU A 166 18.56 30.55 19.61
CA LEU A 166 17.59 29.55 19.15
C LEU A 166 17.60 28.41 20.16
N ALA A 167 16.89 28.63 21.26
CA ALA A 167 16.72 27.66 22.32
C ALA A 167 15.51 28.02 23.15
N GLN A 168 14.98 27.05 23.89
CA GLN A 168 13.82 27.21 24.73
C GLN A 168 14.26 27.27 26.19
N ARG A 169 13.93 28.38 26.84
CA ARG A 169 14.15 28.58 28.26
C ARG A 169 12.90 29.24 28.84
N ASN A 170 12.68 29.09 30.14
CA ASN A 170 11.52 29.72 30.83
C ASN A 170 11.50 31.24 30.55
N SER A 171 10.41 31.70 29.92
CA SER A 171 10.17 33.08 29.45
C SER A 171 10.68 33.42 28.03
N GLN A 172 11.28 32.44 27.35
CA GLN A 172 11.71 32.58 25.97
C GLN A 172 11.13 31.45 25.13
N ALA A 173 10.73 31.79 23.90
CA ALA A 173 10.22 30.84 22.93
C ALA A 173 10.85 31.15 21.59
N SER A 174 11.62 30.21 21.06
CA SER A 174 12.16 30.31 19.71
C SER A 174 11.11 29.78 18.73
N VAL A 175 10.56 30.69 17.93
CA VAL A 175 9.57 30.38 16.91
C VAL A 175 10.13 31.04 15.65
N PRO A 176 11.01 30.32 14.92
CA PRO A 176 11.93 31.02 14.00
C PRO A 176 11.36 31.37 12.61
N PHE A 177 10.26 32.12 12.60
CA PHE A 177 9.75 32.76 11.41
C PHE A 177 9.98 34.25 11.59
N MET A 178 10.64 34.85 10.59
CA MET A 178 10.92 36.28 10.56
C MET A 178 10.20 36.94 9.38
N MET A 179 9.83 38.20 9.57
CA MET A 179 9.24 39.04 8.52
C MET A 179 10.13 40.26 8.39
N SER A 180 10.49 40.58 7.14
CA SER A 180 11.36 41.71 6.83
C SER A 180 10.56 42.83 6.17
N SER A 181 10.92 44.07 6.50
CA SER A 181 10.39 45.25 5.82
C SER A 181 10.70 45.31 4.33
N LEU A 182 11.69 44.55 3.85
CA LEU A 182 11.98 44.47 2.41
C LEU A 182 10.93 43.72 1.60
N GLY A 183 10.07 42.95 2.25
CA GLY A 183 8.90 42.32 1.59
C GLY A 183 8.98 40.81 1.48
N TYR A 184 9.66 40.16 2.41
CA TYR A 184 9.68 38.71 2.47
C TYR A 184 9.54 38.25 3.91
N GLY A 185 9.17 36.98 4.04
CA GLY A 185 9.27 36.27 5.29
C GLY A 185 10.13 35.03 5.10
N MET A 186 10.78 34.60 6.18
CA MET A 186 11.62 33.41 6.16
C MET A 186 11.47 32.58 7.43
N LEU A 187 11.23 31.29 7.24
CA LEU A 187 11.20 30.28 8.29
C LEU A 187 12.51 29.50 8.27
N TRP A 188 13.23 29.50 9.38
CA TRP A 188 14.35 28.60 9.59
C TRP A 188 13.76 27.25 10.04
N ASN A 189 13.63 26.32 9.10
CA ASN A 189 12.90 25.07 9.31
C ASN A 189 13.87 24.04 9.83
N ASN A 190 14.33 24.27 11.06
CA ASN A 190 15.38 23.48 11.65
C ASN A 190 15.33 23.68 13.16
N PRO A 191 15.02 22.60 13.92
CA PRO A 191 14.82 22.71 15.36
C PRO A 191 16.10 22.62 16.20
N ALA A 192 17.26 22.72 15.56
CA ALA A 192 18.53 22.61 16.27
C ALA A 192 18.79 23.79 17.20
N ILE A 193 19.48 23.51 18.30
CA ILE A 193 19.98 24.53 19.17
C ILE A 193 20.95 25.39 18.38
N GLY A 194 20.87 26.71 18.54
CA GLY A 194 21.76 27.60 17.83
C GLY A 194 21.49 29.05 18.13
N GLU A 195 21.58 29.87 17.10
CA GLU A 195 21.53 31.32 17.25
C GLU A 195 21.24 31.96 15.90
N VAL A 196 20.54 33.10 15.93
CA VAL A 196 20.40 33.97 14.76
C VAL A 196 20.86 35.37 15.13
N SER A 197 21.86 35.88 14.42
CA SER A 197 22.37 37.24 14.64
C SER A 197 22.05 38.08 13.42
N PHE A 198 21.20 39.08 13.62
CA PHE A 198 20.92 40.08 12.58
C PHE A 198 21.84 41.25 12.84
N ALA A 199 23.13 40.99 12.77
CA ALA A 199 24.11 42.02 13.01
C ALA A 199 24.11 43.01 11.85
N ASN A 200 24.52 44.25 12.13
CA ASN A 200 24.51 45.29 11.13
C ASN A 200 25.42 44.97 9.96
N ASN A 201 26.49 44.21 10.24
CA ASN A 201 27.49 43.87 9.23
C ASN A 201 27.27 42.55 8.45
N VAL A 202 26.37 41.67 8.94
CA VAL A 202 26.09 40.35 8.33
C VAL A 202 25.01 39.61 9.15
N THR A 203 24.12 38.90 8.47
CA THR A 203 23.10 38.06 9.12
C THR A 203 23.59 36.60 9.13
N THR A 204 23.58 35.95 10.30
CA THR A 204 24.02 34.55 10.42
C THR A 204 23.02 33.73 11.21
N TRP A 205 22.52 32.67 10.59
CA TRP A 205 21.76 31.62 11.27
C TRP A 205 22.71 30.44 11.52
N MET A 206 22.65 29.90 12.73
CA MET A 206 23.51 28.82 13.13
C MET A 206 22.71 27.69 13.77
N ALA A 207 23.08 26.46 13.43
CA ALA A 207 22.60 25.23 14.07
C ALA A 207 23.81 24.45 14.58
N ARG A 208 23.82 24.14 15.87
CA ARG A 208 24.93 23.41 16.49
C ARG A 208 25.15 22.03 15.88
N VAL A 209 24.07 21.30 15.65
CA VAL A 209 24.16 19.94 15.10
C VAL A 209 22.97 19.78 14.16
N THR A 210 23.25 19.42 12.91
CA THR A 210 22.17 19.18 11.94
C THR A 210 22.66 18.31 10.79
N GLU A 211 21.73 17.69 10.07
CA GLU A 211 22.04 16.96 8.85
C GLU A 211 22.07 17.83 7.60
N GLN A 212 21.33 18.93 7.60
CA GLN A 212 21.14 19.74 6.38
C GLN A 212 20.55 21.11 6.65
N LEU A 213 20.87 22.05 5.77
CA LEU A 213 20.22 23.36 5.69
C LEU A 213 18.80 23.19 5.17
N ASP A 214 17.86 23.91 5.76
CA ASP A 214 16.44 23.87 5.37
C ASP A 214 15.78 25.17 5.82
N TYR A 215 15.29 25.92 4.84
CA TYR A 215 14.50 27.09 5.13
C TYR A 215 13.43 27.33 4.08
N TRP A 216 12.46 28.15 4.45
CA TRP A 216 11.29 28.42 3.62
C TRP A 216 11.14 29.93 3.54
N ILE A 217 10.96 30.45 2.34
CA ILE A 217 10.95 31.88 2.09
C ILE A 217 9.77 32.26 1.20
N THR A 218 9.15 33.41 1.50
CA THR A 218 7.89 33.82 0.89
C THR A 218 7.93 35.32 0.65
N ALA A 219 7.24 35.78 -0.39
CA ALA A 219 7.23 37.19 -0.73
C ALA A 219 5.83 37.63 -1.05
N ALA A 220 5.53 38.86 -0.66
CA ALA A 220 4.27 39.52 -0.98
C ALA A 220 4.41 41.00 -0.70
N ASP A 221 3.50 41.78 -1.26
CA ASP A 221 3.52 43.23 -1.16
C ASP A 221 3.06 43.75 0.20
N THR A 222 2.40 42.91 1.00
CA THR A 222 1.93 43.34 2.32
C THR A 222 2.27 42.34 3.43
N PRO A 223 2.46 42.85 4.66
CA PRO A 223 2.60 41.97 5.82
C PRO A 223 1.49 40.92 5.96
N ALA A 224 0.23 41.32 5.70
CA ALA A 224 -0.91 40.41 5.80
C ALA A 224 -0.84 39.21 4.86
N GLU A 225 -0.40 39.44 3.62
CA GLU A 225 -0.20 38.34 2.68
C GLU A 225 0.92 37.41 3.13
N ILE A 226 2.00 37.97 3.69
CA ILE A 226 3.10 37.15 4.19
C ILE A 226 2.63 36.23 5.35
N SER A 227 1.88 36.80 6.30
CA SER A 227 1.31 36.03 7.41
C SER A 227 0.39 34.91 6.94
N GLN A 228 -0.43 35.22 5.93
CA GLN A 228 -1.34 34.23 5.34
C GLN A 228 -0.56 33.09 4.68
N GLN A 229 0.47 33.45 3.91
CA GLN A 229 1.34 32.48 3.27
C GLN A 229 2.06 31.60 4.31
N TYR A 230 2.53 32.22 5.39
CA TYR A 230 3.17 31.47 6.48
C TYR A 230 2.20 30.48 7.15
N ALA A 231 0.98 30.94 7.46
CA ALA A 231 -0.02 30.07 8.07
C ALA A 231 -0.43 28.95 7.13
N ALA A 232 -0.49 29.22 5.82
CA ALA A 232 -0.74 28.17 4.83
C ALA A 232 0.37 27.12 4.84
N ALA A 233 1.61 27.54 5.11
CA ALA A 233 2.76 26.65 5.12
C ALA A 233 2.93 25.78 6.37
N THR A 234 2.58 26.33 7.53
CA THR A 234 2.82 25.67 8.82
C THR A 234 1.56 25.34 9.63
N GLY A 235 0.40 25.83 9.19
CA GLY A 235 -0.87 25.48 9.80
C GLY A 235 -1.56 26.70 10.36
N ALA A 236 -2.89 26.70 10.25
CA ALA A 236 -3.71 27.77 10.79
C ALA A 236 -3.96 27.53 12.28
N ALA A 237 -4.02 28.60 13.07
CA ALA A 237 -4.65 28.49 14.38
C ALA A 237 -6.07 27.92 14.20
N PRO A 238 -6.56 27.10 15.15
CA PRO A 238 -7.97 26.75 15.14
C PRO A 238 -8.84 27.96 15.49
N MET A 239 -10.15 27.79 15.46
CA MET A 239 -11.06 28.83 15.97
C MET A 239 -11.05 28.77 17.50
N LEU A 240 -10.83 29.92 18.14
CA LEU A 240 -10.83 30.00 19.60
C LEU A 240 -12.24 29.73 20.13
N PRO A 241 -12.37 28.92 21.19
CA PRO A 241 -13.71 28.75 21.79
C PRO A 241 -14.14 30.03 22.51
N ASP A 242 -15.46 30.28 22.55
CA ASP A 242 -16.01 31.53 23.11
C ASP A 242 -15.50 31.84 24.52
N TYR A 243 -15.42 30.82 25.37
CA TYR A 243 -15.02 31.02 26.76
C TYR A 243 -13.62 31.62 26.94
N ALA A 244 -12.72 31.35 26.01
CA ALA A 244 -11.34 31.82 26.11
C ALA A 244 -11.19 33.33 25.97
N ALA A 245 -12.18 34.00 25.37
CA ALA A 245 -12.15 35.46 25.25
C ALA A 245 -12.62 36.20 26.51
N GLY A 246 -13.13 35.49 27.51
CA GLY A 246 -13.55 36.08 28.78
C GLY A 246 -12.37 36.18 29.74
N PHE A 247 -12.68 36.43 31.00
CA PHE A 247 -11.62 36.64 32.00
C PHE A 247 -11.13 35.31 32.60
N TRP A 248 -9.81 35.15 32.67
CA TRP A 248 -9.18 33.97 33.26
C TRP A 248 -8.60 34.40 34.62
N GLN A 249 -9.07 33.77 35.69
CA GLN A 249 -8.60 34.05 37.06
C GLN A 249 -7.69 32.94 37.55
N CYS A 250 -6.51 33.33 38.02
CA CYS A 250 -5.52 32.38 38.47
C CYS A 250 -4.57 33.03 39.46
N LYS A 251 -3.93 32.19 40.28
CA LYS A 251 -2.78 32.59 41.07
C LYS A 251 -1.95 31.36 41.38
N LEU A 252 -0.74 31.60 41.88
CA LEU A 252 0.06 30.57 42.50
C LEU A 252 -0.19 30.72 44.01
N ARG A 253 -0.98 29.85 44.63
CA ARG A 253 -1.78 28.80 44.01
C ARG A 253 -3.01 28.57 44.89
N TYR A 254 -4.15 28.28 44.28
CA TYR A 254 -5.29 27.76 45.05
C TYR A 254 -4.93 26.33 45.49
N ARG A 255 -4.80 26.14 46.79
CA ARG A 255 -4.25 24.92 47.41
C ARG A 255 -5.29 23.83 47.63
N THR A 256 -6.57 24.22 47.69
CA THR A 256 -7.64 23.26 47.93
C THR A 256 -8.85 23.59 47.07
N GLN A 257 -9.70 22.58 46.92
CA GLN A 257 -10.97 22.70 46.22
C GLN A 257 -11.86 23.79 46.85
N ASP A 258 -11.90 23.84 48.18
CA ASP A 258 -12.68 24.89 48.88
C ASP A 258 -12.11 26.29 48.64
N GLU A 259 -10.78 26.43 48.67
CA GLU A 259 -10.17 27.73 48.39
C GLU A 259 -10.51 28.22 46.98
N LEU A 260 -10.33 27.34 45.99
CA LEU A 260 -10.63 27.69 44.59
C LEU A 260 -12.10 28.05 44.43
N MET A 261 -12.98 27.19 44.96
CA MET A 261 -14.42 27.41 44.82
C MET A 261 -14.92 28.67 45.50
N GLU A 262 -14.30 29.04 46.63
CA GLU A 262 -14.65 30.31 47.29
C GLU A 262 -14.32 31.53 46.42
N VAL A 263 -13.20 31.50 45.70
CA VAL A 263 -12.86 32.59 44.76
C VAL A 263 -13.89 32.65 43.63
N ALA A 264 -14.18 31.51 43.01
CA ALA A 264 -15.18 31.45 41.92
C ALA A 264 -16.54 32.03 42.39
N ARG A 265 -17.00 31.56 43.54
CA ARG A 265 -18.29 32.01 44.10
C ARG A 265 -18.30 33.52 44.41
N GLU A 266 -17.19 34.04 44.93
CA GLU A 266 -17.08 35.47 45.24
C GLU A 266 -17.15 36.36 43.98
N TYR A 267 -16.49 35.96 42.89
CA TYR A 267 -16.70 36.62 41.59
C TYR A 267 -18.18 36.64 41.21
N LYS A 268 -18.85 35.50 41.31
CA LYS A 268 -20.26 35.44 40.94
C LYS A 268 -21.13 36.28 41.92
N ARG A 269 -20.78 36.25 43.20
CA ARG A 269 -21.50 37.03 44.23
C ARG A 269 -21.43 38.54 43.97
N ARG A 270 -20.28 39.01 43.46
CA ARG A 270 -20.10 40.41 43.08
C ARG A 270 -20.57 40.73 41.64
N SER A 271 -21.23 39.78 40.97
CA SER A 271 -21.67 39.92 39.57
C SER A 271 -20.54 40.29 38.62
N LEU A 272 -19.35 39.73 38.88
CA LEU A 272 -18.17 40.04 38.08
C LEU A 272 -18.01 39.02 36.96
N PRO A 273 -17.52 39.45 35.79
CA PRO A 273 -17.20 38.48 34.76
C PRO A 273 -16.09 37.52 35.19
N ILE A 274 -16.24 36.26 34.83
CA ILE A 274 -15.18 35.26 35.01
C ILE A 274 -15.55 34.08 34.10
N SER A 275 -14.61 33.67 33.25
CA SER A 275 -14.84 32.58 32.29
C SER A 275 -14.01 31.34 32.56
N VAL A 276 -12.80 31.53 33.11
CA VAL A 276 -11.91 30.43 33.43
C VAL A 276 -11.36 30.66 34.84
N ILE A 277 -11.29 29.58 35.63
CA ILE A 277 -10.58 29.59 36.90
C ILE A 277 -9.59 28.44 36.89
N VAL A 278 -8.49 28.58 37.62
CA VAL A 278 -7.34 27.72 37.39
C VAL A 278 -6.78 27.13 38.67
N ALA A 279 -6.52 25.83 38.62
CA ALA A 279 -5.78 25.12 39.66
C ALA A 279 -4.32 24.94 39.22
N ASP A 280 -3.42 25.69 39.87
CA ASP A 280 -1.99 25.72 39.54
C ASP A 280 -1.33 24.42 40.05
N PHE A 281 -0.02 24.36 39.86
CA PHE A 281 0.79 23.20 40.13
C PHE A 281 0.78 22.66 41.58
N PHE A 282 1.21 21.42 41.71
CA PHE A 282 1.33 20.71 42.99
C PHE A 282 0.01 20.54 43.75
N HIS A 283 -1.07 20.44 42.98
CA HIS A 283 -2.38 19.94 43.42
C HIS A 283 -2.50 18.41 43.40
N TRP A 284 -1.40 17.74 43.06
CA TRP A 284 -1.34 16.32 42.78
C TRP A 284 -0.55 15.62 43.87
N PRO A 285 -0.68 14.28 43.97
CA PRO A 285 0.09 13.59 45.02
C PRO A 285 1.59 13.58 44.76
N ASN A 286 2.00 13.35 43.52
CA ASN A 286 3.41 13.44 43.12
C ASN A 286 3.48 13.82 41.63
N GLN A 287 4.65 14.31 41.24
CA GLN A 287 4.95 14.63 39.86
C GLN A 287 4.96 13.35 39.04
N GLY A 288 4.15 13.31 38.00
CA GLY A 288 3.99 12.13 37.18
C GLY A 288 2.72 11.35 37.44
N ASP A 289 1.93 11.74 38.45
CA ASP A 289 0.61 11.11 38.69
C ASP A 289 -0.51 11.66 37.83
N TRP A 290 -0.41 12.94 37.45
CA TRP A 290 -1.43 13.61 36.63
C TRP A 290 -2.86 13.36 37.14
N CYS A 291 -3.06 13.65 38.42
CA CYS A 291 -4.38 13.60 39.04
C CYS A 291 -4.46 14.52 40.24
N PHE A 292 -5.68 14.82 40.66
CA PHE A 292 -5.91 15.56 41.90
C PHE A 292 -5.53 14.73 43.13
N ASP A 293 -4.87 15.39 44.08
CA ASP A 293 -4.64 14.82 45.40
C ASP A 293 -5.93 14.98 46.19
N THR A 294 -6.53 13.83 46.50
CA THR A 294 -7.85 13.77 47.11
C THR A 294 -7.93 14.34 48.54
N ARG A 295 -6.79 14.46 49.22
CA ARG A 295 -6.75 15.11 50.52
C ARG A 295 -7.05 16.62 50.49
N GLU A 296 -6.65 17.30 49.41
CA GLU A 296 -6.95 18.73 49.22
C GLU A 296 -8.05 18.98 48.22
N TRP A 297 -8.36 17.99 47.39
CA TRP A 297 -9.37 18.12 46.35
C TRP A 297 -10.28 16.89 46.46
N PRO A 298 -11.20 16.90 47.46
CA PRO A 298 -11.91 15.66 47.78
C PRO A 298 -12.93 15.17 46.76
N ASP A 299 -13.49 16.06 45.95
CA ASP A 299 -14.50 15.68 44.98
C ASP A 299 -14.39 16.58 43.73
N PRO A 300 -13.36 16.32 42.90
CA PRO A 300 -13.15 17.15 41.69
C PRO A 300 -14.36 17.25 40.75
N LYS A 301 -15.12 16.17 40.61
CA LYS A 301 -16.31 16.17 39.74
C LYS A 301 -17.38 17.17 40.22
N ALA A 302 -17.57 17.25 41.53
CA ALA A 302 -18.50 18.22 42.14
C ALA A 302 -18.05 19.66 41.88
N MET A 303 -16.76 19.92 42.09
CA MET A 303 -16.17 21.21 41.73
C MET A 303 -16.44 21.57 40.26
N ILE A 304 -16.12 20.64 39.37
CA ILE A 304 -16.28 20.85 37.93
C ILE A 304 -17.74 21.11 37.57
N ASP A 305 -18.64 20.33 38.13
CA ASP A 305 -20.08 20.49 37.85
C ASP A 305 -20.65 21.81 38.36
N GLU A 306 -20.26 22.22 39.56
CA GLU A 306 -20.68 23.52 40.08
C GLU A 306 -20.11 24.66 39.25
N LEU A 307 -18.85 24.55 38.81
CA LEU A 307 -18.27 25.57 37.95
C LEU A 307 -19.05 25.70 36.64
N LYS A 308 -19.42 24.56 36.02
CA LYS A 308 -20.24 24.56 34.80
C LYS A 308 -21.53 25.36 35.01
N GLU A 309 -22.26 25.05 36.09
CA GLU A 309 -23.49 25.80 36.47
C GLU A 309 -23.24 27.30 36.59
N MET A 310 -22.08 27.67 37.13
CA MET A 310 -21.66 29.06 37.24
C MET A 310 -21.17 29.71 35.93
N GLY A 311 -21.11 28.93 34.85
CA GLY A 311 -20.60 29.40 33.56
C GLY A 311 -19.08 29.57 33.52
N ILE A 312 -18.35 28.73 34.27
CA ILE A 312 -16.89 28.82 34.39
C ILE A 312 -16.23 27.50 33.99
N GLU A 313 -15.17 27.60 33.17
CA GLU A 313 -14.33 26.46 32.82
C GLU A 313 -13.20 26.33 33.83
N LEU A 314 -12.93 25.11 34.28
CA LEU A 314 -11.73 24.84 35.07
C LEU A 314 -10.59 24.45 34.13
N MET A 315 -9.42 25.06 34.36
CA MET A 315 -8.16 24.64 33.76
C MET A 315 -7.26 24.10 34.88
N VAL A 316 -6.54 23.03 34.58
CA VAL A 316 -5.61 22.42 35.55
C VAL A 316 -4.18 22.41 35.02
N SER A 317 -3.26 22.67 35.94
CA SER A 317 -1.83 22.57 35.68
C SER A 317 -1.39 21.15 35.34
N ILE A 318 -0.61 21.04 34.27
CA ILE A 318 0.08 19.81 33.88
C ILE A 318 1.55 20.15 33.94
N TRP A 319 2.32 19.36 34.69
CA TRP A 319 3.77 19.36 34.61
C TRP A 319 4.27 18.13 33.85
N PRO A 320 5.33 18.30 33.03
CA PRO A 320 5.82 17.22 32.20
C PRO A 320 6.84 16.34 32.92
N THR A 321 7.02 16.59 34.22
CA THR A 321 7.98 15.93 35.05
C THR A 321 7.40 14.62 35.57
N VAL A 322 8.29 13.64 35.76
CA VAL A 322 7.91 12.34 36.31
C VAL A 322 8.88 12.03 37.46
N ASP A 323 8.36 12.01 38.69
CA ASP A 323 9.18 11.72 39.86
C ASP A 323 9.58 10.27 39.84
N ASN A 324 10.84 10.01 40.15
CA ASN A 324 11.39 8.66 40.00
C ASN A 324 10.91 7.64 41.03
N ARG A 325 10.03 8.07 41.96
CA ARG A 325 9.34 7.18 42.87
C ARG A 325 7.89 6.82 42.50
N THR A 326 7.35 7.41 41.44
N THR A 326 7.39 7.35 41.39
CA THR A 326 5.94 7.19 41.08
CA THR A 326 6.00 7.14 41.00
C THR A 326 5.80 5.95 40.18
C THR A 326 5.83 5.87 40.20
N GLU A 327 4.58 5.41 40.08
CA GLU A 327 4.30 4.22 39.30
C GLU A 327 4.46 4.50 37.81
N ASN A 328 4.02 5.68 37.36
CA ASN A 328 4.26 6.11 35.99
C ASN A 328 5.77 6.16 35.61
N TYR A 329 6.68 6.45 36.55
CA TYR A 329 8.12 6.47 36.23
C TYR A 329 8.60 5.09 35.83
N LYS A 330 8.22 4.09 36.64
CA LYS A 330 8.53 2.68 36.37
C LYS A 330 8.06 2.28 34.96
N ILE A 331 6.80 2.54 34.65
CA ILE A 331 6.21 2.14 33.38
C ILE A 331 6.80 2.95 32.20
N MET A 332 6.90 4.25 32.37
CA MET A 332 7.44 5.11 31.32
C MET A 332 8.93 4.82 31.06
N LYS A 333 9.68 4.51 32.11
CA LYS A 333 11.09 4.12 31.96
C LYS A 333 11.17 2.79 31.19
N GLU A 334 10.36 1.82 31.56
CA GLU A 334 10.27 0.55 30.81
C GLU A 334 10.08 0.79 29.32
N LYS A 335 9.12 1.64 28.97
CA LYS A 335 8.76 1.86 27.58
C LYS A 335 9.69 2.82 26.81
N GLY A 336 10.66 3.43 27.49
CA GLY A 336 11.57 4.40 26.86
C GLY A 336 10.92 5.74 26.59
N TYR A 337 9.97 6.15 27.45
CA TYR A 337 9.16 7.35 27.21
C TYR A 337 9.69 8.64 27.85
N LEU A 338 10.87 8.57 28.46
CA LEU A 338 11.42 9.68 29.20
C LEU A 338 12.64 10.21 28.47
N VAL A 339 12.95 11.49 28.67
CA VAL A 339 14.14 12.06 28.04
C VAL A 339 15.34 11.48 28.78
N LYS A 340 16.51 11.51 28.13
CA LYS A 340 17.70 10.88 28.71
C LYS A 340 18.81 11.90 28.92
N ALA A 341 19.52 11.76 30.04
CA ALA A 341 20.75 12.47 30.30
C ALA A 341 21.90 11.71 29.64
N GLU A 342 22.76 12.41 28.91
CA GLU A 342 23.89 11.81 28.20
C GLU A 342 25.01 11.44 29.17
N ARG A 343 25.21 12.29 30.18
CA ARG A 343 26.19 12.06 31.23
C ARG A 343 25.64 12.50 32.59
N GLY A 344 26.17 11.90 33.64
CA GLY A 344 25.81 12.27 35.01
C GLY A 344 24.52 11.61 35.47
N VAL A 345 24.05 12.02 36.63
CA VAL A 345 22.86 11.40 37.22
C VAL A 345 21.66 11.54 36.27
N PRO A 346 20.82 10.49 36.18
CA PRO A 346 19.71 10.51 35.23
C PRO A 346 18.49 11.27 35.79
N VAL A 347 18.68 12.58 36.00
CA VAL A 347 17.69 13.48 36.59
C VAL A 347 17.75 14.75 35.75
N THR A 348 16.61 15.23 35.24
CA THR A 348 16.57 16.43 34.43
C THR A 348 16.13 17.69 35.17
N MET A 349 15.43 17.51 36.29
CA MET A 349 14.99 18.61 37.14
C MET A 349 14.92 18.14 38.58
N THR A 350 15.29 19.03 39.51
CA THR A 350 15.33 18.74 40.94
C THR A 350 14.33 19.56 41.75
N PHE A 351 13.37 20.20 41.10
CA PHE A 351 12.38 21.02 41.78
C PHE A 351 11.34 20.16 42.52
N LEU A 352 11.33 20.28 43.85
CA LEU A 352 10.48 19.48 44.74
C LEU A 352 10.57 17.96 44.54
N GLY A 353 11.77 17.48 44.18
CA GLY A 353 12.00 16.04 43.90
C GLY A 353 12.82 15.84 42.64
N ASN A 354 13.43 14.66 42.53
CA ASN A 354 14.20 14.27 41.35
C ASN A 354 13.27 13.75 40.26
N THR A 355 13.15 14.51 39.16
CA THR A 355 12.26 14.12 38.07
C THR A 355 12.97 14.00 36.73
N THR A 356 12.30 13.33 35.82
CA THR A 356 12.71 13.24 34.44
C THR A 356 11.52 13.65 33.58
N PHE A 357 11.79 14.48 32.56
CA PHE A 357 10.75 14.91 31.63
C PHE A 357 10.29 13.78 30.73
N PHE A 358 8.98 13.75 30.46
CA PHE A 358 8.47 12.87 29.41
C PHE A 358 8.97 13.40 28.09
N ASP A 359 9.22 12.47 27.17
CA ASP A 359 9.74 12.82 25.87
C ASP A 359 8.61 13.20 24.93
N ALA A 360 8.39 14.51 24.80
CA ALA A 360 7.35 15.03 23.90
C ALA A 360 7.60 14.79 22.40
N THR A 361 8.82 14.40 22.03
CA THR A 361 9.10 14.02 20.65
C THR A 361 8.84 12.52 20.36
N HIS A 362 8.51 11.74 21.40
CA HIS A 362 8.19 10.32 21.25
C HIS A 362 6.67 10.21 21.11
N PRO A 363 6.16 9.75 19.95
CA PRO A 363 4.70 9.63 19.78
C PRO A 363 4.01 8.74 20.83
N GLY A 364 4.68 7.67 21.26
CA GLY A 364 4.19 6.82 22.33
C GLY A 364 4.09 7.49 23.69
N ALA A 365 5.09 8.30 24.04
CA ALA A 365 5.08 9.06 25.28
C ALA A 365 4.00 10.12 25.25
N ARG A 366 3.82 10.78 24.10
CA ARG A 366 2.71 11.75 23.96
C ARG A 366 1.36 11.12 24.24
N LYS A 367 1.11 9.98 23.63
CA LYS A 367 -0.15 9.27 23.82
C LYS A 367 -0.30 8.79 25.29
N TYR A 368 0.77 8.28 25.87
CA TYR A 368 0.75 7.85 27.27
C TYR A 368 0.39 8.96 28.25
N VAL A 369 1.04 10.12 28.12
CA VAL A 369 0.76 11.24 29.01
C VAL A 369 -0.65 11.77 28.76
N TRP A 370 -1.06 11.89 27.50
CA TRP A 370 -2.42 12.29 27.20
C TRP A 370 -3.43 11.35 27.90
N GLU A 371 -3.19 10.04 27.82
CA GLU A 371 -4.15 9.08 28.36
C GLU A 371 -4.31 9.16 29.88
N GLN A 372 -3.23 9.48 30.58
CA GLN A 372 -3.30 9.78 32.00
C GLN A 372 -4.18 11.02 32.26
N ALA A 373 -3.90 12.12 31.56
CA ALA A 373 -4.68 13.34 31.74
C ALA A 373 -6.15 13.14 31.36
N LYS A 374 -6.40 12.35 30.32
CA LYS A 374 -7.76 12.01 29.92
C LYS A 374 -8.55 11.29 31.01
N LYS A 375 -7.94 10.23 31.54
CA LYS A 375 -8.55 9.42 32.61
C LYS A 375 -8.83 10.23 33.90
N ASN A 376 -7.89 11.07 34.31
CA ASN A 376 -7.93 11.76 35.61
C ASN A 376 -8.49 13.18 35.60
N TYR A 377 -8.64 13.77 34.42
CA TYR A 377 -9.08 15.16 34.27
C TYR A 377 -10.13 15.33 33.18
N HIS A 378 -9.78 14.99 31.94
CA HIS A 378 -10.67 15.26 30.79
C HIS A 378 -11.99 14.50 30.89
N ASP A 379 -11.94 13.24 31.33
CA ASP A 379 -13.15 12.45 31.54
C ASP A 379 -14.08 13.06 32.59
N LEU A 380 -13.56 13.86 33.53
CA LEU A 380 -14.38 14.57 34.51
C LEU A 380 -15.01 15.88 34.01
N GLY A 381 -14.67 16.33 32.81
CA GLY A 381 -15.24 17.54 32.20
C GLY A 381 -14.30 18.73 32.08
N ILE A 382 -13.04 18.55 32.46
CA ILE A 382 -12.01 19.57 32.23
C ILE A 382 -11.70 19.62 30.73
N LYS A 383 -11.75 20.82 30.16
CA LYS A 383 -11.58 21.04 28.72
C LYS A 383 -10.35 21.89 28.36
N ILE A 384 -9.62 22.34 29.37
CA ILE A 384 -8.48 23.25 29.16
C ILE A 384 -7.34 22.75 30.02
N PHE A 385 -6.17 22.59 29.42
CA PHE A 385 -4.97 22.19 30.17
C PHE A 385 -3.90 23.27 30.14
N TRP A 386 -3.25 23.43 31.29
CA TRP A 386 -2.16 24.36 31.45
C TRP A 386 -0.85 23.58 31.34
N LEU A 387 -0.28 23.58 30.14
CA LEU A 387 0.90 22.80 29.79
C LEU A 387 2.12 23.65 30.14
N ASP A 388 2.49 23.55 31.43
CA ASP A 388 3.54 24.36 32.02
C ASP A 388 4.89 23.67 31.81
N GLU A 389 5.98 24.40 32.00
CA GLU A 389 7.33 23.84 31.93
C GLU A 389 7.63 23.27 30.54
N ALA A 390 7.11 23.94 29.52
CA ALA A 390 7.02 23.36 28.19
C ALA A 390 8.31 23.40 27.34
N GLU A 391 9.39 23.94 27.90
CA GLU A 391 10.61 24.15 27.16
C GLU A 391 11.38 22.85 26.77
N PRO A 392 11.63 21.88 27.67
CA PRO A 392 11.27 21.87 29.10
C PRO A 392 12.29 22.58 29.98
N GLU A 393 11.88 22.93 31.21
CA GLU A 393 12.74 23.70 32.13
C GLU A 393 13.73 22.80 32.89
N TYR A 394 14.77 22.41 32.17
CA TYR A 394 15.92 21.75 32.80
C TYR A 394 16.41 22.61 33.97
N SER A 395 16.83 21.97 35.06
CA SER A 395 17.42 22.69 36.18
C SER A 395 18.70 23.39 35.76
N VAL A 396 19.40 22.80 34.78
CA VAL A 396 20.57 23.41 34.15
C VAL A 396 20.40 23.24 32.65
N TYR A 397 20.47 24.36 31.91
CA TYR A 397 20.23 24.34 30.45
C TYR A 397 21.50 23.92 29.68
N ASP A 398 21.99 22.72 29.97
CA ASP A 398 23.14 22.16 29.29
C ASP A 398 22.59 21.29 28.18
N PHE A 399 22.25 21.93 27.06
CA PHE A 399 21.52 21.27 25.97
C PHE A 399 22.25 20.05 25.43
N GLU A 400 23.57 20.16 25.38
CA GLU A 400 24.47 19.07 25.00
C GLU A 400 24.33 17.77 25.83
N ASN A 401 23.78 17.87 27.04
CA ASN A 401 23.68 16.75 27.95
C ASN A 401 22.38 15.96 27.90
N TYR A 402 21.51 16.22 26.92
CA TYR A 402 20.20 15.57 26.90
C TYR A 402 19.88 15.05 25.50
N ARG A 403 19.10 13.97 25.44
CA ARG A 403 18.79 13.31 24.18
C ARG A 403 17.32 12.94 24.16
N TYR A 404 16.70 13.15 23.02
CA TYR A 404 15.31 12.79 22.80
C TYR A 404 15.20 11.64 21.82
N HIS A 405 13.99 11.10 21.72
CA HIS A 405 13.62 10.09 20.75
C HIS A 405 14.09 10.44 19.32
N LEU A 406 13.88 11.70 18.91
CA LEU A 406 14.29 12.16 17.57
C LEU A 406 15.77 12.51 17.45
N GLY A 407 16.50 12.49 18.55
CA GLY A 407 17.94 12.68 18.54
C GLY A 407 18.39 13.57 19.68
N PRO A 408 19.70 13.88 19.71
CA PRO A 408 20.28 14.82 20.67
C PRO A 408 19.50 16.13 20.68
N VAL A 409 19.35 16.72 21.86
CA VAL A 409 18.70 18.03 22.03
C VAL A 409 19.39 19.10 21.16
N LEU A 410 20.72 19.04 21.04
CA LEU A 410 21.43 19.94 20.12
C LEU A 410 20.88 19.95 18.69
N GLU A 411 20.43 18.80 18.19
CA GLU A 411 19.89 18.64 16.84
C GLU A 411 18.39 18.94 16.69
N VAL A 412 17.60 18.56 17.70
CA VAL A 412 16.13 18.56 17.57
C VAL A 412 15.38 19.26 18.71
N GLY A 413 16.12 19.79 19.69
CA GLY A 413 15.58 20.20 20.96
C GLY A 413 14.41 21.17 20.92
N ASN A 414 14.45 22.11 19.99
CA ASN A 414 13.50 23.21 20.00
C ASN A 414 12.07 22.80 19.68
N ILE A 415 11.88 21.60 19.13
CA ILE A 415 10.54 21.14 18.76
C ILE A 415 9.73 20.58 19.95
N TYR A 416 10.38 20.39 21.11
CA TYR A 416 9.73 19.82 22.29
C TYR A 416 8.38 20.46 22.65
N PRO A 417 8.33 21.79 22.82
CA PRO A 417 7.03 22.40 23.18
C PRO A 417 5.91 22.16 22.16
N ARG A 418 6.27 22.06 20.89
CA ARG A 418 5.31 21.74 19.84
C ARG A 418 4.76 20.33 20.01
N GLY A 419 5.64 19.37 20.30
CA GLY A 419 5.23 18.00 20.64
C GLY A 419 4.33 17.96 21.88
N TYR A 420 4.66 18.77 22.88
CA TYR A 420 3.91 18.82 24.12
C TYR A 420 2.47 19.30 23.87
N ALA A 421 2.33 20.41 23.14
CA ALA A 421 1.02 20.88 22.66
C ALA A 421 0.28 19.84 21.80
N GLN A 422 1.03 19.17 20.92
CA GLN A 422 0.45 18.14 20.04
C GLN A 422 -0.17 16.98 20.82
N ALA A 423 0.52 16.51 21.85
CA ALA A 423 0.02 15.40 22.66
C ALA A 423 -1.42 15.66 23.14
N PHE A 424 -1.64 16.86 23.67
CA PHE A 424 -2.94 17.21 24.22
C PHE A 424 -3.97 17.57 23.15
N TYR A 425 -3.56 18.31 22.13
CA TYR A 425 -4.46 18.67 21.04
C TYR A 425 -5.02 17.45 20.29
N GLU A 426 -4.13 16.53 19.90
CA GLU A 426 -4.55 15.31 19.18
C GLU A 426 -5.41 14.41 20.05
N GLY A 427 -5.05 14.28 21.32
CA GLY A 427 -5.84 13.50 22.27
C GLY A 427 -7.23 14.06 22.51
N MET A 428 -7.29 15.37 22.76
CA MET A 428 -8.56 16.06 22.95
C MET A 428 -9.44 16.01 21.69
N GLU A 429 -8.82 16.16 20.53
CA GLU A 429 -9.53 16.08 19.27
C GLU A 429 -10.11 14.69 19.04
N GLU A 430 -9.29 13.67 19.29
CA GLU A 430 -9.70 12.26 19.24
C GLU A 430 -10.86 11.95 20.20
N ALA A 431 -10.88 12.59 21.35
CA ALA A 431 -11.95 12.43 22.33
C ALA A 431 -13.22 13.24 22.01
N GLY A 432 -13.26 13.96 20.88
CA GLY A 432 -14.45 14.61 20.38
C GLY A 432 -14.55 16.13 20.59
N GLN A 433 -13.55 16.72 21.25
CA GLN A 433 -13.57 18.16 21.52
C GLN A 433 -13.25 18.98 20.26
N THR A 434 -13.98 20.07 20.08
CA THR A 434 -13.71 21.07 19.04
C THR A 434 -13.27 22.39 19.67
N GLU A 435 -12.66 23.26 18.86
CA GLU A 435 -12.19 24.58 19.32
C GLU A 435 -11.29 24.44 20.57
N ILE A 436 -10.26 23.62 20.45
CA ILE A 436 -9.38 23.29 21.57
C ILE A 436 -8.38 24.42 21.79
N VAL A 437 -8.22 24.83 23.06
CA VAL A 437 -7.16 25.75 23.48
C VAL A 437 -6.52 25.22 24.78
N ASN A 438 -5.19 25.11 24.75
CA ASN A 438 -4.41 24.81 25.94
C ASN A 438 -3.40 25.93 26.15
N LEU A 439 -3.03 26.15 27.42
CA LEU A 439 -2.11 27.23 27.79
C LEU A 439 -0.69 26.66 27.83
N LEU A 440 0.15 27.08 26.88
CA LEU A 440 1.52 26.56 26.70
C LEU A 440 2.54 27.57 27.16
N ARG A 441 3.59 27.15 27.86
CA ARG A 441 4.62 28.12 28.21
C ARG A 441 5.62 28.42 27.10
N CYS A 442 5.62 27.59 26.06
CA CYS A 442 6.62 27.68 25.00
C CYS A 442 6.02 27.09 23.71
N ALA A 443 6.74 27.33 22.62
CA ALA A 443 6.25 26.97 21.28
C ALA A 443 7.42 26.84 20.34
N TRP A 444 7.19 26.16 19.22
CA TRP A 444 8.06 26.22 18.07
C TRP A 444 7.18 26.56 16.86
N ALA A 445 7.81 26.70 15.69
CA ALA A 445 7.08 26.92 14.43
C ALA A 445 5.97 25.89 14.25
N GLY A 446 4.78 26.37 13.93
CA GLY A 446 3.61 25.54 13.75
C GLY A 446 2.82 25.20 15.00
N SER A 447 3.31 25.60 16.19
CA SER A 447 2.58 25.34 17.45
C SER A 447 1.13 25.83 17.41
N GLN A 448 0.90 26.90 16.65
CA GLN A 448 -0.45 27.42 16.49
C GLN A 448 -1.47 26.38 16.04
N ARG A 449 -1.05 25.40 15.24
CA ARG A 449 -1.98 24.38 14.73
C ARG A 449 -2.45 23.42 15.83
N TYR A 450 -1.72 23.36 16.94
CA TYR A 450 -2.13 22.54 18.08
C TYR A 450 -2.77 23.36 19.20
N GLY A 451 -3.39 24.49 18.85
CA GLY A 451 -4.21 25.26 19.77
C GLY A 451 -3.43 25.84 20.93
N ALA A 452 -2.20 26.23 20.67
CA ALA A 452 -1.31 26.71 21.71
C ALA A 452 -1.51 28.19 21.97
N LEU A 453 -2.13 28.50 23.10
CA LEU A 453 -2.19 29.84 23.65
C LEU A 453 -0.92 29.94 24.48
N VAL A 454 0.05 30.71 23.99
CA VAL A 454 1.34 30.82 24.68
C VAL A 454 1.32 31.99 25.68
N TRP A 455 1.88 31.77 26.88
CA TRP A 455 2.13 32.88 27.80
C TRP A 455 3.62 33.01 28.06
N SER A 456 4.03 34.22 28.39
CA SER A 456 5.43 34.59 28.43
C SER A 456 6.23 34.19 29.68
N GLY A 457 5.64 33.37 30.55
CA GLY A 457 6.37 32.65 31.59
C GLY A 457 6.68 33.49 32.81
N ASP A 458 7.72 33.11 33.55
CA ASP A 458 7.95 33.58 34.92
C ASP A 458 8.79 34.85 35.03
N ILE A 459 8.35 35.90 34.34
CA ILE A 459 8.99 37.22 34.37
C ILE A 459 8.79 37.93 35.70
N ASN A 460 9.69 38.86 36.02
CA ASN A 460 9.51 39.68 37.22
C ASN A 460 8.42 40.75 37.05
N SER A 461 7.97 41.28 38.18
CA SER A 461 6.88 42.25 38.21
C SER A 461 7.44 43.68 38.22
N THR A 462 7.81 44.16 37.03
CA THR A 462 8.39 45.51 36.84
C THR A 462 7.89 46.11 35.55
N PHE A 463 8.01 47.43 35.44
CA PHE A 463 7.70 48.11 34.19
C PHE A 463 8.66 47.71 33.05
N GLY A 464 9.92 47.43 33.40
CA GLY A 464 10.89 46.87 32.46
C GLY A 464 10.37 45.58 31.82
N ALA A 465 9.80 44.71 32.65
CA ALA A 465 9.20 43.46 32.17
C ALA A 465 7.98 43.72 31.30
N LEU A 466 7.13 44.67 31.71
CA LEU A 466 5.92 44.98 30.92
C LEU A 466 6.29 45.44 29.49
N ARG A 467 7.30 46.32 29.40
CA ARG A 467 7.80 46.77 28.11
C ARG A 467 8.28 45.61 27.22
N ASN A 468 9.07 44.70 27.80
CA ASN A 468 9.55 43.53 27.09
C ASN A 468 8.39 42.64 26.63
N GLN A 469 7.35 42.49 27.46
CA GLN A 469 6.24 41.61 27.07
C GLN A 469 5.48 42.17 25.88
N LEU A 470 5.29 43.49 25.83
CA LEU A 470 4.60 44.11 24.70
C LEU A 470 5.31 43.76 23.38
N MET A 471 6.62 43.96 23.35
CA MET A 471 7.43 43.65 22.19
C MET A 471 7.39 42.17 21.84
N ALA A 472 7.50 41.31 22.85
CA ALA A 472 7.55 39.87 22.64
C ALA A 472 6.24 39.31 22.09
N GLY A 473 5.11 39.79 22.62
CA GLY A 473 3.79 39.36 22.12
C GLY A 473 3.50 39.79 20.69
N LEU A 474 3.90 41.01 20.34
CA LEU A 474 3.78 41.46 18.95
C LEU A 474 4.65 40.62 18.01
N ASN A 475 5.87 40.35 18.44
CA ASN A 475 6.76 39.48 17.66
C ASN A 475 6.26 38.04 17.58
N MET A 476 5.64 37.54 18.64
CA MET A 476 5.01 36.21 18.59
C MET A 476 3.90 36.13 17.54
N GLY A 477 3.11 37.19 17.43
CA GLY A 477 2.06 37.27 16.41
C GLY A 477 2.60 37.21 15.00
N ILE A 478 3.68 37.95 14.74
CA ILE A 478 4.34 37.96 13.44
C ILE A 478 4.93 36.58 13.14
N ALA A 479 5.43 35.92 14.18
CA ALA A 479 5.93 34.55 14.09
C ALA A 479 4.84 33.48 13.98
N GLY A 480 3.57 33.88 13.83
CA GLY A 480 2.46 32.97 13.54
C GLY A 480 1.75 32.39 14.76
N ILE A 481 1.98 32.99 15.93
CA ILE A 481 1.33 32.58 17.19
C ILE A 481 0.33 33.68 17.61
N PRO A 482 -0.92 33.61 17.11
CA PRO A 482 -1.88 34.66 17.41
C PRO A 482 -2.45 34.60 18.84
N TRP A 483 -2.46 33.41 19.44
CA TRP A 483 -3.02 33.21 20.77
C TRP A 483 -1.87 33.35 21.75
N TRP A 484 -1.81 34.50 22.41
CA TRP A 484 -0.70 34.83 23.25
C TRP A 484 -1.18 35.71 24.39
N THR A 485 -0.55 35.57 25.56
CA THR A 485 -0.93 36.34 26.72
C THR A 485 0.23 36.40 27.69
N THR A 486 0.01 37.06 28.83
CA THR A 486 0.99 37.11 29.94
C THR A 486 0.29 36.90 31.28
N ASP A 487 1.09 36.77 32.34
CA ASP A 487 0.59 37.00 33.70
C ASP A 487 0.37 38.49 33.89
N ILE A 488 -0.89 38.93 34.00
CA ILE A 488 -1.17 40.34 34.34
C ILE A 488 -0.50 40.64 35.67
N GLY A 489 0.31 41.69 35.67
CA GLY A 489 1.16 42.08 36.79
C GLY A 489 2.54 41.46 36.80
N GLY A 490 2.83 40.54 35.88
CA GLY A 490 4.06 39.77 35.93
C GLY A 490 3.96 38.65 36.95
N PHE A 491 4.97 37.78 36.96
CA PHE A 491 4.93 36.58 37.81
C PHE A 491 5.50 36.81 39.21
N ASP A 492 6.75 37.28 39.27
CA ASP A 492 7.57 37.21 40.49
C ASP A 492 7.85 38.59 41.07
N GLY A 493 7.56 38.75 42.37
CA GLY A 493 8.00 39.93 43.16
C GLY A 493 6.97 40.98 43.51
N GLY A 494 5.74 40.84 43.06
CA GLY A 494 4.68 41.81 43.39
C GLY A 494 4.12 41.67 44.81
N ASP A 495 4.42 42.63 45.68
CA ASP A 495 3.82 42.69 47.01
C ASP A 495 2.44 43.35 46.90
N ILE A 496 1.40 42.65 47.37
CA ILE A 496 0.02 43.11 47.16
C ILE A 496 -0.35 44.41 47.91
N ASN A 497 0.43 44.77 48.93
CA ASN A 497 0.25 46.04 49.66
C ASN A 497 1.06 47.22 49.12
N ASP A 498 1.97 46.97 48.16
CA ASP A 498 2.94 47.99 47.73
C ASP A 498 2.33 48.83 46.61
N PRO A 499 2.16 50.16 46.83
CA PRO A 499 1.62 51.01 45.78
C PRO A 499 2.42 50.98 44.47
N ALA A 500 3.74 50.80 44.54
CA ALA A 500 4.55 50.74 43.33
C ALA A 500 4.17 49.53 42.48
N PHE A 501 3.99 48.37 43.10
CA PHE A 501 3.49 47.20 42.37
C PHE A 501 2.04 47.39 41.92
N GLN A 502 1.20 47.93 42.79
CA GLN A 502 -0.22 48.16 42.45
C GLN A 502 -0.39 49.04 41.20
N GLU A 503 0.46 50.05 41.04
CA GLU A 503 0.45 50.85 39.82
C GLU A 503 0.78 50.02 38.59
N LEU A 504 1.86 49.24 38.68
CA LEU A 504 2.22 48.31 37.63
C LEU A 504 1.08 47.35 37.30
N LEU A 505 0.48 46.77 38.33
CA LEU A 505 -0.64 45.86 38.15
C LEU A 505 -1.74 46.50 37.33
N ILE A 506 -2.13 47.73 37.68
CA ILE A 506 -3.16 48.48 36.93
C ILE A 506 -2.78 48.71 35.46
N ARG A 507 -1.57 49.19 35.21
CA ARG A 507 -1.12 49.39 33.83
C ARG A 507 -1.10 48.08 33.01
N TRP A 508 -0.68 47.01 33.65
CA TRP A 508 -0.60 45.71 33.00
C TRP A 508 -2.00 45.15 32.72
N PHE A 509 -2.92 45.37 33.66
CA PHE A 509 -4.32 44.95 33.50
C PHE A 509 -4.98 45.71 32.36
N GLN A 510 -4.74 47.01 32.29
CA GLN A 510 -5.30 47.84 31.22
C GLN A 510 -4.81 47.37 29.83
N TRP A 511 -3.53 47.03 29.75
CA TRP A 511 -2.97 46.43 28.55
C TRP A 511 -3.62 45.06 28.30
N GLY A 512 -3.75 44.26 29.35
CA GLY A 512 -4.33 42.92 29.31
C GLY A 512 -5.71 42.82 28.69
N VAL A 513 -6.53 43.85 28.89
CA VAL A 513 -7.86 43.97 28.25
C VAL A 513 -7.76 43.91 26.71
N PHE A 514 -6.67 44.44 26.18
CA PHE A 514 -6.37 44.47 24.75
C PHE A 514 -5.25 43.51 24.34
N CYS A 515 -5.11 42.41 25.06
CA CYS A 515 -4.28 41.28 24.66
C CYS A 515 -5.20 40.18 24.12
N PRO A 516 -4.64 39.21 23.39
CA PRO A 516 -5.48 38.15 22.80
C PRO A 516 -6.32 37.39 23.82
N VAL A 517 -5.72 37.09 24.96
CA VAL A 517 -6.43 36.57 26.14
C VAL A 517 -6.10 37.49 27.32
N THR A 518 -7.11 37.71 28.15
CA THR A 518 -7.00 38.53 29.36
C THR A 518 -6.96 37.60 30.58
N ARG A 519 -5.77 37.48 31.19
CA ARG A 519 -5.52 36.48 32.20
C ARG A 519 -4.74 37.07 33.36
N LEU A 520 -5.31 36.94 34.57
CA LEU A 520 -4.63 37.37 35.78
C LEU A 520 -3.96 36.15 36.41
N HIS A 521 -2.67 36.28 36.67
CA HIS A 521 -1.89 35.25 37.35
C HIS A 521 -0.70 35.91 38.01
N GLY A 522 -0.14 35.24 39.01
CA GLY A 522 1.13 35.63 39.57
C GLY A 522 1.45 34.86 40.83
N PHE A 523 2.68 35.10 41.30
CA PHE A 523 3.16 34.56 42.55
C PHE A 523 3.40 35.78 43.45
N ARG A 524 2.36 36.18 44.16
CA ARG A 524 2.37 37.44 44.89
C ARG A 524 2.97 37.29 46.27
N GLN A 525 3.61 38.34 46.75
CA GLN A 525 4.18 38.42 48.09
C GLN A 525 3.17 39.14 49.01
N PRO A 526 3.20 38.89 50.33
CA PRO A 526 4.11 37.93 50.98
C PRO A 526 3.70 36.48 50.74
N MET A 527 4.69 35.62 50.50
CA MET A 527 4.44 34.20 50.21
C MET A 527 4.26 33.45 51.53
N GLU A 528 3.62 32.29 51.47
CA GLU A 528 3.41 31.44 52.65
C GLU A 528 3.97 30.03 52.44
N GLU A 529 4.87 29.65 53.34
CA GLU A 529 5.51 28.33 53.34
C GLU A 529 4.44 27.27 53.72
N PRO A 530 4.54 26.05 53.15
CA PRO A 530 3.51 25.06 53.53
C PRO A 530 3.61 24.69 55.04
N ALA A 531 2.50 24.19 55.58
CA ALA A 531 2.41 23.77 57.00
C ALA A 531 3.51 22.76 57.33
N GLU A 532 3.56 21.69 56.53
CA GLU A 532 4.60 20.66 56.63
C GLU A 532 5.51 20.81 55.39
N THR A 533 6.82 20.88 55.62
CA THR A 533 7.79 20.92 54.52
C THR A 533 7.71 19.67 53.64
N TYR A 534 7.53 18.50 54.29
CA TYR A 534 7.33 17.23 53.61
C TYR A 534 6.10 16.50 54.13
N ARG A 535 5.52 15.69 53.24
CA ARG A 535 4.44 14.78 53.59
C ARG A 535 4.76 13.46 52.89
N ASP A 536 5.00 12.40 53.68
CA ASP A 536 5.40 11.08 53.15
C ASP A 536 6.68 11.15 52.30
N GLY A 537 7.63 12.00 52.69
CA GLY A 537 8.86 12.22 51.93
C GLY A 537 8.78 13.03 50.64
N ILE A 538 7.59 13.54 50.30
CA ILE A 538 7.39 14.36 49.13
C ILE A 538 7.35 15.82 49.57
N ALA A 539 8.23 16.63 48.99
CA ALA A 539 8.31 18.05 49.32
C ALA A 539 7.00 18.75 48.92
N GLN A 540 6.52 19.60 49.81
CA GLN A 540 5.22 20.25 49.62
C GLN A 540 5.46 21.63 49.05
N CYS A 541 4.51 22.10 48.24
CA CYS A 541 4.65 23.35 47.50
C CYS A 541 3.98 24.52 48.22
N MET A 542 4.71 25.63 48.30
CA MET A 542 4.21 26.88 48.88
C MET A 542 3.05 27.53 48.09
N THR A 543 2.55 28.65 48.62
CA THR A 543 1.62 29.52 47.89
C THR A 543 2.08 30.97 48.02
N GLY A 544 1.63 31.78 47.07
CA GLY A 544 1.72 33.22 47.17
C GLY A 544 0.48 33.77 47.87
N ALA A 545 0.48 35.10 48.03
CA ALA A 545 -0.64 35.86 48.55
C ALA A 545 -1.82 35.86 47.61
N ALA A 546 -2.91 36.51 48.05
CA ALA A 546 -4.12 36.65 47.23
C ALA A 546 -3.85 37.41 45.92
N ASN A 547 -4.62 37.07 44.90
CA ASN A 547 -4.45 37.70 43.60
C ASN A 547 -5.78 37.80 42.85
N GLU A 548 -6.79 38.27 43.54
CA GLU A 548 -8.11 38.52 42.97
C GLU A 548 -8.25 40.04 42.77
N ILE A 549 -9.21 40.46 41.95
CA ILE A 549 -9.30 41.89 41.63
C ILE A 549 -9.68 42.79 42.82
N TRP A 550 -10.17 42.17 43.91
CA TRP A 550 -10.51 42.87 45.16
C TRP A 550 -9.39 42.83 46.20
N SER A 551 -8.25 42.23 45.84
CA SER A 551 -7.16 42.00 46.79
C SER A 551 -6.24 43.21 46.98
N TYR A 552 -6.50 44.30 46.26
CA TYR A 552 -5.55 45.42 46.14
C TYR A 552 -6.15 46.78 46.53
N GLY A 553 -7.20 46.77 47.35
CA GLY A 553 -7.87 47.99 47.81
C GLY A 553 -9.02 48.41 46.93
N GLU A 554 -9.78 49.38 47.42
CA GLU A 554 -11.05 49.76 46.79
C GLU A 554 -10.88 50.46 45.44
N ASP A 555 -9.98 51.44 45.37
CA ASP A 555 -9.78 52.22 44.14
C ASP A 555 -9.23 51.33 43.03
N ASN A 556 -8.28 50.46 43.35
CA ASN A 556 -7.76 49.53 42.35
C ASN A 556 -8.86 48.54 41.92
N TYR A 557 -9.69 48.11 42.87
CA TYR A 557 -10.84 47.23 42.54
C TYR A 557 -11.73 47.85 41.47
N ALA A 558 -12.06 49.14 41.63
CA ALA A 558 -12.96 49.84 40.70
C ALA A 558 -12.38 49.89 39.30
N ILE A 559 -11.06 50.12 39.22
CA ILE A 559 -10.39 50.15 37.90
C ILE A 559 -10.43 48.76 37.26
N MET A 560 -10.01 47.73 37.99
CA MET A 560 -10.02 46.38 37.45
C MET A 560 -11.42 45.87 37.14
N LYS A 561 -12.40 46.24 37.96
CA LYS A 561 -13.80 45.93 37.66
C LYS A 561 -14.23 46.52 36.32
N SER A 562 -13.91 47.80 36.11
CA SER A 562 -14.23 48.44 34.83
C SER A 562 -13.46 47.79 33.67
N CYS A 563 -12.23 47.32 33.93
CA CYS A 563 -11.45 46.58 32.92
C CYS A 563 -12.14 45.27 32.52
N LEU A 564 -12.64 44.53 33.50
CA LEU A 564 -13.38 43.30 33.19
C LEU A 564 -14.63 43.59 32.40
N GLU A 565 -15.35 44.65 32.78
CA GLU A 565 -16.58 45.05 32.06
C GLU A 565 -16.31 45.46 30.61
N LEU A 566 -15.22 46.17 30.39
CA LEU A 566 -14.79 46.53 29.05
C LEU A 566 -14.39 45.29 28.22
N ARG A 567 -13.65 44.37 28.85
CA ARG A 567 -13.29 43.13 28.16
C ARG A 567 -14.54 42.37 27.70
N GLU A 568 -15.56 42.27 28.58
CA GLU A 568 -16.81 41.61 28.19
C GLU A 568 -17.47 42.26 26.97
N ARG A 569 -17.56 43.58 26.95
CA ARG A 569 -18.10 44.32 25.80
C ARG A 569 -17.29 44.10 24.52
N LEU A 570 -15.98 43.90 24.65
CA LEU A 570 -15.10 43.57 23.52
C LEU A 570 -15.19 42.13 22.98
N ARG A 571 -15.86 41.22 23.69
CA ARG A 571 -15.81 39.80 23.30
C ARG A 571 -16.30 39.50 21.87
N PRO A 572 -17.41 40.10 21.42
CA PRO A 572 -17.81 39.87 20.02
C PRO A 572 -16.74 40.28 18.99
N TYR A 573 -16.13 41.46 19.18
CA TYR A 573 -15.00 41.89 18.37
C TYR A 573 -13.80 40.94 18.46
N VAL A 574 -13.44 40.54 19.70
CA VAL A 574 -12.36 39.59 19.89
C VAL A 574 -12.62 38.30 19.09
N MET A 575 -13.84 37.77 19.14
CA MET A 575 -14.18 36.57 18.38
C MET A 575 -14.11 36.74 16.86
N ARG A 576 -14.46 37.92 16.35
CA ARG A 576 -14.28 38.21 14.92
C ARG A 576 -12.79 38.21 14.54
N VAL A 577 -11.97 38.79 15.40
CA VAL A 577 -10.54 38.89 15.14
C VAL A 577 -9.90 37.49 15.25
N MET A 578 -10.38 36.66 16.17
CA MET A 578 -9.91 35.29 16.32
C MET A 578 -10.29 34.44 15.10
N LYS A 579 -11.48 34.66 14.58
CA LYS A 579 -11.91 34.02 13.34
C LYS A 579 -11.01 34.44 12.18
N ALA A 580 -10.67 35.72 12.11
CA ALA A 580 -9.76 36.21 11.07
C ALA A 580 -8.37 35.59 11.20
N ALA A 581 -7.90 35.36 12.43
CA ALA A 581 -6.60 34.71 12.64
C ALA A 581 -6.62 33.28 12.12
N HIS A 582 -7.73 32.60 12.38
CA HIS A 582 -7.95 31.24 11.90
C HIS A 582 -8.02 31.21 10.35
N ASP A 583 -8.76 32.15 9.77
CA ASP A 583 -8.98 32.18 8.31
C ASP A 583 -7.78 32.64 7.48
N THR A 584 -7.00 33.58 8.01
CA THR A 584 -6.03 34.34 7.22
C THR A 584 -4.60 34.37 7.78
N GLY A 585 -4.37 33.78 8.95
CA GLY A 585 -3.06 33.85 9.61
C GLY A 585 -2.71 35.18 10.26
N ALA A 586 -3.62 36.14 10.24
CA ALA A 586 -3.34 37.46 10.80
C ALA A 586 -3.21 37.33 12.31
N PRO A 587 -2.20 37.98 12.90
CA PRO A 587 -2.19 38.03 14.38
C PRO A 587 -3.35 38.85 14.96
N VAL A 588 -3.57 38.71 16.26
CA VAL A 588 -4.65 39.43 16.97
C VAL A 588 -4.15 40.79 17.44
N MET A 589 -3.07 40.77 18.21
CA MET A 589 -2.32 41.98 18.54
C MET A 589 -1.22 42.10 17.48
N ARG A 590 -1.15 43.25 16.82
CA ARG A 590 -0.23 43.40 15.69
C ARG A 590 0.46 44.74 15.64
N PRO A 591 1.71 44.78 15.13
CA PRO A 591 2.36 46.08 14.95
C PRO A 591 1.59 46.96 14.01
N LEU A 592 1.80 48.27 14.13
CA LEU A 592 1.08 49.25 13.31
C LEU A 592 1.25 48.98 11.80
N PHE A 593 2.42 48.51 11.40
CA PHE A 593 2.68 48.26 9.96
C PHE A 593 1.83 47.15 9.37
N PHE A 594 1.29 46.27 10.21
CA PHE A 594 0.39 45.23 9.72
C PHE A 594 -0.86 45.84 9.07
N ASP A 595 -1.41 46.84 9.71
CA ASP A 595 -2.63 47.50 9.21
C ASP A 595 -2.33 48.73 8.37
N PHE A 596 -1.15 49.34 8.55
CA PHE A 596 -0.76 50.57 7.83
C PHE A 596 0.62 50.43 7.21
N PRO A 597 0.81 49.43 6.33
CA PRO A 597 2.16 49.16 5.80
C PRO A 597 2.77 50.27 4.93
N ASP A 598 1.93 51.15 4.38
CA ASP A 598 2.41 52.23 3.51
C ASP A 598 2.77 53.52 4.24
N GLN A 599 2.76 53.52 5.58
CA GLN A 599 3.05 54.73 6.34
C GLN A 599 4.34 54.56 7.13
N ALA A 600 5.27 55.49 6.97
CA ALA A 600 6.61 55.34 7.56
C ALA A 600 6.58 55.16 9.07
N GLU A 601 5.72 55.92 9.74
CA GLU A 601 5.62 55.90 11.20
C GLU A 601 5.25 54.51 11.73
N ALA A 602 4.41 53.79 10.98
CA ALA A 602 4.00 52.44 11.35
C ALA A 602 5.14 51.44 11.48
N TRP A 603 6.22 51.65 10.73
CA TRP A 603 7.43 50.83 10.81
C TRP A 603 8.43 51.30 11.86
N GLN A 604 8.19 52.46 12.48
CA GLN A 604 9.09 53.05 13.50
C GLN A 604 8.59 52.92 14.94
N ILE A 605 7.29 53.07 15.13
CA ILE A 605 6.69 53.13 16.47
C ILE A 605 6.52 51.73 17.04
N GLU A 606 7.05 51.55 18.24
CA GLU A 606 7.07 50.27 18.93
C GLU A 606 6.21 50.22 20.19
N ASP A 607 5.73 51.38 20.64
CA ASP A 607 4.97 51.45 21.88
C ASP A 607 3.47 51.66 21.65
N GLN A 608 3.02 51.43 20.41
CA GLN A 608 1.60 51.36 20.07
C GLN A 608 1.38 50.14 19.20
N TYR A 609 0.14 49.65 19.18
CA TYR A 609 -0.19 48.51 18.33
C TYR A 609 -1.66 48.51 18.01
N MET A 610 -2.05 47.60 17.10
CA MET A 610 -3.42 47.42 16.71
C MET A 610 -3.96 46.14 17.35
N PHE A 611 -5.06 46.27 18.07
CA PHE A 611 -5.78 45.13 18.59
C PHE A 611 -6.87 44.83 17.59
N GLY A 612 -6.57 43.92 16.67
CA GLY A 612 -7.36 43.76 15.45
C GLY A 612 -7.28 45.00 14.58
N PRO A 613 -8.06 45.06 13.49
CA PRO A 613 -7.96 46.19 12.57
C PRO A 613 -8.55 47.52 13.05
N ASP A 614 -9.30 47.52 14.15
CA ASP A 614 -10.17 48.65 14.49
C ASP A 614 -9.87 49.33 15.81
N ILE A 615 -8.89 48.82 16.56
CA ILE A 615 -8.56 49.41 17.85
C ILE A 615 -7.07 49.68 17.94
N LEU A 616 -6.73 50.94 18.15
CA LEU A 616 -5.36 51.39 18.35
C LEU A 616 -5.10 51.52 19.84
N VAL A 617 -4.04 50.86 20.32
CA VAL A 617 -3.73 50.80 21.75
C VAL A 617 -2.38 51.42 22.00
N ALA A 618 -2.30 52.29 23.00
CA ALA A 618 -1.06 52.96 23.38
C ALA A 618 -0.78 52.72 24.87
N PRO A 619 -0.13 51.58 25.20
CA PRO A 619 0.04 51.29 26.64
C PRO A 619 0.95 52.26 27.35
N VAL A 620 0.79 52.34 28.67
CA VAL A 620 1.71 53.07 29.52
C VAL A 620 2.72 52.07 30.07
N LEU A 621 4.00 52.36 29.85
CA LEU A 621 5.09 51.43 30.15
C LEU A 621 6.08 52.01 31.16
N GLU A 622 5.72 53.11 31.82
CA GLU A 622 6.59 53.75 32.81
C GLU A 622 5.83 54.08 34.08
N ALA A 623 6.43 53.73 35.23
CA ALA A 623 5.92 54.14 36.52
C ALA A 623 5.82 55.66 36.59
N GLY A 624 4.69 56.16 37.10
CA GLY A 624 4.48 57.59 37.32
C GLY A 624 3.96 58.36 36.13
N GLN A 625 3.88 57.70 34.98
CA GLN A 625 3.56 58.41 33.76
C GLN A 625 2.06 58.67 33.74
N ARG A 626 1.70 59.93 33.48
CA ARG A 626 0.30 60.36 33.43
C ARG A 626 -0.12 61.02 32.10
N SER A 627 0.79 60.99 31.13
CA SER A 627 0.49 61.40 29.76
C SER A 627 1.48 60.73 28.81
N ARG A 628 1.09 60.54 27.56
CA ARG A 628 2.01 60.06 26.52
C ARG A 628 1.57 60.52 25.13
N LYS A 629 2.50 60.52 24.18
CA LYS A 629 2.16 60.87 22.81
C LYS A 629 1.61 59.65 22.10
N VAL A 630 0.63 59.88 21.23
CA VAL A 630 0.00 58.80 20.47
C VAL A 630 -0.11 59.26 19.03
N TRP A 631 0.49 58.49 18.11
CA TRP A 631 0.34 58.72 16.68
C TRP A 631 -0.95 58.07 16.18
N LEU A 632 -1.76 58.83 15.45
CA LEU A 632 -2.96 58.33 14.82
C LEU A 632 -2.68 58.08 13.35
N PRO A 633 -2.74 56.81 12.89
CA PRO A 633 -2.49 56.52 11.47
C PRO A 633 -3.42 57.24 10.51
N GLU A 634 -2.90 57.59 9.33
CA GLU A 634 -3.67 58.24 8.29
C GLU A 634 -4.60 57.21 7.64
N GLY A 635 -5.68 57.71 7.06
CA GLY A 635 -6.58 56.89 6.25
C GLY A 635 -7.94 56.64 6.85
N CYS A 636 -8.13 56.99 8.12
CA CYS A 636 -9.45 57.01 8.77
C CYS A 636 -9.45 58.07 9.85
N ALA A 637 -10.62 58.31 10.44
CA ALA A 637 -10.73 59.07 11.67
C ALA A 637 -10.74 58.11 12.85
N TRP A 638 -10.43 58.64 14.03
CA TRP A 638 -10.27 57.86 15.25
C TRP A 638 -11.10 58.46 16.37
N ILE A 639 -11.75 57.59 17.15
CA ILE A 639 -12.54 58.02 18.30
C ILE A 639 -11.79 57.67 19.59
N ASP A 640 -11.54 58.67 20.43
CA ASP A 640 -10.91 58.47 21.73
C ASP A 640 -11.87 57.72 22.66
N LEU A 641 -11.48 56.52 23.09
CA LEU A 641 -12.36 55.65 23.85
C LEU A 641 -12.75 56.28 25.18
N ASN A 642 -11.86 57.08 25.74
CA ASN A 642 -12.07 57.68 27.06
C ASN A 642 -12.70 59.08 27.07
N THR A 643 -12.63 59.83 25.98
CA THR A 643 -13.25 61.17 25.89
C THR A 643 -14.34 61.31 24.82
N GLY A 644 -14.44 60.35 23.91
CA GLY A 644 -15.34 60.47 22.78
C GLY A 644 -14.97 61.47 21.69
N ALA A 645 -13.81 62.12 21.80
CA ALA A 645 -13.39 63.07 20.78
C ALA A 645 -13.09 62.35 19.47
N ARG A 646 -13.41 63.00 18.36
CA ARG A 646 -13.08 62.51 17.03
C ARG A 646 -11.79 63.20 16.61
N GLN A 647 -10.80 62.43 16.19
CA GLN A 647 -9.52 62.96 15.72
C GLN A 647 -9.27 62.42 14.32
N ASN A 648 -8.96 63.30 13.38
CA ASN A 648 -8.55 62.87 12.03
C ASN A 648 -7.23 62.14 12.12
N GLY A 649 -7.06 61.14 11.26
CA GLY A 649 -5.81 60.41 11.13
C GLY A 649 -4.68 61.26 10.62
N GLY A 650 -3.45 60.79 10.81
CA GLY A 650 -2.26 61.47 10.31
C GLY A 650 -1.81 62.62 11.20
N GLN A 651 -1.90 62.43 12.51
CA GLN A 651 -1.45 63.44 13.48
C GLN A 651 -1.10 62.79 14.81
N TRP A 652 -0.45 63.57 15.68
CA TRP A 652 -0.06 63.15 17.03
C TRP A 652 -0.92 63.79 18.12
N CYS A 653 -1.34 62.99 19.09
CA CYS A 653 -2.04 63.45 20.29
C CYS A 653 -1.05 63.48 21.45
N ASP A 654 -1.00 64.59 22.17
CA ASP A 654 -0.36 64.66 23.48
C ASP A 654 -1.47 64.24 24.43
N CYS A 655 -1.50 62.95 24.73
CA CYS A 655 -2.68 62.32 25.29
C CYS A 655 -2.60 62.14 26.82
N ASP A 656 -3.73 62.43 27.47
CA ASP A 656 -3.88 62.20 28.89
C ASP A 656 -3.81 60.69 29.15
N ALA A 657 -3.15 60.31 30.23
CA ALA A 657 -3.05 58.89 30.60
C ALA A 657 -3.12 58.78 32.12
N PRO A 658 -4.29 59.08 32.69
CA PRO A 658 -4.41 59.02 34.16
C PRO A 658 -4.28 57.58 34.62
N LEU A 659 -4.07 57.37 35.92
CA LEU A 659 -3.97 56.02 36.46
C LEU A 659 -5.16 55.14 36.01
N GLU A 660 -6.34 55.74 35.84
CA GLU A 660 -7.56 55.01 35.55
C GLU A 660 -7.72 54.58 34.10
N ALA A 661 -6.87 55.06 33.18
CA ALA A 661 -6.98 54.69 31.77
C ALA A 661 -5.69 54.83 30.95
N ILE A 662 -5.43 53.87 30.06
CA ILE A 662 -4.45 54.08 28.99
C ILE A 662 -5.15 54.62 27.73
N PRO A 663 -4.43 55.38 26.88
CA PRO A 663 -5.04 55.84 25.62
C PRO A 663 -5.38 54.69 24.66
N VAL A 664 -6.62 54.73 24.18
CA VAL A 664 -7.13 53.78 23.19
C VAL A 664 -8.02 54.56 22.23
N PHE A 665 -7.87 54.30 20.94
CA PHE A 665 -8.71 54.91 19.92
C PHE A 665 -9.38 53.84 19.07
N ILE A 666 -10.62 54.10 18.65
CA ILE A 666 -11.40 53.17 17.84
C ILE A 666 -11.46 53.76 16.45
N ARG A 667 -11.25 52.93 15.43
CA ARG A 667 -11.46 53.32 14.03
C ARG A 667 -12.92 53.75 13.85
N GLU A 668 -13.15 54.98 13.39
CA GLU A 668 -14.51 55.50 13.22
C GLU A 668 -15.34 54.63 12.29
N ALA A 669 -16.54 54.29 12.74
CA ALA A 669 -17.50 53.50 11.99
C ALA A 669 -17.21 52.02 11.87
N ALA A 670 -16.15 51.52 12.54
CA ALA A 670 -16.01 50.07 12.72
C ALA A 670 -17.19 49.58 13.57
N ALA A 671 -17.64 48.35 13.33
CA ALA A 671 -18.73 47.77 14.12
C ALA A 671 -18.47 47.82 15.63
N VAL A 672 -17.21 47.63 16.04
CA VAL A 672 -16.84 47.69 17.46
C VAL A 672 -17.10 49.05 18.14
N GLN A 673 -17.10 50.15 17.40
CA GLN A 673 -17.44 51.47 17.96
C GLN A 673 -18.82 51.45 18.64
N ALA A 674 -19.82 50.97 17.93
CA ALA A 674 -21.19 50.85 18.45
C ALA A 674 -21.36 49.79 19.56
N GLU A 675 -20.48 48.80 19.58
CA GLU A 675 -20.49 47.76 20.61
C GLU A 675 -19.92 48.21 21.96
N LEU A 676 -19.19 49.32 21.95
CA LEU A 676 -18.64 49.90 23.18
C LEU A 676 -19.44 51.11 23.66
N SER A 677 -19.39 51.32 24.96
CA SER A 677 -19.91 52.52 25.58
C SER A 677 -18.79 53.54 25.69
N ILE A 678 -18.91 54.65 24.96
CA ILE A 678 -17.88 55.67 24.89
C ILE A 678 -18.37 56.94 25.59
N ALA A 679 -17.72 57.30 26.70
CA ALA A 679 -18.13 58.46 27.50
C ALA A 679 -17.56 59.74 26.92
N LEU A 680 -18.35 60.81 26.97
CA LEU A 680 -17.89 62.16 26.56
C LEU A 680 -17.26 62.87 27.76
N GLU A 681 -16.07 63.44 27.58
CA GLU A 681 -15.42 64.26 28.63
C GLU A 681 -15.11 65.69 28.18
N SER B 2 11.13 -5.19 31.88
CA SER B 2 11.62 -5.64 30.55
C SER B 2 10.53 -6.41 29.80
N GLU B 3 10.67 -6.53 28.49
CA GLU B 3 9.66 -7.15 27.66
C GLU B 3 10.29 -7.98 26.55
N PHE B 4 9.79 -9.20 26.36
CA PHE B 4 10.12 -9.98 25.18
C PHE B 4 9.04 -9.79 24.14
N ILE B 5 9.44 -9.69 22.89
CA ILE B 5 8.54 -9.74 21.74
C ILE B 5 9.05 -10.93 20.92
N LEU B 6 8.27 -12.02 20.94
CA LEU B 6 8.71 -13.29 20.38
C LEU B 6 7.80 -13.68 19.22
N THR B 7 8.41 -14.18 18.15
CA THR B 7 7.69 -14.81 17.05
C THR B 7 8.32 -16.19 16.86
N SER B 8 7.83 -16.96 15.90
CA SER B 8 8.34 -18.32 15.64
C SER B 8 9.81 -18.39 15.23
N ASP B 9 10.37 -17.29 14.72
CA ASP B 9 11.78 -17.28 14.28
C ASP B 9 12.57 -15.99 14.60
N LYS B 10 12.16 -15.24 15.62
CA LYS B 10 12.86 -14.02 16.03
C LYS B 10 12.65 -13.76 17.53
N LEU B 11 13.73 -13.38 18.21
CA LEU B 11 13.69 -13.05 19.62
C LEU B 11 14.08 -11.57 19.74
N VAL B 12 13.17 -10.77 20.27
CA VAL B 12 13.44 -9.38 20.61
C VAL B 12 13.24 -9.21 22.11
N TRP B 13 14.20 -8.54 22.75
CA TRP B 13 14.11 -8.13 24.15
C TRP B 13 14.22 -6.60 24.17
N THR B 14 13.42 -5.93 24.99
N THR B 14 13.41 -5.95 25.00
CA THR B 14 13.51 -4.47 25.09
CA THR B 14 13.43 -4.49 25.12
C THR B 14 13.31 -3.96 26.51
C THR B 14 13.38 -4.02 26.57
N TYR B 15 14.06 -2.91 26.84
CA TYR B 15 13.95 -2.19 28.11
C TYR B 15 14.44 -0.75 27.91
N ASP B 16 13.58 0.24 28.19
CA ASP B 16 13.94 1.67 28.16
C ASP B 16 14.63 2.10 26.85
N GLY B 17 14.01 1.71 25.74
CA GLY B 17 14.55 2.03 24.42
C GLY B 17 15.66 1.13 23.89
N HIS B 18 16.28 0.31 24.74
CA HIS B 18 17.30 -0.63 24.27
C HIS B 18 16.54 -1.80 23.64
N LYS B 19 16.86 -2.11 22.38
N LYS B 19 16.88 -2.14 22.39
CA LYS B 19 16.27 -3.23 21.66
CA LYS B 19 16.25 -3.25 21.67
C LYS B 19 17.38 -4.22 21.35
C LYS B 19 17.33 -4.24 21.26
N LEU B 20 17.19 -5.49 21.72
CA LEU B 20 18.11 -6.58 21.38
C LEU B 20 17.34 -7.51 20.50
N GLN B 21 17.87 -7.81 19.30
CA GLN B 21 17.21 -8.66 18.31
C GLN B 21 18.12 -9.79 17.86
N ILE B 22 17.65 -11.02 18.05
CA ILE B 22 18.40 -12.22 17.69
C ILE B 22 17.55 -13.06 16.72
N GLU B 23 18.18 -13.48 15.63
CA GLU B 23 17.50 -14.18 14.56
C GLU B 23 18.42 -15.12 13.81
N PRO B 24 17.85 -16.15 13.15
CA PRO B 24 18.64 -17.02 12.30
C PRO B 24 19.27 -16.25 11.15
N TRP B 25 20.47 -16.64 10.76
CA TRP B 25 21.14 -16.02 9.63
C TRP B 25 22.06 -17.05 8.98
N GLY B 26 21.41 -18.02 8.34
CA GLY B 26 22.07 -19.22 7.84
C GLY B 26 21.99 -20.38 8.81
N GLU B 27 22.23 -21.59 8.32
CA GLU B 27 22.16 -22.79 9.13
C GLU B 27 23.19 -22.70 10.26
N ASN B 28 22.77 -23.08 11.47
CA ASN B 28 23.63 -23.14 12.65
C ASN B 28 24.19 -21.78 13.06
N SER B 29 23.49 -20.73 12.67
CA SER B 29 23.99 -19.36 12.81
C SER B 29 22.89 -18.40 13.26
N LEU B 30 23.32 -17.35 13.98
CA LEU B 30 22.44 -16.31 14.47
C LEU B 30 23.06 -14.94 14.21
N ARG B 31 22.22 -13.98 13.86
CA ARG B 31 22.64 -12.57 13.88
C ARG B 31 22.10 -11.90 15.13
N VAL B 32 22.92 -11.04 15.72
CA VAL B 32 22.59 -10.32 16.95
C VAL B 32 22.75 -8.82 16.65
N ARG B 33 21.68 -8.06 16.85
CA ARG B 33 21.73 -6.60 16.75
C ARG B 33 21.16 -5.96 18.01
N ALA B 34 21.73 -4.82 18.39
CA ALA B 34 21.20 -4.02 19.48
C ALA B 34 21.30 -2.54 19.17
N THR B 35 20.28 -1.80 19.54
CA THR B 35 20.29 -0.35 19.38
C THR B 35 19.47 0.32 20.46
N VAL B 36 19.77 1.61 20.72
CA VAL B 36 18.90 2.48 21.49
C VAL B 36 18.21 3.54 20.63
N ALA B 37 18.41 3.51 19.30
CA ALA B 37 17.64 4.34 18.37
C ALA B 37 16.23 3.77 18.26
N PRO B 38 15.30 4.54 17.65
CA PRO B 38 13.92 4.03 17.51
C PRO B 38 13.78 2.68 16.80
N GLU B 39 14.61 2.44 15.78
CA GLU B 39 14.64 1.15 15.06
C GLU B 39 16.07 0.78 14.66
N LEU B 40 16.27 -0.51 14.34
CA LEU B 40 17.47 -0.96 13.67
C LEU B 40 17.53 -0.30 12.29
N ASN B 41 18.73 0.04 11.84
CA ASN B 41 18.90 0.59 10.48
C ASN B 41 19.00 -0.55 9.47
N GLY B 42 19.20 -0.22 8.20
CA GLY B 42 19.27 -1.20 7.13
C GLY B 42 20.67 -1.65 6.72
N ASN B 43 21.69 -1.34 7.53
CA ASN B 43 23.07 -1.71 7.18
C ASN B 43 23.33 -3.19 7.47
N ASP B 44 23.63 -3.95 6.43
CA ASP B 44 24.05 -5.35 6.56
C ASP B 44 25.55 -5.56 6.42
N TRP B 45 26.27 -4.53 5.98
CA TRP B 45 27.73 -4.56 5.88
C TRP B 45 28.24 -5.81 5.13
N ALA B 46 28.87 -6.76 5.83
CA ALA B 46 29.45 -7.94 5.18
C ALA B 46 28.46 -9.10 5.01
N LEU B 47 27.29 -9.02 5.63
CA LEU B 47 26.36 -10.16 5.61
C LEU B 47 25.51 -10.16 4.36
N LEU B 48 25.59 -11.24 3.59
CA LEU B 48 24.68 -11.45 2.46
C LEU B 48 23.31 -11.87 2.99
N PRO B 49 22.26 -11.77 2.14
CA PRO B 49 20.94 -12.27 2.58
C PRO B 49 20.99 -13.76 2.92
N ALA B 50 20.39 -14.13 4.05
CA ALA B 50 20.43 -15.50 4.56
C ALA B 50 19.43 -16.39 3.83
N LYS B 51 19.86 -17.58 3.42
CA LYS B 51 18.90 -18.58 2.93
C LYS B 51 18.11 -19.04 4.17
N PRO B 52 16.76 -19.11 4.09
CA PRO B 52 15.99 -19.31 5.33
C PRO B 52 16.29 -20.62 6.07
N SER B 53 16.08 -20.61 7.39
CA SER B 53 16.23 -21.79 8.24
C SER B 53 14.82 -22.23 8.64
N THR B 54 14.49 -23.49 8.38
CA THR B 54 13.11 -23.98 8.53
C THR B 54 12.72 -24.42 9.95
N LYS B 55 13.69 -24.93 10.72
CA LYS B 55 13.42 -25.49 12.06
C LYS B 55 14.05 -24.62 13.15
N VAL B 56 13.64 -23.37 13.18
CA VAL B 56 14.04 -22.44 14.23
C VAL B 56 13.00 -22.57 15.35
N LYS B 57 13.48 -22.75 16.59
CA LYS B 57 12.61 -22.94 17.76
C LYS B 57 12.76 -21.75 18.72
N VAL B 58 11.70 -20.95 18.86
CA VAL B 58 11.65 -19.85 19.82
C VAL B 58 10.74 -20.24 21.00
N SER B 59 11.24 -20.07 22.22
N SER B 59 11.23 -20.07 22.22
CA SER B 59 10.54 -20.47 23.43
CA SER B 59 10.47 -20.43 23.41
C SER B 59 10.73 -19.43 24.54
C SER B 59 10.74 -19.46 24.55
N GLU B 60 9.81 -19.43 25.50
CA GLU B 60 9.96 -18.68 26.74
C GLU B 60 9.84 -19.64 27.93
N PHE B 61 10.55 -19.32 29.01
CA PHE B 61 10.54 -20.14 30.21
C PHE B 61 10.98 -19.27 31.38
N GLU B 62 10.29 -19.41 32.51
CA GLU B 62 10.55 -18.60 33.71
C GLU B 62 10.49 -17.12 33.29
N ASP B 63 11.55 -16.33 33.51
CA ASP B 63 11.63 -14.95 33.01
C ASP B 63 12.51 -14.79 31.76
N SER B 64 12.82 -15.90 31.08
CA SER B 64 13.78 -15.94 29.98
C SER B 64 13.15 -16.30 28.65
N ALA B 65 13.96 -16.18 27.60
CA ALA B 65 13.61 -16.59 26.25
C ALA B 65 14.80 -17.27 25.59
N ARG B 66 14.48 -18.09 24.60
CA ARG B 66 15.46 -18.92 23.93
C ARG B 66 15.17 -18.99 22.44
N ILE B 67 16.22 -18.92 21.64
CA ILE B 67 16.10 -19.17 20.19
C ILE B 67 17.15 -20.21 19.77
N VAL B 68 16.69 -21.28 19.13
CA VAL B 68 17.55 -22.38 18.66
C VAL B 68 17.53 -22.39 17.13
N ASN B 69 18.70 -22.41 16.51
CA ASN B 69 18.83 -22.61 15.06
C ASN B 69 19.90 -23.66 14.79
N GLY B 70 19.47 -24.91 14.66
CA GLY B 70 20.37 -26.03 14.43
C GLY B 70 21.32 -26.19 15.60
N ASN B 71 22.61 -26.13 15.33
CA ASN B 71 23.62 -26.42 16.35
C ASN B 71 24.02 -25.23 17.25
N ILE B 72 23.30 -24.11 17.17
CA ILE B 72 23.52 -22.98 18.08
C ILE B 72 22.18 -22.59 18.72
N SER B 73 22.25 -22.19 19.99
CA SER B 73 21.10 -21.56 20.63
C SER B 73 21.55 -20.33 21.42
N ALA B 74 20.65 -19.39 21.57
CA ALA B 74 20.88 -18.20 22.39
C ALA B 74 19.79 -18.13 23.44
N VAL B 75 20.21 -17.83 24.68
CA VAL B 75 19.29 -17.58 25.80
C VAL B 75 19.48 -16.15 26.29
N VAL B 76 18.36 -15.44 26.43
CA VAL B 76 18.30 -14.13 27.02
C VAL B 76 17.44 -14.22 28.26
N ASN B 77 18.01 -13.86 29.41
CA ASN B 77 17.23 -13.88 30.66
C ASN B 77 16.40 -12.62 30.79
N GLY B 78 15.65 -12.52 31.89
CA GLY B 78 14.78 -11.37 32.16
C GLY B 78 15.49 -10.04 32.26
N ARG B 79 16.78 -10.07 32.62
CA ARG B 79 17.60 -8.86 32.70
C ARG B 79 18.29 -8.50 31.38
N GLY B 80 17.93 -9.18 30.30
CA GLY B 80 18.50 -8.91 28.97
C GLY B 80 19.92 -9.40 28.78
N GLN B 81 20.35 -10.38 29.58
CA GLN B 81 21.72 -10.89 29.53
C GLN B 81 21.73 -12.16 28.68
N LEU B 82 22.69 -12.20 27.75
CA LEU B 82 22.70 -13.16 26.63
C LEU B 82 23.88 -14.14 26.74
N SER B 83 23.59 -15.43 26.51
CA SER B 83 24.61 -16.47 26.36
C SER B 83 24.27 -17.41 25.20
N PHE B 84 25.28 -18.09 24.67
CA PHE B 84 25.17 -18.96 23.49
C PHE B 84 25.63 -20.37 23.84
N TYR B 85 24.95 -21.36 23.26
CA TYR B 85 25.24 -22.78 23.52
C TYR B 85 25.23 -23.54 22.22
N ASN B 86 25.97 -24.66 22.17
CA ASN B 86 25.87 -25.59 21.03
C ASN B 86 24.78 -26.67 21.26
N GLN B 87 24.59 -27.56 20.29
CA GLN B 87 23.58 -28.65 20.38
C GLN B 87 23.75 -29.59 21.57
N ASN B 88 24.96 -29.69 22.11
CA ASN B 88 25.24 -30.49 23.30
C ASN B 88 25.05 -29.73 24.61
N GLY B 89 24.55 -28.49 24.55
CA GLY B 89 24.38 -27.67 25.74
C GLY B 89 25.66 -27.04 26.29
N LYS B 90 26.75 -27.08 25.53
CA LYS B 90 28.02 -26.53 26.01
C LYS B 90 28.01 -25.03 25.81
N LEU B 91 28.46 -24.30 26.83
CA LEU B 91 28.56 -22.85 26.74
C LEU B 91 29.63 -22.48 25.72
N LEU B 92 29.23 -21.67 24.74
CA LEU B 92 30.14 -21.16 23.71
C LEU B 92 30.67 -19.76 24.05
N LEU B 93 29.75 -18.87 24.41
CA LEU B 93 30.05 -17.46 24.60
C LEU B 93 29.01 -16.85 25.52
N GLU B 94 29.46 -16.10 26.52
CA GLU B 94 28.53 -15.40 27.41
C GLU B 94 28.95 -13.95 27.55
N GLU B 95 27.96 -13.07 27.61
CA GLU B 95 28.18 -11.65 27.90
C GLU B 95 28.81 -11.44 29.27
N TYR B 96 29.56 -10.34 29.38
CA TYR B 96 30.17 -9.91 30.62
C TYR B 96 29.35 -8.75 31.16
N TRP B 97 28.77 -8.96 32.34
CA TRP B 97 28.02 -7.95 33.07
C TRP B 97 28.62 -7.86 34.46
N ARG B 98 28.79 -6.64 34.97
CA ARG B 98 29.20 -6.39 36.35
C ARG B 98 28.38 -5.22 36.90
N THR B 99 27.18 -5.53 37.41
CA THR B 99 26.25 -4.51 37.91
C THR B 99 25.51 -5.01 39.13
N ARG B 100 24.94 -4.08 39.89
CA ARG B 100 24.01 -4.41 40.97
C ARG B 100 22.57 -4.22 40.55
N PHE B 101 22.35 -3.59 39.41
CA PHE B 101 21.02 -3.20 38.96
C PHE B 101 21.06 -3.11 37.45
N VAL B 102 20.21 -3.86 36.77
CA VAL B 102 20.24 -3.94 35.31
C VAL B 102 18.80 -4.12 34.83
N ALA B 103 18.43 -3.43 33.75
CA ALA B 103 17.11 -3.56 33.16
C ALA B 103 15.98 -3.34 34.19
N GLY B 104 16.18 -2.37 35.08
CA GLY B 104 15.23 -2.05 36.14
C GLY B 104 15.10 -3.07 37.26
N GLN B 105 16.05 -4.00 37.40
CA GLN B 105 15.94 -5.11 38.36
C GLN B 105 17.24 -5.26 39.13
N GLY B 106 17.11 -5.71 40.38
CA GLY B 106 18.26 -6.09 41.17
C GLY B 106 18.98 -7.25 40.51
N GLU B 107 20.31 -7.21 40.50
CA GLU B 107 21.11 -8.33 40.03
C GLU B 107 21.14 -9.40 41.13
N ASP B 108 21.32 -10.64 40.70
CA ASP B 108 21.36 -11.82 41.56
C ASP B 108 22.72 -11.90 42.25
N THR B 109 22.73 -11.82 43.59
CA THR B 109 23.99 -11.82 44.35
C THR B 109 24.78 -13.13 44.27
N SER B 110 24.16 -14.23 43.87
CA SER B 110 24.88 -15.49 43.69
C SER B 110 25.64 -15.56 42.35
N SER B 111 25.43 -14.60 41.45
CA SER B 111 26.09 -14.60 40.13
C SER B 111 27.40 -13.80 40.16
N LYS B 112 28.35 -14.21 39.34
CA LYS B 112 29.57 -13.41 39.08
C LYS B 112 29.24 -12.04 38.43
N TYR B 113 28.06 -11.94 37.82
CA TYR B 113 27.54 -10.69 37.31
C TYR B 113 27.25 -9.63 38.38
N PHE B 114 27.11 -10.02 39.66
CA PHE B 114 26.82 -9.08 40.72
C PHE B 114 28.06 -8.30 41.12
N SER B 115 28.03 -6.99 40.88
CA SER B 115 29.18 -6.15 41.15
C SER B 115 28.81 -4.68 41.13
N PRO B 116 29.36 -3.88 42.07
CA PRO B 116 29.14 -2.43 41.99
C PRO B 116 29.95 -1.71 40.90
N LEU B 117 30.83 -2.40 40.16
CA LEU B 117 31.65 -1.76 39.13
C LEU B 117 30.81 -1.04 38.05
N THR B 118 29.69 -1.65 37.68
CA THR B 118 28.73 -1.12 36.70
C THR B 118 29.28 -1.09 35.26
N HIS B 119 29.62 -2.27 34.75
CA HIS B 119 29.95 -2.47 33.35
C HIS B 119 28.82 -3.23 32.70
N GLU B 120 28.34 -2.74 31.56
CA GLU B 120 27.31 -3.41 30.77
C GLU B 120 27.94 -4.20 29.62
N ALA B 121 27.25 -5.25 29.18
CA ALA B 121 27.75 -6.08 28.09
C ALA B 121 27.53 -5.44 26.73
N ARG B 122 26.47 -4.65 26.61
CA ARG B 122 26.15 -3.95 25.38
C ARG B 122 26.08 -2.46 25.68
N GLU B 123 27.25 -1.85 25.83
CA GLU B 123 27.36 -0.44 26.20
C GLU B 123 27.29 0.45 24.96
N LEU B 124 26.15 1.10 24.75
CA LEU B 124 25.99 2.10 23.70
C LEU B 124 26.07 3.48 24.33
N LYS B 125 27.29 3.97 24.46
CA LYS B 125 27.57 5.22 25.14
C LYS B 125 27.34 6.41 24.21
N PRO B 126 26.36 7.27 24.54
CA PRO B 126 26.06 8.36 23.59
C PRO B 126 27.22 9.36 23.46
N ILE B 127 27.49 9.74 22.22
CA ILE B 127 28.45 10.78 21.91
C ILE B 127 27.64 12.07 21.86
N GLN B 128 28.05 13.08 22.62
CA GLN B 128 27.26 14.32 22.68
C GLN B 128 27.11 14.93 21.30
N GLY B 129 25.86 15.21 20.92
CA GLY B 129 25.54 15.70 19.58
C GLY B 129 25.54 14.68 18.45
N GLY B 130 25.90 13.43 18.74
CA GLY B 130 26.27 12.46 17.71
C GLY B 130 25.66 11.09 17.93
N LYS B 131 26.42 10.06 17.60
CA LYS B 131 25.93 8.68 17.60
C LYS B 131 26.43 8.00 18.87
N PHE B 132 27.00 6.79 18.78
CA PHE B 132 27.35 6.00 19.96
C PHE B 132 28.76 5.42 19.88
N GLU B 133 29.44 5.37 21.02
CA GLU B 133 30.68 4.64 21.22
C GLU B 133 30.27 3.29 21.84
N LEU B 134 30.53 2.20 21.10
CA LEU B 134 30.05 0.86 21.47
C LEU B 134 31.16 0.02 22.05
N ARG B 135 30.91 -0.57 23.22
CA ARG B 135 31.71 -1.68 23.72
C ARG B 135 30.81 -2.89 23.95
N ALA B 136 31.16 -4.01 23.32
CA ALA B 136 30.48 -5.27 23.55
C ALA B 136 31.42 -6.17 24.33
N ARG B 137 31.05 -6.47 25.57
CA ARG B 137 31.89 -7.25 26.49
C ARG B 137 31.38 -8.69 26.65
N PHE B 138 32.33 -9.64 26.62
CA PHE B 138 32.04 -11.06 26.84
C PHE B 138 33.04 -11.60 27.85
N GLU B 139 32.61 -12.61 28.60
CA GLU B 139 33.52 -13.25 29.56
C GLU B 139 34.63 -13.95 28.80
N SER B 140 35.85 -13.86 29.33
CA SER B 140 36.94 -14.67 28.82
C SER B 140 36.69 -16.08 29.35
N GLN B 141 37.31 -17.07 28.70
CA GLN B 141 37.19 -18.47 29.12
C GLN B 141 38.59 -19.10 29.18
N PRO B 142 38.88 -19.85 30.26
CA PRO B 142 40.27 -20.31 30.47
C PRO B 142 40.79 -21.27 29.39
N ASP B 143 39.92 -22.07 28.78
CA ASP B 143 40.38 -23.01 27.73
C ASP B 143 40.46 -22.39 26.31
N GLU B 144 40.10 -21.11 26.16
CA GLU B 144 39.73 -20.60 24.84
C GLU B 144 40.96 -20.16 24.04
N ARG B 145 41.09 -20.71 22.84
CA ARG B 145 42.12 -20.33 21.89
C ARG B 145 41.42 -19.67 20.73
N ILE B 146 41.98 -18.57 20.22
CA ILE B 146 41.27 -17.71 19.26
C ILE B 146 42.10 -17.46 18.02
N TYR B 147 41.47 -17.60 16.85
CA TYR B 147 42.16 -17.48 15.56
C TYR B 147 41.39 -16.57 14.61
N GLY B 148 42.08 -16.07 13.59
CA GLY B 148 41.47 -15.23 12.57
C GLY B 148 41.80 -13.76 12.77
N LEU B 149 40.78 -12.91 12.64
CA LEU B 149 40.85 -11.46 12.83
C LEU B 149 41.54 -10.69 11.71
N GLY B 150 42.27 -11.38 10.84
CA GLY B 150 42.86 -10.81 9.64
C GLY B 150 44.37 -10.96 9.66
N GLN B 151 45.06 -9.85 9.38
CA GLN B 151 46.49 -9.84 9.15
C GLN B 151 47.18 -8.86 10.08
N TYR B 152 47.84 -9.38 11.11
CA TYR B 152 48.53 -8.57 12.08
C TYR B 152 49.99 -8.94 12.16
N GLN B 153 50.84 -7.93 12.34
CA GLN B 153 52.29 -8.09 12.30
C GLN B 153 52.82 -8.47 13.66
N GLN B 154 52.65 -9.75 13.99
CA GLN B 154 52.92 -10.23 15.33
C GLN B 154 53.11 -11.74 15.31
N PRO B 155 53.95 -12.27 16.22
CA PRO B 155 54.28 -13.70 16.19
C PRO B 155 53.30 -14.59 16.97
N PHE B 156 52.00 -14.48 16.68
CA PHE B 156 50.97 -15.18 17.44
C PHE B 156 49.95 -15.74 16.45
N LEU B 157 49.81 -17.07 16.40
CA LEU B 157 48.72 -17.66 15.65
C LEU B 157 47.46 -17.60 16.52
N ASN B 158 47.54 -18.23 17.69
CA ASN B 158 46.52 -18.10 18.73
C ASN B 158 46.64 -16.68 19.31
N VAL B 159 45.56 -15.90 19.21
CA VAL B 159 45.60 -14.50 19.65
C VAL B 159 44.88 -14.25 20.99
N LYS B 160 44.49 -15.32 21.68
CA LYS B 160 43.98 -15.19 23.04
C LYS B 160 45.05 -14.51 23.85
N GLY B 161 44.67 -13.45 24.56
CA GLY B 161 45.62 -12.63 25.31
C GLY B 161 46.22 -11.46 24.53
N CYS B 162 45.90 -11.35 23.24
CA CYS B 162 46.34 -10.25 22.39
C CYS B 162 45.24 -9.24 22.17
N THR B 163 45.63 -8.01 21.88
CA THR B 163 44.70 -6.94 21.53
C THR B 163 45.05 -6.47 20.12
N MET B 164 44.03 -6.43 19.25
CA MET B 164 44.16 -6.07 17.84
C MET B 164 43.37 -4.78 17.54
N GLU B 165 44.02 -3.87 16.84
CA GLU B 165 43.38 -2.64 16.39
C GLU B 165 42.47 -2.96 15.22
N LEU B 166 41.22 -2.49 15.29
CA LEU B 166 40.30 -2.61 14.16
C LEU B 166 40.49 -1.35 13.30
N ALA B 167 41.56 -1.37 12.51
CA ALA B 167 41.87 -0.32 11.56
C ALA B 167 42.77 -0.85 10.46
N GLN B 168 42.78 -0.13 9.33
CA GLN B 168 43.58 -0.49 8.16
C GLN B 168 44.81 0.42 8.06
N ARG B 169 45.99 -0.19 8.16
CA ARG B 169 47.28 0.45 7.95
C ARG B 169 48.13 -0.47 7.07
N ASN B 170 49.10 0.14 6.35
CA ASN B 170 50.04 -0.61 5.50
C ASN B 170 50.69 -1.76 6.30
N SER B 171 50.43 -2.99 5.84
CA SER B 171 50.90 -4.27 6.41
C SER B 171 49.95 -4.88 7.46
N GLN B 172 48.79 -4.26 7.65
CA GLN B 172 47.77 -4.73 8.57
C GLN B 172 46.44 -4.79 7.83
N ALA B 173 45.62 -5.79 8.14
CA ALA B 173 44.27 -5.89 7.58
C ALA B 173 43.33 -6.40 8.65
N SER B 174 42.30 -5.61 8.95
CA SER B 174 41.27 -6.00 9.90
C SER B 174 40.19 -6.69 9.12
N VAL B 175 40.04 -8.00 9.34
CA VAL B 175 39.02 -8.82 8.70
C VAL B 175 38.40 -9.54 9.90
N PRO B 176 37.41 -8.91 10.54
CA PRO B 176 37.07 -9.27 11.92
C PRO B 176 36.12 -10.48 12.06
N PHE B 177 36.54 -11.61 11.52
CA PHE B 177 35.95 -12.91 11.82
C PHE B 177 36.97 -13.70 12.62
N MET B 178 36.53 -14.18 13.78
CA MET B 178 37.31 -15.00 14.69
C MET B 178 36.73 -16.42 14.76
N MET B 179 37.63 -17.39 14.95
CA MET B 179 37.26 -18.77 15.19
C MET B 179 37.80 -19.15 16.56
N SER B 180 36.93 -19.73 17.40
CA SER B 180 37.29 -20.16 18.75
C SER B 180 37.43 -21.68 18.84
N SER B 181 38.41 -22.14 19.62
CA SER B 181 38.54 -23.57 19.92
C SER B 181 37.30 -24.15 20.66
N LEU B 182 36.51 -23.29 21.32
CA LEU B 182 35.25 -23.72 21.97
C LEU B 182 34.14 -24.19 21.02
N GLY B 183 34.28 -23.98 19.71
CA GLY B 183 33.32 -24.50 18.71
C GLY B 183 32.37 -23.49 18.11
N TYR B 184 32.78 -22.21 18.05
CA TYR B 184 32.02 -21.19 17.36
C TYR B 184 32.94 -20.28 16.56
N GLY B 185 32.32 -19.59 15.60
CA GLY B 185 32.95 -18.45 14.94
C GLY B 185 32.08 -17.23 15.13
N MET B 186 32.70 -16.05 15.12
CA MET B 186 32.00 -14.78 15.31
C MET B 186 32.54 -13.70 14.36
N LEU B 187 31.63 -13.11 13.58
CA LEU B 187 31.92 -11.92 12.77
C LEU B 187 31.45 -10.66 13.50
N TRP B 188 32.35 -9.70 13.68
CA TRP B 188 31.99 -8.36 14.13
C TRP B 188 31.60 -7.60 12.88
N ASN B 189 30.28 -7.52 12.64
CA ASN B 189 29.75 -6.99 11.39
C ASN B 189 29.57 -5.48 11.49
N ASN B 190 30.70 -4.79 11.61
CA ASN B 190 30.69 -3.37 11.92
C ASN B 190 32.03 -2.80 11.47
N PRO B 191 32.04 -1.91 10.46
CA PRO B 191 33.28 -1.39 9.87
C PRO B 191 33.91 -0.20 10.62
N ALA B 192 33.48 0.05 11.86
CA ALA B 192 33.95 1.20 12.61
C ALA B 192 35.37 1.00 13.09
N ILE B 193 36.13 2.10 13.14
CA ILE B 193 37.45 2.11 13.76
C ILE B 193 37.29 1.69 15.22
N GLY B 194 38.22 0.87 15.71
CA GLY B 194 38.11 0.42 17.06
C GLY B 194 39.19 -0.55 17.46
N GLU B 195 38.78 -1.57 18.23
CA GLU B 195 39.71 -2.46 18.88
C GLU B 195 38.99 -3.70 19.36
N VAL B 196 39.67 -4.85 19.25
CA VAL B 196 39.23 -6.07 19.96
C VAL B 196 40.32 -6.56 20.90
N SER B 197 40.01 -6.63 22.19
CA SER B 197 40.94 -7.17 23.18
C SER B 197 40.41 -8.52 23.67
N PHE B 198 41.18 -9.57 23.39
CA PHE B 198 40.92 -10.91 23.92
C PHE B 198 41.77 -11.05 25.16
N ALA B 199 41.55 -10.17 26.12
CA ALA B 199 42.35 -10.18 27.34
C ALA B 199 41.97 -11.39 28.20
N ASN B 200 42.90 -11.85 29.03
CA ASN B 200 42.65 -13.00 29.90
C ASN B 200 41.48 -12.77 30.84
N ASN B 201 41.27 -11.52 31.26
CA ASN B 201 40.23 -11.18 32.24
C ASN B 201 38.87 -10.79 31.65
N VAL B 202 38.80 -10.48 30.36
CA VAL B 202 37.56 -10.06 29.70
C VAL B 202 37.79 -9.81 28.21
N THR B 203 36.80 -10.14 27.38
CA THR B 203 36.87 -9.86 25.96
C THR B 203 36.03 -8.63 25.66
N THR B 204 36.61 -7.66 24.94
CA THR B 204 35.94 -6.40 24.59
C THR B 204 36.15 -6.06 23.12
N TRP B 205 35.03 -5.89 22.41
CA TRP B 205 35.01 -5.35 21.06
C TRP B 205 34.56 -3.91 21.17
N MET B 206 35.27 -2.99 20.52
CA MET B 206 34.95 -1.57 20.59
C MET B 206 34.80 -0.94 19.20
N ALA B 207 33.76 -0.11 19.05
CA ALA B 207 33.54 0.73 17.88
C ALA B 207 33.52 2.19 18.34
N ARG B 208 34.42 3.01 17.77
CA ARG B 208 34.54 4.43 18.13
C ARG B 208 33.26 5.21 17.88
N VAL B 209 32.65 4.98 16.71
CA VAL B 209 31.40 5.63 16.33
C VAL B 209 30.56 4.61 15.60
N THR B 210 29.32 4.44 16.03
CA THR B 210 28.43 3.53 15.36
C THR B 210 26.97 3.82 15.72
N GLU B 211 26.08 3.31 14.90
CA GLU B 211 24.65 3.46 15.16
C GLU B 211 24.06 2.30 15.98
N GLN B 212 24.73 1.14 15.95
CA GLN B 212 24.18 -0.09 16.55
C GLN B 212 25.20 -1.22 16.63
N LEU B 213 24.97 -2.12 17.59
CA LEU B 213 25.68 -3.39 17.70
C LEU B 213 25.17 -4.34 16.61
N ASP B 214 26.11 -5.03 15.98
CA ASP B 214 25.80 -6.01 14.96
C ASP B 214 26.90 -7.05 14.92
N TYR B 215 26.52 -8.31 15.15
CA TYR B 215 27.43 -9.41 14.97
C TYR B 215 26.72 -10.70 14.59
N TRP B 216 27.51 -11.64 14.07
CA TRP B 216 27.02 -12.89 13.52
C TRP B 216 27.82 -13.99 14.18
N ILE B 217 27.13 -15.00 14.69
CA ILE B 217 27.77 -16.08 15.43
C ILE B 217 27.27 -17.42 14.87
N THR B 218 28.20 -18.36 14.70
CA THR B 218 27.92 -19.66 14.08
C THR B 218 28.60 -20.77 14.89
N ALA B 219 27.99 -21.95 14.92
CA ALA B 219 28.50 -23.07 15.73
C ALA B 219 28.61 -24.35 14.90
N ALA B 220 29.68 -25.10 15.13
CA ALA B 220 29.86 -26.40 14.50
C ALA B 220 30.95 -27.19 15.21
N ASP B 221 30.95 -28.50 14.97
CA ASP B 221 31.86 -29.40 15.66
C ASP B 221 33.28 -29.36 15.11
N THR B 222 33.46 -28.91 13.87
CA THR B 222 34.81 -28.82 13.27
C THR B 222 35.13 -27.43 12.72
N PRO B 223 36.43 -27.07 12.66
CA PRO B 223 36.84 -25.83 11.98
C PRO B 223 36.35 -25.73 10.55
N ALA B 224 36.40 -26.84 9.81
CA ALA B 224 35.98 -26.84 8.40
C ALA B 224 34.53 -26.39 8.22
N GLU B 225 33.67 -26.83 9.13
CA GLU B 225 32.25 -26.46 9.10
C GLU B 225 32.04 -24.99 9.43
N ILE B 226 32.82 -24.46 10.37
CA ILE B 226 32.77 -23.03 10.69
C ILE B 226 33.18 -22.19 9.47
N SER B 227 34.30 -22.55 8.83
CA SER B 227 34.78 -21.83 7.65
C SER B 227 33.76 -21.86 6.52
N GLN B 228 33.08 -23.00 6.35
CA GLN B 228 32.02 -23.13 5.33
C GLN B 228 30.82 -22.25 5.63
N GLN B 229 30.40 -22.25 6.89
CA GLN B 229 29.27 -21.44 7.33
C GLN B 229 29.57 -19.94 7.16
N TYR B 230 30.80 -19.54 7.47
CA TYR B 230 31.23 -18.14 7.29
C TYR B 230 31.25 -17.72 5.82
N ALA B 231 31.76 -18.58 4.95
CA ALA B 231 31.76 -18.30 3.50
C ALA B 231 30.34 -18.21 2.93
N ALA B 232 29.42 -19.03 3.44
CA ALA B 232 28.01 -18.91 3.05
C ALA B 232 27.38 -17.59 3.53
N ALA B 233 27.83 -17.08 4.69
CA ALA B 233 27.37 -15.80 5.23
C ALA B 233 27.91 -14.55 4.52
N THR B 234 29.19 -14.57 4.12
CA THR B 234 29.85 -13.36 3.57
C THR B 234 30.31 -13.49 2.13
N GLY B 235 30.19 -14.68 1.53
CA GLY B 235 30.56 -14.90 0.14
C GLY B 235 31.78 -15.80 -0.01
N ALA B 236 31.71 -16.66 -1.02
CA ALA B 236 32.80 -17.56 -1.36
C ALA B 236 33.82 -16.84 -2.24
N ALA B 237 35.09 -17.20 -2.10
CA ALA B 237 36.06 -16.83 -3.13
C ALA B 237 35.60 -17.38 -4.48
N PRO B 238 35.87 -16.64 -5.56
CA PRO B 238 35.62 -17.24 -6.87
C PRO B 238 36.63 -18.35 -7.13
N MET B 239 36.53 -18.98 -8.30
CA MET B 239 37.56 -19.93 -8.73
C MET B 239 38.75 -19.10 -9.22
N LEU B 240 39.94 -19.46 -8.75
CA LEU B 240 41.20 -18.83 -9.16
C LEU B 240 41.50 -19.18 -10.61
N PRO B 241 41.96 -18.21 -11.43
CA PRO B 241 42.34 -18.56 -12.80
C PRO B 241 43.68 -19.32 -12.80
N ASP B 242 43.86 -20.23 -13.75
CA ASP B 242 45.06 -21.10 -13.83
C ASP B 242 46.38 -20.34 -13.69
N TYR B 243 46.53 -19.25 -14.44
CA TYR B 243 47.78 -18.47 -14.45
C TYR B 243 48.23 -18.00 -13.07
N ALA B 244 47.29 -17.75 -12.17
CA ALA B 244 47.59 -17.26 -10.83
C ALA B 244 48.31 -18.26 -9.93
N ALA B 245 48.25 -19.56 -10.26
CA ALA B 245 49.01 -20.59 -9.54
C ALA B 245 50.48 -20.74 -9.96
N GLY B 246 50.89 -20.08 -11.04
CA GLY B 246 52.29 -20.06 -11.46
C GLY B 246 53.10 -18.98 -10.76
N PHE B 247 54.28 -18.70 -11.30
CA PHE B 247 55.22 -17.76 -10.67
C PHE B 247 54.90 -16.33 -11.10
N TRP B 248 54.86 -15.43 -10.11
CA TRP B 248 54.66 -14.00 -10.33
C TRP B 248 56.00 -13.33 -10.10
N GLN B 249 56.52 -12.64 -11.12
CA GLN B 249 57.82 -11.96 -11.03
C GLN B 249 57.59 -10.46 -10.92
N CYS B 250 58.16 -9.84 -9.90
CA CYS B 250 57.96 -8.40 -9.69
C CYS B 250 59.14 -7.81 -8.96
N LYS B 251 59.26 -6.49 -9.06
CA LYS B 251 60.17 -5.73 -8.22
C LYS B 251 59.72 -4.29 -8.21
N LEU B 252 60.24 -3.54 -7.24
CA LEU B 252 60.19 -2.08 -7.27
C LEU B 252 61.49 -1.59 -7.90
N ARG B 253 61.51 -1.12 -9.15
CA ARG B 253 60.39 -1.21 -10.11
C ARG B 253 60.99 -1.31 -11.52
N TYR B 254 60.29 -1.97 -12.43
CA TYR B 254 60.71 -1.99 -13.83
C TYR B 254 60.26 -0.63 -14.40
N ARG B 255 61.25 0.22 -14.71
CA ARG B 255 61.01 1.64 -15.04
C ARG B 255 60.54 1.87 -16.46
N THR B 256 60.84 0.94 -17.36
CA THR B 256 60.48 1.08 -18.78
C THR B 256 59.96 -0.22 -19.37
N GLN B 257 59.21 -0.09 -20.45
CA GLN B 257 58.76 -1.22 -21.24
C GLN B 257 59.92 -2.13 -21.64
N ASP B 258 61.01 -1.54 -22.15
CA ASP B 258 62.20 -2.33 -22.50
C ASP B 258 62.78 -3.09 -21.31
N GLU B 259 62.83 -2.46 -20.13
CA GLU B 259 63.39 -3.13 -18.95
C GLU B 259 62.54 -4.34 -18.53
N LEU B 260 61.22 -4.17 -18.51
CA LEU B 260 60.30 -5.24 -18.14
C LEU B 260 60.37 -6.38 -19.14
N MET B 261 60.34 -6.05 -20.44
CA MET B 261 60.34 -7.08 -21.49
C MET B 261 61.64 -7.87 -21.54
N GLU B 262 62.78 -7.21 -21.29
CA GLU B 262 64.07 -7.90 -21.15
C GLU B 262 64.01 -9.00 -20.10
N VAL B 263 63.45 -8.66 -18.92
CA VAL B 263 63.28 -9.63 -17.83
C VAL B 263 62.38 -10.79 -18.26
N ALA B 264 61.24 -10.48 -18.88
CA ALA B 264 60.31 -11.53 -19.32
C ALA B 264 60.99 -12.49 -20.31
N ARG B 265 61.65 -11.90 -21.31
CA ARG B 265 62.39 -12.67 -22.33
C ARG B 265 63.53 -13.50 -21.75
N GLU B 266 64.24 -12.98 -20.75
CA GLU B 266 65.33 -13.72 -20.11
C GLU B 266 64.81 -14.94 -19.31
N TYR B 267 63.65 -14.82 -18.69
CA TYR B 267 62.99 -15.97 -18.07
C TYR B 267 62.71 -17.06 -19.13
N LYS B 268 62.17 -16.66 -20.27
CA LYS B 268 61.87 -17.62 -21.34
C LYS B 268 63.14 -18.17 -21.99
N ARG B 269 64.12 -17.31 -22.22
CA ARG B 269 65.44 -17.70 -22.77
C ARG B 269 66.10 -18.80 -21.92
N ARG B 270 65.95 -18.71 -20.60
CA ARG B 270 66.43 -19.73 -19.68
C ARG B 270 65.48 -20.92 -19.46
N SER B 271 64.38 -21.00 -20.21
CA SER B 271 63.34 -22.03 -20.00
C SER B 271 62.83 -22.10 -18.56
N LEU B 272 62.66 -20.93 -17.94
CA LEU B 272 62.16 -20.86 -16.55
C LEU B 272 60.64 -20.65 -16.53
N PRO B 273 59.96 -21.22 -15.52
CA PRO B 273 58.54 -20.90 -15.41
C PRO B 273 58.28 -19.43 -15.06
N ILE B 274 57.31 -18.82 -15.72
CA ILE B 274 56.85 -17.47 -15.39
C ILE B 274 55.43 -17.31 -15.93
N SER B 275 54.48 -16.98 -15.04
CA SER B 275 53.08 -16.79 -15.41
C SER B 275 52.63 -15.33 -15.40
N VAL B 276 53.17 -14.53 -14.49
CA VAL B 276 52.79 -13.14 -14.32
C VAL B 276 54.05 -12.31 -14.17
N ILE B 277 54.10 -11.20 -14.90
CA ILE B 277 55.12 -10.16 -14.68
C ILE B 277 54.41 -8.83 -14.40
N VAL B 278 55.08 -7.92 -13.68
CA VAL B 278 54.42 -6.77 -13.06
C VAL B 278 55.10 -5.42 -13.31
N ALA B 279 54.32 -4.45 -13.78
CA ALA B 279 54.74 -3.05 -13.83
C ALA B 279 54.28 -2.38 -12.54
N ASP B 280 55.24 -2.08 -11.67
CA ASP B 280 54.98 -1.43 -10.39
C ASP B 280 54.62 0.06 -10.61
N PHE B 281 54.41 0.74 -9.48
CA PHE B 281 53.97 2.13 -9.43
C PHE B 281 54.85 3.16 -10.15
N PHE B 282 54.24 4.31 -10.39
CA PHE B 282 54.85 5.47 -11.02
C PHE B 282 55.39 5.20 -12.42
N HIS B 283 54.69 4.31 -13.12
CA HIS B 283 54.81 4.09 -14.57
C HIS B 283 53.88 5.04 -15.35
N TRP B 284 53.17 5.91 -14.62
CA TRP B 284 52.13 6.77 -15.15
C TRP B 284 52.64 8.22 -15.20
N PRO B 285 51.98 9.09 -15.97
CA PRO B 285 52.43 10.51 -16.00
C PRO B 285 52.24 11.23 -14.67
N ASN B 286 51.05 11.13 -14.10
CA ASN B 286 50.78 11.66 -12.77
C ASN B 286 49.79 10.74 -12.06
N GLN B 287 49.72 10.86 -10.73
CA GLN B 287 48.77 10.07 -9.93
C GLN B 287 47.35 10.51 -10.23
N GLY B 288 46.52 9.54 -10.59
CA GLY B 288 45.15 9.81 -11.01
C GLY B 288 44.93 9.88 -12.51
N ASP B 289 45.98 9.68 -13.31
CA ASP B 289 45.81 9.48 -14.76
C ASP B 289 45.43 8.03 -15.09
N TRP B 290 45.91 7.06 -14.31
CA TRP B 290 45.63 5.64 -14.55
C TRP B 290 45.92 5.23 -16.01
N CYS B 291 47.13 5.53 -16.46
CA CYS B 291 47.59 5.10 -17.78
C CYS B 291 49.11 5.03 -17.81
N PHE B 292 49.64 4.35 -18.82
CA PHE B 292 51.09 4.31 -19.03
C PHE B 292 51.60 5.67 -19.50
N ASP B 293 52.76 6.05 -18.98
CA ASP B 293 53.48 7.21 -19.50
C ASP B 293 54.22 6.71 -20.76
N THR B 294 53.81 7.21 -21.92
CA THR B 294 54.38 6.74 -23.20
C THR B 294 55.84 7.13 -23.46
N ARG B 295 56.44 8.00 -22.65
CA ARG B 295 57.88 8.27 -22.71
C ARG B 295 58.72 7.07 -22.24
N GLU B 296 58.26 6.36 -21.20
CA GLU B 296 58.91 5.13 -20.73
C GLU B 296 58.24 3.85 -21.25
N TRP B 297 57.00 3.94 -21.72
CA TRP B 297 56.23 2.77 -22.16
C TRP B 297 55.61 3.07 -23.54
N PRO B 298 56.44 3.09 -24.61
CA PRO B 298 55.99 3.64 -25.90
C PRO B 298 54.84 2.92 -26.60
N ASP B 299 54.68 1.62 -26.37
CA ASP B 299 53.65 0.84 -27.07
C ASP B 299 53.16 -0.28 -26.16
N PRO B 300 52.29 0.05 -25.18
CA PRO B 300 51.87 -0.97 -24.21
C PRO B 300 51.12 -2.16 -24.81
N LYS B 301 50.31 -1.93 -25.84
CA LYS B 301 49.62 -3.02 -26.57
C LYS B 301 50.61 -4.09 -27.13
N ALA B 302 51.71 -3.62 -27.71
CA ALA B 302 52.76 -4.50 -28.26
C ALA B 302 53.43 -5.34 -27.17
N MET B 303 53.70 -4.72 -26.02
CA MET B 303 54.19 -5.43 -24.82
C MET B 303 53.22 -6.53 -24.39
N ILE B 304 51.94 -6.18 -24.27
CA ILE B 304 50.91 -7.13 -23.81
C ILE B 304 50.76 -8.30 -24.79
N ASP B 305 50.77 -8.01 -26.09
CA ASP B 305 50.65 -9.04 -27.13
C ASP B 305 51.86 -9.99 -27.12
N GLU B 306 53.07 -9.43 -27.05
CA GLU B 306 54.27 -10.28 -26.95
C GLU B 306 54.23 -11.13 -25.67
N LEU B 307 53.88 -10.53 -24.54
CA LEU B 307 53.77 -11.31 -23.29
C LEU B 307 52.74 -12.44 -23.39
N LYS B 308 51.58 -12.17 -24.02
CA LYS B 308 50.58 -13.23 -24.26
C LYS B 308 51.17 -14.38 -25.06
N GLU B 309 51.79 -14.06 -26.20
CA GLU B 309 52.55 -15.04 -27.01
C GLU B 309 53.57 -15.84 -26.17
N MET B 310 54.19 -15.18 -25.18
CA MET B 310 55.11 -15.87 -24.26
C MET B 310 54.43 -16.66 -23.12
N GLY B 311 53.09 -16.73 -23.09
CA GLY B 311 52.36 -17.32 -21.96
C GLY B 311 52.41 -16.55 -20.65
N ILE B 312 52.57 -15.23 -20.71
CA ILE B 312 52.70 -14.40 -19.50
C ILE B 312 51.60 -13.34 -19.44
N GLU B 313 50.99 -13.18 -18.27
CA GLU B 313 50.04 -12.08 -18.02
C GLU B 313 50.78 -10.89 -17.44
N LEU B 314 50.45 -9.69 -17.90
CA LEU B 314 50.92 -8.45 -17.28
C LEU B 314 49.93 -8.00 -16.21
N MET B 315 50.46 -7.60 -15.05
CA MET B 315 49.70 -6.90 -14.02
C MET B 315 50.28 -5.50 -13.86
N VAL B 316 49.39 -4.51 -13.71
CA VAL B 316 49.81 -3.11 -13.54
C VAL B 316 49.36 -2.53 -12.20
N SER B 317 50.26 -1.72 -11.63
CA SER B 317 49.98 -0.97 -10.42
C SER B 317 48.83 0.01 -10.62
N ILE B 318 47.87 -0.05 -9.71
CA ILE B 318 46.87 0.99 -9.54
C ILE B 318 47.11 1.65 -8.17
N TRP B 319 47.24 2.97 -8.17
CA TRP B 319 47.22 3.74 -6.93
C TRP B 319 45.86 4.45 -6.84
N PRO B 320 45.27 4.51 -5.63
CA PRO B 320 43.96 5.15 -5.43
C PRO B 320 44.06 6.69 -5.29
N THR B 321 45.27 7.22 -5.43
CA THR B 321 45.56 8.63 -5.27
C THR B 321 45.22 9.41 -6.52
N VAL B 322 44.78 10.65 -6.32
CA VAL B 322 44.48 11.57 -7.41
C VAL B 322 45.20 12.88 -7.12
N ASP B 323 46.20 13.20 -7.95
CA ASP B 323 47.02 14.39 -7.76
C ASP B 323 46.22 15.59 -8.19
N ASN B 324 46.32 16.65 -7.41
CA ASN B 324 45.43 17.82 -7.59
C ASN B 324 45.70 18.65 -8.84
N ARG B 325 46.73 18.29 -9.61
CA ARG B 325 47.01 18.92 -10.90
C ARG B 325 46.45 18.16 -12.09
N THR B 326 45.89 16.97 -11.87
CA THR B 326 45.38 16.17 -13.00
C THR B 326 43.98 16.60 -13.42
N GLU B 327 43.61 16.16 -14.61
CA GLU B 327 42.27 16.39 -15.14
C GLU B 327 41.24 15.57 -14.36
N ASN B 328 41.59 14.33 -14.01
CA ASN B 328 40.67 13.50 -13.25
C ASN B 328 40.36 14.09 -11.87
N TYR B 329 41.32 14.78 -11.24
CA TYR B 329 41.04 15.48 -9.99
C TYR B 329 39.94 16.51 -10.16
N LYS B 330 40.04 17.30 -11.22
CA LYS B 330 39.05 18.34 -11.48
C LYS B 330 37.65 17.75 -11.64
N ILE B 331 37.55 16.68 -12.42
CA ILE B 331 36.27 16.03 -12.67
C ILE B 331 35.76 15.30 -11.41
N MET B 332 36.63 14.57 -10.74
CA MET B 332 36.24 13.81 -9.54
C MET B 332 35.88 14.71 -8.37
N LYS B 333 36.56 15.86 -8.26
CA LYS B 333 36.18 16.87 -7.27
C LYS B 333 34.79 17.44 -7.58
N GLU B 334 34.55 17.83 -8.83
CA GLU B 334 33.22 18.25 -9.29
C GLU B 334 32.10 17.28 -8.88
N LYS B 335 32.35 15.99 -9.06
CA LYS B 335 31.33 14.96 -8.84
C LYS B 335 31.20 14.50 -7.36
N GLY B 336 32.11 14.92 -6.48
CA GLY B 336 32.11 14.46 -5.10
C GLY B 336 32.64 13.05 -4.92
N TYR B 337 33.57 12.63 -5.80
CA TYR B 337 34.12 11.26 -5.80
C TYR B 337 35.39 11.09 -4.97
N LEU B 338 35.83 12.14 -4.29
CA LEU B 338 37.04 12.10 -3.49
C LEU B 338 36.75 12.06 -1.99
N VAL B 339 37.67 11.44 -1.26
CA VAL B 339 37.67 11.42 0.20
C VAL B 339 37.88 12.87 0.69
N LYS B 340 37.36 13.21 1.86
CA LYS B 340 37.42 14.56 2.41
C LYS B 340 38.19 14.60 3.73
N ALA B 341 39.02 15.64 3.88
CA ALA B 341 39.61 15.99 5.16
C ALA B 341 38.59 16.84 5.94
N GLU B 342 38.36 16.48 7.20
CA GLU B 342 37.43 17.18 8.08
C GLU B 342 37.99 18.56 8.47
N ARG B 343 39.29 18.58 8.75
CA ARG B 343 40.02 19.80 9.10
C ARG B 343 41.38 19.84 8.41
N GLY B 344 41.90 21.05 8.23
CA GLY B 344 43.23 21.26 7.63
C GLY B 344 43.25 21.18 6.11
N VAL B 345 44.46 21.21 5.55
CA VAL B 345 44.59 21.21 4.10
C VAL B 345 43.90 19.97 3.46
N PRO B 346 43.23 20.16 2.31
CA PRO B 346 42.47 19.08 1.71
C PRO B 346 43.36 18.10 0.89
N VAL B 347 44.27 17.43 1.60
CA VAL B 347 45.29 16.53 1.05
C VAL B 347 45.32 15.30 1.99
N THR B 348 45.15 14.10 1.43
CA THR B 348 45.21 12.87 2.24
C THR B 348 46.56 12.15 2.22
N MET B 349 47.36 12.38 1.19
CA MET B 349 48.71 11.82 1.11
C MET B 349 49.66 12.79 0.39
N THR B 350 50.91 12.87 0.85
CA THR B 350 51.91 13.77 0.28
C THR B 350 53.05 13.03 -0.45
N PHE B 351 52.83 11.77 -0.79
CA PHE B 351 53.88 10.96 -1.43
C PHE B 351 54.01 11.29 -2.90
N LEU B 352 55.14 11.90 -3.26
CA LEU B 352 55.46 12.36 -4.62
C LEU B 352 54.43 13.33 -5.20
N GLY B 353 53.74 14.05 -4.34
CA GLY B 353 52.72 15.01 -4.74
C GLY B 353 51.58 15.04 -3.76
N ASN B 354 50.82 16.13 -3.78
CA ASN B 354 49.62 16.27 -2.95
C ASN B 354 48.46 15.57 -3.63
N THR B 355 47.98 14.50 -3.01
CA THR B 355 46.90 13.70 -3.59
C THR B 355 45.74 13.55 -2.63
N THR B 356 44.60 13.19 -3.20
CA THR B 356 43.40 12.80 -2.46
C THR B 356 42.96 11.44 -2.96
N PHE B 357 42.61 10.55 -2.02
CA PHE B 357 42.16 9.20 -2.37
C PHE B 357 40.79 9.26 -2.99
N PHE B 358 40.54 8.45 -4.01
CA PHE B 358 39.18 8.25 -4.48
C PHE B 358 38.40 7.56 -3.37
N ASP B 359 37.10 7.84 -3.31
CA ASP B 359 36.26 7.32 -2.26
C ASP B 359 35.68 5.98 -2.71
N ALA B 360 36.32 4.90 -2.27
CA ALA B 360 35.90 3.56 -2.62
C ALA B 360 34.55 3.15 -2.02
N THR B 361 34.01 3.92 -1.06
CA THR B 361 32.64 3.67 -0.57
C THR B 361 31.57 4.37 -1.41
N HIS B 362 31.97 5.21 -2.36
CA HIS B 362 31.04 5.92 -3.23
C HIS B 362 30.85 5.10 -4.52
N PRO B 363 29.62 4.59 -4.77
CA PRO B 363 29.36 3.78 -5.98
C PRO B 363 29.75 4.45 -7.29
N GLY B 364 29.51 5.76 -7.37
CA GLY B 364 29.92 6.57 -8.50
C GLY B 364 31.43 6.62 -8.70
N ALA B 365 32.17 6.79 -7.60
CA ALA B 365 33.63 6.90 -7.67
C ALA B 365 34.26 5.56 -8.07
N ARG B 366 33.71 4.46 -7.56
CA ARG B 366 34.14 3.10 -7.97
C ARG B 366 34.04 2.91 -9.48
N LYS B 367 32.88 3.26 -10.02
CA LYS B 367 32.60 3.16 -11.44
C LYS B 367 33.54 4.06 -12.27
N TYR B 368 33.76 5.28 -11.78
CA TYR B 368 34.61 6.24 -12.46
C TYR B 368 36.03 5.72 -12.59
N VAL B 369 36.61 5.29 -11.47
CA VAL B 369 37.99 4.79 -11.46
C VAL B 369 38.11 3.53 -12.30
N TRP B 370 37.18 2.58 -12.14
CA TRP B 370 37.16 1.39 -13.00
C TRP B 370 37.18 1.75 -14.50
N GLU B 371 36.34 2.69 -14.90
CA GLU B 371 36.19 3.03 -16.31
C GLU B 371 37.45 3.67 -16.89
N GLN B 372 38.23 4.35 -16.04
CA GLN B 372 39.55 4.84 -16.42
C GLN B 372 40.53 3.69 -16.63
N ALA B 373 40.59 2.77 -15.67
CA ALA B 373 41.45 1.59 -15.79
C ALA B 373 41.04 0.72 -16.98
N LYS B 374 39.74 0.68 -17.27
CA LYS B 374 39.23 -0.09 -18.38
C LYS B 374 39.73 0.46 -19.70
N LYS B 375 39.51 1.75 -19.92
CA LYS B 375 39.94 2.47 -21.12
C LYS B 375 41.45 2.36 -21.37
N ASN B 376 42.24 2.51 -20.30
CA ASN B 376 43.68 2.67 -20.42
C ASN B 376 44.49 1.39 -20.25
N TYR B 377 43.88 0.34 -19.70
CA TYR B 377 44.57 -0.91 -19.38
C TYR B 377 43.77 -2.17 -19.79
N HIS B 378 42.54 -2.31 -19.27
CA HIS B 378 41.77 -3.53 -19.50
C HIS B 378 41.46 -3.74 -20.98
N ASP B 379 41.08 -2.66 -21.67
CA ASP B 379 40.83 -2.71 -23.11
C ASP B 379 42.05 -3.10 -23.97
N LEU B 380 43.27 -2.91 -23.44
CA LEU B 380 44.50 -3.37 -24.12
C LEU B 380 44.84 -4.87 -23.89
N GLY B 381 44.17 -5.52 -22.94
CA GLY B 381 44.38 -6.94 -22.64
C GLY B 381 44.95 -7.26 -21.27
N ILE B 382 45.14 -6.24 -20.42
CA ILE B 382 45.53 -6.46 -19.04
C ILE B 382 44.33 -7.06 -18.30
N LYS B 383 44.56 -8.19 -17.62
CA LYS B 383 43.52 -8.94 -16.89
C LYS B 383 43.71 -8.98 -15.37
N ILE B 384 44.78 -8.37 -14.87
CA ILE B 384 45.11 -8.40 -13.44
C ILE B 384 45.52 -6.99 -13.00
N PHE B 385 44.92 -6.51 -11.92
CA PHE B 385 45.28 -5.22 -11.37
C PHE B 385 45.89 -5.35 -9.99
N TRP B 386 46.91 -4.54 -9.75
CA TRP B 386 47.58 -4.48 -8.46
C TRP B 386 46.97 -3.27 -7.74
N LEU B 387 45.98 -3.54 -6.89
CA LEU B 387 45.28 -2.49 -6.14
C LEU B 387 46.06 -2.19 -4.86
N ASP B 388 47.08 -1.34 -5.03
CA ASP B 388 48.02 -0.99 -3.97
C ASP B 388 47.40 0.13 -3.11
N GLU B 389 47.98 0.38 -1.94
CA GLU B 389 47.56 1.48 -1.05
C GLU B 389 46.11 1.36 -0.64
N ALA B 390 45.66 0.12 -0.41
CA ALA B 390 44.25 -0.19 -0.30
C ALA B 390 43.58 0.14 1.03
N GLU B 391 44.32 0.69 1.98
CA GLU B 391 43.82 0.92 3.33
C GLU B 391 42.77 2.05 3.53
N PRO B 392 42.96 3.27 3.03
CA PRO B 392 44.12 3.73 2.25
C PRO B 392 45.24 4.27 3.12
N GLU B 393 46.44 4.39 2.54
CA GLU B 393 47.62 4.76 3.30
C GLU B 393 47.71 6.28 3.44
N TYR B 394 46.92 6.81 4.36
CA TYR B 394 47.00 8.21 4.75
C TYR B 394 48.42 8.45 5.18
N SER B 395 48.97 9.59 4.78
CA SER B 395 50.28 10.01 5.30
C SER B 395 50.31 10.07 6.81
N VAL B 396 49.16 10.40 7.42
CA VAL B 396 48.99 10.37 8.88
C VAL B 396 47.67 9.68 9.18
N TYR B 397 47.72 8.62 9.99
CA TYR B 397 46.54 7.78 10.26
C TYR B 397 45.60 8.41 11.31
N ASP B 398 45.13 9.61 11.03
CA ASP B 398 44.28 10.36 11.95
C ASP B 398 42.88 10.13 11.46
N PHE B 399 42.33 8.97 11.86
CA PHE B 399 41.07 8.48 11.28
C PHE B 399 39.89 9.44 11.53
N GLU B 400 39.90 10.08 12.70
CA GLU B 400 39.00 11.18 13.06
C GLU B 400 38.91 12.33 12.03
N ASN B 401 39.99 12.54 11.27
CA ASN B 401 40.08 13.65 10.33
C ASN B 401 39.59 13.40 8.91
N TYR B 402 38.97 12.25 8.63
CA TYR B 402 38.59 11.92 7.25
C TYR B 402 37.17 11.41 7.17
N ARG B 403 36.53 11.68 6.04
CA ARG B 403 35.14 11.33 5.86
C ARG B 403 34.91 10.78 4.47
N TYR B 404 34.03 9.77 4.43
CA TYR B 404 33.65 9.07 3.22
C TYR B 404 32.18 9.32 2.93
N HIS B 405 31.79 8.94 1.72
CA HIS B 405 30.42 8.91 1.26
C HIS B 405 29.48 8.28 2.32
N LEU B 406 29.86 7.13 2.87
CA LEU B 406 29.02 6.42 3.87
C LEU B 406 29.14 6.94 5.29
N GLY B 407 30.04 7.89 5.53
CA GLY B 407 30.11 8.59 6.79
C GLY B 407 31.55 8.81 7.21
N PRO B 408 31.73 9.33 8.43
CA PRO B 408 33.06 9.49 8.98
C PRO B 408 33.84 8.18 8.97
N VAL B 409 35.13 8.27 8.73
CA VAL B 409 36.00 7.10 8.72
C VAL B 409 35.91 6.34 10.04
N LEU B 410 35.78 7.06 11.17
CA LEU B 410 35.54 6.44 12.46
C LEU B 410 34.36 5.45 12.48
N GLU B 411 33.31 5.76 11.73
CA GLU B 411 32.12 4.92 11.67
C GLU B 411 32.18 3.80 10.63
N VAL B 412 32.77 4.07 9.46
CA VAL B 412 32.68 3.15 8.30
C VAL B 412 34.02 2.78 7.66
N GLY B 413 35.12 3.29 8.21
CA GLY B 413 36.41 3.33 7.50
C GLY B 413 36.98 2.01 7.05
N ASN B 414 36.79 0.96 7.84
CA ASN B 414 37.45 -0.32 7.56
C ASN B 414 36.98 -1.02 6.27
N ILE B 415 35.82 -0.62 5.75
CA ILE B 415 35.25 -1.21 4.53
C ILE B 415 35.89 -0.69 3.21
N TYR B 416 36.70 0.37 3.29
CA TYR B 416 37.37 0.94 2.11
C TYR B 416 38.04 -0.10 1.17
N PRO B 417 38.92 -0.97 1.70
CA PRO B 417 39.59 -1.94 0.83
C PRO B 417 38.66 -2.92 0.12
N ARG B 418 37.53 -3.22 0.76
CA ARG B 418 36.50 -4.06 0.15
C ARG B 418 35.86 -3.33 -1.02
N GLY B 419 35.53 -2.05 -0.84
CA GLY B 419 35.01 -1.24 -1.94
C GLY B 419 35.98 -1.09 -3.11
N TYR B 420 37.26 -0.96 -2.78
CA TYR B 420 38.32 -0.84 -3.78
C TYR B 420 38.40 -2.13 -4.63
N ALA B 421 38.40 -3.29 -3.97
CA ALA B 421 38.33 -4.59 -4.68
C ALA B 421 37.07 -4.72 -5.50
N GLN B 422 35.95 -4.32 -4.90
CA GLN B 422 34.64 -4.34 -5.55
C GLN B 422 34.60 -3.53 -6.85
N ALA B 423 35.23 -2.36 -6.84
CA ALA B 423 35.23 -1.48 -8.01
C ALA B 423 35.75 -2.22 -9.24
N PHE B 424 36.89 -2.89 -9.06
CA PHE B 424 37.53 -3.60 -10.17
C PHE B 424 36.87 -4.94 -10.49
N TYR B 425 36.49 -5.69 -9.47
CA TYR B 425 35.83 -6.97 -9.68
C TYR B 425 34.51 -6.81 -10.46
N GLU B 426 33.66 -5.89 -10.02
CA GLU B 426 32.38 -5.65 -10.69
C GLU B 426 32.57 -5.12 -12.11
N GLY B 427 33.55 -4.24 -12.29
CA GLY B 427 33.88 -3.71 -13.59
C GLY B 427 34.39 -4.78 -14.56
N MET B 428 35.33 -5.59 -14.08
CA MET B 428 35.89 -6.68 -14.89
C MET B 428 34.83 -7.76 -15.22
N GLU B 429 33.95 -8.06 -14.26
CA GLU B 429 32.84 -9.00 -14.49
C GLU B 429 31.86 -8.46 -15.54
N GLU B 430 31.52 -7.19 -15.42
CA GLU B 430 30.65 -6.53 -16.39
C GLU B 430 31.28 -6.48 -17.80
N ALA B 431 32.61 -6.36 -17.87
CA ALA B 431 33.33 -6.37 -19.15
C ALA B 431 33.53 -7.78 -19.75
N GLY B 432 33.03 -8.83 -19.08
CA GLY B 432 32.98 -10.18 -19.62
C GLY B 432 34.04 -11.15 -19.12
N GLN B 433 34.84 -10.74 -18.14
CA GLN B 433 35.92 -11.60 -17.59
C GLN B 433 35.38 -12.53 -16.52
N THR B 434 35.89 -13.75 -16.50
CA THR B 434 35.55 -14.73 -15.46
C THR B 434 36.83 -15.09 -14.74
N GLU B 435 36.69 -15.70 -13.57
CA GLU B 435 37.84 -16.09 -12.73
C GLU B 435 38.80 -14.91 -12.49
N ILE B 436 38.26 -13.87 -11.87
CA ILE B 436 38.97 -12.61 -11.71
C ILE B 436 39.79 -12.69 -10.44
N VAL B 437 41.05 -12.26 -10.53
CA VAL B 437 41.88 -12.07 -9.34
C VAL B 437 42.66 -10.75 -9.47
N ASN B 438 42.63 -9.96 -8.39
CA ASN B 438 43.42 -8.74 -8.30
C ASN B 438 44.21 -8.79 -7.01
N LEU B 439 45.36 -8.14 -7.03
CA LEU B 439 46.25 -8.13 -5.87
C LEU B 439 45.92 -6.93 -4.96
N LEU B 440 45.39 -7.21 -3.78
CA LEU B 440 44.91 -6.17 -2.84
C LEU B 440 45.85 -6.07 -1.66
N ARG B 441 46.21 -4.85 -1.24
CA ARG B 441 47.05 -4.76 -0.05
C ARG B 441 46.27 -4.93 1.26
N CYS B 442 44.95 -4.85 1.22
CA CYS B 442 44.15 -4.85 2.43
C CYS B 442 42.79 -5.41 2.10
N ALA B 443 42.03 -5.71 3.14
CA ALA B 443 40.72 -6.33 2.99
C ALA B 443 39.84 -5.99 4.17
N TRP B 444 38.54 -6.21 4.01
CA TRP B 444 37.62 -6.31 5.13
C TRP B 444 36.83 -7.61 4.98
N ALA B 445 35.96 -7.89 5.95
CA ALA B 445 35.06 -9.04 5.88
C ALA B 445 34.35 -9.09 4.55
N GLY B 446 34.45 -10.23 3.89
CA GLY B 446 33.84 -10.44 2.60
C GLY B 446 34.66 -10.02 1.39
N SER B 447 35.86 -9.47 1.57
CA SER B 447 36.70 -9.12 0.40
C SER B 447 36.94 -10.30 -0.54
N GLN B 448 36.97 -11.51 0.01
CA GLN B 448 37.17 -12.72 -0.80
C GLN B 448 36.21 -12.82 -2.00
N ARG B 449 34.99 -12.34 -1.83
CA ARG B 449 34.00 -12.42 -2.91
C ARG B 449 34.32 -11.52 -4.12
N TYR B 450 35.19 -10.53 -3.92
CA TYR B 450 35.65 -9.66 -4.99
C TYR B 450 37.03 -10.04 -5.52
N GLY B 451 37.38 -11.32 -5.40
CA GLY B 451 38.60 -11.86 -6.00
C GLY B 451 39.86 -11.26 -5.46
N ALA B 452 39.83 -10.95 -4.17
CA ALA B 452 40.93 -10.25 -3.51
C ALA B 452 42.03 -11.23 -3.06
N LEU B 453 43.10 -11.27 -3.83
CA LEU B 453 44.36 -11.88 -3.40
C LEU B 453 45.09 -10.83 -2.57
N VAL B 454 45.20 -11.04 -1.26
CA VAL B 454 45.80 -10.04 -0.38
C VAL B 454 47.26 -10.36 -0.13
N TRP B 455 48.13 -9.35 -0.15
CA TRP B 455 49.51 -9.56 0.29
C TRP B 455 49.79 -8.67 1.46
N SER B 456 50.78 -9.05 2.25
CA SER B 456 50.99 -8.44 3.56
C SER B 456 51.78 -7.13 3.57
N GLY B 457 51.94 -6.47 2.43
CA GLY B 457 52.48 -5.10 2.38
C GLY B 457 53.94 -4.93 2.73
N ASP B 458 54.30 -3.72 3.15
CA ASP B 458 55.69 -3.24 3.09
C ASP B 458 56.49 -3.59 4.34
N ILE B 459 56.54 -4.87 4.67
CA ILE B 459 57.27 -5.36 5.84
C ILE B 459 58.78 -5.30 5.57
N ASN B 460 59.57 -5.33 6.64
CA ASN B 460 61.03 -5.39 6.46
C ASN B 460 61.53 -6.81 6.10
N SER B 461 62.76 -6.86 5.60
CA SER B 461 63.40 -8.10 5.15
C SER B 461 64.24 -8.72 6.28
N THR B 462 63.55 -9.34 7.24
CA THR B 462 64.17 -10.06 8.35
C THR B 462 63.48 -11.41 8.60
N PHE B 463 64.15 -12.26 9.35
CA PHE B 463 63.56 -13.53 9.80
C PHE B 463 62.41 -13.30 10.76
N GLY B 464 62.52 -12.27 11.60
CA GLY B 464 61.40 -11.79 12.44
C GLY B 464 60.16 -11.53 11.62
N ALA B 465 60.32 -10.83 10.50
CA ALA B 465 59.19 -10.55 9.59
C ALA B 465 58.60 -11.84 9.00
N LEU B 466 59.47 -12.76 8.59
CA LEU B 466 59.04 -14.02 8.00
C LEU B 466 58.16 -14.83 8.97
N ARG B 467 58.61 -14.94 10.22
CA ARG B 467 57.81 -15.57 11.28
C ARG B 467 56.43 -14.92 11.43
N ASN B 468 56.40 -13.59 11.47
CA ASN B 468 55.12 -12.85 11.54
C ASN B 468 54.23 -13.14 10.33
N GLN B 469 54.79 -13.21 9.13
CA GLN B 469 53.96 -13.41 7.94
C GLN B 469 53.28 -14.78 7.94
N LEU B 470 53.99 -15.80 8.44
CA LEU B 470 53.39 -17.13 8.54
C LEU B 470 52.12 -17.11 9.40
N MET B 471 52.21 -16.50 10.58
CA MET B 471 51.06 -16.41 11.48
C MET B 471 49.94 -15.61 10.81
N ALA B 472 50.33 -14.49 10.19
CA ALA B 472 49.36 -13.58 9.56
C ALA B 472 48.59 -14.23 8.42
N GLY B 473 49.30 -14.96 7.57
CA GLY B 473 48.66 -15.68 6.45
C GLY B 473 47.71 -16.77 6.89
N LEU B 474 48.09 -17.51 7.93
CA LEU B 474 47.22 -18.53 8.50
C LEU B 474 45.97 -17.89 9.11
N ASN B 475 46.16 -16.82 9.88
CA ASN B 475 45.01 -16.10 10.43
C ASN B 475 44.11 -15.45 9.35
N MET B 476 44.69 -14.99 8.26
CA MET B 476 43.90 -14.46 7.14
C MET B 476 43.00 -15.53 6.53
N GLY B 477 43.51 -16.75 6.42
CA GLY B 477 42.73 -17.88 5.88
C GLY B 477 41.54 -18.22 6.77
N ILE B 478 41.78 -18.25 8.07
CA ILE B 478 40.72 -18.45 9.07
C ILE B 478 39.66 -17.31 9.01
N ALA B 479 40.11 -16.08 8.78
CA ALA B 479 39.19 -14.94 8.55
C ALA B 479 38.48 -14.96 7.19
N GLY B 480 38.68 -16.02 6.41
CA GLY B 480 37.95 -16.20 5.15
C GLY B 480 38.62 -15.60 3.93
N ILE B 481 39.92 -15.29 4.02
CA ILE B 481 40.70 -14.78 2.88
C ILE B 481 41.68 -15.89 2.42
N PRO B 482 41.22 -16.79 1.52
CA PRO B 482 42.08 -17.92 1.11
C PRO B 482 43.21 -17.53 0.15
N TRP B 483 43.01 -16.47 -0.65
CA TRP B 483 44.01 -16.01 -1.61
C TRP B 483 44.89 -14.98 -0.91
N TRP B 484 46.08 -15.40 -0.53
CA TRP B 484 46.97 -14.58 0.28
C TRP B 484 48.41 -14.92 -0.06
N THR B 485 49.29 -13.92 0.07
CA THR B 485 50.69 -14.09 -0.28
C THR B 485 51.54 -13.00 0.36
N THR B 486 52.85 -13.03 0.11
CA THR B 486 53.79 -12.01 0.59
C THR B 486 54.72 -11.61 -0.53
N ASP B 487 55.53 -10.59 -0.23
CA ASP B 487 56.73 -10.30 -1.00
C ASP B 487 57.75 -11.35 -0.60
N ILE B 488 58.08 -12.28 -1.48
CA ILE B 488 59.16 -13.21 -1.16
C ILE B 488 60.43 -12.40 -0.90
N GLY B 489 60.99 -12.60 0.28
CA GLY B 489 62.17 -11.89 0.75
C GLY B 489 61.83 -10.67 1.62
N GLY B 490 60.54 -10.35 1.74
CA GLY B 490 60.12 -9.09 2.41
C GLY B 490 60.30 -7.89 1.49
N PHE B 491 59.77 -6.75 1.91
CA PHE B 491 59.75 -5.57 1.05
C PHE B 491 61.02 -4.74 1.20
N ASP B 492 61.35 -4.35 2.43
CA ASP B 492 62.28 -3.24 2.66
C ASP B 492 63.56 -3.73 3.36
N GLY B 493 64.72 -3.43 2.77
CA GLY B 493 66.01 -3.56 3.44
C GLY B 493 66.92 -4.70 2.98
N GLY B 494 66.51 -5.46 1.97
CA GLY B 494 67.33 -6.58 1.48
C GLY B 494 68.38 -6.12 0.48
N ASP B 495 69.65 -6.15 0.89
CA ASP B 495 70.76 -5.87 -0.03
C ASP B 495 71.07 -7.16 -0.81
N ILE B 496 71.05 -7.09 -2.13
CA ILE B 496 71.22 -8.28 -2.98
C ILE B 496 72.62 -8.92 -2.92
N ASN B 497 73.60 -8.18 -2.39
CA ASN B 497 74.98 -8.65 -2.22
C ASN B 497 75.30 -9.11 -0.80
N ASP B 498 74.32 -9.07 0.10
CA ASP B 498 74.54 -9.43 1.51
C ASP B 498 74.19 -10.91 1.72
N PRO B 499 75.17 -11.75 2.14
CA PRO B 499 74.91 -13.18 2.42
C PRO B 499 73.75 -13.41 3.39
N ALA B 500 73.64 -12.56 4.42
CA ALA B 500 72.55 -12.67 5.41
C ALA B 500 71.17 -12.54 4.76
N PHE B 501 71.02 -11.54 3.89
CA PHE B 501 69.77 -11.37 3.16
C PHE B 501 69.51 -12.52 2.18
N GLN B 502 70.56 -12.96 1.49
CA GLN B 502 70.45 -14.08 0.54
C GLN B 502 69.95 -15.34 1.22
N GLU B 503 70.43 -15.61 2.43
CA GLU B 503 69.90 -16.72 3.21
C GLU B 503 68.40 -16.55 3.52
N LEU B 504 67.99 -15.35 3.91
CA LEU B 504 66.57 -15.09 4.19
C LEU B 504 65.72 -15.30 2.95
N LEU B 505 66.18 -14.74 1.83
CA LEU B 505 65.48 -14.86 0.55
C LEU B 505 65.23 -16.31 0.18
N ILE B 506 66.24 -17.17 0.36
CA ILE B 506 66.09 -18.62 0.09
C ILE B 506 64.98 -19.22 0.96
N ARG B 507 65.05 -18.98 2.26
CA ARG B 507 64.08 -19.56 3.20
C ARG B 507 62.68 -19.05 2.92
N TRP B 508 62.57 -17.78 2.57
CA TRP B 508 61.28 -17.16 2.26
C TRP B 508 60.75 -17.67 0.93
N PHE B 509 61.65 -17.88 -0.04
CA PHE B 509 61.27 -18.44 -1.36
C PHE B 509 60.74 -19.89 -1.19
N GLN B 510 61.45 -20.67 -0.39
CA GLN B 510 61.05 -22.05 -0.12
C GLN B 510 59.66 -22.10 0.50
N TRP B 511 59.43 -21.25 1.50
CA TRP B 511 58.07 -21.10 2.06
C TRP B 511 57.05 -20.67 1.01
N GLY B 512 57.43 -19.70 0.17
CA GLY B 512 56.58 -19.14 -0.89
C GLY B 512 56.04 -20.12 -1.90
N VAL B 513 56.81 -21.19 -2.18
CA VAL B 513 56.35 -22.30 -3.03
C VAL B 513 55.05 -22.91 -2.46
N PHE B 514 54.97 -22.94 -1.14
CA PHE B 514 53.81 -23.47 -0.40
C PHE B 514 52.92 -22.39 0.21
N CYS B 515 52.82 -21.25 -0.49
CA CYS B 515 51.80 -20.23 -0.18
C CYS B 515 50.77 -20.28 -1.28
N PRO B 516 49.56 -19.75 -1.01
CA PRO B 516 48.49 -19.77 -2.02
C PRO B 516 48.89 -19.20 -3.41
N VAL B 517 49.68 -18.13 -3.39
CA VAL B 517 50.31 -17.58 -4.58
C VAL B 517 51.80 -17.43 -4.30
N THR B 518 52.61 -17.77 -5.31
CA THR B 518 54.08 -17.70 -5.23
C THR B 518 54.57 -16.46 -6.00
N ARG B 519 55.04 -15.46 -5.26
CA ARG B 519 55.25 -14.11 -5.80
C ARG B 519 56.53 -13.49 -5.26
N LEU B 520 57.43 -13.15 -6.16
CA LEU B 520 58.69 -12.52 -5.78
C LEU B 520 58.49 -11.03 -5.99
N HIS B 521 58.69 -10.25 -4.93
CA HIS B 521 58.67 -8.78 -5.01
C HIS B 521 59.61 -8.24 -3.95
N GLY B 522 60.04 -7.01 -4.15
CA GLY B 522 60.76 -6.29 -3.10
C GLY B 522 61.31 -4.98 -3.59
N PHE B 523 61.77 -4.18 -2.65
CA PHE B 523 62.46 -2.96 -2.89
C PHE B 523 63.90 -3.20 -2.42
N ARG B 524 64.71 -3.74 -3.34
CA ARG B 524 66.03 -4.24 -2.99
C ARG B 524 67.06 -3.14 -3.00
N GLN B 525 68.04 -3.26 -2.11
CA GLN B 525 69.20 -2.37 -2.06
C GLN B 525 70.35 -3.00 -2.85
N PRO B 526 71.28 -2.20 -3.39
CA PRO B 526 71.31 -0.72 -3.26
C PRO B 526 70.35 -0.02 -4.22
N MET B 527 69.58 0.94 -3.70
CA MET B 527 68.58 1.66 -4.49
C MET B 527 69.24 2.68 -5.39
N GLU B 528 68.49 3.09 -6.42
CA GLU B 528 68.98 4.00 -7.43
C GLU B 528 68.00 5.17 -7.59
N GLU B 529 68.48 6.38 -7.29
CA GLU B 529 67.70 7.62 -7.48
C GLU B 529 67.37 7.86 -8.95
N PRO B 530 66.25 8.56 -9.24
CA PRO B 530 65.97 8.86 -10.64
C PRO B 530 66.99 9.83 -11.21
N ALA B 531 67.20 9.75 -12.53
CA ALA B 531 68.11 10.65 -13.25
C ALA B 531 67.79 12.12 -12.95
N GLU B 532 66.51 12.44 -13.09
CA GLU B 532 65.99 13.77 -12.75
C GLU B 532 64.99 13.62 -11.59
N THR B 533 65.22 14.38 -10.53
CA THR B 533 64.35 14.42 -9.35
C THR B 533 62.91 14.79 -9.72
N TYR B 534 62.77 15.78 -10.61
CA TYR B 534 61.47 16.23 -11.11
C TYR B 534 61.46 16.27 -12.62
N ARG B 535 60.28 16.11 -13.18
CA ARG B 535 60.05 16.30 -14.60
C ARG B 535 58.73 17.05 -14.76
N ASP B 536 58.77 18.25 -15.35
CA ASP B 536 57.60 19.12 -15.49
C ASP B 536 56.93 19.38 -14.12
N GLY B 537 57.73 19.53 -13.06
CA GLY B 537 57.24 19.69 -11.70
C GLY B 537 56.70 18.46 -10.96
N ILE B 538 56.62 17.32 -11.65
CA ILE B 538 56.13 16.07 -11.04
C ILE B 538 57.33 15.27 -10.53
N ALA B 539 57.34 15.00 -9.23
CA ALA B 539 58.40 14.23 -8.60
C ALA B 539 58.50 12.82 -9.22
N GLN B 540 59.73 12.39 -9.48
CA GLN B 540 59.99 11.11 -10.16
C GLN B 540 60.34 10.05 -9.14
N CYS B 541 59.95 8.81 -9.44
CA CYS B 541 60.10 7.69 -8.49
C CYS B 541 61.37 6.89 -8.75
N MET B 542 62.12 6.64 -7.68
CA MET B 542 63.29 5.77 -7.72
C MET B 542 62.96 4.31 -8.09
N THR B 543 64.02 3.49 -8.18
CA THR B 543 63.92 2.03 -8.26
C THR B 543 64.88 1.46 -7.23
N GLY B 544 64.60 0.22 -6.83
CA GLY B 544 65.57 -0.59 -6.10
C GLY B 544 66.43 -1.38 -7.08
N ALA B 545 67.31 -2.22 -6.54
CA ALA B 545 68.22 -3.07 -7.33
C ALA B 545 67.47 -4.23 -8.01
N ALA B 546 68.19 -5.05 -8.77
CA ALA B 546 67.58 -6.21 -9.45
C ALA B 546 66.94 -7.17 -8.45
N ASN B 547 65.91 -7.89 -8.91
CA ASN B 547 65.21 -8.86 -8.06
C ASN B 547 64.66 -10.05 -8.88
N GLU B 548 65.53 -10.62 -9.70
CA GLU B 548 65.21 -11.81 -10.51
C GLU B 548 65.98 -12.98 -9.88
N ILE B 549 65.58 -14.22 -10.17
CA ILE B 549 66.17 -15.37 -9.47
C ILE B 549 67.65 -15.61 -9.81
N TRP B 550 68.12 -15.00 -10.89
CA TRP B 550 69.55 -15.02 -11.27
C TRP B 550 70.39 -13.87 -10.66
N SER B 551 69.77 -13.01 -9.84
CA SER B 551 70.42 -11.79 -9.35
C SER B 551 71.22 -11.96 -8.05
N TYR B 552 71.27 -13.19 -7.52
CA TYR B 552 71.85 -13.44 -6.20
C TYR B 552 72.95 -14.53 -6.21
N GLY B 553 73.65 -14.67 -7.34
CA GLY B 553 74.70 -15.66 -7.49
C GLY B 553 74.22 -17.02 -7.99
N GLU B 554 75.18 -17.84 -8.39
CA GLU B 554 74.91 -19.10 -9.08
C GLU B 554 74.28 -20.15 -8.15
N ASP B 555 74.81 -20.33 -6.95
CA ASP B 555 74.27 -21.31 -5.99
C ASP B 555 72.81 -21.00 -5.61
N ASN B 556 72.52 -19.72 -5.34
CA ASN B 556 71.15 -19.31 -5.03
C ASN B 556 70.23 -19.43 -6.24
N TYR B 557 70.74 -19.18 -7.44
CA TYR B 557 69.96 -19.39 -8.67
C TYR B 557 69.47 -20.83 -8.80
N ALA B 558 70.37 -21.77 -8.53
CA ALA B 558 70.03 -23.18 -8.63
C ALA B 558 68.90 -23.56 -7.66
N ILE B 559 68.97 -23.05 -6.43
CA ILE B 559 67.93 -23.31 -5.42
C ILE B 559 66.58 -22.74 -5.87
N MET B 560 66.58 -21.50 -6.37
CA MET B 560 65.33 -20.82 -6.74
C MET B 560 64.70 -21.41 -7.99
N LYS B 561 65.56 -21.82 -8.93
CA LYS B 561 65.12 -22.55 -10.13
C LYS B 561 64.38 -23.85 -9.78
N SER B 562 64.94 -24.63 -8.85
CA SER B 562 64.24 -25.85 -8.41
C SER B 562 62.94 -25.54 -7.67
N CYS B 563 62.90 -24.43 -6.93
CA CYS B 563 61.66 -23.93 -6.32
C CYS B 563 60.60 -23.63 -7.37
N LEU B 564 60.99 -22.91 -8.44
CA LEU B 564 60.07 -22.65 -9.54
C LEU B 564 59.55 -23.93 -10.19
N GLU B 565 60.47 -24.88 -10.40
CA GLU B 565 60.11 -26.16 -11.03
C GLU B 565 59.16 -26.96 -10.15
N LEU B 566 59.45 -26.99 -8.85
CA LEU B 566 58.57 -27.61 -7.88
C LEU B 566 57.16 -27.00 -7.88
N ARG B 567 57.10 -25.66 -7.93
CA ARG B 567 55.80 -24.98 -7.95
C ARG B 567 54.97 -25.33 -9.19
N GLU B 568 55.62 -25.46 -10.34
CA GLU B 568 54.93 -25.92 -11.56
C GLU B 568 54.32 -27.32 -11.38
N ARG B 569 55.06 -28.21 -10.75
CA ARG B 569 54.55 -29.57 -10.48
C ARG B 569 53.37 -29.56 -9.51
N LEU B 570 53.38 -28.62 -8.55
CA LEU B 570 52.25 -28.43 -7.63
C LEU B 570 51.00 -27.80 -8.22
N ARG B 571 51.06 -27.23 -9.43
CA ARG B 571 49.93 -26.46 -9.97
C ARG B 571 48.57 -27.19 -10.03
N PRO B 572 48.56 -28.46 -10.51
CA PRO B 572 47.30 -29.19 -10.48
C PRO B 572 46.70 -29.35 -9.08
N TYR B 573 47.54 -29.64 -8.09
CA TYR B 573 47.12 -29.72 -6.69
C TYR B 573 46.64 -28.35 -6.18
N VAL B 574 47.40 -27.30 -6.46
CA VAL B 574 47.02 -25.93 -6.08
C VAL B 574 45.62 -25.61 -6.61
N MET B 575 45.39 -25.86 -7.89
CA MET B 575 44.06 -25.64 -8.50
C MET B 575 42.95 -26.46 -7.84
N ARG B 576 43.22 -27.69 -7.41
CA ARG B 576 42.24 -28.49 -6.65
C ARG B 576 41.90 -27.85 -5.30
N VAL B 577 42.93 -27.41 -4.58
CA VAL B 577 42.74 -26.73 -3.28
C VAL B 577 42.02 -25.38 -3.44
N MET B 578 42.33 -24.66 -4.53
CA MET B 578 41.63 -23.42 -4.88
C MET B 578 40.16 -23.66 -5.20
N LYS B 579 39.87 -24.76 -5.89
CA LYS B 579 38.49 -25.13 -6.13
C LYS B 579 37.74 -25.45 -4.83
N ALA B 580 38.42 -26.12 -3.91
CA ALA B 580 37.83 -26.44 -2.61
C ALA B 580 37.56 -25.19 -1.77
N ALA B 581 38.43 -24.18 -1.87
CA ALA B 581 38.20 -22.88 -1.21
C ALA B 581 36.93 -22.23 -1.75
N HIS B 582 36.81 -22.20 -3.08
CA HIS B 582 35.60 -21.72 -3.75
C HIS B 582 34.35 -22.48 -3.33
N ASP B 583 34.45 -23.82 -3.26
CA ASP B 583 33.28 -24.66 -2.94
C ASP B 583 32.91 -24.69 -1.47
N THR B 584 33.90 -24.68 -0.58
CA THR B 584 33.69 -25.00 0.83
C THR B 584 34.09 -23.92 1.84
N GLY B 585 34.76 -22.84 1.40
CA GLY B 585 35.28 -21.80 2.30
C GLY B 585 36.55 -22.17 3.06
N ALA B 586 37.12 -23.33 2.77
CA ALA B 586 38.33 -23.78 3.44
C ALA B 586 39.49 -22.91 2.97
N PRO B 587 40.39 -22.52 3.88
CA PRO B 587 41.59 -21.81 3.41
C PRO B 587 42.55 -22.73 2.65
N VAL B 588 43.50 -22.14 1.94
CA VAL B 588 44.48 -22.90 1.16
C VAL B 588 45.62 -23.28 2.08
N MET B 589 46.26 -22.28 2.70
CA MET B 589 47.24 -22.52 3.76
C MET B 589 46.44 -22.49 5.03
N ARG B 590 46.66 -23.48 5.89
CA ARG B 590 45.81 -23.59 7.07
C ARG B 590 46.49 -24.21 8.27
N PRO B 591 46.08 -23.76 9.47
CA PRO B 591 46.70 -24.33 10.66
C PRO B 591 46.45 -25.83 10.77
N LEU B 592 47.31 -26.51 11.51
CA LEU B 592 47.22 -27.97 11.69
C LEU B 592 45.85 -28.44 12.17
N PHE B 593 45.24 -27.66 13.07
CA PHE B 593 43.92 -28.01 13.62
C PHE B 593 42.78 -28.02 12.62
N PHE B 594 42.95 -27.39 11.47
CA PHE B 594 41.94 -27.43 10.42
C PHE B 594 41.73 -28.85 9.86
N ASP B 595 42.85 -29.54 9.63
CA ASP B 595 42.84 -30.91 9.11
C ASP B 595 42.88 -31.99 10.21
N PHE B 596 43.41 -31.64 11.38
CA PHE B 596 43.56 -32.58 12.49
C PHE B 596 43.03 -31.99 13.80
N PRO B 597 41.74 -31.59 13.83
CA PRO B 597 41.14 -30.95 15.02
C PRO B 597 41.06 -31.82 16.29
N ASP B 598 41.12 -33.15 16.13
CA ASP B 598 41.10 -34.05 17.29
C ASP B 598 42.47 -34.29 17.93
N GLN B 599 43.52 -33.64 17.43
CA GLN B 599 44.88 -33.90 17.95
C GLN B 599 45.40 -32.65 18.70
N ALA B 600 45.74 -32.82 19.97
CA ALA B 600 46.13 -31.71 20.85
C ALA B 600 47.31 -30.88 20.30
N GLU B 601 48.28 -31.55 19.66
CA GLU B 601 49.45 -30.86 19.10
C GLU B 601 49.05 -29.90 17.99
N ALA B 602 48.00 -30.24 17.26
CA ALA B 602 47.51 -29.40 16.16
C ALA B 602 47.02 -28.01 16.62
N TRP B 603 46.53 -27.93 17.86
CA TRP B 603 46.08 -26.67 18.47
C TRP B 603 47.20 -25.90 19.18
N GLN B 604 48.41 -26.46 19.23
CA GLN B 604 49.55 -25.85 19.90
C GLN B 604 50.68 -25.41 18.96
N ILE B 605 50.85 -26.11 17.84
CA ILE B 605 51.99 -25.88 16.96
C ILE B 605 51.66 -24.72 16.00
N GLU B 606 52.53 -23.70 16.03
CA GLU B 606 52.34 -22.49 15.21
C GLU B 606 53.39 -22.30 14.11
N ASP B 607 54.39 -23.18 14.03
CA ASP B 607 55.47 -23.09 13.01
C ASP B 607 55.42 -24.24 11.99
N GLN B 608 54.28 -24.94 11.94
CA GLN B 608 53.96 -25.86 10.86
C GLN B 608 52.54 -25.55 10.42
N TYR B 609 52.24 -25.91 9.17
CA TYR B 609 50.89 -25.76 8.66
C TYR B 609 50.62 -26.76 7.56
N MET B 610 49.37 -26.79 7.11
CA MET B 610 48.94 -27.63 6.02
C MET B 610 48.70 -26.76 4.77
N PHE B 611 49.33 -27.13 3.66
CA PHE B 611 49.09 -26.51 2.36
C PHE B 611 48.12 -27.43 1.63
N GLY B 612 46.84 -27.14 1.81
CA GLY B 612 45.78 -28.08 1.45
C GLY B 612 45.80 -29.28 2.37
N PRO B 613 44.94 -30.28 2.09
CA PRO B 613 44.84 -31.45 2.96
C PRO B 613 46.03 -32.45 2.91
N ASP B 614 46.93 -32.33 1.93
CA ASP B 614 47.91 -33.40 1.62
C ASP B 614 49.38 -33.03 1.79
N ILE B 615 49.68 -31.77 2.13
CA ILE B 615 51.07 -31.34 2.27
C ILE B 615 51.27 -30.66 3.62
N LEU B 616 52.18 -31.23 4.42
CA LEU B 616 52.57 -30.67 5.71
C LEU B 616 53.86 -29.89 5.45
N VAL B 617 53.87 -28.62 5.88
CA VAL B 617 55.00 -27.71 5.65
C VAL B 617 55.57 -27.26 6.98
N ALA B 618 56.89 -27.32 7.13
CA ALA B 618 57.54 -26.87 8.35
C ALA B 618 58.67 -25.89 7.99
N PRO B 619 58.32 -24.61 7.77
CA PRO B 619 59.32 -23.63 7.34
C PRO B 619 60.48 -23.45 8.31
N VAL B 620 61.63 -23.06 7.76
CA VAL B 620 62.77 -22.66 8.56
C VAL B 620 62.69 -21.14 8.74
N LEU B 621 62.61 -20.72 9.99
CA LEU B 621 62.31 -19.34 10.38
C LEU B 621 63.45 -18.66 11.15
N GLU B 622 64.66 -19.23 11.11
CA GLU B 622 65.84 -18.65 11.77
C GLU B 622 67.06 -18.73 10.87
N ALA B 623 67.91 -17.70 10.95
CA ALA B 623 69.17 -17.67 10.19
C ALA B 623 70.12 -18.73 10.73
N GLY B 624 70.82 -19.41 9.83
CA GLY B 624 71.81 -20.42 10.20
C GLY B 624 71.25 -21.78 10.57
N GLN B 625 69.93 -21.94 10.63
CA GLN B 625 69.31 -23.18 11.06
C GLN B 625 69.40 -24.21 9.92
N ARG B 626 69.86 -25.41 10.26
CA ARG B 626 70.01 -26.49 9.28
C ARG B 626 69.33 -27.79 9.65
N SER B 627 68.53 -27.76 10.73
CA SER B 627 67.63 -28.83 11.10
C SER B 627 66.56 -28.27 12.05
N ARG B 628 65.41 -28.92 12.11
CA ARG B 628 64.38 -28.53 13.06
C ARG B 628 63.44 -29.67 13.38
N LYS B 629 62.78 -29.54 14.52
CA LYS B 629 61.78 -30.50 14.97
C LYS B 629 60.53 -30.36 14.10
N VAL B 630 59.95 -31.49 13.70
CA VAL B 630 58.73 -31.51 12.93
C VAL B 630 57.80 -32.59 13.49
N TRP B 631 56.59 -32.18 13.88
CA TRP B 631 55.55 -33.12 14.27
C TRP B 631 54.79 -33.60 13.03
N LEU B 632 54.70 -34.92 12.91
CA LEU B 632 53.94 -35.58 11.88
C LEU B 632 52.61 -35.98 12.49
N PRO B 633 51.49 -35.49 11.94
CA PRO B 633 50.20 -35.84 12.54
C PRO B 633 49.84 -37.32 12.44
N GLU B 634 49.06 -37.80 13.40
CA GLU B 634 48.54 -39.17 13.41
C GLU B 634 47.45 -39.32 12.35
N GLY B 635 47.24 -40.56 11.89
CA GLY B 635 46.13 -40.87 10.98
C GLY B 635 46.52 -41.16 9.56
N CYS B 636 47.79 -40.91 9.21
CA CYS B 636 48.34 -41.35 7.92
C CYS B 636 49.84 -41.47 8.00
N ALA B 637 50.44 -41.99 6.93
CA ALA B 637 51.89 -41.96 6.74
C ALA B 637 52.26 -40.78 5.86
N TRP B 638 53.53 -40.40 5.96
CA TRP B 638 54.04 -39.18 5.37
C TRP B 638 55.28 -39.48 4.52
N ILE B 639 55.29 -38.95 3.30
CA ILE B 639 56.42 -39.12 2.39
C ILE B 639 57.24 -37.84 2.39
N ASP B 640 58.49 -37.96 2.82
CA ASP B 640 59.47 -36.86 2.79
C ASP B 640 59.66 -36.38 1.34
N LEU B 641 59.27 -35.14 1.05
CA LEU B 641 59.42 -34.57 -0.29
C LEU B 641 60.86 -34.64 -0.78
N ASN B 642 61.82 -34.47 0.12
CA ASN B 642 63.21 -34.31 -0.26
C ASN B 642 64.01 -35.62 -0.43
N THR B 643 63.69 -36.63 0.35
CA THR B 643 64.39 -37.94 0.28
C THR B 643 63.55 -39.07 -0.34
N GLY B 644 62.23 -38.91 -0.39
CA GLY B 644 61.32 -40.00 -0.75
C GLY B 644 61.01 -40.99 0.36
N ALA B 645 61.61 -40.82 1.54
CA ALA B 645 61.42 -41.72 2.68
C ALA B 645 60.00 -41.65 3.24
N ARG B 646 59.53 -42.80 3.72
CA ARG B 646 58.21 -42.93 4.33
C ARG B 646 58.37 -42.86 5.83
N GLN B 647 57.56 -42.03 6.49
CA GLN B 647 57.54 -41.96 7.95
C GLN B 647 56.10 -42.09 8.49
N ASN B 648 55.97 -42.81 9.60
CA ASN B 648 54.67 -43.04 10.24
C ASN B 648 54.18 -41.74 10.87
N GLY B 649 52.87 -41.51 10.77
CA GLY B 649 52.24 -40.43 11.54
C GLY B 649 52.29 -40.67 13.04
N GLY B 650 52.11 -39.61 13.81
CA GLY B 650 52.03 -39.67 15.25
C GLY B 650 53.36 -39.68 15.95
N GLN B 651 54.34 -38.96 15.39
CA GLN B 651 55.68 -38.84 15.99
C GLN B 651 56.37 -37.54 15.62
N TRP B 652 57.42 -37.21 16.35
CA TRP B 652 58.28 -36.07 16.02
C TRP B 652 59.53 -36.54 15.24
N CYS B 653 59.97 -35.73 14.28
CA CYS B 653 61.17 -35.97 13.48
C CYS B 653 62.18 -34.88 13.82
N ASP B 654 63.42 -35.28 14.09
CA ASP B 654 64.53 -34.35 14.13
C ASP B 654 64.99 -34.20 12.68
N CYS B 655 64.32 -33.34 11.93
CA CYS B 655 64.40 -33.34 10.48
C CYS B 655 65.54 -32.49 9.93
N ASP B 656 66.20 -33.02 8.89
CA ASP B 656 67.25 -32.30 8.21
C ASP B 656 66.60 -31.12 7.46
N ALA B 657 67.31 -29.99 7.45
CA ALA B 657 66.82 -28.77 6.82
C ALA B 657 68.01 -28.03 6.24
N PRO B 658 68.66 -28.63 5.22
CA PRO B 658 69.79 -27.94 4.64
C PRO B 658 69.32 -26.65 3.96
N LEU B 659 70.25 -25.77 3.62
CA LEU B 659 69.89 -24.54 2.91
C LEU B 659 69.07 -24.81 1.66
N GLU B 660 69.32 -25.96 1.02
CA GLU B 660 68.67 -26.34 -0.25
C GLU B 660 67.20 -26.80 -0.13
N ALA B 661 66.72 -27.15 1.07
CA ALA B 661 65.27 -27.44 1.23
C ALA B 661 64.76 -27.28 2.66
N ILE B 662 63.48 -26.92 2.78
CA ILE B 662 62.79 -26.93 4.08
C ILE B 662 62.06 -28.25 4.19
N PRO B 663 61.84 -28.75 5.44
CA PRO B 663 61.09 -29.98 5.62
C PRO B 663 59.64 -29.91 5.12
N VAL B 664 59.29 -30.81 4.23
CA VAL B 664 57.95 -30.90 3.65
C VAL B 664 57.60 -32.39 3.51
N PHE B 665 56.38 -32.75 3.91
CA PHE B 665 55.89 -34.12 3.83
C PHE B 665 54.55 -34.21 3.09
N ILE B 666 54.38 -35.29 2.32
CA ILE B 666 53.17 -35.53 1.53
C ILE B 666 52.38 -36.66 2.17
N ARG B 667 51.07 -36.48 2.29
CA ARG B 667 50.17 -37.53 2.77
C ARG B 667 50.32 -38.71 1.81
N GLU B 668 50.72 -39.87 2.35
CA GLU B 668 50.96 -41.05 1.50
C GLU B 668 49.76 -41.36 0.62
N ALA B 669 50.01 -41.58 -0.66
CA ALA B 669 49.00 -42.00 -1.64
C ALA B 669 48.03 -40.92 -2.09
N ALA B 670 48.15 -39.69 -1.57
CA ALA B 670 47.45 -38.56 -2.16
C ALA B 670 47.90 -38.41 -3.58
N ALA B 671 46.99 -37.97 -4.46
CA ALA B 671 47.30 -37.81 -5.88
C ALA B 671 48.55 -36.95 -6.13
N VAL B 672 48.78 -35.97 -5.27
CA VAL B 672 49.92 -35.05 -5.38
C VAL B 672 51.28 -35.73 -5.25
N GLN B 673 51.35 -36.84 -4.51
CA GLN B 673 52.60 -37.60 -4.37
C GLN B 673 53.15 -37.98 -5.74
N ALA B 674 52.31 -38.58 -6.58
CA ALA B 674 52.64 -38.94 -7.96
C ALA B 674 52.95 -37.73 -8.83
N GLU B 675 52.17 -36.67 -8.69
CA GLU B 675 52.37 -35.44 -9.47
C GLU B 675 53.73 -34.78 -9.18
N LEU B 676 54.27 -35.00 -7.99
CA LEU B 676 55.59 -34.46 -7.62
C LEU B 676 56.78 -35.33 -8.04
N SER B 677 56.52 -36.54 -8.56
CA SER B 677 57.57 -37.49 -8.98
C SER B 677 58.62 -37.70 -7.90
N ILE B 678 58.14 -38.04 -6.71
CA ILE B 678 59.02 -38.31 -5.59
C ILE B 678 59.52 -39.74 -5.75
N ALA B 679 60.84 -39.91 -5.74
CA ALA B 679 61.45 -41.23 -5.82
C ALA B 679 62.59 -41.31 -4.82
N LEU B 680 62.89 -42.53 -4.37
CA LEU B 680 64.02 -42.81 -3.49
C LEU B 680 64.97 -43.76 -4.24
N GLU B 681 66.21 -43.32 -4.45
CA GLU B 681 67.21 -44.14 -5.13
C GLU B 681 68.04 -44.94 -4.13
N HIS B 682 68.36 -46.19 -4.49
CA HIS B 682 69.21 -47.07 -3.70
C HIS B 682 70.63 -47.08 -4.28
N HIS B 683 71.56 -46.41 -3.59
CA HIS B 683 72.95 -46.25 -4.08
C HIS B 683 73.87 -47.37 -3.62
N SER C 2 29.03 34.59 49.99
CA SER C 2 30.08 35.35 49.25
C SER C 2 31.01 36.08 50.22
N GLU C 3 32.23 36.35 49.76
CA GLU C 3 33.27 36.92 50.60
C GLU C 3 34.11 37.93 49.82
N PHE C 4 34.36 39.10 50.42
CA PHE C 4 35.35 40.05 49.91
C PHE C 4 36.65 39.86 50.65
N ILE C 5 37.75 39.94 49.91
CA ILE C 5 39.08 40.02 50.47
C ILE C 5 39.65 41.34 49.93
N LEU C 6 39.71 42.34 50.81
CA LEU C 6 40.06 43.71 50.45
C LEU C 6 41.41 44.08 51.05
N THR C 7 42.27 44.69 50.24
CA THR C 7 43.49 45.33 50.72
C THR C 7 43.44 46.78 50.27
N SER C 8 44.46 47.56 50.60
CA SER C 8 44.44 49.00 50.26
C SER C 8 44.40 49.28 48.74
N ASP C 9 44.89 48.34 47.91
CA ASP C 9 44.93 48.56 46.45
C ASP C 9 44.42 47.38 45.60
N LYS C 10 43.56 46.54 46.18
CA LYS C 10 43.04 45.35 45.48
C LYS C 10 41.70 44.91 46.06
N LEU C 11 40.74 44.67 45.16
CA LEU C 11 39.44 44.12 45.51
C LEU C 11 39.36 42.70 44.98
N VAL C 12 39.13 41.74 45.86
CA VAL C 12 38.84 40.36 45.48
C VAL C 12 37.47 39.99 46.03
N TRP C 13 36.67 39.35 45.18
CA TRP C 13 35.39 38.77 45.59
C TRP C 13 35.43 37.29 45.21
N THR C 14 34.86 36.45 46.07
CA THR C 14 34.88 35.02 45.83
C THR C 14 33.60 34.31 46.31
N TYR C 15 33.16 33.33 45.52
CA TYR C 15 32.09 32.41 45.85
C TYR C 15 32.27 31.11 45.04
N ASP C 16 32.22 29.96 45.73
CA ASP C 16 32.31 28.64 45.08
C ASP C 16 33.48 28.49 44.11
N GLY C 17 34.65 28.94 44.54
CA GLY C 17 35.84 28.87 43.69
C GLY C 17 35.98 29.95 42.62
N HIS C 18 34.92 30.70 42.32
CA HIS C 18 34.99 31.82 41.40
C HIS C 18 35.68 32.97 42.11
N LYS C 19 36.79 33.44 41.55
CA LYS C 19 37.55 34.56 42.11
C LYS C 19 37.53 35.70 41.11
N LEU C 20 37.09 36.87 41.57
CA LEU C 20 37.06 38.09 40.77
C LEU C 20 38.05 39.03 41.42
N GLN C 21 39.02 39.51 40.65
CA GLN C 21 40.07 40.40 41.17
C GLN C 21 40.13 41.69 40.36
N ILE C 22 40.03 42.82 41.05
CA ILE C 22 40.04 44.13 40.43
C ILE C 22 41.13 44.97 41.08
N GLU C 23 41.97 45.58 40.27
CA GLU C 23 43.11 46.34 40.77
C GLU C 23 43.47 47.49 39.84
N PRO C 24 44.18 48.51 40.36
CA PRO C 24 44.60 49.59 39.47
C PRO C 24 45.61 49.08 38.47
N TRP C 25 45.58 49.64 37.26
CA TRP C 25 46.54 49.26 36.23
C TRP C 25 46.85 50.47 35.35
N GLY C 26 47.50 51.45 35.98
CA GLY C 26 47.78 52.76 35.40
C GLY C 26 46.72 53.76 35.83
N GLU C 27 47.02 55.04 35.66
CA GLU C 27 46.10 56.10 36.08
C GLU C 27 44.76 55.95 35.42
N ASN C 28 43.72 56.17 36.21
CA ASN C 28 42.32 56.19 35.73
C ASN C 28 41.87 54.86 35.13
N SER C 29 42.53 53.76 35.48
CA SER C 29 42.35 52.49 34.82
C SER C 29 42.32 51.34 35.82
N LEU C 30 41.55 50.30 35.50
CA LEU C 30 41.50 49.08 36.28
C LEU C 30 41.72 47.82 35.43
N ARG C 31 42.39 46.84 36.02
CA ARG C 31 42.45 45.48 35.44
C ARG C 31 41.45 44.58 36.16
N VAL C 32 40.72 43.79 35.39
CA VAL C 32 39.72 42.89 35.92
C VAL C 32 40.05 41.47 35.48
N ARG C 33 40.17 40.57 36.45
CA ARG C 33 40.40 39.16 36.15
C ARG C 33 39.46 38.26 36.92
N ALA C 34 39.12 37.12 36.33
CA ALA C 34 38.30 36.14 37.00
C ALA C 34 38.66 34.74 36.58
N THR C 35 38.66 33.83 37.54
CA THR C 35 38.96 32.44 37.30
C THR C 35 38.19 31.56 38.27
N VAL C 36 37.98 30.31 37.87
CA VAL C 36 37.56 29.25 38.80
C VAL C 36 38.69 28.24 39.07
N ALA C 37 39.87 28.46 38.46
CA ALA C 37 41.07 27.68 38.79
C ALA C 37 41.54 28.06 40.19
N PRO C 38 42.46 27.29 40.79
CA PRO C 38 42.91 27.63 42.15
C PRO C 38 43.43 29.05 42.33
N GLU C 39 44.13 29.55 41.32
CA GLU C 39 44.71 30.90 41.32
C GLU C 39 44.72 31.47 39.91
N LEU C 40 44.87 32.80 39.83
CA LEU C 40 45.15 33.45 38.56
C LEU C 40 46.53 33.00 38.07
N ASN C 41 46.67 32.80 36.77
CA ASN C 41 47.97 32.50 36.15
C ASN C 41 48.80 33.79 35.98
N GLY C 42 50.02 33.61 35.47
CA GLY C 42 50.93 34.73 35.25
C GLY C 42 50.86 35.42 33.89
N ASN C 43 49.87 35.08 33.06
CA ASN C 43 49.76 35.69 31.72
C ASN C 43 49.29 37.14 31.76
N ASP C 44 50.16 38.06 31.36
CA ASP C 44 49.79 39.48 31.19
C ASP C 44 49.45 39.88 29.74
N TRP C 45 49.79 39.02 28.76
CA TRP C 45 49.43 39.23 27.35
C TRP C 45 49.84 40.64 26.83
N ALA C 46 48.90 41.54 26.53
CA ALA C 46 49.25 42.86 26.01
C ALA C 46 49.57 43.92 27.08
N LEU C 47 49.32 43.62 28.35
CA LEU C 47 49.52 44.61 29.41
C LEU C 47 50.96 44.66 29.90
N LEU C 48 51.56 45.84 29.83
CA LEU C 48 52.89 46.11 30.39
C LEU C 48 52.75 46.28 31.89
N PRO C 49 53.86 46.16 32.63
CA PRO C 49 53.76 46.44 34.07
C PRO C 49 53.22 47.85 34.31
N ALA C 50 52.27 47.99 35.23
CA ALA C 50 51.67 49.30 35.48
C ALA C 50 52.57 50.16 36.37
N LYS C 51 52.67 51.45 36.07
CA LYS C 51 53.23 52.40 37.02
C LYS C 51 52.24 52.49 38.18
N PRO C 52 52.73 52.43 39.45
CA PRO C 52 51.77 52.46 40.58
C PRO C 52 50.94 53.73 40.59
N SER C 53 49.69 53.62 41.01
CA SER C 53 48.73 54.71 40.81
C SER C 53 48.67 55.67 42.01
N THR C 54 48.34 56.93 41.72
CA THR C 54 48.07 57.94 42.75
C THR C 54 46.56 57.91 43.07
N LYS C 55 46.25 57.85 44.36
CA LYS C 55 44.87 57.83 44.86
C LYS C 55 44.03 56.67 44.33
N VAL C 56 44.42 55.49 44.81
CA VAL C 56 43.60 54.30 44.79
C VAL C 56 42.95 54.22 46.17
N LYS C 57 41.66 53.95 46.21
CA LYS C 57 40.93 53.79 47.45
C LYS C 57 39.99 52.58 47.35
N VAL C 58 40.10 51.67 48.31
CA VAL C 58 39.25 50.48 48.40
C VAL C 58 38.32 50.63 49.61
N SER C 59 37.01 50.47 49.38
CA SER C 59 35.97 50.74 50.37
C SER C 59 35.08 49.51 50.51
N GLU C 60 34.55 49.31 51.71
CA GLU C 60 33.49 48.31 51.95
C GLU C 60 32.21 49.00 52.39
N PHE C 61 31.08 48.56 51.85
CA PHE C 61 29.74 49.04 52.23
C PHE C 61 28.95 47.88 52.79
N GLU C 62 27.71 48.15 53.19
CA GLU C 62 26.84 47.16 53.83
C GLU C 62 26.97 45.81 53.14
N ASP C 63 26.64 45.77 51.85
CA ASP C 63 26.65 44.55 51.06
C ASP C 63 27.80 44.49 50.03
N SER C 64 28.31 45.65 49.64
CA SER C 64 29.14 45.83 48.47
C SER C 64 30.56 46.22 48.84
N ALA C 65 31.43 46.22 47.83
CA ALA C 65 32.75 46.81 47.94
C ALA C 65 33.04 47.63 46.69
N ARG C 66 33.98 48.55 46.82
CA ARG C 66 34.32 49.46 45.74
C ARG C 66 35.83 49.67 45.67
N ILE C 67 36.34 49.82 44.45
CA ILE C 67 37.72 50.29 44.25
C ILE C 67 37.67 51.46 43.24
N VAL C 68 38.30 52.57 43.62
CA VAL C 68 38.39 53.78 42.79
C VAL C 68 39.85 53.95 42.42
N ASN C 69 40.12 54.24 41.15
CA ASN C 69 41.45 54.69 40.73
C ASN C 69 41.27 55.91 39.87
N GLY C 70 41.42 57.08 40.48
CA GLY C 70 41.23 58.36 39.79
C GLY C 70 39.82 58.45 39.21
N ASN C 71 39.72 58.55 37.89
CA ASN C 71 38.45 58.82 37.22
C ASN C 71 37.58 57.60 36.95
N ILE C 72 38.00 56.41 37.39
CA ILE C 72 37.16 55.21 37.28
C ILE C 72 36.95 54.56 38.65
N SER C 73 35.75 54.03 38.86
CA SER C 73 35.48 53.21 40.03
C SER C 73 34.75 51.94 39.63
N ALA C 74 35.02 50.85 40.34
CA ALA C 74 34.29 49.59 40.17
C ALA C 74 33.53 49.29 41.47
N VAL C 75 32.26 48.97 41.34
CA VAL C 75 31.44 48.54 42.47
C VAL C 75 31.03 47.09 42.23
N VAL C 76 31.30 46.25 43.23
CA VAL C 76 30.90 44.85 43.25
C VAL C 76 29.90 44.67 44.39
N ASN C 77 28.67 44.24 44.08
CA ASN C 77 27.69 43.98 45.13
C ASN C 77 27.90 42.61 45.78
N GLY C 78 27.07 42.29 46.77
CA GLY C 78 27.20 41.03 47.52
C GLY C 78 27.00 39.78 46.69
N ARG C 79 26.30 39.90 45.57
CA ARG C 79 26.09 38.82 44.64
C ARG C 79 27.20 38.71 43.57
N GLY C 80 28.28 39.49 43.72
CA GLY C 80 29.43 39.43 42.80
C GLY C 80 29.20 40.10 41.47
N GLN C 81 28.24 41.02 41.42
CA GLN C 81 27.86 41.69 40.19
C GLN C 81 28.54 43.06 40.16
N LEU C 82 29.12 43.36 38.99
CA LEU C 82 30.08 44.45 38.81
C LEU C 82 29.52 45.52 37.89
N SER C 83 29.74 46.78 38.27
CA SER C 83 29.45 47.92 37.42
C SER C 83 30.56 48.98 37.59
N PHE C 84 30.72 49.81 36.55
CA PHE C 84 31.77 50.83 36.53
C PHE C 84 31.17 52.23 36.41
N TYR C 85 31.80 53.18 37.09
CA TYR C 85 31.37 54.58 37.10
C TYR C 85 32.56 55.50 36.92
N ASN C 86 32.31 56.68 36.36
CA ASN C 86 33.33 57.73 36.25
C ASN C 86 33.34 58.63 37.49
N GLN C 87 34.20 59.64 37.49
CA GLN C 87 34.36 60.55 38.62
C GLN C 87 33.14 61.42 38.93
N ASN C 88 32.23 61.58 37.97
CA ASN C 88 30.95 62.24 38.21
C ASN C 88 29.85 61.31 38.71
N GLY C 89 30.17 60.06 39.01
CA GLY C 89 29.17 59.07 39.42
C GLY C 89 28.31 58.50 38.29
N LYS C 90 28.61 58.84 37.04
CA LYS C 90 27.82 58.38 35.88
C LYS C 90 28.15 56.91 35.57
N LEU C 91 27.14 56.14 35.15
CA LEU C 91 27.36 54.75 34.79
C LEU C 91 28.11 54.66 33.46
N LEU C 92 29.20 53.91 33.47
CA LEU C 92 29.98 53.62 32.28
C LEU C 92 29.58 52.31 31.63
N LEU C 93 29.57 51.25 32.45
CA LEU C 93 29.44 49.88 31.96
C LEU C 93 28.92 49.02 33.09
N GLU C 94 27.94 48.16 32.78
CA GLU C 94 27.46 47.23 33.77
C GLU C 94 27.35 45.83 33.20
N GLU C 95 27.70 44.86 34.05
CA GLU C 95 27.54 43.45 33.74
C GLU C 95 26.08 43.10 33.46
N TYR C 96 25.90 42.12 32.59
CA TYR C 96 24.61 41.57 32.25
C TYR C 96 24.45 40.24 32.99
N TRP C 97 23.41 40.22 33.84
CA TRP C 97 23.01 39.06 34.60
C TRP C 97 21.52 38.83 34.35
N ARG C 98 21.13 37.59 34.12
CA ARG C 98 19.72 37.19 34.03
C ARG C 98 19.53 35.85 34.76
N THR C 99 19.32 35.89 36.07
CA THR C 99 19.17 34.69 36.90
C THR C 99 18.11 34.91 37.99
N ARG C 100 17.67 33.82 38.62
CA ARG C 100 16.85 33.89 39.84
C ARG C 100 17.65 33.66 41.11
N PHE C 101 18.89 33.20 40.95
CA PHE C 101 19.71 32.75 42.07
C PHE C 101 21.17 32.90 41.61
N VAL C 102 21.96 33.59 42.43
CA VAL C 102 23.32 33.95 42.05
C VAL C 102 24.15 34.07 43.32
N ALA C 103 25.36 33.52 43.29
CA ALA C 103 26.25 33.54 44.46
C ALA C 103 25.57 33.06 45.75
N GLY C 104 24.76 32.01 45.64
CA GLY C 104 24.09 31.42 46.78
C GLY C 104 22.94 32.23 47.36
N GLN C 105 22.44 33.23 46.63
CA GLN C 105 21.40 34.13 47.11
C GLN C 105 20.32 34.29 46.07
N GLY C 106 19.09 34.51 46.53
CA GLY C 106 18.00 34.91 45.63
C GLY C 106 18.31 36.22 44.94
N GLU C 107 17.94 36.33 43.67
CA GLU C 107 18.10 37.60 42.96
C GLU C 107 16.95 38.52 43.38
N ASP C 108 17.20 39.82 43.23
CA ASP C 108 16.24 40.86 43.55
C ASP C 108 15.19 40.96 42.45
N THR C 109 13.94 40.65 42.77
CA THR C 109 12.86 40.70 41.78
C THR C 109 12.54 42.09 41.23
N SER C 110 12.97 43.14 41.91
CA SER C 110 12.82 44.50 41.38
C SER C 110 13.84 44.88 40.31
N SER C 111 14.87 44.06 40.10
CA SER C 111 15.97 44.35 39.15
C SER C 111 15.74 43.66 37.80
N LYS C 112 16.17 44.32 36.73
CA LYS C 112 16.26 43.68 35.39
C LYS C 112 17.14 42.42 35.36
N TYR C 113 18.01 42.25 36.37
CA TYR C 113 18.75 41.03 36.56
C TYR C 113 17.92 39.78 36.90
N PHE C 114 16.66 39.97 37.33
CA PHE C 114 15.84 38.84 37.74
C PHE C 114 15.19 38.20 36.53
N SER C 115 15.58 36.96 36.28
CA SER C 115 15.13 36.21 35.11
C SER C 115 15.36 34.71 35.28
N PRO C 116 14.37 33.88 34.88
CA PRO C 116 14.66 32.45 34.83
C PRO C 116 15.57 31.98 33.69
N LEU C 117 15.99 32.88 32.79
CA LEU C 117 16.84 32.48 31.66
C LEU C 117 18.17 31.83 32.10
N THR C 118 18.77 32.37 33.16
CA THR C 118 20.03 31.85 33.74
C THR C 118 21.24 32.09 32.83
N HIS C 119 21.54 33.36 32.61
CA HIS C 119 22.74 33.81 31.93
C HIS C 119 23.59 34.57 32.94
N GLU C 120 24.86 34.19 33.05
CA GLU C 120 25.82 34.85 33.93
C GLU C 120 26.68 35.86 33.19
N ALA C 121 27.17 36.88 33.90
CA ALA C 121 28.03 37.90 33.31
C ALA C 121 29.45 37.41 33.06
N ARG C 122 29.91 36.46 33.88
CA ARG C 122 31.26 35.90 33.79
C ARG C 122 31.14 34.37 33.73
N GLU C 123 30.82 33.88 32.53
CA GLU C 123 30.54 32.48 32.33
C GLU C 123 31.82 31.77 31.93
N LEU C 124 32.40 31.01 32.85
CA LEU C 124 33.54 30.15 32.57
C LEU C 124 33.02 28.73 32.45
N LYS C 125 32.62 28.35 31.24
CA LYS C 125 31.95 27.09 30.98
C LYS C 125 33.03 26.02 30.78
N PRO C 126 33.10 25.02 31.69
CA PRO C 126 34.17 24.00 31.58
C PRO C 126 34.08 23.21 30.27
N ILE C 127 35.23 23.03 29.63
CA ILE C 127 35.37 22.16 28.49
C ILE C 127 35.79 20.80 29.05
N GLN C 128 35.06 19.74 28.71
CA GLN C 128 35.32 18.42 29.31
C GLN C 128 36.74 17.99 28.97
N GLY C 129 37.47 17.57 30.00
CA GLY C 129 38.87 17.21 29.90
C GLY C 129 39.85 18.38 29.75
N GLY C 130 39.36 19.61 29.65
CA GLY C 130 40.18 20.74 29.21
C GLY C 130 39.98 21.97 30.06
N LYS C 131 40.04 23.13 29.40
CA LYS C 131 40.00 24.42 30.07
C LYS C 131 38.57 25.01 30.07
N PHE C 132 38.39 26.27 29.67
CA PHE C 132 37.08 26.92 29.74
C PHE C 132 36.73 27.69 28.47
N GLU C 133 35.44 27.70 28.17
CA GLU C 133 34.86 28.51 27.11
C GLU C 133 34.24 29.71 27.83
N LEU C 134 34.75 30.91 27.56
CA LEU C 134 34.43 32.10 28.35
C LEU C 134 33.48 33.02 27.62
N ARG C 135 32.39 33.44 28.28
CA ARG C 135 31.57 34.55 27.78
C ARG C 135 31.45 35.60 28.85
N ALA C 136 31.82 36.83 28.50
CA ALA C 136 31.68 37.99 29.38
C ALA C 136 30.58 38.86 28.81
N ARG C 137 29.52 39.04 29.57
CA ARG C 137 28.33 39.75 29.10
C ARG C 137 28.17 41.07 29.83
N PHE C 138 27.80 42.11 29.08
CA PHE C 138 27.50 43.44 29.59
C PHE C 138 26.20 43.95 29.01
N GLU C 139 25.50 44.78 29.76
CA GLU C 139 24.25 45.37 29.26
C GLU C 139 24.59 46.28 28.09
N SER C 140 23.77 46.23 27.05
CA SER C 140 23.86 47.23 25.99
C SER C 140 23.28 48.52 26.53
N GLN C 141 23.64 49.63 25.91
CA GLN C 141 23.06 50.93 26.23
C GLN C 141 22.57 51.57 24.93
N PRO C 142 21.35 52.13 24.93
CA PRO C 142 20.77 52.64 23.70
C PRO C 142 21.56 53.79 23.04
N ASP C 143 22.28 54.56 23.85
CA ASP C 143 23.03 55.73 23.35
C ASP C 143 24.52 55.44 23.09
N GLU C 144 24.94 54.18 23.17
CA GLU C 144 26.35 53.83 23.12
C GLU C 144 26.82 53.66 21.68
N ARG C 145 27.89 54.39 21.34
CA ARG C 145 28.59 54.28 20.07
C ARG C 145 29.94 53.68 20.39
N ILE C 146 30.40 52.76 19.55
CA ILE C 146 31.59 51.95 19.82
C ILE C 146 32.57 51.99 18.66
N TYR C 147 33.83 52.20 18.99
CA TYR C 147 34.89 52.34 17.98
C TYR C 147 36.09 51.48 18.37
N GLY C 148 36.95 51.25 17.39
CA GLY C 148 38.17 50.46 17.54
C GLY C 148 38.04 49.04 17.06
N LEU C 149 38.58 48.11 17.87
CA LEU C 149 38.56 46.65 17.64
C LEU C 149 39.54 46.10 16.61
N GLY C 150 40.12 46.98 15.79
CA GLY C 150 41.11 46.58 14.79
C GLY C 150 40.67 46.94 13.39
N GLN C 151 40.82 45.97 12.48
CA GLN C 151 40.68 46.19 11.03
C GLN C 151 39.71 45.17 10.48
N TYR C 152 38.48 45.63 10.20
CA TYR C 152 37.44 44.76 9.69
C TYR C 152 36.93 45.29 8.35
N GLN C 153 36.66 44.37 7.43
CA GLN C 153 36.31 44.70 6.07
C GLN C 153 34.82 44.97 5.96
N GLN C 154 34.43 46.15 6.44
CA GLN C 154 33.00 46.49 6.57
C GLN C 154 32.81 48.02 6.65
N PRO C 155 31.69 48.52 6.13
CA PRO C 155 31.48 49.98 6.04
C PRO C 155 30.83 50.58 7.30
N PHE C 156 31.49 50.39 8.44
CA PHE C 156 30.96 50.85 9.74
C PHE C 156 32.13 51.41 10.53
N LEU C 157 32.09 52.70 10.85
CA LEU C 157 33.06 53.27 11.81
C LEU C 157 32.56 52.94 13.21
N ASN C 158 31.39 53.48 13.58
CA ASN C 158 30.64 53.03 14.75
C ASN C 158 30.21 51.56 14.57
N VAL C 159 30.69 50.69 15.46
CA VAL C 159 30.39 49.25 15.35
C VAL C 159 29.33 48.74 16.34
N LYS C 160 28.62 49.64 17.01
CA LYS C 160 27.47 49.24 17.81
C LYS C 160 26.47 48.58 16.88
N GLY C 161 26.02 47.39 17.26
CA GLY C 161 25.12 46.58 16.44
C GLY C 161 25.83 45.60 15.51
N CYS C 162 27.17 45.64 15.48
CA CYS C 162 27.96 44.75 14.66
C CYS C 162 28.57 43.68 15.52
N THR C 163 28.87 42.55 14.89
CA THR C 163 29.58 41.46 15.53
C THR C 163 30.89 41.19 14.79
N MET C 164 31.99 41.18 15.54
CA MET C 164 33.33 41.02 14.98
C MET C 164 33.97 39.72 15.42
N GLU C 165 34.50 38.97 14.45
CA GLU C 165 35.24 37.76 14.74
C GLU C 165 36.59 38.12 15.38
N LEU C 166 36.88 37.50 16.51
CA LEU C 166 38.20 37.64 17.14
C LEU C 166 39.11 36.54 16.60
N ALA C 167 39.65 36.81 15.41
CA ALA C 167 40.56 35.94 14.70
C ALA C 167 41.29 36.73 13.60
N GLN C 168 42.44 36.19 13.19
CA GLN C 168 43.32 36.80 12.20
C GLN C 168 43.18 36.08 10.87
N ARG C 169 42.75 36.81 9.86
CA ARG C 169 42.65 36.35 8.47
C ARG C 169 43.15 37.47 7.56
N ASN C 170 43.62 37.09 6.38
CA ASN C 170 44.12 38.04 5.37
C ASN C 170 43.08 39.14 5.12
N SER C 171 43.49 40.37 5.44
CA SER C 171 42.70 41.62 5.35
C SER C 171 41.91 41.99 6.61
N GLN C 172 42.06 41.18 7.66
CA GLN C 172 41.43 41.41 8.95
C GLN C 172 42.51 41.40 10.02
N ALA C 173 42.37 42.26 11.03
CA ALA C 173 43.25 42.23 12.20
C ALA C 173 42.40 42.50 13.43
N SER C 174 42.37 41.54 14.36
CA SER C 174 41.69 41.70 15.65
C SER C 174 42.66 42.38 16.61
N VAL C 175 42.37 43.62 16.97
CA VAL C 175 43.20 44.40 17.92
C VAL C 175 42.16 44.87 18.94
N PRO C 176 41.90 44.03 19.96
CA PRO C 176 40.65 44.15 20.68
C PRO C 176 40.62 45.22 21.80
N PHE C 177 40.92 46.47 21.41
CA PHE C 177 40.66 47.63 22.24
C PHE C 177 39.49 48.41 21.64
N MET C 178 38.51 48.70 22.48
CA MET C 178 37.32 49.46 22.07
C MET C 178 37.24 50.77 22.86
N MET C 179 36.67 51.78 22.22
CA MET C 179 36.40 53.09 22.84
C MET C 179 34.91 53.35 22.73
N SER C 180 34.28 53.66 23.86
CA SER C 180 32.83 53.95 23.93
C SER C 180 32.56 55.44 24.07
N SER C 181 31.53 55.91 23.39
CA SER C 181 31.07 57.28 23.55
C SER C 181 30.61 57.60 24.97
N LEU C 182 30.32 56.60 25.80
CA LEU C 182 29.94 56.82 27.19
C LEU C 182 31.09 57.21 28.11
N GLY C 183 32.32 57.23 27.62
CA GLY C 183 33.48 57.75 28.36
C GLY C 183 34.44 56.73 28.93
N TYR C 184 34.46 55.52 28.34
CA TYR C 184 35.44 54.51 28.74
C TYR C 184 36.08 53.87 27.51
N GLY C 185 37.25 53.28 27.72
CA GLY C 185 37.83 52.32 26.79
C GLY C 185 38.04 50.98 27.45
N MET C 186 38.02 49.91 26.67
CA MET C 186 38.23 48.55 27.22
C MET C 186 39.10 47.67 26.29
N LEU C 187 40.13 47.06 26.86
CA LEU C 187 40.93 46.04 26.19
C LEU C 187 40.48 44.67 26.65
N TRP C 188 40.13 43.81 25.70
CA TRP C 188 39.95 42.38 25.96
C TRP C 188 41.33 41.75 25.93
N ASN C 189 41.91 41.50 27.11
CA ASN C 189 43.31 41.12 27.22
C ASN C 189 43.44 39.61 27.19
N ASN C 190 43.14 39.06 26.02
CA ASN C 190 42.96 37.64 25.87
C ASN C 190 43.05 37.31 24.38
N PRO C 191 44.07 36.54 23.99
CA PRO C 191 44.35 36.25 22.58
C PRO C 191 43.58 35.05 22.00
N ALA C 192 42.55 34.58 22.68
CA ALA C 192 41.84 33.40 22.26
C ALA C 192 41.00 33.68 21.03
N ILE C 193 40.83 32.66 20.20
CA ILE C 193 39.90 32.74 19.10
C ILE C 193 38.53 32.96 19.72
N GLY C 194 37.74 33.86 19.14
CA GLY C 194 36.40 34.06 19.62
C GLY C 194 35.63 35.10 18.84
N GLU C 195 34.86 35.90 19.56
CA GLU C 195 33.96 36.86 18.97
C GLU C 195 33.62 37.98 19.95
N VAL C 196 33.36 39.17 19.42
CA VAL C 196 32.76 40.25 20.21
C VAL C 196 31.47 40.68 19.49
N SER C 197 30.34 40.52 20.15
N SER C 197 30.36 40.57 20.20
CA SER C 197 29.06 40.94 19.61
CA SER C 197 29.04 40.91 19.72
C SER C 197 28.57 42.15 20.39
C SER C 197 28.59 42.18 20.43
N PHE C 198 28.51 43.30 19.71
CA PHE C 198 27.89 44.52 20.25
C PHE C 198 26.43 44.59 19.82
N ALA C 199 25.67 43.57 20.16
CA ALA C 199 24.29 43.49 19.71
C ALA C 199 23.45 44.51 20.48
N ASN C 200 22.35 44.98 19.86
CA ASN C 200 21.48 45.96 20.53
C ASN C 200 20.96 45.47 21.89
N ASN C 201 20.78 44.15 22.02
CA ASN C 201 20.17 43.54 23.22
C ASN C 201 21.13 43.16 24.34
N VAL C 202 22.41 43.03 24.02
CA VAL C 202 23.44 42.62 24.99
C VAL C 202 24.82 42.61 24.30
N THR C 203 25.85 42.97 25.05
CA THR C 203 27.24 42.92 24.61
C THR C 203 27.87 41.61 25.12
N THR C 204 28.46 40.82 24.23
CA THR C 204 29.12 39.56 24.61
C THR C 204 30.49 39.42 23.97
N TRP C 205 31.49 39.25 24.82
CA TRP C 205 32.84 38.87 24.42
C TRP C 205 32.99 37.38 24.68
N MET C 206 33.51 36.66 23.70
CA MET C 206 33.63 35.20 23.80
C MET C 206 35.06 34.75 23.48
N ALA C 207 35.58 33.83 24.30
CA ALA C 207 36.85 33.12 24.06
C ALA C 207 36.55 31.64 24.00
N ARG C 208 36.94 30.98 22.91
CA ARG C 208 36.66 29.54 22.71
C ARG C 208 37.35 28.64 23.74
N VAL C 209 38.59 28.97 24.07
CA VAL C 209 39.38 28.21 25.03
C VAL C 209 40.22 29.22 25.79
N THR C 210 40.12 29.21 27.11
CA THR C 210 40.92 30.12 27.93
C THR C 210 40.99 29.60 29.36
N GLU C 211 42.01 30.05 30.07
CA GLU C 211 42.14 29.77 31.49
C GLU C 211 41.40 30.76 32.40
N GLN C 212 41.21 31.99 31.96
CA GLN C 212 40.64 33.04 32.81
C GLN C 212 40.15 34.25 32.03
N LEU C 213 39.19 34.95 32.62
CA LEU C 213 38.77 36.27 32.17
C LEU C 213 39.85 37.29 32.51
N ASP C 214 40.11 38.19 31.57
CA ASP C 214 41.12 39.24 31.76
C ASP C 214 40.79 40.42 30.84
N TYR C 215 40.54 41.57 31.45
CA TYR C 215 40.34 42.80 30.68
C TYR C 215 40.79 44.03 31.43
N TRP C 216 40.97 45.10 30.66
CA TRP C 216 41.52 46.35 31.15
C TRP C 216 40.55 47.42 30.72
N ILE C 217 40.20 48.30 31.66
CA ILE C 217 39.17 49.32 31.43
C ILE C 217 39.68 50.64 31.96
N THR C 218 39.41 51.70 31.21
CA THR C 218 39.96 53.02 31.50
C THR C 218 38.88 54.08 31.24
N ALA C 219 38.92 55.18 32.00
CA ALA C 219 37.93 56.24 31.88
C ALA C 219 38.59 57.61 31.77
N ALA C 220 37.96 58.47 30.99
CA ALA C 220 38.41 59.86 30.81
C ALA C 220 37.34 60.65 30.08
N ASP C 221 37.44 61.98 30.18
CA ASP C 221 36.44 62.89 29.61
C ASP C 221 36.59 63.09 28.10
N THR C 222 37.74 62.74 27.52
CA THR C 222 37.96 62.92 26.08
C THR C 222 38.59 61.68 25.44
N PRO C 223 38.31 61.45 24.13
CA PRO C 223 38.96 60.36 23.39
C PRO C 223 40.47 60.41 23.47
N ALA C 224 41.05 61.61 23.37
CA ALA C 224 42.51 61.75 23.43
C ALA C 224 43.12 61.20 24.70
N GLU C 225 42.45 61.41 25.84
CA GLU C 225 42.94 60.87 27.11
C GLU C 225 42.80 59.34 27.17
N ILE C 226 41.74 58.81 26.58
CA ILE C 226 41.56 57.35 26.51
C ILE C 226 42.69 56.73 25.71
N SER C 227 42.99 57.30 24.54
CA SER C 227 44.09 56.83 23.69
C SER C 227 45.44 56.88 24.41
N GLN C 228 45.66 57.96 25.16
CA GLN C 228 46.89 58.09 25.94
C GLN C 228 47.00 57.02 27.03
N GLN C 229 45.90 56.76 27.72
CA GLN C 229 45.92 55.78 28.81
C GLN C 229 46.14 54.38 28.24
N TYR C 230 45.54 54.11 27.07
CA TYR C 230 45.73 52.82 26.41
C TYR C 230 47.17 52.60 25.97
N ALA C 231 47.80 53.64 25.39
CA ALA C 231 49.20 53.55 24.95
C ALA C 231 50.12 53.38 26.14
N ALA C 232 49.80 54.02 27.26
CA ALA C 232 50.56 53.80 28.50
C ALA C 232 50.44 52.33 28.95
N ALA C 233 49.28 51.70 28.76
CA ALA C 233 49.04 50.32 29.20
C ALA C 233 49.68 49.23 28.32
N THR C 234 49.66 49.45 27.00
CA THR C 234 50.15 48.47 26.03
C THR C 234 51.41 48.86 25.27
N GLY C 235 51.88 50.11 25.41
CA GLY C 235 53.12 50.57 24.79
C GLY C 235 52.88 51.61 23.70
N ALA C 236 53.79 52.57 23.59
CA ALA C 236 53.70 53.60 22.56
C ALA C 236 54.31 53.13 21.26
N ALA C 237 53.77 53.61 20.15
CA ALA C 237 54.47 53.55 18.88
C ALA C 237 55.85 54.18 19.07
N PRO C 238 56.87 53.62 18.43
CA PRO C 238 58.15 54.37 18.36
C PRO C 238 57.99 55.66 17.57
N MET C 239 59.04 56.47 17.51
CA MET C 239 59.08 57.57 16.56
C MET C 239 59.30 57.00 15.16
N LEU C 240 58.46 57.42 14.22
CA LEU C 240 58.59 57.03 12.83
C LEU C 240 59.88 57.61 12.23
N PRO C 241 60.65 56.80 11.48
CA PRO C 241 61.84 57.35 10.82
C PRO C 241 61.43 58.18 9.62
N ASP C 242 62.20 59.23 9.32
CA ASP C 242 61.87 60.19 8.26
C ASP C 242 61.55 59.52 6.92
N TYR C 243 62.36 58.54 6.51
CA TYR C 243 62.15 57.89 5.21
C TYR C 243 60.75 57.30 5.05
N ALA C 244 60.14 56.83 6.14
CA ALA C 244 58.79 56.23 6.06
C ALA C 244 57.67 57.23 5.71
N ALA C 245 57.92 58.53 5.85
CA ALA C 245 56.92 59.56 5.49
C ALA C 245 56.92 59.94 4.01
N GLY C 246 57.88 59.41 3.23
CA GLY C 246 57.95 59.64 1.80
C GLY C 246 57.14 58.63 1.03
N PHE C 247 57.36 58.58 -0.28
CA PHE C 247 56.61 57.69 -1.16
C PHE C 247 57.22 56.29 -1.16
N TRP C 248 56.36 55.28 -0.99
CA TRP C 248 56.74 53.87 -1.09
C TRP C 248 56.18 53.33 -2.40
N GLN C 249 57.07 52.85 -3.27
CA GLN C 249 56.71 52.28 -4.59
C GLN C 249 56.84 50.76 -4.56
N CYS C 250 55.79 50.05 -4.93
CA CYS C 250 55.78 48.61 -4.89
C CYS C 250 54.79 48.08 -5.93
N LYS C 251 55.02 46.85 -6.34
CA LYS C 251 54.02 46.08 -7.08
C LYS C 251 54.26 44.61 -6.83
N LEU C 252 53.28 43.81 -7.21
CA LEU C 252 53.46 42.37 -7.33
C LEU C 252 53.76 42.10 -8.81
N ARG C 253 55.00 41.82 -9.20
CA ARG C 253 56.20 41.91 -8.38
C ARG C 253 57.34 42.28 -9.30
N TYR C 254 58.32 43.01 -8.79
CA TYR C 254 59.58 43.22 -9.54
C TYR C 254 60.34 41.90 -9.45
N ARG C 255 60.45 41.22 -10.59
CA ARG C 255 60.93 39.82 -10.66
C ARG C 255 62.46 39.69 -10.64
N THR C 256 63.15 40.74 -11.05
CA THR C 256 64.61 40.72 -11.10
C THR C 256 65.18 42.02 -10.56
N GLN C 257 66.44 41.95 -10.14
CA GLN C 257 67.23 43.11 -9.74
C GLN C 257 67.19 44.23 -10.79
N ASP C 258 67.37 43.85 -12.06
N ASP C 258 67.38 43.87 -12.07
CA ASP C 258 67.33 44.80 -13.17
CA ASP C 258 67.34 44.86 -13.15
C ASP C 258 65.97 45.49 -13.30
C ASP C 258 65.96 45.50 -13.30
N GLU C 259 64.90 44.71 -13.19
CA GLU C 259 63.54 45.26 -13.28
C GLU C 259 63.28 46.28 -12.17
N LEU C 260 63.60 45.93 -10.94
CA LEU C 260 63.41 46.84 -9.82
C LEU C 260 64.23 48.12 -10.03
N MET C 261 65.51 47.93 -10.36
CA MET C 261 66.43 49.07 -10.51
C MET C 261 66.02 50.00 -11.63
N GLU C 262 65.43 49.48 -12.70
CA GLU C 262 64.92 50.33 -13.79
C GLU C 262 63.77 51.23 -13.35
N VAL C 263 62.89 50.69 -12.50
CA VAL C 263 61.82 51.51 -11.94
C VAL C 263 62.44 52.61 -11.07
N ALA C 264 63.39 52.27 -10.20
CA ALA C 264 64.01 53.26 -9.34
C ALA C 264 64.71 54.35 -10.16
N ARG C 265 65.46 53.92 -11.16
CA ARG C 265 66.15 54.85 -12.06
C ARG C 265 65.21 55.78 -12.82
N GLU C 266 64.05 55.28 -13.22
CA GLU C 266 63.06 56.11 -13.89
C GLU C 266 62.49 57.20 -12.96
N TYR C 267 62.20 56.86 -11.70
CA TYR C 267 61.77 57.87 -10.72
C TYR C 267 62.82 58.97 -10.62
N LYS C 268 64.08 58.59 -10.44
CA LYS C 268 65.17 59.56 -10.28
C LYS C 268 65.42 60.36 -11.56
N ARG C 269 65.34 59.71 -12.73
CA ARG C 269 65.50 60.37 -14.03
C ARG C 269 64.47 61.48 -14.21
N ARG C 270 63.25 61.27 -13.71
CA ARG C 270 62.18 62.27 -13.85
C ARG C 270 62.01 63.22 -12.67
N SER C 271 62.97 63.22 -11.73
CA SER C 271 62.90 64.05 -10.50
C SER C 271 61.56 63.88 -9.77
N LEU C 272 61.18 62.63 -9.56
CA LEU C 272 59.95 62.28 -8.88
C LEU C 272 60.33 61.79 -7.49
N PRO C 273 59.50 62.12 -6.47
CA PRO C 273 59.84 61.66 -5.12
C PRO C 273 59.71 60.15 -4.99
N ILE C 274 60.65 59.54 -4.29
CA ILE C 274 60.60 58.11 -3.99
C ILE C 274 61.53 57.87 -2.81
N SER C 275 60.97 57.32 -1.73
CA SER C 275 61.72 57.09 -0.51
C SER C 275 62.03 55.61 -0.30
N VAL C 276 61.07 54.75 -0.62
CA VAL C 276 61.19 53.33 -0.42
C VAL C 276 60.75 52.63 -1.71
N ILE C 277 61.52 51.63 -2.13
CA ILE C 277 61.12 50.72 -3.22
C ILE C 277 61.16 49.29 -2.69
N VAL C 278 60.36 48.40 -3.28
CA VAL C 278 60.08 47.13 -2.63
C VAL C 278 60.23 45.94 -3.56
N ALA C 279 60.94 44.91 -3.06
CA ALA C 279 61.00 43.59 -3.70
C ALA C 279 59.98 42.66 -3.03
N ASP C 280 58.93 42.34 -3.77
CA ASP C 280 57.84 41.49 -3.30
C ASP C 280 58.28 40.01 -3.23
N PHE C 281 57.32 39.17 -2.86
CA PHE C 281 57.53 37.76 -2.60
C PHE C 281 58.12 36.94 -3.75
N PHE C 282 58.69 35.80 -3.40
CA PHE C 282 59.23 34.80 -4.33
C PHE C 282 60.40 35.31 -5.16
N HIS C 283 61.19 36.17 -4.53
CA HIS C 283 62.50 36.60 -5.02
C HIS C 283 63.59 35.68 -4.48
N TRP C 284 63.18 34.63 -3.76
CA TRP C 284 64.05 33.73 -3.02
C TRP C 284 64.08 32.37 -3.74
N PRO C 285 65.10 31.53 -3.43
CA PRO C 285 65.11 30.20 -4.11
C PRO C 285 63.96 29.28 -3.68
N ASN C 286 63.67 29.27 -2.38
CA ASN C 286 62.55 28.52 -1.84
C ASN C 286 62.08 29.19 -0.55
N GLN C 287 60.83 28.93 -0.20
CA GLN C 287 60.24 29.43 1.04
C GLN C 287 60.98 28.86 2.24
N GLY C 288 61.45 29.74 3.10
CA GLY C 288 62.24 29.35 4.26
C GLY C 288 63.74 29.50 4.10
N ASP C 289 64.21 29.95 2.93
CA ASP C 289 65.63 30.29 2.74
C ASP C 289 65.95 31.71 3.23
N TRP C 290 64.99 32.63 3.11
CA TRP C 290 65.14 34.04 3.50
C TRP C 290 66.39 34.68 2.92
N CYS C 291 66.51 34.59 1.59
CA CYS C 291 67.60 35.22 0.85
C CYS C 291 67.19 35.45 -0.59
N PHE C 292 67.94 36.30 -1.27
CA PHE C 292 67.75 36.53 -2.70
C PHE C 292 68.19 35.30 -3.50
N ASP C 293 67.42 34.97 -4.53
CA ASP C 293 67.82 34.00 -5.53
C ASP C 293 68.74 34.72 -6.53
N THR C 294 70.03 34.38 -6.48
CA THR C 294 71.03 35.07 -7.30
C THR C 294 70.89 34.86 -8.81
N ARG C 295 70.08 33.91 -9.25
CA ARG C 295 69.73 33.81 -10.66
C ARG C 295 68.98 35.04 -11.17
N GLU C 296 68.08 35.59 -10.35
CA GLU C 296 67.31 36.79 -10.69
C GLU C 296 67.82 38.06 -10.00
N TRP C 297 68.62 37.91 -8.94
CA TRP C 297 69.13 39.01 -8.17
C TRP C 297 70.63 38.76 -8.01
N PRO C 298 71.41 38.99 -9.09
CA PRO C 298 72.81 38.52 -9.05
C PRO C 298 73.74 39.25 -8.10
N ASP C 299 73.42 40.48 -7.70
CA ASP C 299 74.30 41.24 -6.82
C ASP C 299 73.49 42.16 -5.91
N PRO C 300 72.84 41.58 -4.88
CA PRO C 300 71.97 42.38 -4.00
C PRO C 300 72.66 43.59 -3.36
N LYS C 301 73.92 43.41 -2.96
CA LYS C 301 74.69 44.50 -2.38
C LYS C 301 74.87 45.68 -3.36
N ALA C 302 75.12 45.39 -4.64
CA ALA C 302 75.21 46.44 -5.66
C ALA C 302 73.87 47.18 -5.84
N MET C 303 72.77 46.42 -5.84
CA MET C 303 71.43 47.04 -5.87
C MET C 303 71.22 47.99 -4.67
N ILE C 304 71.50 47.49 -3.46
CA ILE C 304 71.32 48.27 -2.23
C ILE C 304 72.19 49.54 -2.24
N ASP C 305 73.44 49.39 -2.65
CA ASP C 305 74.39 50.50 -2.78
C ASP C 305 73.96 51.55 -3.79
N GLU C 306 73.48 51.14 -4.96
CA GLU C 306 72.99 52.13 -5.92
C GLU C 306 71.73 52.84 -5.39
N LEU C 307 70.83 52.10 -4.74
CA LEU C 307 69.64 52.72 -4.12
C LEU C 307 70.04 53.73 -3.02
N LYS C 308 71.04 53.36 -2.21
CA LYS C 308 71.60 54.26 -1.20
C LYS C 308 72.11 55.58 -1.82
N GLU C 309 72.82 55.47 -2.96
CA GLU C 309 73.27 56.67 -3.71
C GLU C 309 72.11 57.54 -4.13
N MET C 310 71.03 56.90 -4.54
CA MET C 310 69.82 57.58 -5.02
C MET C 310 68.94 58.15 -3.91
N GLY C 311 69.26 57.88 -2.65
CA GLY C 311 68.45 58.32 -1.52
C GLY C 311 67.22 57.45 -1.29
N ILE C 312 67.31 56.16 -1.61
CA ILE C 312 66.18 55.24 -1.56
C ILE C 312 66.49 54.02 -0.67
N GLU C 313 65.52 53.64 0.18
CA GLU C 313 65.61 52.43 1.00
C GLU C 313 64.92 51.26 0.28
N LEU C 314 65.54 50.08 0.35
CA LEU C 314 64.93 48.85 -0.14
C LEU C 314 64.23 48.11 1.01
N MET C 315 62.98 47.71 0.78
CA MET C 315 62.29 46.79 1.66
C MET C 315 62.14 45.46 0.93
N VAL C 316 62.29 44.35 1.66
CA VAL C 316 62.11 43.02 1.08
C VAL C 316 60.97 42.24 1.77
N SER C 317 60.25 41.49 0.96
CA SER C 317 59.27 40.52 1.42
C SER C 317 59.89 39.43 2.29
N ILE C 318 59.34 39.27 3.50
CA ILE C 318 59.55 38.08 4.32
C ILE C 318 58.21 37.31 4.34
N TRP C 319 58.28 36.02 4.00
CA TRP C 319 57.17 35.09 4.26
C TRP C 319 57.56 34.22 5.44
N PRO C 320 56.59 33.90 6.34
CA PRO C 320 56.84 33.11 7.54
C PRO C 320 56.78 31.59 7.28
N THR C 321 56.63 31.22 6.01
CA THR C 321 56.56 29.85 5.57
C THR C 321 57.94 29.21 5.47
N VAL C 322 57.99 27.90 5.71
CA VAL C 322 59.20 27.10 5.57
C VAL C 322 58.86 25.85 4.75
N ASP C 323 59.37 25.80 3.52
CA ASP C 323 59.10 24.67 2.62
C ASP C 323 59.84 23.45 3.16
N ASN C 324 59.14 22.32 3.19
CA ASN C 324 59.69 21.13 3.84
C ASN C 324 60.90 20.49 3.12
N ARG C 325 61.27 21.00 1.95
CA ARG C 325 62.50 20.59 1.26
C ARG C 325 63.73 21.41 1.59
N THR C 326 63.59 22.47 2.39
CA THR C 326 64.70 23.37 2.66
C THR C 326 65.55 22.88 3.81
N GLU C 327 66.75 23.43 3.92
CA GLU C 327 67.64 23.16 5.04
C GLU C 327 67.10 23.76 6.34
N ASN C 328 66.59 24.98 6.27
CA ASN C 328 65.97 25.59 7.44
C ASN C 328 64.79 24.78 7.99
N TYR C 329 64.03 24.10 7.13
CA TYR C 329 62.96 23.22 7.63
C TYR C 329 63.53 22.11 8.51
N LYS C 330 64.59 21.46 8.04
CA LYS C 330 65.24 20.38 8.78
C LYS C 330 65.67 20.85 10.16
N ILE C 331 66.36 21.99 10.21
CA ILE C 331 66.91 22.52 11.46
C ILE C 331 65.77 23.02 12.38
N MET C 332 64.83 23.77 11.82
CA MET C 332 63.71 24.30 12.59
C MET C 332 62.81 23.19 13.13
N LYS C 333 62.57 22.16 12.32
CA LYS C 333 61.85 20.98 12.80
C LYS C 333 62.62 20.30 13.96
N GLU C 334 63.94 20.13 13.82
CA GLU C 334 64.78 19.59 14.91
C GLU C 334 64.60 20.34 16.21
N LYS C 335 64.54 21.67 16.11
CA LYS C 335 64.49 22.54 17.29
C LYS C 335 63.09 22.82 17.81
N GLY C 336 62.04 22.36 17.12
CA GLY C 336 60.66 22.61 17.54
C GLY C 336 60.20 24.04 17.32
N TYR C 337 60.71 24.66 16.26
CA TYR C 337 60.43 26.08 15.97
C TYR C 337 59.27 26.28 15.00
N LEU C 338 58.58 25.20 14.62
CA LEU C 338 57.52 25.29 13.66
C LEU C 338 56.16 25.08 14.30
N VAL C 339 55.15 25.74 13.72
CA VAL C 339 53.74 25.52 14.06
C VAL C 339 53.40 24.05 13.79
N LYS C 340 52.48 23.47 14.57
CA LYS C 340 52.08 22.07 14.41
C LYS C 340 50.63 21.91 14.04
N ALA C 341 50.35 20.96 13.14
CA ALA C 341 48.98 20.55 12.85
C ALA C 341 48.55 19.50 13.89
N GLU C 342 47.35 19.64 14.43
CA GLU C 342 46.84 18.72 15.46
C GLU C 342 46.51 17.37 14.84
N ARG C 343 45.94 17.42 13.63
CA ARG C 343 45.56 16.25 12.86
C ARG C 343 45.87 16.48 11.39
N GLY C 344 45.98 15.37 10.66
CA GLY C 344 46.19 15.45 9.22
C GLY C 344 47.64 15.72 8.86
N VAL C 345 47.88 15.88 7.56
CA VAL C 345 49.24 16.11 7.06
C VAL C 345 49.88 17.33 7.74
N PRO C 346 51.19 17.26 8.08
CA PRO C 346 51.84 18.34 8.82
C PRO C 346 52.28 19.50 7.90
N VAL C 347 51.28 20.14 7.31
CA VAL C 347 51.42 21.18 6.29
C VAL C 347 50.39 22.25 6.65
N THR C 348 50.83 23.49 6.85
CA THR C 348 49.91 24.59 7.17
C THR C 348 49.51 25.44 5.96
N MET C 349 50.29 25.36 4.88
CA MET C 349 49.98 26.13 3.66
C MET C 349 50.54 25.42 2.43
N THR C 350 49.77 25.45 1.35
CA THR C 350 50.13 24.75 0.11
C THR C 350 50.39 25.71 -1.06
N PHE C 351 50.64 26.99 -0.78
CA PHE C 351 50.89 27.98 -1.83
C PHE C 351 52.33 27.83 -2.35
N LEU C 352 52.44 27.41 -3.62
CA LEU C 352 53.73 27.18 -4.32
C LEU C 352 54.69 26.21 -3.61
N GLY C 353 54.12 25.27 -2.88
CA GLY C 353 54.91 24.30 -2.10
C GLY C 353 54.23 23.97 -0.80
N ASN C 354 54.66 22.88 -0.17
CA ASN C 354 54.12 22.47 1.13
C ASN C 354 54.99 23.13 2.18
N THR C 355 54.40 24.06 2.91
CA THR C 355 55.13 24.80 3.94
C THR C 355 54.48 24.68 5.30
N THR C 356 55.28 24.95 6.32
CA THR C 356 54.83 25.06 7.70
C THR C 356 55.29 26.42 8.20
N PHE C 357 54.41 27.13 8.88
CA PHE C 357 54.76 28.47 9.40
C PHE C 357 55.74 28.35 10.56
N PHE C 358 56.68 29.28 10.66
CA PHE C 358 57.49 29.37 11.87
C PHE C 358 56.59 29.81 13.02
N ASP C 359 56.94 29.40 14.24
CA ASP C 359 56.11 29.69 15.39
C ASP C 359 56.55 31.00 16.02
N ALA C 360 55.82 32.06 15.73
CA ALA C 360 56.13 33.40 16.26
C ALA C 360 55.88 33.56 17.76
N THR C 361 55.22 32.59 18.41
CA THR C 361 55.05 32.59 19.88
C THR C 361 56.21 31.90 20.59
N HIS C 362 57.12 31.29 19.83
CA HIS C 362 58.29 30.60 20.37
C HIS C 362 59.48 31.55 20.33
N PRO C 363 60.03 31.95 21.50
CA PRO C 363 61.13 32.93 21.48
C PRO C 363 62.38 32.47 20.74
N GLY C 364 62.66 31.17 20.77
CA GLY C 364 63.71 30.57 19.97
C GLY C 364 63.47 30.67 18.48
N ALA C 365 62.24 30.44 18.04
CA ALA C 365 61.92 30.52 16.62
C ALA C 365 61.99 31.97 16.09
N ARG C 366 61.51 32.94 16.88
CA ARG C 366 61.68 34.36 16.56
C ARG C 366 63.13 34.72 16.31
N LYS C 367 64.00 34.34 17.25
CA LYS C 367 65.42 34.60 17.14
C LYS C 367 66.05 33.92 15.92
N TYR C 368 65.67 32.67 15.68
CA TYR C 368 66.18 31.91 14.54
C TYR C 368 65.86 32.61 13.20
N VAL C 369 64.60 33.01 13.03
CA VAL C 369 64.17 33.63 11.78
C VAL C 369 64.82 34.99 11.58
N TRP C 370 64.83 35.80 12.64
CA TRP C 370 65.52 37.08 12.59
C TRP C 370 66.97 36.91 12.14
N GLU C 371 67.67 35.96 12.75
CA GLU C 371 69.09 35.76 12.43
C GLU C 371 69.34 35.34 10.98
N GLN C 372 68.40 34.59 10.39
CA GLN C 372 68.45 34.32 8.95
C GLN C 372 68.28 35.61 8.14
N ALA C 373 67.29 36.42 8.49
CA ALA C 373 67.07 37.71 7.81
C ALA C 373 68.24 38.66 8.03
N LYS C 374 68.84 38.61 9.20
CA LYS C 374 69.97 39.46 9.49
C LYS C 374 71.16 39.12 8.60
N LYS C 375 71.45 37.82 8.50
CA LYS C 375 72.56 37.31 7.73
C LYS C 375 72.43 37.63 6.23
N ASN C 376 71.21 37.48 5.68
CA ASN C 376 71.00 37.53 4.25
C ASN C 376 70.46 38.87 3.72
N TYR C 377 69.99 39.73 4.62
CA TYR C 377 69.39 41.00 4.23
C TYR C 377 69.89 42.19 5.08
N HIS C 378 69.73 42.12 6.39
CA HIS C 378 70.06 43.28 7.24
C HIS C 378 71.55 43.62 7.20
N ASP C 379 72.41 42.60 7.17
CA ASP C 379 73.86 42.82 7.06
C ASP C 379 74.26 43.49 5.74
N LEU C 380 73.44 43.36 4.69
CA LEU C 380 73.67 44.03 3.41
C LEU C 380 73.17 45.49 3.35
N GLY C 381 72.41 45.94 4.35
CA GLY C 381 71.85 47.31 4.37
C GLY C 381 70.37 47.42 4.08
N ILE C 382 69.62 46.31 4.14
CA ILE C 382 68.16 46.37 4.14
C ILE C 382 67.73 46.60 5.59
N LYS C 383 67.00 47.68 5.85
CA LYS C 383 66.56 47.96 7.22
C LYS C 383 65.05 48.16 7.36
N ILE C 384 64.32 47.70 6.35
CA ILE C 384 62.87 47.64 6.38
C ILE C 384 62.46 46.26 5.88
N PHE C 385 61.61 45.57 6.65
CA PHE C 385 61.09 44.27 6.26
C PHE C 385 59.58 44.30 6.08
N TRP C 386 59.14 43.56 5.06
CA TRP C 386 57.75 43.40 4.74
C TRP C 386 57.31 42.05 5.29
N LEU C 387 56.73 42.08 6.49
CA LEU C 387 56.33 40.88 7.23
C LEU C 387 54.92 40.48 6.80
N ASP C 388 54.89 39.78 5.67
CA ASP C 388 53.66 39.39 4.98
C ASP C 388 53.14 38.10 5.61
N GLU C 389 51.90 37.76 5.31
CA GLU C 389 51.27 36.52 5.77
C GLU C 389 51.27 36.45 7.30
N ALA C 390 51.08 37.58 7.95
CA ALA C 390 51.34 37.70 9.39
C ALA C 390 50.25 37.13 10.32
N GLU C 391 49.19 36.55 9.77
CA GLU C 391 48.05 36.08 10.55
C GLU C 391 48.28 34.84 11.44
N PRO C 392 48.82 33.72 10.95
CA PRO C 392 49.31 33.50 9.59
C PRO C 392 48.23 32.98 8.66
N GLU C 393 48.46 33.10 7.36
CA GLU C 393 47.45 32.74 6.37
C GLU C 393 47.44 31.23 6.07
N TYR C 394 46.85 30.47 6.99
CA TYR C 394 46.57 29.05 6.79
C TYR C 394 45.82 28.91 5.47
N SER C 395 46.13 27.89 4.71
CA SER C 395 45.32 27.57 3.52
C SER C 395 43.86 27.34 3.87
N VAL C 396 43.63 26.75 5.04
CA VAL C 396 42.31 26.53 5.59
C VAL C 396 42.34 27.06 7.02
N TYR C 397 41.45 28.00 7.34
CA TYR C 397 41.42 28.63 8.66
C TYR C 397 40.69 27.76 9.70
N ASP C 398 41.19 26.53 9.91
CA ASP C 398 40.61 25.61 10.88
C ASP C 398 41.42 25.77 12.15
N PHE C 399 41.09 26.80 12.93
CA PHE C 399 41.89 27.20 14.10
C PHE C 399 42.05 26.08 15.14
N GLU C 400 41.05 25.22 15.25
CA GLU C 400 41.12 24.07 16.19
C GLU C 400 42.17 23.04 15.81
N ASN C 401 42.65 23.08 14.55
CA ASN C 401 43.62 22.13 14.04
C ASN C 401 45.08 22.54 14.14
N TYR C 402 45.39 23.65 14.82
CA TYR C 402 46.80 24.09 14.92
C TYR C 402 47.17 24.46 16.36
N ARG C 403 48.46 24.31 16.68
CA ARG C 403 48.98 24.51 18.03
C ARG C 403 50.31 25.21 17.97
N TYR C 404 50.47 26.18 18.86
CA TYR C 404 51.70 26.94 19.00
C TYR C 404 52.41 26.57 20.29
N HIS C 405 53.63 27.08 20.43
CA HIS C 405 54.45 26.96 21.64
C HIS C 405 53.69 27.34 22.92
N LEU C 406 52.93 28.44 22.85
CA LEU C 406 52.14 28.91 23.99
C LEU C 406 50.80 28.19 24.18
N GLY C 407 50.40 27.38 23.20
CA GLY C 407 49.27 26.50 23.34
C GLY C 407 48.47 26.39 22.06
N PRO C 408 47.31 25.73 22.13
CA PRO C 408 46.41 25.66 20.99
C PRO C 408 46.09 27.04 20.43
N VAL C 409 45.96 27.12 19.10
CA VAL C 409 45.62 28.37 18.45
C VAL C 409 44.27 28.91 18.96
N LEU C 410 43.33 28.01 19.27
CA LEU C 410 42.07 28.41 19.93
C LEU C 410 42.27 29.26 21.19
N GLU C 411 43.33 28.98 21.95
CA GLU C 411 43.61 29.67 23.20
C GLU C 411 44.50 30.91 23.05
N VAL C 412 45.46 30.87 22.12
CA VAL C 412 46.48 31.91 22.03
C VAL C 412 46.71 32.49 20.62
N GLY C 413 45.94 32.05 19.64
CA GLY C 413 46.28 32.28 18.25
C GLY C 413 46.43 33.72 17.83
N ASN C 414 45.61 34.61 18.39
CA ASN C 414 45.57 35.99 17.89
C ASN C 414 46.86 36.77 18.13
N ILE C 415 47.71 36.31 19.06
CA ILE C 415 48.97 36.99 19.35
C ILE C 415 50.08 36.77 18.31
N TYR C 416 49.90 35.81 17.40
CA TYR C 416 50.91 35.49 16.37
C TYR C 416 51.51 36.72 15.64
N PRO C 417 50.67 37.60 15.05
CA PRO C 417 51.24 38.77 14.34
C PRO C 417 52.08 39.69 15.21
N ARG C 418 51.75 39.76 16.50
CA ARG C 418 52.52 40.54 17.44
C ARG C 418 53.91 39.92 17.66
N GLY C 419 53.94 38.60 17.82
CA GLY C 419 55.21 37.87 17.93
C GLY C 419 56.08 38.00 16.68
N TYR C 420 55.44 38.03 15.52
CA TYR C 420 56.12 38.16 14.25
C TYR C 420 56.78 39.54 14.13
N ALA C 421 56.02 40.60 14.41
CA ALA C 421 56.60 41.96 14.49
C ALA C 421 57.72 42.02 15.55
N GLN C 422 57.47 41.42 16.71
CA GLN C 422 58.46 41.38 17.81
C GLN C 422 59.79 40.75 17.39
N ALA C 423 59.73 39.67 16.61
CA ALA C 423 60.94 38.95 16.19
C ALA C 423 61.91 39.89 15.47
N PHE C 424 61.36 40.66 14.55
CA PHE C 424 62.15 41.56 13.74
C PHE C 424 62.51 42.83 14.50
N TYR C 425 61.57 43.39 15.25
CA TYR C 425 61.85 44.59 16.02
C TYR C 425 62.98 44.38 17.04
N GLU C 426 62.89 43.29 17.81
CA GLU C 426 63.88 42.98 18.83
C GLU C 426 65.26 42.71 18.23
N GLY C 427 65.28 41.95 17.16
CA GLY C 427 66.51 41.71 16.41
C GLY C 427 67.16 42.97 15.85
N MET C 428 66.34 43.81 15.23
CA MET C 428 66.81 45.06 14.63
C MET C 428 67.33 46.01 15.71
N GLU C 429 66.65 46.07 16.84
CA GLU C 429 67.10 46.90 17.96
C GLU C 429 68.42 46.41 18.56
N GLU C 430 68.53 45.09 18.70
CA GLU C 430 69.77 44.47 19.18
C GLU C 430 70.95 44.71 18.21
N ALA C 431 70.66 44.80 16.91
CA ALA C 431 71.67 45.16 15.90
C ALA C 431 72.01 46.66 15.84
N GLY C 432 71.42 47.47 16.72
CA GLY C 432 71.70 48.90 16.82
C GLY C 432 70.78 49.84 16.05
N GLN C 433 69.70 49.33 15.44
CA GLN C 433 68.79 50.18 14.65
C GLN C 433 67.83 50.93 15.59
N THR C 434 67.54 52.19 15.26
CA THR C 434 66.52 52.98 15.97
C THR C 434 65.41 53.40 15.00
N GLU C 435 64.30 53.87 15.56
CA GLU C 435 63.11 54.28 14.80
C GLU C 435 62.71 53.17 13.80
N ILE C 436 62.50 51.98 14.32
CA ILE C 436 62.27 50.80 13.48
C ILE C 436 60.83 50.78 13.02
N VAL C 437 60.63 50.53 11.72
CA VAL C 437 59.31 50.28 11.15
C VAL C 437 59.40 49.09 10.19
N ASN C 438 58.49 48.12 10.37
CA ASN C 438 58.29 47.05 9.42
C ASN C 438 56.85 47.05 8.98
N LEU C 439 56.62 46.56 7.77
CA LEU C 439 55.29 46.50 7.19
C LEU C 439 54.65 45.15 7.54
N LEU C 440 53.66 45.19 8.44
CA LEU C 440 52.97 44.00 8.96
C LEU C 440 51.60 43.83 8.31
N ARG C 441 51.22 42.61 7.93
CA ARG C 441 49.85 42.44 7.41
C ARG C 441 48.80 42.33 8.50
N CYS C 442 49.23 42.10 9.73
CA CYS C 442 48.28 41.89 10.81
C CYS C 442 48.88 42.35 12.13
N ALA C 443 48.05 42.43 13.16
CA ALA C 443 48.47 42.90 14.48
C ALA C 443 47.55 42.35 15.57
N TRP C 444 48.05 42.39 16.80
CA TRP C 444 47.23 42.21 17.99
C TRP C 444 47.49 43.42 18.88
N ALA C 445 46.78 43.50 20.00
CA ALA C 445 46.96 44.58 20.96
C ALA C 445 48.44 44.71 21.31
N GLY C 446 48.92 45.95 21.24
CA GLY C 446 50.31 46.25 21.54
C GLY C 446 51.29 46.06 20.41
N SER C 447 50.85 45.61 19.23
CA SER C 447 51.75 45.52 18.08
C SER C 447 52.47 46.86 17.78
N GLN C 448 51.83 47.98 18.09
CA GLN C 448 52.43 49.30 17.88
C GLN C 448 53.81 49.44 18.51
N ARG C 449 54.05 48.79 19.64
CA ARG C 449 55.33 48.91 20.36
C ARG C 449 56.48 48.22 19.60
N TYR C 450 56.15 47.32 18.67
CA TYR C 450 57.15 46.68 17.82
C TYR C 450 57.23 47.27 16.41
N GLY C 451 56.87 48.55 16.29
CA GLY C 451 57.08 49.27 15.07
C GLY C 451 56.26 48.74 13.92
N ALA C 452 55.05 48.28 14.22
CA ALA C 452 54.23 47.63 13.24
C ALA C 452 53.46 48.67 12.43
N LEU C 453 53.92 48.90 11.19
CA LEU C 453 53.12 49.63 10.21
C LEU C 453 52.23 48.59 9.55
N VAL C 454 50.92 48.67 9.79
CA VAL C 454 50.01 47.63 9.33
C VAL C 454 49.36 48.08 8.04
N TRP C 455 49.20 47.17 7.06
CA TRP C 455 48.38 47.47 5.89
C TRP C 455 47.25 46.46 5.79
N SER C 456 46.20 46.86 5.07
CA SER C 456 44.94 46.14 5.12
C SER C 456 44.82 44.91 4.20
N GLY C 457 45.93 44.49 3.62
CA GLY C 457 46.01 43.21 2.94
C GLY C 457 45.30 43.13 1.61
N ASP C 458 44.95 41.91 1.23
CA ASP C 458 44.67 41.61 -0.17
C ASP C 458 43.23 41.89 -0.61
N ILE C 459 42.77 43.11 -0.39
CA ILE C 459 41.41 43.52 -0.80
C ILE C 459 41.28 43.68 -2.32
N ASN C 460 40.04 43.68 -2.79
CA ASN C 460 39.76 43.94 -4.19
C ASN C 460 39.83 45.44 -4.53
N SER C 461 39.96 45.73 -5.82
CA SER C 461 40.10 47.10 -6.32
C SER C 461 38.73 47.64 -6.74
N THR C 462 37.96 48.07 -5.76
CA THR C 462 36.65 48.68 -5.98
C THR C 462 36.46 49.86 -5.04
N PHE C 463 35.51 50.71 -5.40
CA PHE C 463 35.10 51.79 -4.52
C PHE C 463 34.49 51.28 -3.21
N GLY C 464 33.79 50.15 -3.26
CA GLY C 464 33.31 49.47 -2.04
C GLY C 464 34.46 49.15 -1.09
N ALA C 465 35.55 48.64 -1.67
CA ALA C 465 36.73 48.34 -0.87
C ALA C 465 37.34 49.63 -0.28
N LEU C 466 37.40 50.70 -1.06
CA LEU C 466 38.00 51.96 -0.59
C LEU C 466 37.22 52.52 0.60
N ARG C 467 35.89 52.52 0.51
CA ARG C 467 35.04 52.93 1.63
C ARG C 467 35.35 52.11 2.89
N ASN C 468 35.45 50.79 2.73
CA ASN C 468 35.75 49.90 3.86
C ASN C 468 37.10 50.21 4.48
N GLN C 469 38.09 50.54 3.65
CA GLN C 469 39.44 50.79 4.15
C GLN C 469 39.48 52.04 5.00
N LEU C 470 38.75 53.07 4.60
CA LEU C 470 38.68 54.31 5.39
C LEU C 470 38.19 54.00 6.82
N MET C 471 37.11 53.25 6.94
CA MET C 471 36.55 52.88 8.25
C MET C 471 37.54 52.03 9.04
N ALA C 472 38.14 51.05 8.36
CA ALA C 472 39.09 50.15 9.01
C ALA C 472 40.33 50.87 9.54
N GLY C 473 40.88 51.78 8.76
CA GLY C 473 42.07 52.56 9.18
C GLY C 473 41.81 53.44 10.37
N LEU C 474 40.64 54.09 10.36
CA LEU C 474 40.22 54.91 11.50
C LEU C 474 40.05 54.07 12.76
N ASN C 475 39.41 52.92 12.63
CA ASN C 475 39.22 52.03 13.76
C ASN C 475 40.54 51.42 14.28
N MET C 476 41.48 51.17 13.36
CA MET C 476 42.82 50.75 13.79
C MET C 476 43.52 51.78 14.65
N GLY C 477 43.38 53.04 14.28
CA GLY C 477 43.98 54.13 15.07
C GLY C 477 43.40 54.22 16.47
N ILE C 478 42.09 54.06 16.58
CA ILE C 478 41.39 54.02 17.87
C ILE C 478 41.85 52.80 18.68
N ALA C 479 42.10 51.68 18.00
CA ALA C 479 42.65 50.48 18.63
C ALA C 479 44.15 50.58 18.93
N GLY C 480 44.74 51.76 18.75
CA GLY C 480 46.11 52.02 19.16
C GLY C 480 47.19 51.66 18.14
N ILE C 481 46.80 51.53 16.86
CA ILE C 481 47.73 51.27 15.76
C ILE C 481 47.80 52.53 14.89
N PRO C 482 48.70 53.49 15.24
CA PRO C 482 48.74 54.72 14.47
C PRO C 482 49.40 54.61 13.09
N TRP C 483 50.33 53.68 12.93
CA TRP C 483 51.01 53.47 11.66
C TRP C 483 50.19 52.48 10.86
N TRP C 484 49.44 52.98 9.89
CA TRP C 484 48.56 52.14 9.11
C TRP C 484 48.48 52.64 7.68
N THR C 485 48.26 51.74 6.74
CA THR C 485 48.18 52.13 5.32
C THR C 485 47.43 51.08 4.52
N THR C 486 47.25 51.33 3.22
CA THR C 486 46.64 50.37 2.28
C THR C 486 47.51 50.21 1.05
N ASP C 487 47.14 49.25 0.20
CA ASP C 487 47.59 49.24 -1.20
C ASP C 487 46.80 50.33 -1.92
N ILE C 488 47.44 51.41 -2.34
CA ILE C 488 46.75 52.41 -3.18
C ILE C 488 46.25 51.74 -4.46
N GLY C 489 44.95 51.83 -4.69
CA GLY C 489 44.27 51.16 -5.78
C GLY C 489 43.65 49.83 -5.38
N GLY C 490 43.92 49.36 -4.16
CA GLY C 490 43.55 48.02 -3.73
C GLY C 490 44.51 46.99 -4.29
N PHE C 491 44.35 45.74 -3.87
CA PHE C 491 45.29 44.69 -4.27
C PHE C 491 44.87 44.03 -5.56
N ASP C 492 43.64 43.51 -5.60
CA ASP C 492 43.25 42.52 -6.61
C ASP C 492 42.19 43.06 -7.57
N GLY C 493 42.51 43.00 -8.86
CA GLY C 493 41.54 43.18 -9.93
C GLY C 493 41.61 44.45 -10.76
N GLY C 494 42.61 45.30 -10.52
CA GLY C 494 42.73 46.55 -11.28
C GLY C 494 43.46 46.34 -12.60
N ASP C 495 42.74 46.48 -13.71
CA ASP C 495 43.36 46.46 -15.03
C ASP C 495 43.92 47.86 -15.33
N ILE C 496 45.21 47.95 -15.62
CA ILE C 496 45.86 49.26 -15.83
C ILE C 496 45.34 50.03 -17.06
N ASN C 497 44.70 49.33 -17.99
CA ASN C 497 44.15 49.93 -19.21
C ASN C 497 42.66 50.29 -19.08
N ASP C 498 42.07 50.01 -17.91
CA ASP C 498 40.63 50.19 -17.71
C ASP C 498 40.41 51.58 -17.11
N PRO C 499 39.68 52.47 -17.83
CA PRO C 499 39.43 53.81 -17.28
C PRO C 499 38.68 53.84 -15.96
N ALA C 500 37.79 52.87 -15.71
CA ALA C 500 37.08 52.79 -14.44
C ALA C 500 38.03 52.48 -13.28
N PHE C 501 38.98 51.57 -13.51
CA PHE C 501 40.02 51.33 -12.49
C PHE C 501 40.90 52.57 -12.32
N GLN C 502 41.25 53.25 -13.42
CA GLN C 502 42.09 54.45 -13.30
C GLN C 502 41.45 55.55 -12.45
N GLU C 503 40.13 55.73 -12.55
CA GLU C 503 39.44 56.69 -11.68
C GLU C 503 39.54 56.28 -10.21
N LEU C 504 39.33 55.00 -9.92
CA LEU C 504 39.49 54.50 -8.54
C LEU C 504 40.91 54.73 -8.06
N LEU C 505 41.88 54.42 -8.90
CA LEU C 505 43.28 54.60 -8.54
C LEU C 505 43.56 56.04 -8.11
N ILE C 506 43.06 57.00 -8.90
CA ILE C 506 43.26 58.41 -8.59
C ILE C 506 42.65 58.79 -7.25
N ARG C 507 41.40 58.43 -7.04
CA ARG C 507 40.73 58.75 -5.76
C ARG C 507 41.45 58.10 -4.58
N TRP C 508 41.91 56.87 -4.77
CA TRP C 508 42.59 56.14 -3.71
C TRP C 508 43.95 56.77 -3.44
N PHE C 509 44.61 57.22 -4.49
CA PHE C 509 45.91 57.87 -4.39
C PHE C 509 45.76 59.22 -3.66
N GLN C 510 44.72 59.95 -3.99
CA GLN C 510 44.46 61.25 -3.32
C GLN C 510 44.21 61.05 -1.83
N TRP C 511 43.45 60.02 -1.48
CA TRP C 511 43.30 59.63 -0.08
C TRP C 511 44.63 59.23 0.57
N GLY C 512 45.42 58.41 -0.13
CA GLY C 512 46.74 57.97 0.37
C GLY C 512 47.73 59.07 0.75
N VAL C 513 47.63 60.23 0.11
CA VAL C 513 48.47 61.41 0.47
C VAL C 513 48.21 61.78 1.94
N PHE C 514 46.97 61.59 2.38
CA PHE C 514 46.54 61.85 3.75
C PHE C 514 46.29 60.57 4.57
N CYS C 515 47.11 59.55 4.31
CA CYS C 515 47.19 58.37 5.15
C CYS C 515 48.48 58.44 5.90
N PRO C 516 48.57 57.70 7.03
CA PRO C 516 49.83 57.78 7.79
C PRO C 516 51.08 57.47 6.94
N VAL C 517 50.99 56.48 6.06
CA VAL C 517 52.04 56.18 5.06
C VAL C 517 51.39 56.18 3.67
N THR C 518 52.10 56.74 2.70
CA THR C 518 51.63 56.84 1.31
C THR C 518 52.35 55.77 0.48
N ARG C 519 51.62 54.73 0.10
CA ARG C 519 52.19 53.49 -0.42
C ARG C 519 51.42 52.98 -1.61
N LEU C 520 52.09 52.89 -2.75
CA LEU C 520 51.51 52.32 -3.97
C LEU C 520 51.89 50.85 -4.05
N HIS C 521 50.89 49.98 -4.18
CA HIS C 521 51.09 48.55 -4.35
C HIS C 521 49.85 47.98 -5.01
N GLY C 522 50.01 46.81 -5.62
CA GLY C 522 48.90 46.02 -6.09
C GLY C 522 49.33 44.89 -6.99
N PHE C 523 48.35 44.07 -7.37
CA PHE C 523 48.52 42.98 -8.30
C PHE C 523 47.65 43.35 -9.49
N ARG C 524 48.25 44.08 -10.42
CA ARG C 524 47.54 44.67 -11.53
C ARG C 524 47.40 43.69 -12.67
N GLN C 525 46.28 43.83 -13.38
CA GLN C 525 46.00 43.08 -14.59
C GLN C 525 46.42 43.95 -15.79
N PRO C 526 46.77 43.35 -16.93
CA PRO C 526 46.81 41.89 -17.15
C PRO C 526 48.05 41.22 -16.55
N MET C 527 47.84 40.11 -15.83
CA MET C 527 48.94 39.39 -15.20
C MET C 527 49.70 38.52 -16.21
N GLU C 528 50.93 38.14 -15.85
CA GLU C 528 51.80 37.29 -16.68
C GLU C 528 52.29 36.07 -15.92
N GLU C 529 52.07 34.88 -16.47
CA GLU C 529 52.58 33.61 -15.91
C GLU C 529 54.11 33.57 -15.99
N PRO C 530 54.78 32.80 -15.11
CA PRO C 530 56.24 32.69 -15.24
C PRO C 530 56.59 31.94 -16.53
N ALA C 531 57.76 32.23 -17.10
CA ALA C 531 58.22 31.55 -18.31
C ALA C 531 58.16 30.03 -18.11
N GLU C 532 58.72 29.58 -16.99
CA GLU C 532 58.69 28.18 -16.57
C GLU C 532 57.77 28.03 -15.34
N THR C 533 56.82 27.11 -15.40
CA THR C 533 55.96 26.81 -14.26
C THR C 533 56.75 26.30 -13.04
N TYR C 534 57.76 25.47 -13.30
CA TYR C 534 58.63 24.93 -12.26
C TYR C 534 60.08 25.08 -12.68
N ARG C 535 60.96 25.19 -11.68
CA ARG C 535 62.38 25.15 -11.88
C ARG C 535 62.95 24.34 -10.72
N ASP C 536 63.65 23.24 -11.03
CA ASP C 536 64.12 22.28 -10.03
C ASP C 536 62.96 21.78 -9.12
N GLY C 537 61.79 21.55 -9.72
CA GLY C 537 60.59 21.15 -8.99
C GLY C 537 59.94 22.18 -8.06
N ILE C 538 60.48 23.40 -8.03
CA ILE C 538 59.93 24.49 -7.23
C ILE C 538 59.03 25.34 -8.12
N ALA C 539 57.77 25.47 -7.70
CA ALA C 539 56.79 26.25 -8.45
C ALA C 539 57.19 27.73 -8.47
N GLN C 540 57.06 28.34 -9.66
CA GLN C 540 57.50 29.71 -9.87
C GLN C 540 56.32 30.67 -9.76
N CYS C 541 56.61 31.89 -9.31
CA CYS C 541 55.59 32.89 -9.03
C CYS C 541 55.41 33.85 -10.20
N MET C 542 54.16 34.00 -10.62
CA MET C 542 53.74 35.02 -11.58
C MET C 542 54.01 36.48 -11.15
N THR C 543 53.71 37.40 -12.05
CA THR C 543 53.70 38.85 -11.78
C THR C 543 52.43 39.45 -12.31
N GLY C 544 52.07 40.62 -11.76
CA GLY C 544 51.08 41.49 -12.38
C GLY C 544 51.72 42.42 -13.38
N ALA C 545 50.89 43.29 -13.96
CA ALA C 545 51.30 44.36 -14.86
C ALA C 545 52.03 45.48 -14.11
N ALA C 546 52.49 46.47 -14.86
CA ALA C 546 53.17 47.63 -14.28
C ALA C 546 52.29 48.39 -13.28
N ASN C 547 52.93 49.04 -12.32
CA ASN C 547 52.18 49.80 -11.30
C ASN C 547 52.98 51.02 -10.85
N GLU C 548 53.45 51.79 -11.82
CA GLU C 548 54.25 52.99 -11.54
C GLU C 548 53.41 54.20 -11.89
N ILE C 549 53.78 55.39 -11.43
CA ILE C 549 52.88 56.55 -11.63
C ILE C 549 52.79 57.01 -13.09
N TRP C 550 53.72 56.54 -13.92
CA TRP C 550 53.67 56.80 -15.38
C TRP C 550 52.97 55.70 -16.18
N SER C 551 52.43 54.68 -15.52
CA SER C 551 51.90 53.49 -16.19
C SER C 551 50.47 53.63 -16.68
N TYR C 552 49.80 54.74 -16.34
CA TYR C 552 48.35 54.90 -16.51
C TYR C 552 47.94 56.09 -17.40
N GLY C 553 48.84 56.56 -18.25
CA GLY C 553 48.55 57.67 -19.16
C GLY C 553 48.96 59.02 -18.60
N GLU C 554 48.91 60.02 -19.46
CA GLU C 554 49.45 61.37 -19.14
C GLU C 554 48.63 62.12 -18.09
N ASP C 555 47.31 62.09 -18.20
CA ASP C 555 46.42 62.81 -17.26
C ASP C 555 46.63 62.28 -15.84
N ASN C 556 46.66 60.95 -15.73
CA ASN C 556 46.85 60.28 -14.45
C ASN C 556 48.25 60.48 -13.92
N TYR C 557 49.24 60.49 -14.79
CA TYR C 557 50.62 60.81 -14.38
C TYR C 557 50.69 62.18 -13.73
N ALA C 558 50.06 63.17 -14.37
CA ALA C 558 50.06 64.54 -13.87
C ALA C 558 49.42 64.63 -12.48
N ILE C 559 48.31 63.95 -12.29
CA ILE C 559 47.62 63.98 -10.99
C ILE C 559 48.48 63.29 -9.93
N MET C 560 49.00 62.10 -10.23
CA MET C 560 49.80 61.36 -9.24
C MET C 560 51.11 62.09 -8.91
N LYS C 561 51.74 62.67 -9.91
CA LYS C 561 52.93 63.50 -9.68
C LYS C 561 52.64 64.66 -8.71
N SER C 562 51.53 65.36 -8.91
CA SER C 562 51.17 66.46 -8.02
C SER C 562 50.86 65.94 -6.59
N CYS C 563 50.25 64.76 -6.49
CA CYS C 563 50.03 64.09 -5.20
C CYS C 563 51.34 63.82 -4.46
N LEU C 564 52.34 63.32 -5.18
CA LEU C 564 53.64 63.05 -4.56
C LEU C 564 54.32 64.31 -4.09
N GLU C 565 54.23 65.36 -4.90
CA GLU C 565 54.78 66.67 -4.55
C GLU C 565 54.07 67.26 -3.32
N LEU C 566 52.76 67.09 -3.24
CA LEU C 566 52.01 67.51 -2.05
C LEU C 566 52.43 66.71 -0.83
N ARG C 567 52.56 65.39 -0.95
CA ARG C 567 53.03 64.58 0.16
C ARG C 567 54.39 65.05 0.68
N GLU C 568 55.31 65.42 -0.22
CA GLU C 568 56.61 65.96 0.21
C GLU C 568 56.47 67.24 1.06
N ARG C 569 55.60 68.15 0.65
CA ARG C 569 55.36 69.37 1.43
C ARG C 569 54.68 69.10 2.79
N LEU C 570 53.93 68.02 2.87
CA LEU C 570 53.29 67.56 4.11
C LEU C 570 54.23 66.91 5.13
N ARG C 571 55.45 66.56 4.72
CA ARG C 571 56.31 65.74 5.56
C ARG C 571 56.66 66.34 6.93
N PRO C 572 56.99 67.65 7.01
CA PRO C 572 57.21 68.18 8.36
C PRO C 572 55.99 68.00 9.31
N TYR C 573 54.80 68.28 8.79
CA TYR C 573 53.55 68.05 9.54
C TYR C 573 53.37 66.58 9.91
N VAL C 574 53.59 65.69 8.94
CA VAL C 574 53.51 64.25 9.20
C VAL C 574 54.43 63.87 10.34
N MET C 575 55.66 64.36 10.35
CA MET C 575 56.59 64.02 11.40
C MET C 575 56.14 64.57 12.75
N ARG C 576 55.57 65.77 12.79
CA ARG C 576 55.01 66.32 14.03
C ARG C 576 53.87 65.41 14.55
N VAL C 577 53.00 64.98 13.65
CA VAL C 577 51.87 64.12 14.03
C VAL C 577 52.34 62.72 14.48
N MET C 578 53.35 62.17 13.79
CA MET C 578 53.99 60.93 14.20
C MET C 578 54.65 61.04 15.58
N LYS C 579 55.34 62.15 15.84
CA LYS C 579 55.89 62.39 17.16
C LYS C 579 54.79 62.47 18.24
N ALA C 580 53.68 63.12 17.93
CA ALA C 580 52.56 63.14 18.88
C ALA C 580 51.98 61.73 19.12
N ALA C 581 51.96 60.89 18.08
CA ALA C 581 51.53 59.48 18.26
C ALA C 581 52.44 58.73 19.24
N HIS C 582 53.73 58.94 19.09
CA HIS C 582 54.71 58.37 19.99
C HIS C 582 54.57 58.89 21.42
N ASP C 583 54.38 60.19 21.55
CA ASP C 583 54.31 60.87 22.85
C ASP C 583 52.99 60.66 23.60
N THR C 584 51.86 60.61 22.89
CA THR C 584 50.52 60.69 23.50
C THR C 584 49.55 59.54 23.17
N GLY C 585 49.93 58.63 22.28
CA GLY C 585 49.04 57.58 21.81
C GLY C 585 47.95 58.02 20.84
N ALA C 586 47.94 59.29 20.43
CA ALA C 586 46.94 59.77 19.48
C ALA C 586 47.16 59.09 18.15
N PRO C 587 46.08 58.69 17.46
CA PRO C 587 46.26 58.22 16.10
C PRO C 587 46.66 59.35 15.15
N VAL C 588 47.10 58.96 13.97
CA VAL C 588 47.50 59.91 12.93
C VAL C 588 46.28 60.27 12.10
N MET C 589 45.59 59.27 11.56
CA MET C 589 44.27 59.50 10.94
C MET C 589 43.24 59.23 12.04
N ARG C 590 42.36 60.19 12.31
CA ARG C 590 41.45 60.15 13.47
C ARG C 590 40.02 60.45 13.05
N PRO C 591 39.03 59.76 13.66
CA PRO C 591 37.65 60.22 13.49
C PRO C 591 37.47 61.66 13.96
N LEU C 592 36.46 62.33 13.42
CA LEU C 592 36.20 63.74 13.75
C LEU C 592 36.03 63.98 15.25
N PHE C 593 35.45 63.01 15.96
CA PHE C 593 35.22 63.15 17.41
C PHE C 593 36.49 63.17 18.24
N PHE C 594 37.60 62.70 17.67
CA PHE C 594 38.89 62.76 18.38
C PHE C 594 39.32 64.21 18.64
N ASP C 595 39.14 65.05 17.64
CA ASP C 595 39.52 66.46 17.73
C ASP C 595 38.36 67.36 18.13
N PHE C 596 37.13 66.93 17.87
CA PHE C 596 35.94 67.73 18.18
C PHE C 596 34.91 66.91 18.97
N PRO C 597 35.32 66.42 20.16
CA PRO C 597 34.45 65.49 20.93
C PRO C 597 33.14 66.09 21.47
N ASP C 598 33.01 67.42 21.50
CA ASP C 598 31.80 68.09 22.00
C ASP C 598 30.80 68.47 20.93
N GLN C 599 30.99 68.01 19.70
CA GLN C 599 30.10 68.35 18.58
C GLN C 599 29.41 67.09 18.08
N ALA C 600 28.08 67.13 18.04
CA ALA C 600 27.25 65.98 17.67
C ALA C 600 27.62 65.39 16.32
N GLU C 601 27.85 66.24 15.33
CA GLU C 601 28.18 65.81 13.97
C GLU C 601 29.48 64.98 13.92
N ALA C 602 30.42 65.30 14.81
CA ALA C 602 31.70 64.60 14.88
C ALA C 602 31.54 63.11 15.26
N TRP C 603 30.48 62.76 15.99
CA TRP C 603 30.17 61.37 16.34
C TRP C 603 29.27 60.65 15.34
N GLN C 604 28.79 61.38 14.33
CA GLN C 604 27.89 60.82 13.29
C GLN C 604 28.55 60.57 11.94
N ILE C 605 29.45 61.47 11.54
CA ILE C 605 30.01 61.47 10.19
C ILE C 605 31.13 60.44 10.10
N GLU C 606 31.01 59.56 9.12
CA GLU C 606 31.98 58.47 8.90
C GLU C 606 32.77 58.55 7.59
N ASP C 607 32.48 59.55 6.76
CA ASP C 607 33.15 59.72 5.46
C ASP C 607 34.01 60.98 5.39
N GLN C 608 34.38 61.49 6.55
CA GLN C 608 35.38 62.53 6.71
C GLN C 608 36.24 62.14 7.91
N TYR C 609 37.44 62.70 7.96
CA TYR C 609 38.32 62.47 9.10
C TYR C 609 39.37 63.58 9.26
N MET C 610 40.12 63.50 10.34
CA MET C 610 41.20 64.43 10.60
C MET C 610 42.52 63.72 10.36
N PHE C 611 43.37 64.30 9.51
CA PHE C 611 44.74 63.85 9.33
C PHE C 611 45.56 64.75 10.24
N GLY C 612 45.84 64.25 11.44
CA GLY C 612 46.35 65.09 12.53
C GLY C 612 45.30 66.14 12.93
N PRO C 613 45.67 67.07 13.83
CA PRO C 613 44.71 68.06 14.33
C PRO C 613 44.34 69.21 13.37
N ASP C 614 45.10 69.39 12.28
CA ASP C 614 45.00 70.58 11.44
C ASP C 614 44.49 70.37 10.03
N ILE C 615 44.20 69.14 9.64
CA ILE C 615 43.76 68.87 8.25
C ILE C 615 42.51 68.01 8.24
N LEU C 616 41.45 68.56 7.66
CA LEU C 616 40.17 67.87 7.52
C LEU C 616 40.13 67.32 6.10
N VAL C 617 39.88 66.00 5.98
CA VAL C 617 39.90 65.30 4.70
C VAL C 617 38.53 64.70 4.46
N ALA C 618 38.04 64.85 3.24
CA ALA C 618 36.73 64.35 2.85
C ALA C 618 36.88 63.57 1.55
N PRO C 619 37.28 62.28 1.65
CA PRO C 619 37.54 61.48 0.43
C PRO C 619 36.32 61.34 -0.46
N VAL C 620 36.55 61.18 -1.76
CA VAL C 620 35.48 60.81 -2.69
C VAL C 620 35.49 59.30 -2.74
N LEU C 621 34.35 58.70 -2.42
CA LEU C 621 34.21 57.24 -2.29
C LEU C 621 33.29 56.60 -3.32
N GLU C 622 32.99 57.32 -4.41
CA GLU C 622 32.10 56.82 -5.47
C GLU C 622 32.65 57.17 -6.84
N ALA C 623 32.49 56.25 -7.79
CA ALA C 623 32.87 56.47 -9.19
C ALA C 623 31.99 57.57 -9.80
N GLY C 624 32.59 58.45 -10.60
CA GLY C 624 31.87 59.51 -11.31
C GLY C 624 31.51 60.75 -10.51
N GLN C 625 31.76 60.73 -9.20
CA GLN C 625 31.35 61.80 -8.32
C GLN C 625 32.29 63.00 -8.49
N ARG C 626 31.70 64.18 -8.69
CA ARG C 626 32.45 65.41 -8.92
C ARG C 626 32.15 66.56 -7.94
N SER C 627 31.35 66.26 -6.92
CA SER C 627 31.18 67.13 -5.76
C SER C 627 30.66 66.29 -4.60
N ARG C 628 30.81 66.81 -3.38
CA ARG C 628 30.23 66.17 -2.20
C ARG C 628 30.01 67.16 -1.06
N LYS C 629 29.18 66.72 -0.11
CA LYS C 629 28.91 67.51 1.08
C LYS C 629 30.07 67.34 2.04
N VAL C 630 30.52 68.45 2.61
CA VAL C 630 31.56 68.44 3.62
C VAL C 630 31.12 69.29 4.82
N TRP C 631 31.10 68.67 6.02
CA TRP C 631 30.88 69.39 7.27
C TRP C 631 32.19 69.96 7.78
N LEU C 632 32.16 71.25 8.08
CA LEU C 632 33.30 71.97 8.65
C LEU C 632 33.03 72.13 10.14
N PRO C 633 33.86 71.53 11.00
CA PRO C 633 33.68 71.63 12.46
C PRO C 633 33.73 73.06 13.01
N GLU C 634 32.92 73.31 14.02
CA GLU C 634 32.87 74.59 14.74
C GLU C 634 34.17 74.77 15.53
N GLY C 635 34.53 76.03 15.76
CA GLY C 635 35.64 76.37 16.68
C GLY C 635 36.87 76.94 16.02
N CYS C 636 36.90 76.91 14.68
CA CYS C 636 37.95 77.56 13.91
C CYS C 636 37.45 77.84 12.50
N ALA C 637 38.23 78.61 11.76
CA ALA C 637 37.99 78.80 10.34
C ALA C 637 38.85 77.79 9.57
N TRP C 638 38.46 77.53 8.32
CA TRP C 638 39.06 76.49 7.52
C TRP C 638 39.49 77.05 6.17
N ILE C 639 40.70 76.70 5.74
CA ILE C 639 41.24 77.14 4.45
C ILE C 639 41.16 76.00 3.46
N ASP C 640 40.51 76.25 2.32
CA ASP C 640 40.37 75.28 1.24
C ASP C 640 41.76 75.07 0.63
N LEU C 641 42.28 73.84 0.73
CA LEU C 641 43.61 73.53 0.21
C LEU C 641 43.75 73.85 -1.28
N ASN C 642 42.67 73.64 -2.02
CA ASN C 642 42.69 73.72 -3.48
C ASN C 642 42.39 75.09 -4.08
N THR C 643 41.78 75.99 -3.30
CA THR C 643 41.49 77.36 -3.75
C THR C 643 42.05 78.46 -2.84
N GLY C 644 42.43 78.13 -1.61
CA GLY C 644 42.83 79.13 -0.64
C GLY C 644 41.69 79.88 0.03
N ALA C 645 40.44 79.59 -0.33
CA ALA C 645 39.28 80.27 0.27
C ALA C 645 39.10 79.91 1.75
N ARG C 646 38.70 80.92 2.52
CA ARG C 646 38.45 80.79 3.94
C ARG C 646 36.97 80.52 4.14
N GLN C 647 36.65 79.50 4.93
CA GLN C 647 35.27 79.26 5.35
C GLN C 647 35.21 79.16 6.86
N ASN C 648 34.19 79.79 7.44
CA ASN C 648 33.93 79.67 8.88
C ASN C 648 33.53 78.23 9.18
N GLY C 649 33.90 77.76 10.35
CA GLY C 649 33.44 76.46 10.84
C GLY C 649 31.99 76.52 11.28
N GLY C 650 31.41 75.34 11.49
CA GLY C 650 30.02 75.21 11.92
C GLY C 650 29.03 75.29 10.78
N GLN C 651 29.38 74.74 9.64
CA GLN C 651 28.50 74.77 8.46
C GLN C 651 28.84 73.63 7.50
N TRP C 652 27.92 73.36 6.59
CA TRP C 652 28.09 72.37 5.53
C TRP C 652 28.45 73.08 4.23
N CYS C 653 29.40 72.51 3.48
CA CYS C 653 29.82 73.00 2.16
C CYS C 653 29.33 72.01 1.09
N ASP C 654 28.69 72.53 0.05
CA ASP C 654 28.47 71.76 -1.18
C ASP C 654 29.77 71.91 -1.97
N CYS C 655 30.71 71.02 -1.72
CA CYS C 655 32.11 71.23 -2.10
C CYS C 655 32.46 70.59 -3.43
N ASP C 656 33.25 71.32 -4.22
CA ASP C 656 33.71 70.84 -5.51
C ASP C 656 34.69 69.69 -5.29
N ALA C 657 34.58 68.66 -6.12
CA ALA C 657 35.47 67.51 -6.03
C ALA C 657 35.77 67.00 -7.43
N PRO C 658 36.47 67.82 -8.24
CA PRO C 658 36.82 67.35 -9.57
C PRO C 658 37.76 66.17 -9.48
N LEU C 659 37.96 65.44 -10.57
CA LEU C 659 38.84 64.27 -10.57
C LEU C 659 40.25 64.60 -10.07
N GLU C 660 40.67 65.86 -10.27
CA GLU C 660 42.01 66.31 -9.91
C GLU C 660 42.21 66.59 -8.41
N ALA C 661 41.14 66.66 -7.62
CA ALA C 661 41.31 66.91 -6.17
C ALA C 661 40.13 66.46 -5.33
N ILE C 662 40.44 65.93 -4.16
CA ILE C 662 39.41 65.67 -3.16
C ILE C 662 39.35 66.85 -2.22
N PRO C 663 38.17 67.09 -1.60
CA PRO C 663 38.07 68.22 -0.67
C PRO C 663 38.93 68.04 0.58
N VAL C 664 39.77 69.02 0.84
CA VAL C 664 40.66 69.04 1.99
C VAL C 664 40.70 70.47 2.53
N PHE C 665 40.57 70.61 3.84
CA PHE C 665 40.63 71.91 4.49
C PHE C 665 41.70 71.93 5.57
N ILE C 666 42.32 73.09 5.75
CA ILE C 666 43.38 73.31 6.74
C ILE C 666 42.85 74.22 7.82
N ARG C 667 43.16 73.90 9.07
CA ARG C 667 42.78 74.73 10.22
C ARG C 667 43.50 76.06 10.04
N GLU C 668 42.75 77.16 9.96
CA GLU C 668 43.36 78.45 9.75
C GLU C 668 44.43 78.72 10.80
N ALA C 669 45.58 79.22 10.34
CA ALA C 669 46.71 79.62 11.19
C ALA C 669 47.52 78.47 11.82
N ALA C 670 47.16 77.21 11.59
CA ALA C 670 48.09 76.12 11.93
C ALA C 670 49.37 76.29 11.10
N ALA C 671 50.52 75.93 11.68
CA ALA C 671 51.82 75.96 10.97
C ALA C 671 51.77 75.30 9.59
N VAL C 672 51.00 74.20 9.44
CA VAL C 672 50.89 73.50 8.16
C VAL C 672 50.28 74.38 7.05
N GLN C 673 49.44 75.35 7.39
CA GLN C 673 48.91 76.27 6.38
C GLN C 673 50.04 76.97 5.58
N ALA C 674 50.99 77.57 6.28
CA ALA C 674 52.16 78.19 5.61
C ALA C 674 53.02 77.18 4.83
N GLU C 675 53.14 75.95 5.35
CA GLU C 675 53.91 74.90 4.67
C GLU C 675 53.31 74.40 3.34
N LEU C 676 52.00 74.54 3.17
CA LEU C 676 51.31 74.07 1.96
C LEU C 676 51.04 75.13 0.86
N SER C 677 51.37 76.38 1.12
CA SER C 677 50.95 77.45 0.20
C SER C 677 51.88 77.58 -0.98
N SER D 2 -37.86 -9.72 -54.47
CA SER D 2 -39.22 -9.31 -54.01
C SER D 2 -40.25 -9.78 -55.05
N GLU D 3 -41.38 -10.31 -54.59
CA GLU D 3 -42.41 -10.85 -55.48
C GLU D 3 -43.79 -10.41 -55.04
N PHE D 4 -44.54 -9.81 -55.96
CA PHE D 4 -45.97 -9.62 -55.77
C PHE D 4 -46.72 -10.84 -56.27
N ILE D 5 -47.73 -11.26 -55.52
CA ILE D 5 -48.68 -12.30 -55.92
C ILE D 5 -50.05 -11.63 -55.82
N LEU D 6 -50.58 -11.23 -56.95
CA LEU D 6 -51.77 -10.39 -57.01
C LEU D 6 -52.92 -11.12 -57.64
N THR D 7 -54.11 -10.92 -57.08
CA THR D 7 -55.36 -11.34 -57.71
C THR D 7 -56.23 -10.08 -57.78
N SER D 8 -57.46 -10.23 -58.28
CA SER D 8 -58.33 -9.07 -58.45
C SER D 8 -58.77 -8.45 -57.10
N ASP D 9 -58.68 -9.20 -56.00
CA ASP D 9 -59.09 -8.67 -54.69
C ASP D 9 -58.15 -9.02 -53.52
N LYS D 10 -56.89 -9.28 -53.80
CA LYS D 10 -55.91 -9.56 -52.76
C LYS D 10 -54.51 -9.19 -53.20
N LEU D 11 -53.77 -8.52 -52.31
CA LEU D 11 -52.40 -8.13 -52.55
C LEU D 11 -51.52 -8.90 -51.59
N VAL D 12 -50.63 -9.72 -52.15
CA VAL D 12 -49.61 -10.40 -51.38
C VAL D 12 -48.24 -9.94 -51.88
N TRP D 13 -47.33 -9.73 -50.94
CA TRP D 13 -45.93 -9.42 -51.23
C TRP D 13 -45.09 -10.38 -50.41
N THR D 14 -44.01 -10.88 -50.99
CA THR D 14 -43.16 -11.81 -50.27
C THR D 14 -41.69 -11.65 -50.60
N TYR D 15 -40.86 -11.89 -49.59
CA TYR D 15 -39.41 -11.94 -49.74
C TYR D 15 -38.83 -12.70 -48.55
N ASP D 16 -37.99 -13.69 -48.83
CA ASP D 16 -37.31 -14.48 -47.80
C ASP D 16 -38.21 -15.07 -46.71
N GLY D 17 -39.34 -15.63 -47.14
CA GLY D 17 -40.28 -16.20 -46.19
C GLY D 17 -41.23 -15.21 -45.55
N HIS D 18 -40.94 -13.91 -45.59
CA HIS D 18 -41.87 -12.89 -45.08
C HIS D 18 -43.01 -12.77 -46.09
N LYS D 19 -44.26 -12.99 -45.64
CA LYS D 19 -45.46 -12.83 -46.46
C LYS D 19 -46.29 -11.72 -45.87
N LEU D 20 -46.61 -10.72 -46.69
CA LEU D 20 -47.49 -9.62 -46.34
C LEU D 20 -48.74 -9.79 -47.18
N GLN D 21 -49.90 -9.74 -46.54
CA GLN D 21 -51.21 -9.97 -47.21
C GLN D 21 -52.20 -8.88 -46.83
N ILE D 22 -52.71 -8.18 -47.84
CA ILE D 22 -53.67 -7.09 -47.67
C ILE D 22 -54.90 -7.43 -48.49
N GLU D 23 -56.07 -7.35 -47.85
CA GLU D 23 -57.33 -7.73 -48.50
C GLU D 23 -58.48 -6.90 -47.95
N PRO D 24 -59.61 -6.83 -48.70
CA PRO D 24 -60.79 -6.15 -48.17
C PRO D 24 -61.34 -6.86 -46.94
N TRP D 25 -61.85 -6.08 -45.99
CA TRP D 25 -62.48 -6.66 -44.83
C TRP D 25 -63.61 -5.77 -44.33
N GLY D 26 -64.61 -5.65 -45.20
CA GLY D 26 -65.72 -4.74 -45.03
C GLY D 26 -65.53 -3.52 -45.90
N GLU D 27 -66.64 -2.83 -46.18
CA GLU D 27 -66.61 -1.60 -46.96
C GLU D 27 -65.61 -0.62 -46.34
N ASN D 28 -64.82 0.00 -47.21
CA ASN D 28 -63.86 1.03 -46.87
C ASN D 28 -62.76 0.55 -45.92
N SER D 29 -62.51 -0.75 -45.90
CA SER D 29 -61.62 -1.33 -44.90
C SER D 29 -60.74 -2.42 -45.50
N LEU D 30 -59.56 -2.57 -44.93
CA LEU D 30 -58.60 -3.60 -45.31
C LEU D 30 -58.09 -4.32 -44.07
N ARG D 31 -57.87 -5.62 -44.20
CA ARG D 31 -57.11 -6.39 -43.24
C ARG D 31 -55.67 -6.55 -43.73
N VAL D 32 -54.72 -6.42 -42.82
CA VAL D 32 -53.31 -6.52 -43.10
C VAL D 32 -52.73 -7.62 -42.20
N ARG D 33 -52.11 -8.63 -42.80
CA ARG D 33 -51.41 -9.67 -42.05
C ARG D 33 -50.01 -9.90 -42.59
N ALA D 34 -49.10 -10.28 -41.70
CA ALA D 34 -47.76 -10.69 -42.11
C ALA D 34 -47.20 -11.76 -41.20
N THR D 35 -46.48 -12.70 -41.80
CA THR D 35 -45.88 -13.81 -41.08
C THR D 35 -44.58 -14.20 -41.75
N VAL D 36 -43.69 -14.82 -40.97
CA VAL D 36 -42.55 -15.58 -41.54
C VAL D 36 -42.76 -17.09 -41.43
N ALA D 37 -43.90 -17.53 -40.86
CA ALA D 37 -44.25 -18.94 -40.79
C ALA D 37 -44.61 -19.41 -42.20
N PRO D 38 -44.77 -20.73 -42.41
CA PRO D 38 -45.13 -21.21 -43.77
C PRO D 38 -46.41 -20.59 -44.35
N GLU D 39 -47.46 -20.47 -43.53
CA GLU D 39 -48.73 -19.88 -43.93
C GLU D 39 -49.30 -19.01 -42.80
N LEU D 40 -50.21 -18.11 -43.13
CA LEU D 40 -51.01 -17.43 -42.11
C LEU D 40 -51.83 -18.47 -41.36
N ASN D 41 -52.06 -18.24 -40.06
CA ASN D 41 -52.90 -19.15 -39.27
C ASN D 41 -54.39 -18.77 -39.41
N GLY D 42 -55.25 -19.52 -38.73
CA GLY D 42 -56.70 -19.30 -38.78
C GLY D 42 -57.29 -18.35 -37.75
N ASN D 43 -56.46 -17.66 -36.96
CA ASN D 43 -56.94 -16.78 -35.89
C ASN D 43 -57.49 -15.47 -36.43
N ASP D 44 -58.80 -15.26 -36.28
CA ASP D 44 -59.42 -13.97 -36.59
C ASP D 44 -59.61 -13.07 -35.37
N TRP D 45 -59.44 -13.61 -34.17
CA TRP D 45 -59.54 -12.82 -32.93
C TRP D 45 -60.83 -11.99 -32.87
N ALA D 46 -60.77 -10.67 -32.97
CA ALA D 46 -61.97 -9.81 -32.85
C ALA D 46 -62.74 -9.60 -34.16
N LEU D 47 -62.17 -10.01 -35.29
CA LEU D 47 -62.80 -9.74 -36.58
C LEU D 47 -63.85 -10.79 -36.92
N LEU D 48 -65.08 -10.32 -37.16
CA LEU D 48 -66.15 -11.17 -37.66
C LEU D 48 -65.93 -11.42 -39.15
N PRO D 49 -66.58 -12.46 -39.72
CA PRO D 49 -66.42 -12.67 -41.17
C PRO D 49 -66.84 -11.43 -41.96
N ALA D 50 -66.09 -11.08 -43.00
CA ALA D 50 -66.32 -9.82 -43.71
C ALA D 50 -67.47 -9.96 -44.70
N LYS D 51 -68.36 -8.97 -44.75
CA LYS D 51 -69.32 -8.86 -45.85
C LYS D 51 -68.53 -8.47 -47.12
N PRO D 52 -68.78 -9.17 -48.26
CA PRO D 52 -67.98 -8.88 -49.47
C PRO D 52 -68.08 -7.43 -49.93
N SER D 53 -66.96 -6.86 -50.34
CA SER D 53 -66.89 -5.44 -50.68
C SER D 53 -67.24 -5.22 -52.14
N THR D 54 -67.81 -4.05 -52.45
CA THR D 54 -68.30 -3.76 -53.78
C THR D 54 -67.17 -3.29 -54.73
N LYS D 55 -66.48 -2.21 -54.38
CA LYS D 55 -65.52 -1.56 -55.30
C LYS D 55 -64.04 -1.78 -54.93
N VAL D 56 -63.57 -3.02 -55.20
CA VAL D 56 -62.19 -3.43 -54.91
C VAL D 56 -61.37 -3.45 -56.19
N LYS D 57 -60.23 -2.76 -56.19
CA LYS D 57 -59.37 -2.68 -57.37
C LYS D 57 -57.91 -2.86 -56.95
N VAL D 58 -57.27 -3.89 -57.52
CA VAL D 58 -55.85 -4.15 -57.37
C VAL D 58 -55.17 -3.70 -58.66
N SER D 59 -54.04 -3.00 -58.54
CA SER D 59 -53.32 -2.50 -59.71
C SER D 59 -51.80 -2.45 -59.47
N GLU D 60 -51.07 -2.32 -60.58
CA GLU D 60 -49.61 -2.17 -60.57
C GLU D 60 -49.22 -0.86 -61.27
N PHE D 61 -48.33 -0.11 -60.64
CA PHE D 61 -47.82 1.14 -61.19
C PHE D 61 -46.46 1.40 -60.53
N GLU D 62 -45.53 2.02 -61.25
CA GLU D 62 -44.24 2.45 -60.68
C GLU D 62 -43.55 1.39 -59.81
N ASP D 63 -43.54 0.14 -60.27
CA ASP D 63 -43.01 -1.02 -59.51
C ASP D 63 -43.62 -1.30 -58.12
N SER D 64 -44.82 -0.75 -57.90
CA SER D 64 -45.58 -0.93 -56.68
C SER D 64 -46.84 -1.71 -57.01
N ALA D 65 -47.54 -2.13 -55.97
CA ALA D 65 -48.88 -2.67 -56.11
C ALA D 65 -49.80 -1.88 -55.20
N ARG D 66 -51.06 -1.79 -55.59
CA ARG D 66 -52.06 -1.02 -54.88
C ARG D 66 -53.34 -1.83 -54.76
N ILE D 67 -53.97 -1.78 -53.59
CA ILE D 67 -55.32 -2.34 -53.42
C ILE D 67 -56.22 -1.25 -52.85
N VAL D 68 -57.29 -0.95 -53.59
CA VAL D 68 -58.26 0.05 -53.22
C VAL D 68 -59.53 -0.67 -52.81
N ASN D 69 -60.10 -0.29 -51.67
CA ASN D 69 -61.42 -0.74 -51.27
C ASN D 69 -62.23 0.44 -50.78
N GLY D 70 -62.99 1.04 -51.69
CA GLY D 70 -63.78 2.22 -51.41
C GLY D 70 -62.89 3.39 -51.06
N ASN D 71 -63.08 3.91 -49.84
CA ASN D 71 -62.40 5.11 -49.41
C ASN D 71 -61.00 4.90 -48.87
N ILE D 72 -60.53 3.65 -48.83
CA ILE D 72 -59.15 3.37 -48.40
C ILE D 72 -58.38 2.66 -49.51
N SER D 73 -57.09 2.99 -49.60
CA SER D 73 -56.18 2.27 -50.47
C SER D 73 -54.85 2.03 -49.79
N ALA D 74 -54.25 0.89 -50.10
CA ALA D 74 -52.93 0.52 -49.62
C ALA D 74 -51.97 0.41 -50.79
N VAL D 75 -50.79 1.00 -50.64
CA VAL D 75 -49.71 0.91 -51.62
C VAL D 75 -48.53 0.20 -50.98
N VAL D 76 -48.05 -0.86 -51.64
CA VAL D 76 -46.83 -1.58 -51.25
C VAL D 76 -45.83 -1.37 -52.39
N ASN D 77 -44.66 -0.82 -52.08
CA ASN D 77 -43.63 -0.64 -53.10
C ASN D 77 -42.80 -1.91 -53.30
N GLY D 78 -41.88 -1.86 -54.26
CA GLY D 78 -41.02 -3.02 -54.58
C GLY D 78 -40.16 -3.50 -53.42
N ARG D 79 -39.89 -2.61 -52.47
CA ARG D 79 -39.20 -2.99 -51.23
C ARG D 79 -40.11 -3.53 -50.12
N GLY D 80 -41.39 -3.77 -50.41
CA GLY D 80 -42.32 -4.28 -49.41
C GLY D 80 -42.76 -3.28 -48.36
N GLN D 81 -42.59 -1.99 -48.64
CA GLN D 81 -42.94 -0.92 -47.69
C GLN D 81 -44.35 -0.39 -48.01
N LEU D 82 -45.15 -0.22 -46.95
CA LEU D 82 -46.61 -0.06 -47.02
C LEU D 82 -47.05 1.31 -46.53
N SER D 83 -47.98 1.91 -47.25
CA SER D 83 -48.62 3.15 -46.83
C SER D 83 -50.10 3.14 -47.26
N PHE D 84 -50.90 3.95 -46.57
CA PHE D 84 -52.35 3.96 -46.76
C PHE D 84 -52.82 5.37 -47.09
N TYR D 85 -53.80 5.45 -47.98
CA TYR D 85 -54.35 6.71 -48.47
C TYR D 85 -55.87 6.66 -48.48
N ASN D 86 -56.51 7.81 -48.37
CA ASN D 86 -57.96 7.92 -48.58
C ASN D 86 -58.30 8.20 -50.05
N GLN D 87 -59.60 8.24 -50.35
CA GLN D 87 -60.10 8.48 -51.72
C GLN D 87 -59.66 9.80 -52.37
N ASN D 88 -59.25 10.78 -51.57
CA ASN D 88 -58.72 12.05 -52.05
C ASN D 88 -57.20 12.03 -52.24
N GLY D 89 -56.57 10.86 -52.06
CA GLY D 89 -55.13 10.72 -52.12
C GLY D 89 -54.39 11.25 -50.90
N LYS D 90 -55.08 11.54 -49.81
CA LYS D 90 -54.42 12.04 -48.61
C LYS D 90 -53.74 10.87 -47.89
N LEU D 91 -52.50 11.08 -47.46
CA LEU D 91 -51.76 10.07 -46.69
C LEU D 91 -52.38 9.93 -45.29
N LEU D 92 -52.73 8.69 -44.96
CA LEU D 92 -53.34 8.35 -43.69
C LEU D 92 -52.32 7.81 -42.71
N LEU D 93 -51.57 6.82 -43.16
CA LEU D 93 -50.65 6.05 -42.32
C LEU D 93 -49.54 5.49 -43.20
N GLU D 94 -48.29 5.63 -42.77
CA GLU D 94 -47.15 5.06 -43.49
C GLU D 94 -46.24 4.31 -42.54
N GLU D 95 -45.76 3.16 -43.00
CA GLU D 95 -44.80 2.37 -42.23
C GLU D 95 -43.52 3.20 -42.01
N TYR D 96 -42.84 2.88 -40.92
CA TYR D 96 -41.57 3.48 -40.55
C TYR D 96 -40.48 2.48 -40.88
N TRP D 97 -39.59 2.87 -41.79
CA TRP D 97 -38.42 2.08 -42.18
C TRP D 97 -37.18 2.93 -42.03
N ARG D 98 -36.10 2.36 -41.49
CA ARG D 98 -34.83 3.07 -41.38
C ARG D 98 -33.73 2.05 -41.68
N THR D 99 -33.37 1.92 -42.95
CA THR D 99 -32.43 0.87 -43.40
C THR D 99 -31.66 1.36 -44.62
N ARG D 100 -30.55 0.69 -44.92
CA ARG D 100 -29.81 0.92 -46.17
C ARG D 100 -30.07 -0.16 -47.21
N PHE D 101 -30.73 -1.22 -46.79
CA PHE D 101 -30.90 -2.40 -47.58
C PHE D 101 -32.13 -3.10 -47.04
N VAL D 102 -33.06 -3.42 -47.92
CA VAL D 102 -34.34 -4.00 -47.51
C VAL D 102 -34.89 -4.82 -48.67
N ALA D 103 -35.39 -6.01 -48.38
CA ALA D 103 -35.97 -6.89 -49.41
C ALA D 103 -35.00 -7.18 -50.56
N GLY D 104 -33.72 -7.40 -50.21
CA GLY D 104 -32.66 -7.66 -51.17
C GLY D 104 -32.25 -6.50 -52.06
N GLN D 105 -32.60 -5.27 -51.70
CA GLN D 105 -32.36 -4.11 -52.54
C GLN D 105 -31.83 -2.96 -51.73
N GLY D 106 -31.03 -2.12 -52.37
CA GLY D 106 -30.55 -0.89 -51.75
C GLY D 106 -31.72 0.05 -51.52
N GLU D 107 -31.72 0.75 -50.39
CA GLU D 107 -32.73 1.76 -50.11
C GLU D 107 -32.38 3.02 -50.92
N ASP D 108 -33.42 3.80 -51.22
CA ASP D 108 -33.31 5.03 -51.97
C ASP D 108 -32.77 6.15 -51.07
N THR D 109 -31.59 6.66 -51.39
CA THR D 109 -30.94 7.73 -50.59
C THR D 109 -31.72 9.05 -50.52
N SER D 110 -32.64 9.31 -51.45
CA SER D 110 -33.49 10.52 -51.35
C SER D 110 -34.65 10.41 -50.34
N SER D 111 -34.87 9.22 -49.78
CA SER D 111 -36.00 8.97 -48.86
C SER D 111 -35.55 9.11 -47.40
N LYS D 112 -36.45 9.61 -46.57
CA LYS D 112 -36.27 9.57 -45.11
C LYS D 112 -36.08 8.15 -44.57
N TYR D 113 -36.53 7.15 -45.32
CA TYR D 113 -36.28 5.75 -45.01
C TYR D 113 -34.81 5.31 -45.07
N PHE D 114 -33.94 6.09 -45.70
CA PHE D 114 -32.53 5.70 -45.84
C PHE D 114 -31.77 6.02 -44.57
N SER D 115 -31.23 4.99 -43.96
CA SER D 115 -30.62 5.11 -42.64
C SER D 115 -29.83 3.86 -42.27
N PRO D 116 -28.64 4.04 -41.68
CA PRO D 116 -27.91 2.87 -41.14
C PRO D 116 -28.49 2.23 -39.86
N LEU D 117 -29.51 2.83 -39.25
CA LEU D 117 -30.02 2.36 -37.96
C LEU D 117 -30.54 0.93 -38.05
N THR D 118 -31.15 0.59 -39.18
CA THR D 118 -31.69 -0.74 -39.46
C THR D 118 -32.91 -1.07 -38.56
N HIS D 119 -33.96 -0.26 -38.70
CA HIS D 119 -35.25 -0.56 -38.08
C HIS D 119 -36.21 -0.96 -39.18
N GLU D 120 -36.86 -2.12 -39.01
CA GLU D 120 -37.89 -2.59 -39.92
C GLU D 120 -39.28 -2.22 -39.44
N ALA D 121 -40.21 -2.05 -40.36
CA ALA D 121 -41.60 -1.69 -40.02
C ALA D 121 -42.41 -2.88 -39.54
N ARG D 122 -42.09 -4.07 -40.02
CA ARG D 122 -42.75 -5.28 -39.60
C ARG D 122 -41.69 -6.21 -39.07
N GLU D 123 -41.30 -6.00 -37.82
CA GLU D 123 -40.24 -6.78 -37.17
C GLU D 123 -40.82 -7.98 -36.45
N LEU D 124 -40.66 -9.16 -37.04
CA LEU D 124 -41.00 -10.43 -36.40
C LEU D 124 -39.71 -11.03 -35.89
N LYS D 125 -39.31 -10.66 -34.68
CA LYS D 125 -38.03 -11.10 -34.11
C LYS D 125 -38.24 -12.49 -33.49
N PRO D 126 -37.50 -13.50 -33.97
CA PRO D 126 -37.77 -14.85 -33.44
C PRO D 126 -37.34 -15.00 -31.99
N ILE D 127 -38.19 -15.67 -31.21
CA ILE D 127 -37.90 -16.00 -29.82
C ILE D 127 -37.26 -17.37 -29.90
N GLN D 128 -36.09 -17.55 -29.28
CA GLN D 128 -35.37 -18.81 -29.42
C GLN D 128 -36.21 -19.94 -28.84
N GLY D 129 -36.40 -20.99 -29.64
CA GLY D 129 -37.23 -22.14 -29.24
C GLY D 129 -38.72 -21.93 -29.38
N GLY D 130 -39.14 -20.70 -29.66
CA GLY D 130 -40.54 -20.30 -29.57
C GLY D 130 -41.00 -19.54 -30.80
N LYS D 131 -41.87 -18.56 -30.56
CA LYS D 131 -42.61 -17.86 -31.60
C LYS D 131 -41.92 -16.53 -31.95
N PHE D 132 -42.65 -15.42 -32.04
CA PHE D 132 -42.05 -14.15 -32.45
C PHE D 132 -42.41 -13.02 -31.51
N GLU D 133 -41.46 -12.12 -31.32
CA GLU D 133 -41.69 -10.84 -30.66
C GLU D 133 -41.90 -9.81 -31.78
N LEU D 134 -43.12 -9.25 -31.85
CA LEU D 134 -43.55 -8.42 -32.97
C LEU D 134 -43.48 -6.94 -32.63
N ARG D 135 -42.81 -6.16 -33.48
CA ARG D 135 -42.95 -4.70 -33.48
C ARG D 135 -43.42 -4.21 -34.85
N ALA D 136 -44.53 -3.48 -34.86
CA ALA D 136 -45.04 -2.82 -36.07
C ALA D 136 -44.86 -1.33 -35.88
N ARG D 137 -44.02 -0.73 -36.72
CA ARG D 137 -43.64 0.68 -36.61
C ARG D 137 -44.23 1.49 -37.75
N PHE D 138 -44.74 2.67 -37.41
CA PHE D 138 -45.32 3.62 -38.35
C PHE D 138 -44.75 4.99 -38.04
N GLU D 139 -44.61 5.81 -39.09
CA GLU D 139 -44.15 7.19 -38.90
C GLU D 139 -45.18 7.93 -38.08
N SER D 140 -44.72 8.79 -37.19
CA SER D 140 -45.60 9.76 -36.55
C SER D 140 -45.93 10.85 -37.58
N GLN D 141 -47.02 11.57 -37.36
CA GLN D 141 -47.37 12.71 -38.22
C GLN D 141 -47.62 13.92 -37.33
N PRO D 142 -47.10 15.11 -37.74
CA PRO D 142 -47.14 16.27 -36.84
C PRO D 142 -48.57 16.77 -36.53
N ASP D 143 -49.49 16.60 -37.46
CA ASP D 143 -50.88 17.03 -37.23
C ASP D 143 -51.77 16.00 -36.49
N GLU D 144 -51.26 14.81 -36.20
CA GLU D 144 -52.13 13.70 -35.85
C GLU D 144 -52.56 13.70 -34.37
N ARG D 145 -53.88 13.58 -34.16
CA ARG D 145 -54.48 13.40 -32.82
C ARG D 145 -55.10 12.01 -32.80
N ILE D 146 -54.90 11.27 -31.71
CA ILE D 146 -55.28 9.85 -31.63
C ILE D 146 -56.19 9.58 -30.43
N TYR D 147 -57.24 8.79 -30.65
CA TYR D 147 -58.25 8.50 -29.66
C TYR D 147 -58.57 7.01 -29.61
N GLY D 148 -59.21 6.58 -28.53
CA GLY D 148 -59.59 5.17 -28.36
C GLY D 148 -58.63 4.43 -27.44
N LEU D 149 -58.33 3.18 -27.85
CA LEU D 149 -57.41 2.26 -27.14
C LEU D 149 -57.96 1.57 -25.90
N GLY D 150 -59.09 2.05 -25.37
CA GLY D 150 -59.74 1.46 -24.22
C GLY D 150 -59.80 2.44 -23.07
N GLN D 151 -59.47 1.94 -21.88
CA GLN D 151 -59.69 2.64 -20.61
C GLN D 151 -58.35 2.71 -19.87
N TYR D 152 -57.76 3.89 -19.87
CA TYR D 152 -56.45 4.10 -19.22
C TYR D 152 -56.58 5.20 -18.17
N GLN D 153 -55.84 5.06 -17.07
CA GLN D 153 -55.98 5.94 -15.93
C GLN D 153 -55.03 7.11 -16.06
N GLN D 154 -55.45 8.08 -16.89
CA GLN D 154 -54.58 9.19 -17.30
C GLN D 154 -55.43 10.34 -17.83
N PRO D 155 -54.97 11.60 -17.64
CA PRO D 155 -55.81 12.76 -17.98
C PRO D 155 -55.64 13.24 -19.43
N PHE D 156 -55.73 12.32 -20.39
CA PHE D 156 -55.51 12.63 -21.80
C PHE D 156 -56.63 11.99 -22.62
N LEU D 157 -57.38 12.81 -23.33
CA LEU D 157 -58.33 12.29 -24.33
C LEU D 157 -57.52 11.94 -25.57
N ASN D 158 -56.91 12.95 -26.18
CA ASN D 158 -55.94 12.75 -27.25
C ASN D 158 -54.70 12.07 -26.65
N VAL D 159 -54.37 10.88 -27.15
CA VAL D 159 -53.24 10.10 -26.62
C VAL D 159 -52.00 10.13 -27.53
N LYS D 160 -51.99 10.99 -28.56
CA LYS D 160 -50.75 11.24 -29.30
C LYS D 160 -49.72 11.78 -28.30
N GLY D 161 -48.57 11.14 -28.24
CA GLY D 161 -47.53 11.46 -27.26
C GLY D 161 -47.54 10.58 -26.02
N CYS D 162 -48.56 9.73 -25.87
CA CYS D 162 -48.67 8.81 -24.73
C CYS D 162 -48.31 7.39 -25.14
N THR D 163 -47.92 6.59 -24.14
CA THR D 163 -47.63 5.18 -24.31
C THR D 163 -48.56 4.37 -23.41
N MET D 164 -49.27 3.41 -24.01
CA MET D 164 -50.27 2.57 -23.32
C MET D 164 -49.83 1.10 -23.26
N GLU D 165 -49.92 0.52 -22.06
CA GLU D 165 -49.66 -0.89 -21.89
C GLU D 165 -50.83 -1.69 -22.48
N LEU D 166 -50.50 -2.67 -23.32
CA LEU D 166 -51.50 -3.59 -23.85
C LEU D 166 -51.60 -4.77 -22.88
N ALA D 167 -52.36 -4.54 -21.81
CA ALA D 167 -52.57 -5.54 -20.77
C ALA D 167 -53.78 -5.16 -19.94
N GLN D 168 -54.36 -6.16 -19.29
CA GLN D 168 -55.51 -5.98 -18.42
C GLN D 168 -55.09 -5.95 -16.95
N ARG D 169 -55.36 -4.82 -16.28
CA ARG D 169 -55.16 -4.65 -14.83
C ARG D 169 -56.40 -3.97 -14.26
N ASN D 170 -56.69 -4.20 -12.98
CA ASN D 170 -57.78 -3.51 -12.26
C ASN D 170 -57.75 -2.00 -12.50
N SER D 171 -58.80 -1.50 -13.16
CA SER D 171 -58.98 -0.07 -13.55
C SER D 171 -58.43 0.29 -14.94
N GLN D 172 -57.87 -0.70 -15.65
CA GLN D 172 -57.39 -0.53 -17.03
C GLN D 172 -58.05 -1.56 -17.91
N ALA D 173 -58.38 -1.17 -19.15
CA ALA D 173 -58.88 -2.10 -20.16
C ALA D 173 -58.24 -1.77 -21.50
N SER D 174 -57.48 -2.72 -22.03
CA SER D 174 -56.92 -2.59 -23.37
C SER D 174 -57.97 -3.04 -24.36
N VAL D 175 -58.46 -2.08 -25.17
CA VAL D 175 -59.44 -2.33 -26.22
C VAL D 175 -58.85 -1.64 -27.46
N PRO D 176 -57.97 -2.36 -28.17
CA PRO D 176 -57.00 -1.70 -29.04
C PRO D 176 -57.50 -1.27 -30.43
N PHE D 177 -58.63 -0.57 -30.47
CA PHE D 177 -59.06 0.17 -31.64
C PHE D 177 -58.80 1.65 -31.42
N MET D 178 -58.08 2.25 -32.37
CA MET D 178 -57.74 3.67 -32.34
C MET D 178 -58.42 4.40 -33.48
N MET D 179 -58.71 5.69 -33.25
CA MET D 179 -59.25 6.58 -34.28
C MET D 179 -58.34 7.78 -34.37
N SER D 180 -57.97 8.14 -35.60
CA SER D 180 -57.06 9.25 -35.88
C SER D 180 -57.79 10.43 -36.51
N SER D 181 -57.38 11.64 -36.13
CA SER D 181 -57.85 12.86 -36.78
C SER D 181 -57.52 12.95 -38.29
N LEU D 182 -56.58 12.13 -38.77
CA LEU D 182 -56.24 12.12 -40.19
C LEU D 182 -57.29 11.42 -41.05
N GLY D 183 -58.22 10.71 -40.41
CA GLY D 183 -59.40 10.14 -41.08
C GLY D 183 -59.36 8.64 -41.27
N TYR D 184 -58.77 7.90 -40.32
CA TYR D 184 -58.77 6.44 -40.35
C TYR D 184 -58.94 5.93 -38.93
N GLY D 185 -59.36 4.67 -38.84
CA GLY D 185 -59.30 3.92 -37.61
C GLY D 185 -58.49 2.66 -37.83
N MET D 186 -57.91 2.16 -36.76
CA MET D 186 -57.09 0.95 -36.82
C MET D 186 -57.29 0.10 -35.58
N LEU D 187 -57.61 -1.19 -35.82
CA LEU D 187 -57.65 -2.21 -34.79
C LEU D 187 -56.39 -3.04 -34.86
N TRP D 188 -55.70 -3.13 -33.71
CA TRP D 188 -54.62 -4.09 -33.53
C TRP D 188 -55.25 -5.43 -33.15
N ASN D 189 -55.37 -6.32 -34.14
CA ASN D 189 -56.17 -7.54 -34.00
C ASN D 189 -55.28 -8.64 -33.44
N ASN D 190 -54.87 -8.45 -32.19
CA ASN D 190 -53.84 -9.26 -31.58
C ASN D 190 -53.93 -9.14 -30.05
N PRO D 191 -54.30 -10.23 -29.37
CA PRO D 191 -54.50 -10.20 -27.91
C PRO D 191 -53.23 -10.37 -27.06
N ALA D 192 -52.05 -10.26 -27.67
CA ALA D 192 -50.80 -10.42 -26.96
C ALA D 192 -50.56 -9.30 -25.95
N ILE D 193 -49.90 -9.66 -24.86
CA ILE D 193 -49.40 -8.67 -23.93
C ILE D 193 -48.37 -7.83 -24.69
N GLY D 194 -48.41 -6.52 -24.50
CA GLY D 194 -47.42 -5.67 -25.11
C GLY D 194 -47.66 -4.21 -24.82
N GLU D 195 -47.45 -3.37 -25.83
CA GLU D 195 -47.47 -1.91 -25.64
C GLU D 195 -47.74 -1.20 -26.97
N VAL D 196 -48.40 -0.04 -26.90
CA VAL D 196 -48.47 0.87 -28.04
C VAL D 196 -47.93 2.23 -27.63
N SER D 197 -46.87 2.70 -28.30
CA SER D 197 -46.35 4.05 -28.07
C SER D 197 -46.63 4.95 -29.26
N PHE D 198 -47.44 5.99 -29.03
CA PHE D 198 -47.67 7.03 -30.01
C PHE D 198 -46.72 8.16 -29.71
N ALA D 199 -45.43 7.87 -29.75
CA ALA D 199 -44.41 8.86 -29.44
C ALA D 199 -44.35 9.90 -30.57
N ASN D 200 -43.87 11.08 -30.25
CA ASN D 200 -43.80 12.15 -31.23
C ASN D 200 -42.88 11.78 -32.41
N ASN D 201 -41.88 10.93 -32.15
CA ASN D 201 -40.86 10.59 -33.15
C ASN D 201 -41.12 9.29 -33.94
N VAL D 202 -42.03 8.44 -33.48
CA VAL D 202 -42.35 7.15 -34.13
C VAL D 202 -43.49 6.47 -33.36
N THR D 203 -44.40 5.82 -34.09
CA THR D 203 -45.46 5.02 -33.50
C THR D 203 -45.04 3.54 -33.53
N THR D 204 -45.07 2.86 -32.38
CA THR D 204 -44.72 1.43 -32.32
C THR D 204 -45.80 0.63 -31.59
N TRP D 205 -46.30 -0.42 -32.25
CA TRP D 205 -47.16 -1.42 -31.61
C TRP D 205 -46.31 -2.63 -31.34
N MET D 206 -46.41 -3.21 -30.14
CA MET D 206 -45.56 -4.33 -29.76
C MET D 206 -46.40 -5.47 -29.18
N ALA D 207 -46.09 -6.69 -29.61
CA ALA D 207 -46.61 -7.91 -29.04
C ALA D 207 -45.42 -8.75 -28.54
N ARG D 208 -45.46 -9.13 -27.26
CA ARG D 208 -44.38 -9.87 -26.61
C ARG D 208 -44.17 -11.26 -27.23
N VAL D 209 -45.28 -11.95 -27.50
CA VAL D 209 -45.27 -13.29 -28.11
C VAL D 209 -46.44 -13.37 -29.08
N THR D 210 -46.19 -13.68 -30.35
CA THR D 210 -47.25 -13.83 -31.34
C THR D 210 -46.80 -14.68 -32.52
N GLU D 211 -47.75 -15.23 -33.25
CA GLU D 211 -47.47 -15.97 -34.47
C GLU D 211 -47.37 -15.08 -35.71
N GLN D 212 -48.05 -13.93 -35.69
CA GLN D 212 -48.16 -13.11 -36.88
C GLN D 212 -48.69 -11.71 -36.59
N LEU D 213 -48.28 -10.77 -37.45
CA LEU D 213 -48.86 -9.44 -37.49
C LEU D 213 -50.28 -9.51 -38.06
N ASP D 214 -51.19 -8.74 -37.45
CA ASP D 214 -52.59 -8.75 -37.85
C ASP D 214 -53.25 -7.45 -37.39
N TYR D 215 -53.69 -6.65 -38.35
CA TYR D 215 -54.46 -5.46 -38.04
C TYR D 215 -55.48 -5.12 -39.11
N TRP D 216 -56.43 -4.29 -38.72
CA TRP D 216 -57.57 -3.92 -39.56
C TRP D 216 -57.63 -2.41 -39.61
N ILE D 217 -57.74 -1.85 -40.81
CA ILE D 217 -57.68 -0.41 -40.99
C ILE D 217 -58.86 0.05 -41.83
N THR D 218 -59.45 1.19 -41.48
CA THR D 218 -60.68 1.66 -42.13
C THR D 218 -60.61 3.16 -42.31
N ALA D 219 -61.24 3.67 -43.35
CA ALA D 219 -61.19 5.10 -43.65
C ALA D 219 -62.57 5.65 -43.93
N ALA D 220 -62.79 6.90 -43.55
CA ALA D 220 -64.03 7.61 -43.83
C ALA D 220 -63.87 9.07 -43.52
N ASP D 221 -64.76 9.87 -44.10
CA ASP D 221 -64.70 11.32 -43.94
C ASP D 221 -65.15 11.83 -42.57
N THR D 222 -65.84 10.99 -41.79
CA THR D 222 -66.34 11.40 -40.48
C THR D 222 -66.08 10.33 -39.43
N PRO D 223 -65.85 10.75 -38.18
CA PRO D 223 -65.80 9.83 -37.05
C PRO D 223 -66.96 8.85 -36.98
N ALA D 224 -68.18 9.32 -37.25
CA ALA D 224 -69.37 8.45 -37.13
C ALA D 224 -69.30 7.27 -38.10
N GLU D 225 -68.81 7.52 -39.32
CA GLU D 225 -68.64 6.44 -40.29
C GLU D 225 -67.55 5.45 -39.85
N ILE D 226 -66.45 5.94 -39.29
CA ILE D 226 -65.40 5.05 -38.77
C ILE D 226 -65.95 4.15 -37.66
N SER D 227 -66.75 4.72 -36.76
CA SER D 227 -67.34 3.96 -35.65
C SER D 227 -68.29 2.90 -36.18
N GLN D 228 -69.08 3.24 -37.20
CA GLN D 228 -70.00 2.30 -37.84
C GLN D 228 -69.25 1.17 -38.51
N GLN D 229 -68.19 1.50 -39.24
CA GLN D 229 -67.37 0.49 -39.92
C GLN D 229 -66.68 -0.46 -38.91
N TYR D 230 -66.19 0.11 -37.81
CA TYR D 230 -65.62 -0.69 -36.72
C TYR D 230 -66.64 -1.64 -36.06
N ALA D 231 -67.85 -1.14 -35.76
CA ALA D 231 -68.92 -1.99 -35.20
C ALA D 231 -69.34 -3.09 -36.18
N ALA D 232 -69.34 -2.78 -37.47
CA ALA D 232 -69.61 -3.79 -38.50
C ALA D 232 -68.51 -4.85 -38.51
N ALA D 233 -67.27 -4.44 -38.27
CA ALA D 233 -66.13 -5.36 -38.25
C ALA D 233 -66.05 -6.31 -37.04
N THR D 234 -66.41 -5.80 -35.85
CA THR D 234 -66.24 -6.54 -34.60
C THR D 234 -67.54 -6.82 -33.84
N GLY D 235 -68.66 -6.26 -34.31
CA GLY D 235 -69.98 -6.57 -33.74
C GLY D 235 -70.58 -5.36 -33.05
N ALA D 236 -71.89 -5.20 -33.22
CA ALA D 236 -72.60 -4.10 -32.61
C ALA D 236 -72.97 -4.45 -31.18
N ALA D 237 -73.05 -3.42 -30.32
CA ALA D 237 -73.69 -3.59 -29.02
C ALA D 237 -75.10 -4.09 -29.27
N PRO D 238 -75.64 -4.95 -28.38
CA PRO D 238 -77.07 -5.25 -28.46
C PRO D 238 -77.92 -4.02 -28.10
N MET D 239 -79.24 -4.17 -28.09
CA MET D 239 -80.11 -3.13 -27.57
C MET D 239 -80.09 -3.23 -26.04
N LEU D 240 -79.92 -2.08 -25.38
CA LEU D 240 -79.91 -2.03 -23.93
C LEU D 240 -81.33 -2.30 -23.42
N PRO D 241 -81.49 -3.07 -22.33
CA PRO D 241 -82.83 -3.21 -21.76
C PRO D 241 -83.25 -1.93 -21.02
N ASP D 242 -84.56 -1.64 -21.03
CA ASP D 242 -85.12 -0.42 -20.42
C ASP D 242 -84.63 -0.16 -18.99
N TYR D 243 -84.61 -1.21 -18.17
CA TYR D 243 -84.21 -1.07 -16.76
C TYR D 243 -82.79 -0.53 -16.54
N ALA D 244 -81.88 -0.84 -17.47
CA ALA D 244 -80.48 -0.44 -17.34
C ALA D 244 -80.27 1.08 -17.45
N ALA D 245 -81.20 1.82 -18.04
CA ALA D 245 -81.12 3.29 -18.11
C ALA D 245 -81.56 4.02 -16.82
N GLY D 246 -82.12 3.31 -15.85
CA GLY D 246 -82.52 3.91 -14.57
C GLY D 246 -81.37 3.95 -13.59
N PHE D 247 -81.68 4.15 -12.30
CA PHE D 247 -80.65 4.25 -11.26
C PHE D 247 -80.25 2.89 -10.71
N TRP D 248 -78.94 2.65 -10.63
CA TRP D 248 -78.34 1.44 -10.06
C TRP D 248 -77.80 1.82 -8.69
N GLN D 249 -78.32 1.16 -7.64
CA GLN D 249 -77.87 1.39 -6.27
C GLN D 249 -76.97 0.24 -5.81
N CYS D 250 -75.78 0.58 -5.34
CA CYS D 250 -74.82 -0.42 -4.89
C CYS D 250 -73.91 0.13 -3.82
N LYS D 251 -73.31 -0.77 -3.07
CA LYS D 251 -72.19 -0.44 -2.18
C LYS D 251 -71.41 -1.71 -1.87
N LEU D 252 -70.19 -1.52 -1.39
CA LEU D 252 -69.42 -2.58 -0.78
C LEU D 252 -69.67 -2.47 0.73
N ARG D 253 -70.48 -3.34 1.33
CA ARG D 253 -71.35 -4.32 0.67
C ARG D 253 -72.59 -4.56 1.53
N TYR D 254 -73.72 -4.82 0.89
CA TYR D 254 -74.90 -5.27 1.61
C TYR D 254 -74.66 -6.72 1.99
N ARG D 255 -74.47 -6.95 3.30
CA ARG D 255 -74.02 -8.24 3.85
C ARG D 255 -75.09 -9.30 4.08
N THR D 256 -76.36 -8.90 4.07
CA THR D 256 -77.47 -9.81 4.30
C THR D 256 -78.65 -9.43 3.43
N GLN D 257 -79.55 -10.40 3.26
CA GLN D 257 -80.81 -10.18 2.54
C GLN D 257 -81.64 -9.06 3.18
N ASP D 258 -81.73 -9.05 4.52
CA ASP D 258 -82.48 -8.00 5.22
C ASP D 258 -81.92 -6.59 4.96
N GLU D 259 -80.61 -6.46 5.04
CA GLU D 259 -79.94 -5.16 4.81
C GLU D 259 -80.23 -4.61 3.42
N LEU D 260 -80.09 -5.47 2.41
CA LEU D 260 -80.29 -5.08 1.01
C LEU D 260 -81.74 -4.70 0.77
N MET D 261 -82.67 -5.52 1.26
CA MET D 261 -84.10 -5.24 1.12
C MET D 261 -84.51 -3.99 1.88
N GLU D 262 -83.88 -3.72 3.02
CA GLU D 262 -84.20 -2.49 3.75
C GLU D 262 -83.78 -1.22 3.01
N VAL D 263 -82.65 -1.27 2.31
CA VAL D 263 -82.27 -0.16 1.42
C VAL D 263 -83.30 -0.01 0.29
N ALA D 264 -83.60 -1.11 -0.40
CA ALA D 264 -84.54 -1.10 -1.53
C ALA D 264 -85.93 -0.57 -1.13
N ARG D 265 -86.44 -1.03 0.01
CA ARG D 265 -87.71 -0.53 0.55
C ARG D 265 -87.69 0.95 0.90
N GLU D 266 -86.57 1.43 1.44
CA GLU D 266 -86.43 2.84 1.81
C GLU D 266 -86.47 3.75 0.58
N TYR D 267 -85.81 3.36 -0.53
CA TYR D 267 -85.91 4.09 -1.81
C TYR D 267 -87.39 4.25 -2.24
N LYS D 268 -88.14 3.17 -2.17
CA LYS D 268 -89.57 3.15 -2.56
C LYS D 268 -90.43 3.96 -1.58
N ARG D 269 -90.16 3.78 -0.29
CA ARG D 269 -90.83 4.55 0.78
C ARG D 269 -90.69 6.07 0.56
N ARG D 270 -89.50 6.50 0.12
CA ARG D 270 -89.23 7.90 -0.23
C ARG D 270 -89.67 8.33 -1.65
N SER D 271 -90.32 7.45 -2.40
CA SER D 271 -90.72 7.69 -3.79
C SER D 271 -89.55 8.04 -4.73
N LEU D 272 -88.40 7.42 -4.49
CA LEU D 272 -87.19 7.71 -5.27
C LEU D 272 -87.06 6.72 -6.42
N PRO D 273 -86.50 7.16 -7.56
CA PRO D 273 -86.23 6.19 -8.63
C PRO D 273 -85.16 5.19 -8.22
N ILE D 274 -85.38 3.93 -8.58
CA ILE D 274 -84.38 2.88 -8.38
C ILE D 274 -84.76 1.72 -9.32
N SER D 275 -83.84 1.37 -10.22
CA SER D 275 -84.07 0.30 -11.20
C SER D 275 -83.31 -0.99 -10.92
N VAL D 276 -82.13 -0.86 -10.33
CA VAL D 276 -81.25 -1.99 -10.06
C VAL D 276 -80.72 -1.82 -8.65
N ILE D 277 -80.72 -2.92 -7.88
CA ILE D 277 -80.01 -2.97 -6.60
C ILE D 277 -79.10 -4.19 -6.65
N VAL D 278 -78.01 -4.12 -5.89
CA VAL D 278 -76.87 -5.00 -6.11
C VAL D 278 -76.32 -5.62 -4.83
N ALA D 279 -76.14 -6.94 -4.87
CA ALA D 279 -75.45 -7.69 -3.85
C ALA D 279 -73.99 -7.92 -4.28
N ASP D 280 -73.09 -7.19 -3.63
CA ASP D 280 -71.65 -7.24 -3.90
C ASP D 280 -71.05 -8.59 -3.45
N PHE D 281 -69.74 -8.72 -3.63
CA PHE D 281 -69.00 -9.93 -3.39
C PHE D 281 -69.09 -10.50 -1.95
N PHE D 282 -68.69 -11.77 -1.84
CA PHE D 282 -68.64 -12.54 -0.59
C PHE D 282 -69.99 -12.67 0.15
N HIS D 283 -71.03 -12.78 -0.65
CA HIS D 283 -72.37 -13.19 -0.22
C HIS D 283 -72.53 -14.72 -0.32
N TRP D 284 -71.43 -15.39 -0.67
CA TRP D 284 -71.39 -16.82 -0.98
C TRP D 284 -70.66 -17.55 0.14
N PRO D 285 -70.84 -18.89 0.25
CA PRO D 285 -70.10 -19.64 1.28
C PRO D 285 -68.59 -19.65 1.03
N ASN D 286 -68.20 -19.92 -0.21
CA ASN D 286 -66.80 -19.88 -0.62
C ASN D 286 -66.67 -19.50 -2.10
N GLN D 287 -65.48 -19.01 -2.46
CA GLN D 287 -65.19 -18.59 -3.83
C GLN D 287 -65.21 -19.82 -4.72
N GLY D 288 -66.03 -19.79 -5.76
CA GLY D 288 -66.22 -20.93 -6.64
C GLY D 288 -67.48 -21.77 -6.38
N ASP D 289 -68.28 -21.41 -5.38
CA ASP D 289 -69.60 -22.02 -5.18
C ASP D 289 -70.68 -21.38 -6.03
N TRP D 290 -70.56 -20.07 -6.30
CA TRP D 290 -71.51 -19.32 -7.14
C TRP D 290 -72.98 -19.47 -6.71
N CYS D 291 -73.20 -19.29 -5.41
CA CYS D 291 -74.54 -19.32 -4.82
C CYS D 291 -74.58 -18.42 -3.59
N PHE D 292 -75.79 -18.03 -3.20
CA PHE D 292 -75.99 -17.31 -1.95
C PHE D 292 -75.68 -18.21 -0.77
N ASP D 293 -75.07 -17.63 0.27
CA ASP D 293 -74.88 -18.29 1.56
C ASP D 293 -76.19 -18.11 2.36
N THR D 294 -76.91 -19.21 2.59
CA THR D 294 -78.26 -19.12 3.20
C THR D 294 -78.27 -18.64 4.66
N ARG D 295 -77.13 -18.70 5.35
CA ARG D 295 -77.03 -18.09 6.69
C ARG D 295 -77.25 -16.57 6.67
N GLU D 296 -76.78 -15.87 5.62
CA GLU D 296 -77.01 -14.43 5.46
C GLU D 296 -78.12 -14.07 4.45
N TRP D 297 -78.42 -15.00 3.55
CA TRP D 297 -79.41 -14.81 2.49
C TRP D 297 -80.37 -16.01 2.56
N PRO D 298 -81.28 -16.02 3.57
CA PRO D 298 -82.08 -17.24 3.83
C PRO D 298 -83.06 -17.63 2.74
N ASP D 299 -83.61 -16.67 2.00
CA ASP D 299 -84.62 -16.96 0.99
C ASP D 299 -84.46 -16.08 -0.25
N PRO D 300 -83.45 -16.37 -1.10
CA PRO D 300 -83.17 -15.56 -2.31
C PRO D 300 -84.37 -15.34 -3.22
N LYS D 301 -85.13 -16.40 -3.48
CA LYS D 301 -86.32 -16.33 -4.32
C LYS D 301 -87.33 -15.29 -3.82
N ALA D 302 -87.55 -15.21 -2.52
CA ALA D 302 -88.48 -14.22 -1.93
C ALA D 302 -87.94 -12.79 -2.09
N MET D 303 -86.65 -12.60 -1.84
CA MET D 303 -85.99 -11.31 -2.12
C MET D 303 -86.23 -10.86 -3.56
N ILE D 304 -85.94 -11.76 -4.50
CA ILE D 304 -86.04 -11.48 -5.93
C ILE D 304 -87.49 -11.19 -6.32
N ASP D 305 -88.43 -11.99 -5.82
CA ASP D 305 -89.86 -11.77 -6.10
C ASP D 305 -90.36 -10.45 -5.54
N GLU D 306 -89.95 -10.08 -4.32
CA GLU D 306 -90.34 -8.78 -3.74
C GLU D 306 -89.74 -7.62 -4.54
N LEU D 307 -88.47 -7.73 -4.94
CA LEU D 307 -87.84 -6.69 -5.76
C LEU D 307 -88.60 -6.52 -7.08
N LYS D 308 -88.99 -7.62 -7.72
CA LYS D 308 -89.76 -7.55 -8.98
C LYS D 308 -91.09 -6.80 -8.85
N GLU D 309 -91.84 -7.04 -7.77
CA GLU D 309 -93.06 -6.24 -7.52
C GLU D 309 -92.75 -4.76 -7.21
N MET D 310 -91.58 -4.49 -6.62
CA MET D 310 -91.10 -3.11 -6.44
C MET D 310 -90.52 -2.46 -7.72
N GLY D 311 -90.50 -3.18 -8.86
CA GLY D 311 -89.94 -2.67 -10.13
C GLY D 311 -88.41 -2.59 -10.17
N ILE D 312 -87.75 -3.44 -9.39
CA ILE D 312 -86.30 -3.41 -9.22
C ILE D 312 -85.69 -4.75 -9.63
N GLU D 313 -84.63 -4.68 -10.44
CA GLU D 313 -83.85 -5.87 -10.81
C GLU D 313 -82.73 -6.09 -9.81
N LEU D 314 -82.50 -7.33 -9.42
CA LEU D 314 -81.30 -7.67 -8.64
C LEU D 314 -80.14 -8.04 -9.55
N MET D 315 -78.95 -7.53 -9.22
CA MET D 315 -77.70 -8.00 -9.80
C MET D 315 -76.85 -8.60 -8.71
N VAL D 316 -76.17 -9.70 -9.03
CA VAL D 316 -75.26 -10.36 -8.08
C VAL D 316 -73.82 -10.38 -8.58
N SER D 317 -72.90 -10.16 -7.63
CA SER D 317 -71.47 -10.34 -7.86
C SER D 317 -71.10 -11.77 -8.25
N ILE D 318 -70.36 -11.89 -9.36
CA ILE D 318 -69.70 -13.13 -9.75
C ILE D 318 -68.21 -12.84 -9.66
N TRP D 319 -67.48 -13.68 -8.93
CA TRP D 319 -66.03 -13.68 -8.97
C TRP D 319 -65.56 -14.91 -9.76
N PRO D 320 -64.52 -14.75 -10.61
CA PRO D 320 -64.02 -15.84 -11.43
C PRO D 320 -63.04 -16.76 -10.68
N THR D 321 -62.83 -16.50 -9.39
CA THR D 321 -61.97 -17.29 -8.53
C THR D 321 -62.65 -18.59 -8.06
N VAL D 322 -61.82 -19.62 -7.87
CA VAL D 322 -62.26 -20.92 -7.37
C VAL D 322 -61.33 -21.33 -6.24
N ASP D 323 -61.88 -21.38 -5.02
CA ASP D 323 -61.07 -21.70 -3.83
C ASP D 323 -60.72 -23.17 -3.85
N ASN D 324 -59.47 -23.49 -3.57
CA ASN D 324 -58.99 -24.86 -3.73
C ASN D 324 -59.54 -25.88 -2.73
N ARG D 325 -60.46 -25.46 -1.84
CA ARG D 325 -61.22 -26.34 -0.95
C ARG D 325 -62.68 -26.57 -1.37
N THR D 326 -63.11 -26.01 -2.49
CA THR D 326 -64.52 -26.18 -2.92
C THR D 326 -64.72 -27.44 -3.74
N GLU D 327 -65.98 -27.80 -3.89
CA GLU D 327 -66.40 -28.92 -4.74
C GLU D 327 -66.09 -28.61 -6.20
N ASN D 328 -66.47 -27.41 -6.64
CA ASN D 328 -66.19 -26.98 -8.02
C ASN D 328 -64.70 -26.96 -8.36
N TYR D 329 -63.81 -26.71 -7.39
CA TYR D 329 -62.36 -26.79 -7.66
C TYR D 329 -61.96 -28.18 -8.13
N LYS D 330 -62.45 -29.19 -7.43
CA LYS D 330 -62.14 -30.60 -7.73
C LYS D 330 -62.63 -30.98 -9.13
N ILE D 331 -63.87 -30.61 -9.46
CA ILE D 331 -64.45 -30.91 -10.78
C ILE D 331 -63.74 -30.10 -11.88
N MET D 332 -63.51 -28.81 -11.64
CA MET D 332 -62.86 -27.95 -12.64
C MET D 332 -61.38 -28.30 -12.85
N LYS D 333 -60.67 -28.71 -11.79
CA LYS D 333 -59.29 -29.18 -11.95
C LYS D 333 -59.25 -30.51 -12.72
N GLU D 334 -60.13 -31.45 -12.36
CA GLU D 334 -60.33 -32.68 -13.14
C GLU D 334 -60.43 -32.42 -14.66
N LYS D 335 -61.31 -31.50 -15.03
CA LYS D 335 -61.64 -31.22 -16.42
C LYS D 335 -60.71 -30.23 -17.13
N GLY D 336 -59.72 -29.67 -16.43
CA GLY D 336 -58.75 -28.73 -17.03
C GLY D 336 -59.32 -27.36 -17.31
N TYR D 337 -60.26 -26.92 -16.47
CA TYR D 337 -61.00 -25.68 -16.65
C TYR D 337 -60.40 -24.48 -15.96
N LEU D 338 -59.24 -24.65 -15.30
CA LEU D 338 -58.63 -23.58 -14.54
C LEU D 338 -57.37 -23.06 -15.21
N VAL D 339 -57.10 -21.78 -14.98
CA VAL D 339 -55.86 -21.13 -15.42
C VAL D 339 -54.68 -21.84 -14.75
N LYS D 340 -53.53 -21.87 -15.43
CA LYS D 340 -52.33 -22.54 -14.87
C LYS D 340 -51.20 -21.56 -14.59
N ALA D 341 -50.51 -21.77 -13.47
CA ALA D 341 -49.26 -21.09 -13.18
C ALA D 341 -48.15 -21.87 -13.86
N GLU D 342 -47.27 -21.16 -14.56
CA GLU D 342 -46.16 -21.78 -15.26
C GLU D 342 -45.12 -22.30 -14.26
N ARG D 343 -44.85 -21.48 -13.24
CA ARG D 343 -43.91 -21.80 -12.16
C ARG D 343 -44.45 -21.37 -10.80
N GLY D 344 -43.96 -22.03 -9.75
CA GLY D 344 -44.33 -21.72 -8.37
C GLY D 344 -45.67 -22.32 -7.95
N VAL D 345 -46.13 -21.97 -6.75
CA VAL D 345 -47.37 -22.57 -6.22
C VAL D 345 -48.56 -22.33 -7.16
N PRO D 346 -49.43 -23.35 -7.33
CA PRO D 346 -50.54 -23.26 -8.29
C PRO D 346 -51.72 -22.42 -7.76
N VAL D 347 -51.45 -21.14 -7.53
CA VAL D 347 -52.39 -20.20 -6.93
C VAL D 347 -52.26 -18.90 -7.72
N THR D 348 -53.36 -18.42 -8.27
CA THR D 348 -53.35 -17.16 -9.05
C THR D 348 -53.73 -15.92 -8.23
N MET D 349 -54.49 -16.11 -7.15
CA MET D 349 -54.87 -15.00 -6.26
C MET D 349 -54.99 -15.51 -4.81
N THR D 350 -54.60 -14.64 -3.86
CA THR D 350 -54.59 -14.98 -2.42
C THR D 350 -55.59 -14.16 -1.60
N PHE D 351 -56.50 -13.43 -2.25
CA PHE D 351 -57.48 -12.60 -1.56
C PHE D 351 -58.56 -13.48 -0.90
N LEU D 352 -58.58 -13.45 0.44
CA LEU D 352 -59.52 -14.20 1.29
C LEU D 352 -59.51 -15.73 1.09
N GLY D 353 -58.35 -16.25 0.68
CA GLY D 353 -58.18 -17.67 0.39
C GLY D 353 -57.29 -17.86 -0.81
N ASN D 354 -56.68 -19.04 -0.93
CA ASN D 354 -55.91 -19.39 -2.12
C ASN D 354 -56.85 -19.79 -3.25
N THR D 355 -56.85 -19.05 -4.35
CA THR D 355 -57.75 -19.36 -5.48
C THR D 355 -57.03 -19.46 -6.83
N THR D 356 -57.73 -20.09 -7.78
CA THR D 356 -57.30 -20.19 -9.16
C THR D 356 -58.44 -19.68 -10.03
N PHE D 357 -58.12 -18.85 -11.01
CA PHE D 357 -59.14 -18.32 -11.94
C PHE D 357 -59.65 -19.40 -12.88
N PHE D 358 -60.94 -19.34 -13.20
CA PHE D 358 -61.49 -20.19 -14.24
C PHE D 358 -60.93 -19.65 -15.57
N ASP D 359 -60.68 -20.54 -16.50
CA ASP D 359 -60.10 -20.16 -17.78
C ASP D 359 -61.21 -19.73 -18.74
N ALA D 360 -61.41 -18.41 -18.84
CA ALA D 360 -62.45 -17.86 -19.72
C ALA D 360 -62.20 -18.03 -21.24
N THR D 361 -60.99 -18.44 -21.62
CA THR D 361 -60.70 -18.79 -23.02
C THR D 361 -60.99 -20.26 -23.33
N HIS D 362 -61.31 -21.07 -22.31
CA HIS D 362 -61.68 -22.47 -22.49
C HIS D 362 -63.20 -22.53 -22.67
N PRO D 363 -63.69 -22.94 -23.86
CA PRO D 363 -65.14 -23.00 -24.07
C PRO D 363 -65.90 -23.89 -23.09
N GLY D 364 -65.29 -25.00 -22.68
CA GLY D 364 -65.84 -25.87 -21.65
C GLY D 364 -65.95 -25.22 -20.28
N ALA D 365 -64.92 -24.49 -19.89
CA ALA D 365 -64.93 -23.76 -18.62
C ALA D 365 -66.00 -22.67 -18.62
N ARG D 366 -66.11 -21.94 -19.72
CA ARG D 366 -67.15 -20.92 -19.87
C ARG D 366 -68.54 -21.50 -19.59
N LYS D 367 -68.84 -22.63 -20.24
CA LYS D 367 -70.11 -23.31 -20.08
C LYS D 367 -70.32 -23.81 -18.64
N TYR D 368 -69.27 -24.35 -18.03
CA TYR D 368 -69.36 -24.86 -16.67
C TYR D 368 -69.71 -23.78 -15.65
N VAL D 369 -69.07 -22.62 -15.74
CA VAL D 369 -69.32 -21.51 -14.82
C VAL D 369 -70.72 -20.94 -15.05
N TRP D 370 -71.09 -20.75 -16.31
CA TRP D 370 -72.42 -20.26 -16.62
C TRP D 370 -73.49 -21.17 -16.01
N GLU D 371 -73.35 -22.47 -16.19
CA GLU D 371 -74.35 -23.43 -15.71
C GLU D 371 -74.46 -23.45 -14.19
N GLN D 372 -73.38 -23.14 -13.49
CA GLN D 372 -73.44 -22.93 -12.03
C GLN D 372 -74.26 -21.68 -11.70
N ALA D 373 -73.96 -20.58 -12.38
CA ALA D 373 -74.68 -19.32 -12.18
C ALA D 373 -76.15 -19.44 -12.59
N LYS D 374 -76.40 -20.23 -13.62
CA LYS D 374 -77.76 -20.45 -14.10
C LYS D 374 -78.60 -21.15 -13.01
N LYS D 375 -78.03 -22.21 -12.44
CA LYS D 375 -78.71 -23.02 -11.43
C LYS D 375 -78.95 -22.25 -10.12
N ASN D 376 -77.93 -21.55 -9.66
CA ASN D 376 -77.97 -20.89 -8.37
C ASN D 376 -78.50 -19.44 -8.40
N TYR D 377 -78.59 -18.82 -9.58
CA TYR D 377 -79.03 -17.42 -9.70
C TYR D 377 -80.05 -17.16 -10.79
N HIS D 378 -79.71 -17.45 -12.05
CA HIS D 378 -80.57 -17.11 -13.20
C HIS D 378 -81.94 -17.83 -13.12
N ASP D 379 -81.93 -19.11 -12.76
CA ASP D 379 -83.16 -19.88 -12.51
C ASP D 379 -84.10 -19.23 -11.47
N LEU D 380 -83.53 -18.54 -10.47
CA LEU D 380 -84.31 -17.80 -9.46
C LEU D 380 -84.89 -16.45 -9.91
N GLY D 381 -84.51 -15.97 -11.10
CA GLY D 381 -85.01 -14.71 -11.65
C GLY D 381 -84.00 -13.56 -11.74
N ILE D 382 -82.73 -13.80 -11.40
CA ILE D 382 -81.69 -12.77 -11.57
C ILE D 382 -81.36 -12.66 -13.07
N LYS D 383 -81.43 -11.43 -13.59
CA LYS D 383 -81.24 -11.16 -15.03
C LYS D 383 -79.96 -10.37 -15.37
N ILE D 384 -79.22 -9.95 -14.35
CA ILE D 384 -78.01 -9.15 -14.54
C ILE D 384 -76.92 -9.77 -13.67
N PHE D 385 -75.73 -9.96 -14.24
CA PHE D 385 -74.58 -10.44 -13.46
C PHE D 385 -73.46 -9.42 -13.44
N TRP D 386 -72.82 -9.31 -12.28
CA TRP D 386 -71.69 -8.41 -12.07
C TRP D 386 -70.41 -9.21 -12.18
N LEU D 387 -69.84 -9.19 -13.39
CA LEU D 387 -68.68 -10.01 -13.73
C LEU D 387 -67.42 -9.26 -13.34
N ASP D 388 -67.11 -9.36 -12.06
CA ASP D 388 -66.05 -8.63 -11.40
C ASP D 388 -64.72 -9.36 -11.62
N GLU D 389 -63.60 -8.69 -11.37
CA GLU D 389 -62.27 -9.29 -11.47
C GLU D 389 -61.97 -9.84 -12.87
N ALA D 390 -62.45 -9.12 -13.87
CA ALA D 390 -62.52 -9.62 -15.24
C ALA D 390 -61.21 -9.63 -16.05
N GLU D 391 -60.12 -9.18 -15.43
CA GLU D 391 -58.85 -8.99 -16.14
C GLU D 391 -58.10 -10.29 -16.53
N PRO D 392 -57.89 -11.27 -15.63
CA PRO D 392 -58.32 -11.29 -14.23
C PRO D 392 -57.31 -10.65 -13.28
N GLU D 393 -57.73 -10.33 -12.05
CA GLU D 393 -56.85 -9.64 -11.10
C GLU D 393 -55.90 -10.60 -10.40
N TYR D 394 -54.84 -10.98 -11.11
CA TYR D 394 -53.73 -11.71 -10.51
C TYR D 394 -53.24 -10.92 -9.30
N SER D 395 -52.92 -11.62 -8.20
CA SER D 395 -52.34 -10.97 -7.02
C SER D 395 -51.00 -10.33 -7.37
N VAL D 396 -50.32 -10.92 -8.35
CA VAL D 396 -49.12 -10.33 -8.96
C VAL D 396 -49.26 -10.42 -10.48
N TYR D 397 -49.09 -9.30 -11.19
CA TYR D 397 -49.30 -9.22 -12.65
C TYR D 397 -48.05 -9.69 -13.43
N ASP D 398 -47.62 -10.91 -13.16
CA ASP D 398 -46.47 -11.50 -13.85
C ASP D 398 -47.04 -12.31 -15.00
N PHE D 399 -47.31 -11.63 -16.11
CA PHE D 399 -48.10 -12.21 -17.20
C PHE D 399 -47.41 -13.44 -17.80
N GLU D 400 -46.08 -13.36 -17.86
CA GLU D 400 -45.21 -14.48 -18.26
C GLU D 400 -45.41 -15.79 -17.47
N ASN D 401 -45.94 -15.71 -16.25
CA ASN D 401 -46.08 -16.88 -15.37
C ASN D 401 -47.42 -17.60 -15.44
N TYR D 402 -48.28 -17.25 -16.42
CA TYR D 402 -49.61 -17.84 -16.49
C TYR D 402 -49.93 -18.29 -17.90
N ARG D 403 -50.77 -19.32 -18.00
CA ARG D 403 -51.10 -19.95 -19.28
C ARG D 403 -52.59 -20.31 -19.32
N TYR D 404 -53.19 -20.12 -20.49
CA TYR D 404 -54.59 -20.35 -20.74
C TYR D 404 -54.74 -21.47 -21.76
N HIS D 405 -55.99 -21.88 -21.96
CA HIS D 405 -56.38 -22.86 -22.97
C HIS D 405 -55.82 -22.49 -24.33
N LEU D 406 -55.96 -21.22 -24.72
CA LEU D 406 -55.49 -20.74 -26.02
C LEU D 406 -53.97 -20.46 -26.11
N GLY D 407 -53.25 -20.61 -25.01
CA GLY D 407 -51.79 -20.43 -25.01
C GLY D 407 -51.34 -19.60 -23.83
N PRO D 408 -50.02 -19.32 -23.75
CA PRO D 408 -49.46 -18.41 -22.75
C PRO D 408 -50.22 -17.10 -22.69
N VAL D 409 -50.39 -16.57 -21.48
CA VAL D 409 -50.99 -15.25 -21.30
C VAL D 409 -50.25 -14.18 -22.15
N LEU D 410 -48.93 -14.31 -22.30
CA LEU D 410 -48.15 -13.37 -23.16
C LEU D 410 -48.64 -13.30 -24.61
N GLU D 411 -49.18 -14.41 -25.13
CA GLU D 411 -49.66 -14.49 -26.50
C GLU D 411 -51.13 -14.15 -26.66
N VAL D 412 -51.96 -14.54 -25.68
CA VAL D 412 -53.42 -14.47 -25.83
C VAL D 412 -54.17 -13.74 -24.69
N GLY D 413 -53.42 -13.24 -23.70
CA GLY D 413 -53.98 -12.86 -22.41
C GLY D 413 -55.09 -11.84 -22.40
N ASN D 414 -55.03 -10.85 -23.29
CA ASN D 414 -55.96 -9.73 -23.22
C ASN D 414 -57.39 -10.10 -23.63
N ILE D 415 -57.59 -11.26 -24.24
CA ILE D 415 -58.94 -11.72 -24.62
C ILE D 415 -59.76 -12.31 -23.45
N TYR D 416 -59.14 -12.55 -22.29
CA TYR D 416 -59.83 -13.11 -21.10
C TYR D 416 -61.17 -12.41 -20.78
N PRO D 417 -61.16 -11.08 -20.54
CA PRO D 417 -62.43 -10.42 -20.22
C PRO D 417 -63.54 -10.60 -21.26
N ARG D 418 -63.18 -10.69 -22.54
CA ARG D 418 -64.14 -10.95 -23.62
C ARG D 418 -64.75 -12.34 -23.45
N GLY D 419 -63.90 -13.31 -23.14
CA GLY D 419 -64.38 -14.68 -22.88
C GLY D 419 -65.32 -14.75 -21.70
N TYR D 420 -64.98 -13.97 -20.66
CA TYR D 420 -65.76 -13.92 -19.41
C TYR D 420 -67.14 -13.37 -19.71
N ALA D 421 -67.20 -12.25 -20.43
CA ALA D 421 -68.48 -11.69 -20.86
C ALA D 421 -69.24 -12.67 -21.75
N GLN D 422 -68.50 -13.29 -22.68
CA GLN D 422 -69.08 -14.27 -23.62
C GLN D 422 -69.76 -15.45 -22.93
N ALA D 423 -69.13 -15.99 -21.89
CA ALA D 423 -69.69 -17.13 -21.13
C ALA D 423 -71.10 -16.84 -20.65
N PHE D 424 -71.29 -15.67 -20.06
CA PHE D 424 -72.59 -15.29 -19.52
C PHE D 424 -73.60 -14.86 -20.60
N TYR D 425 -73.15 -14.12 -21.61
CA TYR D 425 -74.05 -13.64 -22.66
C TYR D 425 -74.61 -14.80 -23.48
N GLU D 426 -73.74 -15.72 -23.89
CA GLU D 426 -74.19 -16.92 -24.64
C GLU D 426 -75.15 -17.78 -23.83
N GLY D 427 -74.81 -18.00 -22.56
CA GLY D 427 -75.65 -18.80 -21.67
C GLY D 427 -77.01 -18.20 -21.43
N MET D 428 -77.04 -16.90 -21.15
CA MET D 428 -78.30 -16.16 -20.93
C MET D 428 -79.16 -16.13 -22.19
N GLU D 429 -78.53 -15.95 -23.35
CA GLU D 429 -79.23 -15.98 -24.64
C GLU D 429 -79.82 -17.38 -24.93
N GLU D 430 -79.03 -18.41 -24.68
CA GLU D 430 -79.44 -19.81 -24.79
C GLU D 430 -80.64 -20.14 -23.89
N ALA D 431 -80.65 -19.55 -22.67
CA ALA D 431 -81.79 -19.65 -21.75
C ALA D 431 -83.00 -18.78 -22.13
N GLY D 432 -82.93 -18.03 -23.23
CA GLY D 432 -84.08 -17.28 -23.76
C GLY D 432 -84.17 -15.80 -23.41
N GLN D 433 -83.18 -15.26 -22.69
CA GLN D 433 -83.16 -13.84 -22.37
C GLN D 433 -82.76 -13.02 -23.59
N THR D 434 -83.46 -11.90 -23.79
CA THR D 434 -83.13 -10.90 -24.81
C THR D 434 -82.66 -9.60 -24.13
N GLU D 435 -82.05 -8.72 -24.90
CA GLU D 435 -81.50 -7.44 -24.39
C GLU D 435 -80.62 -7.64 -23.13
N ILE D 436 -79.60 -8.49 -23.26
CA ILE D 436 -78.75 -8.87 -22.14
C ILE D 436 -77.69 -7.80 -21.87
N VAL D 437 -77.57 -7.38 -20.61
CA VAL D 437 -76.45 -6.55 -20.14
C VAL D 437 -75.88 -7.14 -18.85
N ASN D 438 -74.55 -7.23 -18.79
CA ASN D 438 -73.84 -7.61 -17.58
C ASN D 438 -72.76 -6.58 -17.33
N LEU D 439 -72.45 -6.36 -16.06
CA LEU D 439 -71.47 -5.35 -15.66
C LEU D 439 -70.11 -6.03 -15.62
N LEU D 440 -69.19 -5.60 -16.50
CA LEU D 440 -67.87 -6.19 -16.69
C LEU D 440 -66.80 -5.23 -16.18
N ARG D 441 -65.79 -5.72 -15.48
CA ARG D 441 -64.72 -4.80 -15.06
C ARG D 441 -63.69 -4.52 -16.14
N CYS D 442 -63.69 -5.34 -17.19
CA CYS D 442 -62.71 -5.23 -18.26
C CYS D 442 -63.29 -5.73 -19.58
N ALA D 443 -62.55 -5.46 -20.66
CA ALA D 443 -63.01 -5.74 -22.00
C ALA D 443 -61.83 -5.88 -22.95
N TRP D 444 -62.06 -6.58 -24.05
CA TRP D 444 -61.17 -6.51 -25.21
C TRP D 444 -61.98 -6.09 -26.44
N ALA D 445 -61.29 -5.93 -27.56
CA ALA D 445 -61.95 -5.67 -28.84
C ALA D 445 -63.13 -6.62 -29.06
N GLY D 446 -64.28 -6.04 -29.36
CA GLY D 446 -65.49 -6.81 -29.60
C GLY D 446 -66.30 -7.19 -28.37
N SER D 447 -65.84 -6.86 -27.15
CA SER D 447 -66.62 -7.17 -25.93
C SER D 447 -68.04 -6.63 -25.99
N GLN D 448 -68.24 -5.52 -26.70
CA GLN D 448 -69.57 -4.93 -26.87
C GLN D 448 -70.63 -5.89 -27.38
N ARG D 449 -70.25 -6.85 -28.22
CA ARG D 449 -71.21 -7.82 -28.76
C ARG D 449 -71.73 -8.80 -27.70
N TYR D 450 -71.02 -8.94 -26.59
CA TYR D 450 -71.46 -9.77 -25.48
C TYR D 450 -72.11 -8.98 -24.35
N GLY D 451 -72.75 -7.85 -24.70
CA GLY D 451 -73.50 -7.04 -23.75
C GLY D 451 -72.69 -6.55 -22.57
N ALA D 452 -71.43 -6.21 -22.83
CA ALA D 452 -70.51 -5.78 -21.77
C ALA D 452 -70.71 -4.29 -21.48
N LEU D 453 -71.38 -4.00 -20.37
CA LEU D 453 -71.33 -2.68 -19.73
C LEU D 453 -70.06 -2.64 -18.90
N VAL D 454 -69.06 -1.86 -19.29
CA VAL D 454 -67.79 -1.85 -18.57
C VAL D 454 -67.80 -0.72 -17.53
N TRP D 455 -67.28 -0.98 -16.34
CA TRP D 455 -67.00 0.10 -15.38
C TRP D 455 -65.51 0.15 -15.09
N SER D 456 -65.04 1.32 -14.66
CA SER D 456 -63.61 1.60 -14.60
C SER D 456 -62.88 1.13 -13.33
N GLY D 457 -63.52 0.27 -12.55
CA GLY D 457 -62.84 -0.44 -11.48
C GLY D 457 -62.51 0.38 -10.23
N ASP D 458 -61.50 -0.09 -9.50
CA ASP D 458 -61.29 0.32 -8.10
C ASP D 458 -60.39 1.55 -7.95
N ILE D 459 -60.77 2.60 -8.64
CA ILE D 459 -60.03 3.88 -8.58
C ILE D 459 -60.26 4.56 -7.24
N ASN D 460 -59.36 5.46 -6.85
CA ASN D 460 -59.56 6.25 -5.64
C ASN D 460 -60.59 7.36 -5.81
N SER D 461 -61.05 7.88 -4.66
CA SER D 461 -62.07 8.91 -4.58
C SER D 461 -61.42 10.30 -4.51
N THR D 462 -60.99 10.80 -5.67
CA THR D 462 -60.36 12.13 -5.82
C THR D 462 -60.83 12.79 -7.10
N PHE D 463 -60.67 14.10 -7.16
CA PHE D 463 -60.93 14.84 -8.39
C PHE D 463 -59.98 14.44 -9.53
N GLY D 464 -58.75 14.09 -9.19
CA GLY D 464 -57.82 13.52 -10.17
C GLY D 464 -58.37 12.27 -10.84
N ALA D 465 -59.00 11.41 -10.05
CA ALA D 465 -59.62 10.20 -10.56
C ALA D 465 -60.82 10.54 -11.43
N LEU D 466 -61.65 11.49 -11.00
CA LEU D 466 -62.82 11.92 -11.79
C LEU D 466 -62.41 12.37 -13.21
N ARG D 467 -61.39 13.21 -13.28
CA ARG D 467 -60.83 13.66 -14.55
C ARG D 467 -60.35 12.50 -15.42
N ASN D 468 -59.58 11.57 -14.85
CA ASN D 468 -59.14 10.39 -15.59
C ASN D 468 -60.33 9.57 -16.13
N GLN D 469 -61.38 9.43 -15.32
CA GLN D 469 -62.55 8.64 -15.73
C GLN D 469 -63.27 9.26 -16.91
N LEU D 470 -63.40 10.59 -16.94
CA LEU D 470 -64.03 11.26 -18.09
C LEU D 470 -63.31 10.93 -19.41
N MET D 471 -61.98 11.09 -19.41
CA MET D 471 -61.18 10.79 -20.59
C MET D 471 -61.29 9.32 -20.98
N ALA D 472 -61.21 8.45 -19.98
CA ALA D 472 -61.26 7.02 -20.17
C ALA D 472 -62.58 6.55 -20.78
N GLY D 473 -63.70 7.06 -20.28
CA GLY D 473 -65.01 6.64 -20.79
C GLY D 473 -65.24 7.10 -22.21
N LEU D 474 -64.80 8.32 -22.52
CA LEU D 474 -64.83 8.85 -23.88
C LEU D 474 -63.98 8.01 -24.84
N ASN D 475 -62.75 7.71 -24.44
CA ASN D 475 -61.90 6.81 -25.22
C ASN D 475 -62.48 5.40 -25.34
N MET D 476 -63.16 4.91 -24.30
CA MET D 476 -63.80 3.58 -24.40
C MET D 476 -64.90 3.56 -25.45
N GLY D 477 -65.64 4.65 -25.56
CA GLY D 477 -66.68 4.77 -26.58
C GLY D 477 -66.11 4.77 -27.99
N ILE D 478 -65.00 5.48 -28.18
CA ILE D 478 -64.29 5.52 -29.47
C ILE D 478 -63.75 4.12 -29.79
N ALA D 479 -63.29 3.40 -28.76
CA ALA D 479 -62.84 2.00 -28.92
C ALA D 479 -63.98 0.97 -29.11
N GLY D 480 -65.23 1.44 -29.23
CA GLY D 480 -66.36 0.57 -29.59
C GLY D 480 -67.15 0.00 -28.42
N ILE D 481 -66.95 0.57 -27.23
CA ILE D 481 -67.62 0.13 -25.99
C ILE D 481 -68.58 1.26 -25.57
N PRO D 482 -69.81 1.24 -26.10
CA PRO D 482 -70.75 2.33 -25.79
C PRO D 482 -71.35 2.26 -24.39
N TRP D 483 -71.48 1.04 -23.85
CA TRP D 483 -72.02 0.84 -22.51
C TRP D 483 -70.86 0.90 -21.53
N TRP D 484 -70.75 2.02 -20.84
CA TRP D 484 -69.65 2.26 -19.92
C TRP D 484 -70.13 3.13 -18.76
N THR D 485 -69.52 2.93 -17.59
CA THR D 485 -69.89 3.69 -16.39
C THR D 485 -68.75 3.67 -15.39
N THR D 486 -68.97 4.27 -14.22
CA THR D 486 -68.00 4.27 -13.11
C THR D 486 -68.73 4.03 -11.79
N ASP D 487 -67.96 3.89 -10.71
CA ASP D 487 -68.50 4.06 -9.36
C ASP D 487 -68.66 5.57 -9.11
N ILE D 488 -69.90 6.05 -8.97
CA ILE D 488 -70.12 7.45 -8.58
C ILE D 488 -69.45 7.69 -7.21
N GLY D 489 -68.63 8.74 -7.17
CA GLY D 489 -67.75 9.04 -6.05
C GLY D 489 -66.41 8.31 -6.05
N GLY D 490 -66.17 7.45 -7.05
CA GLY D 490 -65.01 6.56 -7.02
C GLY D 490 -65.15 5.43 -6.02
N PHE D 491 -64.16 4.55 -5.97
CA PHE D 491 -64.24 3.31 -5.19
C PHE D 491 -63.67 3.48 -3.78
N ASP D 492 -62.43 3.94 -3.68
CA ASP D 492 -61.65 3.77 -2.47
C ASP D 492 -61.34 5.12 -1.86
N GLY D 493 -61.67 5.26 -0.57
CA GLY D 493 -61.17 6.37 0.26
C GLY D 493 -62.15 7.44 0.68
N GLY D 494 -63.40 7.35 0.23
CA GLY D 494 -64.39 8.37 0.57
C GLY D 494 -64.98 8.20 1.97
N ASP D 495 -64.64 9.11 2.89
CA ASP D 495 -65.29 9.16 4.19
C ASP D 495 -66.64 9.84 4.06
N ILE D 496 -67.71 9.15 4.43
CA ILE D 496 -69.07 9.68 4.26
C ILE D 496 -69.38 10.97 5.04
N ASN D 497 -68.59 11.27 6.06
CA ASN D 497 -68.73 12.52 6.83
C ASN D 497 -67.84 13.68 6.36
N ASP D 498 -66.91 13.41 5.44
CA ASP D 498 -65.90 14.39 5.04
C ASP D 498 -66.50 15.31 3.96
N PRO D 499 -66.57 16.62 4.21
CA PRO D 499 -67.08 17.55 3.21
C PRO D 499 -66.30 17.55 1.89
N ALA D 500 -64.99 17.31 1.96
CA ALA D 500 -64.15 17.26 0.76
C ALA D 500 -64.60 16.11 -0.13
N PHE D 501 -64.80 14.94 0.45
CA PHE D 501 -65.34 13.81 -0.28
C PHE D 501 -66.78 14.06 -0.75
N GLN D 502 -67.59 14.67 0.12
CA GLN D 502 -68.98 14.98 -0.25
C GLN D 502 -69.07 15.88 -1.48
N GLU D 503 -68.20 16.87 -1.59
CA GLU D 503 -68.17 17.70 -2.78
C GLU D 503 -67.87 16.88 -4.04
N LEU D 504 -66.82 16.05 -3.95
CA LEU D 504 -66.47 15.14 -5.04
C LEU D 504 -67.65 14.25 -5.41
N LEU D 505 -68.31 13.69 -4.42
CA LEU D 505 -69.47 12.81 -4.66
C LEU D 505 -70.54 13.51 -5.50
N ILE D 506 -70.86 14.75 -5.13
CA ILE D 506 -71.85 15.53 -5.86
C ILE D 506 -71.44 15.79 -7.31
N ARG D 507 -70.20 16.22 -7.51
CA ARG D 507 -69.73 16.48 -8.88
C ARG D 507 -69.74 15.21 -9.75
N TRP D 508 -69.33 14.10 -9.17
CA TRP D 508 -69.30 12.82 -9.88
C TRP D 508 -70.72 12.33 -10.15
N PHE D 509 -71.64 12.54 -9.19
CA PHE D 509 -73.06 12.18 -9.38
C PHE D 509 -73.68 13.01 -10.50
N GLN D 510 -73.37 14.31 -10.53
CA GLN D 510 -73.89 15.19 -11.57
C GLN D 510 -73.41 14.76 -12.97
N TRP D 511 -72.13 14.39 -13.07
CA TRP D 511 -71.58 13.79 -14.30
C TRP D 511 -72.25 12.43 -14.58
N GLY D 512 -72.45 11.63 -13.53
CA GLY D 512 -73.06 10.31 -13.64
C GLY D 512 -74.42 10.29 -14.29
N VAL D 513 -75.19 11.36 -14.10
CA VAL D 513 -76.49 11.55 -14.75
C VAL D 513 -76.35 11.50 -16.29
N PHE D 514 -75.21 12.01 -16.78
CA PHE D 514 -74.93 12.07 -18.19
C PHE D 514 -73.87 11.06 -18.63
N CYS D 515 -73.83 9.91 -17.94
CA CYS D 515 -73.04 8.77 -18.35
C CYS D 515 -73.98 7.72 -18.94
N PRO D 516 -73.41 6.77 -19.70
CA PRO D 516 -74.30 5.80 -20.35
C PRO D 516 -75.18 5.05 -19.35
N VAL D 517 -74.59 4.66 -18.22
CA VAL D 517 -75.34 4.13 -17.08
C VAL D 517 -75.01 4.99 -15.85
N THR D 518 -76.03 5.25 -15.03
CA THR D 518 -75.92 6.02 -13.79
C THR D 518 -75.90 5.04 -12.61
N ARG D 519 -74.72 4.83 -12.01
CA ARG D 519 -74.56 3.80 -11.00
C ARG D 519 -73.78 4.33 -9.80
N LEU D 520 -74.40 4.23 -8.61
CA LEU D 520 -73.74 4.58 -7.35
C LEU D 520 -73.13 3.32 -6.75
N HIS D 521 -71.84 3.39 -6.43
CA HIS D 521 -71.13 2.30 -5.78
C HIS D 521 -69.89 2.87 -5.10
N GLY D 522 -69.39 2.14 -4.12
CA GLY D 522 -68.09 2.44 -3.52
C GLY D 522 -67.80 1.64 -2.28
N PHE D 523 -66.56 1.76 -1.83
CA PHE D 523 -66.12 1.19 -0.58
C PHE D 523 -65.88 2.37 0.36
N ARG D 524 -66.94 2.78 1.04
CA ARG D 524 -66.92 4.02 1.84
C ARG D 524 -66.36 3.81 3.23
N GLN D 525 -65.68 4.85 3.71
CA GLN D 525 -65.14 4.88 5.07
C GLN D 525 -66.15 5.60 6.00
N PRO D 526 -66.16 5.29 7.29
CA PRO D 526 -65.30 4.29 7.93
C PRO D 526 -65.77 2.85 7.70
N MET D 527 -64.81 1.97 7.43
CA MET D 527 -65.09 0.57 7.16
C MET D 527 -65.37 -0.19 8.45
N GLU D 528 -65.99 -1.37 8.31
CA GLU D 528 -66.32 -2.23 9.44
C GLU D 528 -65.76 -3.64 9.21
N GLU D 529 -64.87 -4.08 10.10
CA GLU D 529 -64.34 -5.46 10.07
C GLU D 529 -65.47 -6.44 10.39
N PRO D 530 -65.41 -7.68 9.86
CA PRO D 530 -66.48 -8.62 10.19
C PRO D 530 -66.41 -9.05 11.67
N ALA D 531 -67.55 -9.47 12.22
CA ALA D 531 -67.64 -9.91 13.63
C ALA D 531 -66.62 -11.01 13.94
N GLU D 532 -66.59 -11.99 13.05
CA GLU D 532 -65.66 -13.14 13.15
C GLU D 532 -64.72 -13.04 11.94
N THR D 533 -63.41 -13.04 12.20
CA THR D 533 -62.40 -12.96 11.13
C THR D 533 -62.48 -14.19 10.22
N TYR D 534 -62.67 -15.37 10.82
CA TYR D 534 -62.87 -16.62 10.11
C TYR D 534 -64.14 -17.31 10.56
N ARG D 535 -64.75 -18.05 9.64
CA ARG D 535 -65.87 -18.93 9.92
C ARG D 535 -65.61 -20.22 9.14
N ASP D 536 -65.43 -21.33 9.87
CA ASP D 536 -65.08 -22.64 9.28
C ASP D 536 -63.78 -22.57 8.47
N GLY D 537 -62.81 -21.82 8.98
CA GLY D 537 -61.54 -21.59 8.27
C GLY D 537 -61.57 -20.70 7.03
N ILE D 538 -62.76 -20.23 6.64
CA ILE D 538 -62.92 -19.34 5.49
C ILE D 538 -62.91 -17.89 5.96
N ALA D 539 -61.97 -17.10 5.44
CA ALA D 539 -61.87 -15.67 5.79
C ALA D 539 -63.14 -14.92 5.43
N GLN D 540 -63.61 -14.10 6.37
CA GLN D 540 -64.82 -13.32 6.18
C GLN D 540 -64.48 -11.92 5.63
N CYS D 541 -65.41 -11.39 4.86
CA CYS D 541 -65.22 -10.13 4.15
C CYS D 541 -65.87 -8.97 4.90
N MET D 542 -65.10 -7.90 5.07
CA MET D 542 -65.59 -6.63 5.64
C MET D 542 -66.67 -5.92 4.79
N THR D 543 -67.18 -4.80 5.31
CA THR D 543 -68.06 -3.88 4.58
C THR D 543 -67.55 -2.46 4.79
N GLY D 544 -67.94 -1.58 3.87
CA GLY D 544 -67.76 -0.15 4.02
C GLY D 544 -69.00 0.44 4.68
N ALA D 545 -68.95 1.74 4.90
CA ALA D 545 -70.05 2.52 5.46
C ALA D 545 -71.24 2.60 4.50
N ALA D 546 -72.30 3.28 4.94
CA ALA D 546 -73.48 3.48 4.10
C ALA D 546 -73.14 4.22 2.80
N ASN D 547 -73.90 3.96 1.75
CA ASN D 547 -73.70 4.64 0.46
C ASN D 547 -75.00 4.80 -0.30
N GLU D 548 -76.00 5.35 0.39
CA GLU D 548 -77.30 5.62 -0.23
C GLU D 548 -77.41 7.13 -0.37
N ILE D 549 -78.32 7.64 -1.19
CA ILE D 549 -78.34 9.09 -1.44
C ILE D 549 -78.71 9.96 -0.22
N TRP D 550 -79.26 9.33 0.83
CA TRP D 550 -79.60 9.99 2.11
C TRP D 550 -78.50 9.88 3.15
N SER D 551 -77.38 9.22 2.81
CA SER D 551 -76.34 8.94 3.78
C SER D 551 -75.34 10.10 3.99
N TYR D 552 -75.55 11.25 3.33
CA TYR D 552 -74.56 12.33 3.28
C TYR D 552 -75.11 13.69 3.68
N GLY D 553 -76.20 13.70 4.46
CA GLY D 553 -76.79 14.93 4.96
C GLY D 553 -77.90 15.44 4.07
N GLU D 554 -78.62 16.44 4.57
CA GLU D 554 -79.85 16.91 3.95
C GLU D 554 -79.63 17.62 2.61
N ASP D 555 -78.66 18.52 2.56
CA ASP D 555 -78.43 19.32 1.34
C ASP D 555 -77.94 18.43 0.20
N ASN D 556 -77.01 17.54 0.51
CA ASN D 556 -76.51 16.57 -0.46
C ASN D 556 -77.63 15.63 -0.95
N TYR D 557 -78.53 15.24 -0.04
CA TYR D 557 -79.70 14.44 -0.41
C TYR D 557 -80.56 15.13 -1.46
N ALA D 558 -80.86 16.40 -1.24
CA ALA D 558 -81.66 17.19 -2.18
C ALA D 558 -81.04 17.25 -3.58
N ILE D 559 -79.72 17.44 -3.65
CA ILE D 559 -79.04 17.50 -4.94
C ILE D 559 -79.12 16.14 -5.65
N MET D 560 -78.76 15.07 -4.96
CA MET D 560 -78.76 13.72 -5.55
C MET D 560 -80.17 13.27 -5.92
N LYS D 561 -81.16 13.62 -5.10
CA LYS D 561 -82.55 13.33 -5.43
C LYS D 561 -82.95 14.04 -6.72
N SER D 562 -82.55 15.30 -6.89
CA SER D 562 -82.84 16.01 -8.14
C SER D 562 -82.09 15.37 -9.34
N CYS D 563 -80.88 14.88 -9.11
CA CYS D 563 -80.12 14.12 -10.12
C CYS D 563 -80.88 12.86 -10.53
N LEU D 564 -81.39 12.09 -9.56
CA LEU D 564 -82.16 10.88 -9.89
C LEU D 564 -83.40 11.22 -10.71
N GLU D 565 -84.09 12.32 -10.35
CA GLU D 565 -85.28 12.78 -11.10
C GLU D 565 -84.95 13.22 -12.51
N LEU D 566 -83.83 13.93 -12.68
CA LEU D 566 -83.35 14.32 -14.01
C LEU D 566 -83.03 13.08 -14.87
N ARG D 567 -82.35 12.10 -14.26
CA ARG D 567 -82.03 10.87 -14.96
C ARG D 567 -83.29 10.17 -15.48
N GLU D 568 -84.32 10.06 -14.62
CA GLU D 568 -85.61 9.49 -15.06
C GLU D 568 -86.19 10.20 -16.27
N ARG D 569 -86.11 11.53 -16.28
CA ARG D 569 -86.63 12.33 -17.41
C ARG D 569 -85.82 12.11 -18.69
N LEU D 570 -84.53 11.83 -18.53
CA LEU D 570 -83.64 11.53 -19.66
C LEU D 570 -83.78 10.12 -20.25
N ARG D 571 -84.52 9.22 -19.59
CA ARG D 571 -84.53 7.81 -19.99
C ARG D 571 -84.99 7.55 -21.43
N PRO D 572 -86.08 8.19 -21.90
CA PRO D 572 -86.47 8.03 -23.31
C PRO D 572 -85.36 8.43 -24.30
N TYR D 573 -84.70 9.56 -24.04
CA TYR D 573 -83.54 9.99 -24.84
C TYR D 573 -82.41 8.97 -24.74
N VAL D 574 -82.10 8.54 -23.52
CA VAL D 574 -81.03 7.55 -23.31
C VAL D 574 -81.32 6.30 -24.15
N MET D 575 -82.57 5.83 -24.12
CA MET D 575 -82.93 4.66 -24.90
C MET D 575 -82.83 4.90 -26.42
N ARG D 576 -83.13 6.10 -26.89
CA ARG D 576 -82.91 6.42 -28.31
C ARG D 576 -81.43 6.40 -28.67
N VAL D 577 -80.59 6.93 -27.78
CA VAL D 577 -79.15 6.97 -28.03
C VAL D 577 -78.55 5.54 -27.98
N MET D 578 -79.05 4.72 -27.07
CA MET D 578 -78.68 3.32 -26.99
C MET D 578 -79.07 2.53 -28.24
N LYS D 579 -80.25 2.81 -28.79
CA LYS D 579 -80.68 2.20 -30.05
C LYS D 579 -79.74 2.59 -31.18
N ALA D 580 -79.35 3.87 -31.21
CA ALA D 580 -78.40 4.37 -32.21
C ALA D 580 -77.03 3.70 -32.06
N ALA D 581 -76.59 3.42 -30.82
CA ALA D 581 -75.34 2.66 -30.59
C ALA D 581 -75.43 1.25 -31.19
N HIS D 582 -76.57 0.60 -30.93
CA HIS D 582 -76.86 -0.71 -31.50
C HIS D 582 -76.88 -0.70 -33.05
N ASP D 583 -77.56 0.28 -33.63
CA ASP D 583 -77.74 0.39 -35.09
C ASP D 583 -76.52 0.88 -35.86
N THR D 584 -75.73 1.78 -35.27
CA THR D 584 -74.70 2.52 -36.01
C THR D 584 -73.29 2.44 -35.42
N GLY D 585 -73.13 1.81 -34.26
CA GLY D 585 -71.86 1.81 -33.54
C GLY D 585 -71.43 3.12 -32.90
N ALA D 586 -72.29 4.14 -32.90
CA ALA D 586 -71.95 5.43 -32.32
C ALA D 586 -71.90 5.26 -30.81
N PRO D 587 -70.86 5.82 -30.14
CA PRO D 587 -70.89 5.82 -28.68
C PRO D 587 -72.00 6.72 -28.11
N VAL D 588 -72.27 6.51 -26.82
CA VAL D 588 -73.32 7.23 -26.10
C VAL D 588 -72.75 8.53 -25.57
N MET D 589 -71.65 8.44 -24.82
CA MET D 589 -70.88 9.62 -24.45
C MET D 589 -69.75 9.73 -25.49
N ARG D 590 -69.70 10.88 -26.17
CA ARG D 590 -68.85 11.07 -27.35
C ARG D 590 -68.05 12.35 -27.21
N PRO D 591 -66.79 12.35 -27.68
CA PRO D 591 -66.07 13.62 -27.77
C PRO D 591 -66.76 14.60 -28.71
N LEU D 592 -66.50 15.88 -28.53
CA LEU D 592 -67.12 16.93 -29.36
C LEU D 592 -66.94 16.72 -30.86
N PHE D 593 -65.77 16.23 -31.26
CA PHE D 593 -65.47 16.01 -32.67
C PHE D 593 -66.34 14.94 -33.33
N PHE D 594 -66.98 14.08 -32.54
CA PHE D 594 -67.88 13.07 -33.09
C PHE D 594 -69.09 13.71 -33.76
N ASP D 595 -69.66 14.73 -33.12
CA ASP D 595 -70.83 15.43 -33.63
C ASP D 595 -70.50 16.69 -34.41
N PHE D 596 -69.29 17.27 -34.18
CA PHE D 596 -68.86 18.51 -34.81
C PHE D 596 -67.44 18.36 -35.38
N PRO D 597 -67.26 17.41 -36.32
CA PRO D 597 -65.90 17.09 -36.81
C PRO D 597 -65.24 18.20 -37.63
N ASP D 598 -66.00 19.14 -38.18
CA ASP D 598 -65.43 20.24 -38.98
C ASP D 598 -65.02 21.46 -38.18
N GLN D 599 -65.12 21.40 -36.86
CA GLN D 599 -64.76 22.56 -36.03
C GLN D 599 -63.52 22.26 -35.22
N ALA D 600 -62.52 23.15 -35.31
CA ALA D 600 -61.21 22.91 -34.69
C ALA D 600 -61.29 22.74 -33.18
N GLU D 601 -62.14 23.52 -32.52
CA GLU D 601 -62.28 23.44 -31.05
C GLU D 601 -62.75 22.05 -30.58
N ALA D 602 -63.57 21.40 -31.40
CA ALA D 602 -64.07 20.06 -31.10
C ALA D 602 -62.97 19.01 -30.97
N TRP D 603 -61.86 19.22 -31.67
CA TRP D 603 -60.67 18.36 -31.60
C TRP D 603 -59.66 18.76 -30.51
N GLN D 604 -59.87 19.92 -29.89
CA GLN D 604 -58.97 20.44 -28.83
C GLN D 604 -59.54 20.25 -27.42
N ILE D 605 -60.87 20.40 -27.30
CA ILE D 605 -61.50 20.44 -25.97
C ILE D 605 -61.71 19.02 -25.46
N GLU D 606 -61.17 18.74 -24.28
CA GLU D 606 -61.26 17.43 -23.63
C GLU D 606 -62.13 17.40 -22.35
N ASP D 607 -62.53 18.56 -21.84
CA ASP D 607 -63.32 18.68 -20.60
C ASP D 607 -64.82 18.98 -20.84
N GLN D 608 -65.25 18.81 -22.08
CA GLN D 608 -66.67 18.81 -22.45
C GLN D 608 -66.90 17.62 -23.36
N TYR D 609 -68.15 17.19 -23.46
CA TYR D 609 -68.51 16.11 -24.37
C TYR D 609 -69.99 16.18 -24.73
N MET D 610 -70.39 15.30 -25.63
CA MET D 610 -71.76 15.16 -26.07
C MET D 610 -72.34 13.88 -25.51
N PHE D 611 -73.47 14.00 -24.82
CA PHE D 611 -74.22 12.85 -24.34
C PHE D 611 -75.32 12.65 -25.37
N GLY D 612 -75.08 11.73 -26.31
CA GLY D 612 -75.85 11.68 -27.54
C GLY D 612 -75.67 12.96 -28.35
N PRO D 613 -76.40 13.09 -29.46
CA PRO D 613 -76.19 14.25 -30.32
C PRO D 613 -76.76 15.58 -29.80
N ASP D 614 -77.59 15.55 -28.74
CA ASP D 614 -78.42 16.69 -28.36
C ASP D 614 -78.12 17.35 -27.03
N ILE D 615 -77.18 16.79 -26.26
CA ILE D 615 -76.85 17.35 -24.96
C ILE D 615 -75.35 17.54 -24.85
N LEU D 616 -74.94 18.79 -24.62
CA LEU D 616 -73.56 19.18 -24.35
C LEU D 616 -73.35 19.23 -22.84
N VAL D 617 -72.38 18.47 -22.34
CA VAL D 617 -72.08 18.37 -20.91
C VAL D 617 -70.69 18.95 -20.66
N ALA D 618 -70.58 19.74 -19.59
CA ALA D 618 -69.31 20.36 -19.18
C ALA D 618 -69.06 20.10 -17.69
N PRO D 619 -68.54 18.91 -17.35
CA PRO D 619 -68.35 18.57 -15.93
C PRO D 619 -67.41 19.49 -15.17
N VAL D 620 -67.60 19.55 -13.85
CA VAL D 620 -66.68 20.24 -12.96
C VAL D 620 -65.73 19.19 -12.42
N LEU D 621 -64.43 19.41 -12.67
CA LEU D 621 -63.39 18.45 -12.37
C LEU D 621 -62.38 18.93 -11.33
N GLU D 622 -62.68 20.04 -10.65
CA GLU D 622 -61.84 20.58 -9.58
C GLU D 622 -62.63 20.85 -8.30
N ALA D 623 -62.06 20.45 -7.16
CA ALA D 623 -62.55 20.86 -5.84
C ALA D 623 -62.54 22.37 -5.72
N GLY D 624 -63.64 22.91 -5.17
CA GLY D 624 -63.79 24.33 -4.91
C GLY D 624 -64.25 25.15 -6.10
N GLN D 625 -64.40 24.51 -7.25
CA GLN D 625 -64.65 25.25 -8.48
C GLN D 625 -66.14 25.57 -8.53
N ARG D 626 -66.43 26.84 -8.81
CA ARG D 626 -67.82 27.35 -8.84
C ARG D 626 -68.19 28.10 -10.13
N SER D 627 -67.27 28.12 -11.09
CA SER D 627 -67.57 28.57 -12.44
C SER D 627 -66.59 27.85 -13.38
N ARG D 628 -66.96 27.77 -14.65
CA ARG D 628 -66.06 27.25 -15.68
C ARG D 628 -66.43 27.78 -17.06
N LYS D 629 -65.48 27.74 -17.99
CA LYS D 629 -65.76 28.16 -19.35
C LYS D 629 -66.36 26.99 -20.14
N VAL D 630 -67.27 27.29 -21.06
CA VAL D 630 -67.95 26.28 -21.87
C VAL D 630 -68.02 26.78 -23.30
N TRP D 631 -67.48 26.00 -24.22
CA TRP D 631 -67.58 26.26 -25.65
C TRP D 631 -68.87 25.67 -26.20
N LEU D 632 -69.63 26.48 -26.91
CA LEU D 632 -70.88 26.06 -27.55
C LEU D 632 -70.59 25.86 -29.04
N PRO D 633 -70.68 24.61 -29.53
CA PRO D 633 -70.42 24.34 -30.94
C PRO D 633 -71.29 25.14 -31.91
N GLU D 634 -70.68 25.55 -33.02
CA GLU D 634 -71.40 26.23 -34.09
C GLU D 634 -72.33 25.23 -34.79
N GLY D 635 -73.40 25.77 -35.37
CA GLY D 635 -74.33 24.98 -36.20
C GLY D 635 -75.73 24.86 -35.65
N CYS D 636 -75.93 25.31 -34.43
CA CYS D 636 -77.24 25.27 -33.79
C CYS D 636 -77.25 26.23 -32.61
N ALA D 637 -78.45 26.49 -32.10
CA ALA D 637 -78.60 27.23 -30.84
C ALA D 637 -78.63 26.24 -29.67
N TRP D 638 -78.32 26.74 -28.48
CA TRP D 638 -78.21 25.92 -27.27
C TRP D 638 -79.03 26.50 -26.13
N ILE D 639 -79.73 25.63 -25.41
CA ILE D 639 -80.55 26.04 -24.28
C ILE D 639 -79.86 25.62 -22.99
N ASP D 640 -79.59 26.59 -22.12
CA ASP D 640 -79.00 26.33 -20.82
C ASP D 640 -80.01 25.56 -19.97
N LEU D 641 -79.66 24.32 -19.62
CA LEU D 641 -80.57 23.46 -18.86
C LEU D 641 -80.98 24.06 -17.48
N ASN D 642 -80.10 24.85 -16.88
CA ASN D 642 -80.28 25.39 -15.53
C ASN D 642 -80.80 26.81 -15.45
N THR D 643 -80.73 27.58 -16.54
CA THR D 643 -81.29 28.94 -16.58
C THR D 643 -82.35 29.14 -17.65
N GLY D 644 -82.43 28.25 -18.63
CA GLY D 644 -83.34 28.45 -19.76
C GLY D 644 -82.90 29.45 -20.83
N ALA D 645 -81.76 30.12 -20.64
CA ALA D 645 -81.26 31.08 -21.63
C ALA D 645 -80.92 30.38 -22.96
N ARG D 646 -81.25 31.04 -24.07
CA ARG D 646 -80.89 30.59 -25.40
C ARG D 646 -79.58 31.25 -25.78
N GLN D 647 -78.61 30.46 -26.25
CA GLN D 647 -77.33 30.98 -26.71
C GLN D 647 -77.05 30.43 -28.09
N ASN D 648 -76.60 31.31 -28.99
CA ASN D 648 -76.19 30.89 -30.32
C ASN D 648 -74.88 30.10 -30.22
N GLY D 649 -74.73 29.10 -31.08
CA GLY D 649 -73.49 28.34 -31.19
C GLY D 649 -72.34 29.19 -31.75
N GLY D 650 -71.11 28.75 -31.51
CA GLY D 650 -69.93 29.46 -31.96
C GLY D 650 -69.46 30.52 -30.99
N GLN D 651 -69.63 30.30 -29.69
CA GLN D 651 -69.15 31.25 -28.66
C GLN D 651 -68.81 30.51 -27.39
N TRP D 652 -68.16 31.23 -26.48
CA TRP D 652 -67.80 30.73 -25.17
C TRP D 652 -68.70 31.36 -24.12
N CYS D 653 -69.15 30.54 -23.16
CA CYS D 653 -69.86 31.01 -21.98
C CYS D 653 -68.92 30.99 -20.78
N ASP D 654 -68.86 32.10 -20.03
CA ASP D 654 -68.27 32.09 -18.68
C ASP D 654 -69.40 31.65 -17.74
N CYS D 655 -69.49 30.35 -17.52
CA CYS D 655 -70.71 29.74 -16.98
C CYS D 655 -70.65 29.49 -15.47
N ASP D 656 -71.72 29.85 -14.79
CA ASP D 656 -71.91 29.56 -13.37
C ASP D 656 -71.90 28.03 -13.17
N ALA D 657 -71.25 27.57 -12.10
CA ALA D 657 -71.22 26.14 -11.76
C ALA D 657 -71.34 26.02 -10.26
N PRO D 658 -72.52 26.36 -9.70
CA PRO D 658 -72.66 26.22 -8.25
C PRO D 658 -72.57 24.75 -7.85
N LEU D 659 -72.41 24.48 -6.55
CA LEU D 659 -72.36 23.11 -6.09
C LEU D 659 -73.58 22.30 -6.57
N GLU D 660 -74.72 22.97 -6.76
CA GLU D 660 -75.98 22.28 -7.09
C GLU D 660 -76.12 21.92 -8.56
N ALA D 661 -75.22 22.40 -9.43
CA ALA D 661 -75.28 22.03 -10.85
C ALA D 661 -73.99 22.21 -11.64
N ILE D 662 -73.78 21.30 -12.60
CA ILE D 662 -72.77 21.47 -13.65
C ILE D 662 -73.42 22.05 -14.91
N PRO D 663 -72.65 22.83 -15.71
CA PRO D 663 -73.23 23.37 -16.94
C PRO D 663 -73.61 22.29 -17.95
N VAL D 664 -74.84 22.35 -18.42
CA VAL D 664 -75.37 21.43 -19.43
C VAL D 664 -76.22 22.26 -20.38
N PHE D 665 -76.02 22.04 -21.68
CA PHE D 665 -76.82 22.72 -22.70
C PHE D 665 -77.52 21.69 -23.59
N ILE D 666 -78.72 22.06 -24.04
CA ILE D 666 -79.56 21.22 -24.89
C ILE D 666 -79.60 21.82 -26.29
N ARG D 667 -79.42 20.98 -27.31
CA ARG D 667 -79.57 21.42 -28.71
C ARG D 667 -81.01 21.91 -28.88
N GLU D 668 -81.18 23.16 -29.28
CA GLU D 668 -82.51 23.72 -29.42
C GLU D 668 -83.35 22.94 -30.41
N ALA D 669 -84.59 22.65 -30.01
CA ALA D 669 -85.59 21.95 -30.84
C ALA D 669 -85.33 20.44 -31.02
N ALA D 670 -84.34 19.88 -30.32
CA ALA D 670 -84.21 18.43 -30.24
C ALA D 670 -85.39 17.91 -29.42
N ALA D 671 -85.86 16.70 -29.74
CA ALA D 671 -86.97 16.08 -29.00
C ALA D 671 -86.73 16.06 -27.48
N VAL D 672 -85.50 15.81 -27.06
CA VAL D 672 -85.17 15.81 -25.63
C VAL D 672 -85.42 17.14 -24.90
N GLN D 673 -85.36 18.27 -25.61
CA GLN D 673 -85.65 19.57 -24.99
C GLN D 673 -87.03 19.58 -24.32
N ALA D 674 -88.04 19.10 -25.05
CA ALA D 674 -89.41 19.02 -24.55
C ALA D 674 -89.64 17.93 -23.48
N GLU D 675 -88.75 16.93 -23.42
CA GLU D 675 -88.79 15.86 -22.42
C GLU D 675 -88.23 16.28 -21.05
N LEU D 676 -87.53 17.40 -21.01
CA LEU D 676 -86.98 17.96 -19.79
C LEU D 676 -87.77 19.18 -19.34
N SER D 677 -87.80 19.39 -18.03
CA SER D 677 -88.40 20.57 -17.45
C SER D 677 -87.27 21.58 -17.24
N ILE D 678 -87.33 22.68 -17.97
CA ILE D 678 -86.26 23.68 -17.98
C ILE D 678 -86.80 24.97 -17.37
N ALA D 679 -86.30 25.30 -16.18
CA ALA D 679 -86.68 26.51 -15.45
C ALA D 679 -86.08 27.74 -16.10
N LEU D 680 -86.81 28.84 -16.07
CA LEU D 680 -86.34 30.10 -16.63
C LEU D 680 -85.87 31.00 -15.49
N GLU D 681 -84.56 31.10 -15.30
CA GLU D 681 -83.99 31.90 -14.22
C GLU D 681 -83.67 33.30 -14.75
N SER E 2 -1.55 -19.64 -26.62
CA SER E 2 -1.61 -20.42 -25.36
C SER E 2 -0.48 -19.95 -24.45
N GLU E 3 -0.79 -19.63 -23.20
CA GLU E 3 0.19 -19.04 -22.30
C GLU E 3 0.09 -19.64 -20.91
N PHE E 4 1.24 -20.03 -20.35
CA PHE E 4 1.33 -20.43 -18.96
C PHE E 4 1.85 -19.24 -18.16
N ILE E 5 1.29 -19.04 -16.98
CA ILE E 5 1.81 -18.08 -16.01
C ILE E 5 2.05 -18.90 -14.75
N LEU E 6 3.33 -19.10 -14.44
CA LEU E 6 3.73 -20.04 -13.42
C LEU E 6 4.43 -19.29 -12.29
N THR E 7 4.06 -19.62 -11.06
CA THR E 7 4.79 -19.20 -9.87
C THR E 7 5.22 -20.47 -9.13
N SER E 8 5.89 -20.29 -7.99
CA SER E 8 6.41 -21.43 -7.22
C SER E 8 5.30 -22.39 -6.73
N ASP E 9 4.09 -21.87 -6.53
CA ASP E 9 2.98 -22.67 -5.97
C ASP E 9 1.65 -22.55 -6.75
N LYS E 10 1.68 -22.05 -7.98
CA LYS E 10 0.45 -21.84 -8.74
C LYS E 10 0.68 -22.06 -10.22
N LEU E 11 -0.21 -22.84 -10.85
CA LEU E 11 -0.23 -23.04 -12.30
C LEU E 11 -1.42 -22.30 -12.89
N VAL E 12 -1.16 -21.34 -13.78
CA VAL E 12 -2.22 -20.67 -14.55
C VAL E 12 -1.97 -20.90 -16.04
N TRP E 13 -2.99 -21.40 -16.74
CA TRP E 13 -3.00 -21.50 -18.20
C TRP E 13 -4.10 -20.56 -18.71
N THR E 14 -3.83 -19.88 -19.82
CA THR E 14 -4.82 -18.98 -20.41
C THR E 14 -4.81 -18.97 -21.94
N TYR E 15 -6.02 -18.89 -22.50
CA TYR E 15 -6.23 -18.65 -23.92
C TYR E 15 -7.61 -18.01 -24.12
N ASP E 16 -7.64 -16.91 -24.86
CA ASP E 16 -8.89 -16.21 -25.25
C ASP E 16 -9.81 -15.87 -24.07
N GLY E 17 -9.19 -15.38 -23.00
CA GLY E 17 -9.90 -15.03 -21.79
C GLY E 17 -10.21 -16.18 -20.84
N HIS E 18 -10.09 -17.43 -21.30
CA HIS E 18 -10.29 -18.59 -20.43
C HIS E 18 -9.05 -18.68 -19.54
N LYS E 19 -9.26 -18.66 -18.24
CA LYS E 19 -8.18 -18.76 -17.26
C LYS E 19 -8.40 -20.05 -16.47
N LEU E 20 -7.41 -20.93 -16.49
CA LEU E 20 -7.42 -22.16 -15.68
C LEU E 20 -6.36 -22.00 -14.61
N GLN E 21 -6.75 -22.16 -13.35
CA GLN E 21 -5.85 -21.97 -12.21
C GLN E 21 -5.83 -23.21 -11.33
N ILE E 22 -4.64 -23.77 -11.12
CA ILE E 22 -4.48 -24.96 -10.29
C ILE E 22 -3.45 -24.62 -9.21
N GLU E 23 -3.73 -25.06 -7.99
CA GLU E 23 -2.89 -24.72 -6.83
C GLU E 23 -3.10 -25.73 -5.69
N PRO E 24 -2.11 -25.82 -4.76
CA PRO E 24 -2.29 -26.74 -3.63
C PRO E 24 -3.41 -26.26 -2.71
N TRP E 25 -4.12 -27.21 -2.13
CA TRP E 25 -5.19 -26.90 -1.19
C TRP E 25 -5.31 -27.98 -0.12
N GLY E 26 -4.27 -28.04 0.72
CA GLY E 26 -4.08 -29.13 1.68
C GLY E 26 -3.13 -30.17 1.10
N GLU E 27 -2.58 -30.99 1.98
CA GLU E 27 -1.65 -32.06 1.60
C GLU E 27 -2.29 -33.02 0.60
N ASN E 28 -1.54 -33.37 -0.44
CA ASN E 28 -1.96 -34.36 -1.45
C ASN E 28 -3.21 -33.95 -2.23
N SER E 29 -3.40 -32.64 -2.38
CA SER E 29 -4.66 -32.10 -2.90
C SER E 29 -4.45 -30.85 -3.75
N LEU E 30 -5.36 -30.65 -4.70
CA LEU E 30 -5.32 -29.49 -5.58
C LEU E 30 -6.71 -28.87 -5.71
N ARG E 31 -6.73 -27.54 -5.85
CA ARG E 31 -7.94 -26.82 -6.23
C ARG E 31 -7.79 -26.42 -7.68
N VAL E 32 -8.87 -26.56 -8.42
CA VAL E 32 -8.91 -26.26 -9.85
C VAL E 32 -10.04 -25.26 -10.06
N ARG E 33 -9.71 -24.10 -10.63
CA ARG E 33 -10.71 -23.10 -10.97
C ARG E 33 -10.57 -22.66 -12.41
N ALA E 34 -11.69 -22.32 -13.03
CA ALA E 34 -11.67 -21.80 -14.40
C ALA E 34 -12.76 -20.77 -14.63
N THR E 35 -12.43 -19.73 -15.37
CA THR E 35 -13.39 -18.69 -15.66
C THR E 35 -13.05 -18.01 -16.95
N VAL E 36 -14.06 -17.43 -17.59
CA VAL E 36 -13.85 -16.49 -18.70
C VAL E 36 -14.12 -15.02 -18.32
N ALA E 37 -14.52 -14.79 -17.07
CA ALA E 37 -14.63 -13.43 -16.49
C ALA E 37 -13.23 -12.85 -16.34
N PRO E 38 -13.11 -11.53 -16.05
CA PRO E 38 -11.77 -10.94 -15.94
C PRO E 38 -10.87 -11.58 -14.88
N GLU E 39 -11.46 -11.98 -13.75
CA GLU E 39 -10.74 -12.62 -12.65
C GLU E 39 -11.62 -13.66 -11.97
N LEU E 40 -11.00 -14.54 -11.21
CA LEU E 40 -11.74 -15.43 -10.33
C LEU E 40 -12.38 -14.61 -9.22
N ASN E 41 -13.56 -15.02 -8.78
CA ASN E 41 -14.25 -14.36 -7.68
C ASN E 41 -13.73 -14.87 -6.33
N GLY E 42 -14.27 -14.32 -5.24
CA GLY E 42 -13.83 -14.70 -3.89
C GLY E 42 -14.57 -15.85 -3.25
N ASN E 43 -15.39 -16.58 -4.01
CA ASN E 43 -16.23 -17.63 -3.43
C ASN E 43 -15.41 -18.90 -3.21
N ASP E 44 -15.27 -19.28 -1.93
CA ASP E 44 -14.64 -20.55 -1.55
C ASP E 44 -15.64 -21.67 -1.22
N TRP E 45 -16.91 -21.31 -1.08
CA TRP E 45 -18.01 -22.25 -0.84
C TRP E 45 -17.71 -23.21 0.34
N ALA E 46 -17.37 -24.48 0.07
CA ALA E 46 -17.16 -25.47 1.14
C ALA E 46 -15.70 -25.57 1.57
N LEU E 47 -14.79 -24.93 0.82
CA LEU E 47 -13.37 -25.08 1.08
C LEU E 47 -12.93 -24.10 2.15
N LEU E 48 -12.43 -24.64 3.25
CA LEU E 48 -11.80 -23.84 4.31
C LEU E 48 -10.43 -23.39 3.85
N PRO E 49 -9.89 -22.33 4.48
CA PRO E 49 -8.52 -21.92 4.14
C PRO E 49 -7.52 -23.08 4.28
N ALA E 50 -6.63 -23.23 3.30
CA ALA E 50 -5.70 -24.36 3.26
C ALA E 50 -4.45 -24.10 4.09
N LYS E 51 -3.99 -25.09 4.84
CA LYS E 51 -2.64 -25.05 5.41
C LYS E 51 -1.65 -25.24 4.26
N PRO E 52 -0.69 -24.30 4.05
CA PRO E 52 0.30 -24.49 2.97
C PRO E 52 1.03 -25.83 3.08
N SER E 53 1.47 -26.36 1.94
CA SER E 53 1.88 -27.75 1.86
C SER E 53 3.39 -28.03 1.92
N THR E 54 4.23 -27.04 1.63
CA THR E 54 5.72 -27.15 1.75
C THR E 54 6.43 -27.93 0.63
N LYS E 55 5.82 -29.03 0.14
CA LYS E 55 6.43 -29.86 -0.89
C LYS E 55 5.58 -29.87 -2.15
N VAL E 56 5.49 -28.68 -2.74
CA VAL E 56 4.78 -28.47 -4.01
C VAL E 56 5.82 -28.00 -5.01
N LYS E 57 5.71 -28.47 -6.24
CA LYS E 57 6.64 -28.09 -7.29
C LYS E 57 5.86 -27.83 -8.56
N VAL E 58 6.15 -26.69 -9.18
CA VAL E 58 5.58 -26.29 -10.45
C VAL E 58 6.73 -26.28 -11.43
N SER E 59 6.56 -26.94 -12.57
CA SER E 59 7.58 -26.91 -13.64
C SER E 59 6.94 -26.76 -15.01
N GLU E 60 7.69 -26.13 -15.91
CA GLU E 60 7.30 -26.01 -17.30
C GLU E 60 8.14 -26.98 -18.13
N PHE E 61 7.48 -27.66 -19.07
CA PHE E 61 8.15 -28.48 -20.08
C PHE E 61 7.96 -27.81 -21.44
N GLU E 62 8.46 -28.45 -22.48
CA GLU E 62 8.30 -28.01 -23.89
C GLU E 62 6.85 -27.65 -24.29
N ASP E 63 5.92 -28.60 -24.12
CA ASP E 63 4.53 -28.43 -24.58
C ASP E 63 3.54 -28.49 -23.41
N SER E 64 4.02 -28.31 -22.18
CA SER E 64 3.16 -28.52 -21.02
C SER E 64 3.70 -27.87 -19.74
N ALA E 65 2.86 -27.91 -18.71
CA ALA E 65 3.25 -27.50 -17.37
C ALA E 65 2.64 -28.46 -16.37
N ARG E 66 3.30 -28.59 -15.22
CA ARG E 66 2.93 -29.55 -14.21
C ARG E 66 2.97 -28.89 -12.84
N ILE E 67 2.07 -29.31 -11.97
CA ILE E 67 2.09 -28.93 -10.58
C ILE E 67 1.86 -30.20 -9.75
N VAL E 68 2.78 -30.46 -8.83
CA VAL E 68 2.70 -31.64 -7.94
C VAL E 68 2.56 -31.12 -6.52
N ASN E 69 1.65 -31.74 -5.78
CA ASN E 69 1.50 -31.48 -4.37
C ASN E 69 1.43 -32.79 -3.64
N GLY E 70 2.60 -33.29 -3.21
CA GLY E 70 2.66 -34.58 -2.52
C GLY E 70 2.27 -35.70 -3.45
N ASN E 71 1.20 -36.40 -3.11
CA ASN E 71 0.76 -37.60 -3.84
C ASN E 71 -0.14 -37.34 -5.07
N ILE E 72 -0.39 -36.07 -5.40
CA ILE E 72 -1.19 -35.74 -6.58
C ILE E 72 -0.38 -34.79 -7.47
N SER E 73 -0.53 -34.96 -8.78
CA SER E 73 -0.01 -34.00 -9.74
C SER E 73 -1.06 -33.69 -10.82
N ALA E 74 -0.93 -32.53 -11.44
CA ALA E 74 -1.79 -32.11 -12.54
C ALA E 74 -0.90 -31.70 -13.69
N VAL E 75 -1.22 -32.20 -14.88
CA VAL E 75 -0.50 -31.83 -16.10
C VAL E 75 -1.46 -31.10 -17.02
N VAL E 76 -1.04 -29.93 -17.50
CA VAL E 76 -1.78 -29.16 -18.48
C VAL E 76 -0.91 -29.05 -19.71
N ASN E 77 -1.40 -29.55 -20.84
CA ASN E 77 -0.66 -29.45 -22.10
C ASN E 77 -0.85 -28.06 -22.74
N GLY E 78 -0.17 -27.84 -23.86
CA GLY E 78 -0.22 -26.59 -24.59
C GLY E 78 -1.58 -26.20 -25.15
N ARG E 79 -2.47 -27.19 -25.30
CA ARG E 79 -3.88 -26.94 -25.66
C ARG E 79 -4.82 -26.71 -24.45
N GLY E 80 -4.26 -26.59 -23.24
CA GLY E 80 -5.06 -26.38 -22.03
C GLY E 80 -5.85 -27.58 -21.52
N GLN E 81 -5.41 -28.79 -21.92
CA GLN E 81 -6.10 -30.02 -21.56
C GLN E 81 -5.39 -30.62 -20.35
N LEU E 82 -6.18 -31.04 -19.38
CA LEU E 82 -5.74 -31.31 -18.01
C LEU E 82 -5.95 -32.77 -17.64
N SER E 83 -4.96 -33.37 -17.00
CA SER E 83 -5.10 -34.71 -16.42
C SER E 83 -4.39 -34.78 -15.07
N PHE E 84 -4.84 -35.69 -14.22
CA PHE E 84 -4.34 -35.85 -12.86
C PHE E 84 -3.67 -37.20 -12.63
N TYR E 85 -2.55 -37.20 -11.92
CA TYR E 85 -1.77 -38.43 -11.65
C TYR E 85 -1.40 -38.56 -10.17
N ASN E 86 -1.23 -39.79 -9.69
CA ASN E 86 -0.74 -40.03 -8.31
C ASN E 86 0.80 -40.14 -8.27
N GLN E 87 1.35 -40.40 -7.08
CA GLN E 87 2.81 -40.55 -6.88
C GLN E 87 3.44 -41.72 -7.65
N ASN E 88 2.64 -42.73 -7.98
CA ASN E 88 3.11 -43.86 -8.81
C ASN E 88 3.04 -43.58 -10.32
N GLY E 89 2.69 -42.35 -10.69
CA GLY E 89 2.51 -41.99 -12.09
C GLY E 89 1.22 -42.51 -12.72
N LYS E 90 0.30 -43.04 -11.91
CA LYS E 90 -0.93 -43.61 -12.45
C LYS E 90 -1.93 -42.48 -12.79
N LEU E 91 -2.63 -42.64 -13.91
CA LEU E 91 -3.68 -41.70 -14.30
C LEU E 91 -4.89 -41.86 -13.39
N LEU E 92 -5.29 -40.77 -12.75
CA LEU E 92 -6.48 -40.77 -11.88
C LEU E 92 -7.71 -40.29 -12.61
N LEU E 93 -7.56 -39.17 -13.32
CA LEU E 93 -8.67 -38.48 -13.96
C LEU E 93 -8.14 -37.67 -15.13
N GLU E 94 -8.81 -37.77 -16.28
CA GLU E 94 -8.46 -36.95 -17.46
C GLU E 94 -9.70 -36.26 -18.01
N GLU E 95 -9.50 -35.04 -18.47
CA GLU E 95 -10.56 -34.28 -19.13
C GLU E 95 -11.00 -34.99 -20.42
N TYR E 96 -12.27 -34.80 -20.77
CA TYR E 96 -12.86 -35.28 -22.02
C TYR E 96 -12.89 -34.10 -23.00
N TRP E 97 -12.17 -34.26 -24.10
CA TRP E 97 -12.17 -33.33 -25.23
C TRP E 97 -12.49 -34.10 -26.50
N ARG E 98 -13.33 -33.52 -27.36
CA ARG E 98 -13.64 -34.07 -28.68
C ARG E 98 -13.72 -32.91 -29.67
N THR E 99 -12.58 -32.50 -30.21
CA THR E 99 -12.52 -31.35 -31.13
C THR E 99 -11.47 -31.59 -32.19
N ARG E 100 -11.52 -30.80 -33.25
CA ARG E 100 -10.45 -30.75 -34.25
C ARG E 100 -9.49 -29.57 -34.05
N PHE E 101 -9.91 -28.59 -33.26
CA PHE E 101 -9.17 -27.35 -33.08
C PHE E 101 -9.44 -26.87 -31.64
N VAL E 102 -8.39 -26.55 -30.89
CA VAL E 102 -8.54 -26.19 -29.48
C VAL E 102 -7.39 -25.26 -29.11
N ALA E 103 -7.71 -24.18 -28.40
CA ALA E 103 -6.73 -23.17 -28.02
C ALA E 103 -5.88 -22.68 -29.19
N GLY E 104 -6.53 -22.40 -30.31
CA GLY E 104 -5.83 -21.90 -31.51
C GLY E 104 -4.92 -22.88 -32.25
N GLN E 105 -5.06 -24.18 -31.97
CA GLN E 105 -4.14 -25.20 -32.49
C GLN E 105 -4.94 -26.41 -32.97
N GLY E 106 -4.43 -27.07 -34.02
CA GLY E 106 -5.02 -28.31 -34.49
C GLY E 106 -4.90 -29.38 -33.41
N GLU E 107 -5.89 -30.25 -33.33
CA GLU E 107 -5.83 -31.36 -32.39
C GLU E 107 -5.00 -32.50 -33.04
N ASP E 108 -4.39 -33.32 -32.20
CA ASP E 108 -3.59 -34.48 -32.63
C ASP E 108 -4.50 -35.60 -33.14
N THR E 109 -4.35 -35.96 -34.41
CA THR E 109 -5.18 -37.01 -35.03
C THR E 109 -4.98 -38.42 -34.45
N SER E 110 -3.84 -38.66 -33.79
CA SER E 110 -3.59 -39.96 -33.13
C SER E 110 -4.28 -40.11 -31.77
N SER E 111 -4.82 -39.02 -31.24
CA SER E 111 -5.50 -39.00 -29.93
C SER E 111 -7.00 -39.26 -30.06
N LYS E 112 -7.56 -39.95 -29.07
CA LYS E 112 -9.01 -40.06 -28.93
C LYS E 112 -9.73 -38.70 -28.77
N TYR E 113 -8.97 -37.66 -28.43
CA TYR E 113 -9.47 -36.29 -28.42
C TYR E 113 -9.82 -35.73 -29.81
N PHE E 114 -9.34 -36.33 -30.90
CA PHE E 114 -9.61 -35.82 -32.24
C PHE E 114 -11.00 -36.20 -32.73
N SER E 115 -11.85 -35.20 -32.89
CA SER E 115 -13.23 -35.44 -33.27
C SER E 115 -13.92 -34.18 -33.80
N PRO E 116 -14.72 -34.30 -34.88
CA PRO E 116 -15.52 -33.14 -35.30
C PRO E 116 -16.73 -32.80 -34.43
N LEU E 117 -16.99 -33.58 -33.39
CA LEU E 117 -18.14 -33.36 -32.53
C LEU E 117 -18.11 -32.00 -31.83
N THR E 118 -16.90 -31.53 -31.48
CA THR E 118 -16.69 -30.22 -30.84
C THR E 118 -17.35 -30.13 -29.45
N HIS E 119 -16.89 -31.00 -28.55
CA HIS E 119 -17.18 -30.91 -27.12
C HIS E 119 -15.93 -30.50 -26.36
N GLU E 120 -16.06 -29.48 -25.53
CA GLU E 120 -14.99 -29.05 -24.63
C GLU E 120 -15.13 -29.68 -23.24
N ALA E 121 -14.00 -29.81 -22.55
CA ALA E 121 -13.96 -30.33 -21.18
C ALA E 121 -14.41 -29.32 -20.12
N ARG E 122 -14.15 -28.04 -20.38
CA ARG E 122 -14.53 -26.94 -19.48
C ARG E 122 -15.41 -25.95 -20.27
N GLU E 123 -16.69 -26.30 -20.41
CA GLU E 123 -17.64 -25.55 -21.22
C GLU E 123 -18.36 -24.54 -20.33
N LEU E 124 -17.93 -23.29 -20.43
CA LEU E 124 -18.60 -22.16 -19.82
C LEU E 124 -19.48 -21.51 -20.88
N LYS E 125 -20.69 -22.04 -21.05
CA LYS E 125 -21.60 -21.58 -22.10
C LYS E 125 -22.35 -20.34 -21.63
N PRO E 126 -22.13 -19.18 -22.31
CA PRO E 126 -22.76 -17.93 -21.79
C PRO E 126 -24.29 -17.95 -21.88
N ILE E 127 -24.92 -17.45 -20.81
CA ILE E 127 -26.37 -17.29 -20.75
C ILE E 127 -26.59 -15.83 -21.16
N GLN E 128 -27.46 -15.63 -22.16
CA GLN E 128 -27.65 -14.29 -22.71
C GLN E 128 -28.12 -13.33 -21.63
N GLY E 129 -27.40 -12.23 -21.50
CA GLY E 129 -27.68 -11.22 -20.48
C GLY E 129 -27.20 -11.56 -19.09
N GLY E 130 -26.59 -12.74 -18.91
CA GLY E 130 -26.41 -13.30 -17.57
C GLY E 130 -25.04 -13.92 -17.38
N LYS E 131 -25.02 -15.06 -16.67
CA LYS E 131 -23.77 -15.68 -16.27
C LYS E 131 -23.46 -16.87 -17.21
N PHE E 132 -23.12 -18.05 -16.67
CA PHE E 132 -22.69 -19.19 -17.47
C PHE E 132 -23.35 -20.48 -17.07
N GLU E 133 -23.65 -21.32 -18.06
CA GLU E 133 -24.10 -22.68 -17.87
C GLU E 133 -22.84 -23.54 -18.06
N LEU E 134 -22.42 -24.20 -16.98
CA LEU E 134 -21.15 -24.91 -16.92
C LEU E 134 -21.36 -26.41 -17.12
N ARG E 135 -20.52 -27.00 -17.97
CA ARG E 135 -20.37 -28.45 -18.03
C ARG E 135 -18.88 -28.80 -17.96
N ALA E 136 -18.54 -29.68 -17.02
CA ALA E 136 -17.16 -30.14 -16.84
C ALA E 136 -17.15 -31.62 -17.19
N ARG E 137 -16.48 -31.94 -18.30
CA ARG E 137 -16.49 -33.30 -18.83
C ARG E 137 -15.16 -34.00 -18.53
N PHE E 138 -15.26 -35.26 -18.14
CA PHE E 138 -14.09 -36.13 -17.91
C PHE E 138 -14.31 -37.49 -18.56
N GLU E 139 -13.24 -38.10 -19.04
CA GLU E 139 -13.32 -39.46 -19.59
C GLU E 139 -13.81 -40.42 -18.52
N SER E 140 -14.77 -41.28 -18.87
CA SER E 140 -15.09 -42.43 -18.04
C SER E 140 -13.93 -43.45 -18.12
N GLN E 141 -13.83 -44.30 -17.10
CA GLN E 141 -12.79 -45.34 -17.06
C GLN E 141 -13.44 -46.70 -16.80
N PRO E 142 -13.01 -47.75 -17.54
CA PRO E 142 -13.73 -49.03 -17.53
C PRO E 142 -13.85 -49.71 -16.17
N ASP E 143 -12.82 -49.65 -15.34
CA ASP E 143 -12.91 -50.30 -14.02
C ASP E 143 -13.08 -49.29 -12.86
N GLU E 144 -13.60 -48.10 -13.16
CA GLU E 144 -13.85 -47.08 -12.15
C GLU E 144 -15.15 -47.37 -11.40
N ARG E 145 -15.05 -47.40 -10.06
CA ARG E 145 -16.22 -47.51 -9.18
C ARG E 145 -16.24 -46.23 -8.38
N ILE E 146 -17.44 -45.71 -8.12
CA ILE E 146 -17.61 -44.34 -7.62
C ILE E 146 -18.60 -44.32 -6.47
N TYR E 147 -18.23 -43.62 -5.41
CA TYR E 147 -19.01 -43.57 -4.18
C TYR E 147 -19.11 -42.15 -3.66
N GLY E 148 -20.10 -41.93 -2.80
CA GLY E 148 -20.32 -40.63 -2.19
C GLY E 148 -21.50 -39.92 -2.82
N LEU E 149 -21.31 -38.62 -3.08
CA LEU E 149 -22.30 -37.73 -3.72
C LEU E 149 -23.47 -37.29 -2.81
N GLY E 150 -23.69 -38.00 -1.70
CA GLY E 150 -24.68 -37.59 -0.71
C GLY E 150 -25.68 -38.69 -0.51
N GLN E 151 -26.97 -38.32 -0.53
CA GLN E 151 -28.06 -39.20 -0.15
C GLN E 151 -29.10 -39.25 -1.25
N TYR E 152 -29.13 -40.36 -1.99
CA TYR E 152 -30.08 -40.55 -3.09
C TYR E 152 -30.92 -41.81 -2.87
N GLN E 153 -32.18 -41.74 -3.26
CA GLN E 153 -33.15 -42.80 -2.99
C GLN E 153 -33.09 -43.85 -4.08
N GLN E 154 -32.00 -44.61 -4.07
CA GLN E 154 -31.69 -45.57 -5.13
C GLN E 154 -30.84 -46.75 -4.59
N PRO E 155 -31.08 -47.97 -5.12
CA PRO E 155 -30.37 -49.16 -4.63
C PRO E 155 -28.99 -49.36 -5.27
N PHE E 156 -28.12 -48.37 -5.15
CA PHE E 156 -26.78 -48.43 -5.73
C PHE E 156 -25.81 -47.82 -4.74
N LEU E 157 -24.81 -48.60 -4.31
CA LEU E 157 -23.73 -48.05 -3.50
C LEU E 157 -22.70 -47.50 -4.46
N ASN E 158 -22.21 -48.36 -5.35
CA ASN E 158 -21.40 -47.91 -6.49
C ASN E 158 -22.35 -47.19 -7.45
N VAL E 159 -22.05 -45.93 -7.76
CA VAL E 159 -22.91 -45.10 -8.64
C VAL E 159 -22.32 -44.85 -10.04
N LYS E 160 -21.22 -45.52 -10.38
CA LYS E 160 -20.77 -45.55 -11.78
C LYS E 160 -21.93 -46.06 -12.63
N GLY E 161 -22.24 -45.34 -13.72
CA GLY E 161 -23.41 -45.63 -14.56
C GLY E 161 -24.71 -44.98 -14.13
N CYS E 162 -24.71 -44.29 -12.98
CA CYS E 162 -25.88 -43.55 -12.50
C CYS E 162 -25.73 -42.06 -12.74
N THR E 163 -26.87 -41.37 -12.77
CA THR E 163 -26.92 -39.92 -12.92
C THR E 163 -27.71 -39.33 -11.75
N MET E 164 -27.07 -38.41 -11.02
CA MET E 164 -27.64 -37.80 -9.81
C MET E 164 -27.94 -36.30 -10.04
N GLU E 165 -29.15 -35.89 -9.67
CA GLU E 165 -29.53 -34.48 -9.62
C GLU E 165 -28.79 -33.75 -8.49
N LEU E 166 -28.14 -32.64 -8.81
CA LEU E 166 -27.52 -31.75 -7.82
C LEU E 166 -28.57 -30.73 -7.40
N ALA E 167 -29.49 -31.21 -6.57
CA ALA E 167 -30.56 -30.40 -5.98
C ALA E 167 -31.00 -31.02 -4.66
N GLN E 168 -31.62 -30.18 -3.83
CA GLN E 168 -32.14 -30.58 -2.54
C GLN E 168 -33.66 -30.76 -2.63
N ARG E 169 -34.12 -31.97 -2.32
CA ARG E 169 -35.54 -32.30 -2.22
C ARG E 169 -35.73 -33.20 -0.99
N ASN E 170 -36.94 -33.19 -0.44
CA ASN E 170 -37.28 -34.03 0.71
C ASN E 170 -36.94 -35.52 0.42
N SER E 171 -35.96 -36.01 1.18
CA SER E 171 -35.40 -37.39 1.13
C SER E 171 -34.13 -37.51 0.29
N GLN E 172 -33.66 -36.39 -0.27
CA GLN E 172 -32.44 -36.34 -1.07
C GLN E 172 -31.52 -35.24 -0.55
N ALA E 173 -30.21 -35.50 -0.58
CA ALA E 173 -29.23 -34.51 -0.16
C ALA E 173 -28.03 -34.60 -1.07
N SER E 174 -27.76 -33.52 -1.80
CA SER E 174 -26.59 -33.41 -2.65
C SER E 174 -25.43 -32.94 -1.79
N VAL E 175 -24.47 -33.83 -1.58
CA VAL E 175 -23.22 -33.52 -0.87
C VAL E 175 -22.15 -33.96 -1.83
N PRO E 176 -21.73 -33.04 -2.73
CA PRO E 176 -21.05 -33.45 -3.95
C PRO E 176 -19.56 -33.76 -3.79
N PHE E 177 -19.23 -34.62 -2.83
CA PHE E 177 -17.89 -35.21 -2.75
C PHE E 177 -18.01 -36.68 -3.20
N MET E 178 -17.18 -37.05 -4.16
CA MET E 178 -17.11 -38.42 -4.66
C MET E 178 -15.74 -39.03 -4.36
N MET E 179 -15.72 -40.33 -4.15
CA MET E 179 -14.49 -41.11 -3.96
C MET E 179 -14.47 -42.18 -5.05
N SER E 180 -13.35 -42.27 -5.75
CA SER E 180 -13.17 -43.22 -6.86
C SER E 180 -12.22 -44.35 -6.47
N SER E 181 -12.60 -45.58 -6.83
CA SER E 181 -11.70 -46.75 -6.72
C SER E 181 -10.35 -46.57 -7.41
N LEU E 182 -10.23 -45.63 -8.35
CA LEU E 182 -8.91 -45.33 -8.96
C LEU E 182 -7.89 -44.66 -8.03
N GLY E 183 -8.31 -44.22 -6.84
CA GLY E 183 -7.40 -43.65 -5.85
C GLY E 183 -7.43 -42.14 -5.70
N TYR E 184 -8.61 -41.53 -5.97
CA TYR E 184 -8.79 -40.09 -5.80
C TYR E 184 -10.16 -39.78 -5.24
N GLY E 185 -10.28 -38.57 -4.69
CA GLY E 185 -11.57 -38.02 -4.32
C GLY E 185 -11.72 -36.66 -4.98
N MET E 186 -12.97 -36.30 -5.32
CA MET E 186 -13.24 -35.00 -5.93
C MET E 186 -14.46 -34.32 -5.30
N LEU E 187 -14.29 -33.06 -4.90
CA LEU E 187 -15.41 -32.21 -4.47
C LEU E 187 -15.76 -31.22 -5.59
N TRP E 188 -17.02 -31.24 -6.00
CA TRP E 188 -17.59 -30.23 -6.91
C TRP E 188 -17.95 -29.04 -6.03
N ASN E 189 -17.06 -28.07 -5.96
CA ASN E 189 -17.16 -26.96 -5.00
C ASN E 189 -18.03 -25.86 -5.60
N ASN E 190 -19.31 -26.17 -5.77
CA ASN E 190 -20.20 -25.31 -6.52
C ASN E 190 -21.65 -25.66 -6.16
N PRO E 191 -22.36 -24.72 -5.50
CA PRO E 191 -23.73 -25.00 -5.01
C PRO E 191 -24.86 -24.85 -6.02
N ALA E 192 -24.53 -24.71 -7.31
CA ALA E 192 -25.53 -24.48 -8.33
C ALA E 192 -26.38 -25.72 -8.55
N ILE E 193 -27.64 -25.49 -8.87
CA ILE E 193 -28.56 -26.54 -9.31
C ILE E 193 -27.97 -27.16 -10.57
N GLY E 194 -28.01 -28.48 -10.66
CA GLY E 194 -27.48 -29.14 -11.83
C GLY E 194 -27.58 -30.65 -11.76
N GLU E 195 -26.51 -31.31 -12.21
CA GLU E 195 -26.51 -32.76 -12.37
C GLU E 195 -25.08 -33.28 -12.48
N VAL E 196 -24.85 -34.51 -12.00
CA VAL E 196 -23.63 -35.25 -12.28
C VAL E 196 -24.02 -36.59 -12.92
N SER E 197 -23.51 -36.84 -14.12
CA SER E 197 -23.75 -38.09 -14.82
C SER E 197 -22.44 -38.85 -14.91
N PHE E 198 -22.36 -39.98 -14.21
CA PHE E 198 -21.23 -40.88 -14.33
C PHE E 198 -21.62 -41.95 -15.33
N ALA E 199 -21.85 -41.54 -16.57
CA ALA E 199 -22.32 -42.44 -17.63
C ALA E 199 -21.13 -43.29 -18.07
N ASN E 200 -21.42 -44.47 -18.59
CA ASN E 200 -20.33 -45.35 -19.07
C ASN E 200 -19.47 -44.70 -20.14
N ASN E 201 -20.09 -43.85 -20.97
CA ASN E 201 -19.40 -43.22 -22.11
C ASN E 201 -18.66 -41.90 -21.83
N VAL E 202 -19.02 -41.23 -20.73
CA VAL E 202 -18.41 -39.92 -20.37
C VAL E 202 -18.96 -39.46 -19.01
N THR E 203 -18.13 -38.79 -18.22
CA THR E 203 -18.55 -38.19 -16.95
C THR E 203 -18.79 -36.71 -17.17
N THR E 204 -19.96 -36.22 -16.78
CA THR E 204 -20.30 -34.81 -16.95
C THR E 204 -20.88 -34.22 -15.66
N TRP E 205 -20.24 -33.16 -15.15
CA TRP E 205 -20.77 -32.34 -14.07
C TRP E 205 -21.37 -31.10 -14.69
N MET E 206 -22.59 -30.73 -14.27
CA MET E 206 -23.31 -29.60 -14.83
C MET E 206 -23.78 -28.64 -13.74
N ALA E 207 -23.53 -27.34 -13.93
CA ALA E 207 -24.14 -26.27 -13.13
C ALA E 207 -25.01 -25.39 -14.05
N ARG E 208 -26.28 -25.20 -13.70
CA ARG E 208 -27.22 -24.46 -14.56
C ARG E 208 -26.88 -22.97 -14.68
N VAL E 209 -26.45 -22.36 -13.57
CA VAL E 209 -25.99 -20.98 -13.53
C VAL E 209 -24.80 -20.89 -12.59
N THR E 210 -23.70 -20.32 -13.06
CA THR E 210 -22.51 -20.16 -12.24
C THR E 210 -21.59 -19.12 -12.85
N GLU E 211 -20.74 -18.56 -12.00
CA GLU E 211 -19.70 -17.62 -12.43
C GLU E 211 -18.46 -18.30 -12.93
N GLN E 212 -18.18 -19.51 -12.44
CA GLN E 212 -16.88 -20.14 -12.68
C GLN E 212 -16.86 -21.62 -12.28
N LEU E 213 -15.93 -22.34 -12.89
CA LEU E 213 -15.65 -23.74 -12.55
C LEU E 213 -14.81 -23.74 -11.28
N ASP E 214 -15.11 -24.66 -10.37
CA ASP E 214 -14.38 -24.77 -9.10
C ASP E 214 -14.52 -26.20 -8.58
N TYR E 215 -13.40 -26.92 -8.48
CA TYR E 215 -13.42 -28.22 -7.82
C TYR E 215 -12.12 -28.51 -7.10
N TRP E 216 -12.20 -29.50 -6.22
CA TRP E 216 -11.11 -29.86 -5.33
C TRP E 216 -10.88 -31.37 -5.48
N ILE E 217 -9.63 -31.76 -5.68
CA ILE E 217 -9.27 -33.15 -6.00
C ILE E 217 -8.09 -33.60 -5.12
N THR E 218 -8.22 -34.79 -4.53
CA THR E 218 -7.22 -35.31 -3.60
C THR E 218 -6.90 -36.77 -3.94
N ALA E 219 -5.65 -37.15 -3.74
CA ALA E 219 -5.19 -38.52 -4.02
C ALA E 219 -4.53 -39.16 -2.79
N ALA E 220 -4.78 -40.45 -2.60
CA ALA E 220 -4.11 -41.26 -1.57
C ALA E 220 -4.29 -42.74 -1.89
N ASP E 221 -3.47 -43.60 -1.28
CA ASP E 221 -3.52 -45.05 -1.54
C ASP E 221 -4.72 -45.77 -0.92
N THR E 222 -5.37 -45.17 0.09
CA THR E 222 -6.46 -45.81 0.81
C THR E 222 -7.68 -44.90 0.94
N PRO E 223 -8.89 -45.49 1.05
CA PRO E 223 -10.09 -44.70 1.35
C PRO E 223 -9.97 -43.82 2.61
N ALA E 224 -9.46 -44.39 3.69
CA ALA E 224 -9.32 -43.65 4.96
C ALA E 224 -8.50 -42.38 4.81
N GLU E 225 -7.43 -42.42 4.04
CA GLU E 225 -6.66 -41.19 3.79
C GLU E 225 -7.48 -40.16 2.97
N ILE E 226 -8.28 -40.63 2.01
CA ILE E 226 -9.10 -39.72 1.17
C ILE E 226 -10.10 -39.00 2.09
N SER E 227 -10.79 -39.76 2.92
CA SER E 227 -11.71 -39.21 3.92
C SER E 227 -11.05 -38.18 4.87
N GLN E 228 -9.82 -38.46 5.30
CA GLN E 228 -9.07 -37.52 6.16
C GLN E 228 -8.70 -36.23 5.44
N GLN E 229 -8.26 -36.35 4.19
CA GLN E 229 -7.85 -35.20 3.40
C GLN E 229 -9.07 -34.30 3.08
N TYR E 230 -10.22 -34.94 2.85
CA TYR E 230 -11.49 -34.23 2.65
C TYR E 230 -11.99 -33.54 3.91
N ALA E 231 -11.92 -34.24 5.03
CA ALA E 231 -12.32 -33.67 6.31
C ALA E 231 -11.44 -32.47 6.65
N ALA E 232 -10.15 -32.56 6.34
CA ALA E 232 -9.24 -31.43 6.50
C ALA E 232 -9.58 -30.24 5.60
N ALA E 233 -10.10 -30.50 4.39
CA ALA E 233 -10.44 -29.44 3.44
C ALA E 233 -11.77 -28.71 3.74
N THR E 234 -12.78 -29.46 4.20
CA THR E 234 -14.13 -28.91 4.43
C THR E 234 -14.59 -28.87 5.90
N GLY E 235 -13.76 -29.37 6.81
CA GLY E 235 -14.06 -29.35 8.24
C GLY E 235 -14.42 -30.71 8.80
N ALA E 236 -13.87 -30.99 9.99
CA ALA E 236 -14.19 -32.22 10.72
C ALA E 236 -15.54 -32.10 11.40
N ALA E 237 -16.26 -33.22 11.52
CA ALA E 237 -17.39 -33.29 12.44
C ALA E 237 -16.87 -32.95 13.84
N PRO E 238 -17.73 -32.34 14.70
CA PRO E 238 -17.31 -32.18 16.09
C PRO E 238 -17.30 -33.53 16.78
N MET E 239 -16.92 -33.54 18.05
CA MET E 239 -17.10 -34.74 18.86
C MET E 239 -18.57 -34.82 19.20
N LEU E 240 -19.16 -35.99 18.96
CA LEU E 240 -20.56 -36.22 19.30
C LEU E 240 -20.72 -36.15 20.81
N PRO E 241 -21.82 -35.55 21.31
CA PRO E 241 -22.06 -35.60 22.75
C PRO E 241 -22.54 -37.00 23.16
N ASP E 242 -22.21 -37.39 24.40
CA ASP E 242 -22.53 -38.74 24.91
C ASP E 242 -24.01 -39.14 24.78
N TYR E 243 -24.93 -38.22 25.06
CA TYR E 243 -26.39 -38.52 24.96
C TYR E 243 -26.85 -38.93 23.56
N ALA E 244 -26.18 -38.42 22.51
CA ALA E 244 -26.57 -38.71 21.12
C ALA E 244 -26.36 -40.18 20.71
N ALA E 245 -25.46 -40.90 21.39
CA ALA E 245 -25.20 -42.33 21.12
C ALA E 245 -26.25 -43.28 21.70
N GLY E 246 -27.16 -42.76 22.54
CA GLY E 246 -28.26 -43.53 23.10
C GLY E 246 -29.47 -43.57 22.20
N PHE E 247 -30.62 -43.94 22.78
CA PHE E 247 -31.85 -44.14 22.00
C PHE E 247 -32.67 -42.85 21.89
N TRP E 248 -33.07 -42.51 20.66
CA TRP E 248 -33.93 -41.35 20.38
C TRP E 248 -35.35 -41.83 20.12
N GLN E 249 -36.30 -41.35 20.91
CA GLN E 249 -37.71 -41.70 20.76
C GLN E 249 -38.48 -40.51 20.20
N CYS E 250 -39.21 -40.76 19.12
CA CYS E 250 -39.97 -39.71 18.43
C CYS E 250 -41.15 -40.37 17.68
N LYS E 251 -42.16 -39.55 17.40
CA LYS E 251 -43.23 -39.90 16.48
C LYS E 251 -43.83 -38.61 15.91
N LEU E 252 -44.66 -38.76 14.88
CA LEU E 252 -45.52 -37.69 14.41
C LEU E 252 -46.91 -38.01 14.94
N ARG E 253 -47.41 -37.33 15.96
CA ARG E 253 -46.67 -36.37 16.79
C ARG E 253 -47.21 -36.36 18.22
N TYR E 254 -46.32 -36.16 19.20
CA TYR E 254 -46.78 -35.91 20.56
C TYR E 254 -47.34 -34.49 20.58
N ARG E 255 -48.66 -34.40 20.74
CA ARG E 255 -49.43 -33.16 20.58
C ARG E 255 -49.41 -32.24 21.81
N THR E 256 -49.19 -32.82 23.00
CA THR E 256 -49.23 -32.06 24.26
C THR E 256 -48.02 -32.39 25.14
N GLN E 257 -47.78 -31.52 26.12
CA GLN E 257 -46.75 -31.76 27.14
C GLN E 257 -46.99 -33.07 27.88
N ASP E 258 -48.25 -33.32 28.25
CA ASP E 258 -48.63 -34.55 28.96
C ASP E 258 -48.36 -35.81 28.15
N GLU E 259 -48.76 -35.80 26.88
CA GLU E 259 -48.56 -36.96 26.00
C GLU E 259 -47.09 -37.33 25.89
N LEU E 260 -46.24 -36.32 25.68
CA LEU E 260 -44.80 -36.53 25.53
C LEU E 260 -44.19 -37.05 26.83
N MET E 261 -44.50 -36.40 27.95
CA MET E 261 -43.96 -36.80 29.25
C MET E 261 -44.42 -38.19 29.68
N GLU E 262 -45.67 -38.55 29.38
CA GLU E 262 -46.16 -39.91 29.66
C GLU E 262 -45.35 -40.99 28.95
N VAL E 263 -44.94 -40.71 27.71
CA VAL E 263 -44.06 -41.60 26.95
C VAL E 263 -42.67 -41.68 27.60
N ALA E 264 -42.08 -40.54 27.96
CA ALA E 264 -40.75 -40.52 28.61
C ALA E 264 -40.75 -41.25 29.97
N ARG E 265 -41.78 -40.97 30.76
CA ARG E 265 -41.96 -41.62 32.07
C ARG E 265 -42.10 -43.14 31.95
N GLU E 266 -42.86 -43.58 30.95
CA GLU E 266 -43.09 -44.99 30.70
C GLU E 266 -41.82 -45.73 30.27
N TYR E 267 -40.95 -45.10 29.49
CA TYR E 267 -39.64 -45.71 29.15
C TYR E 267 -38.78 -45.93 30.42
N LYS E 268 -38.72 -44.91 31.28
CA LYS E 268 -37.98 -44.99 32.54
C LYS E 268 -38.61 -46.02 33.49
N ARG E 269 -39.95 -46.02 33.57
CA ARG E 269 -40.69 -46.97 34.43
C ARG E 269 -40.39 -48.42 34.06
N ARG E 270 -40.32 -48.72 32.77
CA ARG E 270 -40.00 -50.07 32.31
C ARG E 270 -38.51 -50.33 32.23
N SER E 271 -37.69 -49.46 32.84
CA SER E 271 -36.22 -49.58 32.83
C SER E 271 -35.62 -49.66 31.42
N LEU E 272 -36.29 -49.07 30.42
CA LEU E 272 -35.81 -49.11 29.05
C LEU E 272 -34.83 -47.95 28.84
N PRO E 273 -33.79 -48.16 28.02
CA PRO E 273 -32.92 -47.02 27.73
C PRO E 273 -33.64 -45.94 26.90
N ILE E 274 -33.38 -44.68 27.23
CA ILE E 274 -33.87 -43.54 26.45
C ILE E 274 -32.97 -42.33 26.76
N SER E 275 -32.39 -41.74 25.71
CA SER E 275 -31.52 -40.56 25.85
C SER E 275 -32.12 -39.28 25.29
N VAL E 276 -32.99 -39.41 24.29
CA VAL E 276 -33.61 -38.25 23.62
C VAL E 276 -35.08 -38.55 23.41
N ILE E 277 -35.94 -37.61 23.78
CA ILE E 277 -37.34 -37.62 23.35
C ILE E 277 -37.61 -36.32 22.58
N VAL E 278 -38.60 -36.34 21.69
CA VAL E 278 -38.74 -35.32 20.66
C VAL E 278 -40.18 -34.80 20.53
N ALA E 279 -40.32 -33.48 20.53
CA ALA E 279 -41.58 -32.81 20.20
C ALA E 279 -41.56 -32.43 18.71
N ASP E 280 -42.43 -33.06 17.93
CA ASP E 280 -42.48 -32.87 16.48
C ASP E 280 -43.15 -31.53 16.14
N PHE E 281 -43.26 -31.27 14.83
CA PHE E 281 -43.84 -30.05 14.29
C PHE E 281 -45.26 -29.70 14.79
N PHE E 282 -45.61 -28.43 14.58
CA PHE E 282 -46.88 -27.82 14.92
C PHE E 282 -47.28 -27.90 16.40
N HIS E 283 -46.25 -27.84 17.25
CA HIS E 283 -46.41 -27.62 18.69
C HIS E 283 -46.46 -26.12 19.02
N TRP E 284 -46.53 -25.28 17.98
CA TRP E 284 -46.37 -23.83 18.06
C TRP E 284 -47.70 -23.18 17.67
N PRO E 285 -47.92 -21.90 18.04
CA PRO E 285 -49.17 -21.24 17.63
C PRO E 285 -49.29 -21.00 16.11
N ASN E 286 -48.18 -20.60 15.49
CA ASN E 286 -48.13 -20.42 14.04
C ASN E 286 -46.72 -20.58 13.53
N GLN E 287 -46.57 -20.89 12.24
CA GLN E 287 -45.26 -21.09 11.65
C GLN E 287 -44.54 -19.74 11.66
N GLY E 288 -43.31 -19.73 12.15
CA GLY E 288 -42.56 -18.49 12.32
C GLY E 288 -42.59 -17.88 13.71
N ASP E 289 -43.35 -18.46 14.64
CA ASP E 289 -43.31 -18.05 16.06
C ASP E 289 -42.12 -18.65 16.82
N TRP E 290 -41.76 -19.89 16.49
CA TRP E 290 -40.63 -20.58 17.12
C TRP E 290 -40.74 -20.55 18.65
N CYS E 291 -41.88 -21.02 19.14
CA CYS E 291 -42.12 -21.21 20.57
C CYS E 291 -43.23 -22.24 20.77
N PHE E 292 -43.32 -22.75 22.00
CA PHE E 292 -44.41 -23.66 22.37
C PHE E 292 -45.76 -22.93 22.42
N ASP E 293 -46.80 -23.58 21.91
CA ASP E 293 -48.17 -23.15 22.12
C ASP E 293 -48.53 -23.55 23.55
N THR E 294 -48.67 -22.56 24.44
CA THR E 294 -48.93 -22.84 25.86
C THR E 294 -50.30 -23.47 26.15
N ARG E 295 -51.24 -23.44 25.20
CA ARG E 295 -52.51 -24.15 25.34
C ARG E 295 -52.32 -25.68 25.42
N GLU E 296 -51.37 -26.21 24.64
CA GLU E 296 -51.02 -27.65 24.69
C GLU E 296 -49.74 -27.95 25.46
N TRP E 297 -48.92 -26.92 25.72
CA TRP E 297 -47.60 -27.10 26.35
C TRP E 297 -47.49 -26.09 27.49
N PRO E 298 -48.23 -26.33 28.59
CA PRO E 298 -48.49 -25.28 29.59
C PRO E 298 -47.29 -24.81 30.41
N ASP E 299 -46.25 -25.62 30.52
CA ASP E 299 -45.06 -25.23 31.29
C ASP E 299 -43.82 -25.97 30.76
N PRO E 300 -43.23 -25.47 29.65
CA PRO E 300 -42.08 -26.14 29.02
C PRO E 300 -40.82 -26.29 29.90
N LYS E 301 -40.54 -25.28 30.73
CA LYS E 301 -39.42 -25.38 31.67
C LYS E 301 -39.64 -26.55 32.66
N ALA E 302 -40.87 -26.73 33.13
CA ALA E 302 -41.20 -27.86 34.01
C ALA E 302 -40.91 -29.20 33.32
N MET E 303 -41.35 -29.32 32.06
CA MET E 303 -41.06 -30.50 31.22
C MET E 303 -39.56 -30.76 31.07
N ILE E 304 -38.82 -29.72 30.68
CA ILE E 304 -37.38 -29.84 30.45
C ILE E 304 -36.64 -30.24 31.74
N ASP E 305 -36.95 -29.57 32.85
CA ASP E 305 -36.35 -29.91 34.15
C ASP E 305 -36.60 -31.38 34.55
N GLU E 306 -37.83 -31.86 34.39
CA GLU E 306 -38.17 -33.26 34.73
C GLU E 306 -37.38 -34.25 33.84
N LEU E 307 -37.28 -33.95 32.54
CA LEU E 307 -36.51 -34.78 31.63
C LEU E 307 -35.01 -34.80 31.98
N LYS E 308 -34.45 -33.64 32.33
CA LYS E 308 -33.06 -33.56 32.82
C LYS E 308 -32.84 -34.47 34.04
N GLU E 309 -33.74 -34.38 35.00
CA GLU E 309 -33.78 -35.27 36.18
C GLU E 309 -33.80 -36.77 35.78
N MET E 310 -34.55 -37.11 34.73
CA MET E 310 -34.62 -38.48 34.21
C MET E 310 -33.43 -38.91 33.33
N GLY E 311 -32.50 -37.99 33.07
CA GLY E 311 -31.38 -38.25 32.16
C GLY E 311 -31.75 -38.29 30.68
N ILE E 312 -32.76 -37.49 30.30
CA ILE E 312 -33.28 -37.43 28.92
C ILE E 312 -33.15 -36.01 28.36
N GLU E 313 -32.65 -35.89 27.13
CA GLU E 313 -32.62 -34.61 26.41
C GLU E 313 -33.89 -34.41 25.58
N LEU E 314 -34.47 -33.21 25.65
CA LEU E 314 -35.57 -32.84 24.77
C LEU E 314 -35.01 -32.20 23.47
N MET E 315 -35.56 -32.62 22.34
CA MET E 315 -35.32 -31.97 21.04
C MET E 315 -36.66 -31.46 20.55
N VAL E 316 -36.68 -30.24 19.98
CA VAL E 316 -37.91 -29.65 19.45
C VAL E 316 -37.79 -29.40 17.93
N SER E 317 -38.91 -29.58 17.23
CA SER E 317 -39.02 -29.26 15.81
C SER E 317 -38.88 -27.75 15.54
N ILE E 318 -37.95 -27.42 14.65
CA ILE E 318 -37.85 -26.10 14.03
C ILE E 318 -38.28 -26.27 12.57
N TRP E 319 -39.29 -25.51 12.15
CA TRP E 319 -39.60 -25.35 10.72
C TRP E 319 -39.10 -23.95 10.26
N PRO E 320 -38.43 -23.88 9.09
CA PRO E 320 -37.87 -22.65 8.53
C PRO E 320 -38.94 -21.73 7.88
N THR E 321 -40.19 -22.16 7.90
CA THR E 321 -41.32 -21.44 7.34
C THR E 321 -41.77 -20.28 8.23
N VAL E 322 -42.26 -19.21 7.60
CA VAL E 322 -42.78 -18.03 8.31
C VAL E 322 -44.13 -17.69 7.70
N ASP E 323 -45.19 -17.91 8.47
CA ASP E 323 -46.55 -17.67 8.02
C ASP E 323 -46.77 -16.17 7.88
N ASN E 324 -47.44 -15.76 6.81
CA ASN E 324 -47.54 -14.33 6.49
C ASN E 324 -48.45 -13.51 7.43
N ARG E 325 -49.11 -14.16 8.40
CA ARG E 325 -49.90 -13.48 9.44
C ARG E 325 -49.18 -13.26 10.77
N THR E 326 -47.94 -13.74 10.92
CA THR E 326 -47.22 -13.64 12.20
C THR E 326 -46.47 -12.31 12.35
N GLU E 327 -46.14 -11.97 13.60
CA GLU E 327 -45.30 -10.80 13.88
C GLU E 327 -43.90 -10.95 13.27
N ASN E 328 -43.30 -12.14 13.37
CA ASN E 328 -41.98 -12.34 12.77
C ASN E 328 -41.99 -12.16 11.26
N TYR E 329 -43.07 -12.50 10.56
CA TYR E 329 -43.16 -12.23 9.12
C TYR E 329 -42.98 -10.75 8.82
N LYS E 330 -43.70 -9.90 9.55
CA LYS E 330 -43.60 -8.44 9.39
C LYS E 330 -42.17 -7.94 9.57
N ILE E 331 -41.55 -8.34 10.67
CA ILE E 331 -40.19 -7.91 11.00
C ILE E 331 -39.18 -8.46 9.99
N MET E 332 -39.26 -9.76 9.72
CA MET E 332 -38.32 -10.40 8.79
C MET E 332 -38.49 -9.88 7.37
N LYS E 333 -39.72 -9.56 6.98
CA LYS E 333 -39.96 -8.93 5.68
C LYS E 333 -39.36 -7.52 5.62
N GLU E 334 -39.53 -6.73 6.67
CA GLU E 334 -38.91 -5.41 6.76
C GLU E 334 -37.41 -5.48 6.58
N LYS E 335 -36.80 -6.48 7.22
CA LYS E 335 -35.35 -6.65 7.20
C LYS E 335 -34.76 -7.38 5.97
N GLY E 336 -35.60 -7.97 5.14
CA GLY E 336 -35.13 -8.70 3.95
C GLY E 336 -34.55 -10.07 4.29
N TYR E 337 -35.15 -10.72 5.28
CA TYR E 337 -34.64 -12.00 5.80
C TYR E 337 -35.37 -13.21 5.21
N LEU E 338 -36.27 -12.97 4.25
CA LEU E 338 -37.06 -14.03 3.65
C LEU E 338 -36.60 -14.32 2.22
N VAL E 339 -36.77 -15.58 1.84
CA VAL E 339 -36.60 -16.04 0.46
C VAL E 339 -37.62 -15.30 -0.41
N LYS E 340 -37.27 -15.04 -1.67
CA LYS E 340 -38.15 -14.33 -2.61
C LYS E 340 -38.57 -15.21 -3.78
N ALA E 341 -39.86 -15.17 -4.13
CA ALA E 341 -40.32 -15.72 -5.41
C ALA E 341 -40.02 -14.75 -6.56
N GLU E 342 -39.43 -15.24 -7.63
CA GLU E 342 -39.09 -14.43 -8.82
C GLU E 342 -40.36 -14.00 -9.57
N ARG E 343 -41.31 -14.92 -9.71
CA ARG E 343 -42.60 -14.63 -10.33
C ARG E 343 -43.75 -15.26 -9.52
N GLY E 344 -44.94 -14.70 -9.72
CA GLY E 344 -46.16 -15.19 -9.09
C GLY E 344 -46.28 -14.79 -7.63
N VAL E 345 -47.25 -15.39 -6.96
CA VAL E 345 -47.56 -15.06 -5.56
C VAL E 345 -46.33 -15.27 -4.67
N PRO E 346 -46.07 -14.33 -3.72
CA PRO E 346 -44.91 -14.43 -2.85
C PRO E 346 -45.13 -15.42 -1.70
N VAL E 347 -45.22 -16.70 -2.07
CA VAL E 347 -45.47 -17.81 -1.16
C VAL E 347 -44.56 -18.94 -1.63
N THR E 348 -43.72 -19.46 -0.74
CA THR E 348 -42.84 -20.58 -1.08
C THR E 348 -43.41 -21.95 -0.70
N MET E 349 -44.30 -21.98 0.30
CA MET E 349 -44.96 -23.23 0.73
C MET E 349 -46.40 -22.97 1.20
N THR E 350 -47.31 -23.90 0.93
CA THR E 350 -48.73 -23.77 1.28
C THR E 350 -49.23 -24.79 2.32
N PHE E 351 -48.31 -25.48 2.98
CA PHE E 351 -48.67 -26.50 3.97
C PHE E 351 -49.17 -25.84 5.26
N LEU E 352 -50.47 -26.04 5.53
CA LEU E 352 -51.17 -25.50 6.71
C LEU E 352 -51.11 -23.97 6.82
N GLY E 353 -51.10 -23.31 5.66
CA GLY E 353 -50.99 -21.86 5.56
C GLY E 353 -49.94 -21.41 4.56
N ASN E 354 -50.07 -20.17 4.10
CA ASN E 354 -49.12 -19.58 3.16
C ASN E 354 -47.89 -19.08 3.90
N THR E 355 -46.75 -19.69 3.63
CA THR E 355 -45.51 -19.34 4.32
C THR E 355 -44.41 -19.01 3.33
N THR E 356 -43.41 -18.30 3.84
CA THR E 356 -42.19 -18.02 3.11
C THR E 356 -41.05 -18.54 3.99
N PHE E 357 -40.06 -19.18 3.37
CA PHE E 357 -38.89 -19.70 4.08
C PHE E 357 -37.98 -18.56 4.48
N PHE E 358 -37.34 -18.68 5.65
CA PHE E 358 -36.27 -17.74 6.03
C PHE E 358 -35.08 -18.04 5.15
N ASP E 359 -34.25 -17.04 4.92
CA ASP E 359 -33.14 -17.17 4.00
C ASP E 359 -31.90 -17.56 4.78
N ALA E 360 -31.56 -18.84 4.72
CA ALA E 360 -30.39 -19.37 5.45
C ALA E 360 -29.04 -18.94 4.88
N THR E 361 -29.03 -18.36 3.67
CA THR E 361 -27.79 -17.79 3.10
C THR E 361 -27.56 -16.35 3.53
N HIS E 362 -28.54 -15.76 4.24
CA HIS E 362 -28.44 -14.38 4.75
C HIS E 362 -27.93 -14.46 6.21
N PRO E 363 -26.71 -13.95 6.49
CA PRO E 363 -26.16 -14.01 7.86
C PRO E 363 -27.03 -13.34 8.91
N GLY E 364 -27.70 -12.25 8.52
CA GLY E 364 -28.68 -11.56 9.36
C GLY E 364 -29.91 -12.37 9.68
N ALA E 365 -30.42 -13.10 8.70
CA ALA E 365 -31.59 -13.97 8.90
C ALA E 365 -31.26 -15.19 9.75
N ARG E 366 -30.04 -15.74 9.57
CA ARG E 366 -29.57 -16.86 10.40
C ARG E 366 -29.60 -16.47 11.88
N LYS E 367 -28.97 -15.34 12.18
CA LYS E 367 -28.90 -14.77 13.53
C LYS E 367 -30.29 -14.49 14.11
N TYR E 368 -31.16 -13.90 13.28
CA TYR E 368 -32.52 -13.59 13.71
C TYR E 368 -33.30 -14.84 14.14
N VAL E 369 -33.23 -15.89 13.33
CA VAL E 369 -33.98 -17.13 13.62
C VAL E 369 -33.38 -17.84 14.83
N TRP E 370 -32.05 -17.95 14.88
CA TRP E 370 -31.38 -18.45 16.07
C TRP E 370 -31.87 -17.73 17.34
N GLU E 371 -31.82 -16.40 17.33
CA GLU E 371 -32.16 -15.61 18.52
C GLU E 371 -33.61 -15.85 18.99
N GLN E 372 -34.50 -16.16 18.06
CA GLN E 372 -35.87 -16.57 18.41
C GLN E 372 -35.88 -17.92 19.10
N ALA E 373 -35.21 -18.91 18.48
CA ALA E 373 -35.01 -20.23 19.08
C ALA E 373 -34.32 -20.12 20.45
N LYS E 374 -33.33 -19.24 20.54
CA LYS E 374 -32.61 -19.06 21.79
C LYS E 374 -33.54 -18.61 22.92
N LYS E 375 -34.31 -17.54 22.68
CA LYS E 375 -35.16 -16.98 23.74
C LYS E 375 -36.29 -17.92 24.16
N ASN E 376 -36.83 -18.69 23.21
CA ASN E 376 -38.02 -19.52 23.44
C ASN E 376 -37.76 -21.00 23.73
N TYR E 377 -36.53 -21.48 23.50
CA TYR E 377 -36.19 -22.90 23.66
C TYR E 377 -34.85 -23.13 24.37
N HIS E 378 -33.75 -22.62 23.80
CA HIS E 378 -32.40 -22.87 24.34
C HIS E 378 -32.20 -22.28 25.73
N ASP E 379 -32.68 -21.05 25.95
CA ASP E 379 -32.67 -20.42 27.28
C ASP E 379 -33.41 -21.25 28.34
N LEU E 380 -34.41 -22.02 27.93
CA LEU E 380 -35.12 -22.94 28.84
C LEU E 380 -34.39 -24.28 29.11
N GLY E 381 -33.28 -24.56 28.43
CA GLY E 381 -32.49 -25.77 28.65
C GLY E 381 -32.49 -26.82 27.54
N ILE E 382 -33.16 -26.54 26.41
CA ILE E 382 -33.14 -27.43 25.23
C ILE E 382 -31.76 -27.33 24.56
N LYS E 383 -31.16 -28.49 24.29
CA LYS E 383 -29.79 -28.54 23.74
C LYS E 383 -29.72 -29.16 22.35
N ILE E 384 -30.86 -29.62 21.81
CA ILE E 384 -30.90 -30.27 20.51
C ILE E 384 -32.05 -29.66 19.72
N PHE E 385 -31.79 -29.30 18.46
CA PHE E 385 -32.83 -28.82 17.56
C PHE E 385 -33.01 -29.74 16.36
N TRP E 386 -34.27 -29.89 15.97
CA TRP E 386 -34.67 -30.68 14.82
C TRP E 386 -34.92 -29.71 13.65
N LEU E 387 -33.89 -29.50 12.86
CA LEU E 387 -33.93 -28.53 11.76
C LEU E 387 -34.54 -29.23 10.55
N ASP E 388 -35.86 -29.28 10.56
CA ASP E 388 -36.67 -29.99 9.56
C ASP E 388 -36.84 -29.07 8.33
N GLU E 389 -37.33 -29.63 7.22
CA GLU E 389 -37.62 -28.88 5.98
C GLU E 389 -36.39 -28.14 5.45
N ALA E 390 -35.23 -28.78 5.57
CA ALA E 390 -33.96 -28.10 5.44
C ALA E 390 -33.48 -27.88 3.99
N GLU E 391 -34.29 -28.27 3.03
CA GLU E 391 -33.87 -28.24 1.63
C GLU E 391 -33.79 -26.82 0.98
N PRO E 392 -34.82 -25.96 1.10
CA PRO E 392 -36.07 -26.16 1.82
C PRO E 392 -37.14 -26.79 0.95
N GLU E 393 -38.20 -27.29 1.57
CA GLU E 393 -39.21 -28.05 0.83
C GLU E 393 -40.25 -27.13 0.20
N TYR E 394 -39.88 -26.53 -0.92
CA TYR E 394 -40.82 -25.75 -1.72
C TYR E 394 -42.01 -26.65 -2.05
N SER E 395 -43.22 -26.11 -2.04
CA SER E 395 -44.40 -26.86 -2.47
C SER E 395 -44.26 -27.30 -3.93
N VAL E 396 -43.54 -26.50 -4.71
CA VAL E 396 -43.20 -26.84 -6.09
C VAL E 396 -41.73 -26.56 -6.27
N TYR E 397 -40.97 -27.58 -6.66
CA TYR E 397 -39.51 -27.47 -6.81
C TYR E 397 -39.12 -26.80 -8.13
N ASP E 398 -39.63 -25.59 -8.37
CA ASP E 398 -39.25 -24.78 -9.54
C ASP E 398 -38.12 -23.86 -9.12
N PHE E 399 -36.90 -24.40 -9.19
CA PHE E 399 -35.69 -23.74 -8.66
C PHE E 399 -35.44 -22.38 -9.32
N GLU E 400 -35.68 -22.33 -10.62
CA GLU E 400 -35.67 -21.07 -11.41
C GLU E 400 -36.52 -19.90 -10.88
N ASN E 401 -37.54 -20.21 -10.06
CA ASN E 401 -38.46 -19.21 -9.54
C ASN E 401 -38.15 -18.66 -8.14
N TYR E 402 -36.97 -18.96 -7.57
CA TYR E 402 -36.64 -18.48 -6.21
C TYR E 402 -35.25 -17.89 -6.14
N ARG E 403 -35.08 -16.93 -5.23
CA ARG E 403 -33.82 -16.18 -5.10
C ARG E 403 -33.46 -16.00 -3.63
N TYR E 404 -32.18 -16.11 -3.33
CA TYR E 404 -31.65 -15.96 -1.99
C TYR E 404 -30.73 -14.75 -1.94
N HIS E 405 -30.36 -14.36 -0.71
CA HIS E 405 -29.37 -13.32 -0.44
C HIS E 405 -28.13 -13.43 -1.35
N LEU E 406 -27.61 -14.65 -1.50
CA LEU E 406 -26.38 -14.92 -2.28
C LEU E 406 -26.63 -15.09 -3.79
N GLY E 407 -27.88 -15.07 -4.22
CA GLY E 407 -28.22 -15.04 -5.64
C GLY E 407 -29.36 -15.99 -5.95
N PRO E 408 -29.70 -16.15 -7.24
CA PRO E 408 -30.72 -17.11 -7.66
C PRO E 408 -30.48 -18.51 -7.12
N VAL E 409 -31.55 -19.23 -6.82
CA VAL E 409 -31.45 -20.61 -6.37
C VAL E 409 -30.71 -21.49 -7.37
N LEU E 410 -30.86 -21.20 -8.67
CA LEU E 410 -30.09 -21.90 -9.71
C LEU E 410 -28.58 -21.80 -9.52
N GLU E 411 -28.10 -20.66 -9.01
CA GLU E 411 -26.68 -20.43 -8.78
C GLU E 411 -26.14 -20.94 -7.43
N VAL E 412 -26.92 -20.75 -6.36
CA VAL E 412 -26.43 -21.02 -5.00
C VAL E 412 -27.33 -21.92 -4.14
N GLY E 413 -28.40 -22.45 -4.70
CA GLY E 413 -29.47 -23.07 -3.92
C GLY E 413 -29.10 -24.21 -2.98
N ASN E 414 -28.10 -25.01 -3.37
CA ASN E 414 -27.79 -26.24 -2.63
C ASN E 414 -27.11 -26.00 -1.28
N ILE E 415 -26.57 -24.80 -1.07
CA ILE E 415 -25.92 -24.47 0.20
C ILE E 415 -26.91 -24.12 1.32
N TYR E 416 -28.20 -23.95 1.00
CA TYR E 416 -29.23 -23.64 2.00
C TYR E 416 -29.18 -24.50 3.28
N PRO E 417 -29.17 -25.85 3.14
CA PRO E 417 -29.13 -26.68 4.36
C PRO E 417 -27.88 -26.49 5.22
N ARG E 418 -26.74 -26.22 4.60
CA ARG E 418 -25.51 -25.89 5.34
C ARG E 418 -25.68 -24.59 6.14
N GLY E 419 -26.27 -23.57 5.51
CA GLY E 419 -26.58 -22.32 6.21
C GLY E 419 -27.54 -22.47 7.37
N TYR E 420 -28.54 -23.31 7.18
CA TYR E 420 -29.57 -23.61 8.18
C TYR E 420 -28.92 -24.26 9.43
N ALA E 421 -28.04 -25.23 9.19
CA ALA E 421 -27.27 -25.87 10.25
C ALA E 421 -26.34 -24.87 10.92
N GLN E 422 -25.69 -24.05 10.10
CA GLN E 422 -24.80 -23.00 10.59
C GLN E 422 -25.47 -22.02 11.56
N ALA E 423 -26.71 -21.61 11.25
CA ALA E 423 -27.47 -20.70 12.08
C ALA E 423 -27.49 -21.14 13.55
N PHE E 424 -27.85 -22.41 13.73
CA PHE E 424 -27.99 -23.01 15.06
C PHE E 424 -26.64 -23.39 15.69
N TYR E 425 -25.72 -23.94 14.91
CA TYR E 425 -24.40 -24.30 15.46
C TYR E 425 -23.65 -23.08 15.98
N GLU E 426 -23.56 -22.04 15.15
CA GLU E 426 -22.86 -20.82 15.54
C GLU E 426 -23.50 -20.16 16.77
N GLY E 427 -24.83 -20.16 16.81
CA GLY E 427 -25.57 -19.57 17.91
C GLY E 427 -25.37 -20.32 19.22
N MET E 428 -25.50 -21.65 19.15
CA MET E 428 -25.33 -22.51 20.33
C MET E 428 -23.90 -22.46 20.84
N GLU E 429 -22.92 -22.46 19.94
CA GLU E 429 -21.52 -22.29 20.32
C GLU E 429 -21.29 -20.94 21.03
N GLU E 430 -21.84 -19.85 20.45
CA GLU E 430 -21.79 -18.50 21.07
C GLU E 430 -22.43 -18.47 22.46
N ALA E 431 -23.51 -19.23 22.64
CA ALA E 431 -24.18 -19.37 23.93
C ALA E 431 -23.44 -20.30 24.93
N GLY E 432 -22.27 -20.82 24.55
CA GLY E 432 -21.40 -21.61 25.44
C GLY E 432 -21.54 -23.11 25.36
N GLN E 433 -22.37 -23.62 24.44
CA GLN E 433 -22.57 -25.07 24.30
C GLN E 433 -21.40 -25.71 23.56
N THR E 434 -21.01 -26.90 24.01
CA THR E 434 -19.99 -27.73 23.33
C THR E 434 -20.61 -29.07 22.87
N GLU E 435 -19.89 -29.79 22.02
CA GLU E 435 -20.40 -31.00 21.35
C GLU E 435 -21.85 -30.84 20.88
N ILE E 436 -22.05 -29.92 19.94
CA ILE E 436 -23.38 -29.60 19.46
C ILE E 436 -23.77 -30.60 18.39
N VAL E 437 -25.00 -31.11 18.49
CA VAL E 437 -25.61 -31.92 17.45
C VAL E 437 -27.04 -31.42 17.23
N ASN E 438 -27.38 -31.17 15.98
CA ASN E 438 -28.76 -30.90 15.57
C ASN E 438 -29.14 -31.89 14.48
N LEU E 439 -30.43 -32.23 14.43
CA LEU E 439 -30.95 -33.15 13.43
C LEU E 439 -31.39 -32.36 12.18
N LEU E 440 -30.68 -32.55 11.07
CA LEU E 440 -30.92 -31.83 9.80
C LEU E 440 -31.53 -32.78 8.78
N ARG E 441 -32.56 -32.36 8.05
CA ARG E 441 -33.08 -33.21 6.98
C ARG E 441 -32.24 -33.19 5.70
N CYS E 442 -31.34 -32.22 5.58
CA CYS E 442 -30.54 -32.08 4.38
C CYS E 442 -29.18 -31.47 4.70
N ALA E 443 -28.31 -31.48 3.72
CA ALA E 443 -26.93 -31.04 3.88
C ALA E 443 -26.30 -30.68 2.55
N TRP E 444 -25.20 -29.93 2.62
CA TRP E 444 -24.29 -29.72 1.51
C TRP E 444 -22.88 -30.06 2.00
N ALA E 445 -21.90 -30.01 1.11
CA ALA E 445 -20.51 -30.18 1.48
C ALA E 445 -20.12 -29.28 2.66
N GLY E 446 -19.47 -29.90 3.65
CA GLY E 446 -19.07 -29.18 4.86
C GLY E 446 -20.11 -29.09 5.95
N SER E 447 -21.34 -29.60 5.72
CA SER E 447 -22.39 -29.57 6.75
C SER E 447 -21.99 -30.28 8.06
N GLN E 448 -21.12 -31.28 7.94
CA GLN E 448 -20.58 -31.98 9.12
C GLN E 448 -19.99 -31.02 10.16
N ARG E 449 -19.33 -29.95 9.72
CA ARG E 449 -18.65 -29.03 10.63
C ARG E 449 -19.61 -28.22 11.50
N TYR E 450 -20.90 -28.17 11.12
CA TYR E 450 -21.95 -27.52 11.92
C TYR E 450 -22.80 -28.52 12.68
N GLY E 451 -22.21 -29.65 13.03
CA GLY E 451 -22.86 -30.65 13.89
C GLY E 451 -24.12 -31.24 13.30
N ALA E 452 -24.15 -31.38 11.97
CA ALA E 452 -25.35 -31.85 11.28
C ALA E 452 -25.45 -33.37 11.35
N LEU E 453 -26.41 -33.85 12.14
CA LEU E 453 -26.83 -35.24 12.11
C LEU E 453 -27.95 -35.26 11.07
N VAL E 454 -27.70 -35.85 9.91
CA VAL E 454 -28.67 -35.85 8.82
C VAL E 454 -29.52 -37.12 8.87
N TRP E 455 -30.83 -36.99 8.64
CA TRP E 455 -31.67 -38.18 8.41
C TRP E 455 -32.32 -38.14 7.02
N SER E 456 -32.67 -39.32 6.53
CA SER E 456 -33.09 -39.52 5.14
C SER E 456 -34.53 -39.11 4.80
N GLY E 457 -35.18 -38.33 5.66
CA GLY E 457 -36.46 -37.71 5.33
C GLY E 457 -37.64 -38.64 5.20
N ASP E 458 -38.65 -38.21 4.45
CA ASP E 458 -39.99 -38.80 4.48
C ASP E 458 -40.23 -39.94 3.49
N ILE E 459 -39.34 -40.93 3.57
CA ILE E 459 -39.43 -42.16 2.77
C ILE E 459 -40.63 -43.01 3.15
N ASN E 460 -41.03 -43.91 2.26
CA ASN E 460 -42.13 -44.82 2.58
C ASN E 460 -41.65 -46.00 3.44
N SER E 461 -42.60 -46.66 4.09
CA SER E 461 -42.32 -47.80 4.97
C SER E 461 -42.42 -49.11 4.18
N THR E 462 -41.34 -49.42 3.46
CA THR E 462 -41.21 -50.66 2.67
C THR E 462 -39.81 -51.19 2.80
N PHE E 463 -39.65 -52.46 2.45
CA PHE E 463 -38.33 -53.09 2.37
C PHE E 463 -37.52 -52.48 1.24
N GLY E 464 -38.17 -52.11 0.14
CA GLY E 464 -37.52 -51.34 -0.94
C GLY E 464 -36.85 -50.07 -0.43
N ALA E 465 -37.57 -49.32 0.41
CA ALA E 465 -37.03 -48.14 1.05
C ALA E 465 -35.86 -48.47 1.97
N LEU E 466 -36.00 -49.54 2.77
CA LEU E 466 -34.90 -49.97 3.66
C LEU E 466 -33.60 -50.21 2.90
N ARG E 467 -33.69 -50.95 1.79
N ARG E 467 -33.68 -50.95 1.80
CA ARG E 467 -32.54 -51.21 0.90
CA ARG E 467 -32.52 -51.21 0.92
C ARG E 467 -31.88 -49.91 0.43
C ARG E 467 -31.87 -49.92 0.41
N ASN E 468 -32.69 -48.95 0.01
CA ASN E 468 -32.20 -47.63 -0.45
C ASN E 468 -31.48 -46.85 0.66
N GLN E 469 -32.03 -46.86 1.88
CA GLN E 469 -31.42 -46.12 3.00
C GLN E 469 -30.05 -46.62 3.36
N LEU E 470 -29.85 -47.95 3.30
CA LEU E 470 -28.52 -48.53 3.54
C LEU E 470 -27.49 -47.97 2.59
N MET E 471 -27.79 -47.97 1.28
CA MET E 471 -26.85 -47.43 0.29
C MET E 471 -26.64 -45.93 0.50
N ALA E 472 -27.73 -45.23 0.73
CA ALA E 472 -27.72 -43.77 0.93
C ALA E 472 -26.86 -43.35 2.13
N GLY E 473 -27.04 -44.02 3.27
CA GLY E 473 -26.26 -43.75 4.48
C GLY E 473 -24.78 -44.00 4.32
N LEU E 474 -24.44 -45.09 3.63
CA LEU E 474 -23.03 -45.40 3.38
C LEU E 474 -22.42 -44.34 2.49
N ASN E 475 -23.17 -43.98 1.45
CA ASN E 475 -22.72 -42.94 0.54
C ASN E 475 -22.60 -41.56 1.23
N MET E 476 -23.50 -41.25 2.16
CA MET E 476 -23.35 -40.02 2.96
C MET E 476 -22.05 -39.98 3.75
N GLY E 477 -21.71 -41.12 4.36
CA GLY E 477 -20.47 -41.22 5.10
C GLY E 477 -19.25 -41.00 4.24
N ILE E 478 -19.25 -41.55 3.03
CA ILE E 478 -18.17 -41.31 2.08
C ILE E 478 -18.12 -39.84 1.67
N ALA E 479 -19.29 -39.21 1.55
CA ALA E 479 -19.38 -37.75 1.27
C ALA E 479 -19.03 -36.83 2.46
N GLY E 480 -18.62 -37.43 3.59
CA GLY E 480 -18.10 -36.70 4.74
C GLY E 480 -19.14 -36.33 5.79
N ILE E 481 -20.28 -37.01 5.78
CA ILE E 481 -21.34 -36.83 6.76
C ILE E 481 -21.37 -38.06 7.69
N PRO E 482 -20.48 -38.08 8.71
CA PRO E 482 -20.44 -39.26 9.59
C PRO E 482 -21.70 -39.46 10.42
N TRP E 483 -22.33 -38.37 10.86
CA TRP E 483 -23.54 -38.46 11.67
C TRP E 483 -24.77 -38.55 10.77
N TRP E 484 -25.34 -39.74 10.68
CA TRP E 484 -26.45 -40.01 9.77
C TRP E 484 -27.37 -41.06 10.38
N THR E 485 -28.66 -40.94 10.11
CA THR E 485 -29.64 -41.89 10.61
C THR E 485 -30.87 -41.89 9.71
N THR E 486 -31.86 -42.69 10.06
CA THR E 486 -33.16 -42.69 9.38
C THR E 486 -34.26 -42.72 10.41
N ASP E 487 -35.48 -42.66 9.92
CA ASP E 487 -36.64 -43.08 10.68
C ASP E 487 -36.62 -44.60 10.73
N ILE E 488 -36.47 -45.19 11.91
CA ILE E 488 -36.63 -46.64 12.02
C ILE E 488 -38.08 -46.99 11.67
N GLY E 489 -38.22 -47.90 10.72
CA GLY E 489 -39.49 -48.26 10.12
C GLY E 489 -39.89 -47.41 8.92
N GLY E 490 -39.06 -46.43 8.55
CA GLY E 490 -39.44 -45.43 7.52
C GLY E 490 -40.52 -44.46 8.01
N PHE E 491 -40.84 -43.47 7.18
CA PHE E 491 -41.76 -42.40 7.58
C PHE E 491 -43.24 -42.69 7.32
N ASP E 492 -43.58 -43.05 6.08
CA ASP E 492 -44.97 -43.00 5.60
C ASP E 492 -45.51 -44.39 5.25
N GLY E 493 -46.70 -44.72 5.74
CA GLY E 493 -47.44 -45.92 5.30
C GLY E 493 -47.53 -47.08 6.29
N GLY E 494 -46.77 -47.02 7.38
CA GLY E 494 -46.72 -48.10 8.37
C GLY E 494 -47.91 -48.13 9.31
N ASP E 495 -48.78 -49.13 9.14
CA ASP E 495 -49.87 -49.39 10.07
C ASP E 495 -49.34 -50.24 11.22
N ILE E 496 -49.56 -49.77 12.46
CA ILE E 496 -49.04 -50.45 13.66
C ILE E 496 -49.68 -51.83 13.91
N ASN E 497 -50.94 -52.00 13.48
CA ASN E 497 -51.66 -53.29 13.51
C ASN E 497 -51.37 -54.22 12.33
N ASP E 498 -50.49 -53.83 11.40
CA ASP E 498 -50.23 -54.62 10.19
C ASP E 498 -48.99 -55.51 10.37
N PRO E 499 -49.17 -56.85 10.29
CA PRO E 499 -48.03 -57.76 10.50
C PRO E 499 -46.88 -57.61 9.50
N ALA E 500 -47.21 -57.24 8.26
CA ALA E 500 -46.19 -56.98 7.23
C ALA E 500 -45.28 -55.82 7.63
N PHE E 501 -45.89 -54.72 8.10
CA PHE E 501 -45.10 -53.58 8.58
C PHE E 501 -44.29 -53.94 9.84
N GLN E 502 -44.91 -54.68 10.77
CA GLN E 502 -44.22 -55.11 11.99
C GLN E 502 -42.93 -55.86 11.68
N GLU E 503 -42.99 -56.81 10.74
CA GLU E 503 -41.76 -57.46 10.27
C GLU E 503 -40.73 -56.45 9.76
N LEU E 504 -41.17 -55.49 8.93
CA LEU E 504 -40.26 -54.45 8.42
C LEU E 504 -39.64 -53.65 9.56
N LEU E 505 -40.48 -53.24 10.50
CA LEU E 505 -40.05 -52.48 11.67
C LEU E 505 -38.92 -53.18 12.40
N ILE E 506 -39.10 -54.47 12.66
CA ILE E 506 -38.09 -55.27 13.38
C ILE E 506 -36.74 -55.24 12.65
N ARG E 507 -36.76 -55.53 11.35
CA ARG E 507 -35.52 -55.56 10.54
C ARG E 507 -34.83 -54.20 10.48
N TRP E 508 -35.63 -53.15 10.42
CA TRP E 508 -35.11 -51.78 10.35
C TRP E 508 -34.53 -51.36 11.71
N PHE E 509 -35.24 -51.73 12.78
CA PHE E 509 -34.76 -51.51 14.17
C PHE E 509 -33.42 -52.20 14.39
N GLN E 510 -33.32 -53.47 13.97
CA GLN E 510 -32.08 -54.24 14.12
C GLN E 510 -30.91 -53.58 13.41
N TRP E 511 -31.17 -53.10 12.19
CA TRP E 511 -30.19 -52.28 11.47
C TRP E 511 -29.90 -50.96 12.19
N GLY E 512 -30.93 -50.31 12.70
CA GLY E 512 -30.82 -49.04 13.45
C GLY E 512 -29.87 -49.07 14.64
N VAL E 513 -29.84 -50.19 15.36
CA VAL E 513 -28.85 -50.42 16.42
C VAL E 513 -27.43 -50.19 15.92
N PHE E 514 -27.17 -50.57 14.66
CA PHE E 514 -25.85 -50.39 14.02
C PHE E 514 -25.82 -49.26 12.97
N CYS E 515 -26.64 -48.23 13.20
CA CYS E 515 -26.52 -46.95 12.49
C CYS E 515 -25.83 -45.93 13.43
N PRO E 516 -25.21 -44.88 12.87
CA PRO E 516 -24.45 -43.93 13.69
C PRO E 516 -25.26 -43.37 14.87
N VAL E 517 -26.54 -43.13 14.62
CA VAL E 517 -27.51 -42.82 15.65
C VAL E 517 -28.69 -43.78 15.48
N THR E 518 -29.23 -44.22 16.62
CA THR E 518 -30.36 -45.16 16.69
C THR E 518 -31.59 -44.36 17.05
N ARG E 519 -32.46 -44.14 16.07
CA ARG E 519 -33.61 -43.24 16.23
C ARG E 519 -34.88 -43.84 15.66
N LEU E 520 -35.91 -43.87 16.50
CA LEU E 520 -37.25 -44.33 16.11
C LEU E 520 -38.09 -43.10 15.85
N HIS E 521 -38.66 -43.03 14.64
CA HIS E 521 -39.61 -42.00 14.25
C HIS E 521 -40.52 -42.58 13.17
N GLY E 522 -41.71 -42.00 13.05
CA GLY E 522 -42.59 -42.30 11.92
C GLY E 522 -43.91 -41.58 11.99
N PHE E 523 -44.63 -41.62 10.87
CA PHE E 523 -46.01 -41.17 10.79
C PHE E 523 -46.84 -42.43 10.61
N ARG E 524 -47.24 -43.03 11.73
CA ARG E 524 -47.89 -44.35 11.69
C ARG E 524 -49.38 -44.20 11.45
N GLN E 525 -49.96 -45.23 10.83
CA GLN E 525 -51.41 -45.33 10.62
C GLN E 525 -52.01 -46.25 11.70
N PRO E 526 -53.32 -46.12 12.01
CA PRO E 526 -54.22 -45.14 11.41
C PRO E 526 -54.06 -43.72 11.98
N MET E 527 -54.10 -42.72 11.09
CA MET E 527 -53.91 -41.33 11.48
C MET E 527 -55.18 -40.79 12.11
N GLU E 528 -55.04 -39.71 12.87
CA GLU E 528 -56.18 -39.07 13.54
C GLU E 528 -56.22 -37.60 13.14
N GLU E 529 -57.36 -37.15 12.62
CA GLU E 529 -57.56 -35.74 12.29
C GLU E 529 -57.63 -34.95 13.59
N PRO E 530 -57.20 -33.67 13.58
CA PRO E 530 -57.36 -32.87 14.78
C PRO E 530 -58.84 -32.65 15.09
N ALA E 531 -59.16 -32.42 16.35
CA ALA E 531 -60.54 -32.16 16.78
C ALA E 531 -61.18 -31.07 15.94
N GLU E 532 -60.50 -29.92 15.88
CA GLU E 532 -60.90 -28.76 15.09
C GLU E 532 -60.00 -28.68 13.87
N THR E 533 -60.56 -28.50 12.68
CA THR E 533 -59.75 -28.29 11.46
C THR E 533 -58.96 -26.98 11.53
N TYR E 534 -59.64 -25.94 12.03
CA TYR E 534 -59.06 -24.61 12.22
C TYR E 534 -59.26 -24.12 13.64
N ARG E 535 -58.34 -23.28 14.09
CA ARG E 535 -58.43 -22.60 15.36
C ARG E 535 -57.93 -21.17 15.12
N ASP E 536 -58.85 -20.20 15.17
CA ASP E 536 -58.55 -18.77 14.91
C ASP E 536 -58.04 -18.57 13.47
N GLY E 537 -58.62 -19.31 12.52
CA GLY E 537 -58.16 -19.32 11.13
C GLY E 537 -56.91 -20.13 10.78
N ILE E 538 -56.21 -20.66 11.78
CA ILE E 538 -54.96 -21.40 11.59
C ILE E 538 -55.26 -22.90 11.47
N ALA E 539 -54.81 -23.51 10.39
CA ALA E 539 -55.03 -24.93 10.15
C ALA E 539 -54.24 -25.79 11.16
N GLN E 540 -54.95 -26.72 11.80
CA GLN E 540 -54.36 -27.54 12.86
C GLN E 540 -53.77 -28.81 12.27
N CYS E 541 -52.66 -29.27 12.85
CA CYS E 541 -51.93 -30.43 12.36
C CYS E 541 -52.44 -31.73 12.99
N MET E 542 -52.64 -32.74 12.14
CA MET E 542 -53.00 -34.10 12.58
C MET E 542 -51.86 -34.80 13.35
N THR E 543 -52.15 -36.02 13.79
CA THR E 543 -51.14 -36.94 14.35
C THR E 543 -51.26 -38.33 13.71
N GLY E 544 -50.15 -39.04 13.69
CA GLY E 544 -50.13 -40.47 13.42
C GLY E 544 -50.42 -41.26 14.70
N ALA E 545 -50.38 -42.59 14.58
CA ALA E 545 -50.65 -43.50 15.68
C ALA E 545 -49.46 -43.60 16.65
N ALA E 546 -49.58 -44.40 17.71
CA ALA E 546 -48.47 -44.62 18.63
C ALA E 546 -47.26 -45.22 17.89
N ASN E 547 -46.07 -44.92 18.38
CA ASN E 547 -44.84 -45.43 17.78
C ASN E 547 -43.76 -45.64 18.87
N GLU E 548 -44.15 -46.30 19.95
CA GLU E 548 -43.24 -46.66 21.03
C GLU E 548 -42.97 -48.15 20.91
N ILE E 549 -41.86 -48.61 21.47
CA ILE E 549 -41.45 -50.00 21.27
C ILE E 549 -42.43 -51.04 21.84
N TRP E 550 -43.33 -50.59 22.73
CA TRP E 550 -44.44 -51.41 23.26
C TRP E 550 -45.75 -51.33 22.46
N SER E 551 -45.75 -50.64 21.31
CA SER E 551 -47.02 -50.36 20.59
C SER E 551 -47.40 -51.43 19.56
N TYR E 552 -46.54 -52.45 19.40
CA TYR E 552 -46.62 -53.42 18.29
C TYR E 552 -46.67 -54.90 18.75
N GLY E 553 -47.22 -55.16 19.94
CA GLY E 553 -47.34 -56.53 20.47
C GLY E 553 -46.19 -56.94 21.36
N GLU E 554 -46.43 -57.98 22.16
CA GLU E 554 -45.48 -58.45 23.18
C GLU E 554 -44.20 -59.02 22.58
N ASP E 555 -44.34 -59.85 21.54
CA ASP E 555 -43.17 -60.47 20.89
C ASP E 555 -42.25 -59.42 20.25
N ASN E 556 -42.85 -58.45 19.55
CA ASN E 556 -42.09 -57.33 18.95
C ASN E 556 -41.44 -56.48 20.03
N TYR E 557 -42.18 -56.18 21.09
CA TYR E 557 -41.63 -55.49 22.27
C TYR E 557 -40.35 -56.15 22.78
N ALA E 558 -40.36 -57.48 22.87
CA ALA E 558 -39.20 -58.22 23.35
C ALA E 558 -37.98 -58.03 22.47
N ILE E 559 -38.18 -58.06 21.14
CA ILE E 559 -37.07 -57.91 20.20
C ILE E 559 -36.48 -56.49 20.30
N MET E 560 -37.35 -55.48 20.29
CA MET E 560 -36.91 -54.08 20.35
C MET E 560 -36.27 -53.72 21.69
N LYS E 561 -36.82 -54.28 22.78
CA LYS E 561 -36.18 -54.22 24.11
C LYS E 561 -34.73 -54.72 24.10
N SER E 562 -34.49 -55.90 23.53
CA SER E 562 -33.11 -56.42 23.44
C SER E 562 -32.25 -55.56 22.50
N CYS E 563 -32.87 -55.00 21.45
CA CYS E 563 -32.16 -54.05 20.59
C CYS E 563 -31.64 -52.82 21.37
N LEU E 564 -32.50 -52.21 22.18
CA LEU E 564 -32.08 -51.06 22.99
C LEU E 564 -30.94 -51.41 23.96
N GLU E 565 -31.07 -52.56 24.64
CA GLU E 565 -30.05 -52.98 25.59
C GLU E 565 -28.73 -53.22 24.86
N LEU E 566 -28.82 -53.82 23.67
CA LEU E 566 -27.66 -54.01 22.81
C LEU E 566 -27.00 -52.67 22.45
N ARG E 567 -27.82 -51.70 22.05
CA ARG E 567 -27.31 -50.36 21.72
C ARG E 567 -26.58 -49.73 22.92
N GLU E 568 -27.15 -49.86 24.13
CA GLU E 568 -26.49 -49.38 25.36
C GLU E 568 -25.10 -50.00 25.57
N ARG E 569 -25.00 -51.32 25.39
CA ARG E 569 -23.69 -52.00 25.50
C ARG E 569 -22.66 -51.53 24.45
N LEU E 570 -23.14 -51.12 23.28
CA LEU E 570 -22.30 -50.57 22.21
C LEU E 570 -21.82 -49.12 22.42
N ARG E 571 -22.45 -48.39 23.35
CA ARG E 571 -22.20 -46.95 23.46
C ARG E 571 -20.74 -46.55 23.64
N PRO E 572 -19.99 -47.25 24.53
CA PRO E 572 -18.56 -46.91 24.60
C PRO E 572 -17.84 -47.09 23.25
N TYR E 573 -18.20 -48.13 22.50
CA TYR E 573 -17.61 -48.37 21.17
C TYR E 573 -18.01 -47.26 20.19
N VAL E 574 -19.31 -46.94 20.16
CA VAL E 574 -19.81 -45.83 19.34
C VAL E 574 -19.02 -44.55 19.60
N MET E 575 -18.83 -44.20 20.88
CA MET E 575 -18.13 -42.97 21.24
C MET E 575 -16.68 -42.98 20.75
N ARG E 576 -16.02 -44.14 20.76
CA ARG E 576 -14.66 -44.25 20.21
C ARG E 576 -14.66 -44.04 18.69
N VAL E 577 -15.67 -44.57 18.01
CA VAL E 577 -15.79 -44.44 16.54
C VAL E 577 -16.12 -42.97 16.20
N MET E 578 -17.02 -42.36 16.98
CA MET E 578 -17.33 -40.93 16.86
C MET E 578 -16.09 -40.05 17.07
N LYS E 579 -15.28 -40.37 18.08
CA LYS E 579 -13.99 -39.70 18.30
C LYS E 579 -13.10 -39.82 17.06
N ALA E 580 -13.03 -41.00 16.46
CA ALA E 580 -12.22 -41.22 15.26
C ALA E 580 -12.75 -40.43 14.05
N ALA E 581 -14.08 -40.32 13.91
CA ALA E 581 -14.69 -39.49 12.85
C ALA E 581 -14.28 -38.02 13.01
N HIS E 582 -14.36 -37.51 14.23
CA HIS E 582 -13.89 -36.17 14.57
C HIS E 582 -12.40 -36.01 14.27
N ASP E 583 -11.58 -36.98 14.68
CA ASP E 583 -10.11 -36.89 14.51
C ASP E 583 -9.63 -37.12 13.09
N THR E 584 -10.26 -38.04 12.36
CA THR E 584 -9.73 -38.56 11.08
C THR E 584 -10.63 -38.40 9.85
N GLY E 585 -11.86 -37.95 10.03
CA GLY E 585 -12.82 -37.88 8.91
C GLY E 585 -13.45 -39.20 8.53
N ALA E 586 -13.11 -40.27 9.24
CA ALA E 586 -13.61 -41.61 8.93
C ALA E 586 -15.10 -41.66 9.18
N PRO E 587 -15.88 -42.26 8.27
CA PRO E 587 -17.29 -42.48 8.60
C PRO E 587 -17.49 -43.50 9.72
N VAL E 588 -18.71 -43.51 10.27
CA VAL E 588 -19.09 -44.40 11.34
C VAL E 588 -19.60 -45.70 10.73
N MET E 589 -20.60 -45.59 9.86
CA MET E 589 -21.03 -46.73 9.02
C MET E 589 -20.26 -46.59 7.70
N ARG E 590 -19.52 -47.65 7.35
CA ARG E 590 -18.51 -47.60 6.26
C ARG E 590 -18.73 -48.77 5.31
N PRO E 591 -18.46 -48.57 4.00
CA PRO E 591 -18.42 -49.74 3.11
C PRO E 591 -17.27 -50.66 3.48
N LEU E 592 -17.39 -51.93 3.09
CA LEU E 592 -16.35 -52.93 3.42
C LEU E 592 -14.99 -52.48 2.93
N PHE E 593 -14.93 -51.82 1.77
CA PHE E 593 -13.66 -51.37 1.18
C PHE E 593 -12.92 -50.30 1.99
N PHE E 594 -13.62 -49.62 2.88
CA PHE E 594 -13.00 -48.64 3.78
C PHE E 594 -12.00 -49.32 4.74
N ASP E 595 -12.41 -50.43 5.33
CA ASP E 595 -11.55 -51.21 6.24
C ASP E 595 -10.72 -52.29 5.56
N PHE E 596 -11.19 -52.78 4.40
CA PHE E 596 -10.50 -53.85 3.66
C PHE E 596 -10.33 -53.49 2.18
N PRO E 597 -9.56 -52.43 1.88
CA PRO E 597 -9.42 -51.99 0.49
C PRO E 597 -8.64 -52.94 -0.44
N ASP E 598 -7.89 -53.90 0.11
CA ASP E 598 -7.11 -54.85 -0.70
C ASP E 598 -7.85 -56.11 -1.14
N GLN E 599 -9.10 -56.30 -0.70
CA GLN E 599 -9.87 -57.50 -1.02
C GLN E 599 -10.98 -57.20 -2.03
N ALA E 600 -10.99 -57.96 -3.13
CA ALA E 600 -11.88 -57.69 -4.26
C ALA E 600 -13.37 -57.64 -3.86
N GLU E 601 -13.77 -58.50 -2.93
CA GLU E 601 -15.17 -58.60 -2.51
C GLU E 601 -15.66 -57.38 -1.73
N ALA E 602 -14.74 -56.69 -1.05
CA ALA E 602 -15.06 -55.48 -0.30
C ALA E 602 -15.57 -54.34 -1.22
N TRP E 603 -15.08 -54.31 -2.46
CA TRP E 603 -15.55 -53.36 -3.48
C TRP E 603 -16.79 -53.83 -4.27
N GLN E 604 -17.27 -55.05 -4.04
CA GLN E 604 -18.44 -55.59 -4.78
C GLN E 604 -19.69 -55.73 -3.92
N ILE E 605 -19.52 -56.07 -2.65
CA ILE E 605 -20.67 -56.33 -1.76
C ILE E 605 -21.28 -55.00 -1.31
N GLU E 606 -22.59 -54.88 -1.45
CA GLU E 606 -23.31 -53.68 -1.08
C GLU E 606 -24.36 -53.89 0.00
N ASP E 607 -24.58 -55.13 0.43
CA ASP E 607 -25.58 -55.45 1.46
C ASP E 607 -24.92 -55.85 2.81
N GLN E 608 -23.64 -55.53 2.94
CA GLN E 608 -22.92 -55.62 4.20
C GLN E 608 -22.12 -54.35 4.39
N TYR E 609 -21.74 -54.07 5.63
CA TYR E 609 -20.88 -52.93 5.94
C TYR E 609 -20.19 -53.06 7.29
N MET E 610 -19.22 -52.19 7.52
CA MET E 610 -18.53 -52.08 8.79
C MET E 610 -19.12 -50.94 9.61
N PHE E 611 -19.51 -51.27 10.86
CA PHE E 611 -19.89 -50.28 11.85
C PHE E 611 -18.66 -50.04 12.74
N GLY E 612 -17.88 -49.01 12.40
CA GLY E 612 -16.52 -48.84 12.92
C GLY E 612 -15.61 -49.96 12.39
N PRO E 613 -14.34 -50.00 12.87
CA PRO E 613 -13.43 -51.03 12.34
C PRO E 613 -13.69 -52.47 12.80
N ASP E 614 -14.55 -52.67 13.80
CA ASP E 614 -14.63 -53.95 14.52
C ASP E 614 -15.94 -54.70 14.41
N ILE E 615 -16.99 -54.12 13.84
CA ILE E 615 -18.28 -54.82 13.72
C ILE E 615 -18.69 -54.91 12.25
N LEU E 616 -18.93 -56.14 11.79
CA LEU E 616 -19.42 -56.42 10.44
C LEU E 616 -20.91 -56.68 10.55
N VAL E 617 -21.69 -55.96 9.75
CA VAL E 617 -23.14 -56.03 9.81
C VAL E 617 -23.68 -56.48 8.47
N ALA E 618 -24.67 -57.37 8.49
CA ALA E 618 -25.25 -57.92 7.27
C ALA E 618 -26.76 -57.93 7.41
N PRO E 619 -27.41 -56.76 7.19
CA PRO E 619 -28.87 -56.66 7.42
C PRO E 619 -29.72 -57.58 6.53
N VAL E 620 -30.92 -57.87 6.99
CA VAL E 620 -31.94 -58.59 6.22
C VAL E 620 -32.78 -57.52 5.55
N LEU E 621 -32.81 -57.55 4.21
CA LEU E 621 -33.47 -56.52 3.42
C LEU E 621 -34.70 -57.03 2.65
N GLU E 622 -35.26 -58.16 3.07
CA GLU E 622 -36.43 -58.77 2.43
C GLU E 622 -37.43 -59.29 3.45
N ALA E 623 -38.72 -59.18 3.11
CA ALA E 623 -39.79 -59.74 3.93
C ALA E 623 -39.75 -61.27 3.88
N GLY E 624 -40.05 -61.91 5.01
CA GLY E 624 -40.07 -63.36 5.12
C GLY E 624 -38.73 -64.08 5.14
N GLN E 625 -37.61 -63.34 5.08
CA GLN E 625 -36.29 -63.95 4.97
C GLN E 625 -35.83 -64.39 6.36
N ARG E 626 -35.35 -65.63 6.46
CA ARG E 626 -34.84 -66.18 7.73
C ARG E 626 -33.39 -66.69 7.69
N SER E 627 -32.70 -66.44 6.57
CA SER E 627 -31.26 -66.68 6.45
C SER E 627 -30.72 -65.92 5.25
N ARG E 628 -29.41 -65.70 5.21
CA ARG E 628 -28.77 -65.00 4.11
C ARG E 628 -27.28 -65.27 4.07
N LYS E 629 -26.69 -65.05 2.90
CA LYS E 629 -25.24 -65.14 2.70
C LYS E 629 -24.55 -64.00 3.41
N VAL E 630 -23.39 -64.29 4.01
CA VAL E 630 -22.53 -63.26 4.60
C VAL E 630 -21.10 -63.62 4.25
N TRP E 631 -20.35 -62.64 3.75
CA TRP E 631 -18.93 -62.80 3.48
C TRP E 631 -18.13 -62.23 4.64
N LEU E 632 -17.23 -63.05 5.19
CA LEU E 632 -16.36 -62.64 6.29
C LEU E 632 -15.01 -62.22 5.71
N PRO E 633 -14.63 -60.94 5.87
CA PRO E 633 -13.34 -60.48 5.33
C PRO E 633 -12.13 -61.24 5.84
N GLU E 634 -11.13 -61.39 4.99
CA GLU E 634 -9.83 -61.95 5.35
C GLU E 634 -9.00 -60.98 6.19
N GLY E 635 -8.11 -61.52 7.03
CA GLY E 635 -7.14 -60.75 7.78
C GLY E 635 -7.30 -60.91 9.27
N CYS E 636 -8.51 -61.30 9.70
CA CYS E 636 -8.82 -61.56 11.10
C CYS E 636 -9.90 -62.64 11.24
N ALA E 637 -10.14 -63.04 12.48
CA ALA E 637 -11.21 -63.98 12.82
C ALA E 637 -12.42 -63.22 13.33
N TRP E 638 -13.57 -63.87 13.26
CA TRP E 638 -14.85 -63.22 13.48
C TRP E 638 -15.69 -63.98 14.49
N ILE E 639 -16.28 -63.23 15.43
CA ILE E 639 -17.12 -63.80 16.49
C ILE E 639 -18.58 -63.49 16.21
N ASP E 640 -19.39 -64.53 16.03
CA ASP E 640 -20.83 -64.39 15.85
C ASP E 640 -21.41 -63.72 17.09
N LEU E 641 -22.02 -62.54 16.92
CA LEU E 641 -22.65 -61.83 18.03
C LEU E 641 -23.75 -62.65 18.73
N ASN E 642 -24.50 -63.44 17.96
CA ASN E 642 -25.70 -64.12 18.47
C ASN E 642 -25.44 -65.53 19.04
N THR E 643 -24.28 -66.12 18.77
CA THR E 643 -23.94 -67.45 19.30
C THR E 643 -22.57 -67.59 19.99
N GLY E 644 -21.67 -66.63 19.80
CA GLY E 644 -20.30 -66.74 20.32
C GLY E 644 -19.33 -67.54 19.47
N ALA E 645 -19.83 -68.20 18.41
CA ALA E 645 -19.00 -69.06 17.56
C ALA E 645 -17.96 -68.25 16.81
N ARG E 646 -16.74 -68.81 16.76
CA ARG E 646 -15.61 -68.20 16.07
C ARG E 646 -15.58 -68.75 14.65
N GLN E 647 -15.39 -67.88 13.67
CA GLN E 647 -15.23 -68.30 12.27
C GLN E 647 -14.07 -67.55 11.64
N ASN E 648 -13.25 -68.27 10.88
CA ASN E 648 -12.09 -67.69 10.21
C ASN E 648 -12.52 -66.73 9.10
N GLY E 649 -11.67 -65.74 8.82
CA GLY E 649 -11.91 -64.78 7.76
C GLY E 649 -11.52 -65.33 6.40
N GLY E 650 -12.12 -64.77 5.36
CA GLY E 650 -11.87 -65.18 3.97
C GLY E 650 -12.78 -66.32 3.53
N GLN E 651 -14.03 -66.31 4.00
CA GLN E 651 -15.00 -67.38 3.75
C GLN E 651 -16.39 -66.79 3.67
N TRP E 652 -17.29 -67.45 2.94
CA TRP E 652 -18.70 -67.11 2.97
C TRP E 652 -19.38 -67.99 4.02
N CYS E 653 -20.37 -67.43 4.70
CA CYS E 653 -21.21 -68.16 5.64
C CYS E 653 -22.62 -68.16 5.06
N ASP E 654 -23.35 -69.27 5.19
CA ASP E 654 -24.78 -69.29 4.97
C ASP E 654 -25.42 -69.12 6.33
N CYS E 655 -25.39 -67.87 6.82
CA CYS E 655 -25.73 -67.58 8.22
C CYS E 655 -27.21 -67.58 8.47
N ASP E 656 -27.57 -67.97 9.68
CA ASP E 656 -28.96 -67.96 10.14
C ASP E 656 -29.34 -66.50 10.37
N ALA E 657 -30.61 -66.19 10.14
CA ALA E 657 -31.10 -64.83 10.35
C ALA E 657 -32.57 -64.88 10.73
N PRO E 658 -32.87 -65.45 11.93
CA PRO E 658 -34.26 -65.46 12.37
C PRO E 658 -34.79 -64.04 12.60
N LEU E 659 -36.09 -63.90 12.78
CA LEU E 659 -36.70 -62.60 13.05
C LEU E 659 -36.01 -61.84 14.22
N GLU E 660 -35.52 -62.60 15.20
CA GLU E 660 -34.95 -62.06 16.45
C GLU E 660 -33.53 -61.50 16.29
N ALA E 661 -32.84 -61.80 15.19
CA ALA E 661 -31.49 -61.26 14.98
C ALA E 661 -31.08 -61.22 13.52
N ILE E 662 -30.30 -60.20 13.17
CA ILE E 662 -29.62 -60.12 11.88
C ILE E 662 -28.18 -60.58 12.10
N PRO E 663 -27.53 -61.10 11.05
CA PRO E 663 -26.14 -61.51 11.21
C PRO E 663 -25.20 -60.35 11.51
N VAL E 664 -24.52 -60.44 12.66
CA VAL E 664 -23.48 -59.48 13.05
C VAL E 664 -22.28 -60.25 13.58
N PHE E 665 -21.08 -59.80 13.21
CA PHE E 665 -19.84 -60.44 13.60
C PHE E 665 -18.84 -59.41 14.16
N ILE E 666 -18.20 -59.75 15.28
CA ILE E 666 -17.22 -58.86 15.93
C ILE E 666 -15.81 -59.30 15.54
N ARG E 667 -14.92 -58.35 15.27
CA ARG E 667 -13.50 -58.64 15.05
C ARG E 667 -12.92 -59.23 16.33
N GLU E 668 -12.34 -60.44 16.24
CA GLU E 668 -11.87 -61.15 17.43
C GLU E 668 -10.80 -60.35 18.18
N ALA E 669 -10.95 -60.30 19.51
CA ALA E 669 -10.00 -59.62 20.41
C ALA E 669 -10.04 -58.08 20.35
N ALA E 670 -11.01 -57.51 19.63
CA ALA E 670 -11.28 -56.06 19.74
C ALA E 670 -11.98 -55.83 21.07
N ALA E 671 -11.69 -54.70 21.71
CA ALA E 671 -12.27 -54.33 23.01
C ALA E 671 -13.80 -54.45 23.08
N VAL E 672 -14.48 -54.15 21.97
CA VAL E 672 -15.95 -54.25 21.90
C VAL E 672 -16.52 -55.68 22.09
N GLN E 673 -15.73 -56.70 21.77
CA GLN E 673 -16.14 -58.11 22.01
C GLN E 673 -16.46 -58.33 23.50
N ALA E 674 -15.50 -58.00 24.36
CA ALA E 674 -15.66 -58.07 25.83
C ALA E 674 -16.81 -57.21 26.32
N GLU E 675 -16.88 -55.97 25.84
CA GLU E 675 -17.94 -55.02 26.21
C GLU E 675 -19.36 -55.52 25.89
N LEU E 676 -19.49 -56.37 24.86
CA LEU E 676 -20.81 -56.94 24.50
C LEU E 676 -21.16 -58.17 25.31
N SER F 2 -59.61 -38.21 -12.36
CA SER F 2 -59.13 -39.12 -13.43
C SER F 2 -60.31 -39.58 -14.30
N GLU F 3 -60.11 -39.66 -15.61
CA GLU F 3 -61.16 -40.13 -16.52
C GLU F 3 -60.57 -40.90 -17.70
N PHE F 4 -61.17 -42.06 -18.00
CA PHE F 4 -60.86 -42.83 -19.20
C PHE F 4 -61.90 -42.59 -20.27
N ILE F 5 -61.45 -42.46 -21.52
CA ILE F 5 -62.33 -42.38 -22.68
C ILE F 5 -61.87 -43.53 -23.57
N LEU F 6 -62.67 -44.59 -23.60
CA LEU F 6 -62.32 -45.83 -24.27
C LEU F 6 -63.24 -46.08 -25.45
N THR F 7 -62.67 -46.53 -26.55
CA THR F 7 -63.41 -47.06 -27.69
C THR F 7 -62.81 -48.43 -28.00
N SER F 8 -63.29 -49.09 -29.05
CA SER F 8 -62.82 -50.44 -29.38
C SER F 8 -61.32 -50.53 -29.72
N ASP F 9 -60.74 -49.45 -30.24
CA ASP F 9 -59.34 -49.45 -30.68
C ASP F 9 -58.51 -48.26 -30.16
N LYS F 10 -58.93 -47.65 -29.05
CA LYS F 10 -58.24 -46.48 -28.51
C LYS F 10 -58.46 -46.32 -27.00
N LEU F 11 -57.38 -46.05 -26.27
CA LEU F 11 -57.40 -45.77 -24.84
C LEU F 11 -56.90 -44.34 -24.61
N VAL F 12 -57.80 -43.49 -24.11
CA VAL F 12 -57.46 -42.13 -23.72
C VAL F 12 -57.67 -41.99 -22.21
N TRP F 13 -56.65 -41.48 -21.51
CA TRP F 13 -56.77 -41.11 -20.11
C TRP F 13 -56.58 -39.62 -20.01
N THR F 14 -57.35 -38.95 -19.16
CA THR F 14 -57.23 -37.51 -18.97
C THR F 14 -57.38 -37.03 -17.52
N TYR F 15 -56.57 -36.04 -17.16
CA TYR F 15 -56.69 -35.31 -15.91
C TYR F 15 -56.07 -33.92 -16.04
N ASP F 16 -56.85 -32.91 -15.70
CA ASP F 16 -56.40 -31.51 -15.67
C ASP F 16 -55.72 -31.07 -16.97
N GLY F 17 -56.38 -31.35 -18.09
CA GLY F 17 -55.84 -31.02 -19.42
C GLY F 17 -54.76 -31.93 -19.97
N HIS F 18 -54.12 -32.73 -19.12
CA HIS F 18 -53.20 -33.77 -19.59
C HIS F 18 -54.01 -34.86 -20.29
N LYS F 19 -53.67 -35.14 -21.56
CA LYS F 19 -54.33 -36.18 -22.36
C LYS F 19 -53.30 -37.24 -22.70
N LEU F 20 -53.54 -38.48 -22.26
CA LEU F 20 -52.75 -39.62 -22.67
C LEU F 20 -53.56 -40.48 -23.65
N GLN F 21 -52.99 -40.76 -24.82
CA GLN F 21 -53.65 -41.54 -25.87
C GLN F 21 -52.74 -42.66 -26.36
N ILE F 22 -53.26 -43.89 -26.29
CA ILE F 22 -52.57 -45.09 -26.71
C ILE F 22 -53.46 -45.84 -27.71
N GLU F 23 -52.86 -46.30 -28.81
CA GLU F 23 -53.62 -46.91 -29.90
C GLU F 23 -52.72 -47.87 -30.69
N PRO F 24 -53.33 -48.80 -31.45
CA PRO F 24 -52.51 -49.68 -32.29
C PRO F 24 -51.82 -48.89 -33.39
N TRP F 25 -50.60 -49.30 -33.72
CA TRP F 25 -49.87 -48.72 -34.83
C TRP F 25 -49.00 -49.79 -35.51
N GLY F 26 -49.69 -50.72 -36.16
CA GLY F 26 -49.08 -51.92 -36.75
C GLY F 26 -49.21 -53.10 -35.81
N GLU F 27 -49.04 -54.31 -36.35
CA GLU F 27 -49.18 -55.55 -35.57
C GLU F 27 -48.19 -55.55 -34.41
N ASN F 28 -48.64 -55.96 -33.23
CA ASN F 28 -47.78 -56.10 -32.05
C ASN F 28 -47.15 -54.77 -31.57
N SER F 29 -47.84 -53.67 -31.85
CA SER F 29 -47.27 -52.33 -31.69
C SER F 29 -48.31 -51.32 -31.21
N LEU F 30 -47.84 -50.34 -30.45
CA LEU F 30 -48.70 -49.27 -29.95
C LEU F 30 -48.02 -47.92 -30.12
N ARG F 31 -48.81 -46.91 -30.48
CA ARG F 31 -48.34 -45.53 -30.44
C ARG F 31 -48.84 -44.89 -29.16
N VAL F 32 -47.97 -44.12 -28.50
CA VAL F 32 -48.29 -43.43 -27.25
C VAL F 32 -48.06 -41.93 -27.45
N ARG F 33 -49.09 -41.13 -27.21
CA ARG F 33 -48.98 -39.67 -27.29
C ARG F 33 -49.55 -39.01 -26.03
N ALA F 34 -48.93 -37.92 -25.61
CA ALA F 34 -49.44 -37.14 -24.49
C ALA F 34 -49.22 -35.65 -24.71
N THR F 35 -50.22 -34.86 -24.34
CA THR F 35 -50.19 -33.40 -24.47
C THR F 35 -51.01 -32.73 -23.39
N VAL F 36 -50.67 -31.47 -23.09
CA VAL F 36 -51.51 -30.59 -22.28
C VAL F 36 -52.15 -29.48 -23.12
N ALA F 37 -51.92 -29.52 -24.44
CA ALA F 37 -52.57 -28.59 -25.36
C ALA F 37 -53.99 -29.08 -25.55
N PRO F 38 -54.87 -28.25 -26.14
CA PRO F 38 -56.27 -28.67 -26.28
C PRO F 38 -56.46 -29.98 -27.04
N GLU F 39 -55.61 -30.25 -28.03
CA GLU F 39 -55.67 -31.49 -28.82
C GLU F 39 -54.28 -31.94 -29.23
N LEU F 40 -54.19 -33.20 -29.63
CA LEU F 40 -53.01 -33.71 -30.31
C LEU F 40 -52.91 -33.02 -31.67
N ASN F 41 -51.68 -32.76 -32.10
CA ASN F 41 -51.43 -32.16 -33.42
C ASN F 41 -51.31 -33.26 -34.49
N GLY F 42 -51.16 -32.86 -35.75
CA GLY F 42 -51.09 -33.80 -36.87
C GLY F 42 -49.71 -34.32 -37.24
N ASN F 43 -48.70 -34.07 -36.41
CA ASN F 43 -47.33 -34.50 -36.70
C ASN F 43 -47.14 -36.00 -36.45
N ASP F 44 -46.90 -36.75 -37.51
CA ASP F 44 -46.56 -38.17 -37.43
C ASP F 44 -45.05 -38.43 -37.54
N TRP F 45 -44.30 -37.42 -37.96
CA TRP F 45 -42.83 -37.47 -38.03
C TRP F 45 -42.34 -38.70 -38.81
N ALA F 46 -41.85 -39.74 -38.13
CA ALA F 46 -41.27 -40.90 -38.80
C ALA F 46 -42.27 -42.02 -39.07
N LEU F 47 -43.42 -41.96 -38.43
CA LEU F 47 -44.41 -43.03 -38.52
C LEU F 47 -45.25 -42.91 -39.78
N LEU F 48 -45.26 -43.98 -40.59
CA LEU F 48 -46.15 -44.08 -41.74
C LEU F 48 -47.55 -44.43 -41.22
N PRO F 49 -48.58 -44.28 -42.08
CA PRO F 49 -49.91 -44.76 -41.70
C PRO F 49 -49.88 -46.24 -41.31
N ALA F 50 -50.60 -46.59 -40.26
CA ALA F 50 -50.58 -47.96 -39.75
C ALA F 50 -51.54 -48.82 -40.55
N LYS F 51 -51.06 -49.99 -41.02
CA LYS F 51 -51.96 -50.99 -41.59
C LYS F 51 -52.69 -51.64 -40.41
N PRO F 52 -54.05 -51.60 -40.38
CA PRO F 52 -54.84 -52.07 -39.22
C PRO F 52 -54.46 -53.44 -38.65
N SER F 53 -54.58 -53.58 -37.33
CA SER F 53 -54.15 -54.79 -36.61
C SER F 53 -55.31 -55.79 -36.41
N THR F 54 -54.94 -57.05 -36.17
CA THR F 54 -55.93 -58.12 -35.98
C THR F 54 -56.51 -58.12 -34.56
N LYS F 55 -55.69 -58.48 -33.58
CA LYS F 55 -56.17 -58.74 -32.21
C LYS F 55 -56.00 -57.51 -31.33
N VAL F 56 -56.95 -56.57 -31.45
CA VAL F 56 -56.97 -55.36 -30.65
C VAL F 56 -58.14 -55.43 -29.67
N LYS F 57 -57.85 -55.30 -28.38
CA LYS F 57 -58.88 -55.36 -27.33
C LYS F 57 -58.65 -54.27 -26.29
N VAL F 58 -59.66 -53.44 -26.08
CA VAL F 58 -59.65 -52.39 -25.07
C VAL F 58 -60.65 -52.77 -23.98
N SER F 59 -60.17 -52.84 -22.74
CA SER F 59 -61.00 -53.22 -21.60
C SER F 59 -60.71 -52.36 -20.39
N GLU F 60 -61.70 -52.34 -19.50
CA GLU F 60 -61.60 -51.66 -18.23
C GLU F 60 -61.69 -52.74 -17.17
N PHE F 61 -60.61 -52.97 -16.42
CA PHE F 61 -60.72 -53.64 -15.12
C PHE F 61 -60.59 -52.54 -14.08
N GLU F 62 -60.99 -52.77 -12.84
CA GLU F 62 -61.31 -51.64 -11.95
C GLU F 62 -60.10 -50.77 -11.66
N ASP F 63 -60.34 -49.45 -11.59
CA ASP F 63 -59.30 -48.43 -11.44
C ASP F 63 -58.49 -48.25 -12.74
N SER F 64 -58.24 -49.33 -13.49
CA SER F 64 -57.36 -49.33 -14.65
C SER F 64 -58.10 -49.46 -15.97
N ALA F 65 -57.37 -49.21 -17.05
CA ALA F 65 -57.81 -49.55 -18.39
C ALA F 65 -56.63 -50.22 -19.07
N ARG F 66 -56.92 -51.05 -20.06
CA ARG F 66 -55.89 -51.80 -20.76
C ARG F 66 -56.20 -51.88 -22.24
N ILE F 67 -55.15 -51.84 -23.07
CA ILE F 67 -55.26 -52.02 -24.52
C ILE F 67 -54.23 -53.05 -24.96
N VAL F 68 -54.72 -54.14 -25.57
CA VAL F 68 -53.88 -55.22 -26.10
C VAL F 68 -53.83 -55.10 -27.61
N ASN F 69 -52.63 -55.19 -28.17
CA ASN F 69 -52.45 -55.36 -29.62
C ASN F 69 -51.48 -56.50 -29.89
N GLY F 70 -52.00 -57.72 -30.01
CA GLY F 70 -51.19 -58.89 -30.30
C GLY F 70 -50.22 -59.19 -29.17
N ASN F 71 -48.93 -59.18 -29.49
CA ASN F 71 -47.86 -59.47 -28.53
C ASN F 71 -47.59 -58.41 -27.45
N ILE F 72 -48.22 -57.23 -27.54
CA ILE F 72 -48.01 -56.16 -26.54
C ILE F 72 -49.33 -55.70 -25.94
N SER F 73 -49.26 -55.31 -24.67
CA SER F 73 -50.39 -54.69 -23.98
C SER F 73 -49.88 -53.51 -23.15
N ALA F 74 -50.74 -52.49 -23.01
CA ALA F 74 -50.48 -51.35 -22.15
C ALA F 74 -51.55 -51.28 -21.09
N VAL F 75 -51.13 -51.04 -19.85
CA VAL F 75 -52.02 -50.87 -18.71
C VAL F 75 -51.82 -49.45 -18.19
N VAL F 76 -52.92 -48.71 -18.05
CA VAL F 76 -52.91 -47.38 -17.43
C VAL F 76 -53.78 -47.48 -16.20
N ASN F 77 -53.20 -47.21 -15.02
CA ASN F 77 -53.99 -47.16 -13.78
C ASN F 77 -54.77 -45.85 -13.64
N GLY F 78 -55.59 -45.74 -12.60
CA GLY F 78 -56.46 -44.58 -12.39
C GLY F 78 -55.71 -43.29 -12.13
N ARG F 79 -54.45 -43.40 -11.71
CA ARG F 79 -53.54 -42.26 -11.57
C ARG F 79 -52.78 -41.91 -12.87
N GLY F 80 -53.16 -42.49 -14.00
CA GLY F 80 -52.51 -42.21 -15.29
C GLY F 80 -51.11 -42.76 -15.44
N GLN F 81 -50.79 -43.80 -14.65
CA GLN F 81 -49.46 -44.40 -14.69
C GLN F 81 -49.47 -45.60 -15.62
N LEU F 82 -48.46 -45.68 -16.48
CA LEU F 82 -48.43 -46.59 -17.63
C LEU F 82 -47.30 -47.60 -17.51
N SER F 83 -47.61 -48.85 -17.86
CA SER F 83 -46.60 -49.87 -18.07
C SER F 83 -47.03 -50.82 -19.19
N PHE F 84 -46.06 -51.52 -19.74
CA PHE F 84 -46.26 -52.37 -20.90
C PHE F 84 -45.86 -53.81 -20.58
N TYR F 85 -46.60 -54.76 -21.16
CA TYR F 85 -46.33 -56.19 -20.98
C TYR F 85 -46.40 -56.93 -22.30
N ASN F 86 -45.68 -58.05 -22.42
CA ASN F 86 -45.85 -58.94 -23.57
C ASN F 86 -46.99 -59.95 -23.35
N GLN F 87 -47.25 -60.77 -24.36
CA GLN F 87 -48.33 -61.79 -24.28
C GLN F 87 -48.17 -62.86 -23.18
N ASN F 88 -46.94 -63.09 -22.73
CA ASN F 88 -46.69 -63.98 -21.58
C ASN F 88 -46.80 -63.26 -20.22
N GLY F 89 -47.27 -62.01 -20.22
CA GLY F 89 -47.36 -61.22 -19.00
C GLY F 89 -46.04 -60.69 -18.44
N LYS F 90 -44.94 -60.79 -19.18
CA LYS F 90 -43.67 -60.22 -18.73
C LYS F 90 -43.76 -58.70 -18.81
N LEU F 91 -43.29 -58.02 -17.76
CA LEU F 91 -43.14 -56.56 -17.77
C LEU F 91 -42.02 -56.18 -18.75
N LEU F 92 -42.36 -55.31 -19.70
CA LEU F 92 -41.40 -54.82 -20.70
C LEU F 92 -40.78 -53.48 -20.29
N LEU F 93 -41.66 -52.55 -19.92
CA LEU F 93 -41.29 -51.16 -19.70
C LEU F 93 -42.33 -50.55 -18.78
N GLU F 94 -41.87 -49.85 -17.74
CA GLU F 94 -42.77 -49.16 -16.84
C GLU F 94 -42.31 -47.71 -16.62
N GLU F 95 -43.29 -46.82 -16.49
CA GLU F 95 -43.02 -45.42 -16.16
C GLU F 95 -42.38 -45.27 -14.79
N TYR F 96 -41.54 -44.25 -14.67
CA TYR F 96 -40.92 -43.83 -13.40
C TYR F 96 -41.74 -42.67 -12.84
N TRP F 97 -42.36 -42.90 -11.68
CA TRP F 97 -43.04 -41.88 -10.92
C TRP F 97 -42.45 -41.87 -9.50
N ARG F 98 -42.27 -40.67 -8.95
CA ARG F 98 -41.82 -40.49 -7.56
C ARG F 98 -42.58 -39.32 -6.97
N THR F 99 -43.78 -39.58 -6.46
CA THR F 99 -44.67 -38.53 -5.92
C THR F 99 -45.45 -39.04 -4.72
N ARG F 100 -45.99 -38.11 -3.94
CA ARG F 100 -46.94 -38.44 -2.88
C ARG F 100 -48.38 -38.16 -3.29
N PHE F 101 -48.56 -37.58 -4.47
CA PHE F 101 -49.86 -37.09 -4.94
C PHE F 101 -49.77 -36.97 -6.45
N VAL F 102 -50.76 -37.52 -7.15
CA VAL F 102 -50.72 -37.61 -8.61
C VAL F 102 -52.15 -37.77 -9.13
N ALA F 103 -52.45 -37.04 -10.20
CA ALA F 103 -53.80 -37.05 -10.79
C ALA F 103 -54.92 -36.79 -9.78
N GLY F 104 -54.68 -35.89 -8.84
CA GLY F 104 -55.65 -35.54 -7.80
C GLY F 104 -55.90 -36.61 -6.74
N GLN F 105 -54.98 -37.57 -6.60
CA GLN F 105 -55.13 -38.71 -5.67
C GLN F 105 -53.83 -38.93 -4.92
N GLY F 106 -53.93 -39.41 -3.69
CA GLY F 106 -52.74 -39.79 -2.93
C GLY F 106 -52.06 -40.99 -3.56
N GLU F 107 -50.74 -41.05 -3.48
CA GLU F 107 -49.99 -42.20 -3.98
C GLU F 107 -50.03 -43.33 -2.95
N ASP F 108 -49.91 -44.56 -3.44
CA ASP F 108 -49.87 -45.77 -2.62
C ASP F 108 -48.52 -45.88 -1.90
N THR F 109 -48.54 -45.78 -0.56
CA THR F 109 -47.30 -45.88 0.25
C THR F 109 -46.55 -47.21 0.11
N SER F 110 -47.24 -48.27 -0.27
CA SER F 110 -46.58 -49.56 -0.50
C SER F 110 -45.78 -49.63 -1.81
N SER F 111 -46.03 -48.68 -2.74
CA SER F 111 -45.34 -48.65 -4.03
C SER F 111 -44.02 -47.88 -3.97
N LYS F 112 -43.04 -48.35 -4.75
CA LYS F 112 -41.81 -47.58 -5.02
C LYS F 112 -42.08 -46.21 -5.67
N TYR F 113 -43.27 -46.02 -6.23
CA TYR F 113 -43.74 -44.71 -6.68
C TYR F 113 -43.96 -43.67 -5.59
N PHE F 114 -44.10 -44.09 -4.32
CA PHE F 114 -44.35 -43.14 -3.23
C PHE F 114 -43.05 -42.45 -2.83
N SER F 115 -43.01 -41.13 -2.97
CA SER F 115 -41.81 -40.35 -2.72
C SER F 115 -42.13 -38.87 -2.66
N PRO F 116 -41.54 -38.14 -1.68
CA PRO F 116 -41.66 -36.66 -1.70
C PRO F 116 -40.87 -35.93 -2.80
N LEU F 117 -39.98 -36.63 -3.52
CA LEU F 117 -39.16 -36.02 -4.58
C LEU F 117 -39.98 -35.29 -5.67
N THR F 118 -41.15 -35.82 -6.02
CA THR F 118 -42.05 -35.21 -7.01
C THR F 118 -41.46 -35.16 -8.44
N HIS F 119 -41.19 -36.35 -8.99
CA HIS F 119 -40.86 -36.53 -10.40
C HIS F 119 -42.00 -37.23 -11.14
N GLU F 120 -42.46 -36.63 -12.23
CA GLU F 120 -43.49 -37.23 -13.07
C GLU F 120 -42.87 -38.01 -14.24
N ALA F 121 -43.60 -39.01 -14.73
CA ALA F 121 -43.13 -39.84 -15.84
C ALA F 121 -43.27 -39.13 -17.18
N ARG F 122 -44.29 -38.28 -17.31
CA ARG F 122 -44.56 -37.51 -18.52
C ARG F 122 -44.55 -36.02 -18.18
N GLU F 123 -43.35 -35.48 -18.04
CA GLU F 123 -43.17 -34.08 -17.64
C GLU F 123 -43.17 -33.16 -18.86
N LEU F 124 -44.30 -32.48 -19.07
CA LEU F 124 -44.40 -31.40 -20.08
C LEU F 124 -44.28 -30.05 -19.37
N LYS F 125 -43.03 -29.63 -19.17
CA LYS F 125 -42.73 -28.43 -18.41
C LYS F 125 -42.89 -27.22 -19.32
N PRO F 126 -43.85 -26.33 -19.01
CA PRO F 126 -44.06 -25.21 -19.92
C PRO F 126 -42.86 -24.23 -19.97
N ILE F 127 -42.50 -23.83 -21.18
CA ILE F 127 -41.45 -22.83 -21.43
C ILE F 127 -42.20 -21.52 -21.49
N GLN F 128 -41.76 -20.52 -20.74
CA GLN F 128 -42.50 -19.27 -20.64
C GLN F 128 -42.66 -18.63 -22.00
N GLY F 129 -43.91 -18.30 -22.34
CA GLY F 129 -44.26 -17.73 -23.64
C GLY F 129 -44.22 -18.68 -24.82
N GLY F 130 -43.97 -19.96 -24.56
CA GLY F 130 -43.55 -20.90 -25.59
C GLY F 130 -44.23 -22.25 -25.44
N LYS F 131 -43.54 -23.29 -25.88
CA LYS F 131 -44.10 -24.64 -25.92
C LYS F 131 -43.69 -25.39 -24.64
N PHE F 132 -43.15 -26.61 -24.75
CA PHE F 132 -42.87 -27.44 -23.58
C PHE F 132 -41.49 -28.10 -23.66
N GLU F 133 -40.82 -28.17 -22.52
CA GLU F 133 -39.62 -28.99 -22.33
C GLU F 133 -40.08 -30.35 -21.78
N LEU F 134 -39.89 -31.41 -22.57
CA LEU F 134 -40.44 -32.73 -22.26
C LEU F 134 -39.40 -33.67 -21.64
N ARG F 135 -39.75 -34.29 -20.52
CA ARG F 135 -39.01 -35.44 -20.01
C ARG F 135 -39.93 -36.64 -19.86
N ALA F 136 -39.56 -37.75 -20.48
CA ALA F 136 -40.29 -39.01 -20.38
C ALA F 136 -39.40 -39.96 -19.59
N ARG F 137 -39.84 -40.33 -18.40
CA ARG F 137 -39.04 -41.14 -17.46
C ARG F 137 -39.58 -42.56 -17.37
N PHE F 138 -38.68 -43.53 -17.37
CA PHE F 138 -39.03 -44.93 -17.20
C PHE F 138 -38.11 -45.56 -16.17
N GLU F 139 -38.58 -46.59 -15.50
CA GLU F 139 -37.74 -47.31 -14.55
C GLU F 139 -36.63 -48.02 -15.31
N SER F 140 -35.43 -48.01 -14.76
CA SER F 140 -34.37 -48.89 -15.24
C SER F 140 -34.69 -50.30 -14.77
N GLN F 141 -34.08 -51.28 -15.43
CA GLN F 141 -34.25 -52.69 -15.07
C GLN F 141 -32.86 -53.33 -15.02
N PRO F 142 -32.56 -54.11 -13.96
CA PRO F 142 -31.20 -54.63 -13.73
C PRO F 142 -30.64 -55.55 -14.82
N ASP F 143 -31.47 -56.37 -15.44
CA ASP F 143 -31.01 -57.28 -16.50
C ASP F 143 -31.04 -56.65 -17.92
N GLU F 144 -31.58 -55.43 -18.04
CA GLU F 144 -31.87 -54.85 -19.35
C GLU F 144 -30.61 -54.45 -20.13
N ARG F 145 -30.53 -54.91 -21.37
CA ARG F 145 -29.48 -54.53 -22.30
C ARG F 145 -30.16 -53.77 -23.44
N ILE F 146 -29.48 -52.75 -23.97
CA ILE F 146 -30.13 -51.76 -24.87
C ILE F 146 -29.26 -51.49 -26.08
N TYR F 147 -29.89 -51.56 -27.25
CA TYR F 147 -29.18 -51.46 -28.53
C TYR F 147 -29.89 -50.48 -29.45
N GLY F 148 -29.16 -49.98 -30.44
CA GLY F 148 -29.71 -49.10 -31.46
C GLY F 148 -29.31 -47.65 -31.24
N LEU F 149 -30.30 -46.76 -31.36
CA LEU F 149 -30.17 -45.29 -31.13
C LEU F 149 -29.46 -44.51 -32.23
N GLY F 150 -28.71 -45.20 -33.09
CA GLY F 150 -28.10 -44.58 -34.26
C GLY F 150 -26.60 -44.84 -34.27
N GLN F 151 -25.85 -43.76 -34.42
CA GLN F 151 -24.42 -43.84 -34.66
C GLN F 151 -23.71 -42.90 -33.71
N TYR F 152 -23.07 -43.48 -32.70
CA TYR F 152 -22.33 -42.73 -31.69
C TYR F 152 -20.88 -43.19 -31.63
N GLN F 153 -19.99 -42.24 -31.35
CA GLN F 153 -18.56 -42.48 -31.41
C GLN F 153 -18.09 -42.94 -30.03
N GLN F 154 -18.29 -44.23 -29.77
CA GLN F 154 -18.08 -44.81 -28.44
C GLN F 154 -18.00 -46.35 -28.50
N PRO F 155 -17.18 -46.98 -27.64
CA PRO F 155 -16.94 -48.42 -27.69
C PRO F 155 -17.96 -49.27 -26.92
N PHE F 156 -19.23 -49.05 -27.20
CA PHE F 156 -20.31 -49.74 -26.51
C PHE F 156 -21.32 -50.17 -27.55
N LEU F 157 -21.58 -51.48 -27.63
CA LEU F 157 -22.72 -51.97 -28.41
C LEU F 157 -23.94 -51.87 -27.51
N ASN F 158 -23.91 -52.56 -26.37
CA ASN F 158 -24.92 -52.38 -25.33
C ASN F 158 -24.72 -51.00 -24.73
N VAL F 159 -25.74 -50.15 -24.83
CA VAL F 159 -25.65 -48.76 -24.35
C VAL F 159 -26.39 -48.53 -23.02
N LYS F 160 -26.83 -49.61 -22.35
CA LYS F 160 -27.33 -49.50 -20.96
C LYS F 160 -26.21 -48.90 -20.12
N GLY F 161 -26.55 -47.88 -19.32
CA GLY F 161 -25.55 -47.12 -18.55
C GLY F 161 -24.94 -45.94 -19.31
N CYS F 162 -25.27 -45.80 -20.60
CA CYS F 162 -24.77 -44.69 -21.43
C CYS F 162 -25.83 -43.61 -21.60
N THR F 163 -25.37 -42.42 -21.91
CA THR F 163 -26.23 -41.28 -22.22
C THR F 163 -25.85 -40.78 -23.60
N MET F 164 -26.84 -40.62 -24.47
CA MET F 164 -26.66 -40.21 -25.86
C MET F 164 -27.35 -38.86 -26.15
N GLU F 165 -26.61 -37.94 -26.75
CA GLU F 165 -27.17 -36.69 -27.22
C GLU F 165 -28.09 -36.94 -28.42
N LEU F 166 -29.32 -36.47 -28.35
CA LEU F 166 -30.24 -36.49 -29.50
C LEU F 166 -30.01 -35.21 -30.31
N ALA F 167 -28.95 -35.25 -31.10
CA ALA F 167 -28.52 -34.14 -31.99
C ALA F 167 -27.62 -34.68 -33.08
N GLN F 168 -27.55 -33.95 -34.18
CA GLN F 168 -26.76 -34.34 -35.36
C GLN F 168 -25.49 -33.52 -35.42
N ARG F 169 -24.35 -34.20 -35.38
CA ARG F 169 -23.05 -33.60 -35.57
C ARG F 169 -22.23 -34.52 -36.46
N ASN F 170 -21.21 -33.95 -37.10
CA ASN F 170 -20.29 -34.68 -37.99
C ASN F 170 -19.71 -35.89 -37.24
N SER F 171 -20.09 -37.08 -37.72
CA SER F 171 -19.68 -38.41 -37.20
C SER F 171 -20.67 -39.04 -36.21
N GLN F 172 -21.78 -38.35 -35.97
CA GLN F 172 -22.83 -38.80 -35.08
C GLN F 172 -24.15 -38.73 -35.83
N ALA F 173 -25.04 -39.68 -35.57
CA ALA F 173 -26.38 -39.66 -36.12
C ALA F 173 -27.35 -40.18 -35.10
N SER F 174 -28.32 -39.35 -34.73
CA SER F 174 -29.39 -39.74 -33.82
C SER F 174 -30.49 -40.38 -34.65
N VAL F 175 -30.67 -41.70 -34.50
CA VAL F 175 -31.74 -42.43 -35.17
C VAL F 175 -32.42 -43.16 -34.01
N PRO F 176 -33.38 -42.48 -33.35
CA PRO F 176 -33.80 -42.86 -32.01
C PRO F 176 -34.79 -44.04 -31.93
N PHE F 177 -34.41 -45.16 -32.55
CA PHE F 177 -35.06 -46.43 -32.31
C PHE F 177 -34.12 -47.29 -31.49
N MET F 178 -34.65 -47.83 -30.39
CA MET F 178 -33.90 -48.71 -29.50
C MET F 178 -34.52 -50.10 -29.46
N MET F 179 -33.66 -51.11 -29.31
CA MET F 179 -34.10 -52.50 -29.10
C MET F 179 -33.60 -52.94 -27.72
N SER F 180 -34.51 -53.46 -26.89
CA SER F 180 -34.15 -54.00 -25.57
C SER F 180 -34.16 -55.54 -25.52
N SER F 181 -33.23 -56.09 -24.72
CA SER F 181 -33.15 -57.55 -24.47
C SER F 181 -34.35 -58.09 -23.70
N LEU F 182 -35.14 -57.21 -23.08
CA LEU F 182 -36.40 -57.61 -22.47
C LEU F 182 -37.49 -58.00 -23.49
N GLY F 183 -37.29 -57.73 -24.78
CA GLY F 183 -38.22 -58.15 -25.84
C GLY F 183 -39.17 -57.08 -26.36
N TYR F 184 -38.72 -55.82 -26.35
CA TYR F 184 -39.45 -54.72 -26.98
C TYR F 184 -38.51 -53.81 -27.76
N GLY F 185 -39.11 -53.03 -28.65
CA GLY F 185 -38.43 -51.95 -29.35
C GLY F 185 -39.23 -50.69 -29.17
N MET F 186 -38.54 -49.55 -29.10
CA MET F 186 -39.20 -48.25 -28.89
C MET F 186 -38.59 -47.19 -29.81
N LEU F 187 -39.46 -46.46 -30.52
CA LEU F 187 -39.06 -45.30 -31.32
C LEU F 187 -39.50 -44.04 -30.58
N TRP F 188 -38.54 -43.15 -30.35
CA TRP F 188 -38.81 -41.80 -29.84
C TRP F 188 -39.15 -40.99 -31.06
N ASN F 189 -40.46 -40.82 -31.31
CA ASN F 189 -40.96 -40.24 -32.56
C ASN F 189 -41.09 -38.72 -32.43
N ASN F 190 -39.94 -38.09 -32.30
CA ASN F 190 -39.84 -36.69 -31.93
C ASN F 190 -38.45 -36.19 -32.31
N PRO F 191 -38.36 -35.29 -33.31
CA PRO F 191 -37.05 -34.81 -33.83
C PRO F 191 -36.39 -33.67 -33.03
N ALA F 192 -36.91 -33.37 -31.83
CA ALA F 192 -36.40 -32.28 -31.03
C ALA F 192 -34.98 -32.57 -30.57
N ILE F 193 -34.18 -31.52 -30.46
CA ILE F 193 -32.88 -31.62 -29.83
C ILE F 193 -33.09 -32.05 -28.38
N GLY F 194 -32.22 -32.93 -27.88
CA GLY F 194 -32.33 -33.36 -26.51
C GLY F 194 -31.34 -34.44 -26.14
N GLU F 195 -31.84 -35.46 -25.43
CA GLU F 195 -30.98 -36.46 -24.81
C GLU F 195 -31.78 -37.68 -24.37
N VAL F 196 -31.13 -38.85 -24.44
CA VAL F 196 -31.63 -40.08 -23.80
C VAL F 196 -30.55 -40.61 -22.84
N SER F 197 -30.88 -40.72 -21.55
CA SER F 197 -29.95 -41.32 -20.58
C SER F 197 -30.51 -42.67 -20.13
N PHE F 198 -29.80 -43.74 -20.48
CA PHE F 198 -30.14 -45.07 -19.98
C PHE F 198 -29.32 -45.33 -18.72
N ALA F 199 -29.52 -44.48 -17.71
CA ALA F 199 -28.74 -44.56 -16.47
C ALA F 199 -29.16 -45.79 -15.72
N ASN F 200 -28.24 -46.34 -14.93
CA ASN F 200 -28.57 -47.51 -14.08
C ASN F 200 -29.75 -47.25 -13.13
N ASN F 201 -29.94 -45.99 -12.71
CA ASN F 201 -30.98 -45.63 -11.73
C ASN F 201 -32.31 -45.16 -12.32
N VAL F 202 -32.32 -44.72 -13.58
CA VAL F 202 -33.55 -44.26 -14.24
C VAL F 202 -33.26 -43.99 -15.72
N THR F 203 -34.27 -44.21 -16.56
CA THR F 203 -34.20 -43.96 -17.99
C THR F 203 -34.96 -42.67 -18.27
N THR F 204 -34.30 -41.71 -18.93
CA THR F 204 -34.93 -40.42 -19.26
C THR F 204 -34.72 -40.06 -20.73
N TRP F 205 -35.83 -39.82 -21.43
CA TRP F 205 -35.81 -39.20 -22.76
C TRP F 205 -36.21 -37.73 -22.59
N MET F 206 -35.48 -36.82 -23.21
CA MET F 206 -35.71 -35.39 -23.07
C MET F 206 -35.76 -34.69 -24.45
N ALA F 207 -36.75 -33.82 -24.62
CA ALA F 207 -36.88 -32.93 -25.77
C ALA F 207 -36.82 -31.48 -25.27
N ARG F 208 -35.90 -30.69 -25.80
CA ARG F 208 -35.72 -29.30 -25.37
C ARG F 208 -36.96 -28.44 -25.63
N VAL F 209 -37.56 -28.60 -26.81
CA VAL F 209 -38.78 -27.89 -27.20
C VAL F 209 -39.66 -28.86 -27.96
N THR F 210 -40.91 -29.01 -27.54
CA THR F 210 -41.88 -29.82 -28.27
C THR F 210 -43.30 -29.44 -27.91
N GLU F 211 -44.23 -29.84 -28.76
CA GLU F 211 -45.65 -29.67 -28.50
C GLU F 211 -46.25 -30.82 -27.69
N GLN F 212 -45.65 -32.01 -27.81
CA GLN F 212 -46.26 -33.22 -27.26
C GLN F 212 -45.28 -34.41 -27.18
N LEU F 213 -45.57 -35.32 -26.27
CA LEU F 213 -44.89 -36.62 -26.19
C LEU F 213 -45.44 -37.52 -27.30
N ASP F 214 -44.54 -38.27 -27.93
CA ASP F 214 -44.91 -39.19 -29.02
C ASP F 214 -43.86 -40.28 -29.12
N TYR F 215 -44.28 -41.53 -28.88
CA TYR F 215 -43.42 -42.67 -29.12
C TYR F 215 -44.20 -43.91 -29.56
N TRP F 216 -43.44 -44.86 -30.08
CA TRP F 216 -43.98 -46.06 -30.70
C TRP F 216 -43.23 -47.22 -30.08
N ILE F 217 -43.98 -48.21 -29.60
CA ILE F 217 -43.40 -49.35 -28.90
C ILE F 217 -43.96 -50.63 -29.52
N THR F 218 -43.09 -51.62 -29.67
CA THR F 218 -43.43 -52.89 -30.31
C THR F 218 -42.83 -54.06 -29.52
N ALA F 219 -43.50 -55.22 -29.52
CA ALA F 219 -43.03 -56.38 -28.77
C ALA F 219 -42.99 -57.63 -29.65
N ALA F 220 -41.98 -58.45 -29.45
CA ALA F 220 -41.88 -59.75 -30.10
C ALA F 220 -40.85 -60.61 -29.39
N ASP F 221 -40.91 -61.91 -29.69
CA ASP F 221 -40.07 -62.91 -29.05
C ASP F 221 -38.63 -62.89 -29.54
N THR F 222 -38.39 -62.36 -30.74
CA THR F 222 -37.05 -62.30 -31.32
C THR F 222 -36.70 -60.92 -31.88
N PRO F 223 -35.39 -60.57 -31.86
CA PRO F 223 -34.88 -59.38 -32.53
C PRO F 223 -35.35 -59.21 -33.98
N ALA F 224 -35.34 -60.29 -34.77
CA ALA F 224 -35.74 -60.22 -36.19
C ALA F 224 -37.16 -59.70 -36.38
N GLU F 225 -38.07 -60.15 -35.53
CA GLU F 225 -39.44 -59.68 -35.56
C GLU F 225 -39.56 -58.21 -35.16
N ILE F 226 -38.78 -57.78 -34.15
CA ILE F 226 -38.73 -56.36 -33.75
C ILE F 226 -38.31 -55.51 -34.97
N SER F 227 -37.19 -55.87 -35.59
CA SER F 227 -36.68 -55.15 -36.76
C SER F 227 -37.70 -55.09 -37.91
N GLN F 228 -38.41 -56.19 -38.13
CA GLN F 228 -39.48 -56.24 -39.14
C GLN F 228 -40.62 -55.29 -38.80
N GLN F 229 -41.08 -55.35 -37.56
CA GLN F 229 -42.16 -54.47 -37.09
C GLN F 229 -41.76 -52.97 -37.20
N TYR F 230 -40.51 -52.65 -36.86
CA TYR F 230 -40.00 -51.28 -37.02
C TYR F 230 -39.97 -50.83 -38.48
N ALA F 231 -39.48 -51.69 -39.37
CA ALA F 231 -39.44 -51.37 -40.81
C ALA F 231 -40.86 -51.19 -41.39
N ALA F 232 -41.83 -51.96 -40.90
CA ALA F 232 -43.24 -51.76 -41.28
C ALA F 232 -43.80 -50.41 -40.79
N ALA F 233 -43.35 -49.93 -39.64
CA ALA F 233 -43.80 -48.65 -39.08
C ALA F 233 -43.18 -47.41 -39.75
N THR F 234 -41.87 -47.46 -40.05
CA THR F 234 -41.12 -46.31 -40.58
C THR F 234 -40.66 -46.45 -42.04
N GLY F 235 -40.90 -47.62 -42.66
CA GLY F 235 -40.53 -47.86 -44.06
C GLY F 235 -39.28 -48.71 -44.21
N ALA F 236 -39.27 -49.53 -45.25
CA ALA F 236 -38.15 -50.42 -45.52
C ALA F 236 -37.13 -49.72 -46.40
N ALA F 237 -35.89 -50.19 -46.34
CA ALA F 237 -34.91 -49.85 -47.36
C ALA F 237 -35.48 -50.30 -48.71
N PRO F 238 -35.18 -49.55 -49.78
CA PRO F 238 -35.50 -50.08 -51.12
C PRO F 238 -34.58 -51.25 -51.42
N MET F 239 -34.65 -51.78 -52.63
CA MET F 239 -33.68 -52.76 -53.07
C MET F 239 -32.41 -52.02 -53.48
N LEU F 240 -31.26 -52.49 -53.03
CA LEU F 240 -29.97 -51.92 -53.41
C LEU F 240 -29.66 -52.21 -54.88
N PRO F 241 -29.09 -51.23 -55.62
CA PRO F 241 -28.63 -51.53 -56.97
C PRO F 241 -27.36 -52.39 -56.98
N ASP F 242 -27.25 -53.27 -57.97
CA ASP F 242 -26.12 -54.20 -58.09
C ASP F 242 -24.74 -53.56 -57.99
N TYR F 243 -24.56 -52.40 -58.61
CA TYR F 243 -23.26 -51.71 -58.58
C TYR F 243 -22.81 -51.32 -57.16
N ALA F 244 -23.77 -51.04 -56.28
CA ALA F 244 -23.45 -50.60 -54.92
C ALA F 244 -22.79 -51.68 -54.04
N ALA F 245 -22.91 -52.95 -54.44
CA ALA F 245 -22.24 -54.07 -53.75
C ALA F 245 -20.77 -54.28 -54.15
N GLY F 246 -20.30 -53.53 -55.16
CA GLY F 246 -18.90 -53.61 -55.58
C GLY F 246 -18.02 -52.66 -54.80
N PHE F 247 -16.84 -52.38 -55.35
CA PHE F 247 -15.82 -51.54 -54.69
C PHE F 247 -16.00 -50.07 -55.05
N TRP F 248 -16.01 -49.20 -54.04
CA TRP F 248 -16.12 -47.75 -54.20
C TRP F 248 -14.75 -47.15 -53.91
N GLN F 249 -14.18 -46.49 -54.91
CA GLN F 249 -12.85 -45.87 -54.80
C GLN F 249 -13.03 -44.37 -54.67
N CYS F 250 -12.50 -43.80 -53.58
CA CYS F 250 -12.63 -42.38 -53.32
C CYS F 250 -11.41 -41.88 -52.55
N LYS F 251 -11.12 -40.60 -52.69
CA LYS F 251 -10.24 -39.89 -51.77
C LYS F 251 -10.66 -38.42 -51.71
N LEU F 252 -10.11 -37.71 -50.74
CA LEU F 252 -10.13 -36.25 -50.71
C LEU F 252 -8.79 -35.80 -51.27
N ARG F 253 -8.71 -35.30 -52.50
CA ARG F 253 -9.79 -35.27 -53.48
C ARG F 253 -9.20 -35.39 -54.87
N TYR F 254 -9.91 -36.06 -55.77
CA TYR F 254 -9.51 -36.03 -57.19
C TYR F 254 -9.92 -34.64 -57.71
N ARG F 255 -8.93 -33.83 -58.06
CA ARG F 255 -9.11 -32.40 -58.37
C ARG F 255 -9.48 -32.09 -59.81
N THR F 256 -9.19 -33.01 -60.73
CA THR F 256 -9.42 -32.77 -62.16
C THR F 256 -9.99 -34.00 -62.82
N GLN F 257 -10.65 -33.78 -63.95
CA GLN F 257 -11.19 -34.86 -64.77
C GLN F 257 -10.10 -35.87 -65.14
N ASP F 258 -8.93 -35.38 -65.54
CA ASP F 258 -7.80 -36.23 -65.90
C ASP F 258 -7.30 -37.07 -64.74
N GLU F 259 -7.19 -36.45 -63.55
CA GLU F 259 -6.73 -37.17 -62.37
C GLU F 259 -7.67 -38.32 -62.02
N LEU F 260 -8.97 -38.03 -61.98
CA LEU F 260 -9.96 -39.04 -61.63
C LEU F 260 -9.97 -40.18 -62.67
N MET F 261 -9.93 -39.82 -63.96
CA MET F 261 -9.90 -40.81 -65.04
C MET F 261 -8.65 -41.68 -65.04
N GLU F 262 -7.48 -41.10 -64.77
CA GLU F 262 -6.26 -41.89 -64.69
C GLU F 262 -6.32 -42.94 -63.58
N VAL F 263 -6.99 -42.61 -62.47
CA VAL F 263 -7.20 -43.59 -61.40
C VAL F 263 -8.12 -44.70 -61.89
N ALA F 264 -9.25 -44.33 -62.49
CA ALA F 264 -10.22 -45.32 -62.99
C ALA F 264 -9.58 -46.26 -64.02
N ARG F 265 -8.83 -45.68 -64.95
CA ARG F 265 -8.16 -46.46 -66.00
C ARG F 265 -7.04 -47.36 -65.45
N GLU F 266 -6.31 -46.89 -64.45
CA GLU F 266 -5.29 -47.71 -63.82
C GLU F 266 -5.92 -48.94 -63.12
N TYR F 267 -7.07 -48.77 -62.46
CA TYR F 267 -7.82 -49.91 -61.91
C TYR F 267 -8.18 -50.95 -62.98
N LYS F 268 -8.66 -50.50 -64.13
CA LYS F 268 -9.02 -51.42 -65.22
C LYS F 268 -7.78 -52.04 -65.88
N ARG F 269 -6.73 -51.25 -66.07
CA ARG F 269 -5.47 -51.72 -66.63
C ARG F 269 -4.85 -52.87 -65.79
N ARG F 270 -5.05 -52.84 -64.48
CA ARG F 270 -4.58 -53.90 -63.58
C ARG F 270 -5.62 -55.02 -63.32
N SER F 271 -6.74 -55.00 -64.05
CA SER F 271 -7.84 -55.99 -63.89
C SER F 271 -8.41 -56.08 -62.46
N LEU F 272 -8.45 -54.93 -61.78
CA LEU F 272 -8.95 -54.84 -60.41
C LEU F 272 -10.43 -54.48 -60.43
N PRO F 273 -11.23 -55.09 -59.53
CA PRO F 273 -12.63 -54.68 -59.49
C PRO F 273 -12.82 -53.22 -59.03
N ILE F 274 -13.78 -52.54 -59.64
CA ILE F 274 -14.16 -51.18 -59.27
C ILE F 274 -15.57 -50.92 -59.82
N SER F 275 -16.52 -50.63 -58.94
CA SER F 275 -17.90 -50.34 -59.35
C SER F 275 -18.26 -48.86 -59.31
N VAL F 276 -17.61 -48.11 -58.42
CA VAL F 276 -17.91 -46.69 -58.22
C VAL F 276 -16.61 -45.94 -58.02
N ILE F 277 -16.49 -44.79 -58.68
CA ILE F 277 -15.41 -43.85 -58.41
C ILE F 277 -16.06 -42.50 -58.10
N VAL F 278 -15.36 -41.65 -57.34
CA VAL F 278 -16.00 -40.50 -56.68
C VAL F 278 -15.24 -39.18 -56.87
N ALA F 279 -15.99 -38.14 -57.23
CA ALA F 279 -15.49 -36.77 -57.28
C ALA F 279 -15.88 -36.08 -55.96
N ASP F 280 -14.91 -35.86 -55.09
CA ASP F 280 -15.14 -35.24 -53.79
C ASP F 280 -15.44 -33.75 -53.95
N PHE F 281 -15.70 -33.10 -52.82
CA PHE F 281 -16.09 -31.70 -52.73
C PHE F 281 -15.16 -30.68 -53.40
N PHE F 282 -15.70 -29.49 -53.61
CA PHE F 282 -14.98 -28.36 -54.22
C PHE F 282 -14.42 -28.62 -55.62
N HIS F 283 -15.16 -29.44 -56.36
CA HIS F 283 -15.00 -29.60 -57.80
C HIS F 283 -15.82 -28.58 -58.58
N TRP F 284 -16.55 -27.73 -57.84
CA TRP F 284 -17.49 -26.74 -58.37
C TRP F 284 -16.87 -25.32 -58.35
N PRO F 285 -17.47 -24.36 -59.11
CA PRO F 285 -16.96 -22.97 -59.06
C PRO F 285 -17.17 -22.28 -57.70
N ASN F 286 -18.34 -22.48 -57.11
CA ASN F 286 -18.65 -21.96 -55.78
C ASN F 286 -19.74 -22.81 -55.14
N GLN F 287 -19.87 -22.71 -53.82
CA GLN F 287 -20.85 -23.47 -53.06
C GLN F 287 -22.26 -22.96 -53.35
N GLY F 288 -23.15 -23.87 -53.74
CA GLY F 288 -24.48 -23.49 -54.20
C GLY F 288 -24.67 -23.44 -55.71
N ASP F 289 -23.60 -23.65 -56.49
CA ASP F 289 -23.69 -23.77 -57.96
C ASP F 289 -24.15 -25.16 -58.39
N TRP F 290 -23.71 -26.18 -57.65
CA TRP F 290 -24.06 -27.57 -57.90
C TRP F 290 -23.80 -27.98 -59.36
N CYS F 291 -22.59 -27.71 -59.82
CA CYS F 291 -22.14 -28.11 -61.15
C CYS F 291 -20.62 -28.25 -61.16
N PHE F 292 -20.09 -28.90 -62.20
CA PHE F 292 -18.63 -29.00 -62.34
C PHE F 292 -18.04 -27.67 -62.75
N ASP F 293 -16.86 -27.36 -62.20
CA ASP F 293 -16.05 -26.25 -62.68
C ASP F 293 -15.32 -26.73 -63.93
N THR F 294 -15.71 -26.21 -65.09
CA THR F 294 -15.17 -26.69 -66.37
C THR F 294 -13.69 -26.35 -66.62
N ARG F 295 -13.08 -25.51 -65.79
CA ARG F 295 -11.62 -25.31 -65.83
C ARG F 295 -10.86 -26.57 -65.38
N GLU F 296 -11.39 -27.29 -64.41
CA GLU F 296 -10.80 -28.56 -63.94
C GLU F 296 -11.52 -29.79 -64.49
N TRP F 297 -12.75 -29.62 -64.97
CA TRP F 297 -13.60 -30.73 -65.43
C TRP F 297 -14.18 -30.39 -66.80
N PRO F 298 -13.31 -30.38 -67.85
CA PRO F 298 -13.68 -29.76 -69.13
C PRO F 298 -14.85 -30.37 -69.91
N ASP F 299 -15.08 -31.67 -69.74
CA ASP F 299 -16.11 -32.37 -70.50
C ASP F 299 -16.67 -33.49 -69.63
N PRO F 300 -17.55 -33.12 -68.67
CA PRO F 300 -18.10 -34.13 -67.75
C PRO F 300 -18.90 -35.24 -68.43
N LYS F 301 -19.61 -34.91 -69.51
CA LYS F 301 -20.37 -35.92 -70.25
C LYS F 301 -19.45 -36.99 -70.85
N ALA F 302 -18.27 -36.59 -71.31
CA ALA F 302 -17.26 -37.53 -71.83
C ALA F 302 -16.71 -38.44 -70.73
N MET F 303 -16.39 -37.86 -69.58
CA MET F 303 -15.99 -38.64 -68.40
C MET F 303 -17.00 -39.72 -68.04
N ILE F 304 -18.26 -39.31 -67.93
CA ILE F 304 -19.33 -40.22 -67.52
C ILE F 304 -19.52 -41.34 -68.56
N ASP F 305 -19.52 -40.97 -69.85
CA ASP F 305 -19.63 -41.94 -70.95
C ASP F 305 -18.53 -43.01 -70.93
N GLU F 306 -17.27 -42.57 -70.77
CA GLU F 306 -16.15 -43.51 -70.69
C GLU F 306 -16.21 -44.40 -69.45
N LEU F 307 -16.57 -43.83 -68.30
CA LEU F 307 -16.74 -44.64 -67.09
C LEU F 307 -17.83 -45.69 -67.29
N LYS F 308 -18.93 -45.32 -67.94
CA LYS F 308 -20.01 -46.29 -68.23
C LYS F 308 -19.48 -47.46 -69.06
N GLU F 309 -18.68 -47.17 -70.09
CA GLU F 309 -18.02 -48.19 -70.91
C GLU F 309 -17.05 -49.07 -70.11
N MET F 310 -16.47 -48.51 -69.05
CA MET F 310 -15.62 -49.25 -68.09
C MET F 310 -16.41 -50.01 -67.01
N GLY F 311 -17.74 -49.93 -67.03
CA GLY F 311 -18.58 -50.50 -65.99
C GLY F 311 -18.44 -49.84 -64.63
N ILE F 312 -18.16 -48.52 -64.62
CA ILE F 312 -17.99 -47.76 -63.39
C ILE F 312 -19.06 -46.65 -63.32
N GLU F 313 -19.70 -46.53 -62.16
CA GLU F 313 -20.60 -45.40 -61.86
C GLU F 313 -19.82 -44.25 -61.22
N LEU F 314 -20.12 -43.02 -61.66
CA LEU F 314 -19.57 -41.82 -61.03
C LEU F 314 -20.53 -41.32 -59.95
N MET F 315 -19.99 -41.06 -58.75
CA MET F 315 -20.70 -40.33 -57.70
C MET F 315 -20.06 -38.95 -57.52
N VAL F 316 -20.90 -37.93 -57.32
CA VAL F 316 -20.41 -36.56 -57.13
C VAL F 316 -20.82 -36.01 -55.77
N SER F 317 -19.90 -35.27 -55.15
CA SER F 317 -20.13 -34.53 -53.91
C SER F 317 -21.22 -33.48 -54.09
N ILE F 318 -22.21 -33.51 -53.20
CA ILE F 318 -23.18 -32.44 -53.05
C ILE F 318 -22.95 -31.85 -51.67
N TRP F 319 -22.69 -30.54 -51.60
CA TRP F 319 -22.75 -29.82 -50.30
C TRP F 319 -24.09 -29.05 -50.22
N PRO F 320 -24.71 -28.98 -49.03
CA PRO F 320 -25.96 -28.26 -48.84
C PRO F 320 -25.77 -26.77 -48.58
N THR F 321 -24.53 -26.30 -48.71
CA THR F 321 -24.14 -24.92 -48.50
C THR F 321 -24.44 -24.06 -49.73
N VAL F 322 -24.79 -22.79 -49.49
CA VAL F 322 -25.02 -21.82 -50.55
C VAL F 322 -24.22 -20.56 -50.20
N ASP F 323 -23.16 -20.30 -50.96
CA ASP F 323 -22.32 -19.12 -50.73
C ASP F 323 -23.09 -17.87 -51.12
N ASN F 324 -22.97 -16.82 -50.30
CA ASN F 324 -23.81 -15.63 -50.45
C ASN F 324 -23.52 -14.77 -51.70
N ARG F 325 -22.46 -15.11 -52.44
CA ARG F 325 -22.13 -14.45 -53.71
C ARG F 325 -22.68 -15.17 -54.94
N THR F 326 -23.35 -16.31 -54.79
CA THR F 326 -23.84 -17.09 -55.94
C THR F 326 -25.20 -16.62 -56.43
N GLU F 327 -25.53 -17.00 -57.66
CA GLU F 327 -26.83 -16.67 -58.24
C GLU F 327 -27.93 -17.43 -57.48
N ASN F 328 -27.67 -18.70 -57.15
CA ASN F 328 -28.62 -19.50 -56.37
C ASN F 328 -28.89 -18.94 -54.96
N TYR F 329 -27.92 -18.30 -54.31
CA TYR F 329 -28.19 -17.63 -53.03
C TYR F 329 -29.27 -16.56 -53.17
N LYS F 330 -29.14 -15.74 -54.21
CA LYS F 330 -30.08 -14.65 -54.46
C LYS F 330 -31.50 -15.20 -54.64
N ILE F 331 -31.64 -16.20 -55.49
CA ILE F 331 -32.95 -16.81 -55.78
C ILE F 331 -33.54 -17.53 -54.55
N MET F 332 -32.72 -18.34 -53.89
CA MET F 332 -33.16 -19.09 -52.72
C MET F 332 -33.49 -18.18 -51.53
N LYS F 333 -32.72 -17.11 -51.35
CA LYS F 333 -33.08 -16.12 -50.34
C LYS F 333 -34.42 -15.44 -50.69
N GLU F 334 -34.59 -15.01 -51.95
CA GLU F 334 -35.89 -14.50 -52.45
C GLU F 334 -37.07 -15.40 -52.04
N LYS F 335 -36.90 -16.71 -52.25
CA LYS F 335 -37.96 -17.68 -52.06
C LYS F 335 -38.11 -18.22 -50.61
N GLY F 336 -37.18 -17.88 -49.72
CA GLY F 336 -37.19 -18.37 -48.34
C GLY F 336 -36.77 -19.82 -48.20
N TYR F 337 -35.83 -20.25 -49.05
CA TYR F 337 -35.39 -21.64 -49.10
C TYR F 337 -34.16 -21.95 -48.23
N LEU F 338 -33.69 -20.97 -47.48
CA LEU F 338 -32.49 -21.11 -46.68
C LEU F 338 -32.83 -21.17 -45.20
N VAL F 339 -31.98 -21.90 -44.48
CA VAL F 339 -31.98 -21.93 -43.03
C VAL F 339 -31.72 -20.50 -42.53
N LYS F 340 -32.27 -20.16 -41.37
CA LYS F 340 -32.09 -18.82 -40.80
C LYS F 340 -31.41 -18.84 -39.44
N ALA F 341 -30.57 -17.86 -39.21
CA ALA F 341 -29.96 -17.63 -37.91
C ALA F 341 -30.89 -16.74 -37.09
N GLU F 342 -31.15 -17.15 -35.85
CA GLU F 342 -32.05 -16.42 -34.93
C GLU F 342 -31.42 -15.09 -34.52
N ARG F 343 -30.12 -15.12 -34.23
CA ARG F 343 -29.35 -13.96 -33.82
C ARG F 343 -28.00 -13.94 -34.53
N GLY F 344 -27.45 -12.74 -34.65
CA GLY F 344 -26.11 -12.56 -35.22
C GLY F 344 -26.08 -12.63 -36.75
N VAL F 345 -24.88 -12.63 -37.30
CA VAL F 345 -24.72 -12.57 -38.76
C VAL F 345 -25.44 -13.77 -39.42
N PRO F 346 -26.09 -13.55 -40.57
CA PRO F 346 -26.91 -14.59 -41.21
C PRO F 346 -26.04 -15.55 -42.04
N VAL F 347 -25.19 -16.28 -41.33
CA VAL F 347 -24.18 -17.19 -41.90
C VAL F 347 -24.20 -18.44 -41.01
N THR F 348 -24.41 -19.61 -41.61
CA THR F 348 -24.46 -20.86 -40.85
C THR F 348 -23.13 -21.62 -40.86
N MET F 349 -22.29 -21.37 -41.87
CA MET F 349 -20.98 -22.02 -41.96
C MET F 349 -19.97 -21.12 -42.67
N THR F 350 -18.71 -21.18 -42.23
CA THR F 350 -17.66 -20.30 -42.74
C THR F 350 -16.54 -21.03 -43.50
N PHE F 351 -16.77 -22.29 -43.86
CA PHE F 351 -15.73 -23.12 -44.49
C PHE F 351 -15.57 -22.73 -45.96
N LEU F 352 -14.43 -22.13 -46.27
CA LEU F 352 -14.06 -21.63 -47.61
C LEU F 352 -15.06 -20.60 -48.19
N GLY F 353 -15.72 -19.88 -47.30
CA GLY F 353 -16.68 -18.86 -47.67
C GLY F 353 -17.84 -18.82 -46.70
N ASN F 354 -18.59 -17.71 -46.75
CA ASN F 354 -19.76 -17.54 -45.91
C ASN F 354 -20.96 -18.14 -46.64
N THR F 355 -21.49 -19.21 -46.06
CA THR F 355 -22.56 -19.96 -46.69
C THR F 355 -23.74 -20.09 -45.74
N THR F 356 -24.90 -20.35 -46.32
CA THR F 356 -26.09 -20.66 -45.58
C THR F 356 -26.61 -21.98 -46.12
N PHE F 357 -27.05 -22.87 -45.22
CA PHE F 357 -27.56 -24.19 -45.62
C PHE F 357 -28.93 -24.05 -46.26
N PHE F 358 -29.17 -24.84 -47.32
CA PHE F 358 -30.54 -24.97 -47.81
C PHE F 358 -31.39 -25.65 -46.75
N ASP F 359 -32.67 -25.30 -46.70
CA ASP F 359 -33.56 -25.86 -45.71
C ASP F 359 -34.17 -27.17 -46.22
N ALA F 360 -33.61 -28.29 -45.76
CA ALA F 360 -34.09 -29.62 -46.11
C ALA F 360 -35.48 -29.93 -45.56
N THR F 361 -35.96 -29.15 -44.59
CA THR F 361 -37.35 -29.33 -44.13
C THR F 361 -38.38 -28.56 -44.98
N HIS F 362 -37.93 -27.73 -45.92
CA HIS F 362 -38.82 -26.92 -46.78
C HIS F 362 -39.05 -27.68 -48.08
N PRO F 363 -40.29 -28.11 -48.38
CA PRO F 363 -40.48 -28.92 -49.59
C PRO F 363 -40.09 -28.21 -50.89
N GLY F 364 -40.37 -26.92 -50.98
CA GLY F 364 -39.89 -26.07 -52.07
C GLY F 364 -38.38 -26.02 -52.24
N ALA F 365 -37.66 -25.86 -51.13
CA ALA F 365 -36.18 -25.90 -51.17
C ALA F 365 -35.61 -27.25 -51.61
N ARG F 366 -36.22 -28.34 -51.14
CA ARG F 366 -35.82 -29.69 -51.56
C ARG F 366 -35.90 -29.83 -53.08
N LYS F 367 -37.05 -29.46 -53.62
CA LYS F 367 -37.28 -29.50 -55.07
C LYS F 367 -36.30 -28.61 -55.83
N TYR F 368 -36.04 -27.41 -55.31
CA TYR F 368 -35.13 -26.47 -55.96
C TYR F 368 -33.71 -27.03 -56.07
N VAL F 369 -33.20 -27.55 -54.96
CA VAL F 369 -31.85 -28.10 -54.94
C VAL F 369 -31.75 -29.34 -55.85
N TRP F 370 -32.72 -30.24 -55.74
CA TRP F 370 -32.77 -31.39 -56.62
C TRP F 370 -32.71 -30.98 -58.10
N GLU F 371 -33.57 -30.05 -58.51
CA GLU F 371 -33.63 -29.62 -59.91
C GLU F 371 -32.31 -29.02 -60.42
N GLN F 372 -31.56 -28.36 -59.54
CA GLN F 372 -30.19 -27.93 -59.86
C GLN F 372 -29.28 -29.13 -60.10
N ALA F 373 -29.29 -30.08 -59.17
CA ALA F 373 -28.50 -31.30 -59.33
C ALA F 373 -28.96 -32.14 -60.53
N LYS F 374 -30.27 -32.11 -60.83
CA LYS F 374 -30.81 -32.83 -62.00
C LYS F 374 -30.23 -32.25 -63.28
N LYS F 375 -30.26 -30.93 -63.40
CA LYS F 375 -29.79 -30.21 -64.59
C LYS F 375 -28.29 -30.40 -64.86
N ASN F 376 -27.50 -30.29 -63.79
CA ASN F 376 -26.04 -30.24 -63.93
C ASN F 376 -25.32 -31.57 -63.74
N TYR F 377 -26.04 -32.57 -63.20
CA TYR F 377 -25.44 -33.88 -62.91
C TYR F 377 -26.29 -35.07 -63.38
N HIS F 378 -27.52 -35.19 -62.89
CA HIS F 378 -28.35 -36.37 -63.19
C HIS F 378 -28.63 -36.53 -64.70
N ASP F 379 -28.91 -35.41 -65.37
CA ASP F 379 -29.16 -35.38 -66.82
C ASP F 379 -27.96 -35.83 -67.64
N LEU F 380 -26.74 -35.67 -67.10
CA LEU F 380 -25.51 -36.16 -67.74
C LEU F 380 -25.24 -37.66 -67.53
N GLY F 381 -26.03 -38.34 -66.66
CA GLY F 381 -25.90 -39.77 -66.41
C GLY F 381 -25.32 -40.19 -65.05
N ILE F 382 -25.13 -39.22 -64.15
CA ILE F 382 -24.74 -39.51 -62.76
C ILE F 382 -25.97 -40.09 -62.05
N LYS F 383 -25.80 -41.25 -61.43
CA LYS F 383 -26.90 -41.98 -60.75
C LYS F 383 -26.75 -42.09 -59.23
N ILE F 384 -25.66 -41.55 -58.68
CA ILE F 384 -25.37 -41.65 -57.25
C ILE F 384 -24.92 -40.26 -56.78
N PHE F 385 -25.48 -39.79 -55.68
CA PHE F 385 -25.05 -38.53 -55.09
C PHE F 385 -24.49 -38.74 -53.67
N TRP F 386 -23.42 -38.01 -53.40
CA TRP F 386 -22.76 -37.97 -52.11
C TRP F 386 -23.28 -36.75 -51.36
N LEU F 387 -24.31 -36.96 -50.55
CA LEU F 387 -24.99 -35.90 -49.80
C LEU F 387 -24.23 -35.67 -48.48
N ASP F 388 -23.16 -34.91 -48.59
CA ASP F 388 -22.23 -34.65 -47.49
C ASP F 388 -22.80 -33.51 -46.61
N GLU F 389 -22.22 -33.32 -45.42
CA GLU F 389 -22.61 -32.24 -44.49
C GLU F 389 -24.09 -32.31 -44.09
N ALA F 390 -24.59 -33.53 -43.92
CA ALA F 390 -26.02 -33.76 -43.86
C ALA F 390 -26.69 -33.46 -42.52
N GLU F 391 -25.92 -32.98 -41.55
CA GLU F 391 -26.44 -32.78 -40.19
C GLU F 391 -27.43 -31.63 -39.98
N PRO F 392 -27.18 -30.40 -40.45
CA PRO F 392 -25.99 -29.98 -41.20
C PRO F 392 -24.87 -29.54 -40.29
N GLU F 393 -23.66 -29.43 -40.84
CA GLU F 393 -22.48 -29.13 -40.04
C GLU F 393 -22.28 -27.63 -39.82
N TYR F 394 -23.09 -27.08 -38.92
CA TYR F 394 -22.90 -25.70 -38.48
C TYR F 394 -21.46 -25.56 -38.02
N SER F 395 -20.84 -24.41 -38.32
CA SER F 395 -19.52 -24.08 -37.79
C SER F 395 -19.54 -24.09 -36.26
N VAL F 396 -20.65 -23.64 -35.67
CA VAL F 396 -20.88 -23.75 -34.24
C VAL F 396 -22.24 -24.43 -34.00
N TYR F 397 -22.24 -25.52 -33.24
CA TYR F 397 -23.46 -26.30 -32.98
C TYR F 397 -24.38 -25.67 -31.92
N ASP F 398 -24.71 -24.39 -32.10
CA ASP F 398 -25.59 -23.66 -31.18
C ASP F 398 -27.00 -23.83 -31.71
N PHE F 399 -27.61 -24.97 -31.37
CA PHE F 399 -28.90 -25.38 -31.94
C PHE F 399 -30.02 -24.36 -31.71
N GLU F 400 -29.96 -23.65 -30.58
CA GLU F 400 -30.97 -22.64 -30.26
C GLU F 400 -30.95 -21.42 -31.21
N ASN F 401 -29.84 -21.23 -31.92
CA ASN F 401 -29.66 -20.10 -32.80
C ASN F 401 -30.10 -20.30 -34.23
N TYR F 402 -30.76 -21.41 -34.56
CA TYR F 402 -31.14 -21.68 -35.95
C TYR F 402 -32.59 -22.11 -36.05
N ARG F 403 -33.22 -21.77 -37.17
CA ARG F 403 -34.64 -22.03 -37.37
C ARG F 403 -34.88 -22.52 -38.78
N TYR F 404 -35.74 -23.52 -38.88
CA TYR F 404 -36.12 -24.14 -40.15
C TYR F 404 -37.57 -23.82 -40.46
N HIS F 405 -37.97 -24.15 -41.68
CA HIS F 405 -39.34 -24.08 -42.17
C HIS F 405 -40.35 -24.70 -41.19
N LEU F 406 -40.00 -25.86 -40.64
CA LEU F 406 -40.86 -26.57 -39.71
C LEU F 406 -40.76 -26.10 -38.26
N GLY F 407 -39.89 -25.13 -37.98
CA GLY F 407 -39.78 -24.59 -36.63
C GLY F 407 -38.34 -24.44 -36.18
N PRO F 408 -38.14 -23.94 -34.95
CA PRO F 408 -36.81 -23.85 -34.39
C PRO F 408 -36.09 -25.20 -34.44
N VAL F 409 -34.78 -25.16 -34.66
CA VAL F 409 -33.95 -26.37 -34.68
C VAL F 409 -34.10 -27.14 -33.37
N LEU F 410 -34.28 -26.46 -32.23
CA LEU F 410 -34.54 -27.16 -30.95
C LEU F 410 -35.74 -28.08 -31.01
N GLU F 411 -36.76 -27.72 -31.78
CA GLU F 411 -38.01 -28.48 -31.89
C GLU F 411 -37.99 -29.57 -32.96
N VAL F 412 -37.37 -29.29 -34.10
CA VAL F 412 -37.45 -30.16 -35.29
C VAL F 412 -36.11 -30.53 -35.93
N GLY F 413 -35.00 -30.08 -35.33
CA GLY F 413 -33.68 -30.09 -35.99
C GLY F 413 -33.16 -31.42 -36.50
N ASN F 414 -33.47 -32.50 -35.79
CA ASN F 414 -32.88 -33.80 -36.10
C ASN F 414 -33.41 -34.43 -37.41
N ILE F 415 -34.54 -33.96 -37.92
CA ILE F 415 -35.12 -34.49 -39.17
C ILE F 415 -34.42 -33.99 -40.46
N TYR F 416 -33.54 -33.00 -40.33
CA TYR F 416 -32.85 -32.40 -41.47
C TYR F 416 -32.25 -33.42 -42.45
N PRO F 417 -31.38 -34.34 -41.98
CA PRO F 417 -30.76 -35.30 -42.91
C PRO F 417 -31.76 -36.21 -43.65
N ARG F 418 -32.89 -36.49 -43.01
CA ARG F 418 -33.98 -37.26 -43.61
C ARG F 418 -34.58 -36.48 -44.78
N GLY F 419 -34.82 -35.18 -44.58
CA GLY F 419 -35.28 -34.33 -45.66
C GLY F 419 -34.29 -34.19 -46.80
N TYR F 420 -33.00 -34.11 -46.45
CA TYR F 420 -31.91 -34.00 -47.42
C TYR F 420 -31.87 -35.24 -48.34
N ALA F 421 -31.99 -36.43 -47.75
CA ALA F 421 -32.07 -37.69 -48.51
C ALA F 421 -33.34 -37.74 -49.35
N GLN F 422 -34.45 -37.34 -48.72
CA GLN F 422 -35.76 -37.27 -49.39
C GLN F 422 -35.75 -36.39 -50.64
N ALA F 423 -35.11 -35.23 -50.55
CA ALA F 423 -34.96 -34.33 -51.72
C ALA F 423 -34.44 -35.08 -52.95
N PHE F 424 -33.38 -35.85 -52.76
CA PHE F 424 -32.72 -36.54 -53.87
C PHE F 424 -33.39 -37.84 -54.29
N TYR F 425 -33.86 -38.62 -53.31
CA TYR F 425 -34.58 -39.85 -53.61
C TYR F 425 -35.86 -39.55 -54.40
N GLU F 426 -36.66 -38.59 -53.91
CA GLU F 426 -37.93 -38.22 -54.56
C GLU F 426 -37.69 -37.68 -55.97
N GLY F 427 -36.66 -36.86 -56.13
CA GLY F 427 -36.33 -36.30 -57.42
C GLY F 427 -35.85 -37.34 -58.42
N MET F 428 -34.96 -38.22 -57.98
CA MET F 428 -34.44 -39.29 -58.82
C MET F 428 -35.54 -40.28 -59.23
N GLU F 429 -36.42 -40.61 -58.28
CA GLU F 429 -37.55 -41.50 -58.54
C GLU F 429 -38.52 -40.90 -59.56
N GLU F 430 -38.79 -39.60 -59.41
CA GLU F 430 -39.62 -38.86 -60.35
C GLU F 430 -38.98 -38.78 -61.75
N ALA F 431 -37.66 -38.64 -61.81
CA ALA F 431 -36.91 -38.71 -63.07
C ALA F 431 -36.82 -40.12 -63.72
N GLY F 432 -37.36 -41.14 -63.07
CA GLY F 432 -37.45 -42.50 -63.61
C GLY F 432 -36.47 -43.54 -63.08
N GLN F 433 -35.58 -43.16 -62.15
CA GLN F 433 -34.58 -44.09 -61.61
C GLN F 433 -35.20 -45.03 -60.59
N THR F 434 -34.79 -46.30 -60.64
CA THR F 434 -35.18 -47.32 -59.66
C THR F 434 -33.94 -47.76 -58.87
N GLU F 435 -34.15 -48.45 -57.75
CA GLU F 435 -33.06 -48.93 -56.89
C GLU F 435 -32.07 -47.79 -56.57
N ILE F 436 -32.58 -46.71 -55.95
CA ILE F 436 -31.78 -45.50 -55.73
C ILE F 436 -30.99 -45.65 -54.45
N VAL F 437 -29.69 -45.39 -54.51
CA VAL F 437 -28.85 -45.25 -53.32
C VAL F 437 -28.08 -43.95 -53.40
N ASN F 438 -28.09 -43.19 -52.30
CA ASN F 438 -27.24 -42.01 -52.15
C ASN F 438 -26.43 -42.16 -50.85
N LEU F 439 -25.23 -41.59 -50.84
CA LEU F 439 -24.35 -41.62 -49.68
C LEU F 439 -24.65 -40.43 -48.77
N LEU F 440 -25.24 -40.70 -47.61
CA LEU F 440 -25.65 -39.69 -46.63
C LEU F 440 -24.70 -39.69 -45.42
N ARG F 441 -24.26 -38.52 -44.95
CA ARG F 441 -23.44 -38.47 -43.74
C ARG F 441 -24.23 -38.61 -42.45
N CYS F 442 -25.54 -38.42 -42.52
CA CYS F 442 -26.36 -38.49 -41.33
C CYS F 442 -27.76 -38.97 -41.69
N ALA F 443 -28.56 -39.27 -40.66
CA ALA F 443 -29.89 -39.82 -40.83
C ALA F 443 -30.75 -39.53 -39.63
N TRP F 444 -32.06 -39.63 -39.83
CA TRP F 444 -33.00 -39.70 -38.73
C TRP F 444 -33.82 -40.97 -38.93
N ALA F 445 -34.69 -41.28 -37.97
CA ALA F 445 -35.65 -42.40 -38.11
C ALA F 445 -36.36 -42.33 -39.45
N GLY F 446 -36.30 -43.42 -40.20
CA GLY F 446 -36.98 -43.51 -41.50
C GLY F 446 -36.15 -43.09 -42.71
N SER F 447 -34.92 -42.61 -42.50
CA SER F 447 -34.03 -42.29 -43.63
C SER F 447 -33.84 -43.46 -44.59
N GLN F 448 -33.87 -44.69 -44.06
CA GLN F 448 -33.71 -45.90 -44.89
C GLN F 448 -34.62 -45.90 -46.11
N ARG F 449 -35.85 -45.39 -45.97
CA ARG F 449 -36.80 -45.41 -47.08
C ARG F 449 -36.45 -44.45 -48.23
N TYR F 450 -35.55 -43.49 -47.96
CA TYR F 450 -35.02 -42.61 -49.01
C TYR F 450 -33.65 -43.03 -49.56
N GLY F 451 -33.36 -44.34 -49.51
CA GLY F 451 -32.12 -44.90 -50.07
C GLY F 451 -30.84 -44.35 -49.46
N ALA F 452 -30.88 -44.09 -48.16
CA ALA F 452 -29.76 -43.49 -47.45
C ALA F 452 -28.74 -44.57 -47.06
N LEU F 453 -27.62 -44.61 -47.79
CA LEU F 453 -26.43 -45.33 -47.37
C LEU F 453 -25.68 -44.37 -46.46
N VAL F 454 -25.65 -44.63 -45.16
CA VAL F 454 -25.03 -43.71 -44.22
C VAL F 454 -23.57 -44.11 -44.01
N TRP F 455 -22.65 -43.14 -43.99
CA TRP F 455 -21.27 -43.40 -43.54
C TRP F 455 -20.93 -42.57 -42.28
N SER F 456 -19.96 -43.07 -41.52
CA SER F 456 -19.73 -42.56 -40.15
C SER F 456 -18.93 -41.24 -40.04
N GLY F 457 -18.69 -40.58 -41.16
CA GLY F 457 -18.14 -39.22 -41.16
C GLY F 457 -16.66 -39.13 -40.90
N ASP F 458 -16.24 -37.94 -40.46
CA ASP F 458 -14.84 -37.54 -40.46
C ASP F 458 -14.08 -37.96 -39.20
N ILE F 459 -14.11 -39.26 -38.90
CA ILE F 459 -13.37 -39.83 -37.77
C ILE F 459 -11.87 -39.84 -38.02
N ASN F 460 -11.08 -39.90 -36.94
CA ASN F 460 -9.65 -40.01 -37.08
C ASN F 460 -9.23 -41.45 -37.42
N SER F 461 -7.99 -41.59 -37.86
CA SER F 461 -7.44 -42.85 -38.35
C SER F 461 -6.63 -43.57 -37.28
N THR F 462 -7.35 -44.27 -36.40
CA THR F 462 -6.77 -45.01 -35.27
C THR F 462 -7.53 -46.30 -35.10
N PHE F 463 -6.94 -47.24 -34.35
CA PHE F 463 -7.65 -48.46 -33.96
C PHE F 463 -8.79 -48.19 -32.98
N GLY F 464 -8.61 -47.19 -32.12
CA GLY F 464 -9.71 -46.69 -31.25
C GLY F 464 -10.93 -46.32 -32.05
N ALA F 465 -10.72 -45.59 -33.14
CA ALA F 465 -11.80 -45.23 -34.05
C ALA F 465 -12.41 -46.46 -34.72
N LEU F 466 -11.56 -47.39 -35.16
CA LEU F 466 -12.06 -48.62 -35.81
C LEU F 466 -13.01 -49.38 -34.89
N ARG F 467 -12.61 -49.55 -33.62
CA ARG F 467 -13.46 -50.20 -32.64
C ARG F 467 -14.82 -49.49 -32.51
N ASN F 468 -14.80 -48.16 -32.42
CA ASN F 468 -16.05 -47.38 -32.32
C ASN F 468 -16.98 -47.58 -33.52
N GLN F 469 -16.41 -47.63 -34.73
CA GLN F 469 -17.22 -47.74 -35.95
C GLN F 469 -17.98 -49.06 -35.98
N LEU F 470 -17.32 -50.14 -35.56
CA LEU F 470 -17.97 -51.45 -35.49
C LEU F 470 -19.21 -51.39 -34.60
N MET F 471 -19.06 -50.80 -33.41
CA MET F 471 -20.20 -50.67 -32.49
C MET F 471 -21.28 -49.78 -33.11
N ALA F 472 -20.86 -48.62 -33.63
CA ALA F 472 -21.77 -47.67 -34.26
C ALA F 472 -22.56 -48.29 -35.43
N GLY F 473 -21.86 -48.95 -36.35
CA GLY F 473 -22.48 -49.61 -37.51
C GLY F 473 -23.48 -50.70 -37.17
N LEU F 474 -23.16 -51.51 -36.16
CA LEU F 474 -24.11 -52.51 -35.66
C LEU F 474 -25.33 -51.84 -35.04
N ASN F 475 -25.10 -50.79 -34.25
CA ASN F 475 -26.21 -50.04 -33.65
C ASN F 475 -27.06 -49.29 -34.68
N MET F 476 -26.45 -48.82 -35.77
CA MET F 476 -27.20 -48.24 -36.90
C MET F 476 -28.16 -49.26 -37.54
N GLY F 477 -27.70 -50.49 -37.68
CA GLY F 477 -28.53 -51.56 -38.23
C GLY F 477 -29.72 -51.88 -37.37
N ILE F 478 -29.50 -51.92 -36.06
CA ILE F 478 -30.59 -52.12 -35.10
C ILE F 478 -31.56 -50.94 -35.14
N ALA F 479 -31.04 -49.74 -35.36
CA ALA F 479 -31.88 -48.53 -35.54
C ALA F 479 -32.60 -48.44 -36.90
N GLY F 480 -32.55 -49.51 -37.71
CA GLY F 480 -33.24 -49.60 -38.99
C GLY F 480 -32.53 -49.01 -40.20
N ILE F 481 -31.20 -48.81 -40.11
CA ILE F 481 -30.38 -48.30 -41.19
C ILE F 481 -29.47 -49.46 -41.71
N PRO F 482 -30.01 -50.31 -42.61
CA PRO F 482 -29.21 -51.45 -43.11
C PRO F 482 -28.03 -51.05 -44.00
N TRP F 483 -28.17 -49.97 -44.77
CA TRP F 483 -27.08 -49.55 -45.66
C TRP F 483 -26.17 -48.61 -44.88
N TRP F 484 -24.99 -49.10 -44.52
CA TRP F 484 -24.07 -48.34 -43.69
C TRP F 484 -22.63 -48.71 -44.02
N THR F 485 -21.73 -47.73 -43.93
CA THR F 485 -20.33 -47.97 -44.23
C THR F 485 -19.42 -46.96 -43.52
N THR F 486 -18.13 -47.03 -43.80
CA THR F 486 -17.14 -46.08 -43.30
C THR F 486 -16.14 -45.71 -44.38
N ASP F 487 -15.31 -44.73 -44.06
CA ASP F 487 -14.06 -44.51 -44.75
C ASP F 487 -13.12 -45.64 -44.32
N ILE F 488 -12.79 -46.53 -45.25
CA ILE F 488 -11.78 -47.56 -44.94
C ILE F 488 -10.47 -46.83 -44.68
N GLY F 489 -9.89 -47.12 -43.52
CA GLY F 489 -8.73 -46.41 -42.99
C GLY F 489 -9.07 -45.25 -42.05
N GLY F 490 -10.35 -44.91 -41.94
CA GLY F 490 -10.75 -43.65 -41.28
C GLY F 490 -10.50 -42.46 -42.18
N PHE F 491 -10.91 -41.28 -41.73
CA PHE F 491 -10.80 -40.05 -42.53
C PHE F 491 -9.49 -39.27 -42.33
N ASP F 492 -9.18 -38.93 -41.07
CA ASP F 492 -8.17 -37.91 -40.75
C ASP F 492 -6.96 -38.52 -40.03
N GLY F 493 -5.76 -38.26 -40.54
CA GLY F 493 -4.51 -38.52 -39.82
C GLY F 493 -3.58 -39.59 -40.39
N GLY F 494 -4.08 -40.40 -41.32
CA GLY F 494 -3.30 -41.50 -41.89
C GLY F 494 -2.27 -41.03 -42.89
N ASP F 495 -0.99 -41.13 -42.52
CA ASP F 495 0.11 -40.83 -43.44
C ASP F 495 0.36 -42.11 -44.26
N ILE F 496 0.36 -41.98 -45.58
CA ILE F 496 0.49 -43.15 -46.48
C ILE F 496 1.86 -43.84 -46.38
N ASN F 497 2.89 -43.11 -45.91
CA ASN F 497 4.23 -43.65 -45.70
C ASN F 497 4.44 -44.26 -44.31
N ASP F 498 3.41 -44.26 -43.46
CA ASP F 498 3.51 -44.69 -42.05
C ASP F 498 3.09 -46.16 -41.91
N PRO F 499 4.05 -47.05 -41.57
CA PRO F 499 3.74 -48.47 -41.31
C PRO F 499 2.61 -48.67 -40.30
N ALA F 500 2.60 -47.85 -39.24
CA ALA F 500 1.52 -47.86 -38.24
C ALA F 500 0.15 -47.66 -38.87
N PHE F 501 0.05 -46.67 -39.74
CA PHE F 501 -1.22 -46.43 -40.46
C PHE F 501 -1.52 -47.53 -41.47
N GLN F 502 -0.47 -48.01 -42.16
CA GLN F 502 -0.65 -49.09 -43.14
C GLN F 502 -1.26 -50.34 -42.53
N GLU F 503 -0.81 -50.71 -41.33
CA GLU F 503 -1.40 -51.86 -40.61
C GLU F 503 -2.88 -51.61 -40.29
N LEU F 504 -3.21 -50.41 -39.81
CA LEU F 504 -4.62 -50.07 -39.55
C LEU F 504 -5.45 -50.15 -40.83
N LEU F 505 -4.91 -49.59 -41.91
CA LEU F 505 -5.59 -49.62 -43.21
C LEU F 505 -5.98 -51.06 -43.61
N ILE F 506 -5.02 -51.97 -43.51
CA ILE F 506 -5.24 -53.39 -43.86
C ILE F 506 -6.36 -53.97 -43.01
N ARG F 507 -6.27 -53.79 -41.69
CA ARG F 507 -7.31 -54.32 -40.78
C ARG F 507 -8.70 -53.73 -41.06
N TRP F 508 -8.71 -52.44 -41.35
CA TRP F 508 -9.95 -51.73 -41.67
C TRP F 508 -10.51 -52.21 -43.02
N PHE F 509 -9.63 -52.42 -43.98
CA PHE F 509 -10.01 -52.94 -45.32
C PHE F 509 -10.63 -54.34 -45.20
N GLN F 510 -10.02 -55.19 -44.38
CA GLN F 510 -10.51 -56.56 -44.17
C GLN F 510 -11.91 -56.57 -43.59
N TRP F 511 -12.13 -55.74 -42.59
CA TRP F 511 -13.47 -55.50 -42.04
C TRP F 511 -14.42 -54.92 -43.11
N GLY F 512 -13.93 -53.95 -43.88
CA GLY F 512 -14.69 -53.31 -44.97
C GLY F 512 -15.24 -54.27 -46.02
N VAL F 513 -14.55 -55.38 -46.25
CA VAL F 513 -15.05 -56.46 -47.12
C VAL F 513 -16.38 -57.04 -46.61
N PHE F 514 -16.54 -57.06 -45.28
CA PHE F 514 -17.77 -57.52 -44.63
C PHE F 514 -18.59 -56.39 -43.94
N CYS F 515 -18.57 -55.22 -44.56
CA CYS F 515 -19.51 -54.15 -44.26
C CYS F 515 -20.54 -54.10 -45.39
N PRO F 516 -21.74 -53.55 -45.12
CA PRO F 516 -22.79 -53.51 -46.15
C PRO F 516 -22.32 -52.91 -47.49
N VAL F 517 -21.49 -51.88 -47.43
CA VAL F 517 -20.79 -51.36 -48.60
C VAL F 517 -19.30 -51.29 -48.30
N THR F 518 -18.49 -51.60 -49.32
CA THR F 518 -17.05 -51.63 -49.22
C THR F 518 -16.51 -50.39 -49.94
N ARG F 519 -16.08 -49.40 -49.16
CA ARG F 519 -15.74 -48.09 -49.71
C ARG F 519 -14.44 -47.60 -49.11
N LEU F 520 -13.49 -47.31 -49.99
CA LEU F 520 -12.22 -46.69 -49.61
C LEU F 520 -12.36 -45.19 -49.75
N HIS F 521 -12.04 -44.48 -48.68
CA HIS F 521 -11.98 -43.01 -48.67
C HIS F 521 -11.06 -42.55 -47.57
N GLY F 522 -10.54 -41.35 -47.71
CA GLY F 522 -9.80 -40.73 -46.64
C GLY F 522 -9.21 -39.42 -47.07
N PHE F 523 -8.74 -38.68 -46.08
CA PHE F 523 -7.95 -37.48 -46.29
C PHE F 523 -6.55 -37.85 -45.80
N ARG F 524 -5.74 -38.39 -46.71
CA ARG F 524 -4.43 -38.92 -46.34
C ARG F 524 -3.35 -37.85 -46.30
N GLN F 525 -2.41 -38.01 -45.38
CA GLN F 525 -1.21 -37.18 -45.30
C GLN F 525 -0.08 -37.86 -46.12
N PRO F 526 0.89 -37.11 -46.65
CA PRO F 526 1.00 -35.65 -46.50
C PRO F 526 0.10 -34.88 -47.48
N MET F 527 -0.65 -33.93 -46.96
CA MET F 527 -1.58 -33.14 -47.77
C MET F 527 -0.84 -32.04 -48.55
N GLU F 528 -1.49 -31.58 -49.62
CA GLU F 528 -0.95 -30.57 -50.55
C GLU F 528 -1.90 -29.37 -50.58
N GLU F 529 -1.36 -28.18 -50.28
CA GLU F 529 -2.13 -26.93 -50.40
C GLU F 529 -2.40 -26.64 -51.87
N PRO F 530 -3.50 -25.91 -52.17
CA PRO F 530 -3.74 -25.52 -53.57
C PRO F 530 -2.68 -24.54 -54.05
N ALA F 531 -2.42 -24.56 -55.36
CA ALA F 531 -1.38 -23.71 -55.98
C ALA F 531 -1.63 -22.23 -55.70
N GLU F 532 -2.88 -21.81 -55.83
CA GLU F 532 -3.34 -20.46 -55.50
C GLU F 532 -4.37 -20.59 -54.37
N THR F 533 -4.14 -19.90 -53.26
CA THR F 533 -5.05 -19.91 -52.11
C THR F 533 -6.46 -19.44 -52.50
N TYR F 534 -6.51 -18.42 -53.36
CA TYR F 534 -7.78 -17.88 -53.89
C TYR F 534 -7.77 -17.77 -55.39
N ARG F 535 -8.96 -17.88 -55.98
CA ARG F 535 -9.16 -17.63 -57.40
C ARG F 535 -10.49 -16.88 -57.53
N ASP F 536 -10.45 -15.69 -58.13
CA ASP F 536 -11.62 -14.80 -58.22
C ASP F 536 -12.24 -14.49 -56.84
N GLY F 537 -11.40 -14.44 -55.79
CA GLY F 537 -11.86 -14.28 -54.40
C GLY F 537 -12.50 -15.49 -53.71
N ILE F 538 -12.64 -16.61 -54.44
CA ILE F 538 -13.16 -17.85 -53.88
C ILE F 538 -11.98 -18.66 -53.33
N ALA F 539 -12.02 -18.97 -52.04
CA ALA F 539 -10.99 -19.83 -51.43
C ALA F 539 -10.96 -21.21 -52.09
N GLN F 540 -9.74 -21.67 -52.37
CA GLN F 540 -9.52 -22.92 -53.07
C GLN F 540 -9.24 -24.07 -52.08
N CYS F 541 -9.71 -25.27 -52.44
CA CYS F 541 -9.66 -26.43 -51.58
C CYS F 541 -8.43 -27.31 -51.85
N MET F 542 -7.73 -27.67 -50.78
CA MET F 542 -6.59 -28.59 -50.82
C MET F 542 -6.96 -30.02 -51.21
N THR F 543 -5.93 -30.88 -51.31
CA THR F 543 -6.09 -32.31 -51.46
C THR F 543 -5.21 -33.04 -50.44
N GLY F 544 -5.60 -34.27 -50.11
CA GLY F 544 -4.73 -35.21 -49.43
C GLY F 544 -3.88 -35.99 -50.42
N ALA F 545 -3.04 -36.88 -49.90
CA ALA F 545 -2.12 -37.70 -50.71
C ALA F 545 -2.89 -38.82 -51.41
N ALA F 546 -2.18 -39.68 -52.14
CA ALA F 546 -2.84 -40.80 -52.86
C ALA F 546 -3.54 -41.78 -51.92
N ASN F 547 -4.58 -42.43 -52.41
CA ASN F 547 -5.37 -43.36 -51.62
C ASN F 547 -6.01 -44.48 -52.48
N GLU F 548 -5.21 -45.04 -53.38
CA GLU F 548 -5.63 -46.17 -54.21
C GLU F 548 -4.95 -47.43 -53.64
N ILE F 549 -5.45 -48.62 -53.97
CA ILE F 549 -4.93 -49.84 -53.29
C ILE F 549 -3.45 -50.13 -53.56
N TRP F 550 -2.86 -49.48 -54.57
CA TRP F 550 -1.44 -49.59 -54.92
C TRP F 550 -0.56 -48.49 -54.32
N SER F 551 -1.12 -47.60 -53.50
CA SER F 551 -0.40 -46.43 -53.00
C SER F 551 0.45 -46.69 -51.73
N TYR F 552 0.41 -47.92 -51.20
CA TYR F 552 0.96 -48.25 -49.90
C TYR F 552 1.97 -49.43 -49.93
N GLY F 553 2.67 -49.59 -51.06
CA GLY F 553 3.66 -50.67 -51.23
C GLY F 553 3.08 -51.96 -51.80
N GLU F 554 3.98 -52.82 -52.27
CA GLU F 554 3.61 -54.07 -52.96
C GLU F 554 2.91 -55.08 -52.05
N ASP F 555 3.44 -55.29 -50.85
CA ASP F 555 2.84 -56.25 -49.89
C ASP F 555 1.42 -55.87 -49.48
N ASN F 556 1.20 -54.59 -49.20
CA ASN F 556 -0.13 -54.08 -48.85
C ASN F 556 -1.08 -54.16 -50.04
N TYR F 557 -0.57 -53.86 -51.23
CA TYR F 557 -1.30 -54.04 -52.49
C TYR F 557 -1.83 -55.47 -52.67
N ALA F 558 -1.02 -56.47 -52.35
CA ALA F 558 -1.43 -57.88 -52.52
C ALA F 558 -2.62 -58.25 -51.64
N ILE F 559 -2.62 -57.74 -50.40
CA ILE F 559 -3.72 -58.02 -49.46
C ILE F 559 -4.99 -57.29 -49.89
N MET F 560 -4.86 -56.03 -50.31
CA MET F 560 -6.03 -55.23 -50.75
C MET F 560 -6.62 -55.76 -52.05
N LYS F 561 -5.76 -56.19 -52.96
CA LYS F 561 -6.19 -56.87 -54.19
C LYS F 561 -7.06 -58.09 -53.88
N SER F 562 -6.58 -58.94 -52.96
CA SER F 562 -7.32 -60.15 -52.60
C SER F 562 -8.62 -59.82 -51.87
N CYS F 563 -8.61 -58.74 -51.09
CA CYS F 563 -9.83 -58.23 -50.45
C CYS F 563 -10.86 -57.83 -51.50
N LEU F 564 -10.43 -57.11 -52.53
CA LEU F 564 -11.34 -56.72 -53.63
C LEU F 564 -11.90 -57.95 -54.35
N GLU F 565 -11.03 -58.90 -54.67
CA GLU F 565 -11.45 -60.16 -55.31
C GLU F 565 -12.43 -60.95 -54.46
N LEU F 566 -12.17 -61.00 -53.14
CA LEU F 566 -13.11 -61.63 -52.20
C LEU F 566 -14.47 -60.93 -52.20
N ARG F 567 -14.45 -59.59 -52.14
CA ARG F 567 -15.70 -58.83 -52.16
C ARG F 567 -16.52 -59.15 -53.42
N GLU F 568 -15.86 -59.26 -54.56
CA GLU F 568 -16.54 -59.65 -55.81
C GLU F 568 -17.23 -61.02 -55.73
N ARG F 569 -16.61 -61.98 -55.07
CA ARG F 569 -17.20 -63.31 -54.86
C ARG F 569 -18.41 -63.27 -53.91
N LEU F 570 -18.38 -62.33 -52.97
CA LEU F 570 -19.51 -62.12 -52.03
C LEU F 570 -20.72 -61.42 -52.64
N ARG F 571 -20.59 -60.79 -53.80
CA ARG F 571 -21.64 -59.90 -54.31
C ARG F 571 -23.02 -60.57 -54.39
N PRO F 572 -23.11 -61.81 -54.93
CA PRO F 572 -24.41 -62.48 -54.95
C PRO F 572 -25.01 -62.65 -53.57
N TYR F 573 -24.18 -63.02 -52.59
CA TYR F 573 -24.61 -63.12 -51.19
C TYR F 573 -25.03 -61.75 -50.63
N VAL F 574 -24.23 -60.72 -50.88
CA VAL F 574 -24.58 -59.36 -50.44
C VAL F 574 -25.95 -58.97 -50.97
N MET F 575 -26.19 -59.18 -52.27
CA MET F 575 -27.46 -58.81 -52.89
C MET F 575 -28.65 -59.56 -52.28
N ARG F 576 -28.46 -60.84 -51.94
CA ARG F 576 -29.50 -61.60 -51.24
C ARG F 576 -29.81 -61.02 -49.86
N VAL F 577 -28.75 -60.67 -49.11
CA VAL F 577 -28.91 -60.07 -47.78
C VAL F 577 -29.55 -58.66 -47.89
N MET F 578 -29.14 -57.91 -48.92
CA MET F 578 -29.77 -56.63 -49.23
C MET F 578 -31.26 -56.78 -49.56
N LYS F 579 -31.61 -57.80 -50.34
CA LYS F 579 -33.01 -58.10 -50.61
C LYS F 579 -33.77 -58.42 -49.31
N ALA F 580 -33.15 -59.20 -48.42
CA ALA F 580 -33.74 -59.51 -47.12
C ALA F 580 -33.98 -58.27 -46.25
N ALA F 581 -33.06 -57.30 -46.31
CA ALA F 581 -33.23 -56.02 -45.61
C ALA F 581 -34.45 -55.29 -46.17
N HIS F 582 -34.58 -55.26 -47.49
CA HIS F 582 -35.73 -54.67 -48.18
C HIS F 582 -37.04 -55.36 -47.76
N ASP F 583 -37.06 -56.68 -47.77
CA ASP F 583 -38.27 -57.45 -47.49
C ASP F 583 -38.67 -57.54 -46.02
N THR F 584 -37.69 -57.57 -45.11
CA THR F 584 -37.92 -57.92 -43.70
C THR F 584 -37.40 -56.93 -42.65
N GLY F 585 -36.72 -55.87 -43.06
CA GLY F 585 -36.10 -54.92 -42.13
C GLY F 585 -34.84 -55.37 -41.42
N ALA F 586 -34.33 -56.56 -41.74
CA ALA F 586 -33.18 -57.10 -41.04
C ALA F 586 -31.94 -56.30 -41.43
N PRO F 587 -31.09 -55.94 -40.45
CA PRO F 587 -29.82 -55.32 -40.83
C PRO F 587 -28.93 -56.27 -41.64
N VAL F 588 -27.97 -55.70 -42.35
CA VAL F 588 -27.01 -56.47 -43.15
C VAL F 588 -25.88 -56.95 -42.23
N MET F 589 -25.24 -56.02 -41.53
CA MET F 589 -24.32 -56.37 -40.44
C MET F 589 -25.14 -56.34 -39.15
N ARG F 590 -25.17 -57.48 -38.45
CA ARG F 590 -26.01 -57.63 -37.26
C ARG F 590 -25.17 -58.13 -36.09
N PRO F 591 -25.54 -57.73 -34.85
CA PRO F 591 -24.91 -58.38 -33.71
C PRO F 591 -25.28 -59.87 -33.65
N LEU F 592 -24.42 -60.65 -33.01
CA LEU F 592 -24.62 -62.10 -32.84
C LEU F 592 -26.02 -62.47 -32.36
N PHE F 593 -26.56 -61.68 -31.43
CA PHE F 593 -27.90 -61.95 -30.88
C PHE F 593 -29.07 -61.85 -31.87
N PHE F 594 -28.86 -61.20 -33.01
CA PHE F 594 -29.87 -61.15 -34.06
C PHE F 594 -30.13 -62.53 -34.64
N ASP F 595 -29.04 -63.25 -34.95
CA ASP F 595 -29.11 -64.59 -35.51
C ASP F 595 -29.18 -65.70 -34.45
N PHE F 596 -28.64 -65.44 -33.26
CA PHE F 596 -28.63 -66.43 -32.18
C PHE F 596 -29.13 -65.85 -30.86
N PRO F 597 -30.44 -65.48 -30.82
CA PRO F 597 -31.01 -64.83 -29.63
C PRO F 597 -31.20 -65.70 -28.37
N ASP F 598 -31.00 -67.02 -28.49
CA ASP F 598 -31.15 -67.94 -27.36
C ASP F 598 -29.82 -68.32 -26.71
N GLN F 599 -28.72 -67.71 -27.15
CA GLN F 599 -27.39 -68.03 -26.63
C GLN F 599 -26.81 -66.83 -25.88
N ALA F 600 -26.49 -67.05 -24.60
CA ALA F 600 -26.02 -65.99 -23.69
C ALA F 600 -24.82 -65.20 -24.23
N GLU F 601 -23.88 -65.89 -24.88
CA GLU F 601 -22.68 -65.24 -25.43
C GLU F 601 -23.02 -64.26 -26.56
N ALA F 602 -24.12 -64.52 -27.28
CA ALA F 602 -24.59 -63.63 -28.35
C ALA F 602 -24.94 -62.22 -27.84
N TRP F 603 -25.44 -62.13 -26.60
CA TRP F 603 -25.80 -60.85 -25.96
C TRP F 603 -24.65 -60.22 -25.14
N GLN F 604 -23.48 -60.86 -25.12
CA GLN F 604 -22.31 -60.37 -24.38
C GLN F 604 -21.20 -59.91 -25.32
N ILE F 605 -20.98 -60.64 -26.41
CA ILE F 605 -19.83 -60.40 -27.28
C ILE F 605 -20.12 -59.20 -28.17
N GLU F 606 -19.16 -58.27 -28.19
CA GLU F 606 -19.30 -57.04 -28.94
C GLU F 606 -18.22 -56.84 -30.01
N ASP F 607 -17.24 -57.74 -30.09
CA ASP F 607 -16.17 -57.66 -31.11
C ASP F 607 -16.32 -58.74 -32.19
N GLN F 608 -17.53 -59.28 -32.34
CA GLN F 608 -17.87 -60.19 -33.43
C GLN F 608 -19.27 -59.86 -33.90
N TYR F 609 -19.55 -60.18 -35.16
CA TYR F 609 -20.87 -59.98 -35.71
C TYR F 609 -21.15 -60.90 -36.90
N MET F 610 -22.41 -60.92 -37.30
CA MET F 610 -22.89 -61.68 -38.42
C MET F 610 -23.08 -60.75 -39.62
N PHE F 611 -22.39 -61.06 -40.73
CA PHE F 611 -22.58 -60.37 -42.00
C PHE F 611 -23.58 -61.20 -42.77
N GLY F 612 -24.85 -60.84 -42.65
CA GLY F 612 -25.96 -61.70 -43.04
C GLY F 612 -26.04 -62.92 -42.13
N PRO F 613 -26.97 -63.84 -42.41
CA PRO F 613 -27.16 -65.01 -41.55
C PRO F 613 -26.08 -66.10 -41.63
N ASP F 614 -25.16 -66.02 -42.60
CA ASP F 614 -24.26 -67.14 -42.93
C ASP F 614 -22.77 -66.88 -42.72
N ILE F 615 -22.36 -65.66 -42.39
CA ILE F 615 -20.93 -65.35 -42.24
C ILE F 615 -20.67 -64.71 -40.88
N LEU F 616 -19.82 -65.35 -40.09
CA LEU F 616 -19.39 -64.86 -38.78
C LEU F 616 -18.09 -64.11 -39.00
N VAL F 617 -18.03 -62.86 -38.55
CA VAL F 617 -16.83 -62.04 -38.72
C VAL F 617 -16.29 -61.68 -37.35
N ALA F 618 -14.98 -61.77 -37.18
CA ALA F 618 -14.31 -61.42 -35.93
C ALA F 618 -13.13 -60.50 -36.25
N PRO F 619 -13.39 -59.18 -36.40
CA PRO F 619 -12.33 -58.26 -36.79
C PRO F 619 -11.17 -58.19 -35.80
N VAL F 620 -10.01 -57.78 -36.30
CA VAL F 620 -8.87 -57.45 -35.46
C VAL F 620 -8.92 -55.95 -35.17
N LEU F 621 -9.03 -55.61 -33.90
CA LEU F 621 -9.21 -54.23 -33.47
C LEU F 621 -7.99 -53.64 -32.75
N GLU F 622 -6.84 -54.31 -32.78
CA GLU F 622 -5.60 -53.80 -32.15
C GLU F 622 -4.38 -53.90 -33.08
N ALA F 623 -3.49 -52.92 -32.96
CA ALA F 623 -2.21 -52.94 -33.66
C ALA F 623 -1.33 -54.07 -33.12
N GLY F 624 -0.67 -54.80 -34.03
CA GLY F 624 0.25 -55.87 -33.66
C GLY F 624 -0.38 -57.20 -33.31
N GLN F 625 -1.72 -57.27 -33.23
CA GLN F 625 -2.42 -58.48 -32.82
C GLN F 625 -2.39 -59.50 -33.96
N ARG F 626 -1.90 -60.72 -33.67
CA ARG F 626 -1.79 -61.77 -34.69
C ARG F 626 -2.60 -63.06 -34.41
N SER F 627 -3.44 -62.99 -33.38
CA SER F 627 -4.40 -64.03 -33.09
C SER F 627 -5.43 -63.42 -32.14
N ARG F 628 -6.60 -64.03 -32.07
CA ARG F 628 -7.62 -63.58 -31.14
C ARG F 628 -8.59 -64.70 -30.85
N LYS F 629 -9.27 -64.58 -29.72
CA LYS F 629 -10.29 -65.55 -29.36
C LYS F 629 -11.53 -65.27 -30.19
N VAL F 630 -12.22 -66.34 -30.58
CA VAL F 630 -13.45 -66.24 -31.38
C VAL F 630 -14.46 -67.26 -30.87
N TRP F 631 -15.62 -66.79 -30.46
CA TRP F 631 -16.71 -67.69 -30.11
C TRP F 631 -17.46 -68.10 -31.38
N LEU F 632 -17.66 -69.41 -31.54
CA LEU F 632 -18.48 -69.96 -32.60
C LEU F 632 -19.82 -70.34 -31.98
N PRO F 633 -20.94 -69.74 -32.44
CA PRO F 633 -22.26 -70.06 -31.88
C PRO F 633 -22.72 -71.51 -32.09
N GLU F 634 -23.54 -72.03 -31.16
CA GLU F 634 -24.17 -73.37 -31.31
C GLU F 634 -25.22 -73.36 -32.42
N GLY F 635 -25.57 -74.55 -32.90
CA GLY F 635 -26.63 -74.73 -33.89
C GLY F 635 -26.17 -75.08 -35.29
N CYS F 636 -24.87 -74.95 -35.57
CA CYS F 636 -24.31 -75.34 -36.87
C CYS F 636 -22.80 -75.47 -36.76
N ALA F 637 -22.20 -76.00 -37.81
CA ALA F 637 -20.75 -76.05 -37.95
C ALA F 637 -20.28 -74.88 -38.79
N TRP F 638 -19.01 -74.53 -38.62
CA TRP F 638 -18.42 -73.33 -39.20
C TRP F 638 -17.20 -73.66 -40.03
N ILE F 639 -17.22 -73.26 -41.31
CA ILE F 639 -16.07 -73.43 -42.20
C ILE F 639 -15.19 -72.18 -42.14
N ASP F 640 -13.92 -72.38 -41.78
CA ASP F 640 -12.92 -71.33 -41.75
C ASP F 640 -12.71 -70.84 -43.18
N LEU F 641 -13.04 -69.58 -43.43
CA LEU F 641 -12.89 -68.97 -44.76
C LEU F 641 -11.46 -69.06 -45.30
N ASN F 642 -10.48 -68.92 -44.42
CA ASN F 642 -9.08 -68.80 -44.82
C ASN F 642 -8.33 -70.12 -45.00
N THR F 643 -8.71 -71.15 -44.23
CA THR F 643 -8.02 -72.45 -44.29
C THR F 643 -8.90 -73.58 -44.82
N GLY F 644 -10.22 -73.41 -44.82
CA GLY F 644 -11.16 -74.48 -45.18
C GLY F 644 -11.55 -75.39 -44.02
N ALA F 645 -10.88 -75.23 -42.87
CA ALA F 645 -11.09 -76.10 -41.71
C ALA F 645 -12.51 -76.01 -41.18
N ARG F 646 -13.02 -77.15 -40.73
CA ARG F 646 -14.35 -77.27 -40.13
C ARG F 646 -14.18 -77.24 -38.63
N GLN F 647 -15.07 -76.53 -37.95
CA GLN F 647 -15.09 -76.52 -36.50
C GLN F 647 -16.53 -76.52 -36.00
N ASN F 648 -16.78 -77.27 -34.93
CA ASN F 648 -18.13 -77.42 -34.38
C ASN F 648 -18.59 -76.13 -33.71
N GLY F 649 -19.91 -75.92 -33.71
CA GLY F 649 -20.50 -74.79 -32.99
C GLY F 649 -20.42 -75.00 -31.49
N GLY F 650 -20.54 -73.90 -30.75
CA GLY F 650 -20.60 -73.94 -29.29
C GLY F 650 -19.27 -74.15 -28.62
N GLN F 651 -18.25 -73.45 -29.10
CA GLN F 651 -16.92 -73.51 -28.52
C GLN F 651 -16.14 -72.22 -28.80
N TRP F 652 -15.04 -72.04 -28.09
CA TRP F 652 -14.11 -70.94 -28.34
C TRP F 652 -12.91 -71.44 -29.13
N CYS F 653 -12.53 -70.69 -30.18
CA CYS F 653 -11.31 -70.94 -30.94
C CYS F 653 -10.29 -69.89 -30.56
N ASP F 654 -9.05 -70.31 -30.32
CA ASP F 654 -7.92 -69.40 -30.32
C ASP F 654 -7.42 -69.33 -31.78
N CYS F 655 -8.03 -68.46 -32.57
CA CYS F 655 -7.81 -68.45 -34.02
C CYS F 655 -6.63 -67.57 -34.44
N ASP F 656 -5.89 -68.02 -35.46
CA ASP F 656 -4.84 -67.23 -36.06
C ASP F 656 -5.47 -65.99 -36.70
N ALA F 657 -4.69 -64.92 -36.76
CA ALA F 657 -5.16 -63.70 -37.36
C ALA F 657 -3.91 -62.99 -37.87
N PRO F 658 -3.23 -63.60 -38.86
CA PRO F 658 -2.05 -62.94 -39.40
C PRO F 658 -2.46 -61.65 -40.10
N LEU F 659 -1.48 -60.83 -40.45
CA LEU F 659 -1.74 -59.56 -41.15
C LEU F 659 -2.62 -59.74 -42.39
N GLU F 660 -2.47 -60.88 -43.08
CA GLU F 660 -3.11 -61.12 -44.39
C GLU F 660 -4.57 -61.56 -44.29
N ALA F 661 -5.07 -61.84 -43.10
CA ALA F 661 -6.46 -62.28 -42.92
C ALA F 661 -7.01 -62.03 -41.52
N ILE F 662 -8.29 -61.68 -41.43
CA ILE F 662 -9.03 -61.69 -40.17
C ILE F 662 -9.88 -62.96 -40.07
N PRO F 663 -10.17 -63.44 -38.85
CA PRO F 663 -11.02 -64.63 -38.70
C PRO F 663 -12.45 -64.45 -39.19
N VAL F 664 -12.80 -65.26 -40.19
CA VAL F 664 -14.14 -65.31 -40.74
C VAL F 664 -14.55 -66.77 -40.90
N PHE F 665 -15.78 -67.08 -40.55
CA PHE F 665 -16.32 -68.43 -40.61
C PHE F 665 -17.65 -68.44 -41.35
N ILE F 666 -17.84 -69.43 -42.24
CA ILE F 666 -19.07 -69.58 -43.02
C ILE F 666 -19.92 -70.72 -42.44
N ARG F 667 -21.22 -70.47 -42.26
CA ARG F 667 -22.15 -71.51 -41.84
C ARG F 667 -22.08 -72.66 -42.84
N GLU F 668 -21.81 -73.87 -42.35
CA GLU F 668 -21.59 -75.03 -43.23
C GLU F 668 -22.75 -75.24 -44.20
N ALA F 669 -22.43 -75.38 -45.49
CA ALA F 669 -23.38 -75.71 -46.55
C ALA F 669 -24.35 -74.58 -46.94
N ALA F 670 -24.12 -73.35 -46.45
CA ALA F 670 -24.82 -72.18 -46.97
C ALA F 670 -24.32 -71.93 -48.39
N ALA F 671 -25.19 -71.45 -49.27
CA ALA F 671 -24.82 -71.22 -50.69
C ALA F 671 -23.54 -70.41 -50.86
N VAL F 672 -23.31 -69.44 -49.97
CA VAL F 672 -22.10 -68.60 -50.02
C VAL F 672 -20.78 -69.39 -49.88
N GLN F 673 -20.82 -70.54 -49.20
CA GLN F 673 -19.63 -71.43 -49.13
C GLN F 673 -19.12 -71.79 -50.54
N ALA F 674 -20.01 -72.30 -51.39
CA ALA F 674 -19.66 -72.63 -52.78
C ALA F 674 -19.23 -71.40 -53.58
N GLU F 675 -19.89 -70.28 -53.34
CA GLU F 675 -19.60 -69.03 -54.06
C GLU F 675 -18.18 -68.48 -53.78
N LEU F 676 -17.59 -68.82 -52.63
CA LEU F 676 -16.27 -68.31 -52.24
C LEU F 676 -15.09 -69.26 -52.53
N SER G 2 -40.39 -0.10 7.31
CA SER G 2 -39.42 0.75 6.57
C SER G 2 -38.46 1.38 7.57
N GLU G 3 -37.23 1.63 7.15
CA GLU G 3 -36.18 2.14 8.04
C GLU G 3 -35.27 3.14 7.34
N PHE G 4 -34.95 4.23 8.03
CA PHE G 4 -33.90 5.17 7.61
C PHE G 4 -32.61 4.92 8.37
N ILE G 5 -31.50 4.98 7.65
CA ILE G 5 -30.17 4.96 8.21
C ILE G 5 -29.53 6.26 7.73
N LEU G 6 -29.40 7.22 8.64
CA LEU G 6 -28.97 8.57 8.32
C LEU G 6 -27.63 8.86 8.97
N THR G 7 -26.78 9.55 8.22
CA THR G 7 -25.52 10.08 8.71
C THR G 7 -25.51 11.55 8.31
N SER G 8 -24.44 12.27 8.64
CA SER G 8 -24.39 13.71 8.37
C SER G 8 -24.40 14.07 6.87
N ASP G 9 -24.01 13.13 6.01
CA ASP G 9 -23.94 13.37 4.56
C ASP G 9 -24.48 12.23 3.68
N LYS G 10 -25.34 11.36 4.24
CA LYS G 10 -25.91 10.27 3.45
C LYS G 10 -27.29 9.88 3.96
N LEU G 11 -28.22 9.66 3.04
CA LEU G 11 -29.57 9.19 3.35
C LEU G 11 -29.74 7.81 2.74
N VAL G 12 -30.01 6.81 3.58
CA VAL G 12 -30.33 5.44 3.14
C VAL G 12 -31.71 5.12 3.67
N TRP G 13 -32.55 4.55 2.81
CA TRP G 13 -33.86 4.01 3.18
C TRP G 13 -33.90 2.57 2.75
N THR G 14 -34.46 1.69 3.60
CA THR G 14 -34.50 0.27 3.29
C THR G 14 -35.81 -0.42 3.69
N TYR G 15 -36.24 -1.35 2.84
CA TYR G 15 -37.37 -2.24 3.13
C TYR G 15 -37.26 -3.50 2.29
N ASP G 16 -37.36 -4.66 2.94
CA ASP G 16 -37.34 -5.97 2.27
C ASP G 16 -36.18 -6.13 1.29
N GLY G 17 -34.99 -5.73 1.73
CA GLY G 17 -33.78 -5.85 0.93
C GLY G 17 -33.53 -4.74 -0.08
N HIS G 18 -34.54 -3.92 -0.36
CA HIS G 18 -34.40 -2.76 -1.23
C HIS G 18 -33.67 -1.67 -0.46
N LYS G 19 -32.50 -1.28 -0.95
CA LYS G 19 -31.73 -0.19 -0.36
C LYS G 19 -31.74 0.99 -1.32
N LEU G 20 -32.18 2.15 -0.84
CA LEU G 20 -32.14 3.42 -1.59
C LEU G 20 -31.13 4.30 -0.90
N GLN G 21 -30.11 4.74 -1.64
CA GLN G 21 -29.06 5.60 -1.10
C GLN G 21 -28.93 6.91 -1.91
N ILE G 22 -28.99 8.02 -1.19
CA ILE G 22 -28.93 9.36 -1.77
C ILE G 22 -27.84 10.12 -1.03
N GLU G 23 -26.95 10.73 -1.80
CA GLU G 23 -25.77 11.39 -1.25
C GLU G 23 -25.31 12.54 -2.14
N PRO G 24 -24.56 13.50 -1.58
CA PRO G 24 -24.02 14.58 -2.40
C PRO G 24 -23.03 14.04 -3.42
N TRP G 25 -22.96 14.70 -4.57
CA TRP G 25 -22.02 14.31 -5.59
C TRP G 25 -21.64 15.52 -6.42
N GLY G 26 -20.90 16.44 -5.77
CA GLY G 26 -20.63 17.77 -6.31
C GLY G 26 -21.67 18.78 -5.88
N GLU G 27 -21.34 20.07 -6.03
CA GLU G 27 -22.19 21.16 -5.58
C GLU G 27 -23.55 21.09 -6.27
N ASN G 28 -24.60 21.33 -5.49
CA ASN G 28 -25.99 21.39 -6.00
C ASN G 28 -26.47 20.09 -6.66
N SER G 29 -25.86 18.97 -6.30
CA SER G 29 -26.07 17.71 -6.99
C SER G 29 -26.13 16.52 -6.03
N LEU G 30 -26.94 15.52 -6.40
CA LEU G 30 -27.10 14.28 -5.64
C LEU G 30 -26.94 13.08 -6.57
N ARG G 31 -26.35 12.01 -6.04
CA ARG G 31 -26.36 10.70 -6.69
C ARG G 31 -27.38 9.84 -5.97
N VAL G 32 -28.14 9.10 -6.76
CA VAL G 32 -29.20 8.23 -6.27
C VAL G 32 -28.93 6.82 -6.76
N ARG G 33 -28.82 5.87 -5.83
CA ARG G 33 -28.63 4.46 -6.16
C ARG G 33 -29.64 3.58 -5.41
N ALA G 34 -30.06 2.49 -6.06
CA ALA G 34 -30.97 1.53 -5.44
C ALA G 34 -30.62 0.12 -5.89
N THR G 35 -30.69 -0.83 -4.96
CA THR G 35 -30.38 -2.21 -5.25
C THR G 35 -31.18 -3.10 -4.33
N VAL G 36 -31.47 -4.32 -4.80
CA VAL G 36 -31.97 -5.37 -3.91
C VAL G 36 -30.89 -6.41 -3.59
N ALA G 37 -29.68 -6.22 -4.12
CA ALA G 37 -28.54 -7.09 -3.80
C ALA G 37 -28.06 -6.76 -2.37
N PRO G 38 -27.17 -7.61 -1.78
CA PRO G 38 -26.71 -7.33 -0.41
C PRO G 38 -26.15 -5.93 -0.19
N GLU G 39 -25.39 -5.44 -1.17
CA GLU G 39 -24.83 -4.10 -1.12
C GLU G 39 -24.80 -3.48 -2.52
N LEU G 40 -24.57 -2.18 -2.56
CA LEU G 40 -24.25 -1.50 -3.83
C LEU G 40 -22.88 -1.97 -4.32
N ASN G 41 -22.73 -2.08 -5.63
CA ASN G 41 -21.43 -2.46 -6.23
C ASN G 41 -20.51 -1.23 -6.34
N GLY G 42 -19.32 -1.43 -6.89
CA GLY G 42 -18.34 -0.36 -7.05
C GLY G 42 -18.33 0.38 -8.38
N ASN G 43 -19.35 0.18 -9.22
CA ASN G 43 -19.38 0.81 -10.55
C ASN G 43 -19.81 2.26 -10.43
N ASP G 44 -18.94 3.18 -10.84
CA ASP G 44 -19.28 4.60 -10.96
C ASP G 44 -19.56 5.06 -12.40
N TRP G 45 -19.25 4.22 -13.38
CA TRP G 45 -19.53 4.47 -14.80
C TRP G 45 -19.02 5.85 -15.26
N ALA G 46 -19.90 6.83 -15.53
CA ALA G 46 -19.47 8.16 -16.00
C ALA G 46 -19.09 9.15 -14.89
N LEU G 47 -19.40 8.82 -13.64
CA LEU G 47 -19.15 9.74 -12.55
C LEU G 47 -17.70 9.71 -12.07
N LEU G 48 -17.06 10.88 -12.10
CA LEU G 48 -15.76 11.09 -11.46
C LEU G 48 -15.94 11.20 -9.94
N PRO G 49 -14.85 11.02 -9.17
CA PRO G 49 -14.95 11.27 -7.73
C PRO G 49 -15.46 12.69 -7.44
N ALA G 50 -16.37 12.81 -6.48
CA ALA G 50 -16.98 14.09 -6.17
C ALA G 50 -16.07 14.94 -5.30
N LYS G 51 -16.01 16.24 -5.58
CA LYS G 51 -15.38 17.19 -4.66
C LYS G 51 -16.37 17.43 -3.51
N PRO G 52 -15.94 17.20 -2.24
CA PRO G 52 -16.88 17.20 -1.10
C PRO G 52 -17.63 18.53 -0.97
N SER G 53 -18.93 18.47 -0.73
CA SER G 53 -19.79 19.64 -0.87
C SER G 53 -19.85 20.51 0.38
N THR G 54 -20.16 21.79 0.16
CA THR G 54 -20.25 22.79 1.22
C THR G 54 -21.71 22.89 1.73
N LYS G 55 -21.89 22.58 3.01
CA LYS G 55 -23.21 22.56 3.66
C LYS G 55 -24.20 21.59 2.99
N VAL G 56 -23.96 20.32 3.27
CA VAL G 56 -24.90 19.24 3.05
C VAL G 56 -25.61 19.10 4.38
N LYS G 57 -26.92 18.84 4.36
CA LYS G 57 -27.67 18.62 5.59
C LYS G 57 -28.66 17.47 5.42
N VAL G 58 -28.63 16.53 6.37
CA VAL G 58 -29.55 15.40 6.39
C VAL G 58 -30.42 15.58 7.63
N SER G 59 -31.73 15.44 7.47
CA SER G 59 -32.65 15.54 8.58
C SER G 59 -33.78 14.54 8.50
N GLU G 60 -34.38 14.31 9.66
CA GLU G 60 -35.45 13.35 9.84
C GLU G 60 -36.69 14.09 10.29
N PHE G 61 -37.83 13.74 9.72
CA PHE G 61 -39.12 14.29 10.11
C PHE G 61 -39.93 13.13 10.69
N GLU G 62 -41.19 13.36 11.01
CA GLU G 62 -41.96 12.39 11.78
C GLU G 62 -42.06 11.07 11.02
N ASP G 63 -42.32 11.15 9.72
CA ASP G 63 -42.39 9.97 8.85
C ASP G 63 -41.30 9.89 7.76
N SER G 64 -40.75 11.03 7.36
CA SER G 64 -39.88 11.12 6.19
C SER G 64 -38.45 11.52 6.58
N ALA G 65 -37.56 11.53 5.58
CA ALA G 65 -36.22 12.08 5.73
C ALA G 65 -35.89 12.93 4.52
N ARG G 66 -34.95 13.86 4.71
CA ARG G 66 -34.55 14.82 3.68
C ARG G 66 -33.03 14.90 3.63
N ILE G 67 -32.50 15.05 2.42
CA ILE G 67 -31.09 15.46 2.21
C ILE G 67 -31.05 16.67 1.27
N VAL G 68 -30.35 17.72 1.70
CA VAL G 68 -30.20 18.96 0.95
C VAL G 68 -28.72 19.12 0.64
N ASN G 69 -28.43 19.47 -0.61
CA ASN G 69 -27.07 19.82 -1.00
C ASN G 69 -27.13 21.07 -1.87
N GLY G 70 -26.91 22.22 -1.24
CA GLY G 70 -27.03 23.51 -1.91
C GLY G 70 -28.44 23.66 -2.47
N ASN G 71 -28.54 23.80 -3.78
CA ASN G 71 -29.79 24.17 -4.44
C ASN G 71 -30.73 23.01 -4.78
N ILE G 72 -30.38 21.79 -4.37
CA ILE G 72 -31.26 20.64 -4.60
C ILE G 72 -31.53 19.95 -3.26
N SER G 73 -32.75 19.46 -3.10
CA SER G 73 -33.10 18.61 -1.97
C SER G 73 -33.87 17.40 -2.43
N ALA G 74 -33.64 16.27 -1.74
CA ALA G 74 -34.42 15.05 -1.94
C ALA G 74 -35.18 14.74 -0.66
N VAL G 75 -36.48 14.48 -0.78
CA VAL G 75 -37.33 14.06 0.31
C VAL G 75 -37.79 12.64 0.02
N VAL G 76 -37.57 11.75 0.98
CA VAL G 76 -38.03 10.38 0.91
C VAL G 76 -39.01 10.17 2.06
N ASN G 77 -40.23 9.78 1.72
CA ASN G 77 -41.26 9.55 2.75
C ASN G 77 -41.14 8.16 3.37
N GLY G 78 -42.01 7.87 4.34
CA GLY G 78 -41.97 6.61 5.07
C GLY G 78 -42.24 5.38 4.23
N ARG G 79 -42.90 5.58 3.10
CA ARG G 79 -43.12 4.53 2.11
C ARG G 79 -42.00 4.42 1.05
N GLY G 80 -40.88 5.12 1.26
CA GLY G 80 -39.73 5.04 0.37
C GLY G 80 -39.92 5.73 -0.96
N GLN G 81 -40.85 6.68 -1.02
CA GLN G 81 -41.15 7.41 -2.24
C GLN G 81 -40.39 8.74 -2.23
N LEU G 82 -39.81 9.08 -3.38
CA LEU G 82 -38.80 10.12 -3.50
C LEU G 82 -39.25 11.26 -4.41
N SER G 83 -38.97 12.50 -3.98
N SER G 83 -38.97 12.50 -3.98
CA SER G 83 -39.18 13.69 -4.79
CA SER G 83 -39.16 13.67 -4.81
C SER G 83 -38.02 14.64 -4.60
C SER G 83 -38.03 14.67 -4.58
N PHE G 84 -37.81 15.53 -5.57
CA PHE G 84 -36.71 16.50 -5.56
C PHE G 84 -37.27 17.92 -5.68
N TYR G 85 -36.62 18.86 -4.97
CA TYR G 85 -37.05 20.27 -4.94
C TYR G 85 -35.83 21.16 -5.08
N ASN G 86 -36.03 22.37 -5.61
CA ASN G 86 -34.95 23.37 -5.66
C ASN G 86 -34.90 24.20 -4.38
N GLN G 87 -33.96 25.15 -4.34
CA GLN G 87 -33.77 26.02 -3.16
C GLN G 87 -34.96 26.92 -2.83
N ASN G 88 -35.88 27.11 -3.78
CA ASN G 88 -37.14 27.82 -3.54
C ASN G 88 -38.28 26.93 -3.08
N GLY G 89 -38.02 25.64 -2.88
CA GLY G 89 -39.05 24.67 -2.52
C GLY G 89 -39.92 24.18 -3.68
N LYS G 90 -39.58 24.53 -4.92
CA LYS G 90 -40.40 24.13 -6.07
C LYS G 90 -40.10 22.69 -6.45
N LEU G 91 -41.12 21.95 -6.84
CA LEU G 91 -40.95 20.57 -7.28
C LEU G 91 -40.15 20.52 -8.60
N LEU G 92 -39.09 19.70 -8.60
CA LEU G 92 -38.30 19.44 -9.81
C LEU G 92 -38.76 18.16 -10.52
N LEU G 93 -38.88 17.10 -9.72
CA LEU G 93 -39.05 15.76 -10.24
C LEU G 93 -39.61 14.87 -9.14
N GLU G 94 -40.57 14.04 -9.51
CA GLU G 94 -41.35 13.28 -8.58
C GLU G 94 -41.40 11.84 -9.11
N GLU G 95 -41.09 10.86 -8.28
CA GLU G 95 -41.27 9.45 -8.63
C GLU G 95 -42.73 9.12 -8.97
N TYR G 96 -42.92 8.15 -9.86
CA TYR G 96 -44.25 7.68 -10.26
C TYR G 96 -44.52 6.35 -9.55
N TRP G 97 -45.52 6.35 -8.69
CA TRP G 97 -46.01 5.16 -7.98
C TRP G 97 -47.50 5.01 -8.27
N ARG G 98 -47.94 3.79 -8.52
CA ARG G 98 -49.35 3.47 -8.68
C ARG G 98 -49.60 2.11 -8.01
N THR G 99 -49.86 2.13 -6.70
CA THR G 99 -50.05 0.91 -5.90
C THR G 99 -51.10 1.14 -4.80
N ARG G 100 -51.61 0.05 -4.25
CA ARG G 100 -52.45 0.12 -3.05
C ARG G 100 -51.67 -0.17 -1.77
N PHE G 101 -50.47 -0.70 -1.93
CA PHE G 101 -49.69 -1.22 -0.82
C PHE G 101 -48.23 -1.12 -1.23
N VAL G 102 -47.42 -0.53 -0.36
CA VAL G 102 -46.05 -0.21 -0.69
C VAL G 102 -45.22 -0.11 0.61
N ALA G 103 -44.04 -0.71 0.60
CA ALA G 103 -43.17 -0.71 1.78
C ALA G 103 -43.89 -1.18 3.05
N GLY G 104 -44.72 -2.22 2.90
CA GLY G 104 -45.44 -2.82 4.00
C GLY G 104 -46.61 -2.02 4.56
N GLN G 105 -47.05 -1.00 3.83
CA GLN G 105 -48.09 -0.08 4.31
C GLN G 105 -49.12 0.17 3.23
N GLY G 106 -50.34 0.47 3.66
CA GLY G 106 -51.38 0.90 2.75
C GLY G 106 -51.01 2.23 2.14
N GLU G 107 -51.34 2.39 0.87
CA GLU G 107 -51.11 3.67 0.20
C GLU G 107 -52.24 4.62 0.63
N ASP G 108 -51.94 5.92 0.54
CA ASP G 108 -52.88 6.97 0.89
C ASP G 108 -53.90 7.17 -0.26
N THR G 109 -55.17 6.93 0.03
CA THR G 109 -56.23 7.06 -0.97
C THR G 109 -56.47 8.48 -1.48
N SER G 110 -55.99 9.50 -0.77
CA SER G 110 -56.09 10.87 -1.27
C SER G 110 -55.01 11.23 -2.31
N SER G 111 -54.01 10.36 -2.52
CA SER G 111 -52.90 10.61 -3.44
C SER G 111 -53.16 10.00 -4.81
N LYS G 112 -52.66 10.67 -5.86
CA LYS G 112 -52.58 10.09 -7.19
C LYS G 112 -51.75 8.79 -7.24
N TYR G 113 -50.88 8.59 -6.26
CA TYR G 113 -50.22 7.30 -6.06
C TYR G 113 -51.12 6.08 -5.75
N PHE G 114 -52.38 6.31 -5.35
CA PHE G 114 -53.26 5.20 -5.00
C PHE G 114 -53.88 4.59 -6.24
N SER G 115 -53.54 3.33 -6.50
CA SER G 115 -53.99 2.63 -7.70
C SER G 115 -53.81 1.11 -7.58
N PRO G 116 -54.82 0.34 -8.02
CA PRO G 116 -54.63 -1.10 -8.10
C PRO G 116 -53.70 -1.57 -9.26
N LEU G 117 -53.24 -0.66 -10.13
CA LEU G 117 -52.38 -1.06 -11.27
C LEU G 117 -51.08 -1.73 -10.84
N THR G 118 -50.50 -1.24 -9.74
CA THR G 118 -49.30 -1.82 -9.13
C THR G 118 -48.06 -1.63 -10.02
N HIS G 119 -47.70 -0.36 -10.24
CA HIS G 119 -46.43 0.02 -10.84
C HIS G 119 -45.60 0.70 -9.77
N GLU G 120 -44.34 0.29 -9.64
CA GLU G 120 -43.39 0.89 -8.73
C GLU G 120 -42.50 1.89 -9.46
N ALA G 121 -41.96 2.87 -8.73
CA ALA G 121 -41.06 3.87 -9.30
C ALA G 121 -39.67 3.32 -9.52
N ARG G 122 -39.25 2.37 -8.67
CA ARG G 122 -37.93 1.76 -8.82
C ARG G 122 -38.12 0.25 -8.97
N GLU G 123 -38.42 -0.19 -10.19
CA GLU G 123 -38.70 -1.61 -10.42
C GLU G 123 -37.43 -2.35 -10.81
N LEU G 124 -36.91 -3.17 -9.90
CA LEU G 124 -35.80 -4.08 -10.16
C LEU G 124 -36.41 -5.46 -10.30
N LYS G 125 -36.75 -5.81 -11.54
CA LYS G 125 -37.48 -7.02 -11.81
C LYS G 125 -36.45 -8.13 -12.00
N PRO G 126 -36.46 -9.17 -11.14
CA PRO G 126 -35.42 -10.20 -11.31
C PRO G 126 -35.51 -10.96 -12.63
N ILE G 127 -34.36 -11.14 -13.27
CA ILE G 127 -34.25 -12.00 -14.44
C ILE G 127 -33.88 -13.38 -13.89
N GLN G 128 -34.67 -14.39 -14.25
CA GLN G 128 -34.47 -15.73 -13.70
C GLN G 128 -33.07 -16.22 -14.02
N GLY G 129 -32.35 -16.60 -12.98
CA GLY G 129 -30.99 -17.11 -13.11
C GLY G 129 -29.94 -16.02 -13.22
N GLY G 130 -30.38 -14.76 -13.35
CA GLY G 130 -29.46 -13.66 -13.63
C GLY G 130 -29.72 -12.44 -12.78
N LYS G 131 -29.64 -11.28 -13.43
CA LYS G 131 -29.60 -10.00 -12.74
C LYS G 131 -31.00 -9.36 -12.73
N PHE G 132 -31.11 -8.07 -13.06
CA PHE G 132 -32.37 -7.35 -12.97
C PHE G 132 -32.65 -6.53 -14.23
N GLU G 133 -33.93 -6.50 -14.59
CA GLU G 133 -34.46 -5.61 -15.60
C GLU G 133 -35.06 -4.42 -14.85
N LEU G 134 -34.46 -3.25 -15.05
CA LEU G 134 -34.77 -2.06 -14.27
C LEU G 134 -35.70 -1.12 -15.03
N ARG G 135 -36.75 -0.64 -14.36
CA ARG G 135 -37.51 0.51 -14.83
C ARG G 135 -37.60 1.56 -13.74
N ALA G 136 -37.18 2.78 -14.06
CA ALA G 136 -37.28 3.93 -13.16
C ALA G 136 -38.34 4.86 -13.71
N ARG G 137 -39.41 5.03 -12.95
CA ARG G 137 -40.56 5.79 -13.40
C ARG G 137 -40.66 7.10 -12.64
N PHE G 138 -40.93 8.17 -13.37
CA PHE G 138 -41.17 9.51 -12.82
C PHE G 138 -42.45 10.07 -13.41
N GLU G 139 -43.14 10.89 -12.62
CA GLU G 139 -44.35 11.57 -13.12
C GLU G 139 -43.97 12.51 -14.26
N SER G 140 -44.80 12.57 -15.30
CA SER G 140 -44.63 13.59 -16.32
C SER G 140 -45.18 14.89 -15.77
N GLN G 141 -44.73 16.01 -16.33
CA GLN G 141 -45.25 17.32 -15.98
C GLN G 141 -45.70 18.02 -17.27
N PRO G 142 -46.91 18.60 -17.30
CA PRO G 142 -47.45 19.15 -18.56
C PRO G 142 -46.62 20.29 -19.17
N ASP G 143 -45.91 21.03 -18.32
CA ASP G 143 -45.10 22.19 -18.75
C ASP G 143 -43.60 21.87 -18.98
N GLU G 144 -43.21 20.59 -18.88
CA GLU G 144 -41.80 20.20 -18.93
C GLU G 144 -41.29 20.06 -20.37
N ARG G 145 -40.17 20.74 -20.65
CA ARG G 145 -39.44 20.64 -21.90
C ARG G 145 -38.09 19.99 -21.59
N ILE G 146 -37.66 19.08 -22.47
CA ILE G 146 -36.54 18.18 -22.17
C ILE G 146 -35.56 18.20 -23.34
N TYR G 147 -34.28 18.34 -23.01
CA TYR G 147 -33.21 18.46 -24.00
C TYR G 147 -32.04 17.56 -23.62
N GLY G 148 -31.17 17.30 -24.60
CA GLY G 148 -30.01 16.44 -24.43
C GLY G 148 -30.20 15.02 -24.95
N LEU G 149 -29.72 14.07 -24.15
CA LEU G 149 -29.82 12.62 -24.42
C LEU G 149 -28.84 12.06 -25.49
N GLY G 150 -28.21 12.95 -26.24
CA GLY G 150 -27.21 12.55 -27.22
C GLY G 150 -27.63 12.95 -28.62
N GLN G 151 -27.47 12.01 -29.55
CA GLN G 151 -27.59 12.29 -30.97
C GLN G 151 -28.61 11.35 -31.58
N TYR G 152 -29.79 11.86 -31.89
CA TYR G 152 -30.86 11.07 -32.46
C TYR G 152 -31.31 11.66 -33.81
N GLN G 153 -31.57 10.77 -34.77
CA GLN G 153 -31.93 11.17 -36.16
C GLN G 153 -33.42 11.50 -36.28
N GLN G 154 -33.77 12.67 -35.78
CA GLN G 154 -35.16 13.10 -35.63
C GLN G 154 -35.27 14.62 -35.50
N PRO G 155 -36.36 15.22 -36.03
CA PRO G 155 -36.50 16.67 -36.09
C PRO G 155 -37.12 17.29 -34.82
N PHE G 156 -36.55 16.96 -33.65
CA PHE G 156 -37.08 17.40 -32.37
C PHE G 156 -35.92 17.89 -31.52
N LEU G 157 -35.93 19.17 -31.17
CA LEU G 157 -34.95 19.66 -30.19
C LEU G 157 -35.47 19.28 -28.79
N ASN G 158 -36.60 19.86 -28.40
CA ASN G 158 -37.37 19.41 -27.23
C ASN G 158 -37.86 17.99 -27.49
N VAL G 159 -37.42 17.05 -26.65
CA VAL G 159 -37.78 15.63 -26.81
C VAL G 159 -38.89 15.15 -25.87
N LYS G 160 -39.59 16.08 -25.21
CA LYS G 160 -40.77 15.70 -24.44
C LYS G 160 -41.79 15.06 -25.39
N GLY G 161 -42.31 13.90 -25.01
CA GLY G 161 -43.21 13.14 -25.87
C GLY G 161 -42.53 12.16 -26.82
N CYS G 162 -41.19 12.19 -26.87
CA CYS G 162 -40.42 11.26 -27.69
C CYS G 162 -39.87 10.14 -26.84
N THR G 163 -39.60 9.02 -27.50
CA THR G 163 -38.96 7.88 -26.88
C THR G 163 -37.65 7.60 -27.62
N MET G 164 -36.56 7.49 -26.86
CA MET G 164 -35.22 7.30 -27.38
C MET G 164 -34.65 5.95 -26.95
N GLU G 165 -34.12 5.21 -27.93
CA GLU G 165 -33.43 3.97 -27.67
C GLU G 165 -32.08 4.28 -27.02
N LEU G 166 -31.80 3.62 -25.90
CA LEU G 166 -30.50 3.71 -25.25
C LEU G 166 -29.61 2.60 -25.82
N ALA G 167 -29.17 2.83 -27.05
CA ALA G 167 -28.28 1.94 -27.75
C ALA G 167 -27.45 2.73 -28.75
N GLN G 168 -26.32 2.14 -29.14
CA GLN G 168 -25.41 2.75 -30.10
C GLN G 168 -25.59 2.07 -31.46
N ARG G 169 -25.98 2.86 -32.47
CA ARG G 169 -26.06 2.44 -33.87
C ARG G 169 -25.47 3.57 -34.73
N ASN G 170 -24.92 3.20 -35.89
CA ASN G 170 -24.37 4.17 -36.86
C ASN G 170 -25.38 5.31 -37.11
N SER G 171 -24.94 6.54 -36.79
CA SER G 171 -25.73 7.81 -36.87
C SER G 171 -26.48 8.18 -35.60
N GLN G 172 -26.38 7.34 -34.56
CA GLN G 172 -27.04 7.57 -33.27
C GLN G 172 -26.01 7.45 -32.15
N ALA G 173 -26.09 8.31 -31.14
CA ALA G 173 -25.25 8.21 -29.96
C ALA G 173 -26.11 8.44 -28.71
N SER G 174 -26.17 7.44 -27.84
CA SER G 174 -26.83 7.56 -26.56
C SER G 174 -25.87 8.16 -25.55
N VAL G 175 -26.12 9.41 -25.17
CA VAL G 175 -25.32 10.15 -24.18
C VAL G 175 -26.34 10.65 -23.15
N PRO G 176 -26.66 9.81 -22.14
CA PRO G 176 -27.93 9.95 -21.44
C PRO G 176 -27.96 10.98 -20.28
N PHE G 177 -27.57 12.20 -20.61
CA PHE G 177 -27.78 13.37 -19.76
C PHE G 177 -28.88 14.23 -20.38
N MET G 178 -29.92 14.50 -19.57
CA MET G 178 -31.03 15.35 -19.95
C MET G 178 -31.06 16.63 -19.12
N MET G 179 -31.58 17.69 -19.73
CA MET G 179 -31.78 18.98 -19.08
C MET G 179 -33.26 19.32 -19.21
N SER G 180 -33.88 19.67 -18.10
CA SER G 180 -35.31 19.97 -18.03
C SER G 180 -35.53 21.46 -17.85
N SER G 181 -36.54 21.99 -18.53
CA SER G 181 -36.94 23.38 -18.30
C SER G 181 -37.43 23.64 -16.88
N LEU G 182 -37.76 22.60 -16.09
CA LEU G 182 -38.14 22.79 -14.69
C LEU G 182 -36.97 23.13 -13.76
N GLY G 183 -35.74 23.16 -14.29
CA GLY G 183 -34.57 23.62 -13.53
C GLY G 183 -33.68 22.54 -12.94
N TYR G 184 -33.67 21.35 -13.54
CA TYR G 184 -32.73 20.31 -13.15
C TYR G 184 -32.15 19.64 -14.41
N GLY G 185 -31.04 18.93 -14.18
CA GLY G 185 -30.47 18.00 -15.14
C GLY G 185 -30.31 16.65 -14.48
N MET G 186 -30.37 15.59 -15.28
CA MET G 186 -30.26 14.22 -14.80
C MET G 186 -29.43 13.36 -15.75
N LEU G 187 -28.45 12.64 -15.19
CA LEU G 187 -27.66 11.63 -15.90
C LEU G 187 -28.13 10.25 -15.47
N TRP G 188 -28.53 9.45 -16.43
CA TRP G 188 -28.79 8.03 -16.23
C TRP G 188 -27.43 7.36 -16.27
N ASN G 189 -26.87 7.08 -15.10
CA ASN G 189 -25.49 6.63 -14.97
C ASN G 189 -25.44 5.12 -15.05
N ASN G 190 -25.76 4.62 -16.24
CA ASN G 190 -25.97 3.20 -16.43
C ASN G 190 -25.85 2.90 -17.92
N PRO G 191 -24.85 2.09 -18.32
CA PRO G 191 -24.56 1.88 -19.74
C PRO G 191 -25.33 0.72 -20.38
N ALA G 192 -26.40 0.25 -19.74
CA ALA G 192 -27.17 -0.88 -20.26
C ALA G 192 -27.99 -0.48 -21.48
N ILE G 193 -28.18 -1.45 -22.36
CA ILE G 193 -29.13 -1.33 -23.46
C ILE G 193 -30.49 -1.10 -22.85
N GLY G 194 -31.25 -0.16 -23.41
CA GLY G 194 -32.60 0.05 -22.94
C GLY G 194 -33.31 1.15 -23.70
N GLU G 195 -34.02 1.99 -22.96
CA GLU G 195 -34.87 3.00 -23.56
C GLU G 195 -35.20 4.08 -22.52
N VAL G 196 -35.38 5.31 -23.00
CA VAL G 196 -35.97 6.37 -22.19
C VAL G 196 -37.20 6.92 -22.90
N SER G 197 -38.31 6.85 -22.19
CA SER G 197 -39.61 7.22 -22.70
C SER G 197 -40.09 8.45 -21.96
N PHE G 198 -40.06 9.63 -22.61
CA PHE G 198 -40.62 10.86 -22.03
C PHE G 198 -42.05 11.03 -22.50
N ALA G 199 -42.88 10.03 -22.27
CA ALA G 199 -44.26 10.05 -22.72
C ALA G 199 -45.05 11.09 -21.92
N ASN G 200 -46.13 11.58 -22.53
CA ASN G 200 -46.97 12.60 -21.89
C ASN G 200 -47.57 12.08 -20.56
N ASN G 201 -47.80 10.77 -20.47
CA ASN G 201 -48.45 10.17 -19.31
C ASN G 201 -47.54 9.69 -18.17
N VAL G 202 -46.24 9.48 -18.46
CA VAL G 202 -45.26 8.99 -17.50
C VAL G 202 -43.86 8.94 -18.15
N THR G 203 -42.83 9.29 -17.39
CA THR G 203 -41.43 9.15 -17.82
C THR G 203 -40.89 7.82 -17.34
N THR G 204 -40.35 6.99 -18.24
CA THR G 204 -39.76 5.69 -17.87
C THR G 204 -38.35 5.54 -18.45
N TRP G 205 -37.37 5.28 -17.57
CA TRP G 205 -36.01 4.88 -17.96
C TRP G 205 -35.93 3.39 -17.77
N MET G 206 -35.41 2.69 -18.77
CA MET G 206 -35.35 1.23 -18.73
C MET G 206 -33.95 0.74 -19.05
N ALA G 207 -33.49 -0.26 -18.29
CA ALA G 207 -32.24 -0.99 -18.51
C ALA G 207 -32.58 -2.46 -18.62
N ARG G 208 -32.17 -3.10 -19.71
CA ARG G 208 -32.56 -4.49 -19.97
C ARG G 208 -31.92 -5.46 -18.99
N VAL G 209 -30.67 -5.20 -18.63
CA VAL G 209 -29.94 -6.02 -17.67
C VAL G 209 -29.07 -5.07 -16.86
N THR G 210 -29.22 -5.10 -15.54
CA THR G 210 -28.38 -4.30 -14.65
C THR G 210 -28.34 -4.89 -13.23
N GLU G 211 -27.31 -4.50 -12.48
CA GLU G 211 -27.21 -4.82 -11.05
C GLU G 211 -27.96 -3.85 -10.13
N GLN G 212 -28.09 -2.58 -10.54
CA GLN G 212 -28.60 -1.53 -9.67
C GLN G 212 -29.00 -0.28 -10.46
N LEU G 213 -29.96 0.45 -9.89
CA LEU G 213 -30.32 1.79 -10.31
C LEU G 213 -29.22 2.77 -9.89
N ASP G 214 -28.91 3.70 -10.77
CA ASP G 214 -27.87 4.69 -10.52
C ASP G 214 -28.16 5.88 -11.42
N TYR G 215 -28.41 7.03 -10.81
CA TYR G 215 -28.50 8.29 -11.53
C TYR G 215 -27.95 9.45 -10.73
N TRP G 216 -27.70 10.55 -11.43
CA TRP G 216 -27.14 11.77 -10.86
C TRP G 216 -28.03 12.93 -11.29
N ILE G 217 -28.38 13.77 -10.31
CA ILE G 217 -29.36 14.85 -10.52
C ILE G 217 -28.79 16.13 -9.94
N THR G 218 -28.99 17.23 -10.67
CA THR G 218 -28.38 18.51 -10.33
C THR G 218 -29.41 19.62 -10.57
N ALA G 219 -29.33 20.70 -9.80
CA ALA G 219 -30.27 21.80 -9.94
C ALA G 219 -29.54 23.14 -10.01
N ALA G 220 -30.06 24.05 -10.82
CA ALA G 220 -29.59 25.43 -10.84
C ALA G 220 -30.62 26.28 -11.55
N ASP G 221 -30.48 27.60 -11.40
CA ASP G 221 -31.44 28.53 -11.98
C ASP G 221 -31.27 28.76 -13.48
N THR G 222 -30.09 28.44 -14.02
CA THR G 222 -29.82 28.64 -15.45
C THR G 222 -29.29 27.36 -16.12
N PRO G 223 -29.56 27.18 -17.42
CA PRO G 223 -28.91 26.10 -18.18
C PRO G 223 -27.37 26.09 -18.10
N ALA G 224 -26.75 27.27 -18.15
CA ALA G 224 -25.28 27.34 -18.07
C ALA G 224 -24.72 26.73 -16.79
N GLU G 225 -25.38 26.96 -15.65
CA GLU G 225 -24.96 26.35 -14.39
C GLU G 225 -25.14 24.82 -14.41
N ILE G 226 -26.22 24.35 -15.02
CA ILE G 226 -26.45 22.90 -15.13
C ILE G 226 -25.33 22.25 -15.96
N SER G 227 -25.02 22.84 -17.11
CA SER G 227 -23.94 22.35 -17.97
C SER G 227 -22.61 22.34 -17.23
N GLN G 228 -22.35 23.38 -16.42
CA GLN G 228 -21.10 23.45 -15.65
C GLN G 228 -21.06 22.34 -14.62
N GLN G 229 -22.18 22.12 -13.94
CA GLN G 229 -22.28 21.10 -12.91
C GLN G 229 -22.11 19.69 -13.53
N TYR G 230 -22.71 19.45 -14.70
CA TYR G 230 -22.54 18.18 -15.39
C TYR G 230 -21.07 17.90 -15.80
N ALA G 231 -20.41 18.93 -16.33
CA ALA G 231 -19.00 18.82 -16.73
C ALA G 231 -18.12 18.54 -15.52
N ALA G 232 -18.43 19.16 -14.39
CA ALA G 232 -17.71 18.87 -13.14
C ALA G 232 -17.93 17.42 -12.71
N ALA G 233 -19.14 16.89 -12.87
CA ALA G 233 -19.43 15.49 -12.52
C ALA G 233 -18.79 14.43 -13.44
N THR G 234 -18.71 14.71 -14.74
CA THR G 234 -18.29 13.70 -15.74
C THR G 234 -17.01 14.03 -16.51
N GLY G 235 -16.46 15.22 -16.31
CA GLY G 235 -15.22 15.60 -16.97
C GLY G 235 -15.45 16.68 -18.02
N ALA G 236 -14.51 17.60 -18.06
CA ALA G 236 -14.48 18.68 -19.02
C ALA G 236 -13.89 18.22 -20.35
N ALA G 237 -14.35 18.81 -21.44
CA ALA G 237 -13.60 18.72 -22.70
C ALA G 237 -12.21 19.30 -22.44
N PRO G 238 -11.15 18.73 -23.08
CA PRO G 238 -9.85 19.43 -23.04
C PRO G 238 -9.93 20.74 -23.83
N MET G 239 -8.85 21.51 -23.83
CA MET G 239 -8.73 22.63 -24.76
C MET G 239 -8.51 22.08 -26.18
N LEU G 240 -9.28 22.59 -27.13
CA LEU G 240 -9.17 22.19 -28.54
C LEU G 240 -7.83 22.73 -29.11
N PRO G 241 -7.08 21.89 -29.85
CA PRO G 241 -5.86 22.42 -30.50
C PRO G 241 -6.22 23.36 -31.64
N ASP G 242 -5.42 24.39 -31.86
CA ASP G 242 -5.69 25.36 -32.94
C ASP G 242 -6.04 24.75 -34.29
N TYR G 243 -5.30 23.73 -34.72
CA TYR G 243 -5.52 23.11 -36.04
C TYR G 243 -6.95 22.60 -36.27
N ALA G 244 -7.61 22.15 -35.20
CA ALA G 244 -8.97 21.63 -35.32
C ALA G 244 -10.04 22.67 -35.69
N ALA G 245 -9.73 23.96 -35.53
CA ALA G 245 -10.65 25.04 -35.89
C ALA G 245 -10.58 25.49 -37.34
N GLY G 246 -9.61 24.98 -38.10
CA GLY G 246 -9.50 25.26 -39.51
C GLY G 246 -10.35 24.29 -40.33
N PHE G 247 -10.11 24.23 -41.63
CA PHE G 247 -10.91 23.39 -42.55
C PHE G 247 -10.38 21.96 -42.60
N TRP G 248 -11.29 20.99 -42.47
CA TRP G 248 -11.01 19.56 -42.62
C TRP G 248 -11.56 19.08 -43.95
N GLN G 249 -10.67 18.57 -44.82
CA GLN G 249 -11.01 18.08 -46.17
C GLN G 249 -10.95 16.56 -46.16
N CYS G 250 -12.04 15.93 -46.57
CA CYS G 250 -12.13 14.49 -46.57
C CYS G 250 -13.11 14.04 -47.65
N LYS G 251 -12.95 12.80 -48.06
CA LYS G 251 -13.94 12.10 -48.88
C LYS G 251 -13.77 10.61 -48.69
N LEU G 252 -14.80 9.87 -49.09
CA LEU G 252 -14.70 8.43 -49.26
C LEU G 252 -14.37 8.19 -50.74
N ARG G 253 -13.12 7.87 -51.10
CA ARG G 253 -11.93 7.85 -50.26
C ARG G 253 -10.76 8.20 -51.16
N TYR G 254 -9.75 8.87 -50.60
CA TYR G 254 -8.50 9.04 -51.33
C TYR G 254 -7.80 7.68 -51.28
N ARG G 255 -7.66 7.05 -52.45
CA ARG G 255 -7.25 5.64 -52.57
C ARG G 255 -5.73 5.43 -52.52
N THR G 256 -4.97 6.48 -52.83
CA THR G 256 -3.53 6.37 -52.88
C THR G 256 -2.92 7.63 -52.29
N GLN G 257 -1.67 7.49 -51.85
CA GLN G 257 -0.83 8.61 -51.43
C GLN G 257 -0.80 9.75 -52.44
N ASP G 258 -0.63 9.42 -53.72
CA ASP G 258 -0.62 10.41 -54.80
C ASP G 258 -1.96 11.13 -54.93
N GLU G 259 -3.07 10.39 -54.81
CA GLU G 259 -4.38 11.02 -54.93
C GLU G 259 -4.63 12.06 -53.83
N LEU G 260 -4.34 11.66 -52.60
CA LEU G 260 -4.48 12.54 -51.44
C LEU G 260 -3.61 13.78 -51.58
N MET G 261 -2.34 13.58 -51.91
CA MET G 261 -1.38 14.67 -52.05
C MET G 261 -1.72 15.63 -53.20
N GLU G 262 -2.31 15.10 -54.27
CA GLU G 262 -2.79 15.96 -55.35
C GLU G 262 -3.88 16.93 -54.88
N VAL G 263 -4.77 16.46 -54.00
CA VAL G 263 -5.80 17.32 -53.41
C VAL G 263 -5.17 18.37 -52.52
N ALA G 264 -4.27 17.95 -51.62
CA ALA G 264 -3.58 18.89 -50.73
C ALA G 264 -2.80 19.95 -51.51
N ARG G 265 -2.08 19.52 -52.55
CA ARG G 265 -1.32 20.45 -53.42
C ARG G 265 -2.22 21.45 -54.15
N GLU G 266 -3.39 21.00 -54.58
CA GLU G 266 -4.34 21.90 -55.23
C GLU G 266 -4.89 22.99 -54.29
N TYR G 267 -5.19 22.64 -53.03
CA TYR G 267 -5.61 23.63 -52.03
C TYR G 267 -4.52 24.67 -51.86
N LYS G 268 -3.29 24.21 -51.70
CA LYS G 268 -2.14 25.12 -51.53
C LYS G 268 -1.86 25.98 -52.76
N ARG G 269 -1.89 25.35 -53.94
CA ARG G 269 -1.72 26.03 -55.23
C ARG G 269 -2.67 27.23 -55.39
N ARG G 270 -3.90 27.09 -54.89
CA ARG G 270 -4.95 28.12 -55.05
C ARG G 270 -5.12 29.01 -53.82
N SER G 271 -4.19 28.91 -52.87
CA SER G 271 -4.22 29.71 -51.64
C SER G 271 -5.56 29.57 -50.91
N LEU G 272 -6.00 28.32 -50.76
CA LEU G 272 -7.23 27.99 -50.04
C LEU G 272 -6.86 27.50 -48.64
N PRO G 273 -7.69 27.84 -47.64
CA PRO G 273 -7.46 27.30 -46.31
C PRO G 273 -7.65 25.79 -46.26
N ILE G 274 -6.73 25.12 -45.59
CA ILE G 274 -6.85 23.71 -45.32
C ILE G 274 -5.97 23.41 -44.11
N SER G 275 -6.57 22.87 -43.06
CA SER G 275 -5.85 22.54 -41.85
C SER G 275 -5.62 21.03 -41.65
N VAL G 276 -6.59 20.20 -42.04
CA VAL G 276 -6.52 18.75 -41.88
C VAL G 276 -6.98 18.14 -43.19
N ILE G 277 -6.25 17.11 -43.66
CA ILE G 277 -6.69 16.28 -44.78
C ILE G 277 -6.70 14.84 -44.27
N VAL G 278 -7.53 14.00 -44.86
CA VAL G 278 -7.88 12.72 -44.27
C VAL G 278 -7.75 11.54 -45.23
N ALA G 279 -7.12 10.46 -44.76
CA ALA G 279 -7.10 9.17 -45.45
C ALA G 279 -8.20 8.29 -44.87
N ASP G 280 -9.25 8.06 -45.66
CA ASP G 280 -10.40 7.25 -45.23
C ASP G 280 -10.01 5.76 -45.20
N PHE G 281 -10.98 4.95 -44.80
CA PHE G 281 -10.84 3.53 -44.61
C PHE G 281 -10.32 2.72 -45.81
N PHE G 282 -9.83 1.53 -45.48
CA PHE G 282 -9.31 0.55 -46.43
C PHE G 282 -8.10 1.04 -47.21
N HIS G 283 -7.29 1.88 -46.53
CA HIS G 283 -5.93 2.23 -46.95
C HIS G 283 -4.92 1.19 -46.47
N TRP G 284 -5.42 0.11 -45.85
CA TRP G 284 -4.61 -0.85 -45.12
C TRP G 284 -4.61 -2.17 -45.86
N PRO G 285 -3.62 -3.05 -45.57
CA PRO G 285 -3.61 -4.37 -46.24
C PRO G 285 -4.80 -5.24 -45.85
N ASN G 286 -5.08 -5.31 -44.55
CA ASN G 286 -6.27 -6.00 -44.06
C ASN G 286 -6.77 -5.32 -42.77
N GLN G 287 -8.02 -5.59 -42.42
CA GLN G 287 -8.61 -5.05 -41.20
C GLN G 287 -7.89 -5.67 -39.99
N GLY G 288 -7.42 -4.83 -39.09
CA GLY G 288 -6.67 -5.27 -37.93
C GLY G 288 -5.16 -5.20 -38.08
N ASP G 289 -4.67 -4.75 -39.24
CA ASP G 289 -3.23 -4.46 -39.42
C ASP G 289 -2.86 -3.08 -38.91
N TRP G 290 -3.80 -2.13 -39.00
CA TRP G 290 -3.60 -0.74 -38.55
C TRP G 290 -2.28 -0.14 -39.07
N CYS G 291 -2.12 -0.22 -40.39
CA CYS G 291 -0.98 0.37 -41.08
C CYS G 291 -1.34 0.66 -42.53
N PHE G 292 -0.52 1.51 -43.16
CA PHE G 292 -0.67 1.78 -44.59
C PHE G 292 -0.28 0.56 -45.44
N ASP G 293 -1.07 0.32 -46.48
CA ASP G 293 -0.71 -0.64 -47.52
C ASP G 293 0.26 0.06 -48.47
N THR G 294 1.53 -0.35 -48.46
CA THR G 294 2.56 0.37 -49.24
C THR G 294 2.43 0.23 -50.77
N ARG G 295 1.59 -0.69 -51.24
CA ARG G 295 1.29 -0.76 -52.68
C ARG G 295 0.57 0.50 -53.17
N GLU G 296 -0.30 1.08 -52.34
CA GLU G 296 -0.99 2.34 -52.64
C GLU G 296 -0.45 3.55 -51.87
N TRP G 297 0.29 3.32 -50.80
CA TRP G 297 0.86 4.39 -49.99
C TRP G 297 2.35 4.09 -49.80
N PRO G 298 3.17 4.32 -50.86
CA PRO G 298 4.55 3.81 -50.84
C PRO G 298 5.51 4.43 -49.84
N ASP G 299 5.26 5.66 -49.40
CA ASP G 299 6.15 6.34 -48.45
C ASP G 299 5.33 7.24 -47.53
N PRO G 300 4.62 6.62 -46.55
CA PRO G 300 3.78 7.41 -45.65
C PRO G 300 4.53 8.57 -44.99
N LYS G 301 5.78 8.34 -44.60
CA LYS G 301 6.55 9.39 -43.94
C LYS G 301 6.79 10.61 -44.84
N ALA G 302 7.07 10.37 -46.12
CA ALA G 302 7.22 11.45 -47.11
C ALA G 302 5.92 12.26 -47.29
N MET G 303 4.78 11.57 -47.28
CA MET G 303 3.46 12.23 -47.30
C MET G 303 3.30 13.15 -46.08
N ILE G 304 3.49 12.60 -44.88
CA ILE G 304 3.35 13.36 -43.63
C ILE G 304 4.31 14.55 -43.59
N ASP G 305 5.53 14.35 -44.07
CA ASP G 305 6.53 15.41 -44.12
C ASP G 305 6.15 16.53 -45.09
N GLU G 306 5.66 16.19 -46.27
CA GLU G 306 5.26 17.20 -47.23
C GLU G 306 4.03 17.97 -46.71
N LEU G 307 3.08 17.27 -46.11
CA LEU G 307 1.91 17.94 -45.52
C LEU G 307 2.34 18.86 -44.37
N LYS G 308 3.31 18.43 -43.56
CA LYS G 308 3.85 19.28 -42.50
C LYS G 308 4.48 20.54 -43.06
N GLU G 309 5.20 20.43 -44.19
CA GLU G 309 5.73 21.60 -44.90
C GLU G 309 4.63 22.55 -45.33
N MET G 310 3.51 21.97 -45.76
CA MET G 310 2.35 22.75 -46.19
C MET G 310 1.51 23.32 -45.03
N GLY G 311 1.79 22.94 -43.79
CA GLY G 311 0.97 23.37 -42.65
C GLY G 311 -0.33 22.60 -42.48
N ILE G 312 -0.33 21.31 -42.86
CA ILE G 312 -1.52 20.47 -42.86
C ILE G 312 -1.25 19.23 -42.01
N GLU G 313 -2.21 18.89 -41.16
CA GLU G 313 -2.20 17.64 -40.41
C GLU G 313 -2.92 16.53 -41.19
N LEU G 314 -2.39 15.32 -41.12
CA LEU G 314 -3.04 14.16 -41.72
C LEU G 314 -3.79 13.38 -40.63
N MET G 315 -5.07 13.09 -40.85
CA MET G 315 -5.83 12.16 -40.02
C MET G 315 -5.99 10.86 -40.77
N VAL G 316 -5.91 9.73 -40.07
CA VAL G 316 -6.13 8.42 -40.70
C VAL G 316 -7.29 7.66 -40.08
N SER G 317 -8.03 6.94 -40.93
CA SER G 317 -9.10 6.04 -40.51
C SER G 317 -8.54 4.91 -39.63
N ILE G 318 -9.20 4.70 -38.49
CA ILE G 318 -9.05 3.51 -37.67
C ILE G 318 -10.39 2.78 -37.69
N TRP G 319 -10.36 1.50 -38.06
CA TRP G 319 -11.47 0.60 -37.87
C TRP G 319 -11.15 -0.31 -36.67
N PRO G 320 -12.14 -0.56 -35.79
CA PRO G 320 -11.95 -1.42 -34.64
C PRO G 320 -12.10 -2.91 -34.99
N THR G 321 -12.16 -3.22 -36.28
CA THR G 321 -12.37 -4.56 -36.78
C THR G 321 -11.03 -5.31 -36.86
N VAL G 322 -11.08 -6.62 -36.65
CA VAL G 322 -9.91 -7.47 -36.81
C VAL G 322 -10.30 -8.66 -37.67
N ASP G 323 -9.75 -8.71 -38.88
CA ASP G 323 -10.00 -9.80 -39.82
C ASP G 323 -9.30 -11.05 -39.29
N ASN G 324 -10.02 -12.16 -39.33
CA ASN G 324 -9.55 -13.40 -38.74
C ASN G 324 -8.37 -14.07 -39.46
N ARG G 325 -7.94 -13.52 -40.61
CA ARG G 325 -6.73 -13.98 -41.29
C ARG G 325 -5.46 -13.23 -40.86
N THR G 326 -5.57 -12.20 -40.02
CA THR G 326 -4.41 -11.35 -39.72
C THR G 326 -3.61 -11.85 -38.51
N GLU G 327 -2.38 -11.36 -38.43
CA GLU G 327 -1.48 -11.68 -37.33
C GLU G 327 -2.06 -11.15 -36.01
N ASN G 328 -2.57 -9.92 -36.03
CA ASN G 328 -3.18 -9.33 -34.84
C ASN G 328 -4.40 -10.12 -34.34
N TYR G 329 -5.19 -10.70 -35.23
CA TYR G 329 -6.30 -11.55 -34.78
C TYR G 329 -5.82 -12.70 -33.90
N LYS G 330 -4.78 -13.39 -34.37
CA LYS G 330 -4.19 -14.51 -33.62
C LYS G 330 -3.70 -14.09 -32.23
N ILE G 331 -2.97 -12.98 -32.16
CA ILE G 331 -2.41 -12.49 -30.89
C ILE G 331 -3.53 -11.98 -29.94
N MET G 332 -4.47 -11.23 -30.51
CA MET G 332 -5.62 -10.71 -29.75
C MET G 332 -6.59 -11.79 -29.31
N LYS G 333 -6.78 -12.83 -30.13
CA LYS G 333 -7.56 -13.98 -29.70
C LYS G 333 -6.81 -14.72 -28.57
N GLU G 334 -5.50 -14.90 -28.68
CA GLU G 334 -4.69 -15.51 -27.60
C GLU G 334 -4.91 -14.78 -26.26
N LYS G 335 -4.84 -13.46 -26.30
CA LYS G 335 -4.92 -12.61 -25.12
C LYS G 335 -6.33 -12.32 -24.63
N GLY G 336 -7.35 -12.69 -25.40
CA GLY G 336 -8.75 -12.43 -25.04
C GLY G 336 -9.16 -10.97 -25.22
N TYR G 337 -8.63 -10.33 -26.25
CA TYR G 337 -8.81 -8.89 -26.48
C TYR G 337 -9.93 -8.58 -27.47
N LEU G 338 -10.69 -9.59 -27.88
CA LEU G 338 -11.76 -9.45 -28.86
C LEU G 338 -13.12 -9.61 -28.22
N VAL G 339 -14.09 -8.90 -28.80
CA VAL G 339 -15.51 -9.06 -28.49
C VAL G 339 -15.92 -10.51 -28.80
N LYS G 340 -16.90 -11.03 -28.06
CA LYS G 340 -17.39 -12.40 -28.26
C LYS G 340 -18.86 -12.46 -28.63
N ALA G 341 -19.18 -13.34 -29.58
CA ALA G 341 -20.55 -13.69 -29.90
C ALA G 341 -21.00 -14.77 -28.91
N GLU G 342 -22.19 -14.59 -28.35
CA GLU G 342 -22.76 -15.53 -27.38
C GLU G 342 -23.15 -16.83 -28.08
N ARG G 343 -23.73 -16.71 -29.28
CA ARG G 343 -24.15 -17.83 -30.09
C ARG G 343 -23.82 -17.61 -31.58
N GLY G 344 -23.67 -18.69 -32.33
CA GLY G 344 -23.43 -18.62 -33.77
C GLY G 344 -21.98 -18.36 -34.09
N VAL G 345 -21.69 -18.18 -35.38
CA VAL G 345 -20.32 -18.01 -35.86
C VAL G 345 -19.65 -16.84 -35.13
N PRO G 346 -18.37 -17.01 -34.75
CA PRO G 346 -17.68 -15.98 -33.94
C PRO G 346 -17.22 -14.84 -34.83
N VAL G 347 -18.20 -14.13 -35.39
CA VAL G 347 -17.97 -13.05 -36.36
C VAL G 347 -18.94 -11.94 -36.00
N THR G 348 -18.45 -10.73 -35.79
CA THR G 348 -19.28 -9.59 -35.42
C THR G 348 -19.66 -8.69 -36.61
N MET G 349 -18.85 -8.73 -37.67
CA MET G 349 -19.11 -7.93 -38.87
C MET G 349 -18.58 -8.63 -40.10
N THR G 350 -19.32 -8.54 -41.20
CA THR G 350 -18.95 -9.21 -42.45
C THR G 350 -18.55 -8.23 -43.57
N PHE G 351 -18.25 -6.98 -43.24
CA PHE G 351 -17.96 -5.97 -44.26
C PHE G 351 -16.53 -6.13 -44.77
N LEU G 352 -16.43 -6.49 -46.06
CA LEU G 352 -15.17 -6.75 -46.75
C LEU G 352 -14.26 -7.81 -46.11
N GLY G 353 -14.88 -8.75 -45.40
CA GLY G 353 -14.19 -9.79 -44.66
C GLY G 353 -14.90 -10.13 -43.36
N ASN G 354 -14.57 -11.30 -42.80
CA ASN G 354 -15.11 -11.72 -41.50
C ASN G 354 -14.26 -11.15 -40.39
N THR G 355 -14.82 -10.19 -39.65
CA THR G 355 -14.06 -9.52 -38.59
C THR G 355 -14.71 -9.64 -37.24
N THR G 356 -13.88 -9.43 -36.20
CA THR G 356 -14.31 -9.36 -34.82
C THR G 356 -13.80 -8.02 -34.27
N PHE G 357 -14.67 -7.28 -33.59
CA PHE G 357 -14.27 -6.00 -32.99
C PHE G 357 -13.33 -6.22 -31.81
N PHE G 358 -12.34 -5.34 -31.66
CA PHE G 358 -11.56 -5.34 -30.43
C PHE G 358 -12.46 -4.86 -29.29
N ASP G 359 -12.17 -5.33 -28.10
CA ASP G 359 -12.99 -5.01 -26.95
C ASP G 359 -12.48 -3.73 -26.29
N ALA G 360 -13.16 -2.63 -26.58
CA ALA G 360 -12.83 -1.32 -26.00
C ALA G 360 -13.09 -1.19 -24.50
N THR G 361 -13.81 -2.15 -23.90
CA THR G 361 -14.00 -2.20 -22.43
C THR G 361 -12.91 -3.01 -21.70
N HIS G 362 -12.00 -3.63 -22.46
CA HIS G 362 -10.91 -4.43 -21.91
C HIS G 362 -9.70 -3.51 -21.90
N PRO G 363 -9.15 -3.17 -20.71
CA PRO G 363 -8.00 -2.26 -20.67
C PRO G 363 -6.76 -2.74 -21.45
N GLY G 364 -6.49 -4.03 -21.41
CA GLY G 364 -5.44 -4.62 -22.22
C GLY G 364 -5.64 -4.49 -23.72
N ALA G 365 -6.89 -4.64 -24.17
CA ALA G 365 -7.19 -4.50 -25.59
C ALA G 365 -7.00 -3.06 -26.06
N ARG G 366 -7.46 -2.10 -25.26
CA ARG G 366 -7.24 -0.68 -25.54
C ARG G 366 -5.77 -0.36 -25.78
N LYS G 367 -4.94 -0.79 -24.83
CA LYS G 367 -3.49 -0.60 -24.88
C LYS G 367 -2.87 -1.28 -26.10
N TYR G 368 -3.31 -2.51 -26.40
CA TYR G 368 -2.79 -3.26 -27.55
C TYR G 368 -3.08 -2.50 -28.86
N VAL G 369 -4.32 -2.08 -29.06
CA VAL G 369 -4.71 -1.39 -30.30
C VAL G 369 -3.99 -0.06 -30.43
N TRP G 370 -3.93 0.70 -29.33
CA TRP G 370 -3.20 1.97 -29.33
C TRP G 370 -1.73 1.75 -29.76
N GLU G 371 -1.08 0.75 -29.18
CA GLU G 371 0.34 0.49 -29.48
C GLU G 371 0.58 0.11 -30.95
N GLN G 372 -0.38 -0.56 -31.58
CA GLN G 372 -0.34 -0.78 -33.04
C GLN G 372 -0.44 0.54 -33.80
N ALA G 373 -1.43 1.35 -33.46
CA ALA G 373 -1.57 2.69 -34.05
C ALA G 373 -0.36 3.59 -33.76
N LYS G 374 0.26 3.43 -32.60
CA LYS G 374 1.43 4.23 -32.25
C LYS G 374 2.63 3.88 -33.14
N LYS G 375 2.90 2.58 -33.26
CA LYS G 375 4.00 2.06 -34.07
C LYS G 375 3.85 2.45 -35.55
N ASN G 376 2.66 2.29 -36.09
CA ASN G 376 2.42 2.40 -37.54
C ASN G 376 1.95 3.77 -38.02
N TYR G 377 1.52 4.64 -37.12
CA TYR G 377 0.95 5.94 -37.48
C TYR G 377 1.50 7.08 -36.62
N HIS G 378 1.32 6.99 -35.29
CA HIS G 378 1.69 8.11 -34.39
C HIS G 378 3.20 8.39 -34.41
N ASP G 379 4.01 7.32 -34.38
CA ASP G 379 5.48 7.48 -34.48
C ASP G 379 5.94 8.19 -35.76
N LEU G 380 5.15 8.13 -36.84
CA LEU G 380 5.49 8.85 -38.08
C LEU G 380 5.04 10.32 -38.13
N GLY G 381 4.24 10.76 -37.17
CA GLY G 381 3.73 12.14 -37.13
C GLY G 381 2.24 12.35 -37.42
N ILE G 382 1.46 11.27 -37.43
CA ILE G 382 0.00 11.39 -37.46
C ILE G 382 -0.45 11.56 -36.00
N LYS G 383 -1.09 12.67 -35.68
CA LYS G 383 -1.58 12.92 -34.32
C LYS G 383 -3.08 13.21 -34.21
N ILE G 384 -3.83 12.83 -35.24
CA ILE G 384 -5.30 12.86 -35.21
C ILE G 384 -5.75 11.52 -35.79
N PHE G 385 -6.63 10.83 -35.06
CA PHE G 385 -7.17 9.56 -35.50
C PHE G 385 -8.68 9.63 -35.70
N TRP G 386 -9.14 8.96 -36.75
CA TRP G 386 -10.53 8.90 -37.13
C TRP G 386 -11.06 7.58 -36.60
N LEU G 387 -11.64 7.61 -35.41
CA LEU G 387 -12.10 6.41 -34.72
C LEU G 387 -13.51 6.08 -35.21
N ASP G 388 -13.55 5.42 -36.37
CA ASP G 388 -14.79 5.10 -37.08
C ASP G 388 -15.40 3.81 -36.51
N GLU G 389 -16.66 3.55 -36.85
CA GLU G 389 -17.37 2.34 -36.45
C GLU G 389 -17.40 2.21 -34.92
N ALA G 390 -17.56 3.35 -34.25
CA ALA G 390 -17.34 3.44 -32.80
C ALA G 390 -18.45 2.88 -31.91
N GLU G 391 -19.49 2.29 -32.49
CA GLU G 391 -20.67 1.86 -31.73
C GLU G 391 -20.50 0.58 -30.86
N PRO G 392 -19.95 -0.54 -31.36
CA PRO G 392 -19.47 -0.73 -32.73
C PRO G 392 -20.57 -1.17 -33.69
N GLU G 393 -20.31 -1.01 -34.99
CA GLU G 393 -21.31 -1.29 -36.02
C GLU G 393 -21.38 -2.79 -36.35
N TYR G 394 -22.02 -3.52 -35.44
CA TYR G 394 -22.40 -4.92 -35.70
C TYR G 394 -23.14 -5.01 -37.04
N SER G 395 -22.86 -6.05 -37.82
CA SER G 395 -23.63 -6.29 -39.05
C SER G 395 -25.11 -6.49 -38.74
N VAL G 396 -25.41 -7.09 -37.60
CA VAL G 396 -26.77 -7.22 -37.10
C VAL G 396 -26.76 -6.76 -35.63
N TYR G 397 -27.60 -5.78 -35.30
CA TYR G 397 -27.61 -5.17 -33.97
C TYR G 397 -28.37 -6.04 -32.95
N ASP G 398 -27.96 -7.29 -32.82
CA ASP G 398 -28.58 -8.23 -31.89
C ASP G 398 -27.77 -8.14 -30.59
N PHE G 399 -28.07 -7.11 -29.80
CA PHE G 399 -27.26 -6.79 -28.59
C PHE G 399 -27.14 -7.95 -27.59
N GLU G 400 -28.23 -8.70 -27.45
CA GLU G 400 -28.28 -9.92 -26.65
C GLU G 400 -27.23 -11.01 -27.01
N ASN G 401 -26.72 -10.97 -28.25
CA ASN G 401 -25.80 -11.98 -28.73
C ASN G 401 -24.32 -11.63 -28.58
N TYR G 402 -23.97 -10.56 -27.87
CA TYR G 402 -22.57 -10.17 -27.74
C TYR G 402 -22.20 -9.88 -26.28
N ARG G 403 -20.94 -10.15 -25.95
CA ARG G 403 -20.43 -9.99 -24.60
C ARG G 403 -19.08 -9.31 -24.64
N TYR G 404 -18.89 -8.39 -23.69
CA TYR G 404 -17.64 -7.67 -23.50
C TYR G 404 -16.99 -8.13 -22.22
N HIS G 405 -15.74 -7.70 -22.04
CA HIS G 405 -14.94 -7.86 -20.84
C HIS G 405 -15.68 -7.45 -19.57
N LEU G 406 -16.37 -6.32 -19.62
CA LEU G 406 -17.17 -5.84 -18.49
C LEU G 406 -18.54 -6.53 -18.33
N GLY G 407 -18.93 -7.34 -19.31
CA GLY G 407 -20.14 -8.15 -19.21
C GLY G 407 -20.94 -8.17 -20.50
N PRO G 408 -22.12 -8.80 -20.47
CA PRO G 408 -23.02 -8.82 -21.63
C PRO G 408 -23.26 -7.41 -22.18
N VAL G 409 -23.38 -7.30 -23.50
CA VAL G 409 -23.67 -6.01 -24.13
C VAL G 409 -24.97 -5.40 -23.61
N LEU G 410 -25.96 -6.24 -23.30
CA LEU G 410 -27.19 -5.78 -22.65
C LEU G 410 -26.95 -4.99 -21.36
N GLU G 411 -25.92 -5.38 -20.60
CA GLU G 411 -25.60 -4.74 -19.31
C GLU G 411 -24.69 -3.53 -19.43
N VAL G 412 -23.69 -3.60 -20.32
CA VAL G 412 -22.63 -2.60 -20.38
C VAL G 412 -22.38 -2.00 -21.76
N GLY G 413 -23.18 -2.38 -22.76
CA GLY G 413 -22.90 -2.09 -24.16
C GLY G 413 -22.59 -0.66 -24.55
N ASN G 414 -23.33 0.28 -23.98
CA ASN G 414 -23.26 1.67 -24.42
C ASN G 414 -21.94 2.39 -24.11
N ILE G 415 -21.13 1.83 -23.21
CA ILE G 415 -19.83 2.45 -22.88
C ILE G 415 -18.71 2.18 -23.91
N TYR G 416 -18.93 1.26 -24.85
CA TYR G 416 -17.92 0.94 -25.88
C TYR G 416 -17.25 2.15 -26.54
N PRO G 417 -18.03 3.09 -27.15
CA PRO G 417 -17.41 4.25 -27.79
C PRO G 417 -16.54 5.10 -26.86
N ARG G 418 -16.91 5.18 -25.58
CA ARG G 418 -16.12 5.92 -24.59
C ARG G 418 -14.76 5.23 -24.36
N GLY G 419 -14.78 3.91 -24.25
CA GLY G 419 -13.55 3.11 -24.12
C GLY G 419 -12.67 3.23 -25.35
N TYR G 420 -13.30 3.28 -26.51
CA TYR G 420 -12.59 3.41 -27.78
C TYR G 420 -11.88 4.77 -27.85
N ALA G 421 -12.59 5.84 -27.52
CA ALA G 421 -11.98 7.17 -27.42
C ALA G 421 -10.87 7.21 -26.36
N GLN G 422 -11.12 6.55 -25.23
CA GLN G 422 -10.16 6.48 -24.12
C GLN G 422 -8.82 5.81 -24.50
N ALA G 423 -8.91 4.71 -25.25
CA ALA G 423 -7.71 3.98 -25.68
C ALA G 423 -6.72 4.90 -26.37
N PHE G 424 -7.24 5.68 -27.32
CA PHE G 424 -6.40 6.60 -28.09
C PHE G 424 -5.99 7.83 -27.28
N TYR G 425 -6.93 8.42 -26.53
CA TYR G 425 -6.60 9.59 -25.70
C TYR G 425 -5.52 9.26 -24.66
N GLU G 426 -5.71 8.16 -23.93
CA GLU G 426 -4.75 7.77 -22.89
C GLU G 426 -3.38 7.47 -23.49
N GLY G 427 -3.38 6.72 -24.60
CA GLY G 427 -2.13 6.41 -25.31
C GLY G 427 -1.41 7.63 -25.82
N MET G 428 -2.15 8.56 -26.43
CA MET G 428 -1.55 9.77 -26.99
C MET G 428 -1.01 10.68 -25.88
N GLU G 429 -1.74 10.77 -24.77
CA GLU G 429 -1.29 11.55 -23.60
C GLU G 429 0.00 10.98 -23.02
N GLU G 430 0.05 9.67 -22.82
CA GLU G 430 1.26 8.95 -22.41
C GLU G 430 2.44 9.14 -23.39
N ALA G 431 2.15 9.30 -24.69
CA ALA G 431 3.18 9.63 -25.68
C ALA G 431 3.63 11.10 -25.69
N GLY G 432 3.09 11.94 -24.80
CA GLY G 432 3.51 13.33 -24.66
C GLY G 432 2.65 14.35 -25.39
N GLN G 433 1.53 13.94 -25.99
CA GLN G 433 0.66 14.87 -26.73
C GLN G 433 -0.32 15.59 -25.80
N THR G 434 -0.55 16.88 -26.06
CA THR G 434 -1.52 17.71 -25.34
C THR G 434 -2.61 18.19 -26.30
N GLU G 435 -3.72 18.71 -25.76
CA GLU G 435 -4.87 19.16 -26.56
C GLU G 435 -5.26 18.11 -27.62
N ILE G 436 -5.50 16.90 -27.16
CA ILE G 436 -5.79 15.76 -28.03
C ILE G 436 -7.23 15.85 -28.52
N VAL G 437 -7.41 15.68 -29.83
CA VAL G 437 -8.73 15.51 -30.43
C VAL G 437 -8.67 14.33 -31.42
N ASN G 438 -9.65 13.45 -31.33
CA ASN G 438 -9.85 12.39 -32.30
C ASN G 438 -11.29 12.46 -32.77
N LEU G 439 -11.52 12.02 -34.02
CA LEU G 439 -12.87 12.02 -34.59
C LEU G 439 -13.60 10.70 -34.29
N LEU G 440 -14.60 10.77 -33.42
CA LEU G 440 -15.36 9.60 -32.95
C LEU G 440 -16.73 9.55 -33.63
N ARG G 441 -17.17 8.38 -34.08
CA ARG G 441 -18.54 8.29 -34.63
C ARG G 441 -19.61 8.17 -33.56
N CYS G 442 -19.20 7.89 -32.32
CA CYS G 442 -20.17 7.68 -31.25
C CYS G 442 -19.58 8.08 -29.90
N ALA G 443 -20.45 8.17 -28.90
CA ALA G 443 -20.05 8.61 -27.56
C ALA G 443 -20.98 8.04 -26.51
N TRP G 444 -20.48 8.00 -25.28
CA TRP G 444 -21.34 7.82 -24.12
C TRP G 444 -21.05 8.97 -23.16
N ALA G 445 -21.79 9.03 -22.06
CA ALA G 445 -21.56 10.03 -21.02
C ALA G 445 -20.09 10.08 -20.62
N GLY G 446 -19.54 11.29 -20.63
CA GLY G 446 -18.16 11.51 -20.27
C GLY G 446 -17.15 11.36 -21.40
N SER G 447 -17.59 10.96 -22.60
CA SER G 447 -16.68 10.88 -23.77
C SER G 447 -15.90 12.17 -24.02
N GLN G 448 -16.50 13.32 -23.68
CA GLN G 448 -15.85 14.61 -23.86
C GLN G 448 -14.47 14.69 -23.20
N ARG G 449 -14.29 14.00 -22.07
CA ARG G 449 -13.01 14.02 -21.35
C ARG G 449 -11.87 13.33 -22.11
N TYR G 450 -12.22 12.48 -23.09
CA TYR G 450 -11.23 11.79 -23.92
C TYR G 450 -11.09 12.40 -25.32
N GLY G 451 -11.36 13.71 -25.42
CA GLY G 451 -11.16 14.49 -26.64
C GLY G 451 -12.00 14.03 -27.82
N ALA G 452 -13.20 13.56 -27.53
CA ALA G 452 -14.06 13.02 -28.56
C ALA G 452 -14.76 14.15 -29.30
N LEU G 453 -14.26 14.44 -30.51
CA LEU G 453 -15.00 15.20 -31.51
C LEU G 453 -15.92 14.19 -32.19
N VAL G 454 -17.23 14.33 -31.98
CA VAL G 454 -18.19 13.35 -32.50
C VAL G 454 -18.79 13.87 -33.80
N TRP G 455 -18.98 12.99 -34.80
CA TRP G 455 -19.75 13.38 -35.98
C TRP G 455 -20.91 12.43 -36.17
N SER G 456 -21.93 12.90 -36.88
CA SER G 456 -23.24 12.23 -36.90
C SER G 456 -23.39 11.05 -37.86
N GLY G 457 -22.28 10.53 -38.39
CA GLY G 457 -22.28 9.27 -39.12
C GLY G 457 -22.92 9.30 -40.49
N ASP G 458 -23.37 8.12 -40.93
CA ASP G 458 -23.65 7.85 -42.35
C ASP G 458 -25.08 8.20 -42.79
N ILE G 459 -25.47 9.43 -42.51
CA ILE G 459 -26.79 9.94 -42.89
C ILE G 459 -26.91 10.19 -44.40
N ASN G 460 -28.13 10.18 -44.91
CA ASN G 460 -28.35 10.55 -46.31
C ASN G 460 -28.21 12.05 -46.60
N SER G 461 -28.03 12.40 -47.88
CA SER G 461 -27.79 13.77 -48.31
C SER G 461 -29.10 14.39 -48.73
N THR G 462 -29.89 14.82 -47.75
CA THR G 462 -31.17 15.51 -47.98
C THR G 462 -31.34 16.66 -47.00
N PHE G 463 -32.26 17.56 -47.35
CA PHE G 463 -32.62 18.64 -46.45
C PHE G 463 -33.28 18.12 -45.18
N GLY G 464 -34.05 17.03 -45.29
CA GLY G 464 -34.58 16.31 -44.14
C GLY G 464 -33.46 15.92 -43.16
N ALA G 465 -32.37 15.38 -43.68
CA ALA G 465 -31.22 15.00 -42.85
C ALA G 465 -30.55 16.21 -42.25
N LEU G 466 -30.41 17.29 -43.02
CA LEU G 466 -29.80 18.51 -42.51
C LEU G 466 -30.59 19.05 -41.32
N ARG G 467 -31.92 19.07 -41.44
CA ARG G 467 -32.77 19.49 -40.31
C ARG G 467 -32.50 18.64 -39.07
N ASN G 468 -32.46 17.32 -39.22
CA ASN G 468 -32.20 16.42 -38.11
C ASN G 468 -30.83 16.66 -37.47
N GLN G 469 -29.82 16.96 -38.28
CA GLN G 469 -28.47 17.15 -37.73
C GLN G 469 -28.40 18.38 -36.86
N LEU G 470 -29.09 19.44 -37.26
CA LEU G 470 -29.12 20.64 -36.44
C LEU G 470 -29.63 20.31 -35.03
N MET G 471 -30.73 19.60 -34.95
CA MET G 471 -31.35 19.21 -33.66
C MET G 471 -30.40 18.30 -32.90
N ALA G 472 -29.80 17.33 -33.60
CA ALA G 472 -28.96 16.35 -32.93
C ALA G 472 -27.70 17.00 -32.35
N GLY G 473 -27.08 17.90 -33.10
CA GLY G 473 -25.88 18.59 -32.60
C GLY G 473 -26.13 19.50 -31.41
N LEU G 474 -27.26 20.19 -31.42
CA LEU G 474 -27.66 21.01 -30.26
C LEU G 474 -27.89 20.13 -29.02
N ASN G 475 -28.59 19.02 -29.19
CA ASN G 475 -28.83 18.10 -28.09
C ASN G 475 -27.54 17.42 -27.60
N MET G 476 -26.59 17.18 -28.50
CA MET G 476 -25.28 16.65 -28.10
C MET G 476 -24.54 17.61 -27.19
N GLY G 477 -24.64 18.90 -27.52
CA GLY G 477 -24.02 19.93 -26.71
C GLY G 477 -24.59 19.98 -25.31
N ILE G 478 -25.92 19.87 -25.22
CA ILE G 478 -26.62 19.83 -23.93
C ILE G 478 -26.22 18.57 -23.14
N ALA G 479 -25.99 17.48 -23.86
CA ALA G 479 -25.52 16.24 -23.26
C ALA G 479 -24.06 16.24 -22.90
N GLY G 480 -23.38 17.38 -23.03
CA GLY G 480 -22.00 17.56 -22.58
C GLY G 480 -20.93 17.21 -23.60
N ILE G 481 -21.31 17.16 -24.88
CA ILE G 481 -20.37 16.88 -25.99
C ILE G 481 -20.24 18.16 -26.83
N PRO G 482 -19.34 19.08 -26.43
CA PRO G 482 -19.22 20.35 -27.16
C PRO G 482 -18.53 20.22 -28.53
N TRP G 483 -17.65 19.23 -28.69
CA TRP G 483 -16.95 19.04 -29.95
C TRP G 483 -17.78 18.13 -30.82
N TRP G 484 -18.48 18.69 -31.78
CA TRP G 484 -19.41 17.92 -32.62
C TRP G 484 -19.42 18.48 -34.04
N THR G 485 -19.67 17.61 -35.02
CA THR G 485 -19.71 18.04 -36.43
C THR G 485 -20.52 17.06 -37.27
N THR G 486 -20.59 17.33 -38.57
CA THR G 486 -21.22 16.42 -39.52
C THR G 486 -20.37 16.31 -40.79
N ASP G 487 -20.80 15.42 -41.70
CA ASP G 487 -20.30 15.43 -43.05
C ASP G 487 -21.03 16.56 -43.74
N ILE G 488 -20.32 17.63 -44.11
CA ILE G 488 -20.95 18.69 -44.89
C ILE G 488 -21.46 18.07 -46.20
N GLY G 489 -22.76 18.27 -46.44
CA GLY G 489 -23.48 17.65 -47.54
C GLY G 489 -24.14 16.34 -47.22
N GLY G 490 -23.90 15.81 -46.02
CA GLY G 490 -24.36 14.47 -45.68
C GLY G 490 -23.45 13.42 -46.25
N PHE G 491 -23.68 12.17 -45.86
CA PHE G 491 -22.79 11.08 -46.27
C PHE G 491 -23.21 10.44 -47.60
N ASP G 492 -24.44 9.96 -47.67
CA ASP G 492 -24.88 9.03 -48.74
C ASP G 492 -25.91 9.64 -49.69
N GLY G 493 -25.62 9.58 -50.99
CA GLY G 493 -26.58 9.88 -52.05
C GLY G 493 -26.35 11.15 -52.85
N GLY G 494 -25.34 11.94 -52.50
CA GLY G 494 -25.12 13.21 -53.19
C GLY G 494 -24.37 13.04 -54.50
N ASP G 495 -25.06 13.25 -55.63
CA ASP G 495 -24.42 13.22 -56.95
C ASP G 495 -23.85 14.60 -57.24
N ILE G 496 -22.55 14.66 -57.51
CA ILE G 496 -21.83 15.94 -57.65
C ILE G 496 -22.23 16.77 -58.87
N ASN G 497 -22.89 16.13 -59.83
CA ASN G 497 -23.38 16.79 -61.04
C ASN G 497 -24.85 17.20 -60.92
N ASP G 498 -25.48 16.89 -59.79
CA ASP G 498 -26.91 17.15 -59.60
C ASP G 498 -27.08 18.54 -58.97
N PRO G 499 -27.70 19.50 -59.70
CA PRO G 499 -27.88 20.84 -59.13
C PRO G 499 -28.66 20.85 -57.80
N ALA G 500 -29.59 19.91 -57.62
CA ALA G 500 -30.36 19.81 -56.36
C ALA G 500 -29.46 19.42 -55.18
N PHE G 501 -28.55 18.48 -55.38
CA PHE G 501 -27.58 18.18 -54.35
C PHE G 501 -26.64 19.36 -54.14
N GLN G 502 -26.22 20.04 -55.21
CA GLN G 502 -25.31 21.19 -55.03
C GLN G 502 -25.91 22.30 -54.16
N GLU G 503 -27.21 22.55 -54.31
CA GLU G 503 -27.90 23.51 -53.43
C GLU G 503 -27.85 23.06 -51.96
N LEU G 504 -28.13 21.78 -51.71
CA LEU G 504 -28.02 21.22 -50.38
C LEU G 504 -26.61 21.39 -49.82
N LEU G 505 -25.61 21.04 -50.63
CA LEU G 505 -24.22 21.17 -50.22
C LEU G 505 -23.88 22.59 -49.77
N ILE G 506 -24.36 23.58 -50.53
CA ILE G 506 -24.08 24.97 -50.21
C ILE G 506 -24.70 25.33 -48.85
N ARG G 507 -25.96 24.99 -48.65
CA ARG G 507 -26.64 25.31 -47.39
C ARG G 507 -25.99 24.59 -46.21
N TRP G 508 -25.56 23.36 -46.44
CA TRP G 508 -24.95 22.58 -45.37
C TRP G 508 -23.55 23.12 -45.06
N PHE G 509 -22.84 23.58 -46.10
CA PHE G 509 -21.51 24.19 -45.93
C PHE G 509 -21.62 25.53 -45.18
N GLN G 510 -22.60 26.34 -45.53
CA GLN G 510 -22.86 27.60 -44.82
C GLN G 510 -23.12 27.37 -43.33
N TRP G 511 -23.96 26.37 -43.02
CA TRP G 511 -24.16 25.95 -41.62
C TRP G 511 -22.84 25.47 -40.96
N GLY G 512 -22.08 24.66 -41.70
CA GLY G 512 -20.81 24.09 -41.25
C GLY G 512 -19.77 25.09 -40.79
N VAL G 513 -19.77 26.28 -41.40
CA VAL G 513 -18.93 27.40 -40.95
C VAL G 513 -19.20 27.73 -39.48
N PHE G 514 -20.47 27.61 -39.07
CA PHE G 514 -20.91 27.87 -37.70
C PHE G 514 -21.20 26.61 -36.90
N CYS G 515 -20.49 25.53 -37.22
CA CYS G 515 -20.48 24.32 -36.41
C CYS G 515 -19.17 24.29 -35.63
N PRO G 516 -19.12 23.49 -34.55
CA PRO G 516 -17.89 23.48 -33.74
C PRO G 516 -16.61 23.17 -34.55
N VAL G 517 -16.73 22.22 -35.48
CA VAL G 517 -15.70 21.92 -36.48
C VAL G 517 -16.32 21.99 -37.87
N THR G 518 -15.55 22.53 -38.81
CA THR G 518 -15.97 22.70 -40.19
C THR G 518 -15.24 21.62 -41.01
N ARG G 519 -16.01 20.61 -41.44
CA ARG G 519 -15.48 19.40 -42.05
C ARG G 519 -16.31 18.97 -43.24
N LEU G 520 -15.64 18.86 -44.40
CA LEU G 520 -16.22 18.33 -45.64
C LEU G 520 -15.90 16.83 -45.76
N HIS G 521 -16.94 16.02 -45.94
CA HIS G 521 -16.81 14.59 -46.14
C HIS G 521 -18.05 14.09 -46.86
N GLY G 522 -17.92 12.94 -47.53
CA GLY G 522 -19.06 12.25 -48.07
C GLY G 522 -18.66 11.11 -48.98
N PHE G 523 -19.66 10.33 -49.35
CA PHE G 523 -19.52 9.24 -50.29
C PHE G 523 -20.33 9.69 -51.49
N ARG G 524 -19.66 10.42 -52.39
CA ARG G 524 -20.34 11.11 -53.47
C ARG G 524 -20.53 10.21 -54.66
N GLN G 525 -21.64 10.40 -55.35
CA GLN G 525 -21.94 9.70 -56.58
C GLN G 525 -21.46 10.57 -57.77
N PRO G 526 -21.12 9.96 -58.92
CA PRO G 526 -21.16 8.50 -59.16
C PRO G 526 -19.94 7.77 -58.57
N MET G 527 -20.19 6.66 -57.87
CA MET G 527 -19.12 5.85 -57.27
C MET G 527 -18.41 5.03 -58.34
N GLU G 528 -17.21 4.57 -57.99
CA GLU G 528 -16.37 3.74 -58.84
C GLU G 528 -15.98 2.47 -58.10
N GLU G 529 -16.26 1.33 -58.70
CA GLU G 529 -15.82 0.02 -58.19
C GLU G 529 -14.31 -0.09 -58.29
N PRO G 530 -13.67 -0.90 -57.41
CA PRO G 530 -12.23 -1.10 -57.58
C PRO G 530 -11.93 -1.86 -58.88
N ALA G 531 -10.74 -1.66 -59.44
CA ALA G 531 -10.33 -2.35 -60.68
C ALA G 531 -10.35 -3.88 -60.49
N GLU G 532 -9.85 -4.32 -59.35
CA GLU G 532 -9.90 -5.74 -58.95
C GLU G 532 -10.89 -5.85 -57.78
N THR G 533 -11.88 -6.75 -57.89
CA THR G 533 -12.80 -6.99 -56.78
C THR G 533 -12.05 -7.56 -55.56
N TYR G 534 -11.08 -8.42 -55.81
CA TYR G 534 -10.23 -9.03 -54.78
C TYR G 534 -8.77 -8.93 -55.15
N ARG G 535 -7.93 -8.94 -54.12
CA ARG G 535 -6.49 -9.02 -54.28
C ARG G 535 -5.99 -9.90 -53.14
N ASP G 536 -5.35 -11.01 -53.47
CA ASP G 536 -4.89 -12.01 -52.48
C ASP G 536 -6.06 -12.51 -51.60
N GLY G 537 -7.25 -12.63 -52.18
CA GLY G 537 -8.44 -13.00 -51.43
C GLY G 537 -9.05 -11.96 -50.49
N ILE G 538 -8.46 -10.76 -50.44
CA ILE G 538 -9.00 -9.64 -49.67
C ILE G 538 -9.87 -8.78 -50.58
N ALA G 539 -11.15 -8.69 -50.22
CA ALA G 539 -12.11 -7.83 -50.91
C ALA G 539 -11.63 -6.38 -50.83
N GLN G 540 -11.66 -5.70 -51.96
CA GLN G 540 -11.13 -4.33 -52.10
C GLN G 540 -12.29 -3.35 -52.03
N CYS G 541 -11.99 -2.15 -51.54
CA CYS G 541 -12.99 -1.14 -51.23
C CYS G 541 -13.11 -0.10 -52.33
N MET G 542 -14.34 0.15 -52.74
CA MET G 542 -14.69 1.18 -53.71
C MET G 542 -14.34 2.61 -53.27
N THR G 543 -14.62 3.56 -54.15
CA THR G 543 -14.57 5.00 -53.84
C THR G 543 -15.81 5.71 -54.41
N GLY G 544 -16.15 6.84 -53.81
CA GLY G 544 -17.08 7.77 -54.40
C GLY G 544 -16.37 8.75 -55.32
N ALA G 545 -17.16 9.65 -55.90
CA ALA G 545 -16.67 10.72 -56.77
C ALA G 545 -15.89 11.79 -55.98
N ALA G 546 -15.38 12.78 -56.70
CA ALA G 546 -14.64 13.89 -56.08
C ALA G 546 -15.50 14.66 -55.05
N ASN G 547 -14.85 15.31 -54.09
CA ASN G 547 -15.54 16.06 -53.04
C ASN G 547 -14.68 17.19 -52.50
N GLU G 548 -14.11 17.97 -53.40
CA GLU G 548 -13.28 19.13 -53.05
C GLU G 548 -14.07 20.40 -53.39
N ILE G 549 -13.67 21.57 -52.88
CA ILE G 549 -14.52 22.78 -53.09
C ILE G 549 -14.60 23.28 -54.54
N TRP G 550 -13.69 22.79 -55.39
CA TRP G 550 -13.69 23.09 -56.83
C TRP G 550 -14.42 22.03 -57.68
N SER G 551 -14.96 20.99 -57.04
CA SER G 551 -15.54 19.83 -57.75
C SER G 551 -16.98 20.04 -58.23
N TYR G 552 -17.57 21.21 -57.97
CA TYR G 552 -19.01 21.44 -58.19
C TYR G 552 -19.35 22.70 -59.02
N GLY G 553 -18.38 23.18 -59.82
CA GLY G 553 -18.57 24.35 -60.68
C GLY G 553 -18.11 25.67 -60.07
N GLU G 554 -18.06 26.69 -60.91
CA GLU G 554 -17.52 28.01 -60.56
C GLU G 554 -18.33 28.72 -59.49
N ASP G 555 -19.65 28.74 -59.68
CA ASP G 555 -20.60 29.36 -58.75
C ASP G 555 -20.43 28.81 -57.33
N ASN G 556 -20.40 27.48 -57.23
CA ASN G 556 -20.32 26.79 -55.94
C ASN G 556 -18.94 26.94 -55.34
N TYR G 557 -17.91 26.94 -56.18
CA TYR G 557 -16.53 27.17 -55.73
C TYR G 557 -16.38 28.54 -55.05
N ALA G 558 -16.90 29.58 -55.71
CA ALA G 558 -16.86 30.93 -55.17
C ALA G 558 -17.54 31.04 -53.79
N ILE G 559 -18.69 30.41 -53.63
CA ILE G 559 -19.42 30.42 -52.35
C ILE G 559 -18.64 29.65 -51.29
N MET G 560 -18.22 28.43 -51.62
CA MET G 560 -17.46 27.64 -50.65
C MET G 560 -16.12 28.27 -50.26
N LYS G 561 -15.43 28.89 -51.22
CA LYS G 561 -14.20 29.62 -50.94
C LYS G 561 -14.43 30.75 -49.93
N SER G 562 -15.49 31.53 -50.12
CA SER G 562 -15.82 32.62 -49.19
C SER G 562 -16.24 32.07 -47.83
N CYS G 563 -16.89 30.90 -47.80
CA CYS G 563 -17.14 30.21 -46.53
C CYS G 563 -15.84 29.87 -45.79
N LEU G 564 -14.86 29.33 -46.50
CA LEU G 564 -13.59 28.98 -45.88
C LEU G 564 -12.86 30.20 -45.32
N GLU G 565 -12.88 31.31 -46.06
CA GLU G 565 -12.24 32.54 -45.62
C GLU G 565 -12.95 33.14 -44.40
N LEU G 566 -14.27 33.00 -44.37
CA LEU G 566 -15.05 33.42 -43.20
C LEU G 566 -14.67 32.57 -42.00
N ARG G 567 -14.63 31.24 -42.17
CA ARG G 567 -14.22 30.37 -41.08
C ARG G 567 -12.85 30.75 -40.51
N GLU G 568 -11.90 31.14 -41.36
CA GLU G 568 -10.59 31.59 -40.86
C GLU G 568 -10.66 32.86 -40.01
N ARG G 569 -11.51 33.81 -40.39
CA ARG G 569 -11.69 35.02 -39.57
C ARG G 569 -12.42 34.75 -38.24
N LEU G 570 -13.19 33.67 -38.21
CA LEU G 570 -13.86 33.21 -36.99
C LEU G 570 -12.98 32.47 -36.00
N ARG G 571 -11.74 32.12 -36.38
CA ARG G 571 -10.95 31.21 -35.57
C ARG G 571 -10.61 31.72 -34.17
N PRO G 572 -10.22 33.01 -34.03
CA PRO G 572 -9.99 33.50 -32.65
C PRO G 572 -11.23 33.35 -31.75
N TYR G 573 -12.42 33.67 -32.29
CA TYR G 573 -13.69 33.50 -31.56
C TYR G 573 -13.96 32.03 -31.23
N VAL G 574 -13.74 31.14 -32.21
CA VAL G 574 -13.94 29.72 -31.99
C VAL G 574 -13.01 29.25 -30.87
N MET G 575 -11.75 29.68 -30.88
CA MET G 575 -10.83 29.30 -29.80
C MET G 575 -11.29 29.82 -28.45
N ARG G 576 -11.85 31.04 -28.41
CA ARG G 576 -12.43 31.58 -27.15
C ARG G 576 -13.61 30.74 -26.67
N VAL G 577 -14.51 30.36 -27.57
CA VAL G 577 -15.69 29.55 -27.22
C VAL G 577 -15.28 28.11 -26.81
N MET G 578 -14.24 27.57 -27.47
CA MET G 578 -13.70 26.25 -27.11
C MET G 578 -13.05 26.27 -25.72
N LYS G 579 -12.32 27.35 -25.42
CA LYS G 579 -11.76 27.53 -24.10
C LYS G 579 -12.86 27.61 -23.03
N ALA G 580 -13.94 28.31 -23.34
CA ALA G 580 -15.10 28.38 -22.45
C ALA G 580 -15.75 27.01 -22.23
N ALA G 581 -15.80 26.18 -23.28
CA ALA G 581 -16.30 24.81 -23.14
C ALA G 581 -15.46 24.01 -22.16
N HIS G 582 -14.13 24.11 -22.31
CA HIS G 582 -13.18 23.47 -21.41
C HIS G 582 -13.33 23.97 -19.98
N ASP G 583 -13.44 25.29 -19.81
CA ASP G 583 -13.51 25.93 -18.48
C ASP G 583 -14.84 25.77 -17.75
N THR G 584 -15.95 25.81 -18.49
CA THR G 584 -17.29 25.93 -17.90
C THR G 584 -18.30 24.85 -18.31
N GLY G 585 -17.94 23.96 -19.24
CA GLY G 585 -18.85 22.94 -19.73
C GLY G 585 -19.93 23.42 -20.68
N ALA G 586 -19.86 24.70 -21.08
CA ALA G 586 -20.84 25.28 -21.98
C ALA G 586 -20.65 24.68 -23.38
N PRO G 587 -21.74 24.30 -24.04
CA PRO G 587 -21.55 23.85 -25.44
C PRO G 587 -21.13 24.99 -26.37
N VAL G 588 -20.66 24.61 -27.56
CA VAL G 588 -20.20 25.57 -28.56
C VAL G 588 -21.38 26.03 -29.41
N MET G 589 -22.09 25.09 -30.02
CA MET G 589 -23.38 25.39 -30.63
C MET G 589 -24.42 25.11 -29.54
N ARG G 590 -25.25 26.12 -29.25
CA ARG G 590 -26.18 26.10 -28.10
C ARG G 590 -27.60 26.45 -28.56
N PRO G 591 -28.62 25.82 -27.96
CA PRO G 591 -29.99 26.32 -28.19
C PRO G 591 -30.14 27.76 -27.68
N LEU G 592 -31.11 28.48 -28.22
CA LEU G 592 -31.33 29.88 -27.83
C LEU G 592 -31.52 30.06 -26.32
N PHE G 593 -32.18 29.10 -25.68
CA PHE G 593 -32.43 29.18 -24.23
C PHE G 593 -31.17 29.17 -23.36
N PHE G 594 -30.05 28.68 -23.88
CA PHE G 594 -28.79 28.67 -23.15
C PHE G 594 -28.29 30.09 -22.85
N ASP G 595 -28.40 30.96 -23.84
CA ASP G 595 -27.97 32.34 -23.70
C ASP G 595 -29.10 33.29 -23.29
N PHE G 596 -30.34 32.91 -23.55
CA PHE G 596 -31.51 33.76 -23.23
C PHE G 596 -32.59 32.96 -22.50
N PRO G 597 -32.25 32.41 -21.32
CA PRO G 597 -33.17 31.49 -20.65
C PRO G 597 -34.45 32.13 -20.12
N ASP G 598 -34.52 33.45 -20.03
CA ASP G 598 -35.70 34.14 -19.50
C ASP G 598 -36.63 34.66 -20.58
N GLN G 599 -36.46 34.23 -21.82
CA GLN G 599 -37.31 34.67 -22.92
C GLN G 599 -38.06 33.47 -23.47
N ALA G 600 -39.39 33.57 -23.53
CA ALA G 600 -40.24 32.44 -23.92
C ALA G 600 -39.88 31.86 -25.30
N GLU G 601 -39.56 32.72 -26.26
CA GLU G 601 -39.25 32.27 -27.64
C GLU G 601 -37.99 31.41 -27.72
N ALA G 602 -37.02 31.68 -26.83
CA ALA G 602 -35.80 30.90 -26.74
C ALA G 602 -36.05 29.41 -26.48
N TRP G 603 -37.13 29.10 -25.76
CA TRP G 603 -37.54 27.72 -25.44
C TRP G 603 -38.49 27.11 -26.48
N GLN G 604 -38.94 27.89 -27.46
CA GLN G 604 -39.83 27.41 -28.53
C GLN G 604 -39.08 27.20 -29.86
N ILE G 605 -38.13 28.08 -30.17
CA ILE G 605 -37.52 28.09 -31.50
C ILE G 605 -36.44 27.00 -31.61
N GLU G 606 -36.60 26.18 -32.63
CA GLU G 606 -35.72 25.06 -32.87
C GLU G 606 -34.92 25.17 -34.17
N ASP G 607 -35.13 26.22 -34.97
CA ASP G 607 -34.43 26.37 -36.25
C ASP G 607 -33.44 27.55 -36.27
N GLN G 608 -33.08 28.02 -35.08
CA GLN G 608 -32.05 29.02 -34.88
C GLN G 608 -31.23 28.55 -33.69
N TYR G 609 -29.99 29.03 -33.60
CA TYR G 609 -29.15 28.70 -32.46
C TYR G 609 -28.05 29.72 -32.26
N MET G 610 -27.33 29.59 -31.14
CA MET G 610 -26.21 30.46 -30.83
C MET G 610 -24.92 29.70 -31.07
N PHE G 611 -24.03 30.28 -31.87
CA PHE G 611 -22.67 29.79 -32.04
C PHE G 611 -21.82 30.64 -31.10
N GLY G 612 -21.56 30.09 -29.91
CA GLY G 612 -21.03 30.87 -28.78
C GLY G 612 -22.05 31.94 -28.34
N PRO G 613 -21.64 32.83 -27.42
CA PRO G 613 -22.60 33.83 -26.92
C PRO G 613 -22.91 34.98 -27.86
N ASP G 614 -22.16 35.13 -28.96
CA ASP G 614 -22.18 36.37 -29.74
C ASP G 614 -22.68 36.23 -31.16
N ILE G 615 -23.02 35.01 -31.61
CA ILE G 615 -23.44 34.81 -33.00
C ILE G 615 -24.75 34.01 -33.07
N LEU G 616 -25.77 34.65 -33.65
CA LEU G 616 -27.09 34.05 -33.85
C LEU G 616 -27.10 33.52 -35.27
N VAL G 617 -27.39 32.23 -35.43
CA VAL G 617 -27.36 31.56 -36.73
C VAL G 617 -28.77 31.06 -37.01
N ALA G 618 -29.23 31.29 -38.24
CA ALA G 618 -30.57 30.89 -38.65
C ALA G 618 -30.48 30.13 -39.97
N PRO G 619 -30.05 28.85 -39.91
CA PRO G 619 -29.81 28.06 -41.14
C PRO G 619 -31.03 27.96 -42.05
N VAL G 620 -30.79 27.81 -43.34
CA VAL G 620 -31.86 27.53 -44.30
C VAL G 620 -31.95 26.03 -44.44
N LEU G 621 -33.12 25.48 -44.20
CA LEU G 621 -33.34 24.04 -44.09
C LEU G 621 -34.27 23.48 -45.16
N GLU G 622 -34.52 24.24 -46.23
CA GLU G 622 -35.39 23.80 -47.34
C GLU G 622 -34.81 24.20 -48.70
N ALA G 623 -34.99 23.32 -49.68
CA ALA G 623 -34.55 23.57 -51.06
C ALA G 623 -35.35 24.71 -51.64
N GLY G 624 -34.69 25.59 -52.40
CA GLY G 624 -35.37 26.70 -53.08
C GLY G 624 -35.71 27.90 -52.22
N GLN G 625 -35.45 27.82 -50.90
CA GLN G 625 -35.82 28.89 -49.99
C GLN G 625 -34.82 30.04 -50.12
N ARG G 626 -35.36 31.25 -50.26
CA ARG G 626 -34.56 32.46 -50.44
C ARG G 626 -34.81 33.58 -49.43
N SER G 627 -35.68 33.31 -48.46
CA SER G 627 -35.86 34.17 -47.29
C SER G 627 -36.41 33.32 -46.14
N ARG G 628 -36.27 33.80 -44.92
CA ARG G 628 -36.89 33.13 -43.78
C ARG G 628 -37.09 34.06 -42.61
N LYS G 629 -37.98 33.67 -41.71
CA LYS G 629 -38.22 34.41 -40.48
C LYS G 629 -37.06 34.16 -39.53
N VAL G 630 -36.60 35.23 -38.89
CA VAL G 630 -35.56 35.14 -37.87
C VAL G 630 -35.95 35.96 -36.64
N TRP G 631 -36.02 35.31 -35.49
CA TRP G 631 -36.25 35.99 -34.23
C TRP G 631 -34.95 36.48 -33.66
N LEU G 632 -34.91 37.77 -33.33
CA LEU G 632 -33.74 38.39 -32.72
C LEU G 632 -33.99 38.53 -31.22
N PRO G 633 -33.18 37.84 -30.39
CA PRO G 633 -33.44 37.93 -28.93
C PRO G 633 -33.34 39.35 -28.34
N GLU G 634 -34.14 39.58 -27.30
CA GLU G 634 -34.12 40.85 -26.56
C GLU G 634 -32.84 40.94 -25.71
N GLY G 635 -32.39 42.17 -25.45
CA GLY G 635 -31.29 42.44 -24.51
C GLY G 635 -29.99 42.94 -25.12
N CYS G 636 -29.96 43.01 -26.44
CA CYS G 636 -28.83 43.60 -27.16
C CYS G 636 -29.32 43.93 -28.57
N ALA G 637 -28.53 44.70 -29.30
CA ALA G 637 -28.77 44.93 -30.70
C ALA G 637 -27.93 43.91 -31.47
N TRP G 638 -28.30 43.72 -32.73
CA TRP G 638 -27.76 42.66 -33.58
C TRP G 638 -27.27 43.26 -34.88
N ILE G 639 -26.07 42.84 -35.31
CA ILE G 639 -25.48 43.32 -36.57
C ILE G 639 -25.60 42.20 -37.60
N ASP G 640 -26.21 42.53 -38.74
CA ASP G 640 -26.36 41.59 -39.86
C ASP G 640 -24.96 41.32 -40.44
N LEU G 641 -24.49 40.08 -40.35
CA LEU G 641 -23.15 39.74 -40.85
C LEU G 641 -22.98 40.11 -42.32
N ASN G 642 -24.05 39.96 -43.11
CA ASN G 642 -23.97 40.10 -44.56
C ASN G 642 -24.17 41.53 -45.07
N THR G 643 -24.93 42.35 -44.35
CA THR G 643 -25.16 43.75 -44.77
C THR G 643 -24.57 44.81 -43.84
N GLY G 644 -24.22 44.44 -42.61
CA GLY G 644 -23.78 45.42 -41.60
C GLY G 644 -24.89 46.23 -40.92
N ALA G 645 -26.15 46.03 -41.33
CA ALA G 645 -27.28 46.73 -40.73
C ALA G 645 -27.47 46.33 -39.27
N ARG G 646 -27.83 47.31 -38.44
CA ARG G 646 -28.07 47.11 -37.02
C ARG G 646 -29.57 46.93 -36.84
N GLN G 647 -29.96 45.90 -36.11
CA GLN G 647 -31.36 45.70 -35.72
C GLN G 647 -31.49 45.53 -34.21
N ASN G 648 -32.52 46.15 -33.65
CA ASN G 648 -32.79 46.03 -32.22
C ASN G 648 -33.28 44.62 -31.91
N GLY G 649 -32.88 44.11 -30.75
CA GLY G 649 -33.40 42.87 -30.24
C GLY G 649 -34.88 42.94 -29.88
N GLY G 650 -35.53 41.79 -29.83
CA GLY G 650 -36.93 41.68 -29.43
C GLY G 650 -37.89 41.84 -30.57
N GLN G 651 -37.50 41.39 -31.76
CA GLN G 651 -38.36 41.47 -32.92
C GLN G 651 -38.07 40.33 -33.88
N TRP G 652 -39.01 40.10 -34.78
CA TRP G 652 -38.86 39.16 -35.88
C TRP G 652 -38.43 39.90 -37.15
N CYS G 653 -37.48 39.32 -37.88
CA CYS G 653 -37.03 39.82 -39.19
C CYS G 653 -37.56 38.89 -40.26
N ASP G 654 -38.17 39.45 -41.30
CA ASP G 654 -38.37 38.77 -42.56
C ASP G 654 -37.03 38.92 -43.30
N CYS G 655 -36.14 37.94 -43.13
CA CYS G 655 -34.74 38.10 -43.52
C CYS G 655 -34.41 37.49 -44.88
N ASP G 656 -33.65 38.25 -45.67
CA ASP G 656 -33.13 37.80 -46.95
C ASP G 656 -32.20 36.59 -46.71
N ALA G 657 -32.35 35.55 -47.51
CA ALA G 657 -31.50 34.36 -47.42
C ALA G 657 -31.20 33.87 -48.83
N PRO G 658 -30.42 34.66 -49.60
CA PRO G 658 -30.08 34.21 -50.95
C PRO G 658 -29.17 32.98 -50.88
N LEU G 659 -29.04 32.26 -51.99
CA LEU G 659 -28.18 31.08 -52.04
C LEU G 659 -26.76 31.33 -51.51
N GLU G 660 -26.25 32.55 -51.68
CA GLU G 660 -24.89 32.93 -51.28
C GLU G 660 -24.73 33.19 -49.78
N ALA G 661 -25.81 33.33 -49.02
CA ALA G 661 -25.66 33.50 -47.55
C ALA G 661 -26.88 33.09 -46.75
N ILE G 662 -26.64 32.51 -45.58
CA ILE G 662 -27.71 32.25 -44.61
C ILE G 662 -27.73 33.39 -43.60
N PRO G 663 -28.91 33.67 -43.00
CA PRO G 663 -28.98 34.76 -42.04
C PRO G 663 -28.15 34.51 -40.78
N VAL G 664 -27.28 35.46 -40.46
CA VAL G 664 -26.39 35.39 -39.30
C VAL G 664 -26.28 36.79 -38.69
N PHE G 665 -26.38 36.89 -37.36
CA PHE G 665 -26.30 38.17 -36.66
C PHE G 665 -25.27 38.13 -35.57
N ILE G 666 -24.56 39.25 -35.38
CA ILE G 666 -23.52 39.36 -34.36
C ILE G 666 -24.03 40.24 -33.23
N ARG G 667 -23.82 39.82 -31.99
CA ARG G 667 -24.12 40.65 -30.83
C ARG G 667 -23.31 41.94 -30.97
N GLU G 668 -23.99 43.08 -30.97
CA GLU G 668 -23.32 44.38 -31.13
C GLU G 668 -22.27 44.58 -30.04
N ALA G 669 -21.10 45.05 -30.46
CA ALA G 669 -19.98 45.36 -29.59
C ALA G 669 -19.24 44.15 -29.02
N ALA G 670 -19.64 42.93 -29.36
CA ALA G 670 -18.83 41.76 -29.03
C ALA G 670 -17.52 41.87 -29.83
N ALA G 671 -16.41 41.41 -29.26
CA ALA G 671 -15.11 41.43 -29.95
C ALA G 671 -15.16 40.83 -31.37
N VAL G 672 -15.95 39.77 -31.56
CA VAL G 672 -16.08 39.12 -32.87
C VAL G 672 -16.63 40.02 -33.98
N GLN G 673 -17.43 41.02 -33.61
CA GLN G 673 -17.93 42.00 -34.59
C GLN G 673 -16.80 42.66 -35.37
N ALA G 674 -15.77 43.13 -34.67
CA ALA G 674 -14.63 43.80 -35.30
C ALA G 674 -13.72 42.80 -36.03
N GLU G 675 -13.62 41.59 -35.50
CA GLU G 675 -12.87 40.51 -36.16
C GLU G 675 -13.46 40.08 -37.51
N LEU G 676 -14.75 40.34 -37.73
CA LEU G 676 -15.41 39.99 -38.99
C LEU G 676 -15.54 41.13 -40.02
N SER G 677 -15.17 42.36 -39.65
CA SER G 677 -15.18 43.54 -40.57
C SER G 677 -16.26 43.53 -41.67
N SER H 2 68.09 15.50 16.15
CA SER H 2 68.16 14.83 17.48
C SER H 2 69.31 15.45 18.26
N GLU H 3 69.07 15.73 19.54
CA GLU H 3 70.05 16.41 20.39
C GLU H 3 69.95 15.89 21.81
N PHE H 4 71.11 15.57 22.40
CA PHE H 4 71.23 15.25 23.81
C PHE H 4 71.71 16.47 24.56
N ILE H 5 71.12 16.74 25.72
CA ILE H 5 71.62 17.71 26.69
C ILE H 5 71.94 16.92 27.96
N LEU H 6 73.23 16.77 28.24
CA LEU H 6 73.69 15.90 29.31
C LEU H 6 74.40 16.71 30.38
N THR H 7 74.06 16.43 31.64
CA THR H 7 74.80 16.90 32.80
C THR H 7 75.28 15.64 33.53
N SER H 8 75.96 15.81 34.66
CA SER H 8 76.52 14.68 35.40
C SER H 8 75.44 13.75 35.99
N ASP H 9 74.24 14.27 36.28
CA ASP H 9 73.15 13.47 36.85
C ASP H 9 71.80 13.57 36.13
N LYS H 10 71.80 13.95 34.84
CA LYS H 10 70.56 14.06 34.07
C LYS H 10 70.79 13.88 32.57
N LEU H 11 69.95 13.03 31.97
CA LEU H 11 69.93 12.81 30.53
C LEU H 11 68.68 13.44 29.94
N VAL H 12 68.86 14.38 29.01
CA VAL H 12 67.76 14.96 28.22
C VAL H 12 67.99 14.66 26.75
N TRP H 13 66.95 14.18 26.08
CA TRP H 13 66.95 14.03 24.62
C TRP H 13 65.79 14.85 24.06
N THR H 14 66.01 15.50 22.92
CA THR H 14 64.97 16.33 22.31
C THR H 14 64.95 16.30 20.79
N TYR H 15 63.75 16.32 20.23
CA TYR H 15 63.55 16.50 18.80
C TYR H 15 62.17 17.08 18.59
N ASP H 16 62.08 18.15 17.78
CA ASP H 16 60.82 18.81 17.44
C ASP H 16 59.94 19.10 18.65
N GLY H 17 60.56 19.65 19.69
CA GLY H 17 59.82 20.01 20.89
C GLY H 17 59.49 18.90 21.85
N HIS H 18 59.67 17.64 21.44
CA HIS H 18 59.57 16.49 22.34
C HIS H 18 60.79 16.49 23.25
N LYS H 19 60.57 16.53 24.56
CA LYS H 19 61.63 16.52 25.55
C LYS H 19 61.51 15.24 26.38
N LEU H 20 62.57 14.41 26.39
CA LEU H 20 62.62 13.19 27.20
C LEU H 20 63.70 13.41 28.26
N GLN H 21 63.32 13.27 29.54
CA GLN H 21 64.22 13.55 30.67
C GLN H 21 64.28 12.33 31.61
N ILE H 22 65.50 11.84 31.84
CA ILE H 22 65.73 10.67 32.67
C ILE H 22 66.78 11.07 33.72
N GLU H 23 66.49 10.73 34.97
CA GLU H 23 67.30 11.14 36.09
C GLU H 23 67.18 10.16 37.26
N PRO H 24 68.19 10.12 38.14
CA PRO H 24 68.06 9.30 39.33
C PRO H 24 66.90 9.75 40.21
N TRP H 25 66.24 8.80 40.85
CA TRP H 25 65.17 9.10 41.78
C TRP H 25 65.13 8.04 42.89
N GLY H 26 66.12 8.10 43.77
CA GLY H 26 66.36 7.07 44.79
C GLY H 26 67.37 6.06 44.27
N GLU H 27 67.94 5.27 45.19
CA GLU H 27 68.96 4.27 44.83
C GLU H 27 68.35 3.25 43.85
N ASN H 28 69.13 2.88 42.84
CA ASN H 28 68.77 1.84 41.85
C ASN H 28 67.53 2.15 41.02
N SER H 29 67.19 3.43 40.92
CA SER H 29 65.90 3.88 40.37
C SER H 29 66.06 5.10 39.49
N LEU H 30 65.21 5.18 38.46
CA LEU H 30 65.17 6.33 37.55
C LEU H 30 63.75 6.87 37.38
N ARG H 31 63.63 8.19 37.27
CA ARG H 31 62.38 8.83 36.83
C ARG H 31 62.51 9.19 35.36
N VAL H 32 61.45 8.91 34.60
CA VAL H 32 61.34 9.20 33.19
C VAL H 32 60.17 10.15 32.99
N ARG H 33 60.43 11.30 32.35
CA ARG H 33 59.36 12.22 31.96
C ARG H 33 59.52 12.61 30.50
N ALA H 34 58.38 12.87 29.85
CA ALA H 34 58.39 13.37 28.50
C ALA H 34 57.24 14.34 28.28
N THR H 35 57.52 15.39 27.50
CA THR H 35 56.54 16.41 27.18
C THR H 35 56.85 17.04 25.82
N VAL H 36 55.79 17.54 25.18
CA VAL H 36 55.91 18.44 24.03
C VAL H 36 55.57 19.90 24.40
N ALA H 37 55.22 20.14 25.66
CA ALA H 37 55.04 21.51 26.18
C ALA H 37 56.41 22.19 26.33
N PRO H 38 56.43 23.52 26.57
CA PRO H 38 57.73 24.20 26.65
C PRO H 38 58.68 23.66 27.71
N GLU H 39 58.12 23.27 28.87
CA GLU H 39 58.89 22.65 29.95
C GLU H 39 58.06 21.60 30.68
N LEU H 40 58.74 20.78 31.48
CA LEU H 40 58.04 19.90 32.42
C LEU H 40 57.37 20.75 33.47
N ASN H 41 56.21 20.31 33.94
CA ASN H 41 55.51 20.98 35.03
C ASN H 41 56.08 20.49 36.36
N GLY H 42 55.57 21.01 37.45
CA GLY H 42 56.04 20.67 38.79
C GLY H 42 55.30 19.53 39.49
N ASN H 43 54.49 18.74 38.77
CA ASN H 43 53.75 17.65 39.43
C ASN H 43 54.62 16.44 39.72
N ASP H 44 54.78 16.11 41.01
CA ASP H 44 55.46 14.88 41.42
C ASP H 44 54.52 13.75 41.78
N TRP H 45 53.22 14.06 41.91
CA TRP H 45 52.16 13.09 42.19
C TRP H 45 52.51 12.19 43.39
N ALA H 46 52.84 10.90 43.15
CA ALA H 46 53.13 9.97 44.25
C ALA H 46 54.60 9.96 44.67
N LEU H 47 55.49 10.53 43.86
CA LEU H 47 56.93 10.51 44.18
C LEU H 47 57.32 11.53 45.24
N LEU H 48 57.97 11.03 46.30
CA LEU H 48 58.51 11.89 47.34
C LEU H 48 59.82 12.49 46.84
N PRO H 49 60.32 13.55 47.50
CA PRO H 49 61.63 14.08 47.10
C PRO H 49 62.68 12.98 47.18
N ALA H 50 63.52 12.88 46.16
CA ALA H 50 64.47 11.78 46.05
C ALA H 50 65.67 12.00 46.95
N LYS H 51 66.20 10.93 47.53
CA LYS H 51 67.47 10.99 48.23
C LYS H 51 68.52 10.94 47.12
N PRO H 52 69.45 11.93 47.08
CA PRO H 52 70.43 11.92 45.97
C PRO H 52 71.28 10.67 46.01
N SER H 53 71.49 10.05 44.86
CA SER H 53 71.99 8.68 44.79
C SER H 53 73.52 8.60 44.76
N THR H 54 74.05 7.45 45.18
CA THR H 54 75.50 7.20 45.17
C THR H 54 75.94 6.66 43.80
N LYS H 55 76.89 7.37 43.18
CA LYS H 55 77.42 7.01 41.87
C LYS H 55 76.35 6.85 40.77
N VAL H 56 75.99 8.00 40.22
CA VAL H 56 75.25 8.10 38.98
C VAL H 56 76.30 8.41 37.92
N LYS H 57 76.14 7.85 36.73
CA LYS H 57 77.04 8.15 35.61
C LYS H 57 76.24 8.38 34.34
N VAL H 58 76.45 9.55 33.73
CA VAL H 58 75.87 9.90 32.43
C VAL H 58 76.99 9.96 31.40
N SER H 59 76.84 9.23 30.30
CA SER H 59 77.85 9.20 29.25
C SER H 59 77.20 9.14 27.86
N GLU H 60 77.94 9.60 26.86
CA GLU H 60 77.49 9.54 25.48
C GLU H 60 78.46 8.68 24.70
N PHE H 61 77.92 7.72 23.95
CA PHE H 61 78.72 6.80 23.16
C PHE H 61 78.07 6.68 21.77
N GLU H 62 78.91 6.78 20.74
CA GLU H 62 78.44 6.70 19.34
C GLU H 62 77.35 7.75 19.10
N ASP H 63 76.16 7.35 18.65
CA ASP H 63 75.03 8.26 18.50
C ASP H 63 74.03 8.21 19.68
N SER H 64 74.43 7.58 20.80
CA SER H 64 73.55 7.29 21.93
C SER H 64 74.01 7.98 23.21
N ALA H 65 73.19 7.84 24.24
CA ALA H 65 73.56 8.23 25.59
C ALA H 65 73.02 7.23 26.58
N ARG H 66 73.63 7.24 27.76
CA ARG H 66 73.33 6.28 28.81
C ARG H 66 73.32 7.01 30.14
N ILE H 67 72.41 6.63 31.02
CA ILE H 67 72.44 7.08 32.40
C ILE H 67 72.32 5.86 33.30
N VAL H 68 73.28 5.67 34.21
CA VAL H 68 73.27 4.53 35.15
C VAL H 68 73.11 5.08 36.57
N ASN H 69 72.24 4.43 37.34
CA ASN H 69 72.08 4.72 38.75
C ASN H 69 72.08 3.39 39.51
N GLY H 70 73.27 2.99 39.98
CA GLY H 70 73.44 1.72 40.68
C GLY H 70 73.08 0.53 39.79
N ASN H 71 72.07 -0.23 40.20
CA ASN H 71 71.67 -1.45 39.50
C ASN H 71 70.74 -1.27 38.30
N ILE H 72 70.36 -0.04 37.97
CA ILE H 72 69.60 0.23 36.75
C ILE H 72 70.36 1.19 35.83
N SER H 73 70.16 1.03 34.54
CA SER H 73 70.62 1.98 33.56
C SER H 73 69.58 2.16 32.44
N ALA H 74 69.61 3.34 31.83
CA ALA H 74 68.77 3.63 30.68
C ALA H 74 69.66 4.01 29.50
N VAL H 75 69.37 3.44 28.33
CA VAL H 75 70.03 3.82 27.08
C VAL H 75 69.02 4.44 26.13
N VAL H 76 69.36 5.60 25.59
CA VAL H 76 68.58 6.31 24.58
C VAL H 76 69.45 6.41 23.33
N ASN H 77 68.99 5.87 22.22
CA ASN H 77 69.72 5.96 20.96
C ASN H 77 69.46 7.30 20.24
N GLY H 78 70.13 7.50 19.12
CA GLY H 78 70.03 8.74 18.33
C GLY H 78 68.64 9.00 17.78
N ARG H 79 67.82 7.95 17.66
CA ARG H 79 66.40 8.09 17.31
C ARG H 79 65.46 8.37 18.51
N GLY H 80 66.01 8.65 19.70
CA GLY H 80 65.21 8.91 20.90
C GLY H 80 64.50 7.69 21.49
N GLN H 81 64.96 6.49 21.14
CA GLN H 81 64.33 5.24 21.57
C GLN H 81 65.03 4.70 22.81
N LEU H 82 64.22 4.33 23.82
CA LEU H 82 64.67 4.07 25.17
C LEU H 82 64.55 2.59 25.57
N SER H 83 65.57 2.09 26.27
CA SER H 83 65.51 0.77 26.91
C SER H 83 66.28 0.78 28.24
N PHE H 84 65.94 -0.17 29.11
CA PHE H 84 66.51 -0.26 30.46
C PHE H 84 67.19 -1.60 30.68
N TYR H 85 68.26 -1.58 31.47
CA TYR H 85 69.08 -2.74 31.76
C TYR H 85 69.45 -2.73 33.23
N ASN H 86 69.70 -3.92 33.78
CA ASN H 86 70.19 -4.02 35.16
C ASN H 86 71.73 -4.03 35.22
N GLN H 87 72.28 -4.14 36.43
CA GLN H 87 73.73 -4.20 36.63
C GLN H 87 74.45 -5.36 35.92
N ASN H 88 73.70 -6.37 35.45
CA ASN H 88 74.27 -7.50 34.73
C ASN H 88 74.08 -7.38 33.22
N GLY H 89 73.68 -6.21 32.75
CA GLY H 89 73.39 -5.99 31.34
C GLY H 89 72.16 -6.69 30.80
N LYS H 90 71.30 -7.24 31.69
CA LYS H 90 70.10 -7.91 31.22
C LYS H 90 69.06 -6.85 30.84
N LEU H 91 68.38 -7.08 29.71
CA LEU H 91 67.31 -6.20 29.27
C LEU H 91 66.10 -6.35 30.20
N LEU H 92 65.65 -5.23 30.78
CA LEU H 92 64.49 -5.21 31.65
C LEU H 92 63.22 -4.82 30.93
N LEU H 93 63.29 -3.73 30.18
CA LEU H 93 62.13 -3.11 29.56
C LEU H 93 62.58 -2.31 28.35
N GLU H 94 61.91 -2.52 27.21
CA GLU H 94 62.22 -1.73 26.01
C GLU H 94 60.96 -1.12 25.44
N GLU H 95 61.12 0.09 24.91
CA GLU H 95 60.03 0.79 24.25
C GLU H 95 59.62 0.06 22.98
N TYR H 96 58.36 0.24 22.62
CA TYR H 96 57.79 -0.31 21.40
C TYR H 96 57.67 0.81 20.37
N TRP H 97 58.35 0.62 19.25
CA TRP H 97 58.30 1.54 18.12
C TRP H 97 58.00 0.73 16.88
N ARG H 98 57.10 1.22 16.04
CA ARG H 98 56.81 0.63 14.73
C ARG H 98 56.66 1.73 13.70
N THR H 99 57.78 2.15 13.12
CA THR H 99 57.80 3.29 12.18
C THR H 99 58.85 3.08 11.11
N ARG H 100 58.73 3.85 10.03
CA ARG H 100 59.76 3.91 8.98
C ARG H 100 60.63 5.15 9.10
N PHE H 101 60.19 6.12 9.90
CA PHE H 101 60.86 7.41 10.02
C PHE H 101 60.56 7.92 11.43
N VAL H 102 61.60 8.27 12.18
CA VAL H 102 61.47 8.66 13.58
C VAL H 102 62.57 9.65 13.90
N ALA H 103 62.25 10.68 14.67
CA ALA H 103 63.23 11.73 15.04
C ALA H 103 64.00 12.30 13.84
N GLY H 104 63.32 12.48 12.71
CA GLY H 104 63.94 13.01 11.49
C GLY H 104 64.95 12.09 10.78
N GLN H 105 64.87 10.79 11.06
CA GLN H 105 65.83 9.80 10.54
C GLN H 105 65.08 8.57 10.06
N GLY H 106 65.57 7.94 8.99
CA GLY H 106 65.03 6.65 8.55
C GLY H 106 65.22 5.60 9.63
N GLU H 107 64.24 4.72 9.80
CA GLU H 107 64.40 3.63 10.77
C GLU H 107 65.30 2.54 10.14
N ASP H 108 65.95 1.77 11.00
CA ASP H 108 66.83 0.68 10.60
C ASP H 108 65.99 -0.52 10.12
N THR H 109 66.09 -0.86 8.84
CA THR H 109 65.31 -1.99 8.26
C THR H 109 65.64 -3.38 8.84
N SER H 110 66.78 -3.56 9.48
CA SER H 110 67.09 -4.81 10.17
C SER H 110 66.44 -4.98 11.56
N SER H 111 65.75 -3.94 12.07
CA SER H 111 65.14 -3.96 13.40
C SER H 111 63.65 -4.26 13.35
N LYS H 112 63.14 -4.92 14.38
CA LYS H 112 61.68 -5.10 14.57
C LYS H 112 60.92 -3.76 14.70
N TYR H 113 61.64 -2.68 15.02
CA TYR H 113 61.09 -1.33 14.98
C TYR H 113 60.69 -0.81 13.59
N PHE H 114 61.24 -1.39 12.51
CA PHE H 114 60.93 -0.94 11.17
C PHE H 114 59.55 -1.44 10.74
N SER H 115 58.65 -0.49 10.48
CA SER H 115 57.27 -0.83 10.15
C SER H 115 56.51 0.37 9.61
N PRO H 116 55.70 0.18 8.56
CA PRO H 116 54.84 1.27 8.09
C PRO H 116 53.62 1.59 8.97
N LEU H 117 53.40 0.81 10.03
CA LEU H 117 52.21 1.02 10.88
C LEU H 117 52.19 2.40 11.53
N THR H 118 53.38 2.89 11.90
CA THR H 118 53.56 4.23 12.50
C THR H 118 52.92 4.33 13.90
N HIS H 119 53.46 3.54 14.83
CA HIS H 119 53.15 3.65 16.25
C HIS H 119 54.38 4.12 16.98
N GLU H 120 54.23 5.18 17.75
CA GLU H 120 55.31 5.69 18.58
C GLU H 120 55.23 5.13 19.99
N ALA H 121 56.37 5.09 20.67
CA ALA H 121 56.44 4.61 22.05
C ALA H 121 55.94 5.62 23.07
N ARG H 122 56.12 6.90 22.77
CA ARG H 122 55.72 7.99 23.65
C ARG H 122 54.80 8.88 22.85
N GLU H 123 53.55 8.43 22.70
CA GLU H 123 52.55 9.14 21.92
C GLU H 123 51.79 10.15 22.78
N LEU H 124 52.14 11.43 22.60
CA LEU H 124 51.43 12.54 23.20
C LEU H 124 50.54 13.15 22.13
N LYS H 125 49.34 12.61 22.01
CA LYS H 125 48.41 12.98 20.93
C LYS H 125 47.60 14.19 21.39
N PRO H 126 47.73 15.33 20.68
CA PRO H 126 47.08 16.55 21.19
C PRO H 126 45.55 16.47 21.14
N ILE H 127 44.91 16.90 22.22
CA ILE H 127 43.46 17.02 22.29
C ILE H 127 43.13 18.44 21.79
N GLN H 128 42.23 18.56 20.82
CA GLN H 128 41.96 19.87 20.23
C GLN H 128 41.47 20.87 21.29
N GLY H 129 42.13 22.03 21.34
CA GLY H 129 41.85 23.04 22.33
C GLY H 129 42.37 22.77 23.74
N GLY H 130 43.01 21.62 23.96
CA GLY H 130 43.33 21.18 25.31
C GLY H 130 44.72 20.58 25.45
N LYS H 131 44.79 19.49 26.22
CA LYS H 131 46.06 18.89 26.60
C LYS H 131 46.35 17.68 25.70
N PHE H 132 46.78 16.55 26.27
CA PHE H 132 47.23 15.39 25.49
C PHE H 132 46.61 14.08 25.97
N GLU H 133 46.36 13.20 25.00
CA GLU H 133 45.94 11.83 25.25
C GLU H 133 47.21 10.99 25.09
N LEU H 134 47.68 10.40 26.18
CA LEU H 134 49.00 9.74 26.22
C LEU H 134 48.92 8.22 26.12
N ARG H 135 49.73 7.65 25.23
CA ARG H 135 49.99 6.22 25.21
C ARG H 135 51.48 5.97 25.28
N ALA H 136 51.90 5.20 26.28
CA ALA H 136 53.29 4.76 26.43
C ALA H 136 53.33 3.27 26.13
N ARG H 137 53.98 2.92 25.01
CA ARG H 137 54.05 1.55 24.51
C ARG H 137 55.43 0.95 24.80
N PHE H 138 55.43 -0.30 25.28
CA PHE H 138 56.64 -1.09 25.53
C PHE H 138 56.48 -2.47 24.92
N GLU H 139 57.59 -3.08 24.48
CA GLU H 139 57.51 -4.44 23.92
C GLU H 139 57.10 -5.40 25.03
N SER H 140 56.20 -6.32 24.71
CA SER H 140 55.95 -7.44 25.58
C SER H 140 57.16 -8.40 25.51
N GLN H 141 57.32 -9.21 26.55
CA GLN H 141 58.41 -10.19 26.58
C GLN H 141 57.80 -11.56 26.90
N PRO H 142 58.21 -12.60 26.16
CA PRO H 142 57.59 -13.94 26.26
C PRO H 142 57.62 -14.54 27.67
N ASP H 143 58.70 -14.30 28.40
CA ASP H 143 58.88 -14.88 29.74
C ASP H 143 58.26 -14.04 30.89
N GLU H 144 57.71 -12.87 30.60
CA GLU H 144 57.40 -11.89 31.64
C GLU H 144 56.12 -12.18 32.42
N ARG H 145 56.23 -12.21 33.74
CA ARG H 145 55.11 -12.32 34.65
C ARG H 145 55.03 -11.00 35.42
N ILE H 146 53.80 -10.51 35.58
CA ILE H 146 53.55 -9.15 36.07
C ILE H 146 52.58 -9.19 37.25
N TYR H 147 52.93 -8.46 38.31
CA TYR H 147 52.14 -8.41 39.55
C TYR H 147 51.93 -6.97 40.02
N GLY H 148 50.92 -6.79 40.86
CA GLY H 148 50.61 -5.51 41.48
C GLY H 148 49.41 -4.85 40.83
N LEU H 149 49.55 -3.55 40.55
CA LEU H 149 48.52 -2.68 39.92
C LEU H 149 47.37 -2.23 40.84
N GLY H 150 47.23 -2.87 42.01
CA GLY H 150 46.21 -2.54 42.96
C GLY H 150 45.26 -3.70 43.16
N GLN H 151 43.97 -3.41 43.12
CA GLN H 151 42.91 -4.33 43.53
C GLN H 151 41.88 -4.44 42.43
N TYR H 152 41.86 -5.57 41.74
CA TYR H 152 40.96 -5.83 40.64
C TYR H 152 40.17 -7.11 40.91
N GLN H 153 38.90 -7.10 40.53
CA GLN H 153 37.97 -8.20 40.83
C GLN H 153 38.05 -9.27 39.76
N GLN H 154 39.10 -10.07 39.85
CA GLN H 154 39.47 -11.03 38.81
C GLN H 154 40.41 -12.13 39.35
N PRO H 155 40.29 -13.36 38.82
CA PRO H 155 41.05 -14.50 39.35
C PRO H 155 42.45 -14.65 38.76
N PHE H 156 43.25 -13.59 38.82
CA PHE H 156 44.58 -13.56 38.24
C PHE H 156 45.54 -12.89 39.21
N LEU H 157 46.56 -13.63 39.67
CA LEU H 157 47.64 -13.03 40.43
C LEU H 157 48.59 -12.39 39.43
N ASN H 158 49.15 -13.23 38.54
CA ASN H 158 49.95 -12.78 37.41
C ASN H 158 48.99 -12.18 36.40
N VAL H 159 49.21 -10.91 36.04
CA VAL H 159 48.26 -10.18 35.18
C VAL H 159 48.82 -9.95 33.77
N LYS H 160 49.92 -10.60 33.43
CA LYS H 160 50.39 -10.61 32.04
C LYS H 160 49.28 -11.23 31.19
N GLY H 161 48.91 -10.56 30.10
CA GLY H 161 47.74 -10.96 29.30
C GLY H 161 46.41 -10.32 29.68
N CYS H 162 46.36 -9.62 30.82
CA CYS H 162 45.18 -8.91 31.30
C CYS H 162 45.28 -7.41 30.99
N THR H 163 44.12 -6.77 30.94
CA THR H 163 44.00 -5.32 30.78
C THR H 163 43.20 -4.78 31.96
N MET H 164 43.78 -3.79 32.65
CA MET H 164 43.18 -3.21 33.86
C MET H 164 42.83 -1.74 33.61
N GLU H 165 41.61 -1.37 33.99
CA GLU H 165 41.18 0.02 33.97
C GLU H 165 41.88 0.84 35.05
N LEU H 166 42.45 1.98 34.65
CA LEU H 166 43.04 2.92 35.60
C LEU H 166 41.95 3.90 36.00
N ALA H 167 41.12 3.47 36.94
CA ALA H 167 40.02 4.25 37.49
C ALA H 167 39.55 3.64 38.79
N GLN H 168 38.94 4.48 39.63
CA GLN H 168 38.44 4.07 40.94
C GLN H 168 36.95 3.83 40.88
N ARG H 169 36.54 2.61 41.24
CA ARG H 169 35.14 2.21 41.35
C ARG H 169 35.03 1.35 42.59
N ASN H 170 33.83 1.32 43.17
CA ASN H 170 33.53 0.48 44.33
C ASN H 170 33.96 -0.99 44.06
N SER H 171 34.91 -1.45 44.86
CA SER H 171 35.55 -2.79 44.83
C SER H 171 36.81 -2.87 43.98
N GLN H 172 37.25 -1.74 43.44
CA GLN H 172 38.43 -1.64 42.62
C GLN H 172 39.30 -0.50 43.14
N ALA H 173 40.62 -0.69 43.11
CA ALA H 173 41.58 0.35 43.44
C ALA H 173 42.76 0.29 42.47
N SER H 174 42.95 1.37 41.71
CA SER H 174 44.10 1.52 40.84
C SER H 174 45.24 2.06 41.67
N VAL H 175 46.25 1.22 41.88
CA VAL H 175 47.46 1.58 42.61
C VAL H 175 48.58 1.15 41.66
N PRO H 176 48.93 2.04 40.72
CA PRO H 176 49.63 1.61 39.51
C PRO H 176 51.14 1.41 39.68
N PHE H 177 51.53 0.58 40.65
CA PHE H 177 52.88 0.07 40.74
C PHE H 177 52.85 -1.41 40.38
N MET H 178 53.70 -1.77 39.41
CA MET H 178 53.78 -3.14 38.92
C MET H 178 55.17 -3.69 39.26
N MET H 179 55.24 -4.99 39.50
CA MET H 179 56.52 -5.69 39.68
C MET H 179 56.57 -6.78 38.62
N SER H 180 57.72 -6.86 37.93
CA SER H 180 57.92 -7.82 36.85
C SER H 180 58.90 -8.90 37.30
N SER H 181 58.63 -10.13 36.84
CA SER H 181 59.55 -11.25 37.04
C SER H 181 60.93 -11.05 36.38
N LEU H 182 61.05 -10.09 35.46
CA LEU H 182 62.34 -9.82 34.83
C LEU H 182 63.32 -9.05 35.72
N GLY H 183 62.88 -8.57 36.88
CA GLY H 183 63.75 -7.90 37.85
C GLY H 183 63.67 -6.38 37.91
N TYR H 184 62.49 -5.84 37.62
CA TYR H 184 62.22 -4.40 37.77
C TYR H 184 60.81 -4.17 38.29
N GLY H 185 60.61 -2.99 38.87
CA GLY H 185 59.30 -2.49 39.20
C GLY H 185 59.10 -1.15 38.48
N MET H 186 57.84 -0.80 38.22
CA MET H 186 57.49 0.43 37.52
C MET H 186 56.22 1.05 38.09
N LEU H 187 56.31 2.32 38.49
CA LEU H 187 55.18 3.14 38.88
C LEU H 187 54.79 4.06 37.72
N TRP H 188 53.51 4.00 37.37
CA TRP H 188 52.91 4.95 36.43
C TRP H 188 52.50 6.16 37.26
N ASN H 189 53.35 7.17 37.27
CA ASN H 189 53.20 8.29 38.18
C ASN H 189 52.28 9.33 37.58
N ASN H 190 51.02 8.94 37.41
CA ASN H 190 50.09 9.73 36.64
C ASN H 190 48.68 9.30 37.02
N PRO H 191 47.92 10.21 37.68
CA PRO H 191 46.60 9.89 38.20
C PRO H 191 45.45 10.00 37.19
N ALA H 192 45.77 10.17 35.90
CA ALA H 192 44.76 10.29 34.86
C ALA H 192 43.95 9.01 34.73
N ILE H 193 42.68 9.17 34.40
CA ILE H 193 41.83 8.07 33.99
C ILE H 193 42.42 7.44 32.75
N GLY H 194 42.46 6.12 32.74
CA GLY H 194 42.94 5.43 31.56
C GLY H 194 42.94 3.93 31.67
N GLU H 195 44.02 3.32 31.22
CA GLU H 195 44.07 1.86 31.08
C GLU H 195 45.51 1.41 30.99
N VAL H 196 45.79 0.22 31.51
CA VAL H 196 47.05 -0.46 31.27
C VAL H 196 46.74 -1.84 30.70
N SER H 197 47.29 -2.09 29.52
CA SER H 197 47.05 -3.29 28.75
C SER H 197 48.37 -4.08 28.73
N PHE H 198 48.45 -5.19 29.47
CA PHE H 198 49.61 -6.08 29.36
C PHE H 198 49.34 -7.19 28.35
N ALA H 199 48.99 -6.81 27.12
CA ALA H 199 48.64 -7.78 26.09
C ALA H 199 49.89 -8.55 25.69
N ASN H 200 49.69 -9.77 25.21
CA ASN H 200 50.81 -10.63 24.78
C ASN H 200 51.61 -10.00 23.65
N ASN H 201 50.95 -9.21 22.80
CA ASN H 201 51.60 -8.60 21.63
C ASN H 201 52.25 -7.23 21.85
N VAL H 202 51.89 -6.54 22.93
CA VAL H 202 52.40 -5.21 23.25
C VAL H 202 51.85 -4.73 24.60
N THR H 203 52.68 -4.01 25.37
CA THR H 203 52.26 -3.38 26.62
C THR H 203 51.94 -1.89 26.37
N THR H 204 50.76 -1.43 26.77
CA THR H 204 50.34 -0.04 26.54
C THR H 204 49.74 0.53 27.82
N TRP H 205 50.34 1.62 28.31
CA TRP H 205 49.76 2.46 29.36
C TRP H 205 49.09 3.66 28.70
N MET H 206 47.89 3.99 29.16
CA MET H 206 47.11 5.07 28.55
C MET H 206 46.58 6.04 29.61
N ALA H 207 46.68 7.33 29.30
CA ALA H 207 46.09 8.41 30.08
C ALA H 207 45.20 9.23 29.14
N ARG H 208 43.94 9.40 29.52
CA ARG H 208 42.93 10.07 28.67
C ARG H 208 43.25 11.54 28.48
N VAL H 209 43.69 12.19 29.54
CA VAL H 209 44.06 13.60 29.53
C VAL H 209 45.25 13.76 30.46
N THR H 210 46.33 14.32 29.93
CA THR H 210 47.50 14.59 30.76
C THR H 210 48.38 15.68 30.15
N GLU H 211 49.21 16.29 30.98
CA GLU H 211 50.20 17.26 30.51
C GLU H 211 51.49 16.62 30.04
N GLN H 212 51.83 15.46 30.60
CA GLN H 212 53.13 14.85 30.33
C GLN H 212 53.19 13.38 30.75
N LEU H 213 54.08 12.64 30.07
CA LEU H 213 54.47 11.28 30.48
C LEU H 213 55.30 11.39 31.75
N ASP H 214 55.06 10.49 32.71
CA ASP H 214 55.82 10.45 33.96
C ASP H 214 55.78 9.04 34.54
N TYR H 215 56.95 8.43 34.68
CA TYR H 215 57.02 7.15 35.37
C TYR H 215 58.36 6.94 36.07
N TRP H 216 58.35 5.97 36.98
CA TRP H 216 59.47 5.67 37.84
C TRP H 216 59.73 4.19 37.73
N ILE H 217 60.99 3.83 37.51
CA ILE H 217 61.39 2.46 37.30
C ILE H 217 62.59 2.15 38.18
N THR H 218 62.59 0.93 38.73
CA THR H 218 63.57 0.50 39.72
C THR H 218 64.00 -0.93 39.43
N ALA H 219 65.23 -1.26 39.79
CA ALA H 219 65.83 -2.57 39.49
C ALA H 219 66.45 -3.19 40.73
N ALA H 220 66.24 -4.48 40.91
CA ALA H 220 66.91 -5.26 41.97
C ALA H 220 66.78 -6.75 41.68
N ASP H 221 67.62 -7.52 42.36
CA ASP H 221 67.67 -8.98 42.16
C ASP H 221 66.53 -9.73 42.82
N THR H 222 65.89 -9.14 43.83
CA THR H 222 64.84 -9.84 44.57
C THR H 222 63.59 -8.99 44.67
N PRO H 223 62.41 -9.63 44.71
CA PRO H 223 61.17 -8.90 45.02
C PRO H 223 61.26 -8.01 46.29
N ALA H 224 61.84 -8.52 47.37
CA ALA H 224 61.94 -7.72 48.61
C ALA H 224 62.66 -6.38 48.42
N GLU H 225 63.74 -6.39 47.63
CA GLU H 225 64.46 -5.16 47.30
C GLU H 225 63.62 -4.19 46.47
N ILE H 226 62.86 -4.69 45.50
CA ILE H 226 61.96 -3.83 44.69
C ILE H 226 60.90 -3.17 45.59
N SER H 227 60.28 -3.97 46.47
CA SER H 227 59.32 -3.45 47.43
C SER H 227 59.91 -2.37 48.35
N GLN H 228 61.16 -2.57 48.77
CA GLN H 228 61.85 -1.60 49.64
C GLN H 228 62.12 -0.31 48.88
N GLN H 229 62.56 -0.45 47.63
CA GLN H 229 62.87 0.71 46.80
C GLN H 229 61.62 1.51 46.46
N TYR H 230 60.51 0.81 46.21
CA TYR H 230 59.23 1.47 45.99
C TYR H 230 58.71 2.21 47.22
N ALA H 231 58.83 1.58 48.39
CA ALA H 231 58.45 2.22 49.65
C ALA H 231 59.31 3.44 49.95
N ALA H 232 60.59 3.40 49.59
CA ALA H 232 61.45 4.58 49.72
C ALA H 232 60.98 5.74 48.81
N ALA H 233 60.47 5.41 47.62
CA ALA H 233 60.05 6.40 46.62
C ALA H 233 58.70 7.05 46.91
N THR H 234 57.72 6.27 47.39
CA THR H 234 56.37 6.77 47.64
C THR H 234 55.97 6.84 49.11
N GLY H 235 56.81 6.33 50.01
CA GLY H 235 56.56 6.39 51.45
C GLY H 235 56.21 5.03 52.05
N ALA H 236 56.65 4.83 53.28
CA ALA H 236 56.40 3.59 54.02
C ALA H 236 55.07 3.64 54.74
N ALA H 237 54.45 2.48 54.95
CA ALA H 237 53.35 2.38 55.90
C ALA H 237 53.85 2.88 57.27
N PRO H 238 52.95 3.44 58.10
CA PRO H 238 53.35 3.67 59.49
C PRO H 238 53.46 2.34 60.25
N MET H 239 53.86 2.40 61.51
CA MET H 239 53.72 1.23 62.40
C MET H 239 52.24 1.09 62.74
N LEU H 240 51.70 -0.12 62.59
CA LEU H 240 50.31 -0.40 62.92
C LEU H 240 50.13 -0.33 64.44
N PRO H 241 49.03 0.27 64.92
CA PRO H 241 48.77 0.22 66.37
C PRO H 241 48.37 -1.19 66.80
N ASP H 242 48.68 -1.56 68.05
CA ASP H 242 48.39 -2.92 68.57
C ASP H 242 46.93 -3.35 68.42
N TYR H 243 45.99 -2.45 68.72
CA TYR H 243 44.56 -2.80 68.60
C TYR H 243 44.15 -3.28 67.22
N ALA H 244 44.83 -2.79 66.18
CA ALA H 244 44.48 -3.14 64.81
C ALA H 244 44.75 -4.60 64.44
N ALA H 245 45.63 -5.30 65.18
CA ALA H 245 45.88 -6.73 64.92
C ALA H 245 44.85 -7.68 65.58
N GLY H 246 43.97 -7.14 66.42
CA GLY H 246 42.86 -7.91 67.00
C GLY H 246 41.65 -8.04 66.08
N PHE H 247 40.53 -8.48 66.64
CA PHE H 247 39.32 -8.73 65.85
C PHE H 247 38.48 -7.47 65.71
N TRP H 248 38.06 -7.17 64.48
CA TRP H 248 37.16 -6.05 64.18
C TRP H 248 35.77 -6.62 63.93
N GLN H 249 34.80 -6.20 64.73
CA GLN H 249 33.41 -6.63 64.61
C GLN H 249 32.59 -5.52 63.99
N CYS H 250 31.92 -5.84 62.89
CA CYS H 250 31.12 -4.84 62.18
C CYS H 250 29.96 -5.53 61.43
N LYS H 251 28.91 -4.75 61.17
CA LYS H 251 27.86 -5.16 60.24
C LYS H 251 27.17 -3.92 59.68
N LEU H 252 26.43 -4.12 58.60
CA LEU H 252 25.50 -3.12 58.11
C LEU H 252 24.11 -3.45 58.70
N ARG H 253 23.64 -2.74 59.72
CA ARG H 253 24.36 -1.73 60.49
C ARG H 253 23.81 -1.75 61.89
N TYR H 254 24.65 -1.45 62.88
CA TYR H 254 24.14 -1.20 64.24
C TYR H 254 23.50 0.20 64.20
N ARG H 255 22.18 0.23 64.38
CA ARG H 255 21.35 1.42 64.21
C ARG H 255 21.28 2.34 65.41
N THR H 256 21.60 1.84 66.60
CA THR H 256 21.49 2.61 67.84
C THR H 256 22.69 2.33 68.74
N GLN H 257 22.95 3.27 69.64
CA GLN H 257 24.00 3.11 70.65
C GLN H 257 23.79 1.82 71.46
N ASP H 258 22.55 1.61 71.90
CA ASP H 258 22.16 0.40 72.64
C ASP H 258 22.45 -0.89 71.87
N GLU H 259 22.11 -0.92 70.57
CA GLU H 259 22.35 -2.10 69.76
C GLU H 259 23.86 -2.39 69.65
N LEU H 260 24.65 -1.38 69.34
CA LEU H 260 26.11 -1.55 69.24
C LEU H 260 26.68 -2.04 70.56
N MET H 261 26.34 -1.36 71.65
CA MET H 261 26.86 -1.70 72.97
C MET H 261 26.44 -3.08 73.44
N GLU H 262 25.23 -3.51 73.10
CA GLU H 262 24.81 -4.88 73.43
C GLU H 262 25.63 -5.93 72.70
N VAL H 263 26.05 -5.64 71.47
CA VAL H 263 26.96 -6.56 70.75
C VAL H 263 28.32 -6.63 71.43
N ALA H 264 28.91 -5.47 71.73
CA ALA H 264 30.22 -5.42 72.38
C ALA H 264 30.20 -6.13 73.73
N ARG H 265 29.20 -5.83 74.55
CA ARG H 265 28.99 -6.49 75.84
C ARG H 265 28.88 -8.01 75.73
N GLU H 266 28.13 -8.49 74.75
CA GLU H 266 27.97 -9.94 74.53
C GLU H 266 29.32 -10.60 74.19
N TYR H 267 30.14 -9.95 73.33
CA TYR H 267 31.50 -10.44 73.07
C TYR H 267 32.32 -10.59 74.38
N LYS H 268 32.23 -9.61 75.28
CA LYS H 268 32.95 -9.67 76.56
C LYS H 268 32.36 -10.72 77.50
N ARG H 269 31.04 -10.77 77.59
CA ARG H 269 30.32 -11.79 78.37
C ARG H 269 30.71 -13.23 78.00
N ARG H 270 30.94 -13.49 76.72
CA ARG H 270 31.40 -14.79 76.23
C ARG H 270 32.92 -14.98 76.26
N SER H 271 33.66 -14.04 76.86
CA SER H 271 35.14 -14.07 76.88
C SER H 271 35.74 -14.26 75.49
N LEU H 272 35.18 -13.54 74.51
CA LEU H 272 35.69 -13.61 73.15
C LEU H 272 36.62 -12.43 72.89
N PRO H 273 37.66 -12.63 72.06
CA PRO H 273 38.48 -11.48 71.66
C PRO H 273 37.68 -10.46 70.86
N ILE H 274 37.84 -9.18 71.21
CA ILE H 274 37.28 -8.08 70.41
C ILE H 274 38.12 -6.83 70.62
N SER H 275 38.67 -6.30 69.53
CA SER H 275 39.56 -5.15 69.59
C SER H 275 38.94 -3.86 69.05
N VAL H 276 38.09 -3.99 68.01
CA VAL H 276 37.43 -2.87 67.37
C VAL H 276 35.96 -3.21 67.14
N ILE H 277 35.05 -2.28 67.44
CA ILE H 277 33.64 -2.40 67.02
C ILE H 277 33.27 -1.15 66.21
N VAL H 278 32.29 -1.27 65.32
CA VAL H 278 32.09 -0.27 64.29
C VAL H 278 30.62 0.18 64.16
N ALA H 279 30.42 1.51 64.14
CA ALA H 279 29.15 2.11 63.78
C ALA H 279 29.18 2.46 62.28
N ASP H 280 28.37 1.75 61.50
CA ASP H 280 28.33 1.89 60.05
C ASP H 280 27.54 3.18 59.69
N PHE H 281 27.36 3.37 58.39
CA PHE H 281 26.74 4.55 57.82
C PHE H 281 25.31 4.87 58.30
N PHE H 282 24.94 6.13 58.11
CA PHE H 282 23.62 6.66 58.38
C PHE H 282 23.24 6.60 59.85
N HIS H 283 24.27 6.75 60.69
CA HIS H 283 24.14 7.01 62.13
C HIS H 283 24.03 8.51 62.43
N TRP H 284 24.02 9.31 61.36
CA TRP H 284 24.09 10.77 61.42
C TRP H 284 22.73 11.37 61.04
N PRO H 285 22.47 12.64 61.41
CA PRO H 285 21.18 13.26 61.01
C PRO H 285 21.04 13.45 59.49
N ASN H 286 22.08 13.94 58.85
CA ASN H 286 22.13 14.03 57.38
C ASN H 286 23.55 13.88 56.88
N GLN H 287 23.68 13.56 55.59
CA GLN H 287 24.98 13.43 54.95
C GLN H 287 25.64 14.81 54.91
N GLY H 288 26.86 14.91 55.42
CA GLY H 288 27.57 16.18 55.55
C GLY H 288 27.56 16.83 56.93
N ASP H 289 26.80 16.26 57.88
CA ASP H 289 26.84 16.70 59.27
C ASP H 289 28.06 16.14 60.02
N TRP H 290 28.47 14.92 59.68
CA TRP H 290 29.60 14.24 60.35
C TRP H 290 29.47 14.30 61.88
N CYS H 291 28.34 13.83 62.38
CA CYS H 291 28.13 13.67 63.82
C CYS H 291 27.10 12.58 64.07
N PHE H 292 26.99 12.14 65.31
CA PHE H 292 25.94 11.18 65.70
C PHE H 292 24.59 11.86 65.74
N ASP H 293 23.56 11.17 65.28
CA ASP H 293 22.18 11.59 65.49
C ASP H 293 21.81 11.20 66.93
N THR H 294 21.62 12.19 67.79
CA THR H 294 21.38 11.90 69.23
C THR H 294 20.04 11.25 69.55
N ARG H 295 19.13 11.14 68.58
CA ARG H 295 17.90 10.35 68.76
C ARG H 295 18.20 8.86 68.89
N GLU H 296 19.17 8.37 68.12
CA GLU H 296 19.57 6.96 68.14
C GLU H 296 20.85 6.73 68.96
N TRP H 297 21.62 7.79 69.20
CA TRP H 297 22.94 7.72 69.84
C TRP H 297 22.97 8.81 70.94
N PRO H 298 22.20 8.60 72.02
CA PRO H 298 21.95 9.68 72.99
C PRO H 298 23.16 10.20 73.75
N ASP H 299 24.21 9.40 73.90
CA ASP H 299 25.38 9.85 74.67
C ASP H 299 26.65 9.19 74.11
N PRO H 300 27.14 9.71 72.97
CA PRO H 300 28.28 9.07 72.31
C PRO H 300 29.55 9.00 73.17
N LYS H 301 29.78 10.02 73.99
CA LYS H 301 30.94 10.05 74.88
C LYS H 301 30.88 8.90 75.91
N ALA H 302 29.70 8.65 76.49
CA ALA H 302 29.51 7.51 77.43
C ALA H 302 29.77 6.17 76.75
N MET H 303 29.32 6.01 75.50
CA MET H 303 29.60 4.80 74.71
C MET H 303 31.10 4.59 74.55
N ILE H 304 31.80 5.65 74.20
CA ILE H 304 33.23 5.59 73.92
C ILE H 304 34.03 5.26 75.18
N ASP H 305 33.69 5.92 76.29
CA ASP H 305 34.33 5.64 77.59
C ASP H 305 34.09 4.20 78.07
N GLU H 306 32.89 3.69 77.88
CA GLU H 306 32.58 2.32 78.29
C GLU H 306 33.33 1.30 77.42
N LEU H 307 33.38 1.53 76.10
CA LEU H 307 34.16 0.66 75.22
C LEU H 307 35.66 0.69 75.56
N LYS H 308 36.20 1.87 75.87
CA LYS H 308 37.58 2.02 76.37
C LYS H 308 37.79 1.10 77.58
N GLU H 309 36.91 1.22 78.56
CA GLU H 309 36.91 0.37 79.76
C GLU H 309 36.91 -1.14 79.42
N MET H 310 36.19 -1.52 78.36
CA MET H 310 36.16 -2.90 77.87
C MET H 310 37.35 -3.30 76.98
N GLY H 311 38.31 -2.40 76.78
CA GLY H 311 39.44 -2.62 75.87
C GLY H 311 39.06 -2.64 74.39
N ILE H 312 38.04 -1.88 74.00
CA ILE H 312 37.54 -1.87 72.61
C ILE H 312 37.66 -0.47 72.02
N GLU H 313 38.14 -0.38 70.78
CA GLU H 313 38.12 0.88 70.02
C GLU H 313 36.87 0.97 69.19
N LEU H 314 36.21 2.12 69.22
CA LEU H 314 35.11 2.44 68.31
C LEU H 314 35.68 3.04 67.02
N MET H 315 35.23 2.50 65.88
CA MET H 315 35.39 3.14 64.57
C MET H 315 34.03 3.62 64.07
N VAL H 316 34.01 4.81 63.48
CA VAL H 316 32.78 5.39 62.91
C VAL H 316 32.89 5.59 61.40
N SER H 317 31.78 5.31 60.71
CA SER H 317 31.62 5.60 59.29
C SER H 317 31.69 7.09 59.00
N ILE H 318 32.55 7.46 58.04
CA ILE H 318 32.58 8.77 57.41
C ILE H 318 32.16 8.55 55.96
N TRP H 319 31.15 9.29 55.52
CA TRP H 319 30.82 9.38 54.10
C TRP H 319 31.30 10.75 53.60
N PRO H 320 31.90 10.79 52.39
CA PRO H 320 32.43 12.02 51.81
C PRO H 320 31.35 12.89 51.14
N THR H 321 30.09 12.46 51.25
CA THR H 321 28.95 13.14 50.68
C THR H 321 28.46 14.30 51.55
N VAL H 322 27.91 15.32 50.89
CA VAL H 322 27.33 16.47 51.57
C VAL H 322 25.97 16.76 50.95
N ASP H 323 24.92 16.57 51.75
CA ASP H 323 23.54 16.73 51.28
C ASP H 323 23.27 18.21 51.11
N ASN H 324 22.61 18.55 50.00
CA ASN H 324 22.41 19.96 49.64
C ASN H 324 21.47 20.76 50.57
N ARG H 325 20.89 20.11 51.58
CA ARG H 325 20.07 20.79 52.59
C ARG H 325 20.80 21.06 53.91
N THR H 326 22.08 20.71 54.04
CA THR H 326 22.80 20.87 55.31
C THR H 326 23.51 22.22 55.39
N GLU H 327 23.88 22.60 56.61
CA GLU H 327 24.64 23.82 56.83
C GLU H 327 26.07 23.70 56.30
N ASN H 328 26.66 22.51 56.38
CA ASN H 328 27.98 22.31 55.79
C ASN H 328 27.97 22.43 54.26
N TYR H 329 26.85 22.11 53.61
CA TYR H 329 26.75 22.31 52.16
C TYR H 329 26.86 23.79 51.80
N LYS H 330 26.06 24.62 52.46
CA LYS H 330 26.08 26.07 52.22
C LYS H 330 27.49 26.62 52.39
N ILE H 331 28.14 26.24 53.50
CA ILE H 331 29.48 26.76 53.82
C ILE H 331 30.53 26.22 52.85
N MET H 332 30.47 24.92 52.55
CA MET H 332 31.46 24.31 51.68
C MET H 332 31.29 24.78 50.22
N LYS H 333 30.04 24.98 49.81
CA LYS H 333 29.73 25.57 48.52
C LYS H 333 30.30 26.99 48.43
N GLU H 334 30.05 27.82 49.45
CA GLU H 334 30.64 29.18 49.53
C GLU H 334 32.15 29.18 49.33
N LYS H 335 32.84 28.24 49.97
CA LYS H 335 34.29 28.18 49.96
C LYS H 335 34.91 27.44 48.78
N GLY H 336 34.10 26.80 47.94
CA GLY H 336 34.60 26.04 46.79
C GLY H 336 35.22 24.70 47.15
N TYR H 337 34.72 24.10 48.23
CA TYR H 337 35.24 22.82 48.76
C TYR H 337 34.57 21.56 48.21
N LEU H 338 33.65 21.69 47.27
CA LEU H 338 32.93 20.55 46.72
C LEU H 338 33.36 20.24 45.28
N VAL H 339 33.20 18.98 44.91
CA VAL H 339 33.39 18.50 43.55
C VAL H 339 32.31 19.14 42.66
N LYS H 340 32.63 19.35 41.39
CA LYS H 340 31.72 19.98 40.45
C LYS H 340 31.36 19.06 39.30
N ALA H 341 30.07 19.09 38.91
CA ALA H 341 29.61 18.44 37.70
C ALA H 341 29.84 19.40 36.53
N GLU H 342 30.38 18.90 35.43
CA GLU H 342 30.68 19.73 34.25
C GLU H 342 29.41 20.11 33.52
N ARG H 343 28.50 19.15 33.40
CA ARG H 343 27.20 19.35 32.77
C ARG H 343 26.12 18.66 33.61
N GLY H 344 24.90 19.20 33.51
CA GLY H 344 23.74 18.61 34.15
C GLY H 344 23.58 19.05 35.59
N VAL H 345 22.59 18.48 36.26
CA VAL H 345 22.31 18.88 37.65
C VAL H 345 23.56 18.75 38.55
N PRO H 346 23.73 19.68 39.49
CA PRO H 346 24.95 19.70 40.30
C PRO H 346 24.86 18.75 41.50
N VAL H 347 24.81 17.45 41.17
CA VAL H 347 24.61 16.35 42.11
C VAL H 347 25.53 15.21 41.66
N THR H 348 26.40 14.74 42.56
CA THR H 348 27.31 13.63 42.23
C THR H 348 26.79 12.27 42.68
N MET H 349 25.89 12.24 43.67
CA MET H 349 25.30 10.99 44.15
C MET H 349 23.87 11.21 44.59
N THR H 350 23.01 10.21 44.35
CA THR H 350 21.59 10.30 44.70
C THR H 350 21.12 9.30 45.79
N PHE H 351 22.07 8.66 46.45
CA PHE H 351 21.79 7.64 47.48
C PHE H 351 21.29 8.29 48.77
N LEU H 352 20.01 8.05 49.07
CA LEU H 352 19.29 8.63 50.22
C LEU H 352 19.31 10.15 50.29
N GLY H 353 19.36 10.80 49.13
CA GLY H 353 19.39 12.27 49.06
C GLY H 353 20.33 12.72 47.97
N ASN H 354 20.17 13.97 47.55
CA ASN H 354 21.06 14.58 46.54
C ASN H 354 22.25 15.13 47.27
N THR H 355 23.42 14.56 46.98
CA THR H 355 24.64 14.98 47.62
C THR H 355 25.73 15.32 46.62
N THR H 356 26.72 16.04 47.10
CA THR H 356 27.93 16.37 46.36
C THR H 356 29.14 15.95 47.20
N PHE H 357 30.12 15.30 46.59
CA PHE H 357 31.32 14.86 47.29
C PHE H 357 32.20 16.04 47.68
N PHE H 358 32.79 16.02 48.87
CA PHE H 358 33.82 17.01 49.20
C PHE H 358 35.01 16.71 48.29
N ASP H 359 35.78 17.76 47.98
CA ASP H 359 36.90 17.65 47.07
C ASP H 359 38.16 17.31 47.83
N ALA H 360 38.53 16.03 47.82
CA ALA H 360 39.72 15.56 48.54
C ALA H 360 41.04 16.03 47.94
N THR H 361 41.02 16.58 46.72
CA THR H 361 42.21 17.20 46.13
C THR H 361 42.37 18.67 46.53
N HIS H 362 41.38 19.25 47.21
CA HIS H 362 41.43 20.62 47.67
C HIS H 362 41.98 20.63 49.11
N PRO H 363 43.17 21.20 49.33
CA PRO H 363 43.71 21.17 50.71
C PRO H 363 42.81 21.84 51.77
N GLY H 364 42.13 22.91 51.39
CA GLY H 364 41.10 23.54 52.22
C GLY H 364 39.94 22.64 52.58
N ALA H 365 39.42 21.89 51.61
CA ALA H 365 38.33 20.94 51.85
C ALA H 365 38.77 19.78 52.75
N ARG H 366 40.00 19.29 52.57
CA ARG H 366 40.54 18.25 53.43
C ARG H 366 40.50 18.71 54.89
N LYS H 367 41.02 19.90 55.14
CA LYS H 367 41.09 20.49 56.47
C LYS H 367 39.71 20.74 57.07
N TYR H 368 38.78 21.22 56.25
CA TYR H 368 37.41 21.47 56.68
C TYR H 368 36.70 20.23 57.18
N VAL H 369 36.75 19.16 56.40
CA VAL H 369 36.10 17.91 56.73
C VAL H 369 36.76 17.29 57.97
N TRP H 370 38.09 17.27 58.00
CA TRP H 370 38.82 16.79 59.17
C TRP H 370 38.36 17.51 60.44
N GLU H 371 38.29 18.83 60.38
CA GLU H 371 37.91 19.61 61.56
C GLU H 371 36.48 19.35 62.03
N GLN H 372 35.59 18.98 61.11
CA GLN H 372 34.25 18.52 61.47
C GLN H 372 34.31 17.19 62.22
N ALA H 373 35.06 16.23 61.65
CA ALA H 373 35.20 14.93 62.30
C ALA H 373 35.93 15.06 63.64
N LYS H 374 36.91 15.95 63.71
CA LYS H 374 37.66 16.22 64.93
C LYS H 374 36.74 16.68 66.04
N LYS H 375 35.91 17.67 65.72
CA LYS H 375 34.97 18.26 66.65
C LYS H 375 33.89 17.27 67.14
N ASN H 376 33.37 16.45 66.23
CA ASN H 376 32.21 15.62 66.53
C ASN H 376 32.54 14.17 66.89
N TYR H 377 33.78 13.73 66.64
CA TYR H 377 34.19 12.35 66.87
C TYR H 377 35.53 12.25 67.60
N HIS H 378 36.61 12.75 66.99
CA HIS H 378 37.96 12.57 67.55
C HIS H 378 38.14 13.18 68.94
N ASP H 379 37.54 14.35 69.16
CA ASP H 379 37.60 15.02 70.47
C ASP H 379 36.92 14.20 71.57
N LEU H 380 35.95 13.35 71.20
CA LEU H 380 35.29 12.44 72.13
C LEU H 380 36.09 11.19 72.50
N GLY H 381 37.15 10.86 71.75
CA GLY H 381 37.93 9.65 71.99
C GLY H 381 37.95 8.62 70.86
N ILE H 382 37.24 8.88 69.75
CA ILE H 382 37.34 7.98 68.58
C ILE H 382 38.73 8.16 67.94
N LYS H 383 39.39 7.04 67.66
CA LYS H 383 40.77 7.01 67.12
C LYS H 383 40.90 6.33 65.76
N ILE H 384 39.78 5.84 65.21
CA ILE H 384 39.77 5.13 63.93
C ILE H 384 38.56 5.62 63.13
N PHE H 385 38.77 6.00 61.88
CA PHE H 385 37.69 6.39 61.01
C PHE H 385 37.56 5.45 59.83
N TRP H 386 36.32 5.20 59.45
CA TRP H 386 35.99 4.36 58.31
C TRP H 386 35.67 5.31 57.15
N LEU H 387 36.67 5.52 56.30
CA LEU H 387 36.57 6.43 55.17
C LEU H 387 35.99 5.65 54.00
N ASP H 388 34.67 5.57 54.01
CA ASP H 388 33.90 4.79 53.05
C ASP H 388 33.69 5.65 51.79
N GLU H 389 33.26 5.02 50.70
CA GLU H 389 32.94 5.72 49.45
C GLU H 389 34.13 6.51 48.94
N ALA H 390 35.32 5.92 49.05
CA ALA H 390 36.57 6.66 48.85
C ALA H 390 37.02 6.89 47.39
N GLU H 391 36.23 6.43 46.43
CA GLU H 391 36.63 6.44 45.03
C GLU H 391 36.67 7.84 44.35
N PRO H 392 35.63 8.70 44.47
CA PRO H 392 34.37 8.47 45.18
C PRO H 392 33.33 7.73 44.33
N GLU H 393 32.31 7.18 44.98
CA GLU H 393 31.31 6.37 44.29
C GLU H 393 30.22 7.25 43.65
N TYR H 394 30.57 7.86 42.53
CA TYR H 394 29.55 8.54 41.71
C TYR H 394 28.41 7.58 41.43
N SER H 395 27.17 8.08 41.43
CA SER H 395 26.04 7.27 41.03
C SER H 395 26.18 6.79 39.59
N VAL H 396 26.84 7.59 38.76
CA VAL H 396 27.22 7.20 37.40
C VAL H 396 28.68 7.57 37.19
N TYR H 397 29.49 6.59 36.81
CA TYR H 397 30.94 6.76 36.66
C TYR H 397 31.31 7.42 35.31
N ASP H 398 30.76 8.60 35.05
CA ASP H 398 31.02 9.35 33.84
C ASP H 398 32.12 10.33 34.19
N PHE H 399 33.35 9.84 34.15
CA PHE H 399 34.52 10.57 34.65
C PHE H 399 34.71 11.92 33.94
N GLU H 400 34.42 11.93 32.64
CA GLU H 400 34.38 13.17 31.82
C GLU H 400 33.52 14.31 32.36
N ASN H 401 32.50 13.97 33.16
CA ASN H 401 31.53 14.94 33.66
C ASN H 401 31.83 15.56 35.03
N TYR H 402 33.02 15.32 35.59
CA TYR H 402 33.37 15.82 36.93
C TYR H 402 34.73 16.49 36.95
N ARG H 403 34.87 17.49 37.82
CA ARG H 403 36.07 18.30 37.92
C ARG H 403 36.42 18.55 39.38
N TYR H 404 37.72 18.46 39.67
CA TYR H 404 38.28 18.70 40.99
C TYR H 404 39.17 19.93 41.00
N HIS H 405 39.57 20.34 42.20
CA HIS H 405 40.49 21.46 42.42
C HIS H 405 41.73 21.35 41.54
N LEU H 406 42.29 20.14 41.44
CA LEU H 406 43.49 19.90 40.64
C LEU H 406 43.22 19.73 39.14
N GLY H 407 41.96 19.64 38.74
CA GLY H 407 41.61 19.61 37.33
C GLY H 407 40.48 18.65 37.04
N PRO H 408 40.17 18.46 35.76
CA PRO H 408 39.19 17.46 35.36
C PRO H 408 39.51 16.09 35.94
N VAL H 409 38.48 15.36 36.33
CA VAL H 409 38.65 13.99 36.82
C VAL H 409 39.44 13.11 35.81
N LEU H 410 39.22 13.30 34.51
CA LEU H 410 39.99 12.62 33.49
C LEU H 410 41.51 12.76 33.64
N GLU H 411 41.97 13.92 34.11
CA GLU H 411 43.39 14.22 34.27
C GLU H 411 43.97 13.80 35.62
N VAL H 412 43.19 13.95 36.68
CA VAL H 412 43.69 13.79 38.05
C VAL H 412 42.88 12.86 38.96
N GLY H 413 41.79 12.27 38.45
CA GLY H 413 40.79 11.66 39.28
C GLY H 413 41.26 10.58 40.25
N ASN H 414 42.27 9.81 39.86
CA ASN H 414 42.62 8.61 40.64
C ASN H 414 43.31 8.93 41.96
N ILE H 415 43.75 10.17 42.16
CA ILE H 415 44.39 10.54 43.42
C ILE H 415 43.39 10.86 44.54
N TYR H 416 42.10 10.95 44.22
CA TYR H 416 41.08 11.30 45.23
C TYR H 416 41.17 10.47 46.53
N PRO H 417 41.18 9.13 46.45
CA PRO H 417 41.28 8.34 47.70
C PRO H 417 42.53 8.62 48.53
N ARG H 418 43.64 8.97 47.89
CA ARG H 418 44.86 9.32 48.61
C ARG H 418 44.68 10.64 49.36
N GLY H 419 44.07 11.63 48.70
CA GLY H 419 43.66 12.86 49.37
C GLY H 419 42.73 12.65 50.57
N TYR H 420 41.77 11.75 50.40
CA TYR H 420 40.78 11.43 51.42
C TYR H 420 41.48 10.85 52.67
N ALA H 421 42.36 9.87 52.47
CA ALA H 421 43.15 9.31 53.58
C ALA H 421 44.08 10.36 54.20
N GLN H 422 44.71 11.16 53.35
CA GLN H 422 45.56 12.28 53.78
C GLN H 422 44.85 13.25 54.71
N ALA H 423 43.61 13.60 54.39
CA ALA H 423 42.86 14.56 55.20
C ALA H 423 42.78 14.11 56.67
N PHE H 424 42.50 12.83 56.86
CA PHE H 424 42.33 12.30 58.21
C PHE H 424 43.67 12.03 58.88
N TYR H 425 44.65 11.52 58.15
CA TYR H 425 45.97 11.22 58.73
C TYR H 425 46.71 12.46 59.19
N GLU H 426 46.74 13.50 58.35
CA GLU H 426 47.42 14.74 58.72
C GLU H 426 46.70 15.41 59.89
N GLY H 427 45.38 15.36 59.88
CA GLY H 427 44.59 15.96 60.95
C GLY H 427 44.80 15.23 62.26
N MET H 428 44.72 13.90 62.20
CA MET H 428 44.94 13.06 63.38
C MET H 428 46.36 13.19 63.93
N GLU H 429 47.35 13.22 63.04
CA GLU H 429 48.75 13.46 63.44
C GLU H 429 48.95 14.83 64.10
N GLU H 430 48.34 15.87 63.53
CA GLU H 430 48.40 17.22 64.10
C GLU H 430 47.76 17.29 65.49
N ALA H 431 46.73 16.47 65.73
CA ALA H 431 46.12 16.39 67.06
C ALA H 431 46.88 15.50 68.07
N GLY H 432 48.07 15.01 67.71
CA GLY H 432 48.94 14.28 68.63
C GLY H 432 48.84 12.76 68.59
N GLN H 433 48.00 12.21 67.71
CA GLN H 433 47.88 10.74 67.62
C GLN H 433 49.06 10.13 66.85
N THR H 434 49.52 8.97 67.31
CA THR H 434 50.58 8.20 66.69
C THR H 434 49.98 6.86 66.26
N GLU H 435 50.68 6.16 65.37
CA GLU H 435 50.24 4.87 64.83
C GLU H 435 48.81 4.94 64.30
N ILE H 436 48.60 5.82 63.32
CA ILE H 436 47.26 6.07 62.80
C ILE H 436 46.88 5.03 61.76
N VAL H 437 45.70 4.42 61.93
CA VAL H 437 45.11 3.59 60.89
C VAL H 437 43.67 4.00 60.67
N ASN H 438 43.30 4.21 59.40
CA ASN H 438 41.91 4.42 59.03
C ASN H 438 41.55 3.39 57.96
N LEU H 439 40.28 2.99 57.94
CA LEU H 439 39.78 2.02 56.96
C LEU H 439 39.29 2.76 55.71
N LEU H 440 40.00 2.56 54.60
CA LEU H 440 39.73 3.22 53.31
C LEU H 440 39.18 2.20 52.32
N ARG H 441 38.17 2.59 51.55
CA ARG H 441 37.67 1.71 50.51
C ARG H 441 38.50 1.72 49.23
N CYS H 442 39.38 2.72 49.09
CA CYS H 442 40.17 2.85 47.88
C CYS H 442 41.51 3.52 48.19
N ALA H 443 42.40 3.51 47.20
CA ALA H 443 43.75 3.99 47.37
C ALA H 443 44.34 4.38 46.03
N TRP H 444 45.39 5.20 46.07
CA TRP H 444 46.26 5.42 44.90
C TRP H 444 47.70 5.14 45.35
N ALA H 445 48.64 5.26 44.43
CA ALA H 445 50.06 5.15 44.75
C ALA H 445 50.41 6.06 45.92
N GLY H 446 51.04 5.46 46.92
CA GLY H 446 51.45 6.19 48.12
C GLY H 446 50.43 6.32 49.23
N SER H 447 49.21 5.81 49.04
CA SER H 447 48.18 5.81 50.10
C SER H 447 48.65 5.18 51.43
N GLN H 448 49.55 4.20 51.35
CA GLN H 448 50.13 3.55 52.53
C GLN H 448 50.73 4.52 53.55
N ARG H 449 51.32 5.62 53.08
CA ARG H 449 51.92 6.61 53.99
C ARG H 449 50.89 7.39 54.81
N TYR H 450 49.63 7.37 54.39
CA TYR H 450 48.54 7.99 55.15
C TYR H 450 47.75 6.98 55.98
N GLY H 451 48.39 5.87 56.35
CA GLY H 451 47.79 4.91 57.26
C GLY H 451 46.56 4.21 56.71
N ALA H 452 46.53 4.05 55.39
CA ALA H 452 45.36 3.50 54.73
C ALA H 452 45.34 1.95 54.83
N LEU H 453 44.47 1.45 55.72
CA LEU H 453 44.05 0.06 55.69
C LEU H 453 42.93 -0.04 54.66
N VAL H 454 43.20 -0.65 53.52
CA VAL H 454 42.21 -0.73 52.44
C VAL H 454 41.42 -2.03 52.55
N TRP H 455 40.12 -1.97 52.27
CA TRP H 455 39.33 -3.19 52.12
C TRP H 455 38.68 -3.20 50.74
N SER H 456 38.28 -4.39 50.31
CA SER H 456 37.93 -4.64 48.91
C SER H 456 36.49 -4.35 48.54
N GLY H 457 35.74 -3.71 49.42
CA GLY H 457 34.47 -3.10 49.06
C GLY H 457 33.31 -4.05 48.92
N ASP H 458 32.29 -3.61 48.19
CA ASP H 458 30.96 -4.24 48.27
C ASP H 458 30.80 -5.45 47.34
N ILE H 459 31.69 -6.42 47.49
CA ILE H 459 31.65 -7.66 46.69
C ILE H 459 30.51 -8.58 47.13
N ASN H 460 30.13 -9.50 46.25
CA ASN H 460 29.09 -10.47 46.58
C ASN H 460 29.66 -11.61 47.45
N SER H 461 28.75 -12.34 48.07
CA SER H 461 29.10 -13.40 49.02
C SER H 461 29.10 -14.75 48.32
N THR H 462 30.19 -15.04 47.60
CA THR H 462 30.35 -16.29 46.87
C THR H 462 31.79 -16.77 46.97
N PHE H 463 32.01 -18.04 46.63
CA PHE H 463 33.36 -18.60 46.55
C PHE H 463 34.18 -17.96 45.41
N GLY H 464 33.52 -17.64 44.30
CA GLY H 464 34.13 -16.88 43.20
C GLY H 464 34.74 -15.57 43.65
N ALA H 465 34.00 -14.84 44.48
CA ALA H 465 34.48 -13.59 45.07
C ALA H 465 35.64 -13.84 46.03
N LEU H 466 35.55 -14.91 46.83
CA LEU H 466 36.66 -15.23 47.75
C LEU H 466 37.96 -15.46 47.00
N ARG H 467 37.90 -16.22 45.89
CA ARG H 467 39.08 -16.44 45.05
C ARG H 467 39.65 -15.13 44.49
N ASN H 468 38.77 -14.26 44.00
CA ASN H 468 39.20 -12.94 43.49
C ASN H 468 39.87 -12.12 44.58
N GLN H 469 39.32 -12.16 45.79
CA GLN H 469 39.85 -11.34 46.89
C GLN H 469 41.26 -11.74 47.28
N LEU H 470 41.54 -13.04 47.23
CA LEU H 470 42.87 -13.54 47.52
C LEU H 470 43.88 -12.96 46.54
N MET H 471 43.57 -13.05 45.25
CA MET H 471 44.44 -12.49 44.21
C MET H 471 44.60 -10.99 44.39
N ALA H 472 43.50 -10.32 44.73
CA ALA H 472 43.50 -8.86 44.81
C ALA H 472 44.35 -8.34 45.96
N GLY H 473 44.22 -8.97 47.13
CA GLY H 473 44.99 -8.57 48.31
C GLY H 473 46.48 -8.79 48.15
N LEU H 474 46.85 -9.88 47.48
CA LEU H 474 48.25 -10.17 47.19
C LEU H 474 48.82 -9.10 46.27
N ASN H 475 48.07 -8.77 45.23
CA ASN H 475 48.49 -7.73 44.30
C ASN H 475 48.52 -6.33 44.95
N MET H 476 47.60 -6.07 45.88
CA MET H 476 47.66 -4.82 46.63
C MET H 476 48.97 -4.70 47.41
N GLY H 477 49.38 -5.82 48.02
CA GLY H 477 50.64 -5.84 48.76
C GLY H 477 51.84 -5.55 47.89
N ILE H 478 51.84 -6.13 46.69
CA ILE H 478 52.90 -5.89 45.70
C ILE H 478 52.86 -4.42 45.24
N ALA H 479 51.66 -3.85 45.11
CA ALA H 479 51.50 -2.41 44.79
C ALA H 479 51.82 -1.47 45.96
N GLY H 480 52.25 -2.03 47.09
CA GLY H 480 52.76 -1.27 48.21
C GLY H 480 51.73 -0.91 49.25
N ILE H 481 50.61 -1.63 49.28
CA ILE H 481 49.56 -1.43 50.29
C ILE H 481 49.56 -2.68 51.21
N PRO H 482 50.39 -2.66 52.27
CA PRO H 482 50.47 -3.83 53.17
C PRO H 482 49.25 -4.04 54.05
N TRP H 483 48.59 -2.94 54.42
CA TRP H 483 47.41 -3.00 55.27
C TRP H 483 46.20 -3.17 54.35
N TRP H 484 45.68 -4.38 54.31
CA TRP H 484 44.58 -4.72 53.43
C TRP H 484 43.71 -5.80 54.07
N THR H 485 42.42 -5.77 53.79
CA THR H 485 41.50 -6.76 54.33
C THR H 485 40.25 -6.86 53.48
N THR H 486 39.30 -7.69 53.92
CA THR H 486 37.99 -7.79 53.26
C THR H 486 36.88 -7.81 54.29
N ASP H 487 35.65 -7.81 53.80
CA ASP H 487 34.50 -8.22 54.58
C ASP H 487 34.56 -9.73 54.66
N ILE H 488 34.78 -10.28 55.85
CA ILE H 488 34.68 -11.74 56.01
C ILE H 488 33.25 -12.16 55.67
N GLY H 489 33.13 -13.11 54.75
CA GLY H 489 31.86 -13.53 54.18
C GLY H 489 31.45 -12.81 52.91
N GLY H 490 32.19 -11.77 52.52
CA GLY H 490 31.74 -10.87 51.44
C GLY H 490 30.68 -9.92 51.96
N PHE H 491 30.28 -8.96 51.12
CA PHE H 491 29.36 -7.90 51.54
C PHE H 491 27.91 -8.27 51.26
N ASP H 492 27.60 -8.60 50.01
CA ASP H 492 26.23 -8.62 49.55
C ASP H 492 25.79 -10.05 49.23
N GLY H 493 24.66 -10.47 49.80
CA GLY H 493 23.98 -11.71 49.40
C GLY H 493 23.98 -12.87 50.39
N GLY H 494 24.71 -12.73 51.50
CA GLY H 494 24.78 -13.77 52.52
C GLY H 494 23.56 -13.85 53.42
N ASP H 495 22.74 -14.88 53.22
CA ASP H 495 21.60 -15.17 54.09
C ASP H 495 22.10 -15.98 55.29
N ILE H 496 21.86 -15.48 56.50
CA ILE H 496 22.44 -16.08 57.72
C ILE H 496 21.90 -17.48 58.06
N ASN H 497 20.73 -17.82 57.50
CA ASN H 497 20.08 -19.11 57.67
C ASN H 497 20.42 -20.13 56.58
N ASP H 498 21.22 -19.73 55.58
CA ASP H 498 21.55 -20.59 54.43
C ASP H 498 22.86 -21.37 54.69
N PRO H 499 22.79 -22.73 54.73
CA PRO H 499 23.99 -23.56 54.96
C PRO H 499 25.13 -23.31 53.95
N ALA H 500 24.78 -23.04 52.70
CA ALA H 500 25.75 -22.75 51.65
C ALA H 500 26.56 -21.48 51.96
N PHE H 501 25.86 -20.44 52.40
CA PHE H 501 26.54 -19.22 52.85
C PHE H 501 27.35 -19.46 54.14
N GLN H 502 26.80 -20.23 55.08
CA GLN H 502 27.53 -20.58 56.32
C GLN H 502 28.87 -21.27 56.02
N GLU H 503 28.89 -22.17 55.04
CA GLU H 503 30.16 -22.81 54.63
C GLU H 503 31.17 -21.79 54.05
N LEU H 504 30.69 -20.89 53.19
CA LEU H 504 31.55 -19.84 52.65
C LEU H 504 32.09 -18.97 53.78
N LEU H 505 31.19 -18.58 54.70
CA LEU H 505 31.56 -17.78 55.87
C LEU H 505 32.75 -18.38 56.62
N ILE H 506 32.67 -19.68 56.93
CA ILE H 506 33.74 -20.35 57.68
C ILE H 506 35.07 -20.32 56.92
N ARG H 507 35.04 -20.68 55.64
CA ARG H 507 36.23 -20.66 54.79
C ARG H 507 36.87 -19.27 54.69
N TRP H 508 36.00 -18.27 54.55
CA TRP H 508 36.41 -16.87 54.46
C TRP H 508 36.97 -16.42 55.82
N PHE H 509 36.33 -16.83 56.91
CA PHE H 509 36.80 -16.50 58.27
C PHE H 509 38.17 -17.13 58.53
N GLN H 510 38.32 -18.39 58.14
CA GLN H 510 39.62 -19.10 58.24
C GLN H 510 40.74 -18.41 57.47
N TRP H 511 40.43 -17.95 56.26
CA TRP H 511 41.38 -17.14 55.50
C TRP H 511 41.62 -15.80 56.21
N GLY H 512 40.56 -15.18 56.72
CA GLY H 512 40.64 -13.92 57.48
C GLY H 512 41.63 -13.87 58.63
N VAL H 513 41.79 -15.00 59.32
CA VAL H 513 42.77 -15.14 60.41
C VAL H 513 44.20 -14.82 59.92
N PHE H 514 44.47 -15.16 58.66
CA PHE H 514 45.77 -14.95 58.03
C PHE H 514 45.75 -13.83 56.97
N CYS H 515 44.93 -12.81 57.21
CA CYS H 515 44.95 -11.57 56.43
C CYS H 515 45.56 -10.51 57.32
N PRO H 516 46.04 -9.40 56.71
CA PRO H 516 46.72 -8.38 57.52
C PRO H 516 45.84 -7.85 58.67
N VAL H 517 44.55 -7.70 58.41
CA VAL H 517 43.56 -7.42 59.42
C VAL H 517 42.45 -8.44 59.30
N THR H 518 41.98 -8.91 60.46
CA THR H 518 40.85 -9.84 60.60
C THR H 518 39.60 -9.04 60.96
N ARG H 519 38.68 -8.92 60.01
CA ARG H 519 37.51 -8.06 60.14
C ARG H 519 36.26 -8.73 59.57
N LEU H 520 35.23 -8.81 60.40
CA LEU H 520 33.95 -9.37 60.00
C LEU H 520 33.03 -8.20 59.69
N HIS H 521 32.45 -8.24 58.49
CA HIS H 521 31.47 -7.23 58.07
C HIS H 521 30.61 -7.86 57.00
N GLY H 522 29.45 -7.26 56.78
CA GLY H 522 28.58 -7.63 55.67
C GLY H 522 27.21 -7.00 55.77
N PHE H 523 26.46 -7.12 54.69
CA PHE H 523 25.07 -6.72 54.65
C PHE H 523 24.30 -8.03 54.52
N ARG H 524 23.99 -8.62 55.67
CA ARG H 524 23.42 -9.98 55.73
C ARG H 524 21.91 -9.97 55.52
N GLN H 525 21.41 -10.99 54.84
CA GLN H 525 19.98 -11.20 54.60
C GLN H 525 19.44 -12.15 55.70
N PRO H 526 18.16 -12.06 56.07
CA PRO H 526 17.16 -11.14 55.48
C PRO H 526 17.30 -9.71 55.99
N MET H 527 17.23 -8.76 55.06
CA MET H 527 17.35 -7.34 55.39
C MET H 527 16.05 -6.82 56.02
N GLU H 528 16.17 -5.68 56.71
CA GLU H 528 15.06 -5.07 57.43
C GLU H 528 14.89 -3.61 57.01
N GLU H 529 13.74 -3.27 56.43
CA GLU H 529 13.44 -1.88 56.05
C GLU H 529 13.34 -1.03 57.31
N PRO H 530 13.59 0.30 57.20
CA PRO H 530 13.40 1.13 58.39
C PRO H 530 11.92 1.23 58.73
N ALA H 531 11.63 1.49 60.00
CA ALA H 531 10.25 1.66 60.48
C ALA H 531 9.50 2.70 59.65
N GLU H 532 10.16 3.84 59.43
CA GLU H 532 9.63 4.96 58.65
C GLU H 532 10.62 5.23 57.50
N THR H 533 10.11 5.27 56.26
CA THR H 533 10.95 5.50 55.08
C THR H 533 11.66 6.85 55.15
N TYR H 534 10.94 7.86 55.64
CA TYR H 534 11.46 9.23 55.79
C TYR H 534 11.24 9.77 57.20
N ARG H 535 12.13 10.65 57.62
CA ARG H 535 11.96 11.40 58.84
C ARG H 535 12.42 12.83 58.56
N ASP H 536 11.48 13.77 58.63
CA ASP H 536 11.72 15.18 58.30
C ASP H 536 12.24 15.36 56.86
N GLY H 537 11.70 14.56 55.92
CA GLY H 537 12.15 14.56 54.53
C GLY H 537 13.47 13.87 54.20
N ILE H 538 14.18 13.37 55.21
CA ILE H 538 15.45 12.69 55.02
C ILE H 538 15.18 11.19 55.00
N ALA H 539 15.57 10.53 53.91
CA ALA H 539 15.36 9.10 53.74
C ALA H 539 16.20 8.33 54.77
N GLN H 540 15.59 7.33 55.39
CA GLN H 540 16.21 6.58 56.48
C GLN H 540 16.84 5.32 55.92
N CYS H 541 17.93 4.90 56.55
CA CYS H 541 18.72 3.78 56.06
C CYS H 541 18.30 2.45 56.72
N MET H 542 18.07 1.45 55.87
CA MET H 542 17.83 0.07 56.29
C MET H 542 19.01 -0.57 57.03
N THR H 543 18.78 -1.77 57.55
CA THR H 543 19.82 -2.63 58.13
C THR H 543 19.74 -4.04 57.54
N GLY H 544 20.86 -4.75 57.58
CA GLY H 544 20.89 -6.19 57.38
C GLY H 544 20.65 -6.94 58.69
N ALA H 545 20.66 -8.27 58.57
CA ALA H 545 20.48 -9.19 59.71
C ALA H 545 21.71 -9.21 60.61
N ALA H 546 21.66 -10.01 61.68
CA ALA H 546 22.79 -10.16 62.62
C ALA H 546 24.05 -10.68 61.92
N ASN H 547 25.22 -10.25 62.39
CA ASN H 547 26.48 -10.69 61.80
C ASN H 547 27.57 -10.86 62.86
N GLU H 548 27.21 -11.54 63.95
CA GLU H 548 28.13 -11.83 65.05
C GLU H 548 28.51 -13.31 64.98
N ILE H 549 29.59 -13.72 65.64
CA ILE H 549 30.10 -15.09 65.44
C ILE H 549 29.20 -16.20 66.02
N TRP H 550 28.27 -15.80 66.90
CA TRP H 550 27.22 -16.68 67.45
C TRP H 550 25.92 -16.66 66.63
N SER H 551 25.88 -15.94 65.51
CA SER H 551 24.64 -15.74 64.74
C SER H 551 24.34 -16.87 63.75
N TYR H 552 25.26 -17.83 63.60
CA TYR H 552 25.15 -18.84 62.56
C TYR H 552 25.11 -20.29 63.08
N GLY H 553 24.63 -20.49 64.31
CA GLY H 553 24.51 -21.82 64.90
C GLY H 553 25.72 -22.20 65.75
N GLU H 554 25.56 -23.21 66.58
CA GLU H 554 26.58 -23.57 67.57
C GLU H 554 27.86 -24.14 66.97
N ASP H 555 27.73 -25.01 65.96
CA ASP H 555 28.89 -25.61 65.32
C ASP H 555 29.76 -24.57 64.61
N ASN H 556 29.10 -23.65 63.89
CA ASN H 556 29.81 -22.55 63.23
C ASN H 556 30.44 -21.61 64.26
N TYR H 557 29.72 -21.34 65.35
CA TYR H 557 30.26 -20.58 66.49
C TYR H 557 31.56 -21.15 67.04
N ALA H 558 31.62 -22.47 67.22
CA ALA H 558 32.83 -23.13 67.73
C ALA H 558 34.03 -22.91 66.80
N ILE H 559 33.78 -22.99 65.49
CA ILE H 559 34.87 -22.81 64.50
C ILE H 559 35.34 -21.35 64.51
N MET H 560 34.41 -20.39 64.49
CA MET H 560 34.77 -18.98 64.53
C MET H 560 35.42 -18.58 65.86
N LYS H 561 34.96 -19.14 66.98
CA LYS H 561 35.61 -18.92 68.29
C LYS H 561 37.07 -19.37 68.28
N SER H 562 37.36 -20.55 67.75
CA SER H 562 38.74 -21.03 67.69
C SER H 562 39.57 -20.20 66.70
N CYS H 563 38.92 -19.68 65.65
CA CYS H 563 39.58 -18.72 64.74
C CYS H 563 40.02 -17.45 65.46
N LEU H 564 39.13 -16.88 66.26
CA LEU H 564 39.47 -15.67 67.01
C LEU H 564 40.61 -15.93 67.99
N GLU H 565 40.56 -17.08 68.66
CA GLU H 565 41.61 -17.46 69.61
C GLU H 565 42.93 -17.67 68.91
N LEU H 566 42.90 -18.29 67.73
CA LEU H 566 44.09 -18.43 66.89
C LEU H 566 44.67 -17.07 66.49
N ARG H 567 43.79 -16.14 66.10
CA ARG H 567 44.24 -14.80 65.72
C ARG H 567 44.95 -14.11 66.88
N GLU H 568 44.40 -14.21 68.08
CA GLU H 568 45.03 -13.63 69.27
C GLU H 568 46.43 -14.18 69.55
N ARG H 569 46.62 -15.48 69.35
CA ARG H 569 47.95 -16.10 69.52
C ARG H 569 48.96 -15.66 68.46
N LEU H 570 48.45 -15.29 67.28
CA LEU H 570 49.29 -14.78 66.18
C LEU H 570 49.69 -13.30 66.30
N ARG H 571 49.08 -12.55 67.21
CA ARG H 571 49.25 -11.09 67.26
C ARG H 571 50.70 -10.64 67.43
N PRO H 572 51.47 -11.28 68.34
CA PRO H 572 52.88 -10.87 68.39
C PRO H 572 53.62 -11.04 67.05
N TYR H 573 53.36 -12.13 66.33
CA TYR H 573 53.92 -12.35 65.00
C TYR H 573 53.40 -11.31 63.99
N VAL H 574 52.10 -11.07 64.00
CA VAL H 574 51.50 -10.07 63.12
C VAL H 574 52.20 -8.72 63.32
N MET H 575 52.39 -8.31 64.58
CA MET H 575 53.05 -7.04 64.88
C MET H 575 54.50 -6.97 64.39
N ARG H 576 55.22 -8.09 64.45
CA ARG H 576 56.58 -8.16 63.88
C ARG H 576 56.55 -7.96 62.35
N VAL H 577 55.60 -8.59 61.67
CA VAL H 577 55.48 -8.48 60.22
C VAL H 577 55.00 -7.06 59.81
N MET H 578 54.20 -6.42 60.67
CA MET H 578 53.79 -5.04 60.48
C MET H 578 54.96 -4.09 60.65
N LYS H 579 55.78 -4.33 61.68
CA LYS H 579 57.02 -3.57 61.85
C LYS H 579 57.93 -3.70 60.63
N ALA H 580 58.06 -4.92 60.11
CA ALA H 580 58.84 -5.17 58.89
C ALA H 580 58.27 -4.41 57.69
N ALA H 581 56.94 -4.35 57.58
CA ALA H 581 56.29 -3.58 56.50
C ALA H 581 56.65 -2.08 56.59
N HIS H 582 56.58 -1.54 57.80
CA HIS H 582 57.00 -0.16 58.08
C HIS H 582 58.49 0.09 57.77
N ASP H 583 59.35 -0.87 58.15
CA ASP H 583 60.82 -0.72 57.97
C ASP H 583 61.33 -0.99 56.56
N THR H 584 60.73 -1.93 55.84
CA THR H 584 61.30 -2.44 54.58
C THR H 584 60.40 -2.38 53.35
N GLY H 585 59.15 -1.94 53.51
CA GLY H 585 58.17 -1.98 52.42
C GLY H 585 57.64 -3.35 52.05
N ALA H 586 58.02 -4.41 52.76
CA ALA H 586 57.52 -5.76 52.48
C ALA H 586 56.04 -5.86 52.83
N PRO H 587 55.22 -6.48 51.96
CA PRO H 587 53.84 -6.70 52.34
C PRO H 587 53.69 -7.77 53.42
N VAL H 588 52.48 -7.87 53.97
CA VAL H 588 52.18 -8.73 55.07
C VAL H 588 51.73 -10.06 54.50
N MET H 589 50.71 -10.03 53.66
CA MET H 589 50.34 -11.20 52.84
C MET H 589 51.11 -11.06 51.51
N ARG H 590 51.89 -12.08 51.17
CA ARG H 590 52.83 -12.02 50.04
C ARG H 590 52.70 -13.26 49.16
N PRO H 591 52.83 -13.10 47.83
CA PRO H 591 52.94 -14.29 46.99
C PRO H 591 54.16 -15.14 47.38
N LEU H 592 54.12 -16.42 47.01
CA LEU H 592 55.19 -17.36 47.37
C LEU H 592 56.57 -16.89 46.90
N PHE H 593 56.62 -16.29 45.70
CA PHE H 593 57.88 -15.81 45.12
C PHE H 593 58.55 -14.68 45.90
N PHE H 594 57.82 -13.99 46.77
CA PHE H 594 58.42 -12.95 47.60
C PHE H 594 59.44 -13.53 48.57
N ASP H 595 59.09 -14.65 49.20
CA ASP H 595 59.99 -15.34 50.15
C ASP H 595 60.85 -16.40 49.48
N PHE H 596 60.40 -16.94 48.33
CA PHE H 596 61.09 -18.03 47.63
C PHE H 596 61.28 -17.70 46.14
N PRO H 597 61.98 -16.59 45.85
CA PRO H 597 62.11 -16.12 44.47
C PRO H 597 62.88 -17.05 43.52
N ASP H 598 63.71 -17.96 44.06
CA ASP H 598 64.51 -18.87 43.23
C ASP H 598 63.85 -20.20 42.88
N GLN H 599 62.62 -20.42 43.32
CA GLN H 599 61.92 -21.67 43.07
C GLN H 599 60.79 -21.45 42.07
N ALA H 600 60.78 -22.26 41.01
CA ALA H 600 59.85 -22.11 39.89
C ALA H 600 58.36 -22.17 40.28
N GLU H 601 58.03 -23.01 41.26
CA GLU H 601 56.63 -23.18 41.68
C GLU H 601 56.07 -21.94 42.36
N ALA H 602 56.95 -21.19 43.01
CA ALA H 602 56.59 -19.95 43.69
C ALA H 602 56.07 -18.85 42.72
N TRP H 603 56.51 -18.90 41.47
CA TRP H 603 56.04 -17.99 40.41
C TRP H 603 54.82 -18.50 39.64
N GLN H 604 54.45 -19.77 39.82
CA GLN H 604 53.26 -20.36 39.16
C GLN H 604 52.02 -20.48 40.08
N ILE H 605 52.24 -20.73 41.36
CA ILE H 605 51.14 -21.04 42.28
C ILE H 605 50.45 -19.77 42.75
N GLU H 606 49.14 -19.69 42.54
CA GLU H 606 48.36 -18.50 42.89
C GLU H 606 47.35 -18.73 44.03
N ASP H 607 47.17 -19.98 44.47
CA ASP H 607 46.19 -20.33 45.52
C ASP H 607 46.82 -20.70 46.87
N GLN H 608 48.08 -20.31 47.06
CA GLN H 608 48.75 -20.33 48.36
C GLN H 608 49.53 -19.04 48.49
N TYR H 609 49.83 -18.63 49.72
CA TYR H 609 50.64 -17.45 49.93
C TYR H 609 51.36 -17.53 51.25
N MET H 610 52.24 -16.56 51.47
CA MET H 610 52.94 -16.44 52.73
C MET H 610 52.32 -15.31 53.56
N PHE H 611 51.94 -15.64 54.80
CA PHE H 611 51.53 -14.66 55.79
C PHE H 611 52.77 -14.35 56.61
N GLY H 612 53.49 -13.30 56.21
CA GLY H 612 54.84 -13.04 56.69
C GLY H 612 55.80 -14.12 56.19
N PRO H 613 57.07 -14.08 56.62
CA PRO H 613 58.05 -15.07 56.13
C PRO H 613 57.94 -16.49 56.70
N ASP H 614 57.11 -16.69 57.74
CA ASP H 614 57.11 -17.94 58.50
C ASP H 614 55.82 -18.76 58.45
N ILE H 615 54.78 -18.29 57.75
CA ILE H 615 53.51 -19.00 57.71
C ILE H 615 53.08 -19.16 56.28
N LEU H 616 52.84 -20.42 55.90
CA LEU H 616 52.40 -20.79 54.58
C LEU H 616 50.91 -21.10 54.69
N VAL H 617 50.10 -20.42 53.87
CA VAL H 617 48.65 -20.51 53.95
C VAL H 617 48.14 -21.02 52.62
N ALA H 618 47.23 -21.99 52.68
CA ALA H 618 46.64 -22.59 51.50
C ALA H 618 45.12 -22.63 51.67
N PRO H 619 44.43 -21.49 51.41
CA PRO H 619 42.98 -21.42 51.61
C PRO H 619 42.18 -22.42 50.78
N VAL H 620 40.99 -22.77 51.28
CA VAL H 620 40.02 -23.54 50.55
C VAL H 620 39.09 -22.54 49.87
N LEU H 621 38.94 -22.67 48.56
CA LEU H 621 38.24 -21.71 47.73
C LEU H 621 37.10 -22.35 46.94
N GLU H 622 36.63 -23.53 47.37
CA GLU H 622 35.50 -24.20 46.73
C GLU H 622 34.53 -24.75 47.80
N ALA H 623 33.23 -24.70 47.49
CA ALA H 623 32.21 -25.26 48.36
C ALA H 623 32.33 -26.78 48.37
N GLY H 624 32.25 -27.37 49.57
CA GLY H 624 32.28 -28.82 49.73
C GLY H 624 33.64 -29.49 49.63
N GLN H 625 34.69 -28.71 49.41
CA GLN H 625 36.06 -29.24 49.31
C GLN H 625 36.53 -29.60 50.71
N ARG H 626 37.08 -30.82 50.86
CA ARG H 626 37.56 -31.31 52.15
C ARG H 626 39.03 -31.77 52.16
N SER H 627 39.71 -31.56 51.05
CA SER H 627 41.16 -31.72 50.97
C SER H 627 41.63 -30.92 49.76
N ARG H 628 42.92 -30.58 49.72
CA ARG H 628 43.50 -29.92 48.57
C ARG H 628 44.99 -30.17 48.48
N LYS H 629 45.54 -29.97 47.28
CA LYS H 629 46.98 -30.10 47.06
C LYS H 629 47.69 -28.86 47.64
N VAL H 630 48.86 -29.07 48.23
CA VAL H 630 49.64 -27.99 48.86
C VAL H 630 51.12 -28.21 48.55
N TRP H 631 51.75 -27.23 47.91
CA TRP H 631 53.18 -27.25 47.67
C TRP H 631 53.91 -26.65 48.86
N LEU H 632 54.91 -27.37 49.37
CA LEU H 632 55.77 -26.88 50.43
C LEU H 632 57.11 -26.45 49.82
N PRO H 633 57.47 -25.15 49.94
CA PRO H 633 58.75 -24.66 49.39
C PRO H 633 59.99 -25.36 49.95
N GLU H 634 61.02 -25.48 49.11
CA GLU H 634 62.31 -26.04 49.53
C GLU H 634 63.06 -25.04 50.39
N GLY H 635 64.03 -25.52 51.15
CA GLY H 635 64.91 -24.68 51.97
C GLY H 635 64.62 -24.67 53.46
N CYS H 636 63.53 -25.30 53.87
CA CYS H 636 63.22 -25.46 55.29
C CYS H 636 62.22 -26.59 55.47
N ALA H 637 62.03 -27.00 56.71
CA ALA H 637 60.98 -27.95 57.07
C ALA H 637 59.75 -27.17 57.50
N TRP H 638 58.60 -27.83 57.44
CA TRP H 638 57.31 -27.19 57.69
C TRP H 638 56.52 -27.97 58.73
N ILE H 639 55.98 -27.24 59.72
CA ILE H 639 55.19 -27.83 60.80
C ILE H 639 53.71 -27.57 60.52
N ASP H 640 52.94 -28.65 60.35
CA ASP H 640 51.51 -28.55 60.14
C ASP H 640 50.90 -27.88 61.37
N LEU H 641 50.31 -26.71 61.18
CA LEU H 641 49.65 -25.96 62.26
C LEU H 641 48.59 -26.76 63.03
N ASN H 642 47.83 -27.60 62.32
CA ASN H 642 46.67 -28.29 62.90
C ASN H 642 46.97 -29.63 63.54
N THR H 643 48.06 -30.29 63.13
CA THR H 643 48.45 -31.60 63.68
C THR H 643 49.76 -31.59 64.47
N GLY H 644 50.70 -30.69 64.12
CA GLY H 644 52.05 -30.71 64.69
C GLY H 644 53.05 -31.55 63.90
N ALA H 645 52.59 -32.21 62.84
CA ALA H 645 53.45 -33.07 62.01
C ALA H 645 54.51 -32.25 61.28
N ARG H 646 55.72 -32.79 61.18
CA ARG H 646 56.83 -32.17 60.47
C ARG H 646 56.84 -32.72 59.05
N GLN H 647 57.12 -31.85 58.08
CA GLN H 647 57.29 -32.27 56.70
C GLN H 647 58.45 -31.51 56.07
N ASN H 648 59.22 -32.23 55.26
CA ASN H 648 60.37 -31.63 54.58
C ASN H 648 59.84 -30.74 53.46
N GLY H 649 60.53 -29.62 53.25
CA GLY H 649 60.25 -28.75 52.12
C GLY H 649 60.56 -29.44 50.81
N GLY H 650 59.96 -28.94 49.74
CA GLY H 650 60.25 -29.43 48.39
C GLY H 650 59.39 -30.58 47.94
N GLN H 651 58.16 -30.61 48.42
CA GLN H 651 57.22 -31.66 48.02
C GLN H 651 55.80 -31.12 48.02
N TRP H 652 54.92 -31.86 47.37
CA TRP H 652 53.49 -31.60 47.44
C TRP H 652 52.85 -32.51 48.51
N CYS H 653 51.91 -31.95 49.26
CA CYS H 653 51.10 -32.70 50.22
C CYS H 653 49.69 -32.80 49.67
N ASP H 654 49.13 -34.02 49.65
CA ASP H 654 47.70 -34.20 49.47
C ASP H 654 47.11 -33.99 50.87
N CYS H 655 46.69 -32.76 51.15
CA CYS H 655 46.48 -32.29 52.52
C CYS H 655 45.03 -32.31 52.94
N ASP H 656 44.81 -32.68 54.19
CA ASP H 656 43.47 -32.69 54.77
C ASP H 656 42.99 -31.23 54.94
N ALA H 657 41.72 -30.99 54.62
CA ALA H 657 41.11 -29.68 54.75
C ALA H 657 39.66 -29.82 55.23
N PRO H 658 39.45 -30.33 56.45
CA PRO H 658 38.07 -30.45 56.94
C PRO H 658 37.44 -29.06 57.11
N LEU H 659 36.12 -29.00 57.24
CA LEU H 659 35.43 -27.73 57.51
C LEU H 659 36.05 -26.91 58.64
N GLU H 660 36.59 -27.61 59.64
CA GLU H 660 37.12 -27.00 60.87
C GLU H 660 38.52 -26.37 60.71
N ALA H 661 39.22 -26.60 59.60
CA ALA H 661 40.53 -25.98 59.39
C ALA H 661 40.98 -25.96 57.93
N ILE H 662 41.70 -24.91 57.55
CA ILE H 662 42.34 -24.87 56.24
C ILE H 662 43.80 -25.26 56.45
N PRO H 663 44.47 -25.81 55.40
CA PRO H 663 45.88 -26.19 55.56
C PRO H 663 46.82 -24.99 55.73
N VAL H 664 47.59 -25.02 56.84
CA VAL H 664 48.54 -23.97 57.20
C VAL H 664 49.80 -24.62 57.76
N PHE H 665 50.97 -24.15 57.32
CA PHE H 665 52.25 -24.67 57.80
C PHE H 665 53.15 -23.55 58.32
N ILE H 666 53.96 -23.90 59.31
CA ILE H 666 54.84 -22.95 59.98
C ILE H 666 56.26 -23.35 59.64
N ARG H 667 57.09 -22.37 59.27
CA ARG H 667 58.52 -22.59 59.07
C ARG H 667 59.09 -23.14 60.37
N GLU H 668 59.66 -24.35 60.32
CA GLU H 668 60.22 -24.97 61.54
C GLU H 668 61.26 -24.05 62.17
N ALA H 669 61.19 -23.92 63.49
CA ALA H 669 62.14 -23.12 64.30
C ALA H 669 61.98 -21.60 64.21
N ALA H 670 60.94 -21.12 63.51
CA ALA H 670 60.61 -19.69 63.56
C ALA H 670 60.04 -19.42 64.94
N ALA H 671 60.27 -18.21 65.45
CA ALA H 671 59.76 -17.83 66.76
C ALA H 671 58.24 -18.07 66.88
N VAL H 672 57.50 -17.89 65.78
CA VAL H 672 56.03 -18.11 65.80
C VAL H 672 55.62 -19.55 66.10
N GLN H 673 56.43 -20.54 65.71
CA GLN H 673 56.18 -21.94 66.12
C GLN H 673 56.14 -22.06 67.64
N ALA H 674 57.15 -21.49 68.30
CA ALA H 674 57.21 -21.47 69.76
C ALA H 674 56.02 -20.75 70.36
N GLU H 675 55.67 -19.59 69.79
CA GLU H 675 54.53 -18.80 70.27
C GLU H 675 53.19 -19.55 70.18
N LEU H 676 52.98 -20.28 69.09
CA LEU H 676 51.73 -21.02 68.91
C LEU H 676 51.61 -22.22 69.85
N SER H 677 52.71 -22.97 70.04
CA SER H 677 52.68 -24.14 70.94
C SER H 677 52.68 -23.74 72.42
N ILE H 678 53.41 -22.67 72.78
CA ILE H 678 53.26 -22.04 74.09
C ILE H 678 51.98 -21.19 74.07
C1 GOL I . 3.92 29.43 36.56
O1 GOL I . 2.99 30.41 36.05
C2 GOL I . 3.18 28.59 37.60
O2 GOL I . 2.60 29.48 38.58
C3 GOL I . 4.09 27.59 38.31
O3 GOL I . 5.10 27.00 37.47
C1 GOL J . 8.37 29.74 42.05
O1 GOL J . 9.06 28.55 42.45
C2 GOL J . 9.25 30.97 42.27
O2 GOL J . 9.94 30.93 43.53
C3 GOL J . 10.29 31.07 41.16
O3 GOL J . 11.10 32.23 41.34
C1 GOL K . 8.15 27.82 38.41
O1 GOL K . 7.33 28.07 37.26
C2 GOL K . 9.37 27.00 37.98
O2 GOL K . 10.27 27.82 37.24
C3 GOL K . 10.12 26.42 39.17
O3 GOL K . 10.40 27.44 40.12
C1 GOL L . 4.49 54.97 27.17
O1 GOL L . 5.14 54.48 28.35
C2 GOL L . 5.50 55.60 26.21
O2 GOL L . 5.88 56.89 26.72
C3 GOL L . 6.71 54.69 26.12
O3 GOL L . 7.52 55.06 25.02
C1 GOL M . -2.50 67.54 27.02
O1 GOL M . -3.74 68.14 26.71
C2 GOL M . -2.78 66.38 27.96
O2 GOL M . -3.23 66.90 29.23
C3 GOL M . -1.54 65.53 28.18
O3 GOL M . -0.55 66.24 28.94
C1 GOL N . 2.64 56.60 41.59
O1 GOL N . 1.73 55.79 40.83
C2 GOL N . 3.96 55.84 41.85
O2 GOL N . 4.63 55.56 40.61
C3 GOL N . 3.73 54.56 42.62
O3 GOL N . 3.01 54.79 43.84
C1 GOL O . 6.23 15.98 15.69
O1 GOL O . 5.59 16.36 14.47
C2 GOL O . 6.66 17.22 16.45
O2 GOL O . 5.56 18.11 16.75
C3 GOL O . 7.31 16.80 17.75
O3 GOL O . 8.45 15.98 17.47
C1 GOL P . -10.25 52.04 29.34
O1 GOL P . -11.20 52.82 28.64
C2 GOL P . -9.11 51.72 28.37
O2 GOL P . -8.56 52.95 27.88
C3 GOL P . -8.00 50.91 29.06
O3 GOL P . -7.40 51.70 30.09
C1 GOL Q . 32.21 35.06 10.70
O1 GOL Q . 31.50 33.84 10.96
C2 GOL Q . 31.35 35.99 9.88
O2 GOL Q . 31.99 37.27 9.83
C3 GOL Q . 29.98 36.11 10.52
O3 GOL Q . 29.13 35.00 10.18
C1 GOL R . 55.11 2.27 -0.68
O1 GOL R . 54.31 1.07 -0.73
C2 GOL R . 54.32 3.40 -0.02
O2 GOL R . 54.15 3.12 1.38
C3 GOL R . 55.03 4.73 -0.18
O3 GOL R . 56.22 4.79 0.62
C1 GOL S . 50.50 -4.90 14.36
O1 GOL S . 49.68 -5.25 13.20
C2 GOL S . 49.95 -5.21 15.76
O2 GOL S . 49.03 -6.30 15.71
C3 GOL S . 50.99 -5.62 16.81
O3 GOL S . 52.22 -4.90 16.66
C1 GOL T . 29.83 -1.74 -0.41
O1 GOL T . 29.10 -2.91 -0.04
C2 GOL T . 31.22 -1.91 0.22
O2 GOL T . 31.93 -2.97 -0.42
C3 GOL T . 32.00 -0.60 0.13
O3 GOL T . 31.26 0.43 0.79
C1 GOL U . 54.56 -1.96 -2.76
O1 GOL U . 54.68 -3.38 -2.90
C2 GOL U . 55.01 -1.29 -4.07
O2 GOL U . 56.26 -1.80 -4.54
C3 GOL U . 55.18 0.21 -3.85
O3 GOL U . 54.04 0.75 -3.17
C1 GOL V . 26.68 12.75 8.08
O1 GOL V . 26.98 12.26 9.38
C2 GOL V . 26.61 11.62 7.06
O2 GOL V . 27.26 10.44 7.57
C3 GOL V . 27.32 12.04 5.77
O3 GOL V . 28.68 12.34 6.07
C1 GOL W . 62.40 -22.25 13.46
O1 GOL W . 62.50 -22.57 12.07
C2 GOL W . 61.74 -23.40 14.21
O2 GOL W . 62.72 -24.35 14.59
C3 GOL W . 61.10 -22.86 15.48
O3 GOL W . 59.84 -22.23 15.21
C1 GOL X . 59.17 3.09 -0.70
O1 GOL X . 58.75 4.46 -0.72
C2 GOL X . 60.06 2.82 0.51
O2 GOL X . 61.09 3.82 0.63
C3 GOL X . 59.22 2.80 1.77
O3 GOL X . 60.05 2.60 2.94
C1 GOL Y . 24.08 -2.33 47.86
O1 GOL Y . 23.81 -3.40 46.96
C2 GOL Y . 23.39 -2.65 49.17
O2 GOL Y . 21.99 -2.71 48.90
C3 GOL Y . 23.73 -1.62 50.27
O3 GOL Y . 23.09 -0.34 50.09
C1 GOL Z . 52.11 39.16 -1.77
O1 GOL Z . 51.54 38.34 -0.73
C2 GOL Z . 51.24 40.37 -2.05
O2 GOL Z . 51.92 41.27 -2.95
C3 GOL Z . 50.79 41.01 -0.73
O3 GOL Z . 50.51 42.40 -0.87
C1 GOL AA . 48.58 34.02 -1.55
O1 GOL AA . 47.71 34.17 -2.69
C2 GOL AA . 48.57 35.28 -0.72
O2 GOL AA . 47.28 35.42 -0.10
C3 GOL AA . 48.89 36.52 -1.56
O3 GOL AA . 49.12 37.67 -0.75
C1 GOL BA . 27.63 54.58 42.18
O1 GOL BA . 28.70 54.13 43.02
C2 GOL BA . 27.84 56.05 41.84
O2 GOL BA . 26.77 56.50 41.02
C3 GOL BA . 27.87 56.87 43.14
O3 GOL BA . 28.38 58.17 42.92
C1 GOL CA . 55.19 37.57 23.37
O1 GOL CA . 55.07 38.68 24.26
C2 GOL CA . 54.14 37.81 22.29
O2 GOL CA . 54.46 39.01 21.57
C3 GOL CA . 54.03 36.62 21.35
O3 GOL CA . 53.83 35.42 22.12
C1 GOL DA . 31.03 59.42 -1.05
O1 GOL DA . 32.03 60.24 -1.63
C2 GOL DA . 29.71 60.17 -0.77
O2 GOL DA . 29.91 61.59 -0.67
C3 GOL DA . 29.03 59.68 0.50
O3 GOL DA . 29.95 59.36 1.56
C1 GOL EA . 32.54 41.16 8.01
O1 GOL EA . 32.43 41.05 6.58
C2 GOL EA . 33.89 41.73 8.44
O2 GOL EA . 33.93 41.72 9.86
C3 GOL EA . 35.09 40.91 7.93
O3 GOL EA . 36.37 41.51 8.26
C1 GOL FA . 50.78 68.87 14.69
O1 GOL FA . 51.45 70.04 14.17
C2 GOL FA . 51.03 68.68 16.19
O2 GOL FA . 52.36 69.06 16.55
C3 GOL FA . 50.88 67.23 16.63
O3 GOL FA . 49.52 66.78 16.61
C1 GOL GA . 45.58 36.24 -4.84
O1 GOL GA . 44.24 36.51 -5.23
C2 GOL GA . 46.49 36.65 -6.00
O2 GOL GA . 46.26 35.75 -7.08
C3 GOL GA . 47.95 36.63 -5.58
O3 GOL GA . 48.40 35.30 -5.29
C1 GOL HA . -65.59 -3.76 -6.72
O1 GOL HA . -66.46 -2.71 -7.17
C2 GOL HA . -66.32 -4.57 -5.66
O2 GOL HA . -66.98 -3.71 -4.71
C3 GOL HA . -65.32 -5.44 -4.93
O3 GOL HA . -64.48 -6.16 -5.84
C1 GOL IA . -61.45 -5.69 -4.83
O1 GOL IA . -62.18 -5.25 -5.98
C2 GOL IA . -60.23 -6.48 -5.29
O2 GOL IA . -59.29 -5.63 -5.96
C3 GOL IA . -59.53 -7.12 -4.09
O3 GOL IA . -59.16 -6.10 -3.18
C1 GOL JA . -78.76 19.63 -13.42
O1 GOL JA . -79.76 20.39 -14.11
C2 GOL JA . -77.58 19.36 -14.35
O2 GOL JA . -76.94 20.59 -14.72
C3 GOL JA . -76.55 18.43 -13.71
O3 GOL JA . -75.90 19.06 -12.61
C1 GOL KA . -61.53 21.74 -16.23
O1 GOL KA . -60.80 22.00 -17.42
C2 GOL KA . -62.72 22.70 -16.16
O2 GOL KA . -62.35 23.96 -15.57
C3 GOL KA . -63.78 22.02 -15.31
O3 GOL KA . -63.20 21.49 -14.12
C1 GOL LA . -63.39 -16.58 -28.05
O1 GOL LA . -63.86 -16.08 -29.30
C2 GOL LA . -62.94 -15.39 -27.19
O2 GOL LA . -64.04 -14.50 -26.93
C3 GOL LA . -62.39 -15.85 -25.86
O3 GOL LA . -61.31 -16.76 -26.07
C1 GOL MA . -80.14 8.93 -31.54
O1 GOL MA . -78.86 9.58 -31.41
C2 GOL MA . -81.30 9.91 -31.54
O2 GOL MA . -81.16 10.89 -32.57
C3 GOL MA . -81.43 10.67 -30.21
O3 GOL MA . -82.72 11.31 -30.16
C1 GOL NA . -45.11 -31.86 4.78
O1 GOL NA . -45.91 -33.01 4.43
C2 GOL NA . -43.69 -32.32 5.06
O2 GOL NA . -43.17 -32.92 3.88
C3 GOL NA . -43.70 -33.31 6.23
O3 GOL NA . -42.37 -33.70 6.58
C1 GOL OA . -24.49 -20.56 3.74
O1 GOL OA . -24.55 -19.58 2.69
C2 GOL OA . -23.04 -20.94 3.99
O2 GOL OA . -23.00 -21.94 5.03
C3 GOL OA . -22.23 -19.70 4.39
O3 GOL OA . -20.85 -20.04 4.46
C1 GOL PA . -40.84 -35.41 9.33
O1 GOL PA . -40.09 -36.51 9.87
C2 GOL PA . -41.71 -34.79 10.42
O2 GOL PA . -42.36 -35.80 11.22
C3 GOL PA . -42.76 -33.88 9.77
O3 GOL PA . -42.17 -32.83 9.00
C1 GOL QA . -10.95 -31.42 -44.02
O1 GOL QA . -11.17 -30.02 -44.18
C2 GOL QA . -10.11 -31.71 -42.78
O2 GOL QA . -9.02 -30.78 -42.71
C3 GOL QA . -10.96 -31.55 -41.53
O3 GOL QA . -10.18 -31.79 -40.34
C1 GOL RA . -46.63 -36.55 4.12
O1 GOL RA . -47.02 -37.46 3.10
C2 GOL RA . -47.49 -36.78 5.36
O2 GOL RA . -48.86 -36.74 4.96
C3 GOL RA . -47.23 -35.72 6.42
O3 GOL RA . -47.90 -34.48 6.14
C1 GOL SA . -15.06 -31.76 -43.99
O1 GOL SA . -15.94 -32.89 -44.11
C2 GOL SA . -15.79 -30.69 -43.17
O2 GOL SA . -15.97 -31.14 -41.82
C3 GOL SA . -14.99 -29.39 -43.16
O3 GOL SA . -13.67 -29.62 -42.68
C1 GOL TA . -15.08 -33.80 -47.22
O1 GOL TA . -16.23 -33.19 -46.61
C2 GOL TA . -15.33 -35.28 -47.44
O2 GOL TA . -14.15 -35.92 -47.96
C3 GOL TA . -15.70 -35.91 -46.11
O3 GOL TA . -15.59 -37.34 -46.18
C1 GOL UA . -6.47 33.08 -39.17
O1 GOL UA . -7.42 33.46 -38.17
C2 GOL UA . -6.08 31.59 -39.03
O2 GOL UA . -5.05 31.22 -39.95
C3 GOL UA . -5.66 31.19 -37.62
O3 GOL UA . -4.48 31.84 -37.14
C1 GOL VA . -16.50 5.02 -43.98
O1 GOL VA . -16.86 4.27 -42.81
C2 GOL VA . -16.47 6.52 -43.71
O2 GOL VA . -16.37 7.23 -44.96
C3 GOL VA . -17.74 6.95 -42.96
O3 GOL VA . -17.72 8.38 -42.75
C1 GOL WA . -20.04 0.14 -43.87
O1 GOL WA . -20.81 0.37 -45.05
C2 GOL WA . -20.01 1.42 -43.04
O2 GOL WA . -21.30 1.56 -42.45
C3 GOL WA . -19.66 2.64 -43.89
O3 GOL WA . -19.37 3.78 -43.07
C1 GOL XA . -35.93 7.64 -34.35
O1 GOL XA . -36.03 7.63 -35.78
C2 GOL XA . -34.59 8.19 -33.90
O2 GOL XA . -34.61 8.26 -32.48
C3 GOL XA . -33.39 7.34 -34.34
O3 GOL XA . -32.08 7.94 -34.07
C1 GOL YA . -35.61 27.49 -42.27
O1 GOL YA . -35.57 26.72 -43.48
C2 GOL YA . -37.05 27.79 -41.85
O2 GOL YA . -37.71 28.55 -42.86
C3 GOL YA . -37.83 26.50 -41.62
O3 GOL YA . -37.68 26.09 -40.26
C1 GOL ZA . -14.20 2.90 -18.55
O1 GOL ZA . -12.83 2.50 -18.72
C2 GOL ZA . -14.82 3.08 -19.94
O2 GOL ZA . -14.27 4.22 -20.61
C3 GOL ZA . -14.67 1.84 -20.81
O3 GOL ZA . -15.02 0.67 -20.06
C1 GOL AB . -14.81 25.30 -60.98
O1 GOL AB . -15.05 23.92 -60.69
C2 GOL AB . -13.32 25.58 -61.23
O2 GOL AB . -12.47 25.11 -60.17
C3 GOL AB . -13.09 27.08 -61.32
O3 GOL AB . -13.95 27.64 -62.30
C1 GOL BB . -16.61 34.16 -26.38
O1 GOL BB . -15.85 35.27 -26.89
C2 GOL BB . -15.96 33.49 -25.17
O2 GOL BB . -15.09 34.40 -24.48
C3 GOL BB . -16.98 32.99 -24.13
O3 GOL BB . -17.92 32.07 -24.70
C1 GOL CB . 25.46 2.39 48.43
O1 GOL CB . 24.73 1.23 48.00
C2 GOL CB . 26.91 2.03 48.74
O2 GOL CB . 27.52 1.45 47.57
C3 GOL CB . 26.97 1.02 49.89
O3 GOL CB . 28.34 0.70 50.20
C1 GOL DB . 45.69 14.69 46.77
O1 GOL DB . 45.68 15.54 45.63
C2 GOL DB . 47.13 14.31 47.07
O2 GOL DB . 47.14 13.32 48.10
C3 GOL DB . 47.92 15.58 47.46
O3 GOL DB . 49.31 15.27 47.55
C1 GOL EB . 28.24 0.91 53.69
O1 GOL EB . 28.61 1.61 52.50
C2 GOL EB . 28.73 -0.53 53.65
O2 GOL EB . 28.52 -1.12 54.95
C3 GOL EB . 30.19 -0.57 53.19
O3 GOL EB . 30.86 -1.71 53.73
C1 GOL FB . 37.82 -7.19 35.63
O1 GOL FB . 36.41 -7.48 35.68
C2 GOL FB . 38.15 -5.87 36.33
O2 GOL FB . 39.55 -5.88 36.60
C3 GOL FB . 37.32 -5.64 37.60
O3 GOL FB . 37.98 -4.92 38.69
C1 GOL GB . 41.67 -24.67 46.82
O1 GOL GB . 40.27 -24.52 46.68
C2 GOL GB . 42.29 -25.34 45.59
O2 GOL GB . 41.87 -26.71 45.51
C3 GOL GB . 41.89 -24.65 44.29
O3 GOL GB . 42.77 -23.55 44.02
C1 GOL HB . 49.21 -0.88 20.71
O1 GOL HB . 49.14 0.28 21.55
C2 GOL HB . 49.18 -0.48 19.24
O2 GOL HB . 49.59 -1.59 18.43
C3 GOL HB . 47.77 -0.03 18.85
O3 GOL HB . 47.50 1.25 19.44
#